data_3H4P
#
_entry.id   3H4P
#
_cell.length_a   206.720
_cell.length_b   219.540
_cell.length_c   149.020
_cell.angle_alpha   90.00
_cell.angle_beta   90.00
_cell.angle_gamma   90.00
#
_symmetry.space_group_name_H-M   'P 21 21 2'
#
loop_
_entity.id
_entity.type
_entity.pdbx_description
1 polymer 'Proteasome subunit alpha'
2 polymer 'Proteasome subunit beta'
#
loop_
_entity_poly.entity_id
_entity_poly.type
_entity_poly.pdbx_seq_one_letter_code
_entity_poly.pdbx_strand_id
1 'polypeptide(L)'
;GSHMQMVPPSAYDRAITVFSPEGRLYQVEYAREAVRRGTTAIGIACKDGVVLAVDRRITSKLVKIRSIEKIFQIDDHVAA
ATSGLVADARVLIDRARLEAQIYRLTYGEEISIEMLAKKICDIKQAYTQHGGVRPFGVSLLIAGIDKNEARLFETDPSGA
LIEYKATAIGSGRPVVMELLEKEYRDDITLDEGLELAITALTKANEDIKPENVDVCIITVKDAQFKKIPVEEIKKLIEKV
KKKLNEENKKEEENREETKEKQEE
;
A,B,C,D,E,F,G,H,I,J,K,L,M,N
2 'polypeptide(L)'
;MTTTVGLICDDAVILATDKRASLGNLVADKEAKKLYKIDDYIAMTIAGSVGDAQAIVRLLIAEAKLYKMRTGRNIPPLAC
ATLLSNILHSSRMFPFLTQIIIGGYDLLEGAKLFSLDPLGGMNEEKTFTATGSGSPIAYGVLEAGYDRDMSVEEGIKLAL
NALKSAMERDTFSGNGISLAVITKDGVKIFEDEEIEKILDSMKAKPKKKTTKRSRRKSK
;
a,b,c,d,e,f,g,h,i,j,k,l,m,n
#
# COMPACT_ATOMS: atom_id res chain seq x y z
N ILE A 16 36.55 48.41 -51.71
CA ILE A 16 36.39 49.80 -52.15
C ILE A 16 36.45 50.83 -50.95
N THR A 17 36.87 50.34 -49.77
CA THR A 17 37.25 51.20 -48.61
C THR A 17 38.78 51.42 -48.57
N VAL A 18 39.49 50.65 -47.73
CA VAL A 18 40.93 50.87 -47.50
C VAL A 18 41.61 49.80 -46.64
N PHE A 19 42.95 49.75 -46.71
CA PHE A 19 43.79 49.05 -45.72
C PHE A 19 45.27 49.39 -45.95
N SER A 20 45.96 49.76 -44.87
CA SER A 20 47.32 50.35 -44.95
C SER A 20 48.44 49.43 -45.49
N PRO A 21 49.58 50.04 -45.88
CA PRO A 21 50.71 49.35 -46.51
C PRO A 21 51.61 48.69 -45.48
N GLU A 22 51.23 48.81 -44.22
CA GLU A 22 52.08 48.35 -43.14
C GLU A 22 51.42 48.46 -41.77
N GLY A 23 50.41 47.63 -41.51
CA GLY A 23 49.90 47.47 -40.16
C GLY A 23 48.78 48.39 -39.72
N ARG A 24 48.83 49.64 -40.15
CA ARG A 24 47.80 50.63 -39.82
C ARG A 24 46.63 50.46 -40.79
N LEU A 25 45.64 51.34 -40.72
CA LEU A 25 44.53 51.29 -41.68
C LEU A 25 44.12 52.68 -42.10
N TYR A 26 44.26 52.96 -43.39
CA TYR A 26 43.95 54.26 -43.94
C TYR A 26 42.73 54.93 -43.31
N GLN A 27 41.67 55.02 -44.09
CA GLN A 27 40.49 55.78 -43.71
C GLN A 27 40.16 55.76 -42.22
N VAL A 28 40.28 54.61 -41.56
CA VAL A 28 39.83 54.52 -40.17
C VAL A 28 40.51 55.61 -39.33
N GLU A 29 41.83 55.64 -39.36
CA GLU A 29 42.53 56.65 -38.61
C GLU A 29 42.05 58.02 -39.05
N TYR A 30 42.06 58.31 -40.34
CA TYR A 30 41.57 59.60 -40.82
C TYR A 30 40.21 59.92 -40.19
N ALA A 31 39.39 58.89 -39.99
CA ALA A 31 38.07 59.08 -39.40
C ALA A 31 38.17 59.34 -37.90
N ARG A 32 39.23 58.88 -37.25
CA ARG A 32 39.41 59.20 -35.84
C ARG A 32 39.64 60.71 -35.71
N GLU A 33 40.56 61.23 -36.50
CA GLU A 33 40.89 62.64 -36.44
C GLU A 33 39.61 63.40 -36.23
N ALA A 34 38.63 63.12 -37.08
CA ALA A 34 37.37 63.83 -37.07
C ALA A 34 36.78 63.96 -35.68
N VAL A 35 37.04 62.97 -34.85
CA VAL A 35 36.58 63.00 -33.47
C VAL A 35 37.40 63.98 -32.68
N ARG A 36 38.73 63.81 -32.74
CA ARG A 36 39.67 64.66 -31.99
C ARG A 36 39.48 66.15 -32.32
N ARG A 37 38.78 66.42 -33.42
CA ARG A 37 38.50 67.78 -33.84
C ARG A 37 37.15 68.20 -33.32
N GLY A 38 36.25 67.24 -33.17
CA GLY A 38 34.90 67.52 -32.70
C GLY A 38 34.84 68.05 -31.29
N THR A 39 33.66 67.98 -30.69
CA THR A 39 33.42 68.52 -29.35
C THR A 39 33.98 67.60 -28.28
N THR A 40 34.43 68.20 -27.20
CA THR A 40 35.01 67.45 -26.11
C THR A 40 33.92 66.92 -25.19
N ALA A 41 34.14 65.72 -24.65
CA ALA A 41 33.17 65.11 -23.75
C ALA A 41 33.85 64.22 -22.70
N ILE A 42 33.27 64.21 -21.49
CA ILE A 42 33.82 63.45 -20.38
C ILE A 42 32.75 62.60 -19.71
N GLY A 43 33.07 61.33 -19.48
CA GLY A 43 32.22 60.43 -18.72
C GLY A 43 32.94 59.84 -17.53
N ILE A 44 32.28 59.80 -16.39
CA ILE A 44 32.93 59.28 -15.19
C ILE A 44 32.08 58.27 -14.46
N ALA A 45 32.74 57.19 -14.05
CA ALA A 45 32.12 56.15 -13.23
C ALA A 45 32.18 56.54 -11.76
N CYS A 46 32.13 55.55 -10.88
CA CYS A 46 32.29 55.75 -9.45
C CYS A 46 31.81 54.53 -8.67
N LYS A 47 30.84 54.76 -7.80
CA LYS A 47 30.29 53.70 -6.98
C LYS A 47 28.89 54.09 -6.56
N ASP A 48 28.46 55.27 -7.00
CA ASP A 48 27.14 55.77 -6.64
C ASP A 48 26.29 55.96 -7.87
N GLY A 49 26.77 55.45 -9.00
CA GLY A 49 26.07 55.60 -10.25
C GLY A 49 27.07 55.97 -11.31
N VAL A 50 26.74 56.96 -12.12
CA VAL A 50 27.65 57.40 -13.18
C VAL A 50 27.10 58.65 -13.86
N VAL A 51 28.00 59.56 -14.27
CA VAL A 51 27.55 60.79 -14.92
C VAL A 51 28.40 61.28 -16.08
N LEU A 52 27.70 61.99 -16.96
CA LEU A 52 28.23 62.48 -18.20
C LEU A 52 27.99 63.96 -18.34
N ALA A 53 28.83 64.59 -19.13
CA ALA A 53 28.75 66.01 -19.37
C ALA A 53 29.61 66.35 -20.55
N VAL A 54 29.20 67.40 -21.26
CA VAL A 54 29.84 67.72 -22.52
C VAL A 54 29.99 69.22 -22.74
N ASP A 55 31.08 69.58 -23.40
CA ASP A 55 31.35 70.96 -23.77
C ASP A 55 30.81 71.25 -25.17
N ARG A 56 29.57 71.70 -25.22
CA ARG A 56 29.07 72.33 -26.42
C ARG A 56 29.98 73.55 -26.59
N ARG A 57 30.27 73.94 -27.82
CA ARG A 57 31.03 75.18 -28.02
C ARG A 57 30.18 76.17 -28.79
N ILE A 58 28.90 76.26 -28.40
CA ILE A 58 27.95 77.15 -29.06
C ILE A 58 28.49 78.58 -29.08
N THR A 59 29.08 78.95 -30.20
CA THR A 59 29.61 80.29 -30.40
C THR A 59 28.48 81.33 -30.46
N SER A 60 27.87 81.48 -31.63
CA SER A 60 26.78 82.44 -31.80
C SER A 60 25.62 82.13 -30.88
N LYS A 61 25.00 83.17 -30.35
CA LYS A 61 23.88 82.96 -29.44
C LYS A 61 22.53 82.95 -30.16
N LEU A 62 22.58 82.69 -31.47
CA LEU A 62 21.37 82.60 -32.28
C LEU A 62 20.75 81.20 -32.33
N VAL A 63 21.48 80.20 -31.80
CA VAL A 63 21.04 78.78 -31.89
C VAL A 63 20.57 78.20 -30.56
N LYS A 64 19.27 77.94 -30.48
CA LYS A 64 18.70 77.43 -29.24
C LYS A 64 19.62 76.31 -28.77
N ILE A 65 20.17 76.47 -27.57
CA ILE A 65 21.14 75.55 -27.02
C ILE A 65 20.55 74.17 -26.78
N ARG A 66 19.23 74.11 -26.73
CA ARG A 66 18.54 72.84 -26.54
C ARG A 66 18.83 71.91 -27.73
N SER A 67 18.83 72.48 -28.93
CA SER A 67 18.91 71.71 -30.17
C SER A 67 20.22 70.96 -30.35
N ILE A 68 21.28 71.48 -29.77
CA ILE A 68 22.58 70.83 -29.88
C ILE A 68 22.62 69.59 -28.98
N GLU A 69 22.07 68.49 -29.48
CA GLU A 69 22.04 67.28 -28.67
C GLU A 69 23.42 66.64 -28.65
N LYS A 70 24.02 66.59 -27.46
CA LYS A 70 25.38 66.05 -27.32
C LYS A 70 25.41 64.86 -26.36
N ILE A 71 24.34 64.68 -25.61
CA ILE A 71 24.15 63.48 -24.81
C ILE A 71 22.78 62.90 -25.15
N PHE A 72 22.72 61.59 -25.36
CA PHE A 72 21.47 60.95 -25.73
C PHE A 72 21.10 59.86 -24.73
N GLN A 73 19.79 59.67 -24.49
CA GLN A 73 19.32 58.53 -23.69
C GLN A 73 19.06 57.31 -24.58
N ILE A 74 19.42 56.12 -24.08
CA ILE A 74 19.27 54.93 -24.88
C ILE A 74 18.31 53.93 -24.23
N ASP A 75 17.97 54.18 -22.98
CA ASP A 75 16.95 53.40 -22.29
C ASP A 75 16.80 53.96 -20.88
N ASP A 76 15.70 53.60 -20.22
CA ASP A 76 15.42 54.11 -18.88
C ASP A 76 16.61 54.00 -17.92
N HIS A 77 17.66 53.28 -18.32
CA HIS A 77 18.76 53.00 -17.39
C HIS A 77 20.13 53.12 -18.02
N VAL A 78 20.19 53.40 -19.31
CA VAL A 78 21.49 53.60 -19.93
C VAL A 78 21.45 54.69 -20.98
N ALA A 79 22.36 55.65 -20.86
CA ALA A 79 22.45 56.72 -21.81
C ALA A 79 23.87 56.84 -22.35
N ALA A 80 24.06 57.55 -23.45
CA ALA A 80 25.38 57.70 -24.06
C ALA A 80 25.57 59.02 -24.81
N ALA A 81 26.82 59.46 -24.94
CA ALA A 81 27.16 60.81 -25.44
C ALA A 81 28.10 60.80 -26.65
N THR A 82 27.80 61.67 -27.61
CA THR A 82 28.48 61.71 -28.90
C THR A 82 29.65 62.68 -28.95
N SER A 83 30.59 62.42 -29.87
CA SER A 83 31.67 63.35 -30.17
C SER A 83 32.31 63.02 -31.49
N GLY A 84 32.17 63.91 -32.45
CA GLY A 84 32.63 63.66 -33.81
C GLY A 84 31.78 64.54 -34.70
N LEU A 85 31.29 64.02 -35.81
CA LEU A 85 30.34 64.78 -36.63
C LEU A 85 28.94 64.34 -36.28
N VAL A 86 28.00 65.27 -36.24
CA VAL A 86 26.66 64.91 -35.79
C VAL A 86 25.80 64.17 -36.85
N ALA A 87 26.20 64.22 -38.12
CA ALA A 87 25.54 63.41 -39.13
C ALA A 87 25.51 61.97 -38.63
N ASP A 88 26.68 61.47 -38.30
CA ASP A 88 26.85 60.09 -37.84
C ASP A 88 26.69 60.01 -36.35
N ALA A 89 25.97 60.96 -35.78
CA ALA A 89 25.73 60.89 -34.37
C ALA A 89 24.38 60.28 -34.26
N ARG A 90 23.39 61.07 -34.64
CA ARG A 90 22.02 60.64 -34.54
C ARG A 90 21.98 59.25 -35.06
N VAL A 91 22.27 59.12 -36.34
CA VAL A 91 22.14 57.83 -36.98
C VAL A 91 22.52 56.66 -36.04
N LEU A 92 23.70 56.70 -35.43
CA LEU A 92 24.12 55.57 -34.60
C LEU A 92 23.27 55.38 -33.35
N ILE A 93 22.60 56.43 -32.89
CA ILE A 93 21.78 56.28 -31.70
C ILE A 93 20.35 55.83 -32.02
N ASP A 94 19.65 56.54 -32.90
CA ASP A 94 18.32 56.11 -33.34
C ASP A 94 18.47 54.76 -34.03
N ARG A 95 19.45 53.99 -33.55
CA ARG A 95 19.81 52.68 -34.07
C ARG A 95 20.39 51.86 -32.95
N ALA A 96 20.98 52.54 -31.98
CA ALA A 96 21.37 51.85 -30.78
C ALA A 96 20.11 51.81 -29.96
N ARG A 97 19.42 52.94 -29.92
CA ARG A 97 18.17 53.05 -29.21
C ARG A 97 17.28 51.94 -29.68
N LEU A 98 17.50 51.52 -30.91
CA LEU A 98 16.72 50.42 -31.45
C LEU A 98 17.25 49.09 -30.94
N GLU A 99 18.53 48.80 -31.18
CA GLU A 99 19.10 47.50 -30.81
C GLU A 99 18.99 47.33 -29.31
N ALA A 100 18.59 48.41 -28.64
CA ALA A 100 18.39 48.41 -27.22
C ALA A 100 17.01 47.90 -26.84
N GLN A 101 16.02 48.22 -27.64
CA GLN A 101 14.66 47.81 -27.34
C GLN A 101 14.35 46.46 -27.96
N ILE A 102 15.01 46.17 -29.08
CA ILE A 102 14.92 44.88 -29.72
C ILE A 102 15.28 43.80 -28.74
N TYR A 103 16.48 43.91 -28.18
CA TYR A 103 16.92 42.98 -27.16
C TYR A 103 15.90 42.85 -26.04
N ARG A 104 15.36 43.96 -25.51
CA ARG A 104 14.39 43.89 -24.41
C ARG A 104 13.12 43.14 -24.79
N LEU A 105 12.90 42.95 -26.08
CA LEU A 105 11.69 42.33 -26.55
C LEU A 105 11.88 40.83 -26.76
N THR A 106 13.07 40.48 -27.22
CA THR A 106 13.40 39.08 -27.40
C THR A 106 14.14 38.54 -26.18
N TYR A 107 13.82 39.05 -25.00
CA TYR A 107 14.31 38.49 -23.75
C TYR A 107 13.47 38.95 -22.59
N GLY A 108 13.28 40.26 -22.49
CA GLY A 108 12.63 40.86 -21.34
C GLY A 108 13.59 41.67 -20.51
N GLU A 109 14.85 41.22 -20.46
CA GLU A 109 15.88 41.91 -19.69
C GLU A 109 16.19 43.35 -20.16
N GLU A 110 16.23 44.30 -19.24
CA GLU A 110 16.83 45.59 -19.55
C GLU A 110 18.23 45.32 -20.10
N ILE A 111 18.41 45.59 -21.38
CA ILE A 111 19.62 45.20 -22.10
C ILE A 111 20.93 45.47 -21.37
N SER A 112 21.68 44.41 -21.09
CA SER A 112 23.03 44.53 -20.52
C SER A 112 23.85 45.62 -21.23
N ILE A 113 24.67 46.38 -20.51
CA ILE A 113 25.42 47.49 -21.11
C ILE A 113 26.70 47.07 -21.83
N GLU A 114 27.41 46.10 -21.28
CA GLU A 114 28.59 45.59 -21.96
C GLU A 114 28.17 45.01 -23.29
N MET A 115 26.89 44.69 -23.41
CA MET A 115 26.34 44.11 -24.64
C MET A 115 25.90 45.16 -25.68
N LEU A 116 25.00 46.06 -25.28
CA LEU A 116 24.53 47.12 -26.17
C LEU A 116 25.70 47.84 -26.79
N ALA A 117 26.74 48.06 -25.99
CA ALA A 117 27.99 48.57 -26.50
C ALA A 117 28.52 47.63 -27.58
N LYS A 118 28.87 46.41 -27.18
CA LYS A 118 29.48 45.48 -28.11
C LYS A 118 28.67 45.32 -29.38
N LYS A 119 27.48 45.92 -29.41
CA LYS A 119 26.62 45.81 -30.58
C LYS A 119 26.83 46.91 -31.61
N ILE A 120 26.65 48.16 -31.18
CA ILE A 120 26.82 49.29 -32.09
C ILE A 120 28.29 49.62 -32.27
N CYS A 121 29.17 48.88 -31.61
CA CYS A 121 30.59 49.05 -31.85
C CYS A 121 31.09 47.98 -32.82
N ASP A 122 30.31 46.91 -32.92
CA ASP A 122 30.49 45.89 -33.93
C ASP A 122 30.04 46.45 -35.25
N ILE A 123 28.82 46.97 -35.27
CA ILE A 123 28.31 47.64 -36.45
C ILE A 123 29.34 48.59 -37.00
N LYS A 124 29.98 49.36 -36.11
CA LYS A 124 30.89 50.43 -36.49
C LYS A 124 32.14 49.89 -37.14
N GLN A 125 32.50 48.70 -36.70
CA GLN A 125 33.62 47.94 -37.24
C GLN A 125 33.33 47.40 -38.65
N ALA A 126 32.14 46.85 -38.85
CA ALA A 126 31.75 46.25 -40.12
C ALA A 126 31.87 47.27 -41.25
N TYR A 127 31.40 48.47 -40.97
CA TYR A 127 31.56 49.62 -41.86
C TYR A 127 33.04 49.97 -42.13
N THR A 128 33.94 49.22 -41.51
CA THR A 128 35.36 49.46 -41.70
C THR A 128 35.86 48.63 -42.86
N GLN A 129 35.34 47.43 -42.99
CA GLN A 129 35.95 46.45 -43.89
C GLN A 129 35.10 46.01 -45.08
N HIS A 130 34.12 46.79 -45.48
CA HIS A 130 33.25 46.35 -46.56
C HIS A 130 33.14 47.30 -47.73
N GLY A 131 32.78 46.76 -48.89
CA GLY A 131 32.70 47.55 -50.10
C GLY A 131 31.90 48.82 -49.95
N GLY A 132 32.53 49.95 -50.20
CA GLY A 132 31.84 51.22 -50.33
C GLY A 132 31.11 51.69 -49.09
N VAL A 133 31.89 52.17 -48.13
CA VAL A 133 31.30 52.85 -46.99
C VAL A 133 32.35 53.39 -46.04
N ARG A 134 32.29 54.68 -45.82
CA ARG A 134 33.16 55.34 -44.89
C ARG A 134 32.67 55.03 -43.48
N PRO A 135 33.56 54.55 -42.62
CA PRO A 135 33.21 54.29 -41.23
C PRO A 135 32.48 55.49 -40.60
N PHE A 136 32.28 55.47 -39.29
CA PHE A 136 31.65 56.62 -38.68
C PHE A 136 32.64 57.54 -38.03
N GLY A 137 32.43 58.83 -38.20
CA GLY A 137 33.33 59.80 -37.62
C GLY A 137 32.90 60.08 -36.20
N VAL A 138 32.95 59.06 -35.36
CA VAL A 138 32.46 59.27 -34.02
C VAL A 138 33.06 58.34 -32.98
N SER A 139 33.14 58.86 -31.77
CA SER A 139 33.47 58.08 -30.60
C SER A 139 32.33 58.31 -29.62
N LEU A 140 32.00 57.29 -28.84
CA LEU A 140 30.85 57.40 -27.97
C LEU A 140 31.20 57.09 -26.53
N LEU A 141 30.46 57.71 -25.63
CA LEU A 141 30.56 57.46 -24.21
C LEU A 141 29.26 56.87 -23.67
N ILE A 142 29.21 55.57 -23.45
CA ILE A 142 28.02 54.94 -22.89
C ILE A 142 28.17 54.62 -21.40
N ALA A 143 27.06 54.60 -20.69
CA ALA A 143 27.04 54.28 -19.27
C ALA A 143 25.63 54.11 -18.72
N GLY A 144 25.50 53.31 -17.68
CA GLY A 144 24.22 53.08 -17.04
C GLY A 144 24.33 52.12 -15.88
N ILE A 145 23.23 51.47 -15.57
CA ILE A 145 23.20 50.55 -14.44
C ILE A 145 22.96 49.11 -14.87
N ASP A 146 24.07 48.37 -15.02
CA ASP A 146 24.02 46.95 -15.35
C ASP A 146 23.88 46.12 -14.09
N LYS A 147 22.68 46.11 -13.52
CA LYS A 147 22.41 45.34 -12.31
C LYS A 147 23.35 45.75 -11.19
N ASN A 148 23.04 46.88 -10.57
CA ASN A 148 23.79 47.42 -9.43
C ASN A 148 25.19 47.88 -9.80
N GLU A 149 25.66 47.45 -10.96
CA GLU A 149 26.99 47.80 -11.46
C GLU A 149 26.94 49.02 -12.37
N ALA A 150 27.55 50.12 -11.94
CA ALA A 150 27.61 51.35 -12.73
C ALA A 150 28.94 51.47 -13.47
N ARG A 151 28.87 51.48 -14.80
CA ARG A 151 30.06 51.43 -15.64
C ARG A 151 29.95 52.35 -16.84
N LEU A 152 31.04 52.42 -17.60
CA LEU A 152 31.20 53.43 -18.64
C LEU A 152 32.10 52.94 -19.78
N PHE A 153 31.70 53.19 -21.04
CA PHE A 153 32.39 52.67 -22.25
C PHE A 153 32.76 53.70 -23.37
N GLU A 154 33.98 53.60 -23.93
CA GLU A 154 34.45 54.50 -24.99
C GLU A 154 34.48 53.75 -26.30
N THR A 155 33.76 54.26 -27.27
CA THR A 155 33.67 53.60 -28.57
C THR A 155 34.52 54.30 -29.62
N ASP A 156 35.17 53.53 -30.48
CA ASP A 156 36.04 54.10 -31.49
C ASP A 156 35.50 53.73 -32.85
N PRO A 157 35.60 54.64 -33.82
CA PRO A 157 35.21 54.33 -35.21
C PRO A 157 35.79 53.02 -35.81
N SER A 158 35.87 51.94 -35.02
CA SER A 158 36.26 50.61 -35.52
C SER A 158 36.51 49.55 -34.44
N GLY A 159 35.57 49.34 -33.52
CA GLY A 159 35.79 48.45 -32.38
C GLY A 159 36.46 49.14 -31.20
N ALA A 160 36.06 48.77 -29.98
CA ALA A 160 36.55 49.45 -28.79
C ALA A 160 36.15 48.75 -27.51
N LEU A 161 36.99 47.81 -27.08
CA LEU A 161 36.79 47.13 -25.81
C LEU A 161 37.41 47.90 -24.63
N ILE A 162 37.06 49.19 -24.46
CA ILE A 162 37.65 50.03 -23.40
C ILE A 162 36.66 50.52 -22.35
N GLU A 163 36.61 49.83 -21.21
CA GLU A 163 35.71 50.14 -20.09
C GLU A 163 36.48 50.99 -19.07
N TYR A 164 36.25 52.31 -19.08
CA TYR A 164 36.97 53.23 -18.19
C TYR A 164 36.27 53.41 -16.86
N LYS A 165 37.05 53.79 -15.84
CA LYS A 165 36.44 54.22 -14.59
C LYS A 165 36.07 55.69 -14.79
N ALA A 166 36.56 56.26 -15.89
CA ALA A 166 36.28 57.64 -16.31
C ALA A 166 37.23 58.05 -17.44
N THR A 167 36.71 58.73 -18.45
CA THR A 167 37.53 59.19 -19.57
C THR A 167 36.86 60.31 -20.33
N ALA A 168 37.49 60.74 -21.42
CA ALA A 168 36.97 61.85 -22.21
C ALA A 168 37.42 61.79 -23.67
N ILE A 169 36.61 62.37 -24.55
CA ILE A 169 36.88 62.31 -25.99
C ILE A 169 36.55 63.62 -26.67
N GLY A 170 37.27 63.91 -27.75
CA GLY A 170 36.98 65.06 -28.57
C GLY A 170 38.06 66.13 -28.56
N SER A 171 37.63 67.38 -28.46
CA SER A 171 38.50 68.53 -28.39
C SER A 171 39.65 68.34 -27.39
N GLY A 172 39.37 68.66 -26.13
CA GLY A 172 40.42 68.67 -25.13
C GLY A 172 40.78 67.29 -24.64
N ARG A 173 40.88 66.32 -25.54
CA ARG A 173 41.23 64.96 -25.11
C ARG A 173 42.46 65.10 -24.23
N PRO A 174 43.66 65.19 -24.83
CA PRO A 174 44.85 65.05 -24.00
C PRO A 174 44.76 65.95 -22.78
N VAL A 175 44.08 67.07 -22.93
CA VAL A 175 44.00 68.01 -21.82
C VAL A 175 43.50 67.33 -20.56
N VAL A 176 42.31 66.76 -20.61
CA VAL A 176 41.72 66.18 -19.41
C VAL A 176 41.99 64.68 -19.31
N MET A 177 41.90 63.99 -20.44
CA MET A 177 42.14 62.55 -20.56
C MET A 177 43.51 62.19 -19.97
N GLU A 178 44.23 63.23 -19.54
CA GLU A 178 45.54 63.12 -18.91
C GLU A 178 45.59 63.97 -17.65
N LEU A 179 44.52 64.71 -17.41
CA LEU A 179 44.32 65.34 -16.12
C LEU A 179 43.81 64.26 -15.20
N LEU A 180 42.74 63.63 -15.63
CA LEU A 180 42.14 62.53 -14.91
C LEU A 180 43.23 61.54 -14.55
N GLU A 181 44.24 61.50 -15.41
CA GLU A 181 45.31 60.50 -15.33
C GLU A 181 45.79 60.22 -13.91
N LYS A 182 45.55 61.17 -13.01
CA LYS A 182 46.10 61.11 -11.66
C LYS A 182 45.04 61.03 -10.56
N GLU A 183 44.44 62.18 -10.28
CA GLU A 183 43.67 62.38 -9.06
C GLU A 183 42.36 61.62 -8.96
N TYR A 184 42.01 60.83 -9.97
CA TYR A 184 40.79 60.02 -9.89
C TYR A 184 41.01 58.84 -8.96
N ARG A 185 39.93 58.37 -8.34
CA ARG A 185 40.00 57.31 -7.34
C ARG A 185 38.87 56.30 -7.47
N ASP A 186 39.20 55.01 -7.33
CA ASP A 186 38.21 53.92 -7.33
C ASP A 186 37.27 54.01 -6.13
N ASP A 187 37.06 55.23 -5.64
CA ASP A 187 36.21 55.49 -4.48
C ASP A 187 35.30 56.66 -4.77
N ILE A 188 35.83 57.62 -5.52
CA ILE A 188 35.14 58.87 -5.78
C ILE A 188 33.65 58.61 -5.89
N THR A 189 32.87 59.44 -5.20
CA THR A 189 31.44 59.29 -5.19
C THR A 189 30.86 60.09 -6.34
N LEU A 190 29.55 60.31 -6.31
CA LEU A 190 28.90 61.10 -7.35
C LEU A 190 29.16 62.58 -7.16
N ASP A 191 28.71 63.12 -6.03
CA ASP A 191 28.96 64.50 -5.70
C ASP A 191 30.46 64.75 -5.53
N GLU A 192 31.24 63.67 -5.48
CA GLU A 192 32.69 63.77 -5.50
C GLU A 192 33.16 63.68 -6.94
N GLY A 193 32.30 63.16 -7.82
CA GLY A 193 32.52 63.21 -9.25
C GLY A 193 31.93 64.49 -9.81
N LEU A 194 31.05 65.09 -9.01
CA LEU A 194 30.48 66.41 -9.29
C LEU A 194 31.49 67.26 -10.04
N GLU A 195 32.35 67.94 -9.28
CA GLU A 195 33.38 68.84 -9.81
C GLU A 195 34.27 68.19 -10.86
N LEU A 196 34.70 66.95 -10.61
CA LEU A 196 35.64 66.26 -11.47
C LEU A 196 35.46 66.64 -12.92
N ALA A 197 34.29 66.33 -13.46
CA ALA A 197 34.00 66.61 -14.85
C ALA A 197 34.00 68.10 -15.11
N ILE A 198 33.36 68.86 -14.23
CA ILE A 198 33.27 70.30 -14.36
C ILE A 198 34.64 70.94 -14.40
N THR A 199 35.40 70.79 -13.32
CA THR A 199 36.74 71.34 -13.24
C THR A 199 37.58 70.90 -14.44
N ALA A 200 37.54 69.61 -14.76
CA ALA A 200 38.28 69.07 -15.91
C ALA A 200 37.91 69.77 -17.22
N LEU A 201 36.64 69.67 -17.60
CA LEU A 201 36.16 70.28 -18.84
C LEU A 201 36.55 71.76 -18.99
N THR A 202 36.71 72.48 -17.87
CA THR A 202 37.10 73.89 -17.93
C THR A 202 38.54 74.07 -18.38
N LYS A 203 39.39 73.19 -17.87
CA LYS A 203 40.81 73.20 -18.21
C LYS A 203 40.98 73.24 -19.73
N ALA A 204 40.19 72.46 -20.45
CA ALA A 204 40.26 72.43 -21.91
C ALA A 204 39.62 73.65 -22.55
N ASN A 205 38.56 74.17 -21.93
CA ASN A 205 37.90 75.38 -22.40
C ASN A 205 38.00 76.53 -21.42
N GLU A 206 39.07 77.30 -21.55
CA GLU A 206 39.17 78.57 -20.86
C GLU A 206 37.98 79.38 -21.32
N ASP A 207 37.07 79.68 -20.39
CA ASP A 207 35.84 80.38 -20.72
C ASP A 207 34.78 79.46 -21.36
N ILE A 208 33.99 78.81 -20.51
CA ILE A 208 32.87 77.98 -20.95
C ILE A 208 31.57 78.54 -20.42
N LYS A 209 30.68 78.97 -21.32
CA LYS A 209 29.37 79.41 -20.90
C LYS A 209 28.75 78.39 -19.95
N PRO A 210 27.88 78.86 -19.03
CA PRO A 210 27.20 77.99 -18.07
C PRO A 210 25.86 77.51 -18.60
N GLU A 211 25.90 76.67 -19.64
CA GLU A 211 24.74 76.07 -20.31
C GLU A 211 25.26 75.68 -21.68
N ASN A 212 26.51 76.04 -21.93
CA ASN A 212 27.27 75.56 -23.07
C ASN A 212 27.56 74.07 -22.85
N VAL A 213 27.13 73.59 -21.69
CA VAL A 213 27.49 72.24 -21.25
C VAL A 213 26.26 71.46 -20.85
N ASP A 214 26.36 70.14 -20.90
CA ASP A 214 25.21 69.34 -20.54
C ASP A 214 25.52 68.24 -19.56
N VAL A 215 24.60 68.06 -18.62
CA VAL A 215 24.80 67.16 -17.48
C VAL A 215 23.72 66.11 -17.37
N CYS A 216 24.12 64.85 -17.40
CA CYS A 216 23.16 63.80 -17.17
C CYS A 216 23.68 62.82 -16.15
N ILE A 217 22.81 62.45 -15.22
CA ILE A 217 23.20 61.67 -14.06
C ILE A 217 22.46 60.37 -14.04
N ILE A 218 23.17 59.27 -13.84
CA ILE A 218 22.49 58.01 -13.62
C ILE A 218 22.96 57.37 -12.32
N THR A 219 22.07 57.39 -11.34
CA THR A 219 22.36 56.83 -10.04
C THR A 219 22.03 55.36 -10.05
N VAL A 220 22.94 54.55 -9.50
CA VAL A 220 22.69 53.14 -9.36
C VAL A 220 21.61 52.97 -8.31
N LYS A 221 21.39 54.05 -7.57
CA LYS A 221 20.50 54.02 -6.41
C LYS A 221 19.04 53.99 -6.81
N ASP A 222 18.75 53.50 -8.01
CA ASP A 222 17.40 53.50 -8.51
C ASP A 222 17.40 53.06 -9.95
N ALA A 223 18.58 52.88 -10.50
CA ALA A 223 18.74 52.52 -11.91
C ALA A 223 18.04 53.56 -12.79
N GLN A 224 18.25 54.84 -12.51
CA GLN A 224 17.49 55.88 -13.20
C GLN A 224 18.33 57.07 -13.70
N PHE A 225 17.86 57.69 -14.77
CA PHE A 225 18.56 58.78 -15.46
C PHE A 225 17.91 60.13 -15.16
N LYS A 226 18.73 61.14 -14.88
CA LYS A 226 18.25 62.47 -14.47
C LYS A 226 19.06 63.61 -15.09
N LYS A 227 18.50 64.81 -15.04
CA LYS A 227 19.09 65.99 -15.64
C LYS A 227 19.60 66.98 -14.58
N ILE A 228 20.50 67.89 -14.98
CA ILE A 228 20.88 69.03 -14.14
C ILE A 228 20.57 70.35 -14.84
N PRO A 229 19.81 71.22 -14.18
CA PRO A 229 19.40 72.53 -14.71
C PRO A 229 20.57 73.49 -14.83
N VAL A 230 20.42 74.47 -15.71
CA VAL A 230 21.44 75.49 -15.85
C VAL A 230 21.61 76.20 -14.51
N GLU A 231 22.83 76.66 -14.26
CA GLU A 231 23.22 77.37 -13.03
C GLU A 231 23.73 76.42 -11.92
N GLU A 232 23.21 75.20 -11.86
CA GLU A 232 23.88 74.17 -11.08
C GLU A 232 25.20 74.02 -11.77
N ILE A 233 25.09 73.94 -13.09
CA ILE A 233 26.22 74.08 -13.99
C ILE A 233 27.15 75.19 -13.53
N LYS A 234 26.66 76.42 -13.58
CA LYS A 234 27.46 77.58 -13.25
C LYS A 234 27.97 77.55 -11.80
N LYS A 235 27.05 77.34 -10.87
CA LYS A 235 27.41 77.42 -9.45
C LYS A 235 28.43 76.36 -9.04
N LEU A 236 28.86 75.57 -10.01
CA LEU A 236 29.96 74.64 -9.78
C LEU A 236 31.14 74.98 -10.68
N ILE A 237 30.83 75.64 -11.79
CA ILE A 237 31.87 76.21 -12.63
C ILE A 237 32.54 77.37 -11.88
N GLU A 238 32.12 77.58 -10.62
CA GLU A 238 32.68 78.66 -9.82
C GLU A 238 33.90 78.18 -9.06
N LYS A 239 33.82 76.96 -8.51
CA LYS A 239 34.99 76.33 -7.93
C LYS A 239 35.93 76.13 -9.06
N VAL A 240 36.60 77.20 -9.44
CA VAL A 240 37.30 77.24 -10.71
C VAL A 240 38.25 78.42 -10.78
N LYS A 241 37.86 79.55 -10.20
CA LYS A 241 38.70 80.74 -10.25
C LYS A 241 39.85 80.62 -9.26
N LYS A 242 39.91 79.48 -8.60
CA LYS A 242 40.95 79.18 -7.64
C LYS A 242 41.83 78.06 -8.18
N LYS A 243 41.78 77.83 -9.49
CA LYS A 243 42.55 76.77 -10.13
C LYS A 243 43.51 77.34 -11.18
N LEU A 244 43.36 78.63 -11.47
CA LEU A 244 44.29 79.34 -12.34
C LEU A 244 45.28 80.13 -11.48
N ASN A 245 46.02 79.41 -10.61
CA ASN A 245 47.01 80.03 -9.73
C ASN A 245 48.30 79.19 -9.56
N GLU A 246 49.37 79.58 -10.23
CA GLU A 246 50.67 78.90 -10.17
C GLU A 246 50.61 77.42 -10.54
N GLU A 247 49.56 77.04 -11.27
CA GLU A 247 49.34 75.64 -11.66
C GLU A 247 49.32 75.47 -13.19
N ILE B 16 37.96 42.99 -56.84
CA ILE B 16 38.16 44.30 -56.23
C ILE B 16 39.01 44.26 -54.93
N THR B 17 39.58 43.09 -54.61
CA THR B 17 40.59 42.97 -53.52
C THR B 17 41.99 43.18 -54.07
N VAL B 18 42.73 42.08 -54.22
CA VAL B 18 44.13 42.11 -54.69
C VAL B 18 44.67 40.75 -55.14
N PHE B 19 45.87 40.78 -55.74
CA PHE B 19 46.78 39.64 -55.88
C PHE B 19 48.09 40.08 -56.49
N SER B 20 49.18 39.53 -55.99
CA SER B 20 50.51 40.03 -56.32
C SER B 20 51.00 39.66 -57.71
N PRO B 21 52.09 40.31 -58.15
CA PRO B 21 52.66 40.19 -59.49
C PRO B 21 53.79 39.17 -59.57
N GLU B 22 53.89 38.26 -58.60
CA GLU B 22 54.91 37.22 -58.67
C GLU B 22 54.98 36.33 -57.43
N GLY B 23 53.97 35.47 -57.25
CA GLY B 23 53.93 34.53 -56.13
C GLY B 23 53.06 34.96 -54.96
N ARG B 24 53.53 35.98 -54.23
CA ARG B 24 52.90 36.52 -53.01
C ARG B 24 51.48 37.08 -53.19
N LEU B 25 51.03 37.87 -52.22
CA LEU B 25 49.72 38.50 -52.32
C LEU B 25 49.56 39.83 -51.60
N TYR B 26 49.19 40.86 -52.36
CA TYR B 26 49.08 42.21 -51.84
C TYR B 26 48.46 42.30 -50.43
N GLN B 27 47.23 42.78 -50.36
CA GLN B 27 46.64 43.17 -49.07
C GLN B 27 46.93 42.16 -48.00
N VAL B 28 46.72 40.89 -48.33
CA VAL B 28 47.04 39.79 -47.43
C VAL B 28 48.17 40.19 -46.50
N GLU B 29 49.37 40.29 -47.07
CA GLU B 29 50.55 40.55 -46.28
C GLU B 29 50.41 41.88 -45.56
N TYR B 30 49.99 42.90 -46.30
CA TYR B 30 49.83 44.19 -45.66
C TYR B 30 49.00 43.96 -44.42
N ALA B 31 48.02 43.09 -44.52
CA ALA B 31 47.22 42.78 -43.35
C ALA B 31 48.06 42.06 -42.31
N ARG B 32 48.90 41.13 -42.75
CA ARG B 32 49.73 40.40 -41.80
C ARG B 32 50.39 41.42 -40.90
N GLU B 33 51.17 42.30 -41.52
CA GLU B 33 51.91 43.34 -40.81
C GLU B 33 51.12 43.89 -39.66
N ALA B 34 49.85 44.20 -39.93
CA ALA B 34 48.99 44.81 -38.94
C ALA B 34 49.03 44.01 -37.65
N VAL B 35 49.17 42.70 -37.79
CA VAL B 35 49.30 41.81 -36.63
C VAL B 35 50.64 41.95 -35.89
N ARG B 36 51.74 41.92 -36.65
CA ARG B 36 53.08 41.99 -36.08
C ARG B 36 53.25 43.30 -35.36
N ARG B 37 52.37 44.24 -35.67
CA ARG B 37 52.32 45.53 -35.01
C ARG B 37 51.51 45.40 -33.71
N GLY B 38 50.54 44.49 -33.72
CA GLY B 38 49.59 44.33 -32.63
C GLY B 38 50.17 43.83 -31.32
N THR B 39 49.32 43.69 -30.30
CA THR B 39 49.80 43.24 -29.00
C THR B 39 50.43 41.88 -29.19
N THR B 40 51.23 41.45 -28.23
CA THR B 40 51.91 40.17 -28.32
C THR B 40 51.20 39.11 -27.47
N ALA B 41 51.22 37.86 -27.95
CA ALA B 41 50.47 36.79 -27.28
C ALA B 41 51.16 35.45 -27.47
N ILE B 42 51.26 34.67 -26.40
CA ILE B 42 51.88 33.35 -26.45
C ILE B 42 50.93 32.24 -26.01
N GLY B 43 50.94 31.15 -26.76
CA GLY B 43 50.22 29.96 -26.35
C GLY B 43 51.20 28.84 -26.06
N ILE B 44 50.87 28.01 -25.08
CA ILE B 44 51.66 26.82 -24.80
C ILE B 44 50.79 25.61 -24.50
N ALA B 45 50.96 24.57 -25.31
CA ALA B 45 50.36 23.27 -25.06
C ALA B 45 51.22 22.47 -24.07
N CYS B 46 51.04 21.15 -24.07
CA CYS B 46 51.76 20.22 -23.19
C CYS B 46 51.15 18.82 -23.20
N LYS B 47 50.66 18.38 -22.03
CA LYS B 47 50.14 17.03 -21.84
C LYS B 47 49.17 17.03 -20.67
N ASP B 48 49.09 18.18 -19.99
CA ASP B 48 48.28 18.35 -18.79
C ASP B 48 47.10 19.24 -19.07
N GLY B 49 47.09 19.79 -20.28
CA GLY B 49 46.07 20.74 -20.67
C GLY B 49 46.69 21.72 -21.64
N VAL B 50 46.35 23.00 -21.49
CA VAL B 50 46.94 24.03 -22.32
C VAL B 50 46.58 25.40 -21.75
N VAL B 51 47.53 26.33 -21.80
CA VAL B 51 47.31 27.65 -21.22
C VAL B 51 47.86 28.79 -22.06
N LEU B 52 47.08 29.88 -22.08
CA LEU B 52 47.34 31.08 -22.90
C LEU B 52 47.54 32.31 -22.04
N ALA B 53 48.19 33.31 -22.62
CA ALA B 53 48.52 34.53 -21.89
C ALA B 53 48.87 35.64 -22.87
N VAL B 54 48.44 36.86 -22.54
CA VAL B 54 48.61 38.01 -23.43
C VAL B 54 49.17 39.25 -22.74
N ASP B 55 50.17 39.86 -23.38
CA ASP B 55 50.75 41.12 -22.93
C ASP B 55 49.95 42.32 -23.44
N ARG B 56 48.79 42.53 -22.85
CA ARG B 56 48.07 43.78 -23.06
C ARG B 56 49.06 44.92 -22.78
N ARG B 57 49.03 45.99 -23.58
CA ARG B 57 49.94 47.10 -23.33
C ARG B 57 49.18 48.35 -22.88
N ILE B 58 48.48 48.23 -21.74
CA ILE B 58 47.69 49.33 -21.20
C ILE B 58 48.58 50.44 -20.65
N THR B 59 48.87 51.45 -21.48
CA THR B 59 49.69 52.57 -21.04
C THR B 59 48.98 53.31 -19.89
N SER B 60 48.10 54.24 -20.26
CA SER B 60 47.30 54.97 -19.30
C SER B 60 46.63 54.03 -18.30
N LYS B 61 46.55 54.45 -17.05
CA LYS B 61 45.89 53.66 -16.03
C LYS B 61 44.49 54.19 -15.75
N LEU B 62 43.86 54.77 -16.77
CA LEU B 62 42.50 55.28 -16.64
C LEU B 62 41.48 54.24 -17.12
N VAL B 63 41.98 53.19 -17.76
CA VAL B 63 41.11 52.18 -18.37
C VAL B 63 41.04 50.93 -17.52
N LYS B 64 39.86 50.67 -16.95
CA LYS B 64 39.63 49.44 -16.21
C LYS B 64 40.19 48.30 -17.03
N ILE B 65 41.04 47.48 -16.43
CA ILE B 65 41.77 46.47 -17.18
C ILE B 65 40.93 45.26 -17.61
N ARG B 66 39.65 45.26 -17.24
CA ARG B 66 38.77 44.12 -17.50
C ARG B 66 38.24 44.11 -18.94
N SER B 67 38.11 45.32 -19.51
CA SER B 67 37.53 45.54 -20.84
C SER B 67 38.48 45.22 -21.98
N ILE B 68 39.77 45.36 -21.71
CA ILE B 68 40.77 44.98 -22.69
C ILE B 68 40.75 43.46 -22.86
N GLU B 69 39.69 42.98 -23.50
CA GLU B 69 39.55 41.56 -23.79
C GLU B 69 40.65 41.15 -24.78
N LYS B 70 41.52 40.24 -24.36
CA LYS B 70 42.56 39.78 -25.27
C LYS B 70 42.51 38.24 -25.40
N ILE B 71 41.64 37.61 -24.62
CA ILE B 71 41.43 36.16 -24.69
C ILE B 71 39.94 35.84 -24.57
N PHE B 72 39.42 35.02 -25.48
CA PHE B 72 37.98 34.75 -25.52
C PHE B 72 37.63 33.28 -25.39
N GLN B 73 36.69 32.95 -24.51
CA GLN B 73 36.24 31.56 -24.46
C GLN B 73 35.27 31.30 -25.59
N ILE B 74 35.44 30.17 -26.26
CA ILE B 74 34.60 29.83 -27.40
C ILE B 74 33.59 28.74 -27.04
N ASP B 75 33.90 27.94 -26.02
CA ASP B 75 33.00 26.89 -25.56
C ASP B 75 33.46 26.43 -24.17
N ASP B 76 32.65 25.60 -23.52
CA ASP B 76 33.00 25.11 -22.19
C ASP B 76 34.30 24.31 -22.18
N HIS B 77 34.84 24.01 -23.36
CA HIS B 77 36.04 23.18 -23.42
C HIS B 77 37.13 23.75 -24.31
N VAL B 78 36.81 24.78 -25.08
CA VAL B 78 37.78 25.39 -25.98
C VAL B 78 37.75 26.92 -25.97
N ALA B 79 38.91 27.54 -26.06
CA ALA B 79 38.98 29.00 -26.10
C ALA B 79 40.19 29.51 -26.89
N ALA B 80 40.11 30.77 -27.34
CA ALA B 80 41.18 31.39 -28.14
C ALA B 80 41.61 32.84 -27.73
N ALA B 81 42.86 33.19 -28.01
CA ALA B 81 43.41 34.51 -27.69
C ALA B 81 43.70 35.33 -28.94
N THR B 82 43.22 36.57 -28.95
CA THR B 82 43.36 37.47 -30.13
C THR B 82 44.72 38.19 -30.28
N SER B 83 44.93 38.80 -31.45
CA SER B 83 46.13 39.58 -31.75
C SER B 83 46.05 40.23 -33.14
N GLY B 84 46.08 41.56 -33.16
CA GLY B 84 45.87 42.35 -34.37
C GLY B 84 45.00 43.51 -33.96
N LEU B 85 44.09 43.94 -34.83
CA LEU B 85 43.15 44.97 -34.42
C LEU B 85 41.95 44.34 -33.71
N VAL B 86 41.47 44.99 -32.66
CA VAL B 86 40.26 44.51 -31.97
C VAL B 86 38.95 44.76 -32.74
N ALA B 87 38.98 45.64 -33.74
CA ALA B 87 37.85 45.75 -34.65
C ALA B 87 37.54 44.32 -35.09
N ASP B 88 38.49 43.73 -35.81
CA ASP B 88 38.31 42.40 -36.33
C ASP B 88 38.63 41.32 -35.29
N ALA B 89 38.73 41.70 -34.04
CA ALA B 89 38.93 40.68 -33.02
C ALA B 89 37.57 40.11 -32.64
N ARG B 90 36.79 40.88 -31.89
CA ARG B 90 35.45 40.46 -31.51
C ARG B 90 34.73 39.80 -32.69
N VAL B 91 34.41 40.57 -33.73
CA VAL B 91 33.55 40.05 -34.79
C VAL B 91 33.92 38.62 -35.17
N LEU B 92 35.21 38.32 -35.26
CA LEU B 92 35.62 36.95 -35.58
C LEU B 92 35.24 35.94 -34.51
N ILE B 93 35.18 36.39 -33.26
CA ILE B 93 34.83 35.49 -32.14
C ILE B 93 33.29 35.38 -31.89
N ASP B 94 32.58 36.50 -31.85
CA ASP B 94 31.11 36.46 -31.77
C ASP B 94 30.56 35.87 -33.07
N ARG B 95 31.39 35.03 -33.71
CA ARG B 95 31.06 34.31 -34.95
C ARG B 95 31.62 32.89 -34.90
N ALA B 96 32.83 32.79 -34.38
CA ALA B 96 33.38 31.49 -34.09
C ALA B 96 32.48 30.92 -33.02
N ARG B 97 32.23 31.70 -31.98
CA ARG B 97 31.36 31.28 -30.89
C ARG B 97 30.02 30.88 -31.46
N LEU B 98 29.77 31.32 -32.68
CA LEU B 98 28.50 30.99 -33.30
C LEU B 98 28.64 29.68 -34.00
N GLU B 99 29.55 29.62 -34.96
CA GLU B 99 29.76 28.39 -35.69
C GLU B 99 30.00 27.21 -34.73
N ALA B 100 30.32 27.51 -33.47
CA ALA B 100 30.66 26.49 -32.49
C ALA B 100 29.45 25.85 -31.83
N GLN B 101 28.44 26.65 -31.54
CA GLN B 101 27.22 26.13 -30.96
C GLN B 101 26.33 25.55 -32.04
N ILE B 102 26.53 25.96 -33.28
CA ILE B 102 25.79 25.44 -34.44
C ILE B 102 26.08 23.97 -34.66
N TYR B 103 27.36 23.66 -34.84
CA TYR B 103 27.81 22.29 -34.93
C TYR B 103 27.23 21.52 -33.77
N ARG B 104 27.44 22.02 -32.54
CA ARG B 104 27.02 21.28 -31.35
C ARG B 104 25.52 20.91 -31.37
N LEU B 105 24.78 21.53 -32.28
CA LEU B 105 23.31 21.35 -32.34
C LEU B 105 22.87 20.42 -33.47
N THR B 106 23.63 20.42 -34.55
CA THR B 106 23.35 19.50 -35.63
C THR B 106 24.21 18.25 -35.47
N TYR B 107 24.44 17.86 -34.21
CA TYR B 107 25.22 16.66 -33.89
C TYR B 107 25.14 16.28 -32.42
N GLY B 108 25.42 17.24 -31.55
CA GLY B 108 25.46 16.96 -30.11
C GLY B 108 26.89 16.92 -29.59
N GLU B 109 27.84 16.70 -30.49
CA GLU B 109 29.24 16.67 -30.12
C GLU B 109 29.79 18.06 -29.80
N GLU B 110 30.37 18.22 -28.61
CA GLU B 110 31.18 19.41 -28.39
C GLU B 110 32.09 19.45 -29.61
N ILE B 111 32.15 20.59 -30.26
CA ILE B 111 32.83 20.67 -31.56
C ILE B 111 34.34 20.44 -31.49
N SER B 112 34.84 19.60 -32.40
CA SER B 112 36.26 19.32 -32.53
C SER B 112 37.02 20.62 -32.77
N ILE B 113 38.04 20.89 -31.96
CA ILE B 113 38.83 22.12 -32.12
C ILE B 113 39.41 22.24 -33.53
N GLU B 114 39.99 21.15 -34.04
CA GLU B 114 40.55 21.12 -35.41
C GLU B 114 39.54 21.60 -36.44
N MET B 115 38.28 21.27 -36.18
CA MET B 115 37.15 21.74 -37.00
C MET B 115 36.86 23.21 -36.72
N LEU B 116 36.60 23.55 -35.46
CA LEU B 116 36.34 24.93 -35.12
C LEU B 116 37.38 25.68 -35.87
N ALA B 117 38.64 25.38 -35.56
CA ALA B 117 39.74 26.04 -36.23
C ALA B 117 39.45 26.08 -37.72
N LYS B 118 39.51 24.93 -38.35
CA LYS B 118 39.41 24.90 -39.80
C LYS B 118 38.20 25.67 -40.29
N LYS B 119 37.30 26.03 -39.39
CA LYS B 119 36.14 26.81 -39.80
C LYS B 119 36.49 28.30 -39.98
N ILE B 120 36.61 29.05 -38.89
CA ILE B 120 36.84 30.50 -39.02
C ILE B 120 38.13 30.79 -39.75
N CYS B 121 38.96 29.77 -39.96
CA CYS B 121 40.17 30.02 -40.68
C CYS B 121 39.93 29.81 -42.16
N ASP B 122 38.74 29.30 -42.47
CA ASP B 122 38.26 29.21 -43.85
C ASP B 122 37.56 30.52 -44.20
N ILE B 123 36.71 30.99 -43.29
CA ILE B 123 36.05 32.27 -43.48
C ILE B 123 37.11 33.27 -43.86
N LYS B 124 38.04 33.45 -42.94
CA LYS B 124 39.13 34.42 -43.06
C LYS B 124 39.77 34.33 -44.42
N GLN B 125 39.87 33.10 -44.92
CA GLN B 125 40.41 32.86 -46.24
C GLN B 125 39.47 33.41 -47.30
N ALA B 126 38.18 33.10 -47.18
CA ALA B 126 37.21 33.58 -48.16
C ALA B 126 37.24 35.12 -48.31
N TYR B 127 37.58 35.80 -47.21
CA TYR B 127 37.76 37.25 -47.19
C TYR B 127 39.09 37.67 -47.80
N THR B 128 39.77 36.74 -48.45
CA THR B 128 41.02 37.08 -49.06
C THR B 128 40.76 37.28 -50.52
N GLN B 129 39.99 36.36 -51.09
CA GLN B 129 39.89 36.25 -52.54
C GLN B 129 38.59 36.77 -53.12
N HIS B 130 37.87 37.57 -52.36
CA HIS B 130 36.58 37.99 -52.88
C HIS B 130 36.47 39.47 -53.22
N GLY B 131 35.52 39.77 -54.09
CA GLY B 131 35.31 41.15 -54.51
C GLY B 131 35.01 42.06 -53.33
N GLY B 132 35.88 43.04 -53.11
CA GLY B 132 35.59 44.17 -52.26
C GLY B 132 35.48 43.88 -50.78
N VAL B 133 36.58 43.51 -50.18
CA VAL B 133 36.58 43.44 -48.75
C VAL B 133 37.96 43.10 -48.28
N ARG B 134 38.27 43.61 -47.10
CA ARG B 134 39.62 43.55 -46.61
C ARG B 134 39.71 42.40 -45.66
N PRO B 135 40.72 41.56 -45.89
CA PRO B 135 41.08 40.46 -45.01
C PRO B 135 41.08 40.92 -43.57
N PHE B 136 41.02 39.98 -42.65
CA PHE B 136 40.96 40.34 -41.25
C PHE B 136 42.34 40.60 -40.72
N GLY B 137 42.53 41.77 -40.13
CA GLY B 137 43.80 42.06 -39.50
C GLY B 137 43.96 41.31 -38.19
N VAL B 138 43.89 39.97 -38.23
CA VAL B 138 44.07 39.21 -37.00
C VAL B 138 44.70 37.81 -37.14
N SER B 139 45.63 37.53 -36.23
CA SER B 139 46.15 36.18 -35.97
C SER B 139 45.69 35.69 -34.59
N LEU B 140 45.31 34.41 -34.52
CA LEU B 140 44.64 33.85 -33.35
C LEU B 140 45.38 32.65 -32.75
N LEU B 141 45.05 32.38 -31.49
CA LEU B 141 45.57 31.23 -30.75
C LEU B 141 44.47 30.41 -30.08
N ILE B 142 43.99 29.36 -30.77
CA ILE B 142 42.93 28.52 -30.23
C ILE B 142 43.45 27.20 -29.68
N ALA B 143 43.13 26.92 -28.42
CA ALA B 143 43.51 25.66 -27.78
C ALA B 143 42.36 25.12 -26.94
N GLY B 144 42.27 23.81 -26.84
CA GLY B 144 41.23 23.24 -26.00
C GLY B 144 41.46 21.78 -25.69
N ILE B 145 40.39 21.11 -25.28
CA ILE B 145 40.46 19.68 -25.00
C ILE B 145 39.65 18.91 -26.02
N ASP B 146 40.34 18.40 -27.04
CA ASP B 146 39.71 17.59 -28.06
C ASP B 146 39.69 16.12 -27.61
N LYS B 147 38.77 15.81 -26.70
CA LYS B 147 38.65 14.47 -26.17
C LYS B 147 40.00 14.06 -25.61
N ASN B 148 40.31 14.54 -24.42
CA ASN B 148 41.56 14.19 -23.74
C ASN B 148 42.80 14.79 -24.40
N GLU B 149 42.76 14.93 -25.71
CA GLU B 149 43.87 15.52 -26.44
C GLU B 149 43.83 17.05 -26.28
N ALA B 150 44.85 17.63 -25.67
CA ALA B 150 44.92 19.08 -25.57
C ALA B 150 45.86 19.65 -26.63
N ARG B 151 45.33 20.53 -27.47
CA ARG B 151 46.07 21.05 -28.63
C ARG B 151 45.99 22.56 -28.78
N LEU B 152 46.79 23.06 -29.73
CA LEU B 152 47.01 24.49 -29.91
C LEU B 152 47.25 24.89 -31.38
N PHE B 153 46.54 25.93 -31.86
CA PHE B 153 46.53 26.35 -33.30
C PHE B 153 46.81 27.84 -33.56
N GLU B 154 47.56 28.14 -34.61
CA GLU B 154 47.78 29.55 -34.99
C GLU B 154 47.10 29.94 -36.31
N THR B 155 46.23 30.94 -36.26
CA THR B 155 45.59 31.36 -37.48
C THR B 155 46.37 32.49 -38.10
N ASP B 156 46.13 32.74 -39.38
CA ASP B 156 46.64 33.93 -40.04
C ASP B 156 45.54 34.45 -40.92
N PRO B 157 45.45 35.76 -41.05
CA PRO B 157 44.51 36.41 -41.97
C PRO B 157 44.52 35.81 -43.40
N SER B 158 44.32 34.51 -43.53
CA SER B 158 44.17 33.81 -44.82
C SER B 158 44.61 32.37 -44.68
N GLY B 159 43.90 31.60 -43.85
CA GLY B 159 44.22 30.20 -43.64
C GLY B 159 45.40 29.98 -42.70
N ALA B 160 45.40 28.85 -42.01
CA ALA B 160 46.47 28.56 -41.08
C ALA B 160 46.33 27.16 -40.51
N LEU B 161 46.85 26.19 -41.26
CA LEU B 161 46.82 24.78 -40.86
C LEU B 161 47.95 24.41 -39.85
N ILE B 162 48.28 25.33 -38.92
CA ILE B 162 49.49 25.21 -38.09
C ILE B 162 49.29 24.84 -36.61
N GLU B 163 49.44 23.55 -36.31
CA GLU B 163 49.22 23.01 -34.96
C GLU B 163 50.52 22.96 -34.17
N TYR B 164 50.72 24.00 -33.36
CA TYR B 164 51.94 24.15 -32.60
C TYR B 164 51.90 23.41 -31.28
N LYS B 165 53.09 23.06 -30.79
CA LYS B 165 53.23 22.60 -29.43
C LYS B 165 53.37 23.83 -28.53
N ALA B 166 53.78 24.96 -29.12
CA ALA B 166 53.86 26.27 -28.43
C ALA B 166 54.38 27.35 -29.37
N THR B 167 53.70 28.49 -29.39
CA THR B 167 54.15 29.62 -30.20
C THR B 167 53.51 30.94 -29.78
N ALA B 168 53.78 31.99 -30.55
CA ALA B 168 53.32 33.32 -30.19
C ALA B 168 53.11 34.22 -31.41
N ILE B 169 52.44 35.35 -31.18
CA ILE B 169 52.14 36.30 -32.24
C ILE B 169 52.13 37.70 -31.71
N GLY B 170 52.23 38.67 -32.63
CA GLY B 170 52.05 40.07 -32.28
C GLY B 170 53.32 40.91 -32.27
N SER B 171 53.39 41.81 -31.31
CA SER B 171 54.53 42.70 -31.17
C SER B 171 55.83 41.90 -31.24
N GLY B 172 56.21 41.33 -30.11
CA GLY B 172 57.47 40.62 -30.03
C GLY B 172 57.41 39.18 -30.50
N ARG B 173 56.94 38.97 -31.73
CA ARG B 173 56.89 37.60 -32.25
C ARG B 173 58.29 37.00 -32.26
N PRO B 174 59.16 37.48 -33.16
CA PRO B 174 60.46 36.82 -33.21
C PRO B 174 61.19 36.75 -31.86
N VAL B 175 60.90 37.68 -30.95
CA VAL B 175 61.59 37.70 -29.65
C VAL B 175 61.42 36.37 -28.96
N VAL B 176 60.17 35.94 -28.78
CA VAL B 176 59.87 34.69 -28.10
C VAL B 176 59.50 33.55 -29.05
N MET B 177 58.96 33.88 -30.23
CA MET B 177 58.67 32.88 -31.26
C MET B 177 60.02 32.25 -31.68
N GLU B 178 61.10 32.72 -31.04
CA GLU B 178 62.48 32.22 -31.24
C GLU B 178 63.24 31.95 -29.93
N LEU B 179 62.66 32.38 -28.80
CA LEU B 179 63.14 31.97 -27.49
C LEU B 179 62.67 30.55 -27.25
N LEU B 180 61.37 30.35 -27.40
CA LEU B 180 60.75 29.02 -27.35
C LEU B 180 61.42 28.07 -28.31
N GLU B 181 62.08 28.62 -29.32
CA GLU B 181 62.73 27.85 -30.38
C GLU B 181 63.65 26.74 -29.84
N LYS B 182 64.03 26.84 -28.56
CA LYS B 182 65.02 25.93 -27.96
C LYS B 182 64.50 25.12 -26.77
N GLU B 183 64.40 25.77 -25.62
CA GLU B 183 64.15 25.08 -24.35
C GLU B 183 62.78 24.40 -24.18
N TYR B 184 61.84 24.59 -25.12
CA TYR B 184 60.54 23.87 -25.03
C TYR B 184 60.77 22.36 -25.17
N ARG B 185 59.90 21.56 -24.57
CA ARG B 185 60.02 20.10 -24.62
C ARG B 185 58.65 19.43 -24.72
N ASP B 186 58.54 18.40 -25.54
CA ASP B 186 57.27 17.67 -25.65
C ASP B 186 56.99 16.90 -24.35
N ASP B 187 57.44 17.48 -23.23
CA ASP B 187 57.28 16.91 -21.90
C ASP B 187 56.68 17.93 -20.95
N ILE B 188 57.13 19.17 -21.07
CA ILE B 188 56.75 20.25 -20.15
C ILE B 188 55.31 20.08 -19.65
N THR B 189 55.12 20.32 -18.36
CA THR B 189 53.81 20.19 -17.75
C THR B 189 53.11 21.54 -17.74
N LEU B 190 51.99 21.63 -17.03
CA LEU B 190 51.29 22.91 -16.90
C LEU B 190 52.11 23.90 -16.07
N ASP B 191 52.36 23.56 -14.82
CA ASP B 191 53.13 24.42 -13.93
C ASP B 191 54.63 24.48 -14.30
N GLU B 192 55.02 23.72 -15.32
CA GLU B 192 56.38 23.83 -15.85
C GLU B 192 56.33 24.86 -16.96
N GLY B 193 55.24 24.82 -17.72
CA GLY B 193 54.94 25.84 -18.71
C GLY B 193 54.49 27.08 -17.98
N LEU B 194 54.16 26.90 -16.70
CA LEU B 194 53.82 28.00 -15.81
C LEU B 194 54.64 29.22 -16.20
N GLU B 195 55.91 29.18 -15.81
CA GLU B 195 56.83 30.29 -16.03
C GLU B 195 57.08 30.50 -17.51
N LEU B 196 56.96 29.43 -18.30
CA LEU B 196 57.32 29.48 -19.71
C LEU B 196 56.85 30.77 -20.39
N ALA B 197 55.54 30.93 -20.54
CA ALA B 197 54.99 32.13 -21.16
C ALA B 197 55.36 33.43 -20.40
N ILE B 198 55.17 33.41 -19.08
CA ILE B 198 55.47 34.56 -18.25
C ILE B 198 56.89 35.05 -18.59
N THR B 199 57.85 34.17 -18.39
CA THR B 199 59.24 34.45 -18.69
C THR B 199 59.40 35.03 -20.10
N ALA B 200 59.07 34.23 -21.10
CA ALA B 200 59.16 34.68 -22.48
C ALA B 200 58.55 36.07 -22.65
N LEU B 201 57.25 36.18 -22.43
CA LEU B 201 56.53 37.43 -22.68
C LEU B 201 57.29 38.62 -22.11
N THR B 202 57.92 38.42 -20.95
CA THR B 202 58.72 39.45 -20.33
C THR B 202 59.84 39.88 -21.28
N LYS B 203 60.49 38.91 -21.92
CA LYS B 203 61.60 39.19 -22.83
C LYS B 203 61.25 40.28 -23.83
N ALA B 204 60.03 40.22 -24.37
CA ALA B 204 59.59 41.15 -25.39
C ALA B 204 59.16 42.50 -24.82
N ASN B 205 58.61 42.47 -23.61
CA ASN B 205 58.20 43.68 -22.93
C ASN B 205 59.03 43.95 -21.67
N GLU B 206 60.13 44.68 -21.85
CA GLU B 206 60.86 45.14 -20.70
C GLU B 206 59.89 46.02 -19.90
N ASP B 207 59.54 45.56 -18.71
CA ASP B 207 58.65 46.32 -17.82
C ASP B 207 57.18 46.14 -18.15
N ILE B 208 56.56 45.15 -17.53
CA ILE B 208 55.17 44.84 -17.76
C ILE B 208 54.43 44.87 -16.44
N LYS B 209 53.37 45.66 -16.37
CA LYS B 209 52.53 45.68 -15.17
C LYS B 209 52.04 44.26 -14.85
N PRO B 210 51.84 43.97 -13.55
CA PRO B 210 51.28 42.69 -13.07
C PRO B 210 49.75 42.71 -13.03
N GLU B 211 49.15 42.92 -14.20
CA GLU B 211 47.70 42.93 -14.43
C GLU B 211 47.51 43.42 -15.87
N ASN B 212 48.63 43.80 -16.47
CA ASN B 212 48.72 44.14 -17.89
C ASN B 212 48.67 42.84 -18.70
N VAL B 213 48.53 41.71 -18.00
CA VAL B 213 48.55 40.39 -18.63
C VAL B 213 47.40 39.50 -18.18
N ASP B 214 47.00 38.59 -19.05
CA ASP B 214 45.86 37.75 -18.78
C ASP B 214 46.19 36.26 -18.85
N VAL B 215 45.65 35.50 -17.90
CA VAL B 215 46.00 34.10 -17.73
C VAL B 215 44.77 33.21 -17.82
N CYS B 216 44.77 32.27 -18.76
CA CYS B 216 43.61 31.40 -18.93
C CYS B 216 44.03 29.94 -19.08
N ILE B 217 43.56 29.09 -18.17
CA ILE B 217 44.02 27.69 -18.07
C ILE B 217 42.95 26.64 -18.35
N ILE B 218 43.17 25.86 -19.39
CA ILE B 218 42.27 24.76 -19.67
C ILE B 218 43.01 23.46 -19.43
N THR B 219 42.86 22.95 -18.21
CA THR B 219 43.40 21.66 -17.88
C THR B 219 42.57 20.64 -18.61
N VAL B 220 43.24 19.75 -19.33
CA VAL B 220 42.56 18.63 -19.95
C VAL B 220 42.02 17.77 -18.81
N LYS B 221 42.48 18.14 -17.61
CA LYS B 221 42.14 17.44 -16.38
C LYS B 221 40.71 17.64 -15.92
N ASP B 222 39.79 17.75 -16.87
CA ASP B 222 38.39 18.02 -16.58
C ASP B 222 37.71 18.58 -17.81
N ALA B 223 38.47 18.75 -18.89
CA ALA B 223 37.98 19.42 -20.09
C ALA B 223 37.39 20.79 -19.73
N GLN B 224 38.02 21.48 -18.79
CA GLN B 224 37.47 22.71 -18.22
C GLN B 224 38.44 23.89 -18.23
N PHE B 225 37.87 25.08 -18.32
CA PHE B 225 38.61 26.32 -18.50
C PHE B 225 38.59 27.15 -17.20
N LYS B 226 39.71 27.77 -16.85
CA LYS B 226 39.85 28.48 -15.57
C LYS B 226 40.63 29.81 -15.68
N LYS B 227 40.57 30.63 -14.63
CA LYS B 227 41.21 31.95 -14.60
C LYS B 227 42.35 32.08 -13.58
N ILE B 228 43.31 32.95 -13.87
CA ILE B 228 44.36 33.26 -12.91
C ILE B 228 44.31 34.70 -12.43
N PRO B 229 44.20 34.89 -11.10
CA PRO B 229 44.07 36.20 -10.45
C PRO B 229 45.34 37.06 -10.49
N VAL B 230 45.18 38.38 -10.31
CA VAL B 230 46.29 39.31 -10.26
C VAL B 230 47.20 39.00 -9.08
N GLU B 231 48.50 39.16 -9.29
CA GLU B 231 49.51 38.87 -8.28
C GLU B 231 50.02 37.42 -8.34
N GLU B 232 49.19 36.50 -8.83
CA GLU B 232 49.70 35.18 -9.22
C GLU B 232 50.50 35.47 -10.46
N ILE B 233 49.97 36.41 -11.23
CA ILE B 233 50.64 37.07 -12.33
C ILE B 233 51.96 37.69 -11.85
N LYS B 234 51.88 38.49 -10.80
CA LYS B 234 53.06 39.17 -10.30
C LYS B 234 54.08 38.23 -9.64
N LYS B 235 53.61 37.38 -8.71
CA LYS B 235 54.48 36.43 -8.02
C LYS B 235 55.05 35.34 -8.93
N LEU B 236 55.08 35.59 -10.24
CA LEU B 236 55.75 34.68 -11.15
C LEU B 236 56.49 35.51 -12.19
N ILE B 237 56.13 36.79 -12.27
CA ILE B 237 56.86 37.77 -13.07
C ILE B 237 58.08 38.21 -12.29
N GLU B 238 58.29 37.57 -11.15
CA GLU B 238 59.43 37.88 -10.32
C GLU B 238 60.60 36.97 -10.68
N LYS B 239 60.32 35.73 -11.05
CA LYS B 239 61.34 34.85 -11.60
C LYS B 239 61.73 35.44 -12.94
N VAL B 240 62.36 36.61 -12.90
CA VAL B 240 62.50 37.46 -14.07
C VAL B 240 63.71 38.37 -13.96
N LYS B 241 63.94 38.87 -12.76
CA LYS B 241 65.06 39.74 -12.50
C LYS B 241 66.35 38.92 -12.47
N LYS B 242 66.19 37.59 -12.43
CA LYS B 242 67.31 36.67 -12.48
C LYS B 242 67.54 36.24 -13.92
N LYS B 243 67.03 37.02 -14.85
CA LYS B 243 67.13 36.69 -16.26
C LYS B 243 67.83 37.82 -17.01
N LEU B 244 67.96 38.96 -16.34
CA LEU B 244 68.66 40.10 -16.91
C LEU B 244 70.12 40.12 -16.45
N ASN B 245 70.85 39.05 -16.72
CA ASN B 245 72.23 38.93 -16.25
C ASN B 245 73.15 38.22 -17.24
N GLU B 246 74.03 38.98 -17.88
CA GLU B 246 74.99 38.44 -18.85
C GLU B 246 74.35 37.51 -19.88
N GLU B 247 73.03 37.56 -19.98
CA GLU B 247 72.31 36.74 -20.93
C GLU B 247 71.71 37.60 -22.04
N ILE C 16 36.69 42.91 -63.45
CA ILE C 16 37.68 43.47 -62.53
C ILE C 16 38.73 42.42 -62.07
N THR C 17 39.06 41.45 -62.96
CA THR C 17 40.28 40.58 -62.84
C THR C 17 41.47 41.06 -63.73
N VAL C 18 41.58 40.50 -64.94
CA VAL C 18 42.65 40.90 -65.85
C VAL C 18 42.49 40.23 -67.21
N PHE C 19 43.29 40.67 -68.18
CA PHE C 19 43.72 39.87 -69.36
C PHE C 19 44.95 40.51 -70.02
N SER C 20 45.83 39.69 -70.61
CA SER C 20 47.13 40.17 -71.14
C SER C 20 47.07 40.93 -72.48
N PRO C 21 48.15 41.67 -72.80
CA PRO C 21 48.17 42.57 -73.94
C PRO C 21 48.61 41.86 -75.19
N GLU C 22 48.83 40.56 -75.07
CA GLU C 22 49.29 39.80 -76.21
C GLU C 22 49.36 38.33 -75.89
N GLY C 23 48.19 37.73 -75.67
CA GLY C 23 48.05 36.29 -75.62
C GLY C 23 48.01 35.69 -74.23
N ARG C 24 49.03 35.99 -73.42
CA ARG C 24 49.11 35.47 -72.07
C ARG C 24 47.97 36.02 -71.23
N LEU C 25 48.08 35.88 -69.92
CA LEU C 25 47.06 36.42 -69.02
C LEU C 25 47.66 36.82 -67.69
N TYR C 26 47.32 38.01 -67.23
CA TYR C 26 47.91 38.57 -66.04
C TYR C 26 47.87 37.64 -64.83
N GLN C 27 46.94 37.92 -63.91
CA GLN C 27 46.92 37.25 -62.60
C GLN C 27 47.30 35.77 -62.73
N VAL C 28 46.59 35.07 -63.61
CA VAL C 28 46.83 33.66 -63.88
C VAL C 28 48.27 33.27 -63.54
N GLU C 29 49.21 33.66 -64.41
CA GLU C 29 50.60 33.24 -64.27
C GLU C 29 51.20 33.72 -62.96
N TYR C 30 50.85 34.93 -62.55
CA TYR C 30 51.38 35.43 -61.29
C TYR C 30 50.97 34.45 -60.20
N ALA C 31 49.77 33.89 -60.33
CA ALA C 31 49.28 32.92 -59.35
C ALA C 31 50.07 31.64 -59.50
N ARG C 32 50.46 31.33 -60.74
CA ARG C 32 51.29 30.16 -60.98
C ARG C 32 52.51 30.17 -60.05
N GLU C 33 53.36 31.17 -60.22
CA GLU C 33 54.58 31.31 -59.43
C GLU C 33 54.35 30.85 -58.00
N ALA C 34 53.30 31.38 -57.40
CA ALA C 34 52.90 31.04 -56.04
C ALA C 34 53.07 29.55 -55.79
N VAL C 35 52.66 28.75 -56.76
CA VAL C 35 52.87 27.31 -56.71
C VAL C 35 54.35 26.94 -56.84
N ARG C 36 55.01 27.38 -57.92
CA ARG C 36 56.42 27.02 -58.11
C ARG C 36 57.27 27.43 -56.90
N ARG C 37 56.66 28.16 -55.99
CA ARG C 37 57.36 28.57 -54.79
C ARG C 37 56.96 27.70 -53.60
N GLY C 38 55.73 27.21 -53.63
CA GLY C 38 55.21 26.35 -52.58
C GLY C 38 56.01 25.07 -52.36
N THR C 39 55.47 24.18 -51.53
CA THR C 39 56.15 22.93 -51.19
C THR C 39 56.05 21.96 -52.34
N THR C 40 57.05 21.10 -52.49
CA THR C 40 57.09 20.18 -53.62
C THR C 40 56.14 19.00 -53.40
N ALA C 41 55.83 18.25 -54.45
CA ALA C 41 55.00 17.06 -54.32
C ALA C 41 55.05 16.21 -55.60
N ILE C 42 55.21 14.89 -55.44
CA ILE C 42 55.20 13.98 -56.60
C ILE C 42 54.08 12.94 -56.52
N GLY C 43 53.46 12.65 -57.66
CA GLY C 43 52.47 11.61 -57.76
C GLY C 43 52.88 10.71 -58.91
N ILE C 44 52.76 9.41 -58.73
CA ILE C 44 53.18 8.51 -59.79
C ILE C 44 52.12 7.46 -60.04
N ALA C 45 51.86 7.19 -61.31
CA ALA C 45 50.94 6.15 -61.67
C ALA C 45 51.68 4.82 -61.70
N CYS C 46 51.07 3.81 -62.32
CA CYS C 46 51.70 2.51 -62.54
C CYS C 46 50.76 1.48 -63.17
N LYS C 47 50.52 0.39 -62.45
CA LYS C 47 49.70 -0.67 -62.97
C LYS C 47 49.15 -1.47 -61.80
N ASP C 48 49.55 -1.09 -60.60
CA ASP C 48 49.20 -1.84 -59.41
C ASP C 48 48.40 -0.96 -58.47
N GLY C 49 48.14 0.25 -58.93
CA GLY C 49 47.50 1.26 -58.13
C GLY C 49 48.09 2.63 -58.42
N VAL C 50 48.28 3.44 -57.38
CA VAL C 50 48.84 4.77 -57.54
C VAL C 50 49.28 5.36 -56.19
N VAL C 51 50.48 5.95 -56.14
CA VAL C 51 51.04 6.53 -54.91
C VAL C 51 51.54 7.95 -55.01
N LEU C 52 51.26 8.69 -53.93
CA LEU C 52 51.60 10.10 -53.76
C LEU C 52 52.51 10.33 -52.58
N ALA C 53 53.05 11.54 -52.53
CA ALA C 53 54.05 11.91 -51.53
C ALA C 53 54.46 13.38 -51.61
N VAL C 54 54.84 13.93 -50.46
CA VAL C 54 55.14 15.34 -50.42
C VAL C 54 56.27 15.64 -49.44
N ASP C 55 57.14 16.58 -49.84
CA ASP C 55 58.23 17.10 -48.99
C ASP C 55 57.82 18.39 -48.25
N ARG C 56 57.07 18.22 -47.15
CA ARG C 56 56.86 19.30 -46.21
C ARG C 56 58.25 19.83 -45.90
N ARG C 57 58.40 21.12 -45.67
CA ARG C 57 59.73 21.61 -45.34
C ARG C 57 59.73 22.16 -43.93
N ILE C 58 59.23 21.35 -43.00
CA ILE C 58 59.11 21.78 -41.62
C ILE C 58 60.50 22.09 -41.08
N THR C 59 60.75 23.38 -40.93
CA THR C 59 62.03 23.88 -40.44
C THR C 59 62.10 23.70 -38.93
N SER C 60 61.62 24.71 -38.19
CA SER C 60 61.51 24.64 -36.74
C SER C 60 60.82 23.33 -36.36
N LYS C 61 61.16 22.77 -35.22
CA LYS C 61 60.55 21.51 -34.81
C LYS C 61 59.51 21.68 -33.70
N LEU C 62 58.89 22.86 -33.65
CA LEU C 62 57.86 23.18 -32.66
C LEU C 62 56.45 22.97 -33.18
N VAL C 63 56.33 22.53 -34.43
CA VAL C 63 55.02 22.37 -35.06
C VAL C 63 54.65 20.91 -35.29
N LYS C 64 53.60 20.45 -34.62
CA LYS C 64 53.14 19.09 -34.81
C LYS C 64 53.05 18.88 -36.32
N ILE C 65 53.82 17.90 -36.84
CA ILE C 65 53.86 17.59 -38.28
C ILE C 65 52.53 17.07 -38.78
N ARG C 66 51.68 16.70 -37.84
CA ARG C 66 50.40 16.10 -38.17
C ARG C 66 49.45 17.18 -38.69
N SER C 67 49.79 18.43 -38.44
CA SER C 67 48.94 19.55 -38.88
C SER C 67 49.26 20.04 -40.28
N ILE C 68 50.51 19.89 -40.68
CA ILE C 68 50.89 20.28 -42.01
C ILE C 68 50.19 19.36 -43.00
N GLU C 69 49.03 19.81 -43.50
CA GLU C 69 48.26 18.98 -44.42
C GLU C 69 48.52 19.33 -45.88
N LYS C 70 48.94 18.30 -46.60
CA LYS C 70 49.51 18.42 -47.94
C LYS C 70 48.93 17.34 -48.87
N ILE C 71 48.35 16.32 -48.26
CA ILE C 71 47.62 15.28 -49.01
C ILE C 71 46.26 15.00 -48.36
N PHE C 72 45.19 15.04 -49.17
CA PHE C 72 43.84 14.89 -48.65
C PHE C 72 43.08 13.73 -49.28
N GLN C 73 42.32 13.00 -48.46
CA GLN C 73 41.43 11.99 -49.00
C GLN C 73 40.22 12.69 -49.57
N ILE C 74 39.67 12.15 -50.63
CA ILE C 74 38.54 12.77 -51.29
C ILE C 74 37.36 11.78 -51.36
N ASP C 75 37.66 10.49 -51.27
CA ASP C 75 36.65 9.43 -51.24
C ASP C 75 37.37 8.11 -50.93
N ASP C 76 36.62 7.06 -50.63
CA ASP C 76 37.21 5.78 -50.23
C ASP C 76 38.26 5.30 -51.25
N HIS C 77 38.15 5.82 -52.47
CA HIS C 77 38.89 5.31 -53.60
C HIS C 77 39.74 6.36 -54.30
N VAL C 78 39.54 7.62 -53.96
CA VAL C 78 40.29 8.70 -54.59
C VAL C 78 40.75 9.77 -53.60
N ALA C 79 42.00 10.20 -53.74
CA ALA C 79 42.54 11.28 -52.90
C ALA C 79 43.52 12.17 -53.68
N ALA C 80 43.77 13.37 -53.16
CA ALA C 80 44.60 14.32 -53.89
C ALA C 80 45.63 15.03 -52.98
N ALA C 81 46.71 15.55 -53.58
CA ALA C 81 47.79 16.24 -52.87
C ALA C 81 47.91 17.70 -53.32
N THR C 82 48.10 18.58 -52.34
CA THR C 82 48.12 20.04 -52.55
C THR C 82 49.50 20.69 -52.73
N SER C 83 49.53 21.75 -53.52
CA SER C 83 50.73 22.54 -53.65
C SER C 83 50.41 23.96 -54.08
N GLY C 84 50.97 24.91 -53.32
CA GLY C 84 50.53 26.30 -53.39
C GLY C 84 50.31 26.77 -51.95
N LEU C 85 49.47 27.80 -51.77
CA LEU C 85 49.23 28.33 -50.42
C LEU C 85 48.16 27.53 -49.71
N VAL C 86 48.35 27.30 -48.42
CA VAL C 86 47.42 26.49 -47.64
C VAL C 86 46.07 27.20 -47.36
N ALA C 87 45.99 28.47 -47.70
CA ALA C 87 44.72 29.18 -47.67
C ALA C 87 43.76 28.56 -48.66
N ASP C 88 44.19 28.46 -49.92
CA ASP C 88 43.37 27.94 -51.01
C ASP C 88 43.48 26.42 -51.16
N ALA C 89 44.27 25.81 -50.29
CA ALA C 89 44.39 24.36 -50.27
C ALA C 89 43.09 23.84 -49.79
N ARG C 90 42.91 23.90 -48.46
CA ARG C 90 41.69 23.43 -47.81
C ARG C 90 40.40 23.72 -48.57
N VAL C 91 40.14 25.01 -48.82
CA VAL C 91 38.88 25.45 -49.41
C VAL C 91 38.52 24.67 -50.66
N LEU C 92 39.52 24.40 -51.49
CA LEU C 92 39.28 23.63 -52.69
C LEU C 92 38.94 22.18 -52.34
N ILE C 93 39.52 21.64 -51.28
CA ILE C 93 39.24 20.25 -50.92
C ILE C 93 37.92 20.02 -50.11
N ASP C 94 37.69 20.78 -49.05
CA ASP C 94 36.42 20.71 -48.33
C ASP C 94 35.32 21.15 -49.27
N ARG C 95 35.54 20.97 -50.57
CA ARG C 95 34.60 21.39 -51.60
C ARG C 95 34.67 20.41 -52.76
N ALA C 96 35.84 19.83 -52.93
CA ALA C 96 35.94 18.72 -53.84
C ALA C 96 35.22 17.65 -53.08
N ARG C 97 35.60 17.54 -51.82
CA ARG C 97 35.04 16.54 -50.93
C ARG C 97 33.55 16.61 -50.95
N LEU C 98 33.02 17.68 -51.55
CA LEU C 98 31.59 17.92 -51.71
C LEU C 98 31.08 17.55 -53.08
N GLU C 99 31.69 18.11 -54.10
CA GLU C 99 31.24 17.78 -55.43
C GLU C 99 31.48 16.29 -55.71
N ALA C 100 32.09 15.61 -54.75
CA ALA C 100 32.38 14.20 -54.89
C ALA C 100 31.31 13.29 -54.27
N GLN C 101 30.72 13.72 -53.18
CA GLN C 101 29.69 12.93 -52.52
C GLN C 101 28.36 13.39 -53.02
N ILE C 102 28.34 14.52 -53.72
CA ILE C 102 27.13 14.96 -54.40
C ILE C 102 26.82 14.01 -55.53
N TYR C 103 27.83 13.77 -56.35
CA TYR C 103 27.67 12.88 -57.46
C TYR C 103 27.21 11.53 -56.96
N ARG C 104 27.97 10.91 -56.06
CA ARG C 104 27.60 9.59 -55.56
C ARG C 104 26.16 9.55 -55.10
N LEU C 105 25.58 10.72 -54.91
CA LEU C 105 24.24 10.77 -54.36
C LEU C 105 23.19 10.91 -55.46
N THR C 106 23.56 11.54 -56.55
CA THR C 106 22.63 11.73 -57.63
C THR C 106 22.89 10.70 -58.70
N TYR C 107 23.41 9.57 -58.29
CA TYR C 107 23.69 8.46 -59.20
C TYR C 107 23.89 7.16 -58.47
N GLY C 108 24.81 7.16 -57.51
CA GLY C 108 25.14 5.95 -56.80
C GLY C 108 26.54 5.49 -57.13
N GLU C 109 27.08 5.98 -58.24
CA GLU C 109 28.44 5.64 -58.68
C GLU C 109 29.57 6.34 -57.89
N GLU C 110 30.52 5.58 -57.34
CA GLU C 110 31.76 6.20 -56.86
C GLU C 110 32.20 7.10 -58.00
N ILE C 111 32.16 8.40 -57.74
CA ILE C 111 32.39 9.42 -58.76
C ILE C 111 33.66 9.24 -59.61
N SER C 112 33.52 9.28 -60.93
CA SER C 112 34.64 9.07 -61.86
C SER C 112 35.77 10.06 -61.63
N ILE C 113 37.03 9.63 -61.74
CA ILE C 113 38.14 10.51 -61.43
C ILE C 113 38.41 11.56 -62.49
N GLU C 114 38.27 11.19 -63.77
CA GLU C 114 38.39 12.20 -64.82
C GLU C 114 37.21 13.18 -64.74
N MET C 115 36.18 12.84 -63.97
CA MET C 115 35.06 13.77 -63.74
C MET C 115 35.29 14.67 -62.53
N LEU C 116 35.76 14.10 -61.42
CA LEU C 116 36.07 14.87 -60.22
C LEU C 116 37.05 15.95 -60.60
N ALA C 117 38.17 15.53 -61.17
CA ALA C 117 39.15 16.46 -61.68
C ALA C 117 38.43 17.54 -62.51
N LYS C 118 38.00 17.18 -63.70
CA LYS C 118 37.30 18.14 -64.57
C LYS C 118 36.27 19.00 -63.84
N LYS C 119 35.97 18.69 -62.57
CA LYS C 119 35.03 19.53 -61.83
C LYS C 119 35.73 20.65 -61.10
N ILE C 120 36.44 20.31 -60.04
CA ILE C 120 37.08 21.36 -59.29
C ILE C 120 37.91 22.16 -60.27
N CYS C 121 38.37 21.50 -61.33
CA CYS C 121 39.21 22.18 -62.31
C CYS C 121 38.41 23.16 -63.17
N ASP C 122 37.11 22.96 -63.25
CA ASP C 122 36.23 23.85 -64.01
C ASP C 122 35.89 25.08 -63.18
N ILE C 123 35.65 24.87 -61.89
CA ILE C 123 35.50 25.98 -60.96
C ILE C 123 36.72 26.91 -61.00
N LYS C 124 37.89 26.33 -60.73
CA LYS C 124 39.12 27.07 -60.63
C LYS C 124 39.18 28.01 -61.81
N GLN C 125 38.74 27.47 -62.94
CA GLN C 125 38.67 28.21 -64.19
C GLN C 125 37.76 29.42 -64.09
N ALA C 126 36.56 29.21 -63.55
CA ALA C 126 35.60 30.30 -63.46
C ALA C 126 36.17 31.44 -62.61
N TYR C 127 36.98 31.07 -61.64
CA TYR C 127 37.60 32.04 -60.75
C TYR C 127 38.59 32.91 -61.49
N THR C 128 38.85 32.53 -62.73
CA THR C 128 39.85 33.16 -63.56
C THR C 128 39.26 34.30 -64.32
N GLN C 129 38.05 34.11 -64.84
CA GLN C 129 37.54 35.08 -65.80
C GLN C 129 36.44 35.95 -65.24
N HIS C 130 36.23 35.90 -63.92
CA HIS C 130 35.07 36.59 -63.40
C HIS C 130 35.37 37.84 -62.55
N GLY C 131 34.59 38.89 -62.78
CA GLY C 131 34.74 40.14 -62.05
C GLY C 131 35.02 39.88 -60.60
N GLY C 132 36.10 40.48 -60.10
CA GLY C 132 36.39 40.47 -58.68
C GLY C 132 36.56 39.11 -58.01
N VAL C 133 37.71 38.49 -58.25
CA VAL C 133 38.09 37.33 -57.47
C VAL C 133 39.34 36.67 -57.98
N ARG C 134 40.26 36.45 -57.05
CA ARG C 134 41.58 35.96 -57.39
C ARG C 134 41.61 34.45 -57.51
N PRO C 135 42.03 33.96 -58.68
CA PRO C 135 42.20 32.51 -58.84
C PRO C 135 42.98 31.86 -57.70
N PHE C 136 42.99 30.53 -57.70
CA PHE C 136 43.53 29.82 -56.57
C PHE C 136 44.98 29.60 -56.72
N GLY C 137 45.68 29.84 -55.63
CA GLY C 137 47.11 29.62 -55.60
C GLY C 137 47.39 28.18 -55.31
N VAL C 138 47.05 27.32 -56.26
CA VAL C 138 47.37 25.92 -56.08
C VAL C 138 47.30 25.14 -57.36
N SER C 139 48.25 24.25 -57.52
CA SER C 139 48.15 23.21 -58.52
C SER C 139 47.90 21.93 -57.73
N LEU C 140 47.22 20.96 -58.33
CA LEU C 140 46.81 19.77 -57.60
C LEU C 140 47.34 18.48 -58.18
N LEU C 141 47.41 17.48 -57.30
CA LEU C 141 47.71 16.13 -57.72
C LEU C 141 46.61 15.16 -57.25
N ILE C 142 45.74 14.72 -58.17
CA ILE C 142 44.60 13.86 -57.84
C ILE C 142 44.68 12.46 -58.49
N ALA C 143 44.49 11.39 -57.69
CA ALA C 143 44.59 10.01 -58.18
C ALA C 143 43.72 9.02 -57.42
N GLY C 144 43.50 7.87 -58.03
CA GLY C 144 42.68 6.84 -57.43
C GLY C 144 42.39 5.69 -58.37
N ILE C 145 41.24 5.04 -58.16
CA ILE C 145 40.90 3.82 -58.90
C ILE C 145 39.61 3.98 -59.69
N ASP C 146 39.72 4.44 -60.93
CA ASP C 146 38.54 4.55 -61.75
C ASP C 146 38.18 3.20 -62.37
N LYS C 147 37.58 2.31 -61.57
CA LYS C 147 37.13 1.04 -62.11
C LYS C 147 38.29 0.21 -62.67
N ASN C 148 39.19 -0.24 -61.80
CA ASN C 148 40.37 -1.02 -62.20
C ASN C 148 41.48 -0.19 -62.83
N GLU C 149 41.15 1.05 -63.18
CA GLU C 149 42.07 1.99 -63.81
C GLU C 149 42.57 3.01 -62.80
N ALA C 150 43.79 2.79 -62.30
CA ALA C 150 44.44 3.70 -61.36
C ALA C 150 45.17 4.83 -62.11
N ARG C 151 44.65 6.04 -61.98
CA ARG C 151 45.13 7.15 -62.80
C ARG C 151 45.66 8.32 -61.98
N LEU C 152 46.30 9.26 -62.67
CA LEU C 152 46.87 10.47 -62.07
C LEU C 152 46.52 11.71 -62.89
N PHE C 153 46.28 12.82 -62.17
CA PHE C 153 45.92 14.11 -62.76
C PHE C 153 46.59 15.30 -62.06
N GLU C 154 46.99 16.29 -62.84
CA GLU C 154 47.55 17.52 -62.31
C GLU C 154 46.64 18.69 -62.69
N THR C 155 46.38 19.59 -61.76
CA THR C 155 45.54 20.75 -62.08
C THR C 155 46.35 22.03 -62.13
N ASP C 156 45.77 23.10 -62.65
CA ASP C 156 46.45 24.41 -62.69
C ASP C 156 45.44 25.50 -62.32
N PRO C 157 45.90 26.57 -61.63
CA PRO C 157 45.03 27.71 -61.29
C PRO C 157 44.13 28.25 -62.41
N SER C 158 43.94 27.45 -63.45
CA SER C 158 42.95 27.74 -64.49
C SER C 158 42.82 26.60 -65.53
N GLY C 159 42.13 25.51 -65.20
CA GLY C 159 41.94 24.39 -66.11
C GLY C 159 43.20 23.57 -66.34
N ALA C 160 43.06 22.24 -66.30
CA ALA C 160 44.23 21.35 -66.45
C ALA C 160 43.92 19.89 -66.90
N LEU C 161 43.88 19.71 -68.22
CA LEU C 161 43.62 18.40 -68.84
C LEU C 161 44.94 17.60 -68.94
N ILE C 162 45.57 17.33 -67.79
CA ILE C 162 46.84 16.61 -67.79
C ILE C 162 46.84 15.34 -66.92
N GLU C 163 46.50 14.20 -67.52
CA GLU C 163 46.55 12.89 -66.87
C GLU C 163 47.94 12.25 -67.04
N TYR C 164 48.74 12.30 -65.98
CA TYR C 164 50.14 11.89 -66.06
C TYR C 164 50.28 10.43 -65.74
N LYS C 165 51.38 9.82 -66.19
CA LYS C 165 51.74 8.49 -65.74
C LYS C 165 52.52 8.72 -64.45
N ALA C 166 52.96 9.96 -64.28
CA ALA C 166 53.65 10.43 -63.10
C ALA C 166 54.22 11.85 -63.32
N THR C 167 54.17 12.69 -62.28
CA THR C 167 54.71 14.05 -62.38
C THR C 167 54.94 14.67 -60.99
N ALA C 168 55.17 15.99 -60.95
CA ALA C 168 55.44 16.72 -59.69
C ALA C 168 55.18 18.22 -59.81
N ILE C 169 54.94 18.88 -58.67
CA ILE C 169 54.74 20.32 -58.65
C ILE C 169 55.28 20.94 -57.39
N GLY C 170 55.63 22.22 -57.47
CA GLY C 170 56.08 23.00 -56.33
C GLY C 170 57.51 23.52 -56.37
N SER C 171 58.15 23.51 -55.20
CA SER C 171 59.59 23.76 -55.05
C SER C 171 60.39 23.30 -56.26
N GLY C 172 60.88 22.06 -56.19
CA GLY C 172 61.73 21.50 -57.23
C GLY C 172 60.97 20.80 -58.33
N ARG C 173 60.00 21.49 -58.92
CA ARG C 173 59.28 20.94 -60.06
C ARG C 173 60.34 20.42 -61.00
N PRO C 174 61.13 21.33 -61.59
CA PRO C 174 62.08 20.93 -62.62
C PRO C 174 63.11 19.92 -62.13
N VAL C 175 63.31 19.82 -60.82
CA VAL C 175 64.32 18.91 -60.30
C VAL C 175 64.01 17.46 -60.66
N VAL C 176 62.81 17.03 -60.27
CA VAL C 176 62.38 15.67 -60.49
C VAL C 176 61.46 15.58 -61.70
N MET C 177 60.60 16.59 -61.89
CA MET C 177 59.66 16.66 -63.03
C MET C 177 60.43 16.45 -64.34
N GLU C 178 61.77 16.39 -64.20
CA GLU C 178 62.74 16.21 -65.28
C GLU C 178 63.83 15.19 -64.88
N LEU C 179 63.63 14.59 -63.71
CA LEU C 179 64.33 13.38 -63.32
C LEU C 179 63.49 12.25 -63.85
N LEU C 180 62.28 12.16 -63.34
CA LEU C 180 61.29 11.24 -63.85
C LEU C 180 61.41 11.15 -65.37
N GLU C 181 61.76 12.27 -65.99
CA GLU C 181 61.67 12.44 -67.44
C GLU C 181 62.32 11.32 -68.26
N LYS C 182 63.16 10.54 -67.61
CA LYS C 182 63.85 9.45 -68.29
C LYS C 182 63.42 8.07 -67.78
N GLU C 183 63.91 7.71 -66.59
CA GLU C 183 63.82 6.34 -66.04
C GLU C 183 62.42 5.78 -65.68
N TYR C 184 61.37 6.60 -65.74
CA TYR C 184 60.02 6.05 -65.52
C TYR C 184 59.66 5.05 -66.62
N ARG C 185 58.79 4.10 -66.30
CA ARG C 185 58.36 3.08 -67.27
C ARG C 185 56.86 2.73 -67.17
N ASP C 186 56.22 2.52 -68.32
CA ASP C 186 54.78 2.21 -68.35
C ASP C 186 54.53 0.82 -67.78
N ASP C 187 55.44 0.40 -66.92
CA ASP C 187 55.50 -0.93 -66.39
C ASP C 187 55.74 -0.84 -64.90
N ILE C 188 56.55 0.15 -64.49
CA ILE C 188 56.95 0.29 -63.09
C ILE C 188 55.83 -0.12 -62.14
N THR C 189 56.20 -0.88 -61.12
CA THR C 189 55.24 -1.40 -60.16
C THR C 189 55.14 -0.47 -58.96
N LEU C 190 54.26 -0.80 -58.02
CA LEU C 190 54.10 0.01 -56.81
C LEU C 190 55.38 0.04 -55.98
N ASP C 191 55.84 -1.12 -55.52
CA ASP C 191 57.12 -1.17 -54.79
C ASP C 191 58.30 -0.88 -55.72
N GLU C 192 57.99 -0.56 -56.98
CA GLU C 192 58.98 -0.08 -57.92
C GLU C 192 59.00 1.45 -57.92
N GLY C 193 57.80 2.05 -57.83
CA GLY C 193 57.66 3.49 -57.63
C GLY C 193 57.85 3.84 -56.16
N LEU C 194 57.90 2.80 -55.33
CA LEU C 194 58.34 2.91 -53.96
C LEU C 194 59.37 4.01 -53.94
N GLU C 195 60.58 3.64 -54.37
CA GLU C 195 61.77 4.48 -54.36
C GLU C 195 61.66 5.71 -55.25
N LEU C 196 61.12 5.53 -56.45
CA LEU C 196 61.02 6.64 -57.42
C LEU C 196 60.78 7.98 -56.76
N ALA C 197 59.58 8.16 -56.21
CA ALA C 197 59.26 9.40 -55.53
C ALA C 197 60.29 9.75 -54.46
N ILE C 198 60.58 8.79 -53.58
CA ILE C 198 61.48 9.01 -52.45
C ILE C 198 62.85 9.48 -52.89
N THR C 199 63.43 8.77 -53.82
CA THR C 199 64.72 9.18 -54.35
C THR C 199 64.56 10.53 -55.02
N ALA C 200 63.59 10.63 -55.92
CA ALA C 200 63.32 11.90 -56.58
C ALA C 200 63.29 13.02 -55.54
N LEU C 201 62.28 12.99 -54.67
CA LEU C 201 62.08 14.03 -53.65
C LEU C 201 63.38 14.43 -52.94
N THR C 202 64.29 13.47 -52.78
CA THR C 202 65.56 13.74 -52.11
C THR C 202 66.46 14.63 -52.96
N LYS C 203 66.43 14.39 -54.26
CA LYS C 203 67.20 15.20 -55.21
C LYS C 203 66.94 16.69 -55.00
N ALA C 204 65.67 17.10 -55.03
CA ALA C 204 65.32 18.50 -54.82
C ALA C 204 65.62 18.97 -53.39
N ASN C 205 65.26 18.15 -52.41
CA ASN C 205 65.55 18.47 -51.02
C ASN C 205 66.79 17.75 -50.51
N GLU C 206 67.94 18.38 -50.68
CA GLU C 206 69.14 17.89 -50.04
C GLU C 206 68.84 17.98 -48.55
N ASP C 207 68.90 16.85 -47.86
CA ASP C 207 68.62 16.79 -46.41
C ASP C 207 67.13 16.97 -46.10
N ILE C 208 66.38 15.87 -46.15
CA ILE C 208 64.96 15.91 -45.82
C ILE C 208 64.76 15.13 -44.55
N LYS C 209 64.03 15.69 -43.61
CA LYS C 209 63.70 14.93 -42.42
C LYS C 209 62.85 13.69 -42.78
N PRO C 210 62.96 12.59 -42.00
CA PRO C 210 62.21 11.38 -42.30
C PRO C 210 60.85 11.36 -41.63
N GLU C 211 59.96 12.24 -42.08
CA GLU C 211 58.58 12.38 -41.60
C GLU C 211 58.17 13.76 -42.04
N ASN C 212 59.18 14.50 -42.49
CA ASN C 212 58.99 15.77 -43.17
C ASN C 212 58.10 15.40 -44.33
N VAL C 213 57.96 14.10 -44.56
CA VAL C 213 57.35 13.60 -45.77
C VAL C 213 56.11 12.79 -45.48
N ASP C 214 55.18 12.78 -46.43
CA ASP C 214 53.92 12.08 -46.26
C ASP C 214 53.60 11.12 -47.40
N VAL C 215 53.26 9.87 -47.06
CA VAL C 215 53.06 8.82 -48.06
C VAL C 215 51.66 8.23 -48.04
N CYS C 216 51.03 8.11 -49.19
CA CYS C 216 49.68 7.54 -49.23
C CYS C 216 49.41 6.70 -50.46
N ILE C 217 49.09 5.44 -50.23
CA ILE C 217 48.99 4.46 -51.28
C ILE C 217 47.58 3.98 -51.53
N ILE C 218 47.19 4.09 -52.79
CA ILE C 218 45.92 3.54 -53.22
C ILE C 218 46.24 2.41 -54.17
N THR C 219 46.03 1.17 -53.73
CA THR C 219 46.20 -0.01 -54.58
C THR C 219 44.92 -0.22 -55.38
N VAL C 220 45.04 -0.57 -56.65
CA VAL C 220 43.87 -0.88 -57.47
C VAL C 220 43.41 -2.27 -57.07
N LYS C 221 44.15 -2.88 -56.16
CA LYS C 221 43.92 -4.26 -55.77
C LYS C 221 42.85 -4.39 -54.70
N ASP C 222 41.94 -3.42 -54.62
CA ASP C 222 40.93 -3.40 -53.56
C ASP C 222 40.11 -2.12 -53.54
N ALA C 223 40.48 -1.18 -54.41
CA ALA C 223 39.83 0.14 -54.47
C ALA C 223 39.93 0.93 -53.17
N GLN C 224 41.12 0.95 -52.55
CA GLN C 224 41.28 1.42 -51.18
C GLN C 224 42.54 2.24 -50.90
N PHE C 225 42.46 3.02 -49.83
CA PHE C 225 43.48 4.01 -49.49
C PHE C 225 44.27 3.63 -48.23
N LYS C 226 45.61 3.61 -48.33
CA LYS C 226 46.47 3.27 -47.19
C LYS C 226 47.54 4.33 -46.82
N LYS C 227 48.09 4.20 -45.60
CA LYS C 227 49.05 5.14 -45.04
C LYS C 227 50.42 4.51 -44.80
N ILE C 228 51.48 5.33 -44.81
CA ILE C 228 52.82 4.85 -44.49
C ILE C 228 53.41 5.52 -43.28
N PRO C 229 53.82 4.72 -42.29
CA PRO C 229 54.43 5.17 -41.04
C PRO C 229 55.84 5.68 -41.25
N VAL C 230 56.23 6.58 -40.34
CA VAL C 230 57.57 7.12 -40.34
C VAL C 230 58.52 5.94 -40.25
N GLU C 231 59.76 6.18 -40.67
CA GLU C 231 60.82 5.18 -40.65
C GLU C 231 60.76 4.21 -41.83
N GLU C 232 59.56 3.85 -42.25
CA GLU C 232 59.39 3.22 -43.56
C GLU C 232 59.94 4.24 -44.54
N ILE C 233 59.42 5.45 -44.38
CA ILE C 233 59.94 6.62 -45.03
C ILE C 233 61.47 6.70 -44.95
N LYS C 234 62.01 6.67 -43.73
CA LYS C 234 63.45 6.82 -43.52
C LYS C 234 64.22 5.66 -44.11
N LYS C 235 63.89 4.46 -43.65
CA LYS C 235 64.58 3.29 -44.13
C LYS C 235 64.69 3.27 -45.67
N LEU C 236 63.80 4.01 -46.35
CA LEU C 236 63.82 4.08 -47.82
C LEU C 236 64.52 5.33 -48.33
N ILE C 237 64.60 6.34 -47.48
CA ILE C 237 65.40 7.50 -47.79
C ILE C 237 66.87 7.09 -47.59
N GLU C 238 67.08 5.80 -47.33
CA GLU C 238 68.43 5.26 -47.07
C GLU C 238 69.19 4.92 -48.35
N LYS C 239 68.53 4.18 -49.23
CA LYS C 239 69.04 3.99 -50.58
C LYS C 239 69.09 5.35 -51.25
N VAL C 240 70.06 6.16 -50.88
CA VAL C 240 70.07 7.56 -51.25
C VAL C 240 71.48 8.08 -51.14
N LYS C 241 72.24 7.47 -50.24
CA LYS C 241 73.61 7.88 -49.98
C LYS C 241 74.51 7.33 -51.07
N LYS C 242 73.93 6.48 -51.90
CA LYS C 242 74.62 5.87 -53.02
C LYS C 242 74.24 6.59 -54.30
N LYS C 243 73.70 7.79 -54.16
CA LYS C 243 73.21 8.56 -55.30
C LYS C 243 73.97 9.88 -55.42
N LEU C 244 74.63 10.27 -54.35
CA LEU C 244 75.49 11.45 -54.36
C LEU C 244 76.92 11.01 -54.69
N ASN C 245 77.10 10.42 -55.87
CA ASN C 245 78.41 9.93 -56.31
C ASN C 245 78.60 10.08 -57.83
N GLU C 246 79.37 11.09 -58.25
CA GLU C 246 79.65 11.38 -59.66
C GLU C 246 78.41 11.45 -60.58
N GLU C 247 77.25 11.75 -60.00
CA GLU C 247 76.00 11.89 -60.76
C GLU C 247 75.36 13.27 -60.56
N ILE D 16 32.76 47.63 -67.14
CA ILE D 16 34.07 47.36 -66.54
C ILE D 16 34.89 46.32 -67.33
N THR D 17 34.69 46.27 -68.66
CA THR D 17 35.53 45.46 -69.57
C THR D 17 36.46 46.35 -70.41
N VAL D 18 35.97 46.83 -71.56
CA VAL D 18 36.73 47.70 -72.48
C VAL D 18 36.01 48.00 -73.80
N PHE D 19 36.43 49.08 -74.49
CA PHE D 19 36.16 49.34 -75.91
C PHE D 19 37.26 50.26 -76.45
N SER D 20 37.55 50.21 -77.75
CA SER D 20 38.71 50.92 -78.31
C SER D 20 38.46 52.38 -78.65
N PRO D 21 39.55 53.15 -78.79
CA PRO D 21 39.47 54.59 -79.06
C PRO D 21 39.34 54.93 -80.54
N GLU D 22 38.92 54.01 -81.38
CA GLU D 22 38.75 54.31 -82.79
C GLU D 22 38.49 53.10 -83.67
N GLY D 23 37.34 52.47 -83.50
CA GLY D 23 36.96 51.38 -84.38
C GLY D 23 37.14 50.01 -83.75
N ARG D 24 38.37 49.68 -83.39
CA ARG D 24 38.68 48.34 -82.87
C ARG D 24 38.13 48.11 -81.45
N LEU D 25 38.58 47.07 -80.74
CA LEU D 25 38.12 46.80 -79.36
C LEU D 25 39.15 46.13 -78.44
N TYR D 26 39.52 46.81 -77.37
CA TYR D 26 40.56 46.36 -76.45
C TYR D 26 40.55 44.86 -76.15
N GLN D 27 40.14 44.47 -74.94
CA GLN D 27 40.33 43.09 -74.48
C GLN D 27 40.11 42.06 -75.59
N VAL D 28 39.07 42.26 -76.38
CA VAL D 28 38.78 41.35 -77.48
C VAL D 28 40.02 40.90 -78.22
N GLU D 29 40.64 41.80 -78.97
CA GLU D 29 41.76 41.42 -79.81
C GLU D 29 42.89 40.84 -78.99
N TYR D 30 43.20 41.48 -77.87
CA TYR D 30 44.20 40.92 -76.98
C TYR D 30 43.91 39.46 -76.70
N ALA D 31 42.64 39.11 -76.59
CA ALA D 31 42.30 37.74 -76.32
C ALA D 31 42.41 36.88 -77.58
N ARG D 32 42.22 37.52 -78.74
CA ARG D 32 42.41 36.83 -79.99
C ARG D 32 43.77 36.19 -79.93
N GLU D 33 44.79 37.02 -79.75
CA GLU D 33 46.18 36.58 -79.72
C GLU D 33 46.31 35.28 -78.95
N ALA D 34 45.80 35.28 -77.72
CA ALA D 34 45.82 34.11 -76.88
C ALA D 34 45.63 32.88 -77.75
N VAL D 35 44.75 33.00 -78.73
CA VAL D 35 44.50 31.91 -79.67
C VAL D 35 45.66 31.71 -80.62
N ARG D 36 45.99 32.75 -81.39
CA ARG D 36 47.07 32.61 -82.35
C ARG D 36 48.33 32.06 -81.68
N ARG D 37 48.27 31.90 -80.35
CA ARG D 37 49.38 31.39 -79.57
C ARG D 37 49.14 29.94 -79.17
N GLY D 38 47.88 29.54 -79.10
CA GLY D 38 47.50 28.19 -78.73
C GLY D 38 47.87 27.15 -79.77
N THR D 39 47.38 25.92 -79.62
CA THR D 39 47.75 24.83 -80.52
C THR D 39 47.04 24.96 -81.84
N THR D 40 47.64 24.41 -82.88
CA THR D 40 47.10 24.55 -84.21
C THR D 40 46.02 23.53 -84.44
N ALA D 41 45.04 23.91 -85.25
CA ALA D 41 43.89 23.05 -85.51
C ALA D 41 43.31 23.27 -86.89
N ILE D 42 42.98 22.17 -87.56
CA ILE D 42 42.50 22.23 -88.93
C ILE D 42 41.15 21.55 -89.03
N GLY D 43 40.23 22.16 -89.79
CA GLY D 43 38.92 21.58 -90.04
C GLY D 43 38.58 21.54 -91.52
N ILE D 44 38.01 20.43 -91.99
CA ILE D 44 37.76 20.30 -93.42
C ILE D 44 36.45 19.67 -93.77
N ALA D 45 35.68 20.41 -94.55
CA ALA D 45 34.40 19.95 -95.04
C ALA D 45 34.61 19.06 -96.24
N CYS D 46 33.56 18.98 -97.05
CA CYS D 46 33.54 18.19 -98.26
C CYS D 46 32.11 17.91 -98.73
N LYS D 47 31.83 16.62 -98.96
CA LYS D 47 30.58 16.19 -99.56
C LYS D 47 30.30 14.78 -99.11
N ASP D 48 31.23 14.22 -98.34
CA ASP D 48 31.12 12.85 -97.89
C ASP D 48 30.97 12.86 -96.40
N GLY D 49 30.97 14.06 -95.84
CA GLY D 49 30.98 14.23 -94.40
C GLY D 49 31.95 15.35 -94.07
N VAL D 50 32.71 15.18 -93.00
CA VAL D 50 33.64 16.22 -92.59
C VAL D 50 34.62 15.70 -91.54
N VAL D 51 35.88 16.17 -91.62
CA VAL D 51 36.89 15.70 -90.68
C VAL D 51 37.83 16.72 -90.09
N LEU D 52 38.07 16.52 -88.79
CA LEU D 52 38.86 17.38 -87.95
C LEU D 52 40.12 16.69 -87.48
N ALA D 53 41.03 17.52 -86.99
CA ALA D 53 42.35 17.09 -86.57
C ALA D 53 43.21 18.24 -86.03
N VAL D 54 43.94 17.92 -84.99
CA VAL D 54 44.62 18.90 -84.20
C VAL D 54 46.00 18.41 -83.83
N ASP D 55 46.94 19.35 -83.80
CA ASP D 55 48.34 19.09 -83.47
C ASP D 55 48.65 19.48 -82.03
N ARG D 56 48.33 18.59 -81.10
CA ARG D 56 48.82 18.71 -79.75
C ARG D 56 50.32 18.87 -79.89
N ARG D 57 50.96 19.60 -78.98
CA ARG D 57 52.41 19.68 -79.05
C ARG D 57 53.00 19.12 -77.77
N ILE D 58 52.41 18.01 -77.32
CA ILE D 58 52.87 17.33 -76.11
C ILE D 58 54.38 17.22 -76.10
N THR D 59 55.02 18.09 -75.33
CA THR D 59 56.48 18.07 -75.25
C THR D 59 56.97 16.85 -74.47
N SER D 60 57.05 16.99 -73.15
CA SER D 60 57.50 15.90 -72.31
C SER D 60 56.71 14.65 -72.64
N LYS D 61 57.34 13.49 -72.52
CA LYS D 61 56.63 12.26 -72.82
C LYS D 61 56.16 11.55 -71.55
N LEU D 62 55.89 12.30 -70.50
CA LEU D 62 55.42 11.73 -69.24
C LEU D 62 53.91 11.87 -69.08
N VAL D 63 53.25 12.35 -70.12
CA VAL D 63 51.83 12.69 -70.03
C VAL D 63 50.97 11.84 -70.93
N LYS D 64 50.14 11.01 -70.33
CA LYS D 64 49.24 10.17 -71.11
C LYS D 64 48.51 11.06 -72.10
N ILE D 65 48.76 10.84 -73.38
CA ILE D 65 48.23 11.69 -74.44
C ILE D 65 46.71 11.74 -74.47
N ARG D 66 46.08 10.89 -73.68
CA ARG D 66 44.63 10.74 -73.74
C ARG D 66 43.91 11.92 -73.08
N SER D 67 44.61 12.65 -72.23
CA SER D 67 44.00 13.72 -71.45
C SER D 67 43.99 15.07 -72.16
N ILE D 68 45.03 15.34 -72.94
CA ILE D 68 45.14 16.59 -73.68
C ILE D 68 43.99 16.73 -74.66
N GLU D 69 42.78 16.83 -74.15
CA GLU D 69 41.64 16.86 -75.04
C GLU D 69 41.72 18.10 -75.91
N LYS D 70 41.66 17.93 -77.22
CA LYS D 70 41.75 19.07 -78.10
C LYS D 70 40.51 19.12 -79.00
N ILE D 71 39.71 18.08 -78.85
CA ILE D 71 38.54 17.92 -79.68
C ILE D 71 37.44 17.25 -78.86
N PHE D 72 36.21 17.69 -79.07
CA PHE D 72 35.09 17.24 -78.26
C PHE D 72 33.87 16.90 -79.12
N GLN D 73 33.23 15.77 -78.84
CA GLN D 73 31.97 15.49 -79.49
C GLN D 73 30.93 16.28 -78.74
N ILE D 74 29.96 16.85 -79.46
CA ILE D 74 28.90 17.63 -78.80
C ILE D 74 27.51 16.99 -78.98
N ASP D 75 27.39 16.07 -79.93
CA ASP D 75 26.17 15.27 -80.05
C ASP D 75 26.49 14.03 -80.86
N ASP D 76 25.49 13.18 -81.03
CA ASP D 76 25.66 11.96 -81.81
C ASP D 76 26.05 12.34 -83.23
N HIS D 77 25.86 13.61 -83.58
CA HIS D 77 25.99 14.01 -84.97
C HIS D 77 26.73 15.30 -85.19
N VAL D 78 27.35 15.85 -84.14
CA VAL D 78 28.13 17.08 -84.30
C VAL D 78 29.14 17.28 -83.20
N ALA D 79 30.36 17.63 -83.60
CA ALA D 79 31.42 17.88 -82.64
C ALA D 79 32.33 18.99 -83.12
N ALA D 80 33.22 19.39 -82.22
CA ALA D 80 34.02 20.58 -82.44
C ALA D 80 35.41 20.47 -81.81
N ALA D 81 36.38 21.23 -82.36
CA ALA D 81 37.77 21.21 -81.90
C ALA D 81 38.19 22.56 -81.35
N THR D 82 38.98 22.53 -80.27
CA THR D 82 39.35 23.72 -79.50
C THR D 82 40.76 24.31 -79.79
N SER D 83 40.89 25.63 -79.67
CA SER D 83 42.20 26.27 -79.80
C SER D 83 42.31 27.61 -79.08
N GLY D 84 43.25 27.65 -78.14
CA GLY D 84 43.35 28.74 -77.18
C GLY D 84 43.77 28.13 -75.85
N LEU D 85 43.24 28.67 -74.75
CA LEU D 85 43.53 28.14 -73.42
C LEU D 85 42.52 27.08 -72.95
N VAL D 86 43.01 25.89 -72.62
CA VAL D 86 42.13 24.81 -72.20
C VAL D 86 41.25 25.15 -70.97
N ALA D 87 41.65 26.16 -70.20
CA ALA D 87 40.78 26.65 -69.13
C ALA D 87 39.42 26.87 -69.73
N ASP D 88 39.40 27.74 -70.74
CA ASP D 88 38.17 28.18 -71.36
C ASP D 88 37.67 27.21 -72.45
N ALA D 89 38.44 26.17 -72.70
CA ALA D 89 37.99 25.17 -73.66
C ALA D 89 36.79 24.43 -73.13
N ARG D 90 37.09 23.49 -72.22
CA ARG D 90 36.09 22.69 -71.53
C ARG D 90 34.87 23.50 -71.18
N VAL D 91 35.05 24.57 -70.40
CA VAL D 91 33.86 25.28 -69.93
C VAL D 91 32.88 25.58 -71.05
N LEU D 92 33.38 25.98 -72.22
CA LEU D 92 32.49 26.27 -73.35
C LEU D 92 31.76 25.06 -73.95
N ILE D 93 32.39 23.89 -73.85
CA ILE D 93 31.81 22.68 -74.42
C ILE D 93 30.97 21.92 -73.38
N ASP D 94 31.43 21.82 -72.13
CA ASP D 94 30.61 21.17 -71.09
C ASP D 94 29.31 21.99 -71.03
N ARG D 95 29.29 23.08 -71.80
CA ARG D 95 28.18 24.05 -71.93
C ARG D 95 27.63 24.15 -73.36
N ALA D 96 28.43 23.74 -74.34
CA ALA D 96 27.90 23.58 -75.69
C ALA D 96 27.14 22.25 -75.68
N ARG D 97 27.75 21.25 -75.06
CA ARG D 97 27.18 19.91 -74.99
C ARG D 97 25.85 20.05 -74.31
N LEU D 98 25.68 21.20 -73.66
CA LEU D 98 24.48 21.48 -72.89
C LEU D 98 23.35 22.21 -73.63
N GLU D 99 23.68 23.29 -74.32
CA GLU D 99 22.63 24.00 -75.00
C GLU D 99 22.01 23.02 -75.96
N ALA D 100 22.79 22.03 -76.38
CA ALA D 100 22.45 21.13 -77.49
C ALA D 100 21.33 20.13 -77.15
N GLN D 101 21.43 19.58 -75.94
CA GLN D 101 20.56 18.51 -75.49
C GLN D 101 19.30 19.08 -74.87
N ILE D 102 19.42 20.29 -74.32
CA ILE D 102 18.25 21.12 -74.02
C ILE D 102 17.37 21.25 -75.26
N TYR D 103 17.99 21.69 -76.37
CA TYR D 103 17.28 21.88 -77.63
C TYR D 103 16.56 20.59 -78.02
N ARG D 104 17.30 19.48 -77.93
CA ARG D 104 16.74 18.16 -78.29
C ARG D 104 15.58 17.70 -77.42
N LEU D 105 15.27 18.47 -76.39
CA LEU D 105 14.23 18.04 -75.50
C LEU D 105 13.09 19.01 -75.56
N THR D 106 13.37 20.19 -76.11
CA THR D 106 12.33 21.18 -76.30
C THR D 106 11.99 21.23 -77.76
N TYR D 107 12.21 20.12 -78.46
CA TYR D 107 11.82 20.00 -79.85
C TYR D 107 11.78 18.55 -80.26
N GLY D 108 12.87 17.84 -80.01
CA GLY D 108 13.01 16.49 -80.47
C GLY D 108 14.09 16.42 -81.53
N GLU D 109 14.28 17.52 -82.24
CA GLU D 109 15.26 17.59 -83.32
C GLU D 109 16.73 17.58 -82.89
N GLU D 110 17.51 16.58 -83.30
CA GLU D 110 18.96 16.68 -83.23
C GLU D 110 19.29 18.10 -83.63
N ILE D 111 19.90 18.87 -82.73
CA ILE D 111 20.00 20.33 -82.91
C ILE D 111 20.73 20.81 -84.18
N SER D 112 20.04 21.62 -84.99
CA SER D 112 20.62 22.14 -86.22
C SER D 112 22.03 22.64 -85.90
N ILE D 113 22.98 22.53 -86.83
CA ILE D 113 24.35 22.96 -86.53
C ILE D 113 24.54 24.47 -86.56
N GLU D 114 24.01 25.12 -87.58
CA GLU D 114 24.10 26.59 -87.68
C GLU D 114 23.51 27.30 -86.46
N MET D 115 22.52 26.68 -85.83
CA MET D 115 22.00 27.19 -84.58
C MET D 115 22.99 26.92 -83.45
N LEU D 116 23.34 25.66 -83.20
CA LEU D 116 24.24 25.34 -82.08
C LEU D 116 25.41 26.31 -82.04
N ALA D 117 26.09 26.48 -83.17
CA ALA D 117 27.10 27.51 -83.28
C ALA D 117 26.47 28.81 -82.78
N LYS D 118 25.49 29.30 -83.54
CA LYS D 118 24.78 30.56 -83.22
C LYS D 118 24.24 30.64 -81.79
N LYS D 119 24.77 29.83 -80.90
CA LYS D 119 24.40 29.88 -79.50
C LYS D 119 25.64 30.22 -78.64
N ILE D 120 26.61 29.31 -78.58
CA ILE D 120 27.83 29.53 -77.78
C ILE D 120 28.65 30.67 -78.36
N CYS D 121 28.43 30.97 -79.63
CA CYS D 121 29.18 32.04 -80.25
C CYS D 121 28.40 33.28 -80.03
N ASP D 122 27.24 33.08 -79.41
CA ASP D 122 26.44 34.17 -78.86
C ASP D 122 26.88 34.52 -77.40
N ILE D 123 27.05 33.49 -76.58
CA ILE D 123 27.49 33.67 -75.19
C ILE D 123 28.79 34.42 -75.20
N LYS D 124 29.70 33.84 -75.97
CA LYS D 124 31.05 34.33 -76.19
C LYS D 124 31.05 35.79 -76.56
N GLN D 125 29.98 36.21 -77.24
CA GLN D 125 29.79 37.61 -77.61
C GLN D 125 29.28 38.37 -76.41
N ALA D 126 28.47 37.70 -75.61
CA ALA D 126 27.89 38.35 -74.47
C ALA D 126 28.97 38.67 -73.46
N TYR D 127 29.96 37.79 -73.39
CA TYR D 127 31.14 37.98 -72.55
C TYR D 127 32.08 39.07 -73.11
N THR D 128 31.62 39.79 -74.12
CA THR D 128 32.41 40.84 -74.72
C THR D 128 32.02 42.20 -74.15
N GLN D 129 30.72 42.40 -73.98
CA GLN D 129 30.20 43.74 -73.69
C GLN D 129 29.58 43.89 -72.31
N HIS D 130 29.99 43.08 -71.35
CA HIS D 130 29.31 43.12 -70.06
C HIS D 130 30.23 43.32 -68.86
N GLY D 131 29.69 44.04 -67.88
CA GLY D 131 30.41 44.36 -66.66
C GLY D 131 31.28 43.25 -66.09
N GLY D 132 32.58 43.51 -66.03
CA GLY D 132 33.49 42.71 -65.24
C GLY D 132 33.55 41.27 -65.65
N VAL D 133 34.09 41.05 -66.83
CA VAL D 133 34.34 39.69 -67.23
C VAL D 133 35.10 39.61 -68.53
N ARG D 134 36.12 38.77 -68.53
CA ARG D 134 37.04 38.68 -69.65
C ARG D 134 36.49 37.70 -70.65
N PRO D 135 36.48 38.12 -71.91
CA PRO D 135 36.14 37.25 -73.04
C PRO D 135 36.97 35.94 -73.06
N PHE D 136 36.45 34.92 -73.74
CA PHE D 136 37.05 33.60 -73.71
C PHE D 136 38.23 33.51 -74.63
N GLY D 137 39.30 32.91 -74.14
CA GLY D 137 40.49 32.80 -74.94
C GLY D 137 40.39 31.65 -75.90
N VAL D 138 39.51 31.77 -76.89
CA VAL D 138 39.29 30.63 -77.76
C VAL D 138 38.58 30.89 -79.10
N SER D 139 39.06 30.17 -80.10
CA SER D 139 38.33 30.02 -81.36
C SER D 139 37.96 28.54 -81.48
N LEU D 140 36.80 28.29 -82.07
CA LEU D 140 36.33 26.92 -82.22
C LEU D 140 36.18 26.47 -83.68
N LEU D 141 36.23 25.16 -83.86
CA LEU D 141 35.87 24.57 -85.13
C LEU D 141 34.78 23.54 -84.88
N ILE D 142 33.57 23.85 -85.36
CA ILE D 142 32.38 23.02 -85.13
C ILE D 142 31.92 22.32 -86.43
N ALA D 143 31.91 21.00 -86.46
CA ALA D 143 31.40 20.39 -87.67
C ALA D 143 30.48 19.22 -87.40
N GLY D 144 29.69 18.88 -88.40
CA GLY D 144 28.76 17.79 -88.25
C GLY D 144 27.79 17.67 -89.40
N ILE D 145 26.70 16.98 -89.14
CA ILE D 145 25.71 16.64 -90.15
C ILE D 145 24.38 17.32 -89.87
N ASP D 146 24.09 18.39 -90.61
CA ASP D 146 22.83 19.09 -90.48
C ASP D 146 21.86 18.57 -91.53
N LYS D 147 21.41 17.33 -91.33
CA LYS D 147 20.47 16.72 -92.25
C LYS D 147 21.09 16.62 -93.65
N ASN D 148 21.87 15.57 -93.89
CA ASN D 148 22.55 15.32 -95.17
C ASN D 148 23.56 16.38 -95.60
N GLU D 149 23.52 17.53 -94.94
CA GLU D 149 24.44 18.62 -95.22
C GLU D 149 25.54 18.69 -94.16
N ALA D 150 26.74 18.30 -94.54
CA ALA D 150 27.88 18.35 -93.63
C ALA D 150 28.61 19.70 -93.74
N ARG D 151 28.75 20.40 -92.62
CA ARG D 151 29.36 21.73 -92.63
C ARG D 151 30.35 22.01 -91.51
N LEU D 152 31.05 23.13 -91.66
CA LEU D 152 32.15 23.51 -90.79
C LEU D 152 32.16 24.99 -90.44
N PHE D 153 32.37 25.29 -89.16
CA PHE D 153 32.25 26.65 -88.63
C PHE D 153 33.47 27.10 -87.79
N GLU D 154 33.81 28.38 -87.90
CA GLU D 154 34.85 28.99 -87.07
C GLU D 154 34.26 30.05 -86.13
N THR D 155 34.65 29.96 -84.85
CA THR D 155 34.22 30.94 -83.85
C THR D 155 35.38 31.81 -83.42
N ASP D 156 35.07 33.05 -83.09
CA ASP D 156 36.06 34.02 -82.64
C ASP D 156 35.58 34.59 -81.29
N PRO D 157 36.49 34.75 -80.30
CA PRO D 157 36.09 35.22 -78.96
C PRO D 157 35.14 36.42 -78.92
N SER D 158 34.10 36.41 -79.77
CA SER D 158 33.14 37.49 -79.91
C SER D 158 32.35 37.41 -81.23
N GLY D 159 31.50 36.40 -81.38
CA GLY D 159 30.65 36.28 -82.58
C GLY D 159 31.36 35.86 -83.85
N ALA D 160 30.79 34.89 -84.56
CA ALA D 160 31.48 34.24 -85.67
C ALA D 160 30.61 33.45 -86.65
N LEU D 161 30.14 34.14 -87.67
CA LEU D 161 29.39 33.56 -88.78
C LEU D 161 30.33 33.12 -89.94
N ILE D 162 31.37 32.36 -89.66
CA ILE D 162 32.25 31.96 -90.75
C ILE D 162 32.18 30.47 -90.99
N GLU D 163 31.39 30.10 -92.01
CA GLU D 163 31.16 28.68 -92.40
C GLU D 163 32.10 28.27 -93.52
N TYR D 164 33.25 27.73 -93.14
CA TYR D 164 34.23 27.40 -94.15
C TYR D 164 33.84 26.14 -94.89
N LYS D 165 34.49 25.97 -96.03
CA LYS D 165 34.55 24.70 -96.73
C LYS D 165 35.77 24.00 -96.11
N ALA D 166 36.63 24.80 -95.47
CA ALA D 166 37.76 24.31 -94.68
C ALA D 166 38.73 25.44 -94.27
N THR D 167 39.34 25.29 -93.09
CA THR D 167 40.17 26.32 -92.49
C THR D 167 41.05 25.78 -91.36
N ALA D 168 41.80 26.66 -90.71
CA ALA D 168 42.54 26.26 -89.53
C ALA D 168 42.78 27.40 -88.57
N ILE D 169 43.00 27.07 -87.30
CA ILE D 169 43.25 28.05 -86.24
C ILE D 169 44.36 27.60 -85.30
N GLY D 170 45.05 28.57 -84.71
CA GLY D 170 46.08 28.29 -83.72
C GLY D 170 47.49 28.73 -84.11
N SER D 171 48.49 28.08 -83.49
CA SER D 171 49.88 28.40 -83.75
C SER D 171 50.10 28.70 -85.21
N GLY D 172 49.91 27.69 -86.05
CA GLY D 172 50.16 27.86 -87.47
C GLY D 172 48.97 28.26 -88.29
N ARG D 173 48.26 29.31 -87.89
CA ARG D 173 47.17 29.77 -88.73
C ARG D 173 47.70 30.02 -90.15
N PRO D 174 48.51 31.08 -90.35
CA PRO D 174 48.97 31.48 -91.70
C PRO D 174 49.76 30.43 -92.51
N VAL D 175 50.46 29.53 -91.84
CA VAL D 175 51.16 28.48 -92.55
C VAL D 175 50.16 27.81 -93.50
N VAL D 176 49.17 27.12 -92.94
CA VAL D 176 48.19 26.36 -93.73
C VAL D 176 46.88 27.10 -94.03
N MET D 177 46.40 27.94 -93.09
CA MET D 177 45.19 28.80 -93.29
C MET D 177 45.44 29.64 -94.55
N GLU D 178 46.64 29.43 -95.13
CA GLU D 178 47.11 30.03 -96.39
C GLU D 178 47.83 29.02 -97.29
N LEU D 179 47.86 27.76 -96.85
CA LEU D 179 48.17 26.65 -97.75
C LEU D 179 46.87 26.26 -98.44
N LEU D 180 45.89 25.90 -97.63
CA LEU D 180 44.58 25.54 -98.10
C LEU D 180 44.10 26.55 -99.12
N GLU D 181 44.54 27.79 -98.96
CA GLU D 181 44.15 28.89 -99.82
C GLU D 181 43.97 28.52 -101.30
N LYS D 182 44.69 27.49 -101.76
CA LYS D 182 44.77 27.20 -103.18
C LYS D 182 44.14 25.88 -103.61
N GLU D 183 44.72 24.79 -103.13
CA GLU D 183 44.48 23.44 -103.66
C GLU D 183 43.24 22.68 -103.13
N TYR D 184 42.47 23.30 -102.22
CA TYR D 184 41.18 22.72 -101.83
C TYR D 184 40.23 22.80 -103.01
N ARG D 185 39.24 21.91 -103.03
CA ARG D 185 38.22 21.91 -104.08
C ARG D 185 36.83 21.60 -103.55
N ASP D 186 35.85 22.36 -103.99
CA ASP D 186 34.46 22.09 -103.65
C ASP D 186 34.11 20.73 -104.24
N ASP D 187 35.09 19.85 -104.29
CA ASP D 187 34.88 18.49 -104.75
C ASP D 187 35.49 17.53 -103.74
N ILE D 188 36.64 17.90 -103.21
CA ILE D 188 37.44 17.00 -102.38
C ILE D 188 36.61 16.04 -101.53
N THR D 189 37.00 14.78 -101.56
CA THR D 189 36.26 13.76 -100.84
C THR D 189 36.75 13.71 -99.41
N LEU D 190 36.43 12.63 -98.71
CA LEU D 190 36.98 12.42 -97.38
C LEU D 190 38.42 11.91 -97.45
N ASP D 191 38.62 10.74 -98.07
CA ASP D 191 39.96 10.19 -98.21
C ASP D 191 40.81 11.01 -99.18
N GLU D 192 40.19 11.99 -99.81
CA GLU D 192 40.92 12.94 -100.63
C GLU D 192 41.36 14.03 -99.69
N GLY D 193 40.54 14.23 -98.66
CA GLY D 193 40.83 15.19 -97.61
C GLY D 193 41.51 14.48 -96.47
N LEU D 194 41.54 13.16 -96.58
CA LEU D 194 42.41 12.33 -95.75
C LEU D 194 43.67 13.18 -95.49
N GLU D 195 44.57 13.18 -96.48
CA GLU D 195 45.88 13.83 -96.40
C GLU D 195 45.83 15.34 -96.13
N LEU D 196 45.03 16.06 -96.90
CA LEU D 196 44.93 17.52 -96.76
C LEU D 196 45.33 17.99 -95.38
N ALA D 197 44.53 17.65 -94.37
CA ALA D 197 44.81 18.09 -93.01
C ALA D 197 46.10 17.53 -92.42
N ILE D 198 46.34 16.23 -92.56
CA ILE D 198 47.61 15.69 -92.10
C ILE D 198 48.76 16.47 -92.74
N THR D 199 48.84 16.39 -94.07
CA THR D 199 49.90 17.04 -94.85
C THR D 199 50.06 18.53 -94.48
N ALA D 200 48.99 19.29 -94.62
CA ALA D 200 49.02 20.67 -94.15
C ALA D 200 49.67 20.77 -92.76
N LEU D 201 49.04 20.17 -91.76
CA LEU D 201 49.47 20.34 -90.36
C LEU D 201 50.97 20.16 -90.15
N THR D 202 51.58 19.30 -90.98
CA THR D 202 53.01 19.06 -90.90
C THR D 202 53.75 20.30 -91.30
N LYS D 203 53.29 20.92 -92.37
CA LYS D 203 53.87 22.16 -92.82
C LYS D 203 54.20 23.00 -91.61
N ALA D 204 53.21 23.39 -90.83
CA ALA D 204 53.51 24.26 -89.70
C ALA D 204 54.26 23.56 -88.57
N ASN D 205 54.13 22.24 -88.49
CA ASN D 205 54.89 21.48 -87.51
C ASN D 205 55.89 20.58 -88.17
N GLU D 206 57.11 21.08 -88.32
CA GLU D 206 58.20 20.22 -88.73
C GLU D 206 58.41 19.28 -87.55
N ASP D 207 58.25 17.99 -87.78
CA ASP D 207 58.44 16.97 -86.74
C ASP D 207 57.30 16.89 -85.74
N ILE D 208 56.27 16.16 -86.13
CA ILE D 208 55.09 15.96 -85.32
C ILE D 208 55.05 14.50 -84.96
N LYS D 209 54.96 14.18 -83.68
CA LYS D 209 54.77 12.77 -83.29
C LYS D 209 53.48 12.23 -83.91
N PRO D 210 53.52 10.98 -84.37
CA PRO D 210 52.25 10.42 -84.82
C PRO D 210 51.58 9.93 -83.57
N GLU D 211 50.61 10.69 -83.06
CA GLU D 211 49.80 10.41 -81.86
C GLU D 211 49.75 11.69 -81.07
N ASN D 212 50.63 12.60 -81.45
CA ASN D 212 50.57 13.93 -80.93
C ASN D 212 49.30 14.50 -81.50
N VAL D 213 48.69 13.76 -82.42
CA VAL D 213 47.59 14.28 -83.21
C VAL D 213 46.27 13.53 -82.99
N ASP D 214 45.16 14.22 -83.25
CA ASP D 214 43.86 13.58 -83.12
C ASP D 214 43.00 13.71 -84.37
N VAL D 215 42.19 12.69 -84.62
CA VAL D 215 41.48 12.62 -85.86
C VAL D 215 40.06 12.17 -85.59
N CYS D 216 39.09 13.01 -85.94
CA CYS D 216 37.69 12.61 -85.73
C CYS D 216 36.77 12.80 -86.95
N ILE D 217 36.26 11.69 -87.48
CA ILE D 217 35.52 11.70 -88.74
C ILE D 217 34.01 11.61 -88.55
N ILE D 218 33.29 12.55 -89.15
CA ILE D 218 31.84 12.48 -89.15
C ILE D 218 31.34 12.34 -90.57
N THR D 219 31.10 11.09 -90.97
CA THR D 219 30.57 10.86 -92.30
C THR D 219 29.13 11.39 -92.35
N VAL D 220 28.71 11.88 -93.51
CA VAL D 220 27.32 12.29 -93.68
C VAL D 220 26.52 11.06 -94.04
N LYS D 221 27.25 10.00 -94.36
CA LYS D 221 26.66 8.78 -94.87
C LYS D 221 26.00 7.94 -93.79
N ASP D 222 25.69 8.55 -92.66
CA ASP D 222 25.18 7.80 -91.53
C ASP D 222 24.97 8.73 -90.35
N ALA D 223 25.33 10.00 -90.54
CA ALA D 223 25.22 10.96 -89.47
C ALA D 223 25.88 10.43 -88.21
N GLN D 224 27.17 10.12 -88.28
CA GLN D 224 27.87 9.56 -87.12
C GLN D 224 29.37 9.90 -87.11
N PHE D 225 29.96 9.77 -85.92
CA PHE D 225 31.26 10.34 -85.58
C PHE D 225 32.25 9.24 -85.19
N LYS D 226 33.39 9.19 -85.87
CA LYS D 226 34.32 8.06 -85.73
C LYS D 226 35.70 8.51 -85.28
N LYS D 227 36.53 7.55 -84.89
CA LYS D 227 37.88 7.85 -84.43
C LYS D 227 38.97 7.26 -85.33
N ILE D 228 40.15 7.86 -85.35
CA ILE D 228 41.30 7.24 -86.02
C ILE D 228 42.40 6.87 -85.05
N PRO D 229 42.78 5.58 -85.05
CA PRO D 229 43.80 5.05 -84.16
C PRO D 229 45.16 5.54 -84.58
N VAL D 230 46.13 5.41 -83.69
CA VAL D 230 47.49 5.82 -83.96
C VAL D 230 48.10 4.91 -85.00
N GLU D 231 48.98 5.48 -85.83
CA GLU D 231 49.66 4.77 -86.90
C GLU D 231 48.95 4.88 -88.26
N GLU D 232 47.61 4.95 -88.26
CA GLU D 232 46.90 5.42 -89.44
C GLU D 232 47.37 6.85 -89.60
N ILE D 233 47.31 7.56 -88.48
CA ILE D 233 47.98 8.82 -88.29
C ILE D 233 49.38 8.77 -88.91
N LYS D 234 50.24 7.91 -88.37
CA LYS D 234 51.62 7.84 -88.84
C LYS D 234 51.70 7.42 -90.30
N LYS D 235 51.01 6.34 -90.66
CA LYS D 235 51.09 5.82 -92.02
C LYS D 235 50.59 6.81 -93.06
N LEU D 236 50.02 7.92 -92.60
CA LEU D 236 49.59 8.98 -93.50
C LEU D 236 50.45 10.25 -93.31
N ILE D 237 51.21 10.26 -92.23
CA ILE D 237 52.18 11.31 -91.99
C ILE D 237 53.47 10.92 -92.72
N GLU D 238 53.37 9.89 -93.54
CA GLU D 238 54.51 9.37 -94.29
C GLU D 238 54.55 9.97 -95.68
N LYS D 239 53.38 10.09 -96.31
CA LYS D 239 53.28 10.88 -97.51
C LYS D 239 53.57 12.30 -97.09
N VAL D 240 54.86 12.63 -97.03
CA VAL D 240 55.31 13.79 -96.30
C VAL D 240 56.77 14.11 -96.59
N LYS D 241 57.55 13.06 -96.80
CA LYS D 241 58.99 13.20 -96.97
C LYS D 241 59.29 13.56 -98.42
N LYS D 242 58.22 13.62 -99.19
CA LYS D 242 58.27 13.98 -100.58
C LYS D 242 57.68 15.35 -100.76
N LYS D 243 57.55 16.08 -99.66
CA LYS D 243 57.00 17.44 -99.68
C LYS D 243 58.02 18.47 -99.22
N LEU D 244 59.15 17.99 -98.71
CA LEU D 244 60.28 18.85 -98.38
C LEU D 244 61.34 18.77 -99.51
N ASN D 245 60.94 19.11 -100.75
CA ASN D 245 61.82 19.07 -101.91
C ASN D 245 61.62 20.24 -102.90
N GLU D 246 62.48 21.27 -102.82
CA GLU D 246 62.47 22.46 -103.71
C GLU D 246 61.21 23.32 -103.61
N GLU D 247 60.31 22.95 -102.70
CA GLU D 247 59.01 23.61 -102.55
C GLU D 247 59.04 24.55 -101.36
N ILE E 16 29.97 53.94 -65.20
CA ILE E 16 31.03 53.04 -65.67
C ILE E 16 31.00 52.88 -67.22
N THR E 17 30.24 53.75 -67.92
CA THR E 17 30.31 53.86 -69.38
C THR E 17 31.16 55.04 -69.77
N VAL E 18 30.52 56.19 -70.04
CA VAL E 18 31.22 57.39 -70.46
C VAL E 18 30.28 58.57 -70.69
N PHE E 19 30.85 59.77 -70.79
CA PHE E 19 30.23 60.94 -71.44
C PHE E 19 31.35 61.92 -71.80
N SER E 20 31.12 62.77 -72.80
CA SER E 20 32.17 63.67 -73.32
C SER E 20 32.32 65.00 -72.60
N PRO E 21 33.49 65.64 -72.72
CA PRO E 21 33.79 66.89 -72.01
C PRO E 21 33.14 68.12 -72.61
N GLU E 22 32.36 67.94 -73.67
CA GLU E 22 31.78 69.10 -74.35
C GLU E 22 30.86 68.77 -75.52
N GLY E 23 29.64 68.31 -75.24
CA GLY E 23 28.66 68.11 -76.29
C GLY E 23 28.54 66.69 -76.84
N ARG E 24 29.65 66.13 -77.32
CA ARG E 24 29.66 64.78 -77.93
C ARG E 24 29.59 63.68 -76.86
N LEU E 25 29.97 62.45 -77.22
CA LEU E 25 29.97 61.35 -76.26
C LEU E 25 30.99 60.25 -76.56
N TYR E 26 31.86 59.98 -75.59
CA TYR E 26 32.98 59.08 -75.79
C TYR E 26 32.60 57.80 -76.51
N GLN E 27 32.57 56.69 -75.77
CA GLN E 27 32.40 55.37 -76.35
C GLN E 27 31.51 55.39 -77.58
N VAL E 28 30.36 56.07 -77.47
CA VAL E 28 29.37 56.07 -78.55
C VAL E 28 29.96 56.29 -79.93
N GLU E 29 30.75 57.36 -80.07
CA GLU E 29 31.32 57.67 -81.36
C GLU E 29 32.42 56.71 -81.76
N TYR E 30 33.18 56.22 -80.76
CA TYR E 30 34.18 55.20 -81.04
C TYR E 30 33.52 53.96 -81.64
N ALA E 31 32.32 53.59 -81.15
CA ALA E 31 31.62 52.40 -81.63
C ALA E 31 31.00 52.61 -83.01
N ARG E 32 30.73 53.86 -83.36
CA ARG E 32 30.34 54.16 -84.72
C ARG E 32 31.45 53.66 -85.65
N GLU E 33 32.68 54.15 -85.41
CA GLU E 33 33.84 53.86 -86.26
C GLU E 33 33.83 52.39 -86.63
N ALA E 34 33.65 51.56 -85.62
CA ALA E 34 33.50 50.12 -85.81
C ALA E 34 32.66 49.85 -87.04
N VAL E 35 31.57 50.61 -87.19
CA VAL E 35 30.71 50.45 -88.34
C VAL E 35 31.34 50.95 -89.64
N ARG E 36 31.61 52.24 -89.75
CA ARG E 36 32.22 52.79 -90.98
C ARG E 36 33.42 51.95 -91.45
N ARG E 37 33.95 51.11 -90.57
CA ARG E 37 35.03 50.19 -90.93
C ARG E 37 34.39 48.92 -91.48
N GLY E 38 33.22 48.56 -90.96
CA GLY E 38 32.51 47.35 -91.34
C GLY E 38 32.27 47.14 -92.82
N THR E 39 31.65 46.02 -93.17
CA THR E 39 31.29 45.74 -94.56
C THR E 39 30.28 46.76 -94.97
N THR E 40 30.21 47.03 -96.26
CA THR E 40 29.30 48.04 -96.75
C THR E 40 27.94 47.37 -97.02
N ALA E 41 26.89 48.16 -97.16
CA ALA E 41 25.55 47.64 -97.45
C ALA E 41 24.52 48.76 -97.66
N ILE E 42 23.79 48.67 -98.76
CA ILE E 42 22.88 49.74 -99.18
C ILE E 42 21.44 49.26 -99.09
N GLY E 43 20.55 50.13 -98.65
CA GLY E 43 19.14 49.83 -98.64
C GLY E 43 18.39 50.82 -99.50
N ILE E 44 17.39 50.34 -100.25
CA ILE E 44 16.69 51.25 -101.14
C ILE E 44 15.18 51.09 -101.14
N ALA E 45 14.50 52.21 -100.99
CA ALA E 45 13.06 52.24 -101.03
C ALA E 45 12.57 52.38 -102.46
N CYS E 46 11.33 52.84 -102.61
CA CYS E 46 10.73 53.06 -103.91
C CYS E 46 9.23 53.23 -103.79
N LYS E 47 8.51 52.38 -104.49
CA LYS E 47 7.07 52.49 -104.55
C LYS E 47 6.52 51.12 -104.90
N ASP E 48 7.40 50.21 -105.30
CA ASP E 48 7.00 48.90 -105.78
C ASP E 48 7.39 47.85 -104.79
N GLY E 49 8.10 48.28 -103.76
CA GLY E 49 8.55 47.39 -102.73
C GLY E 49 9.81 47.96 -102.11
N VAL E 50 10.78 47.10 -101.86
CA VAL E 50 12.02 47.54 -101.24
C VAL E 50 13.05 46.42 -101.23
N VAL E 51 14.28 46.75 -101.62
CA VAL E 51 15.37 45.77 -101.68
C VAL E 51 16.70 46.19 -101.07
N LEU E 52 17.33 45.22 -100.41
CA LEU E 52 18.59 45.41 -99.70
C LEU E 52 19.66 44.59 -100.36
N ALA E 53 20.90 44.91 -100.03
CA ALA E 53 22.05 44.23 -100.59
C ALA E 53 23.31 44.63 -99.85
N VAL E 54 24.22 43.68 -99.70
CA VAL E 54 25.43 43.91 -98.93
C VAL E 54 26.65 43.40 -99.68
N ASP E 55 27.78 44.03 -99.44
CA ASP E 55 29.03 43.66 -100.07
C ASP E 55 29.97 42.98 -99.09
N ARG E 56 29.77 41.68 -98.90
CA ARG E 56 30.67 40.82 -98.15
C ARG E 56 32.03 41.00 -98.81
N ARG E 57 33.10 40.86 -98.05
CA ARG E 57 34.40 40.97 -98.69
C ARG E 57 35.15 39.68 -98.51
N ILE E 58 34.46 38.57 -98.73
CA ILE E 58 35.06 37.25 -98.60
C ILE E 58 36.28 37.22 -99.50
N THR E 59 37.46 37.16 -98.88
CA THR E 59 38.73 37.13 -99.61
C THR E 59 39.18 35.71 -99.97
N SER E 60 39.78 35.00 -99.01
CA SER E 60 40.04 33.58 -99.15
C SER E 60 38.79 32.93 -99.74
N LYS E 61 38.93 31.82 -100.44
CA LYS E 61 37.74 31.18 -100.95
C LYS E 61 37.50 29.84 -100.29
N LEU E 62 37.93 29.71 -99.05
CA LEU E 62 37.71 28.49 -98.27
C LEU E 62 36.42 28.55 -97.43
N VAL E 63 35.69 29.67 -97.48
CA VAL E 63 34.51 29.87 -96.64
C VAL E 63 33.22 29.86 -97.42
N LYS E 64 32.44 28.80 -97.25
CA LYS E 64 31.12 28.73 -97.85
C LYS E 64 30.50 30.10 -97.65
N ILE E 65 30.05 30.70 -98.74
CA ILE E 65 29.49 32.05 -98.70
C ILE E 65 28.15 32.15 -97.96
N ARG E 66 27.53 30.99 -97.76
CA ARG E 66 26.20 30.91 -97.14
C ARG E 66 26.24 31.46 -95.73
N SER E 67 27.40 31.35 -95.07
CA SER E 67 27.53 31.65 -93.64
C SER E 67 27.61 33.13 -93.32
N ILE E 68 28.36 33.85 -94.14
CA ILE E 68 28.54 35.28 -93.93
C ILE E 68 27.18 35.99 -93.88
N GLU E 69 26.54 35.95 -92.71
CA GLU E 69 25.19 36.48 -92.62
C GLU E 69 25.17 37.98 -92.45
N LYS E 70 24.71 38.65 -93.49
CA LYS E 70 24.79 40.09 -93.55
C LYS E 70 23.38 40.68 -93.59
N ILE E 71 22.39 39.85 -93.92
CA ILE E 71 21.00 40.27 -94.02
C ILE E 71 20.06 39.27 -93.34
N PHE E 72 19.19 39.79 -92.48
CA PHE E 72 18.38 38.91 -91.64
C PHE E 72 16.88 39.14 -91.83
N GLN E 73 16.11 38.06 -91.89
CA GLN E 73 14.65 38.18 -91.95
C GLN E 73 14.17 38.40 -90.52
N ILE E 74 13.12 39.19 -90.35
CA ILE E 74 12.65 39.53 -89.02
C ILE E 74 11.18 39.23 -88.87
N ASP E 75 10.47 39.25 -90.00
CA ASP E 75 9.07 38.85 -90.02
C ASP E 75 8.71 38.57 -91.47
N ASP E 76 7.53 38.01 -91.66
CA ASP E 76 7.08 37.56 -92.97
C ASP E 76 7.13 38.71 -93.96
N HIS E 77 7.26 39.92 -93.43
CA HIS E 77 7.02 41.14 -94.18
C HIS E 77 8.07 42.24 -93.94
N VAL E 78 9.01 41.99 -93.02
CA VAL E 78 10.00 42.99 -92.68
C VAL E 78 11.33 42.35 -92.31
N ALA E 79 12.39 42.75 -93.00
CA ALA E 79 13.73 42.21 -92.76
C ALA E 79 14.77 43.33 -92.54
N ALA E 80 15.96 42.98 -92.07
CA ALA E 80 17.01 43.99 -91.84
C ALA E 80 18.47 43.55 -92.14
N ALA E 81 19.30 44.52 -92.52
CA ALA E 81 20.67 44.24 -92.98
C ALA E 81 21.74 44.86 -92.08
N THR E 82 22.79 44.07 -91.81
CA THR E 82 23.83 44.45 -90.85
C THR E 82 25.08 45.14 -91.43
N SER E 83 25.91 45.68 -90.53
CA SER E 83 27.15 46.36 -90.88
C SER E 83 27.90 46.87 -89.66
N GLY E 84 28.97 46.19 -89.31
CA GLY E 84 29.74 46.56 -88.14
C GLY E 84 30.42 45.29 -87.70
N LEU E 85 30.34 44.98 -86.42
CA LEU E 85 30.80 43.69 -85.99
C LEU E 85 29.64 42.68 -85.94
N VAL E 86 29.88 41.45 -86.46
CA VAL E 86 28.88 40.38 -86.41
C VAL E 86 28.83 39.67 -85.04
N ALA E 87 29.67 40.13 -84.11
CA ALA E 87 29.45 39.89 -82.69
C ALA E 87 28.07 40.44 -82.30
N ASP E 88 27.91 41.73 -82.49
CA ASP E 88 26.69 42.39 -82.10
C ASP E 88 25.75 42.51 -83.29
N ALA E 89 26.01 41.75 -84.33
CA ALA E 89 25.04 41.63 -85.39
C ALA E 89 23.94 40.72 -84.87
N ARG E 90 24.21 39.41 -84.88
CA ARG E 90 23.26 38.39 -84.46
C ARG E 90 22.47 38.78 -83.23
N VAL E 91 23.13 38.73 -82.08
CA VAL E 91 22.44 39.01 -80.85
C VAL E 91 21.38 40.10 -81.02
N LEU E 92 21.61 41.13 -81.82
CA LEU E 92 20.58 42.17 -81.96
C LEU E 92 19.38 41.76 -82.79
N ILE E 93 19.54 40.72 -83.61
CA ILE E 93 18.42 40.22 -84.44
C ILE E 93 17.55 39.05 -83.82
N ASP E 94 18.17 37.98 -83.34
CA ASP E 94 17.39 36.97 -82.63
C ASP E 94 16.81 37.59 -81.36
N ARG E 95 16.56 38.91 -81.40
CA ARG E 95 16.11 39.72 -80.28
C ARG E 95 15.13 40.75 -80.80
N ALA E 96 15.34 41.14 -82.04
CA ALA E 96 14.38 41.96 -82.72
C ALA E 96 13.35 40.97 -83.21
N ARG E 97 13.88 39.87 -83.73
CA ARG E 97 13.09 38.77 -84.23
C ARG E 97 12.19 38.36 -83.10
N LEU E 98 12.60 38.79 -81.91
CA LEU E 98 11.91 38.44 -80.70
C LEU E 98 10.93 39.51 -80.32
N GLU E 99 11.40 40.76 -80.30
CA GLU E 99 10.54 41.83 -79.89
C GLU E 99 9.41 41.94 -80.90
N ALA E 100 9.55 41.21 -82.02
CA ALA E 100 8.64 41.29 -83.17
C ALA E 100 7.37 40.39 -83.10
N GLN E 101 7.57 39.17 -82.61
CA GLN E 101 6.52 38.19 -82.55
C GLN E 101 5.79 38.36 -81.24
N ILE E 102 6.53 38.77 -80.21
CA ILE E 102 5.90 39.19 -78.98
C ILE E 102 4.73 40.10 -79.33
N TYR E 103 5.03 41.15 -80.10
CA TYR E 103 4.05 42.16 -80.49
C TYR E 103 2.89 41.59 -81.28
N ARG E 104 3.17 40.82 -82.32
CA ARG E 104 2.10 40.11 -83.03
C ARG E 104 1.23 39.31 -82.06
N LEU E 105 1.76 39.05 -80.87
CA LEU E 105 1.10 38.11 -79.96
C LEU E 105 0.16 38.80 -78.97
N THR E 106 0.48 40.03 -78.60
CA THR E 106 -0.31 40.79 -77.63
C THR E 106 -1.08 41.86 -78.39
N TYR E 107 -1.46 41.52 -79.62
CA TYR E 107 -2.24 42.37 -80.52
C TYR E 107 -2.87 41.63 -81.72
N GLY E 108 -2.05 40.89 -82.47
CA GLY E 108 -2.53 40.25 -83.68
C GLY E 108 -2.09 41.00 -84.93
N GLU E 109 -1.48 42.15 -84.72
CA GLU E 109 -0.96 42.89 -85.84
C GLU E 109 0.49 42.54 -86.18
N GLU E 110 0.72 42.14 -87.42
CA GLU E 110 2.07 42.17 -87.96
C GLU E 110 2.66 43.49 -87.46
N ILE E 111 3.66 43.40 -86.61
CA ILE E 111 4.24 44.58 -85.96
C ILE E 111 4.69 45.67 -86.93
N SER E 112 4.18 46.89 -86.71
CA SER E 112 4.58 48.05 -87.50
C SER E 112 6.11 48.09 -87.65
N ILE E 113 6.62 48.55 -88.79
CA ILE E 113 8.07 48.60 -88.97
C ILE E 113 8.66 49.74 -88.17
N GLU E 114 8.03 50.90 -88.27
CA GLU E 114 8.47 52.08 -87.53
C GLU E 114 8.59 51.74 -86.05
N MET E 115 7.65 50.93 -85.55
CA MET E 115 7.69 50.49 -84.15
C MET E 115 8.87 49.58 -83.91
N LEU E 116 8.94 48.49 -84.68
CA LEU E 116 10.01 47.51 -84.57
C LEU E 116 11.32 48.24 -84.45
N ALA E 117 11.58 49.10 -85.45
CA ALA E 117 12.76 49.94 -85.40
C ALA E 117 12.77 50.62 -84.05
N LYS E 118 11.77 51.46 -83.80
CA LYS E 118 11.76 52.23 -82.58
C LYS E 118 11.92 51.37 -81.34
N LYS E 119 11.99 50.06 -81.50
CA LYS E 119 12.23 49.22 -80.33
C LYS E 119 13.71 48.92 -80.16
N ILE E 120 14.24 48.08 -81.03
CA ILE E 120 15.64 47.69 -80.90
C ILE E 120 16.62 48.86 -80.96
N CYS E 121 16.16 50.01 -81.42
CA CYS E 121 17.02 51.18 -81.53
C CYS E 121 17.04 51.91 -80.19
N ASP E 122 15.97 51.67 -79.43
CA ASP E 122 15.82 52.11 -78.03
C ASP E 122 16.70 51.26 -77.12
N ILE E 123 16.74 49.97 -77.43
CA ILE E 123 17.58 49.03 -76.71
C ILE E 123 19.02 49.47 -76.91
N LYS E 124 19.37 49.75 -78.16
CA LYS E 124 20.72 50.17 -78.46
C LYS E 124 21.01 51.39 -77.62
N GLN E 125 20.00 52.25 -77.50
CA GLN E 125 20.11 53.49 -76.73
C GLN E 125 20.25 53.31 -75.21
N ALA E 126 19.64 52.28 -74.66
CA ALA E 126 19.80 52.06 -73.24
C ALA E 126 21.23 51.58 -72.95
N TYR E 127 21.77 50.77 -73.85
CA TYR E 127 23.13 50.26 -73.70
C TYR E 127 24.18 51.35 -73.73
N THR E 128 23.71 52.57 -73.92
CA THR E 128 24.59 53.69 -74.08
C THR E 128 24.83 54.31 -72.75
N GLN E 129 23.75 54.38 -71.98
CA GLN E 129 23.78 55.24 -70.81
C GLN E 129 23.77 54.48 -69.51
N HIS E 130 24.07 53.19 -69.58
CA HIS E 130 24.04 52.40 -68.37
C HIS E 130 25.44 51.92 -67.94
N GLY E 131 25.66 51.82 -66.63
CA GLY E 131 26.95 51.40 -66.10
C GLY E 131 27.38 50.01 -66.54
N GLY E 132 28.56 49.95 -67.16
CA GLY E 132 29.22 48.68 -67.44
C GLY E 132 28.70 47.97 -68.67
N VAL E 133 28.74 48.67 -69.80
CA VAL E 133 28.23 48.09 -71.02
C VAL E 133 28.48 48.95 -72.26
N ARG E 134 29.36 48.46 -73.09
CA ARG E 134 29.70 49.09 -74.35
C ARG E 134 28.56 48.92 -75.32
N PRO E 135 28.15 50.02 -75.96
CA PRO E 135 27.14 50.01 -77.03
C PRO E 135 27.42 49.01 -78.17
N PHE E 136 26.46 48.93 -79.08
CA PHE E 136 26.49 47.92 -80.13
C PHE E 136 27.30 48.41 -81.31
N GLY E 137 28.26 47.60 -81.74
CA GLY E 137 29.12 48.00 -82.83
C GLY E 137 28.45 47.78 -84.16
N VAL E 138 27.28 48.37 -84.33
CA VAL E 138 26.50 48.08 -85.51
C VAL E 138 25.48 49.16 -85.87
N SER E 139 25.30 49.34 -87.17
CA SER E 139 24.15 50.08 -87.66
C SER E 139 23.29 49.11 -88.49
N LEU E 140 21.98 49.38 -88.57
CA LEU E 140 21.06 48.44 -89.20
C LEU E 140 20.18 49.05 -90.27
N LEU E 141 19.86 48.22 -91.25
CA LEU E 141 19.02 48.65 -92.36
C LEU E 141 17.74 47.82 -92.36
N ILE E 142 16.66 48.41 -91.86
CA ILE E 142 15.37 47.73 -91.78
C ILE E 142 14.36 48.21 -92.81
N ALA E 143 13.80 47.26 -93.54
CA ALA E 143 12.82 47.60 -94.56
C ALA E 143 11.67 46.61 -94.53
N GLY E 144 10.49 47.04 -94.95
CA GLY E 144 9.39 46.12 -95.03
C GLY E 144 8.16 46.71 -95.65
N ILE E 145 7.02 46.09 -95.34
CA ILE E 145 5.74 46.56 -95.83
C ILE E 145 4.83 46.89 -94.66
N ASP E 146 4.84 48.15 -94.25
CA ASP E 146 3.96 48.64 -93.20
C ASP E 146 2.61 48.97 -93.80
N LYS E 147 1.83 47.92 -94.11
CA LYS E 147 0.52 48.07 -94.75
C LYS E 147 0.61 48.91 -96.03
N ASN E 148 1.14 48.32 -97.10
CA ASN E 148 1.14 48.91 -98.44
C ASN E 148 2.28 49.91 -98.62
N GLU E 149 2.81 50.36 -97.49
CA GLU E 149 3.88 51.33 -97.42
C GLU E 149 5.23 50.62 -97.21
N ALA E 150 6.00 50.45 -98.27
CA ALA E 150 7.32 49.84 -98.17
C ALA E 150 8.32 50.90 -97.74
N ARG E 151 8.95 50.73 -96.57
CA ARG E 151 9.81 51.76 -96.00
C ARG E 151 11.16 51.25 -95.54
N LEU E 152 12.10 52.17 -95.33
CA LEU E 152 13.47 51.84 -94.97
C LEU E 152 14.07 52.72 -93.89
N PHE E 153 14.75 52.10 -92.93
CA PHE E 153 15.32 52.81 -91.77
C PHE E 153 16.79 52.50 -91.53
N GLU E 154 17.51 53.48 -90.96
CA GLU E 154 18.92 53.30 -90.58
C GLU E 154 19.14 53.50 -89.06
N THR E 155 19.67 52.45 -88.40
CA THR E 155 19.94 52.48 -86.95
C THR E 155 21.38 52.86 -86.59
N ASP E 156 21.54 53.58 -85.47
CA ASP E 156 22.85 54.00 -85.01
C ASP E 156 23.10 53.39 -83.63
N PRO E 157 24.33 52.95 -83.35
CA PRO E 157 24.64 52.43 -82.02
C PRO E 157 24.23 53.34 -80.87
N SER E 158 23.17 54.12 -81.04
CA SER E 158 22.60 54.96 -79.98
C SER E 158 21.35 55.74 -80.42
N GLY E 159 20.33 55.04 -80.93
CA GLY E 159 19.15 55.70 -81.46
C GLY E 159 19.29 56.19 -82.90
N ALA E 160 18.27 55.97 -83.71
CA ALA E 160 18.27 56.44 -85.08
C ALA E 160 16.85 56.61 -85.65
N LEU E 161 16.41 57.87 -85.66
CA LEU E 161 15.17 58.28 -86.32
C LEU E 161 15.44 58.70 -87.79
N ILE E 162 16.04 57.80 -88.59
CA ILE E 162 16.35 58.09 -90.01
C ILE E 162 15.64 57.19 -91.03
N GLU E 163 14.51 57.66 -91.57
CA GLU E 163 13.70 56.91 -92.54
C GLU E 163 14.06 57.35 -93.94
N TYR E 164 15.07 56.69 -94.52
CA TYR E 164 15.58 57.01 -95.85
C TYR E 164 14.71 56.48 -96.98
N LYS E 165 14.78 57.17 -98.12
CA LYS E 165 14.16 56.68 -99.33
C LYS E 165 15.20 55.73 -99.94
N ALA E 166 16.43 55.85 -99.45
CA ALA E 166 17.56 54.98 -99.82
C ALA E 166 18.87 55.49 -99.21
N THR E 167 19.72 54.57 -98.75
CA THR E 167 20.99 54.93 -98.13
C THR E 167 21.98 53.77 -98.13
N ALA E 168 23.07 53.92 -97.37
CA ALA E 168 24.06 52.87 -97.23
C ALA E 168 24.84 53.00 -95.91
N ILE E 169 25.45 51.91 -95.46
CA ILE E 169 26.25 51.93 -94.22
C ILE E 169 27.47 51.06 -94.34
N GLY E 170 28.51 51.42 -93.60
CA GLY E 170 29.69 50.58 -93.55
C GLY E 170 30.88 51.10 -94.32
N SER E 171 31.62 50.18 -94.94
CA SER E 171 32.85 50.50 -95.63
C SER E 171 32.72 51.77 -96.46
N GLY E 172 32.22 51.61 -97.68
CA GLY E 172 32.15 52.71 -98.61
C GLY E 172 30.91 53.55 -98.38
N ARG E 173 30.65 53.93 -97.14
CA ARG E 173 29.51 54.79 -96.87
C ARG E 173 29.57 55.98 -97.82
N PRO E 174 30.41 56.99 -97.52
CA PRO E 174 30.35 58.20 -98.34
C PRO E 174 30.43 57.88 -99.83
N VAL E 175 31.22 56.87 -100.19
CA VAL E 175 31.38 56.51 -101.60
C VAL E 175 30.03 56.53 -102.30
N VAL E 176 29.12 55.71 -101.79
CA VAL E 176 27.82 55.61 -102.41
C VAL E 176 26.78 56.47 -101.66
N MET E 177 26.91 56.56 -100.33
CA MET E 177 26.01 57.37 -99.47
C MET E 177 25.98 58.81 -100.00
N GLU E 178 26.83 59.05 -101.02
CA GLU E 178 26.95 60.33 -101.73
C GLU E 178 26.84 60.14 -103.26
N LEU E 179 26.90 58.89 -103.70
CA LEU E 179 26.54 58.58 -105.08
C LEU E 179 25.06 58.79 -105.18
N LEU E 180 24.32 57.99 -104.40
CA LEU E 180 22.87 58.11 -104.33
C LEU E 180 22.48 59.57 -104.18
N GLU E 181 23.34 60.34 -103.53
CA GLU E 181 23.02 61.72 -103.15
C GLU E 181 22.35 62.51 -104.26
N LYS E 182 22.59 62.07 -105.49
CA LYS E 182 22.10 62.79 -106.66
C LYS E 182 20.96 62.05 -107.35
N GLU E 183 21.36 61.08 -108.17
CA GLU E 183 20.47 60.49 -109.15
C GLU E 183 19.21 59.85 -108.56
N TYR E 184 19.20 59.49 -107.28
CA TYR E 184 17.99 58.88 -106.74
C TYR E 184 16.74 59.71 -107.01
N ARG E 185 15.60 59.05 -107.06
CA ARG E 185 14.32 59.72 -107.23
C ARG E 185 13.12 58.90 -106.64
N ASP E 186 12.11 59.60 -106.14
CA ASP E 186 11.01 59.01 -105.36
C ASP E 186 9.97 58.24 -106.19
N ASP E 187 10.37 57.77 -107.38
CA ASP E 187 9.48 56.98 -108.23
C ASP E 187 10.20 55.72 -108.65
N ILE E 188 11.52 55.76 -108.58
CA ILE E 188 12.33 54.63 -108.99
C ILE E 188 11.55 53.36 -108.74
N THR E 189 11.53 52.49 -109.75
CA THR E 189 10.83 51.23 -109.60
C THR E 189 11.78 50.20 -109.00
N LEU E 190 11.33 48.95 -108.86
CA LEU E 190 12.19 47.90 -108.31
C LEU E 190 13.30 47.52 -109.27
N ASP E 191 12.93 47.10 -110.48
CA ASP E 191 13.92 46.78 -111.49
C ASP E 191 14.64 48.03 -111.97
N GLU E 192 14.18 49.18 -111.50
CA GLU E 192 14.86 50.46 -111.74
C GLU E 192 15.91 50.64 -110.65
N GLY E 193 15.56 50.25 -109.43
CA GLY E 193 16.49 50.26 -108.31
C GLY E 193 17.33 49.00 -108.37
N LEU E 194 16.83 48.03 -109.11
CA LEU E 194 17.57 46.85 -109.47
C LEU E 194 19.04 47.21 -109.48
N GLU E 195 19.46 47.87 -110.55
CA GLU E 195 20.86 48.24 -110.77
C GLU E 195 21.37 49.16 -109.68
N LEU E 196 20.57 50.18 -109.36
CA LEU E 196 21.01 51.22 -108.45
C LEU E 196 22.04 50.70 -107.46
N ALA E 197 21.65 49.72 -106.66
CA ALA E 197 22.51 49.22 -105.60
C ALA E 197 23.73 48.50 -106.15
N ILE E 198 23.52 47.73 -107.20
CA ILE E 198 24.59 46.94 -107.79
C ILE E 198 25.68 47.85 -108.31
N THR E 199 25.28 48.81 -109.13
CA THR E 199 26.23 49.79 -109.64
C THR E 199 26.88 50.54 -108.48
N ALA E 200 26.07 51.07 -107.58
CA ALA E 200 26.60 51.73 -106.41
C ALA E 200 27.64 50.85 -105.72
N LEU E 201 27.20 49.72 -105.18
CA LEU E 201 28.06 48.76 -104.47
C LEU E 201 29.41 48.49 -105.15
N THR E 202 29.43 48.60 -106.48
CA THR E 202 30.64 48.35 -107.26
C THR E 202 31.60 49.52 -107.14
N LYS E 203 31.06 50.73 -107.15
CA LYS E 203 31.89 51.91 -106.99
C LYS E 203 32.84 51.72 -105.80
N ALA E 204 32.29 51.34 -104.65
CA ALA E 204 33.08 51.20 -103.41
C ALA E 204 33.90 49.92 -103.38
N ASN E 205 33.41 48.90 -104.07
CA ASN E 205 34.19 47.68 -104.29
C ASN E 205 34.59 47.56 -105.76
N GLU E 206 35.79 48.03 -106.06
CA GLU E 206 36.32 47.96 -107.40
C GLU E 206 36.33 46.53 -107.97
N ASP E 207 36.36 45.49 -107.14
CA ASP E 207 36.43 44.12 -107.67
C ASP E 207 35.60 43.15 -106.84
N ILE E 208 34.31 43.08 -107.16
CA ILE E 208 33.38 42.34 -106.32
C ILE E 208 33.02 41.00 -106.93
N LYS E 209 33.37 39.91 -106.27
CA LYS E 209 32.88 38.61 -106.68
C LYS E 209 31.35 38.64 -106.86
N PRO E 210 30.84 37.87 -107.81
CA PRO E 210 29.39 37.85 -108.03
C PRO E 210 28.69 36.82 -107.15
N GLU E 211 28.85 36.95 -105.82
CA GLU E 211 28.21 36.08 -104.83
C GLU E 211 28.73 36.52 -103.47
N ASN E 212 29.78 37.33 -103.57
CA ASN E 212 30.34 38.06 -102.45
C ASN E 212 29.21 38.92 -101.98
N VAL E 213 28.07 38.80 -102.66
CA VAL E 213 26.97 39.72 -102.44
C VAL E 213 25.64 39.02 -102.19
N ASP E 214 24.73 39.76 -101.54
CA ASP E 214 23.44 39.23 -101.13
C ASP E 214 22.29 40.15 -101.42
N VAL E 215 21.22 39.58 -101.96
CA VAL E 215 20.11 40.37 -102.41
C VAL E 215 18.85 39.85 -101.76
N CYS E 216 18.09 40.75 -101.15
CA CYS E 216 16.78 40.41 -100.62
C CYS E 216 15.74 41.37 -101.15
N ILE E 217 14.65 40.80 -101.68
CA ILE E 217 13.56 41.60 -102.20
C ILE E 217 12.31 41.43 -101.31
N ILE E 218 11.63 42.53 -101.08
CA ILE E 218 10.35 42.51 -100.41
C ILE E 218 9.42 43.41 -101.20
N THR E 219 8.62 42.81 -102.08
CA THR E 219 7.68 43.55 -102.89
C THR E 219 6.48 43.91 -102.06
N VAL E 220 5.96 45.12 -102.24
CA VAL E 220 4.74 45.52 -101.55
C VAL E 220 3.57 44.81 -102.23
N LYS E 221 3.84 44.23 -103.39
CA LYS E 221 2.82 43.61 -104.22
C LYS E 221 2.30 42.30 -103.66
N ASP E 222 2.54 42.06 -102.38
CA ASP E 222 2.19 40.78 -101.79
C ASP E 222 2.61 40.69 -100.32
N ALA E 223 3.21 41.75 -99.82
CA ALA E 223 3.74 41.76 -98.46
C ALA E 223 4.61 40.53 -98.21
N GLN E 224 5.57 40.29 -99.11
CA GLN E 224 6.40 39.10 -99.00
C GLN E 224 7.86 39.28 -99.45
N PHE E 225 8.73 38.48 -98.81
CA PHE E 225 10.19 38.61 -98.91
C PHE E 225 10.81 37.49 -99.76
N LYS E 226 11.66 37.88 -100.72
CA LYS E 226 12.22 36.92 -101.69
C LYS E 226 13.74 37.03 -101.76
N LYS E 227 14.34 36.02 -102.38
CA LYS E 227 15.79 35.95 -102.55
C LYS E 227 16.19 36.27 -103.98
N ILE E 228 17.50 36.37 -104.22
CA ILE E 228 18.01 36.40 -105.59
C ILE E 228 19.18 35.45 -105.76
N PRO E 229 19.08 34.55 -106.74
CA PRO E 229 20.13 33.56 -107.02
C PRO E 229 21.40 34.20 -107.60
N VAL E 230 22.52 33.51 -107.42
CA VAL E 230 23.78 33.95 -107.97
C VAL E 230 23.69 34.06 -109.50
N GLU E 231 24.50 34.93 -110.09
CA GLU E 231 24.54 35.15 -111.54
C GLU E 231 23.45 36.08 -112.04
N GLU E 232 22.36 36.19 -111.31
CA GLU E 232 21.45 37.31 -111.49
C GLU E 232 22.28 38.45 -111.00
N ILE E 233 22.89 38.20 -109.85
CA ILE E 233 23.89 39.06 -109.27
C ILE E 233 24.94 39.47 -110.32
N LYS E 234 25.60 38.48 -110.91
CA LYS E 234 26.66 38.74 -111.88
C LYS E 234 26.13 39.40 -113.15
N LYS E 235 25.12 38.78 -113.77
CA LYS E 235 24.61 39.26 -115.05
C LYS E 235 24.16 40.72 -115.00
N LEU E 236 24.15 41.29 -113.81
CA LEU E 236 23.84 42.70 -113.65
C LEU E 236 25.09 43.45 -113.23
N ILE E 237 26.04 42.73 -112.65
CA ILE E 237 27.34 43.30 -112.32
C ILE E 237 28.10 43.54 -113.63
N GLU E 238 27.40 43.28 -114.73
CA GLU E 238 27.99 43.44 -116.05
C GLU E 238 27.81 44.86 -116.56
N LYS E 239 26.61 45.41 -116.38
CA LYS E 239 26.36 46.82 -116.67
C LYS E 239 27.21 47.64 -115.72
N VAL E 240 28.52 47.55 -115.90
CA VAL E 240 29.46 48.06 -114.91
C VAL E 240 30.78 48.45 -115.57
N LYS E 241 31.17 47.69 -116.59
CA LYS E 241 32.41 47.96 -117.30
C LYS E 241 32.28 49.20 -118.17
N LYS E 242 31.05 49.68 -118.27
CA LYS E 242 30.73 50.89 -119.00
C LYS E 242 30.59 52.06 -118.03
N LYS E 243 31.18 51.91 -116.84
CA LYS E 243 31.12 52.96 -115.83
C LYS E 243 32.54 53.44 -115.44
N LEU E 244 33.55 52.68 -115.85
CA LEU E 244 34.94 53.05 -115.59
C LEU E 244 35.55 53.77 -116.79
N ASN E 245 34.96 54.92 -117.14
CA ASN E 245 35.36 55.65 -118.35
C ASN E 245 35.18 57.17 -118.21
N GLU E 246 36.30 57.88 -118.09
CA GLU E 246 36.31 59.35 -117.94
C GLU E 246 35.35 59.88 -116.86
N GLU E 247 34.92 59.01 -115.97
CA GLU E 247 34.02 59.40 -114.87
C GLU E 247 34.68 59.20 -113.51
N ILE F 16 29.24 56.21 -58.70
CA ILE F 16 29.93 55.85 -59.95
C ILE F 16 29.39 56.75 -61.13
N THR F 17 29.14 58.02 -60.80
CA THR F 17 28.87 59.10 -61.76
C THR F 17 29.88 60.24 -61.55
N VAL F 18 29.48 61.29 -60.83
CA VAL F 18 30.36 62.42 -60.58
C VAL F 18 29.83 63.35 -59.52
N PHE F 19 30.72 64.22 -58.99
CA PHE F 19 30.44 65.54 -58.35
C PHE F 19 31.65 66.47 -58.48
N SER F 20 31.47 67.79 -58.35
CA SER F 20 32.58 68.75 -58.57
C SER F 20 33.45 69.16 -57.36
N PRO F 21 34.67 69.70 -57.61
CA PRO F 21 35.60 70.09 -56.56
C PRO F 21 35.30 71.46 -55.98
N GLU F 22 34.14 72.03 -56.25
CA GLU F 22 33.81 73.35 -55.74
C GLU F 22 32.48 73.88 -56.24
N GLY F 23 31.40 73.19 -55.90
CA GLY F 23 30.05 73.64 -56.16
C GLY F 23 29.36 73.03 -57.37
N ARG F 24 29.99 73.20 -58.54
CA ARG F 24 29.45 72.76 -59.83
C ARG F 24 29.27 71.23 -59.86
N LEU F 25 29.09 70.65 -61.05
CA LEU F 25 28.85 69.20 -61.13
C LEU F 25 29.26 68.60 -62.46
N TYR F 26 30.32 67.79 -62.45
CA TYR F 26 30.93 67.27 -63.67
C TYR F 26 29.91 66.94 -64.76
N GLN F 27 29.70 65.65 -64.97
CA GLN F 27 28.88 65.14 -66.07
C GLN F 27 27.73 66.05 -66.46
N VAL F 28 26.96 66.51 -65.48
CA VAL F 28 25.73 67.22 -65.80
C VAL F 28 25.97 68.31 -66.82
N GLU F 29 27.03 69.10 -66.62
CA GLU F 29 27.24 70.27 -67.44
C GLU F 29 27.89 69.90 -68.74
N TYR F 30 28.71 68.87 -68.69
CA TYR F 30 29.23 68.31 -69.92
C TYR F 30 28.02 67.82 -70.71
N ALA F 31 26.98 67.36 -70.01
CA ALA F 31 25.79 66.84 -70.67
C ALA F 31 24.89 67.97 -71.11
N ARG F 32 24.86 69.04 -70.33
CA ARG F 32 24.25 70.26 -70.80
C ARG F 32 24.74 70.54 -72.24
N GLU F 33 26.02 70.88 -72.38
CA GLU F 33 26.64 71.22 -73.68
C GLU F 33 26.01 70.48 -74.85
N ALA F 34 25.95 69.16 -74.72
CA ALA F 34 25.38 68.29 -75.74
C ALA F 34 24.07 68.83 -76.26
N VAL F 35 23.37 69.56 -75.40
CA VAL F 35 22.14 70.17 -75.84
C VAL F 35 22.39 71.44 -76.64
N ARG F 36 23.03 72.44 -76.02
CA ARG F 36 23.32 73.70 -76.69
C ARG F 36 23.99 73.40 -78.03
N ARG F 37 24.42 72.15 -78.20
CA ARG F 37 25.00 71.69 -79.46
C ARG F 37 23.92 71.22 -80.43
N GLY F 38 22.91 70.54 -79.89
CA GLY F 38 21.84 69.96 -80.70
C GLY F 38 21.10 70.92 -81.62
N THR F 39 19.91 70.51 -82.05
CA THR F 39 19.10 71.38 -82.89
C THR F 39 18.42 72.38 -82.00
N THR F 40 18.18 73.57 -82.55
CA THR F 40 17.52 74.63 -81.81
C THR F 40 16.01 74.35 -81.74
N ALA F 41 15.31 75.02 -80.84
CA ALA F 41 13.88 74.85 -80.72
C ALA F 41 13.33 75.99 -79.92
N ILE F 42 12.12 76.42 -80.28
CA ILE F 42 11.44 77.53 -79.59
C ILE F 42 10.02 77.13 -79.24
N GLY F 43 9.60 77.52 -78.02
CA GLY F 43 8.22 77.39 -77.60
C GLY F 43 7.71 78.71 -77.04
N ILE F 44 6.41 78.93 -77.11
CA ILE F 44 5.86 80.21 -76.64
C ILE F 44 4.45 80.09 -76.06
N ALA F 45 4.26 80.69 -74.88
CA ALA F 45 2.96 80.75 -74.21
C ALA F 45 2.14 81.88 -74.77
N CYS F 46 1.19 82.36 -73.96
CA CYS F 46 0.32 83.48 -74.31
C CYS F 46 -0.99 83.37 -73.53
N LYS F 47 -2.09 83.40 -74.26
CA LYS F 47 -3.38 83.46 -73.61
C LYS F 47 -4.43 82.78 -74.45
N ASP F 48 -4.02 82.36 -75.65
CA ASP F 48 -4.92 81.71 -76.61
C ASP F 48 -4.63 80.21 -76.67
N GLY F 49 -3.56 79.82 -75.98
CA GLY F 49 -2.96 78.51 -76.13
C GLY F 49 -1.44 78.67 -76.00
N VAL F 50 -0.72 78.08 -76.93
CA VAL F 50 0.74 78.12 -76.90
C VAL F 50 1.25 77.25 -78.04
N VAL F 51 2.38 77.63 -78.61
CA VAL F 51 2.87 76.90 -79.77
C VAL F 51 4.36 76.68 -79.83
N LEU F 52 4.69 75.57 -80.48
CA LEU F 52 6.02 75.02 -80.61
C LEU F 52 6.46 74.97 -82.05
N ALA F 53 7.78 75.07 -82.21
CA ALA F 53 8.44 74.93 -83.50
C ALA F 53 9.93 74.73 -83.31
N VAL F 54 10.49 73.93 -84.20
CA VAL F 54 11.86 73.49 -84.10
C VAL F 54 12.52 73.61 -85.46
N ASP F 55 13.83 73.70 -85.47
CA ASP F 55 14.55 73.82 -86.72
C ASP F 55 15.44 72.62 -86.99
N ARG F 56 14.83 71.54 -87.50
CA ARG F 56 15.58 70.41 -88.05
C ARG F 56 16.64 71.03 -88.95
N ARG F 57 17.79 70.38 -89.08
CA ARG F 57 18.80 70.91 -89.99
C ARG F 57 19.16 69.80 -90.96
N ILE F 58 18.09 69.25 -91.54
CA ILE F 58 18.18 68.19 -92.52
C ILE F 58 19.00 68.67 -93.69
N THR F 59 20.28 68.32 -93.64
CA THR F 59 21.22 68.68 -94.68
C THR F 59 20.89 67.88 -95.94
N SER F 60 21.38 66.65 -96.01
CA SER F 60 21.09 65.79 -97.14
C SER F 60 19.60 65.68 -97.33
N LYS F 61 19.18 65.75 -98.59
CA LYS F 61 17.76 65.66 -98.93
C LYS F 61 17.36 64.22 -99.28
N LEU F 62 18.08 63.27 -98.71
CA LEU F 62 17.80 61.86 -98.94
C LEU F 62 16.97 61.26 -97.84
N VAL F 63 16.59 62.07 -96.85
CA VAL F 63 15.89 61.56 -95.68
C VAL F 63 14.49 62.11 -95.52
N LYS F 64 13.53 61.17 -95.51
CA LYS F 64 12.13 61.50 -95.38
C LYS F 64 11.95 62.38 -94.14
N ILE F 65 11.66 63.65 -94.38
CA ILE F 65 11.55 64.62 -93.30
C ILE F 65 10.50 64.23 -92.25
N ARG F 66 9.81 63.14 -92.50
CA ARG F 66 8.71 62.77 -91.62
C ARG F 66 9.23 62.07 -90.37
N SER F 67 10.37 61.38 -90.50
CA SER F 67 10.93 60.58 -89.42
C SER F 67 11.87 61.35 -88.48
N ILE F 68 12.43 62.45 -88.98
CA ILE F 68 13.21 63.35 -88.13
C ILE F 68 12.32 63.91 -87.03
N GLU F 69 12.06 63.09 -86.02
CA GLU F 69 11.10 63.46 -84.99
C GLU F 69 11.74 64.45 -83.98
N LYS F 70 11.09 65.62 -83.78
CA LYS F 70 11.61 66.71 -82.94
C LYS F 70 10.54 67.32 -82.02
N ILE F 71 9.27 66.96 -82.28
CA ILE F 71 8.14 67.32 -81.40
C ILE F 71 7.23 66.12 -81.16
N PHE F 72 6.79 65.95 -79.91
CA PHE F 72 6.05 64.76 -79.50
C PHE F 72 4.81 65.15 -78.75
N GLN F 73 3.75 64.38 -78.90
CA GLN F 73 2.54 64.61 -78.12
C GLN F 73 2.59 63.70 -76.93
N ILE F 74 2.07 64.17 -75.80
CA ILE F 74 2.18 63.39 -74.58
C ILE F 74 0.82 62.93 -74.07
N ASP F 75 -0.22 63.60 -74.55
CA ASP F 75 -1.59 63.30 -74.15
C ASP F 75 -2.47 64.03 -75.16
N ASP F 76 -3.79 64.03 -74.95
CA ASP F 76 -4.71 64.70 -75.88
C ASP F 76 -4.60 66.22 -75.75
N HIS F 77 -4.02 66.65 -74.63
CA HIS F 77 -4.01 68.05 -74.25
C HIS F 77 -2.63 68.55 -73.89
N VAL F 78 -1.60 67.73 -74.08
CA VAL F 78 -0.24 68.13 -73.71
C VAL F 78 0.85 67.55 -74.61
N ALA F 79 1.86 68.35 -74.90
CA ALA F 79 2.93 67.87 -75.75
C ALA F 79 4.26 68.63 -75.55
N ALA F 80 5.34 68.04 -76.06
CA ALA F 80 6.71 68.55 -75.83
C ALA F 80 7.61 68.42 -77.06
N ALA F 81 8.64 69.27 -77.14
CA ALA F 81 9.61 69.27 -78.23
C ALA F 81 11.00 69.04 -77.71
N THR F 82 11.76 68.24 -78.45
CA THR F 82 13.09 67.80 -78.03
C THR F 82 14.26 68.78 -78.31
N SER F 83 15.46 68.45 -77.80
CA SER F 83 16.73 69.10 -78.18
C SER F 83 17.89 68.55 -77.34
N GLY F 84 18.94 68.07 -78.02
CA GLY F 84 19.94 67.22 -77.40
C GLY F 84 20.10 66.04 -78.34
N LEU F 85 20.52 64.87 -77.84
CA LEU F 85 20.65 63.71 -78.73
C LEU F 85 19.35 62.94 -78.77
N VAL F 86 18.93 62.47 -79.96
CA VAL F 86 17.63 61.74 -80.03
C VAL F 86 17.58 60.32 -79.40
N ALA F 87 18.73 59.67 -79.22
CA ALA F 87 18.79 58.44 -78.44
C ALA F 87 17.97 58.65 -77.17
N ASP F 88 18.29 59.73 -76.45
CA ASP F 88 17.62 60.10 -75.20
C ASP F 88 16.44 61.04 -75.46
N ALA F 89 15.95 61.08 -76.70
CA ALA F 89 14.77 61.88 -77.02
C ALA F 89 13.56 61.03 -76.74
N ARG F 90 13.39 60.03 -77.60
CA ARG F 90 12.33 59.01 -77.47
C ARG F 90 12.22 58.47 -76.06
N VAL F 91 13.29 57.82 -75.58
CA VAL F 91 13.27 57.12 -74.30
C VAL F 91 12.66 57.93 -73.18
N LEU F 92 12.74 59.25 -73.27
CA LEU F 92 12.13 60.11 -72.26
C LEU F 92 10.64 60.31 -72.51
N ILE F 93 10.29 60.49 -73.77
CA ILE F 93 8.88 60.65 -74.15
C ILE F 93 8.01 59.33 -74.06
N ASP F 94 8.42 58.23 -74.70
CA ASP F 94 7.75 56.94 -74.48
C ASP F 94 8.07 56.49 -73.08
N ARG F 95 8.28 57.49 -72.21
CA ARG F 95 8.48 57.29 -70.78
C ARG F 95 7.84 58.46 -70.05
N ALA F 96 7.63 59.55 -70.77
CA ALA F 96 6.77 60.57 -70.24
C ALA F 96 5.35 60.20 -70.68
N ARG F 97 5.24 59.67 -71.89
CA ARG F 97 3.96 59.27 -72.42
C ARG F 97 3.31 58.28 -71.47
N LEU F 98 4.14 57.48 -70.83
CA LEU F 98 3.68 56.42 -69.93
C LEU F 98 3.19 57.01 -68.64
N GLU F 99 4.11 57.65 -67.92
CA GLU F 99 3.79 58.27 -66.65
C GLU F 99 2.67 59.29 -66.88
N ALA F 100 2.37 59.56 -68.14
CA ALA F 100 1.29 60.49 -68.45
C ALA F 100 -0.09 59.83 -68.44
N GLN F 101 -0.15 58.53 -68.72
CA GLN F 101 -1.43 57.86 -68.80
C GLN F 101 -1.66 57.03 -67.56
N ILE F 102 -0.56 56.69 -66.89
CA ILE F 102 -0.62 56.07 -65.58
C ILE F 102 -1.43 56.95 -64.68
N TYR F 103 -0.98 58.19 -64.53
CA TYR F 103 -1.72 59.15 -63.76
C TYR F 103 -3.21 59.12 -64.16
N ARG F 104 -3.51 59.26 -65.45
CA ARG F 104 -4.92 59.34 -65.88
C ARG F 104 -5.73 58.14 -65.42
N LEU F 105 -5.04 57.05 -65.13
CA LEU F 105 -5.72 55.81 -64.79
C LEU F 105 -5.94 55.69 -63.30
N THR F 106 -5.09 56.33 -62.52
CA THR F 106 -5.20 56.25 -61.07
C THR F 106 -5.84 57.52 -60.51
N TYR F 107 -6.71 58.13 -61.29
CA TYR F 107 -7.42 59.30 -60.83
C TYR F 107 -8.53 59.60 -61.80
N GLY F 108 -8.21 59.57 -63.08
CA GLY F 108 -9.18 59.95 -64.09
C GLY F 108 -8.92 61.34 -64.64
N GLU F 109 -8.07 62.09 -63.97
CA GLU F 109 -7.71 63.45 -64.39
C GLU F 109 -6.65 63.54 -65.51
N GLU F 110 -7.00 64.13 -66.66
CA GLU F 110 -5.99 64.48 -67.65
C GLU F 110 -4.86 64.98 -66.80
N ILE F 111 -3.72 64.31 -66.82
CA ILE F 111 -2.63 64.65 -65.90
C ILE F 111 -2.18 66.11 -65.92
N SER F 112 -2.02 66.70 -64.73
CA SER F 112 -1.71 68.14 -64.56
C SER F 112 -0.36 68.52 -65.13
N ILE F 113 -0.32 69.43 -66.09
CA ILE F 113 0.96 69.68 -66.75
C ILE F 113 2.09 69.85 -65.74
N GLU F 114 1.90 70.74 -64.76
CA GLU F 114 2.94 71.02 -63.75
C GLU F 114 3.42 69.73 -63.09
N MET F 115 2.52 68.79 -62.94
CA MET F 115 2.90 67.54 -62.32
C MET F 115 3.67 66.64 -63.27
N LEU F 116 3.16 66.48 -64.51
CA LEU F 116 3.80 65.63 -65.52
C LEU F 116 5.24 66.04 -65.73
N ALA F 117 5.47 67.36 -65.77
CA ALA F 117 6.81 67.92 -65.97
C ALA F 117 7.64 67.58 -64.75
N LYS F 118 7.11 67.96 -63.59
CA LYS F 118 7.77 67.67 -62.34
C LYS F 118 8.16 66.20 -62.23
N LYS F 119 7.61 65.36 -63.11
CA LYS F 119 7.91 63.94 -63.05
C LYS F 119 9.17 63.58 -63.79
N ILE F 120 9.16 63.68 -65.12
CA ILE F 120 10.30 63.21 -65.93
C ILE F 120 11.55 64.02 -65.68
N CYS F 121 11.36 65.13 -65.01
CA CYS F 121 12.45 66.02 -64.66
C CYS F 121 13.08 65.51 -63.38
N ASP F 122 12.23 65.04 -62.47
CA ASP F 122 12.67 64.25 -61.33
C ASP F 122 13.52 63.09 -61.85
N ILE F 123 12.88 62.15 -62.54
CA ILE F 123 13.62 61.09 -63.22
C ILE F 123 14.95 61.64 -63.67
N LYS F 124 14.89 62.66 -64.52
CA LYS F 124 16.10 63.19 -65.09
C LYS F 124 17.11 63.44 -64.01
N GLN F 125 16.67 64.01 -62.90
CA GLN F 125 17.54 64.30 -61.78
C GLN F 125 18.15 63.06 -61.16
N ALA F 126 17.34 62.01 -61.02
CA ALA F 126 17.77 60.86 -60.27
C ALA F 126 18.91 60.17 -60.99
N TYR F 127 18.87 60.19 -62.31
CA TYR F 127 19.97 59.66 -63.11
C TYR F 127 21.25 60.45 -62.89
N THR F 128 21.12 61.54 -62.14
CA THR F 128 22.24 62.42 -61.94
C THR F 128 23.03 62.00 -60.73
N GLN F 129 22.35 61.52 -59.71
CA GLN F 129 23.06 61.22 -58.48
C GLN F 129 23.24 59.74 -58.21
N HIS F 130 23.15 58.94 -59.25
CA HIS F 130 23.20 57.50 -59.05
C HIS F 130 24.33 56.79 -59.77
N GLY F 131 24.92 55.82 -59.08
CA GLY F 131 26.13 55.17 -59.55
C GLY F 131 25.94 54.48 -60.88
N GLY F 132 26.66 54.93 -61.90
CA GLY F 132 26.69 54.19 -63.14
C GLY F 132 25.56 54.51 -64.08
N VAL F 133 25.59 55.73 -64.57
CA VAL F 133 24.60 56.14 -65.53
C VAL F 133 24.73 57.64 -65.81
N ARG F 134 24.69 57.96 -67.07
CA ARG F 134 24.91 59.31 -67.54
C ARG F 134 23.61 60.08 -67.68
N PRO F 135 23.54 61.26 -67.06
CA PRO F 135 22.39 62.13 -67.24
C PRO F 135 21.99 62.29 -68.69
N PHE F 136 20.73 62.63 -68.90
CA PHE F 136 20.14 62.64 -70.23
C PHE F 136 20.60 63.86 -70.96
N GLY F 137 21.03 63.67 -72.20
CA GLY F 137 21.51 64.78 -72.99
C GLY F 137 20.37 65.49 -73.69
N VAL F 138 19.50 66.12 -72.90
CA VAL F 138 18.33 66.77 -73.47
C VAL F 138 17.61 67.83 -72.60
N SER F 139 17.24 68.93 -73.23
CA SER F 139 16.35 69.90 -72.61
C SER F 139 15.00 69.73 -73.30
N LEU F 140 13.91 69.82 -72.55
CA LEU F 140 12.55 69.64 -73.09
C LEU F 140 11.70 70.90 -73.08
N LEU F 141 10.91 71.05 -74.13
CA LEU F 141 9.92 72.11 -74.17
C LEU F 141 8.49 71.58 -74.12
N ILE F 142 7.94 71.42 -72.90
CA ILE F 142 6.60 70.87 -72.67
C ILE F 142 5.51 71.94 -72.73
N ALA F 143 4.46 71.73 -73.52
CA ALA F 143 3.37 72.70 -73.54
C ALA F 143 1.97 72.08 -73.60
N GLY F 144 1.04 72.54 -72.76
CA GLY F 144 -0.31 72.03 -72.79
C GLY F 144 -1.38 72.96 -72.24
N ILE F 145 -2.62 72.45 -72.17
CA ILE F 145 -3.78 73.13 -71.56
C ILE F 145 -4.11 72.53 -70.20
N ASP F 146 -3.65 73.18 -69.15
CA ASP F 146 -3.91 72.69 -67.82
C ASP F 146 -5.13 73.39 -67.26
N LYS F 147 -6.31 72.96 -67.73
CA LYS F 147 -7.57 73.52 -67.26
C LYS F 147 -7.72 75.03 -67.57
N ASN F 148 -7.83 75.37 -68.86
CA ASN F 148 -7.95 76.76 -69.31
C ASN F 148 -6.66 77.56 -69.17
N GLU F 149 -5.69 76.99 -68.47
CA GLU F 149 -4.37 77.61 -68.29
C GLU F 149 -3.35 76.91 -69.18
N ALA F 150 -3.01 77.54 -70.30
CA ALA F 150 -2.04 77.00 -71.23
C ALA F 150 -0.64 77.43 -70.85
N ARG F 151 0.25 76.46 -70.63
CA ARG F 151 1.59 76.81 -70.15
C ARG F 151 2.72 76.12 -70.90
N LEU F 152 3.96 76.52 -70.56
CA LEU F 152 5.17 76.05 -71.25
C LEU F 152 6.39 75.98 -70.29
N PHE F 153 7.06 74.82 -70.26
CA PHE F 153 8.20 74.55 -69.37
C PHE F 153 9.46 74.19 -70.16
N GLU F 154 10.63 74.42 -69.56
CA GLU F 154 11.92 74.00 -70.12
C GLU F 154 12.56 73.03 -69.15
N THR F 155 12.92 71.83 -69.60
CA THR F 155 13.62 70.92 -68.70
C THR F 155 15.15 71.04 -68.79
N ASP F 156 15.85 70.45 -67.83
CA ASP F 156 17.29 70.53 -67.80
C ASP F 156 17.81 69.20 -67.32
N PRO F 157 18.83 68.68 -68.01
CA PRO F 157 19.55 67.47 -67.62
C PRO F 157 19.85 67.33 -66.13
N SER F 158 19.06 67.98 -65.27
CA SER F 158 19.05 67.69 -63.86
C SER F 158 18.17 68.66 -63.11
N GLY F 159 16.85 68.49 -63.23
CA GLY F 159 15.90 69.36 -62.56
C GLY F 159 15.62 70.62 -63.35
N ALA F 160 14.39 71.11 -63.29
CA ALA F 160 14.03 72.30 -64.07
C ALA F 160 12.66 72.84 -63.71
N LEU F 161 12.71 73.64 -62.66
CA LEU F 161 11.57 74.41 -62.22
C LEU F 161 11.42 75.75 -63.05
N ILE F 162 11.48 75.69 -64.40
CA ILE F 162 11.32 76.93 -65.22
C ILE F 162 10.06 77.00 -66.07
N GLU F 163 9.10 77.84 -65.66
CA GLU F 163 7.84 78.02 -66.39
C GLU F 163 7.88 79.29 -67.20
N TYR F 164 8.36 79.18 -68.44
CA TYR F 164 8.53 80.36 -69.29
C TYR F 164 7.22 80.91 -69.85
N LYS F 165 7.32 82.15 -70.36
CA LYS F 165 6.27 82.83 -71.13
C LYS F 165 6.65 82.71 -72.64
N ALA F 166 7.88 82.24 -72.85
CA ALA F 166 8.38 81.77 -74.13
C ALA F 166 9.83 81.48 -73.85
N THR F 167 10.42 80.57 -74.60
CA THR F 167 11.88 80.36 -74.56
C THR F 167 12.33 79.54 -75.76
N ALA F 168 13.55 78.99 -75.67
CA ALA F 168 14.08 78.15 -76.73
C ALA F 168 15.28 77.37 -76.24
N ILE F 169 15.63 76.30 -76.96
CA ILE F 169 16.79 75.52 -76.57
C ILE F 169 17.58 75.08 -77.76
N GLY F 170 18.84 74.74 -77.50
CA GLY F 170 19.71 74.11 -78.47
C GLY F 170 20.76 74.99 -79.11
N SER F 171 20.89 74.84 -80.44
CA SER F 171 21.83 75.59 -81.26
C SER F 171 21.68 77.05 -80.95
N GLY F 172 20.78 77.69 -81.67
CA GLY F 172 20.59 79.11 -81.52
C GLY F 172 19.95 79.46 -80.20
N ARG F 173 20.42 78.89 -79.09
CA ARG F 173 19.90 79.34 -77.80
C ARG F 173 20.10 80.86 -77.67
N PRO F 174 21.36 81.32 -77.47
CA PRO F 174 21.53 82.75 -77.23
C PRO F 174 20.90 83.65 -78.29
N VAL F 175 21.02 83.29 -79.57
CA VAL F 175 20.52 84.15 -80.63
C VAL F 175 19.09 84.61 -80.38
N VAL F 176 18.21 83.70 -80.01
CA VAL F 176 16.81 84.07 -79.81
C VAL F 176 16.38 84.09 -78.34
N MET F 177 16.94 83.20 -77.52
CA MET F 177 16.62 83.19 -76.10
C MET F 177 17.05 84.56 -75.54
N GLU F 178 17.59 85.40 -76.43
CA GLU F 178 17.96 86.79 -76.13
C GLU F 178 17.32 87.76 -77.12
N LEU F 179 16.68 87.23 -78.17
CA LEU F 179 15.83 88.03 -79.04
C LEU F 179 14.51 88.26 -78.33
N LEU F 180 13.87 87.14 -78.00
CA LEU F 180 12.66 87.09 -77.20
C LEU F 180 12.79 87.97 -75.96
N GLU F 181 14.05 88.17 -75.53
CA GLU F 181 14.42 88.89 -74.30
C GLU F 181 13.72 90.22 -74.18
N LYS F 182 13.27 90.73 -75.32
CA LYS F 182 12.73 92.07 -75.39
C LYS F 182 11.24 92.13 -75.80
N GLU F 183 10.99 91.92 -77.09
CA GLU F 183 9.70 92.22 -77.73
C GLU F 183 8.51 91.30 -77.42
N TYR F 184 8.72 90.24 -76.64
CA TYR F 184 7.59 89.46 -76.15
C TYR F 184 6.68 90.34 -75.27
N ARG F 185 5.42 89.95 -75.16
CA ARG F 185 4.45 90.66 -74.34
C ARG F 185 3.51 89.66 -73.70
N ASP F 186 3.22 89.86 -72.43
CA ASP F 186 2.29 89.00 -71.75
C ASP F 186 0.93 89.21 -72.36
N ASP F 187 0.93 89.67 -73.61
CA ASP F 187 -0.30 89.91 -74.34
C ASP F 187 -0.33 89.04 -75.59
N ILE F 188 0.78 89.04 -76.32
CA ILE F 188 0.90 88.38 -77.61
C ILE F 188 -0.11 87.26 -77.85
N THR F 189 -0.74 87.29 -79.02
CA THR F 189 -1.78 86.32 -79.35
C THR F 189 -1.16 85.04 -79.90
N LEU F 190 -1.98 84.18 -80.50
CA LEU F 190 -1.48 82.99 -81.19
C LEU F 190 -0.92 83.36 -82.56
N ASP F 191 -1.77 83.93 -83.41
CA ASP F 191 -1.38 84.46 -84.71
C ASP F 191 -0.49 85.70 -84.60
N GLU F 192 -0.22 86.11 -83.36
CA GLU F 192 0.74 87.18 -83.08
C GLU F 192 2.08 86.57 -82.70
N GLY F 193 2.02 85.38 -82.10
CA GLY F 193 3.19 84.59 -81.79
C GLY F 193 3.48 83.69 -82.97
N LEU F 194 2.55 83.73 -83.92
CA LEU F 194 2.72 83.17 -85.27
C LEU F 194 4.17 83.32 -85.72
N GLU F 195 4.49 84.54 -86.17
CA GLU F 195 5.81 84.94 -86.68
C GLU F 195 6.88 84.98 -85.60
N LEU F 196 6.48 85.31 -84.38
CA LEU F 196 7.41 85.35 -83.26
C LEU F 196 8.50 84.29 -83.35
N ALA F 197 8.10 83.02 -83.46
CA ALA F 197 9.02 81.86 -83.40
C ALA F 197 9.65 81.52 -84.75
N ILE F 198 8.91 81.81 -85.81
CA ILE F 198 9.40 81.65 -87.16
C ILE F 198 10.54 82.65 -87.42
N THR F 199 10.22 83.94 -87.32
CA THR F 199 11.21 85.01 -87.46
C THR F 199 12.38 84.72 -86.55
N ALA F 200 12.11 84.59 -85.26
CA ALA F 200 13.13 84.20 -84.30
C ALA F 200 13.98 83.08 -84.86
N LEU F 201 13.34 81.96 -85.17
CA LEU F 201 14.04 80.78 -85.67
C LEU F 201 14.94 81.08 -86.88
N THR F 202 14.54 82.05 -87.69
CA THR F 202 15.28 82.40 -88.91
C THR F 202 16.64 83.01 -88.56
N LYS F 203 16.64 83.91 -87.59
CA LYS F 203 17.84 84.55 -87.08
C LYS F 203 19.02 83.57 -86.92
N ALA F 204 18.78 82.50 -86.15
CA ALA F 204 19.83 81.52 -85.89
C ALA F 204 20.16 80.71 -87.12
N ASN F 205 19.15 80.43 -87.94
CA ASN F 205 19.38 79.72 -89.18
C ASN F 205 19.15 80.57 -90.42
N GLU F 206 20.17 81.37 -90.75
CA GLU F 206 20.23 81.96 -92.07
C GLU F 206 20.03 80.81 -93.04
N ASP F 207 18.92 80.80 -93.76
CA ASP F 207 18.66 79.76 -94.75
C ASP F 207 18.13 78.46 -94.15
N ILE F 208 16.86 78.49 -93.79
CA ILE F 208 16.16 77.33 -93.33
C ILE F 208 15.25 76.91 -94.46
N LYS F 209 15.25 75.64 -94.82
CA LYS F 209 14.25 75.14 -95.77
C LYS F 209 12.83 75.31 -95.18
N PRO F 210 11.81 75.47 -96.03
CA PRO F 210 10.44 75.59 -95.54
C PRO F 210 9.77 74.24 -95.38
N GLU F 211 10.34 73.40 -94.52
CA GLU F 211 9.80 72.10 -94.14
C GLU F 211 10.87 71.46 -93.28
N ASN F 212 11.97 72.19 -93.18
CA ASN F 212 13.04 71.94 -92.23
C ASN F 212 12.44 72.22 -90.85
N VAL F 213 11.22 72.74 -90.81
CA VAL F 213 10.59 73.13 -89.54
C VAL F 213 9.24 72.48 -89.32
N ASP F 214 8.96 72.19 -88.06
CA ASP F 214 7.70 71.60 -87.68
C ASP F 214 6.91 72.63 -86.86
N VAL F 215 5.60 72.54 -86.94
CA VAL F 215 4.76 73.45 -86.17
C VAL F 215 3.69 72.66 -85.43
N CYS F 216 3.44 73.00 -84.17
CA CYS F 216 2.41 72.33 -83.40
C CYS F 216 1.63 73.36 -82.58
N ILE F 217 0.33 73.46 -82.79
CA ILE F 217 -0.50 74.44 -82.08
C ILE F 217 -1.46 73.80 -81.11
N ILE F 218 -1.44 74.29 -79.88
CA ILE F 218 -2.38 73.79 -78.90
C ILE F 218 -3.20 74.98 -78.47
N THR F 219 -4.31 75.21 -79.15
CA THR F 219 -5.22 76.25 -78.73
C THR F 219 -5.74 75.85 -77.35
N VAL F 220 -6.01 76.83 -76.48
CA VAL F 220 -6.59 76.52 -75.17
C VAL F 220 -8.10 76.45 -75.29
N LYS F 221 -8.59 76.82 -76.46
CA LYS F 221 -10.01 76.99 -76.70
C LYS F 221 -10.62 75.72 -77.24
N ASP F 222 -10.13 74.60 -76.75
CA ASP F 222 -10.60 73.29 -77.15
C ASP F 222 -9.62 72.23 -76.64
N ALA F 223 -8.68 72.66 -75.81
CA ALA F 223 -7.76 71.75 -75.14
C ALA F 223 -7.17 70.75 -76.11
N GLN F 224 -6.91 71.21 -77.30
CA GLN F 224 -6.62 70.30 -78.36
C GLN F 224 -5.36 70.70 -79.10
N PHE F 225 -4.69 69.70 -79.68
CA PHE F 225 -3.39 69.85 -80.33
C PHE F 225 -3.52 69.67 -81.85
N LYS F 226 -2.97 70.62 -82.61
CA LYS F 226 -3.13 70.70 -84.09
C LYS F 226 -1.79 70.81 -84.84
N LYS F 227 -1.80 70.51 -86.14
CA LYS F 227 -0.60 70.58 -86.97
C LYS F 227 -0.67 71.76 -87.94
N ILE F 228 0.49 72.24 -88.39
CA ILE F 228 0.54 73.21 -89.49
C ILE F 228 1.21 72.61 -90.71
N PRO F 229 0.57 72.79 -91.87
CA PRO F 229 1.03 72.21 -93.13
C PRO F 229 2.18 73.03 -93.71
N VAL F 230 2.96 72.37 -94.55
CA VAL F 230 4.07 73.03 -95.22
C VAL F 230 3.59 74.22 -96.03
N GLU F 231 4.45 75.23 -96.11
CA GLU F 231 4.21 76.43 -96.90
C GLU F 231 3.24 77.38 -96.24
N GLU F 232 2.63 76.92 -95.16
CA GLU F 232 2.16 77.84 -94.14
C GLU F 232 3.45 78.26 -93.49
N ILE F 233 4.25 77.26 -93.20
CA ILE F 233 5.63 77.41 -92.79
C ILE F 233 6.37 78.42 -93.66
N LYS F 234 6.41 78.17 -94.96
CA LYS F 234 7.11 79.03 -95.92
C LYS F 234 6.46 80.41 -96.08
N LYS F 235 5.16 80.44 -96.38
CA LYS F 235 4.48 81.70 -96.60
C LYS F 235 4.53 82.59 -95.37
N LEU F 236 5.22 82.13 -94.33
CA LEU F 236 5.44 82.94 -93.13
C LEU F 236 6.92 83.20 -92.92
N ILE F 237 7.75 82.35 -93.51
CA ILE F 237 9.20 82.55 -93.48
C ILE F 237 9.51 83.63 -94.49
N GLU F 238 8.46 84.18 -95.09
CA GLU F 238 8.62 85.20 -96.11
C GLU F 238 8.77 86.59 -95.49
N LYS F 239 7.92 86.90 -94.51
CA LYS F 239 8.12 88.08 -93.68
C LYS F 239 9.44 87.86 -92.96
N VAL F 240 10.53 87.90 -93.71
CA VAL F 240 11.84 87.53 -93.19
C VAL F 240 12.93 88.24 -93.98
N LYS F 241 12.65 88.47 -95.26
CA LYS F 241 13.58 89.16 -96.14
C LYS F 241 13.65 90.65 -95.81
N LYS F 242 12.61 91.14 -95.14
CA LYS F 242 12.54 92.52 -94.69
C LYS F 242 13.14 92.63 -93.28
N LYS F 243 13.87 91.59 -92.89
CA LYS F 243 14.48 91.54 -91.58
C LYS F 243 16.00 91.61 -91.68
N LEU F 244 16.51 91.50 -92.91
CA LEU F 244 17.95 91.57 -93.15
C LEU F 244 18.38 92.94 -93.73
N ASN F 245 18.18 94.00 -92.96
CA ASN F 245 18.42 95.37 -93.45
C ASN F 245 18.87 96.32 -92.33
N GLU F 246 20.15 96.67 -92.32
CA GLU F 246 20.71 97.58 -91.32
C GLU F 246 20.36 97.21 -89.88
N GLU F 247 19.86 95.99 -89.66
CA GLU F 247 19.45 95.53 -88.32
C GLU F 247 20.40 94.46 -87.76
N ILE G 16 32.61 53.68 -52.67
CA ILE G 16 32.65 54.47 -53.90
C ILE G 16 32.09 55.94 -53.75
N THR G 17 32.08 56.50 -52.53
CA THR G 17 31.87 57.96 -52.33
C THR G 17 33.18 58.72 -52.01
N VAL G 18 33.45 58.98 -50.71
CA VAL G 18 34.65 59.74 -50.27
C VAL G 18 34.85 59.77 -48.75
N PHE G 19 36.11 59.87 -48.29
CA PHE G 19 36.40 60.36 -46.92
C PHE G 19 37.77 61.02 -46.91
N SER G 20 37.94 62.02 -46.05
CA SER G 20 39.13 62.87 -46.08
C SER G 20 40.33 62.24 -45.38
N PRO G 21 41.53 62.79 -45.65
CA PRO G 21 42.80 62.28 -45.15
C PRO G 21 43.21 62.90 -43.82
N GLU G 22 42.27 63.50 -43.11
CA GLU G 22 42.59 64.08 -41.81
C GLU G 22 41.43 64.90 -41.26
N GLY G 23 40.38 64.20 -40.84
CA GLY G 23 39.31 64.83 -40.09
C GLY G 23 38.09 65.22 -40.91
N ARG G 24 38.28 66.03 -41.95
CA ARG G 24 37.15 66.52 -42.72
C ARG G 24 36.58 65.39 -43.58
N LEU G 25 35.75 65.72 -44.57
CA LEU G 25 35.18 64.71 -45.47
C LEU G 25 34.94 65.21 -46.90
N TYR G 26 35.80 64.77 -47.81
CA TYR G 26 35.75 65.16 -49.21
C TYR G 26 34.39 65.70 -49.72
N GLN G 27 33.77 64.95 -50.63
CA GLN G 27 32.58 65.42 -51.35
C GLN G 27 31.67 66.31 -50.49
N VAL G 28 31.38 65.85 -49.27
CA VAL G 28 30.46 66.52 -48.38
C VAL G 28 30.61 67.99 -48.57
N GLU G 29 31.85 68.42 -48.41
CA GLU G 29 32.20 69.83 -48.37
C GLU G 29 32.20 70.47 -49.76
N TYR G 30 32.67 69.75 -50.76
CA TYR G 30 32.48 70.22 -52.12
C TYR G 30 30.99 70.43 -52.38
N ALA G 31 30.17 69.68 -51.67
CA ALA G 31 28.72 69.78 -51.85
C ALA G 31 28.21 70.97 -51.06
N ARG G 32 28.74 71.18 -49.86
CA ARG G 32 28.38 72.36 -49.10
C ARG G 32 28.52 73.58 -49.98
N GLU G 33 29.65 73.69 -50.67
CA GLU G 33 29.93 74.84 -51.53
C GLU G 33 28.78 75.11 -52.49
N ALA G 34 28.21 74.04 -53.04
CA ALA G 34 27.12 74.14 -54.03
C ALA G 34 25.93 74.93 -53.51
N VAL G 35 25.83 75.07 -52.19
CA VAL G 35 24.81 75.88 -51.53
C VAL G 35 25.23 77.32 -51.37
N ARG G 36 26.39 77.53 -50.78
CA ARG G 36 26.90 78.89 -50.60
C ARG G 36 26.89 79.59 -51.95
N ARG G 37 26.58 78.83 -53.01
CA ARG G 37 26.52 79.39 -54.36
C ARG G 37 25.06 79.63 -54.73
N GLY G 38 24.18 78.84 -54.15
CA GLY G 38 22.78 78.89 -54.52
C GLY G 38 22.16 80.25 -54.37
N THR G 39 20.84 80.28 -54.41
CA THR G 39 20.11 81.49 -54.08
C THR G 39 20.03 81.54 -52.59
N THR G 40 19.88 82.74 -52.05
CA THR G 40 19.98 82.94 -50.61
C THR G 40 18.57 82.87 -50.01
N ALA G 41 18.48 82.57 -48.72
CA ALA G 41 17.18 82.44 -48.09
C ALA G 41 17.29 82.59 -46.58
N ILE G 42 16.37 83.34 -46.00
CA ILE G 42 16.42 83.62 -44.58
C ILE G 42 15.16 83.16 -43.90
N GLY G 43 15.33 82.56 -42.72
CA GLY G 43 14.22 82.15 -41.87
C GLY G 43 14.29 82.75 -40.48
N ILE G 44 13.13 83.09 -39.92
CA ILE G 44 13.10 83.74 -38.61
C ILE G 44 11.99 83.22 -37.69
N ALA G 45 12.38 82.89 -36.46
CA ALA G 45 11.46 82.48 -35.40
C ALA G 45 10.98 83.71 -34.65
N CYS G 46 10.55 83.49 -33.42
CA CYS G 46 9.94 84.54 -32.65
C CYS G 46 9.07 83.94 -31.57
N LYS G 47 7.81 84.37 -31.53
CA LYS G 47 6.92 84.00 -30.46
C LYS G 47 5.48 84.23 -30.88
N ASP G 48 5.26 84.53 -32.16
CA ASP G 48 3.91 84.78 -32.66
C ASP G 48 3.62 83.82 -33.78
N GLY G 49 4.70 83.23 -34.27
CA GLY G 49 4.66 82.33 -35.41
C GLY G 49 6.05 82.25 -35.97
N VAL G 50 6.16 82.26 -37.29
CA VAL G 50 7.47 82.27 -37.94
C VAL G 50 7.30 82.47 -39.43
N VAL G 51 8.32 83.06 -40.04
CA VAL G 51 8.20 83.37 -41.44
C VAL G 51 9.50 83.18 -42.19
N LEU G 52 9.33 82.88 -43.48
CA LEU G 52 10.43 82.62 -44.38
C LEU G 52 10.35 83.52 -45.58
N ALA G 53 11.50 83.67 -46.24
CA ALA G 53 11.61 84.51 -47.39
C ALA G 53 12.86 84.16 -48.14
N VAL G 54 12.78 84.30 -49.46
CA VAL G 54 13.90 83.96 -50.30
C VAL G 54 14.09 85.01 -51.38
N ASP G 55 15.34 85.20 -51.78
CA ASP G 55 15.74 86.06 -52.92
C ASP G 55 16.00 85.17 -54.14
N ARG G 56 14.93 84.85 -54.87
CA ARG G 56 15.07 84.29 -56.21
C ARG G 56 15.90 85.30 -56.97
N ARG G 57 16.73 84.85 -57.89
CA ARG G 57 17.54 85.79 -58.64
C ARG G 57 17.20 85.66 -60.12
N ILE G 58 15.93 85.83 -60.43
CA ILE G 58 15.47 85.77 -61.80
C ILE G 58 16.11 86.93 -62.54
N THR G 59 17.04 86.62 -63.44
CA THR G 59 17.72 87.65 -64.21
C THR G 59 16.81 88.14 -65.34
N SER G 60 16.69 87.32 -66.38
CA SER G 60 15.79 87.57 -67.50
C SER G 60 14.31 87.54 -67.08
N LYS G 61 13.54 88.49 -67.60
CA LYS G 61 12.15 88.62 -67.21
C LYS G 61 11.22 87.86 -68.13
N LEU G 62 11.73 86.79 -68.71
CA LEU G 62 10.95 85.93 -69.59
C LEU G 62 10.34 84.75 -68.82
N VAL G 63 10.78 84.55 -67.59
CA VAL G 63 10.43 83.35 -66.81
C VAL G 63 9.36 83.57 -65.75
N LYS G 64 8.16 83.02 -65.99
CA LYS G 64 7.07 83.15 -65.02
C LYS G 64 7.65 82.86 -63.64
N ILE G 65 7.68 83.87 -62.78
CA ILE G 65 8.30 83.76 -61.48
C ILE G 65 7.61 82.73 -60.59
N ARG G 66 6.40 82.36 -60.98
CA ARG G 66 5.59 81.46 -60.18
C ARG G 66 6.20 80.07 -60.14
N SER G 67 7.21 79.85 -60.98
CA SER G 67 7.79 78.51 -61.18
C SER G 67 9.04 78.29 -60.37
N ILE G 68 9.74 79.37 -60.10
CA ILE G 68 10.94 79.28 -59.30
C ILE G 68 10.51 78.92 -57.89
N GLU G 69 10.38 77.63 -57.68
CA GLU G 69 9.90 77.15 -56.41
C GLU G 69 11.06 77.17 -55.44
N LYS G 70 11.03 78.14 -54.53
CA LYS G 70 12.10 78.26 -53.54
C LYS G 70 11.59 77.91 -52.13
N ILE G 71 10.27 77.89 -51.99
CA ILE G 71 9.66 77.56 -50.71
C ILE G 71 8.53 76.53 -50.90
N PHE G 72 8.57 75.47 -50.11
CA PHE G 72 7.61 74.38 -50.29
C PHE G 72 6.83 74.13 -49.02
N GLN G 73 5.56 73.81 -49.18
CA GLN G 73 4.81 73.36 -48.02
C GLN G 73 5.03 71.86 -47.84
N ILE G 74 5.00 71.43 -46.58
CA ILE G 74 5.26 70.04 -46.24
C ILE G 74 4.10 69.47 -45.44
N ASP G 75 3.39 70.34 -44.72
CA ASP G 75 2.19 69.93 -44.02
C ASP G 75 1.35 71.15 -43.72
N ASP G 76 0.14 70.93 -43.21
CA ASP G 76 -0.84 71.99 -42.93
C ASP G 76 -0.25 73.09 -42.02
N HIS G 77 0.84 72.73 -41.34
CA HIS G 77 1.36 73.50 -40.22
C HIS G 77 2.88 73.69 -40.30
N VAL G 78 3.52 73.01 -41.23
CA VAL G 78 4.97 73.03 -41.31
C VAL G 78 5.43 73.08 -42.76
N ALA G 79 6.33 74.00 -43.08
CA ALA G 79 6.86 74.15 -44.42
C ALA G 79 8.36 74.46 -44.45
N ALA G 80 8.99 74.32 -45.61
CA ALA G 80 10.45 74.50 -45.73
C ALA G 80 10.87 75.28 -46.98
N ALA G 81 12.06 75.86 -46.95
CA ALA G 81 12.61 76.63 -48.06
C ALA G 81 13.89 76.00 -48.53
N THR G 82 14.09 75.97 -49.84
CA THR G 82 15.28 75.37 -50.43
C THR G 82 16.40 76.35 -50.70
N SER G 83 17.52 75.81 -51.16
CA SER G 83 18.64 76.62 -51.58
C SER G 83 19.79 75.69 -51.76
N GLY G 84 20.29 75.62 -52.98
CA GLY G 84 21.28 74.65 -53.36
C GLY G 84 21.04 74.45 -54.83
N LEU G 85 20.96 73.23 -55.29
CA LEU G 85 20.48 73.07 -56.64
C LEU G 85 19.03 72.64 -56.56
N VAL G 86 18.22 73.06 -57.53
CA VAL G 86 16.81 72.70 -57.52
C VAL G 86 16.48 71.26 -57.97
N ALA G 87 17.42 70.60 -58.66
CA ALA G 87 17.33 69.17 -58.93
C ALA G 87 17.08 68.47 -57.63
N ASP G 88 18.09 68.51 -56.76
CA ASP G 88 17.98 67.92 -55.45
C ASP G 88 17.08 68.73 -54.54
N ALA G 89 16.52 69.82 -55.03
CA ALA G 89 15.55 70.53 -54.22
C ALA G 89 14.27 69.70 -54.16
N ARG G 90 13.53 69.67 -55.25
CA ARG G 90 12.24 68.97 -55.26
C ARG G 90 12.38 67.63 -54.63
N VAL G 91 13.25 66.80 -55.20
CA VAL G 91 13.33 65.43 -54.73
C VAL G 91 13.26 65.36 -53.21
N LEU G 92 14.09 66.10 -52.50
CA LEU G 92 14.01 65.93 -51.06
C LEU G 92 12.67 66.32 -50.48
N ILE G 93 11.97 67.26 -51.11
CA ILE G 93 10.66 67.68 -50.59
C ILE G 93 9.48 66.73 -50.93
N ASP G 94 9.27 66.43 -52.22
CA ASP G 94 8.30 65.40 -52.60
C ASP G 94 8.74 64.06 -52.04
N ARG G 95 9.49 64.11 -50.93
CA ARG G 95 9.91 62.94 -50.17
C ARG G 95 9.81 63.25 -48.70
N ALA G 96 10.07 64.49 -48.36
CA ALA G 96 9.76 64.90 -47.02
C ALA G 96 8.26 64.87 -47.04
N ARG G 97 7.70 65.50 -48.06
CA ARG G 97 6.27 65.62 -48.18
C ARG G 97 5.64 64.27 -47.93
N LEU G 98 6.44 63.23 -48.17
CA LEU G 98 6.01 61.85 -47.98
C LEU G 98 6.16 61.39 -46.56
N GLU G 99 7.40 61.33 -46.10
CA GLU G 99 7.70 60.84 -44.76
C GLU G 99 6.79 61.53 -43.76
N ALA G 100 6.15 62.59 -44.22
CA ALA G 100 5.31 63.40 -43.35
C ALA G 100 3.91 62.85 -43.23
N GLN G 101 3.33 62.43 -44.35
CA GLN G 101 1.97 61.94 -44.33
C GLN G 101 1.94 60.51 -43.85
N ILE G 102 3.08 59.83 -44.00
CA ILE G 102 3.22 58.47 -43.53
C ILE G 102 3.04 58.44 -42.05
N TYR G 103 3.83 59.27 -41.39
CA TYR G 103 3.79 59.37 -39.94
C TYR G 103 2.37 59.73 -39.49
N ARG G 104 1.75 60.72 -40.12
CA ARG G 104 0.41 61.14 -39.71
C ARG G 104 -0.58 60.00 -39.91
N LEU G 105 -0.12 58.93 -40.54
CA LEU G 105 -1.02 57.83 -40.82
C LEU G 105 -0.79 56.62 -39.91
N THR G 106 0.44 56.46 -39.45
CA THR G 106 0.75 55.39 -38.53
C THR G 106 0.74 55.92 -37.11
N TYR G 107 -0.13 56.89 -36.85
CA TYR G 107 -0.26 57.48 -35.52
C TYR G 107 -1.48 58.36 -35.41
N GLY G 108 -1.70 59.20 -36.40
CA GLY G 108 -2.74 60.20 -36.33
C GLY G 108 -2.17 61.58 -36.02
N GLU G 109 -0.98 61.61 -35.43
CA GLU G 109 -0.34 62.88 -35.05
C GLU G 109 0.16 63.72 -36.23
N GLU G 110 -0.30 64.97 -36.33
CA GLU G 110 0.41 65.93 -37.17
C GLU G 110 1.84 65.72 -36.72
N ILE G 111 2.62 65.18 -37.63
CA ILE G 111 3.98 64.76 -37.32
C ILE G 111 4.84 65.86 -36.65
N SER G 112 5.64 65.48 -35.64
CA SER G 112 6.48 66.44 -34.90
C SER G 112 7.59 67.14 -35.76
N ILE G 113 7.74 68.46 -35.66
CA ILE G 113 8.73 69.16 -36.52
C ILE G 113 10.17 68.72 -36.30
N GLU G 114 10.56 68.49 -35.04
CA GLU G 114 11.91 67.96 -34.73
C GLU G 114 12.10 66.54 -35.36
N MET G 115 11.00 65.79 -35.52
CA MET G 115 11.07 64.44 -36.11
C MET G 115 11.12 64.46 -37.62
N LEU G 116 10.22 65.22 -38.22
CA LEU G 116 10.17 65.43 -39.66
C LEU G 116 11.56 65.80 -40.19
N ALA G 117 12.16 66.80 -39.57
CA ALA G 117 13.49 67.26 -39.95
C ALA G 117 14.50 66.16 -39.68
N LYS G 118 14.64 65.78 -38.42
CA LYS G 118 15.57 64.72 -38.09
C LYS G 118 15.48 63.58 -39.10
N LYS G 119 14.35 63.47 -39.80
CA LYS G 119 14.14 62.38 -40.75
C LYS G 119 14.86 62.55 -42.10
N ILE G 120 14.44 63.52 -42.91
CA ILE G 120 15.07 63.75 -44.21
C ILE G 120 16.47 64.26 -43.99
N CYS G 121 16.81 64.54 -42.75
CA CYS G 121 18.15 64.92 -42.46
C CYS G 121 18.97 63.67 -42.33
N ASP G 122 18.38 62.65 -41.72
CA ASP G 122 19.05 61.35 -41.60
C ASP G 122 19.33 60.81 -42.99
N ILE G 123 18.27 60.58 -43.74
CA ILE G 123 18.38 60.33 -45.17
C ILE G 123 19.60 61.01 -45.84
N LYS G 124 19.57 62.33 -45.83
CA LYS G 124 20.59 63.11 -46.48
C LYS G 124 21.94 62.58 -46.04
N GLN G 125 22.07 62.36 -44.74
CA GLN G 125 23.32 61.89 -44.16
C GLN G 125 23.71 60.56 -44.77
N ALA G 126 22.75 59.68 -44.90
CA ALA G 126 23.03 58.33 -45.35
C ALA G 126 23.64 58.41 -46.73
N TYR G 127 23.09 59.28 -47.57
CA TYR G 127 23.61 59.48 -48.91
C TYR G 127 25.09 59.89 -48.87
N THR G 128 25.61 60.17 -47.67
CA THR G 128 27.00 60.58 -47.50
C THR G 128 27.92 59.39 -47.48
N GLN G 129 27.54 58.36 -46.74
CA GLN G 129 28.48 57.30 -46.46
C GLN G 129 28.18 56.04 -47.21
N HIS G 130 27.48 56.14 -48.32
CA HIS G 130 27.05 54.92 -49.02
C HIS G 130 27.56 54.69 -50.46
N GLY G 131 27.81 53.43 -50.78
CA GLY G 131 28.31 53.06 -52.08
C GLY G 131 27.60 53.78 -53.22
N GLY G 132 28.36 54.61 -53.93
CA GLY G 132 27.90 55.14 -55.19
C GLY G 132 26.73 56.09 -55.11
N VAL G 133 27.01 57.33 -54.77
CA VAL G 133 25.99 58.35 -54.76
C VAL G 133 26.49 59.63 -54.11
N ARG G 134 26.00 60.73 -54.65
CA ARG G 134 26.40 62.04 -54.19
C ARG G 134 25.41 62.61 -53.18
N PRO G 135 25.92 63.04 -52.00
CA PRO G 135 25.07 63.71 -51.02
C PRO G 135 24.39 64.87 -51.70
N PHE G 136 23.24 65.26 -51.19
CA PHE G 136 22.47 66.23 -51.92
C PHE G 136 23.13 67.59 -51.84
N GLY G 137 22.96 68.38 -52.90
CA GLY G 137 23.37 69.76 -52.91
C GLY G 137 22.28 70.69 -52.34
N VAL G 138 22.05 70.58 -51.04
CA VAL G 138 21.02 71.40 -50.44
C VAL G 138 21.05 71.58 -48.94
N SER G 139 20.73 72.81 -48.55
CA SER G 139 20.41 73.15 -47.18
C SER G 139 18.96 73.62 -47.12
N LEU G 140 18.27 73.14 -46.09
CA LEU G 140 16.86 73.44 -45.93
C LEU G 140 16.61 74.35 -44.75
N LEU G 141 15.55 75.13 -44.86
CA LEU G 141 15.02 75.85 -43.73
C LEU G 141 13.63 75.30 -43.47
N ILE G 142 13.47 74.66 -42.33
CA ILE G 142 12.19 74.03 -42.02
C ILE G 142 11.58 74.74 -40.82
N ALA G 143 10.29 75.06 -40.90
CA ALA G 143 9.60 75.75 -39.81
C ALA G 143 8.09 75.52 -39.79
N GLY G 144 7.48 75.71 -38.63
CA GLY G 144 6.03 75.55 -38.49
C GLY G 144 5.47 75.81 -37.10
N ILE G 145 4.48 75.02 -36.70
CA ILE G 145 3.91 75.17 -35.37
C ILE G 145 3.85 73.84 -34.66
N ASP G 146 4.95 73.48 -34.00
CA ASP G 146 5.00 72.25 -33.25
C ASP G 146 4.18 72.34 -31.97
N LYS G 147 2.84 72.34 -32.10
CA LYS G 147 1.93 72.47 -30.96
C LYS G 147 2.22 73.72 -30.09
N ASN G 148 1.76 74.90 -30.53
CA ASN G 148 1.96 76.16 -29.77
C ASN G 148 3.38 76.74 -29.83
N GLU G 149 4.32 75.85 -30.10
CA GLU G 149 5.73 76.18 -30.21
C GLU G 149 6.10 76.29 -31.68
N ALA G 150 6.40 77.51 -32.15
CA ALA G 150 6.86 77.66 -33.52
C ALA G 150 8.37 77.60 -33.55
N ARG G 151 8.93 76.73 -34.38
CA ARG G 151 10.36 76.55 -34.36
C ARG G 151 10.98 76.57 -35.74
N LEU G 152 12.30 76.75 -35.77
CA LEU G 152 13.07 76.86 -37.01
C LEU G 152 14.27 75.92 -36.99
N PHE G 153 14.55 75.30 -38.13
CA PHE G 153 15.68 74.37 -38.29
C PHE G 153 16.47 74.50 -39.61
N GLU G 154 17.78 74.30 -39.54
CA GLU G 154 18.62 74.32 -40.72
C GLU G 154 19.22 72.94 -40.97
N THR G 155 19.12 72.46 -42.21
CA THR G 155 19.69 71.17 -42.58
C THR G 155 20.93 71.36 -43.42
N ASP G 156 21.88 70.46 -43.30
CA ASP G 156 23.11 70.57 -44.08
C ASP G 156 23.28 69.25 -44.80
N PRO G 157 23.73 69.29 -46.06
CA PRO G 157 23.99 68.07 -46.84
C PRO G 157 24.77 66.97 -46.10
N SER G 158 24.57 66.83 -44.80
CA SER G 158 25.04 65.69 -44.03
C SER G 158 24.74 65.79 -42.52
N GLY G 159 23.46 65.77 -42.16
CA GLY G 159 23.04 65.94 -40.77
C GLY G 159 22.95 67.43 -40.43
N ALA G 160 22.10 67.78 -39.47
CA ALA G 160 21.97 69.18 -39.07
C ALA G 160 21.04 69.30 -37.89
N LEU G 161 21.62 69.20 -36.71
CA LEU G 161 20.91 69.37 -35.43
C LEU G 161 20.85 70.85 -35.00
N ILE G 162 20.64 71.76 -35.96
CA ILE G 162 20.65 73.20 -35.70
C ILE G 162 19.28 73.88 -35.72
N GLU G 163 18.77 74.17 -34.52
CA GLU G 163 17.55 74.95 -34.34
C GLU G 163 17.95 76.39 -34.04
N TYR G 164 17.81 77.24 -35.05
CA TYR G 164 18.08 78.65 -34.89
C TYR G 164 16.86 79.33 -34.37
N LYS G 165 17.06 80.56 -33.91
CA LYS G 165 15.96 81.43 -33.56
C LYS G 165 15.78 82.33 -34.79
N ALA G 166 16.70 82.20 -35.73
CA ALA G 166 16.65 82.87 -37.03
C ALA G 166 18.02 82.75 -37.68
N THR G 167 18.06 82.35 -38.95
CA THR G 167 19.31 82.19 -39.68
C THR G 167 19.13 82.37 -41.18
N ALA G 168 20.13 81.98 -41.94
CA ALA G 168 20.05 82.10 -43.39
C ALA G 168 21.04 81.20 -44.12
N ILE G 169 20.75 80.94 -45.38
CA ILE G 169 21.58 80.05 -46.16
C ILE G 169 21.67 80.50 -47.61
N GLY G 170 22.81 80.18 -48.24
CA GLY G 170 23.01 80.40 -49.66
C GLY G 170 24.01 81.48 -50.06
N SER G 171 23.64 82.24 -51.09
CA SER G 171 24.40 83.39 -51.58
C SER G 171 25.03 84.20 -50.46
N GLY G 172 24.27 85.16 -49.92
CA GLY G 172 24.80 86.05 -48.91
C GLY G 172 24.69 85.47 -47.51
N ARG G 173 25.20 84.26 -47.30
CA ARG G 173 25.18 83.67 -45.97
C ARG G 173 25.85 84.63 -45.01
N PRO G 174 27.19 84.77 -45.10
CA PRO G 174 27.84 85.61 -44.09
C PRO G 174 27.26 87.02 -44.09
N VAL G 175 26.64 87.44 -45.18
CA VAL G 175 26.11 88.80 -45.24
C VAL G 175 25.07 89.01 -44.16
N VAL G 176 24.03 88.18 -44.15
CA VAL G 176 22.97 88.35 -43.17
C VAL G 176 23.13 87.41 -41.96
N MET G 177 23.76 86.25 -42.18
CA MET G 177 24.04 85.26 -41.13
C MET G 177 24.88 85.95 -40.01
N GLU G 178 25.24 87.20 -40.27
CA GLU G 178 26.13 87.98 -39.41
C GLU G 178 25.61 89.41 -39.28
N LEU G 179 24.51 89.69 -39.97
CA LEU G 179 23.66 90.84 -39.68
C LEU G 179 22.67 90.39 -38.62
N LEU G 180 22.10 89.22 -38.83
CA LEU G 180 21.25 88.59 -37.83
C LEU G 180 22.02 88.50 -36.53
N GLU G 181 23.23 87.98 -36.61
CA GLU G 181 24.14 87.90 -35.48
C GLU G 181 23.96 88.93 -34.33
N LYS G 182 23.33 90.07 -34.59
CA LYS G 182 23.24 91.14 -33.58
C LYS G 182 21.83 91.51 -33.09
N GLU G 183 21.11 92.26 -33.91
CA GLU G 183 19.93 93.04 -33.48
C GLU G 183 18.68 92.21 -33.27
N TYR G 184 18.73 90.91 -33.56
CA TYR G 184 17.61 90.00 -33.30
C TYR G 184 17.34 89.92 -31.80
N ARG G 185 16.13 89.55 -31.41
CA ARG G 185 15.79 89.51 -29.98
C ARG G 185 14.84 88.38 -29.66
N ASP G 186 15.14 87.64 -28.59
CA ASP G 186 14.28 86.54 -28.17
C ASP G 186 12.94 87.13 -27.80
N ASP G 187 12.64 88.27 -28.40
CA ASP G 187 11.39 88.96 -28.22
C ASP G 187 10.72 89.34 -29.54
N ILE G 188 11.51 89.74 -30.54
CA ILE G 188 10.98 90.21 -31.82
C ILE G 188 9.65 89.59 -32.21
N THR G 189 8.70 90.43 -32.64
CA THR G 189 7.37 89.93 -33.03
C THR G 189 7.35 89.47 -34.48
N LEU G 190 6.15 89.22 -35.02
CA LEU G 190 6.02 88.87 -36.43
C LEU G 190 6.16 90.13 -37.30
N ASP G 191 5.28 91.09 -37.11
CA ASP G 191 5.43 92.33 -37.86
C ASP G 191 6.68 93.07 -37.40
N GLU G 192 7.39 92.49 -36.43
CA GLU G 192 8.68 93.03 -35.99
C GLU G 192 9.82 92.39 -36.77
N GLY G 193 9.65 91.12 -37.11
CA GLY G 193 10.59 90.44 -37.97
C GLY G 193 10.16 90.68 -39.41
N LEU G 194 8.94 91.17 -39.56
CA LEU G 194 8.42 91.60 -40.85
C LEU G 194 9.61 92.11 -41.66
N GLU G 195 10.09 93.29 -41.28
CA GLU G 195 11.19 93.96 -41.98
C GLU G 195 12.47 93.14 -41.88
N LEU G 196 12.67 92.48 -40.75
CA LEU G 196 13.92 91.76 -40.45
C LEU G 196 14.59 91.13 -41.67
N ALA G 197 13.95 90.12 -42.24
CA ALA G 197 14.51 89.41 -43.38
C ALA G 197 14.56 90.31 -44.61
N ILE G 198 13.54 91.15 -44.80
CA ILE G 198 13.48 92.04 -45.98
C ILE G 198 14.72 92.93 -46.04
N THR G 199 14.92 93.72 -44.98
CA THR G 199 16.12 94.51 -44.84
C THR G 199 17.35 93.62 -45.10
N ALA G 200 17.60 92.68 -44.20
CA ALA G 200 18.69 91.74 -44.37
C ALA G 200 18.89 91.35 -45.82
N LEU G 201 17.97 90.55 -46.32
CA LEU G 201 18.04 90.05 -47.68
C LEU G 201 18.52 91.15 -48.62
N THR G 202 17.95 92.33 -48.50
CA THR G 202 18.37 93.40 -49.36
C THR G 202 19.87 93.53 -49.23
N LYS G 203 20.36 93.50 -48.00
CA LYS G 203 21.79 93.67 -47.72
C LYS G 203 22.66 92.80 -48.61
N ALA G 204 22.19 91.58 -48.86
CA ALA G 204 22.95 90.66 -49.70
C ALA G 204 22.65 90.86 -51.18
N ASN G 205 21.47 91.39 -51.49
CA ASN G 205 21.15 91.74 -52.87
C ASN G 205 20.90 93.22 -53.05
N GLU G 206 21.97 93.92 -53.41
CA GLU G 206 21.83 95.27 -53.87
C GLU G 206 20.94 95.15 -55.12
N ASP G 207 19.74 95.70 -55.04
CA ASP G 207 18.81 95.74 -56.18
C ASP G 207 18.07 94.42 -56.39
N ILE G 208 17.05 94.20 -55.57
CA ILE G 208 16.24 92.99 -55.63
C ILE G 208 14.87 93.32 -56.15
N LYS G 209 14.46 92.74 -57.27
CA LYS G 209 13.10 92.95 -57.74
C LYS G 209 12.07 92.60 -56.65
N PRO G 210 11.12 93.50 -56.39
CA PRO G 210 10.10 93.09 -55.44
C PRO G 210 9.28 92.08 -56.21
N GLU G 211 9.11 90.87 -55.71
CA GLU G 211 8.54 89.75 -56.45
C GLU G 211 9.64 88.83 -56.93
N ASN G 212 10.86 89.31 -56.84
CA ASN G 212 11.98 88.42 -57.01
C ASN G 212 12.08 87.60 -55.72
N VAL G 213 11.17 87.90 -54.79
CA VAL G 213 11.25 87.37 -53.42
C VAL G 213 9.99 86.65 -52.98
N ASP G 214 10.14 85.68 -52.09
CA ASP G 214 8.96 84.96 -51.65
C ASP G 214 8.75 85.04 -50.14
N VAL G 215 7.48 85.02 -49.75
CA VAL G 215 7.10 85.20 -48.36
C VAL G 215 5.98 84.26 -47.94
N CYS G 216 6.26 83.45 -46.90
CA CYS G 216 5.32 82.45 -46.40
C CYS G 216 5.21 82.44 -44.88
N ILE G 217 4.08 82.90 -44.34
CA ILE G 217 3.92 83.16 -42.90
C ILE G 217 3.09 82.16 -42.12
N ILE G 218 3.74 81.49 -41.16
CA ILE G 218 3.06 80.50 -40.33
C ILE G 218 2.84 81.08 -38.93
N THR G 219 1.69 81.71 -38.70
CA THR G 219 1.38 82.26 -37.39
C THR G 219 1.08 81.10 -36.43
N VAL G 220 1.50 81.21 -35.19
CA VAL G 220 1.23 80.15 -34.23
C VAL G 220 -0.19 80.31 -33.74
N LYS G 221 -0.75 81.47 -34.06
CA LYS G 221 -2.06 81.87 -33.59
C LYS G 221 -3.14 81.18 -34.38
N ASP G 222 -2.78 80.08 -35.03
CA ASP G 222 -3.74 79.33 -35.83
C ASP G 222 -3.11 78.15 -36.57
N ALA G 223 -1.86 77.80 -36.24
CA ALA G 223 -1.17 76.69 -36.89
C ALA G 223 -1.47 76.73 -38.38
N GLN G 224 -1.35 77.91 -38.95
CA GLN G 224 -1.72 78.10 -40.34
C GLN G 224 -0.74 78.96 -41.16
N PHE G 225 -0.47 78.48 -42.38
CA PHE G 225 0.54 78.99 -43.30
C PHE G 225 -0.15 79.94 -44.29
N LYS G 226 0.43 81.12 -44.46
CA LYS G 226 -0.16 82.18 -45.29
C LYS G 226 0.86 82.85 -46.21
N LYS G 227 0.37 83.35 -47.34
CA LYS G 227 1.23 83.97 -48.34
C LYS G 227 1.23 85.48 -48.19
N ILE G 228 2.29 86.13 -48.71
CA ILE G 228 2.29 87.59 -48.89
C ILE G 228 2.32 87.97 -50.37
N PRO G 229 1.42 88.87 -50.76
CA PRO G 229 1.35 89.36 -52.15
C PRO G 229 2.49 90.32 -52.50
N VAL G 230 2.67 90.53 -53.81
CA VAL G 230 3.66 91.48 -54.36
C VAL G 230 3.19 92.91 -54.12
N GLU G 231 4.14 93.80 -53.80
CA GLU G 231 3.84 95.19 -53.46
C GLU G 231 3.75 95.39 -51.96
N GLU G 232 3.36 94.35 -51.24
CA GLU G 232 3.62 94.30 -49.82
C GLU G 232 5.12 94.13 -49.74
N ILE G 233 5.63 93.27 -50.61
CA ILE G 233 7.05 92.97 -50.77
C ILE G 233 7.86 94.25 -51.05
N LYS G 234 7.32 95.07 -51.93
CA LYS G 234 7.96 96.29 -52.35
C LYS G 234 7.77 97.38 -51.31
N LYS G 235 6.53 97.57 -50.86
CA LYS G 235 6.20 98.59 -49.87
C LYS G 235 6.88 98.40 -48.52
N LEU G 236 7.65 97.32 -48.38
CA LEU G 236 8.44 97.09 -47.17
C LEU G 236 9.90 96.93 -47.54
N ILE G 237 10.17 96.87 -48.84
CA ILE G 237 11.54 96.93 -49.33
C ILE G 237 11.84 98.40 -49.57
N GLU G 238 10.90 99.23 -49.18
CA GLU G 238 11.05 100.68 -49.27
C GLU G 238 11.81 101.22 -48.07
N LYS G 239 11.51 100.73 -46.87
CA LYS G 239 12.33 101.05 -45.70
C LYS G 239 13.71 100.41 -45.91
N VAL G 240 14.45 100.90 -46.90
CA VAL G 240 15.68 100.28 -47.34
C VAL G 240 16.67 101.35 -47.82
N LYS G 241 16.13 102.41 -48.38
CA LYS G 241 16.94 103.50 -48.92
C LYS G 241 17.46 104.39 -47.80
N LYS G 242 16.96 104.14 -46.59
CA LYS G 242 17.43 104.84 -45.40
C LYS G 242 18.42 103.97 -44.67
N LYS G 243 18.93 102.98 -45.39
CA LYS G 243 19.87 102.02 -44.80
C LYS G 243 21.21 102.13 -45.51
N LEU G 244 21.22 102.85 -46.62
CA LEU G 244 22.46 103.10 -47.35
C LEU G 244 22.98 104.51 -47.06
N ASN G 245 23.30 104.78 -45.79
CA ASN G 245 23.83 106.08 -45.37
C ASN G 245 24.86 105.95 -44.24
N GLU G 246 26.13 106.13 -44.57
CA GLU G 246 27.25 106.06 -43.61
C GLU G 246 27.25 104.78 -42.78
N GLU G 247 26.50 103.78 -43.23
CA GLU G 247 26.43 102.49 -42.54
C GLU G 247 27.04 101.39 -43.40
N THR H 2 -10.14 34.97 -18.98
CA THR H 2 -10.66 35.65 -20.14
C THR H 2 -11.84 36.52 -19.77
N THR H 3 -11.57 37.66 -19.17
CA THR H 3 -12.64 38.61 -18.90
C THR H 3 -12.09 39.92 -18.31
N THR H 4 -12.18 40.99 -19.09
CA THR H 4 -11.50 42.24 -18.77
C THR H 4 -12.44 43.44 -18.85
N VAL H 5 -12.15 44.48 -18.09
CA VAL H 5 -12.99 45.64 -18.08
C VAL H 5 -12.17 46.92 -18.14
N GLY H 6 -12.75 47.97 -18.70
CA GLY H 6 -12.16 49.30 -18.68
C GLY H 6 -13.23 50.38 -18.54
N LEU H 7 -12.93 51.49 -17.87
CA LEU H 7 -13.96 52.51 -17.63
C LEU H 7 -13.42 53.83 -17.10
N ILE H 8 -14.00 54.92 -17.59
CA ILE H 8 -13.57 56.25 -17.21
C ILE H 8 -14.46 56.80 -16.10
N CYS H 9 -13.83 57.04 -14.95
CA CYS H 9 -14.46 57.71 -13.82
C CYS H 9 -13.69 58.97 -13.45
N ASP H 10 -14.28 60.11 -13.75
CA ASP H 10 -13.68 61.39 -13.42
C ASP H 10 -12.24 61.41 -13.88
N ASP H 11 -11.36 61.46 -12.89
CA ASP H 11 -9.97 61.83 -13.05
C ASP H 11 -9.32 60.99 -14.14
N ALA H 12 -9.26 59.69 -13.90
CA ALA H 12 -8.49 58.80 -14.73
C ALA H 12 -9.29 57.56 -15.13
N VAL H 13 -8.58 56.46 -15.42
CA VAL H 13 -9.19 55.26 -15.98
C VAL H 13 -8.78 53.97 -15.26
N ILE H 14 -9.77 53.09 -15.04
CA ILE H 14 -9.52 51.84 -14.32
C ILE H 14 -9.41 50.63 -15.25
N LEU H 15 -8.65 49.63 -14.84
CA LEU H 15 -8.59 48.39 -15.59
C LEU H 15 -8.60 47.22 -14.63
N ALA H 16 -9.25 46.13 -15.03
CA ALA H 16 -9.28 44.91 -14.24
C ALA H 16 -9.40 43.67 -15.09
N THR H 17 -8.93 42.55 -14.57
CA THR H 17 -8.91 41.33 -15.34
C THR H 17 -9.37 40.15 -14.53
N ASP H 18 -9.01 38.96 -14.98
CA ASP H 18 -9.22 37.76 -14.20
C ASP H 18 -8.06 36.83 -14.46
N LYS H 19 -7.36 36.45 -13.40
CA LYS H 19 -6.13 35.70 -13.55
C LYS H 19 -6.42 34.24 -13.93
N ARG H 20 -7.46 34.02 -14.73
CA ARG H 20 -7.84 32.66 -15.08
C ARG H 20 -7.49 32.23 -16.49
N ALA H 21 -6.62 31.22 -16.57
CA ALA H 21 -6.24 30.62 -17.84
C ALA H 21 -7.10 29.41 -18.09
N SER H 22 -7.55 29.27 -19.31
CA SER H 22 -8.50 28.25 -19.61
C SER H 22 -8.00 27.44 -20.79
N LEU H 23 -7.65 26.18 -20.55
CA LEU H 23 -7.17 25.30 -21.61
C LEU H 23 -8.20 24.24 -22.00
N GLY H 24 -9.11 24.62 -22.87
CA GLY H 24 -10.26 23.78 -23.13
C GLY H 24 -10.90 23.46 -21.80
N ASN H 25 -11.08 22.18 -21.54
CA ASN H 25 -11.68 21.64 -20.31
C ASN H 25 -10.94 22.05 -19.02
N LEU H 26 -9.61 21.96 -19.06
CA LEU H 26 -8.77 22.14 -17.87
C LEU H 26 -8.56 23.59 -17.54
N VAL H 27 -8.46 23.89 -16.26
CA VAL H 27 -8.02 25.22 -15.83
C VAL H 27 -6.51 25.18 -15.72
N ALA H 28 -5.86 25.93 -16.58
CA ALA H 28 -4.44 25.75 -16.81
C ALA H 28 -3.62 26.57 -15.87
N ASP H 29 -4.08 27.78 -15.58
CA ASP H 29 -3.27 28.69 -14.77
C ASP H 29 -4.08 29.34 -13.68
N LYS H 30 -3.78 28.97 -12.45
CA LYS H 30 -4.46 29.51 -11.29
C LYS H 30 -4.22 31.02 -11.26
N GLU H 31 -3.30 31.51 -12.08
CA GLU H 31 -2.88 32.92 -12.00
C GLU H 31 -2.20 33.53 -13.24
N ALA H 32 -2.98 33.84 -14.26
CA ALA H 32 -2.41 34.42 -15.47
C ALA H 32 -2.55 35.93 -15.50
N LYS H 33 -1.48 36.61 -15.88
CA LYS H 33 -1.52 38.05 -16.05
C LYS H 33 -2.28 38.41 -17.32
N LYS H 34 -3.21 39.33 -17.17
CA LYS H 34 -4.03 39.77 -18.27
C LYS H 34 -4.06 41.29 -18.32
N LEU H 35 -3.20 41.91 -17.51
CA LEU H 35 -3.09 43.38 -17.38
C LEU H 35 -1.65 43.92 -17.41
N TYR H 36 -1.31 44.65 -18.48
CA TYR H 36 0.06 45.08 -18.72
C TYR H 36 0.18 46.58 -18.86
N LYS H 37 1.24 47.12 -18.24
CA LYS H 37 1.62 48.52 -18.34
C LYS H 37 2.81 48.60 -19.31
N ILE H 38 2.62 49.31 -20.42
CA ILE H 38 3.68 49.41 -21.43
C ILE H 38 4.51 50.66 -21.22
N ASP H 39 3.82 51.77 -20.93
CA ASP H 39 4.46 53.07 -20.72
C ASP H 39 3.95 53.77 -19.47
N ASP H 40 4.81 54.59 -18.89
CA ASP H 40 4.61 55.14 -17.58
C ASP H 40 3.29 55.91 -17.46
N TYR H 41 2.65 56.14 -18.60
CA TYR H 41 1.35 56.80 -18.60
C TYR H 41 0.24 56.02 -19.29
N ILE H 42 0.53 54.78 -19.70
CA ILE H 42 -0.48 53.98 -20.38
C ILE H 42 -0.44 52.48 -19.98
N ALA H 43 -1.60 51.83 -19.94
CA ALA H 43 -1.70 50.42 -19.60
C ALA H 43 -2.82 49.72 -20.38
N MET H 44 -2.71 48.40 -20.56
CA MET H 44 -3.60 47.64 -21.44
C MET H 44 -3.97 46.28 -20.86
N THR H 45 -5.01 45.64 -21.43
CA THR H 45 -5.50 44.32 -21.02
C THR H 45 -5.61 43.36 -22.20
N ILE H 46 -5.02 42.19 -22.07
CA ILE H 46 -5.05 41.19 -23.16
C ILE H 46 -6.16 40.16 -22.98
N ALA H 47 -7.02 40.02 -23.98
CA ALA H 47 -8.12 39.08 -23.86
C ALA H 47 -8.12 38.16 -25.04
N GLY H 48 -7.97 36.86 -24.79
CA GLY H 48 -8.09 35.87 -25.86
C GLY H 48 -6.92 34.93 -26.09
N SER H 49 -6.37 34.96 -27.30
CA SER H 49 -5.29 34.06 -27.67
C SER H 49 -3.94 34.42 -27.03
N VAL H 50 -3.59 33.78 -25.93
CA VAL H 50 -2.37 34.15 -25.18
C VAL H 50 -1.12 34.37 -26.01
N GLY H 51 -0.46 33.29 -26.43
CA GLY H 51 0.78 33.40 -27.19
C GLY H 51 0.77 34.41 -28.31
N ASP H 52 -0.42 34.82 -28.73
CA ASP H 52 -0.57 35.89 -29.71
C ASP H 52 -0.57 37.24 -29.03
N ALA H 53 -1.39 37.42 -28.00
CA ALA H 53 -1.40 38.66 -27.24
C ALA H 53 -0.03 38.86 -26.59
N GLN H 54 0.39 37.87 -25.81
CA GLN H 54 1.75 37.80 -25.29
C GLN H 54 2.73 38.62 -26.12
N ALA H 55 2.95 38.22 -27.35
CA ALA H 55 3.84 38.97 -28.23
C ALA H 55 3.36 40.42 -28.40
N ILE H 56 2.14 40.64 -28.87
CA ILE H 56 1.64 42.01 -29.11
C ILE H 56 1.94 42.96 -27.98
N VAL H 57 2.15 42.44 -26.78
CA VAL H 57 2.58 43.25 -25.66
C VAL H 57 4.01 43.63 -25.88
N ARG H 58 4.90 42.65 -25.76
CA ARG H 58 6.32 42.87 -25.97
C ARG H 58 6.63 43.63 -27.27
N LEU H 59 6.07 43.15 -28.38
CA LEU H 59 6.29 43.73 -29.72
C LEU H 59 5.59 45.08 -29.79
N LEU H 60 5.40 45.69 -28.63
CA LEU H 60 4.76 46.98 -28.50
C LEU H 60 5.50 47.78 -27.45
N ILE H 61 5.47 47.35 -26.19
CA ILE H 61 6.15 48.11 -25.15
C ILE H 61 7.47 48.65 -25.68
N ALA H 62 8.21 47.82 -26.41
CA ALA H 62 9.48 48.28 -26.93
C ALA H 62 9.25 49.45 -27.88
N GLU H 63 8.23 49.36 -28.72
CA GLU H 63 7.92 50.47 -29.63
C GLU H 63 7.57 51.72 -28.87
N ALA H 64 7.22 51.57 -27.60
CA ALA H 64 6.86 52.70 -26.78
C ALA H 64 8.13 53.33 -26.20
N LYS H 65 8.71 52.62 -25.23
CA LYS H 65 9.99 53.02 -24.66
C LYS H 65 11.01 53.06 -25.79
N LEU H 66 10.65 53.80 -26.83
CA LEU H 66 11.46 54.03 -28.00
C LEU H 66 10.99 55.37 -28.50
N TYR H 67 9.77 55.39 -29.01
CA TYR H 67 9.08 56.63 -29.29
C TYR H 67 9.41 57.57 -28.14
N LYS H 68 9.14 57.12 -26.93
CA LYS H 68 9.45 57.89 -25.75
C LYS H 68 10.81 58.58 -25.91
N MET H 69 11.85 57.79 -26.00
CA MET H 69 13.19 58.33 -26.05
C MET H 69 13.41 59.21 -27.27
N ARG H 70 13.11 58.70 -28.46
CA ARG H 70 13.40 59.42 -29.69
C ARG H 70 12.84 60.85 -29.74
N THR H 71 11.83 61.13 -28.92
CA THR H 71 11.18 62.44 -28.96
C THR H 71 10.51 62.86 -27.65
N GLY H 72 11.19 62.64 -26.53
CA GLY H 72 10.67 63.08 -25.25
C GLY H 72 9.27 62.56 -24.96
N ARG H 73 8.24 63.32 -25.31
CA ARG H 73 6.85 62.97 -25.04
C ARG H 73 6.57 61.46 -24.87
N ASN H 74 5.99 61.07 -23.75
CA ASN H 74 5.61 59.67 -23.56
C ASN H 74 4.51 59.30 -24.54
N ILE H 75 4.86 58.52 -25.56
CA ILE H 75 3.90 58.10 -26.59
C ILE H 75 2.48 58.40 -26.18
N PRO H 76 1.88 59.46 -26.76
CA PRO H 76 0.49 59.77 -26.44
C PRO H 76 -0.43 58.56 -26.72
N PRO H 77 -1.34 58.23 -25.78
CA PRO H 77 -2.19 57.04 -25.87
C PRO H 77 -2.86 56.87 -27.23
N LEU H 78 -3.78 57.76 -27.61
CA LEU H 78 -4.50 57.65 -28.87
C LEU H 78 -3.61 57.64 -30.10
N ALA H 79 -2.31 57.45 -29.88
CA ALA H 79 -1.32 57.44 -30.96
C ALA H 79 -0.57 56.14 -30.92
N CYS H 80 -0.22 55.71 -29.73
CA CYS H 80 0.16 54.32 -29.53
C CYS H 80 -0.94 53.42 -30.06
N ALA H 81 -2.16 53.65 -29.58
CA ALA H 81 -3.30 52.84 -29.98
C ALA H 81 -3.31 52.65 -31.49
N THR H 82 -3.31 53.76 -32.22
CA THR H 82 -3.43 53.67 -33.66
C THR H 82 -2.22 52.99 -34.23
N LEU H 83 -1.32 52.55 -33.37
CA LEU H 83 -0.36 51.57 -33.82
C LEU H 83 -1.05 50.23 -33.90
N LEU H 84 -1.62 49.79 -32.79
CA LEU H 84 -2.32 48.52 -32.74
C LEU H 84 -3.34 48.38 -33.84
N SER H 85 -4.09 49.44 -34.12
CA SER H 85 -4.99 49.39 -35.27
C SER H 85 -4.21 49.04 -36.55
N ASN H 86 -2.98 49.54 -36.67
CA ASN H 86 -2.13 49.25 -37.83
C ASN H 86 -1.32 47.96 -37.66
N ILE H 87 -0.83 47.73 -36.45
CA ILE H 87 -0.09 46.52 -36.17
C ILE H 87 -1.00 45.32 -36.32
N LEU H 88 -2.24 45.45 -35.86
CA LEU H 88 -3.19 44.38 -36.06
C LEU H 88 -3.45 44.22 -37.52
N HIS H 89 -4.00 45.27 -38.14
CA HIS H 89 -4.43 45.21 -39.54
C HIS H 89 -3.34 44.74 -40.50
N SER H 90 -2.09 44.76 -40.06
CA SER H 90 -1.04 44.24 -40.89
C SER H 90 -1.27 42.75 -41.10
N SER H 91 -1.70 42.06 -40.05
CA SER H 91 -1.94 40.65 -40.18
C SER H 91 -3.38 40.35 -40.51
N ARG H 92 -4.03 41.25 -41.22
CA ARG H 92 -5.39 40.97 -41.63
C ARG H 92 -5.29 39.88 -42.67
N MET H 93 -4.52 40.17 -43.72
CA MET H 93 -4.22 39.24 -44.82
C MET H 93 -3.68 37.95 -44.21
N PHE H 94 -3.24 38.10 -42.97
CA PHE H 94 -2.54 37.08 -42.21
C PHE H 94 -3.49 36.58 -41.12
N PRO H 95 -3.10 35.48 -40.49
CA PRO H 95 -3.77 34.97 -39.31
C PRO H 95 -3.48 35.69 -38.00
N PHE H 96 -3.76 36.96 -37.84
CA PHE H 96 -3.61 37.44 -36.47
C PHE H 96 -4.93 37.31 -35.76
N LEU H 97 -4.96 37.72 -34.48
CA LEU H 97 -6.16 37.68 -33.63
C LEU H 97 -5.93 38.16 -32.20
N THR H 98 -6.99 38.71 -31.60
CA THR H 98 -7.13 38.90 -30.14
C THR H 98 -7.83 40.19 -29.71
N GLN H 99 -8.34 40.19 -28.48
CA GLN H 99 -8.96 41.36 -27.93
C GLN H 99 -7.90 42.29 -27.35
N ILE H 100 -8.33 43.38 -26.72
CA ILE H 100 -7.43 44.36 -26.08
C ILE H 100 -8.07 45.70 -25.66
N ILE H 101 -7.62 46.21 -24.52
CA ILE H 101 -8.02 47.51 -24.01
C ILE H 101 -6.80 48.35 -23.66
N ILE H 102 -6.70 49.55 -24.18
CA ILE H 102 -5.63 50.45 -23.76
C ILE H 102 -6.16 51.75 -23.19
N GLY H 103 -5.64 52.11 -22.02
CA GLY H 103 -6.12 53.26 -21.30
C GLY H 103 -4.99 53.95 -20.59
N GLY H 104 -4.75 55.21 -20.95
CA GLY H 104 -3.68 55.98 -20.36
C GLY H 104 -4.08 57.43 -20.15
N TYR H 105 -3.11 58.19 -19.63
CA TYR H 105 -3.29 59.64 -19.42
C TYR H 105 -2.44 60.43 -20.39
N ASP H 106 -3.11 61.03 -21.37
CA ASP H 106 -2.40 61.79 -22.37
C ASP H 106 -1.80 62.98 -21.69
N LEU H 107 -0.51 63.16 -21.91
CA LEU H 107 0.19 64.32 -21.42
C LEU H 107 -0.80 65.42 -21.10
N LEU H 108 -1.61 65.80 -22.09
CA LEU H 108 -2.55 66.89 -21.87
C LEU H 108 -4.01 66.52 -22.07
N GLU H 109 -4.31 65.72 -23.09
CA GLU H 109 -5.69 65.45 -23.45
C GLU H 109 -6.44 64.82 -22.31
N GLY H 110 -5.70 64.25 -21.38
CA GLY H 110 -6.29 63.77 -20.16
C GLY H 110 -6.41 62.28 -20.12
N ALA H 111 -7.60 61.80 -19.80
CA ALA H 111 -7.81 60.38 -19.70
C ALA H 111 -8.43 59.84 -20.99
N LYS H 112 -7.98 58.65 -21.39
CA LYS H 112 -8.42 58.03 -22.63
C LYS H 112 -8.66 56.51 -22.47
N LEU H 113 -9.66 55.98 -23.18
CA LEU H 113 -9.94 54.56 -23.09
C LEU H 113 -10.29 53.97 -24.45
N PHE H 114 -9.51 52.99 -24.90
CA PHE H 114 -9.63 52.45 -26.26
C PHE H 114 -9.85 50.94 -26.40
N SER H 115 -10.91 50.58 -27.14
CA SER H 115 -11.28 49.19 -27.43
C SER H 115 -10.54 48.70 -28.68
N LEU H 116 -10.44 47.39 -28.87
CA LEU H 116 -9.59 46.87 -29.93
C LEU H 116 -9.86 45.41 -30.35
N ASP H 117 -10.32 45.20 -31.59
CA ASP H 117 -10.56 43.85 -32.08
C ASP H 117 -9.37 43.32 -32.89
N PRO H 118 -9.29 41.99 -33.09
CA PRO H 118 -8.14 41.23 -33.61
C PRO H 118 -7.79 41.52 -35.06
N LEU H 119 -8.67 42.27 -35.72
CA LEU H 119 -8.44 42.75 -37.06
C LEU H 119 -7.72 44.10 -36.95
N GLY H 120 -8.38 45.09 -36.39
CA GLY H 120 -7.73 46.37 -36.18
C GLY H 120 -8.76 47.39 -35.78
N GLY H 121 -10.01 47.02 -35.94
CA GLY H 121 -11.08 47.91 -35.57
C GLY H 121 -10.73 48.55 -34.26
N MET H 122 -10.76 49.88 -34.24
CA MET H 122 -10.51 50.59 -33.00
C MET H 122 -11.65 51.53 -32.66
N ASN H 123 -11.88 51.75 -31.37
CA ASN H 123 -12.86 52.75 -30.98
C ASN H 123 -12.59 53.33 -29.60
N GLU H 124 -12.60 54.66 -29.51
CA GLU H 124 -12.52 55.31 -28.22
C GLU H 124 -13.82 55.08 -27.47
N GLU H 125 -13.70 54.67 -26.21
CA GLU H 125 -14.85 54.58 -25.32
C GLU H 125 -14.82 55.75 -24.33
N LYS H 126 -15.87 56.55 -24.34
CA LYS H 126 -15.95 57.74 -23.50
C LYS H 126 -16.51 57.37 -22.14
N THR H 127 -17.25 56.26 -22.11
CA THR H 127 -17.88 55.78 -20.89
C THR H 127 -17.13 54.59 -20.29
N PHE H 128 -17.44 53.39 -20.76
CA PHE H 128 -16.85 52.17 -20.23
C PHE H 128 -16.95 51.09 -21.27
N THR H 129 -16.02 50.14 -21.24
CA THR H 129 -16.10 48.99 -22.12
C THR H 129 -15.38 47.80 -21.51
N ALA H 130 -15.78 46.61 -21.93
CA ALA H 130 -15.19 45.41 -21.40
C ALA H 130 -15.05 44.41 -22.51
N THR H 131 -14.26 43.39 -22.26
CA THR H 131 -14.07 42.37 -23.24
C THR H 131 -13.66 41.10 -22.53
N GLY H 132 -14.01 39.95 -23.12
CA GLY H 132 -13.51 38.68 -22.62
C GLY H 132 -14.53 37.56 -22.68
N SER H 133 -14.05 36.34 -22.91
CA SER H 133 -14.94 35.20 -22.90
C SER H 133 -16.17 35.56 -22.09
N GLY H 134 -16.00 35.74 -20.79
CA GLY H 134 -17.10 36.19 -19.98
C GLY H 134 -17.18 37.70 -19.97
N SER H 135 -17.44 38.30 -21.13
CA SER H 135 -17.56 39.75 -21.18
C SER H 135 -19.00 40.24 -20.98
N PRO H 136 -19.94 39.72 -21.79
CA PRO H 136 -21.31 40.24 -21.72
C PRO H 136 -21.93 40.11 -20.33
N ILE H 137 -21.35 39.28 -19.46
CA ILE H 137 -21.82 39.26 -18.09
C ILE H 137 -21.39 40.55 -17.47
N ALA H 138 -20.08 40.74 -17.40
CA ALA H 138 -19.49 41.94 -16.84
C ALA H 138 -20.22 43.16 -17.36
N TYR H 139 -20.50 43.17 -18.65
CA TYR H 139 -21.20 44.27 -19.30
C TYR H 139 -22.54 44.63 -18.65
N GLY H 140 -23.26 43.63 -18.17
CA GLY H 140 -24.53 43.90 -17.53
C GLY H 140 -24.39 44.74 -16.27
N VAL H 141 -23.30 44.51 -15.54
CA VAL H 141 -22.99 45.21 -14.29
C VAL H 141 -22.87 46.69 -14.57
N LEU H 142 -21.95 47.01 -15.47
CA LEU H 142 -21.70 48.39 -15.86
C LEU H 142 -22.96 49.08 -16.38
N GLU H 143 -23.48 48.66 -17.52
CA GLU H 143 -24.58 49.35 -18.19
C GLU H 143 -25.71 49.85 -17.25
N ALA H 144 -25.76 49.32 -16.03
CA ALA H 144 -26.79 49.66 -15.05
C ALA H 144 -26.20 49.91 -13.67
N GLY H 145 -25.01 50.47 -13.65
CA GLY H 145 -24.30 50.76 -12.43
C GLY H 145 -23.16 51.69 -12.75
N TYR H 146 -23.40 52.57 -13.72
CA TYR H 146 -22.40 53.53 -14.16
C TYR H 146 -22.99 54.91 -14.42
N ASP H 147 -22.40 55.95 -13.81
CA ASP H 147 -22.83 57.33 -14.02
C ASP H 147 -21.67 58.15 -14.54
N ARG H 148 -21.98 59.27 -15.21
CA ARG H 148 -20.93 60.10 -15.80
C ARG H 148 -19.78 60.27 -14.82
N ASP H 149 -20.13 60.61 -13.60
CA ASP H 149 -19.20 61.11 -12.63
C ASP H 149 -19.21 60.25 -11.38
N MET H 150 -18.57 59.11 -11.44
CA MET H 150 -18.54 58.26 -10.28
C MET H 150 -17.13 58.19 -9.77
N SER H 151 -16.99 58.51 -8.49
CA SER H 151 -15.69 58.69 -7.86
C SER H 151 -14.61 57.71 -8.27
N VAL H 152 -13.37 58.12 -7.98
CA VAL H 152 -12.22 57.23 -8.03
C VAL H 152 -12.55 55.95 -7.28
N GLU H 153 -13.35 56.06 -6.24
CA GLU H 153 -13.74 54.88 -5.50
C GLU H 153 -14.86 54.17 -6.22
N GLU H 154 -16.00 54.85 -6.36
CA GLU H 154 -17.21 54.27 -6.96
C GLU H 154 -16.91 53.58 -8.32
N GLY H 155 -15.77 53.93 -8.91
CA GLY H 155 -15.28 53.30 -10.09
C GLY H 155 -14.65 51.96 -9.81
N ILE H 156 -13.60 51.91 -8.99
CA ILE H 156 -12.95 50.63 -8.70
C ILE H 156 -13.82 49.69 -7.91
N LYS H 157 -14.96 50.18 -7.42
CA LYS H 157 -15.95 49.31 -6.79
C LYS H 157 -16.72 48.53 -7.86
N LEU H 158 -17.42 49.30 -8.71
CA LEU H 158 -18.13 48.77 -9.86
C LEU H 158 -17.25 47.88 -10.69
N ALA H 159 -15.97 48.24 -10.76
CA ALA H 159 -15.04 47.48 -11.57
C ALA H 159 -15.00 46.07 -11.03
N LEU H 160 -14.75 45.96 -9.74
CA LEU H 160 -14.72 44.65 -9.13
C LEU H 160 -16.03 43.91 -9.44
N ASN H 161 -17.15 44.47 -8.98
CA ASN H 161 -18.47 43.86 -9.16
C ASN H 161 -18.86 43.42 -10.58
N ALA H 162 -18.18 43.94 -11.59
CA ALA H 162 -18.36 43.42 -12.92
C ALA H 162 -17.71 42.05 -12.92
N LEU H 163 -16.48 41.98 -12.47
CA LEU H 163 -15.77 40.70 -12.42
C LEU H 163 -16.39 39.68 -11.46
N LYS H 164 -16.88 40.16 -10.32
CA LYS H 164 -17.54 39.29 -9.34
C LYS H 164 -18.65 38.50 -9.99
N SER H 165 -19.49 39.19 -10.75
CA SER H 165 -20.52 38.54 -11.55
C SER H 165 -19.89 37.59 -12.55
N ALA H 166 -19.35 38.15 -13.62
CA ALA H 166 -18.70 37.36 -14.65
C ALA H 166 -18.03 36.10 -14.08
N MET H 167 -17.09 36.29 -13.17
CA MET H 167 -16.24 35.21 -12.69
C MET H 167 -17.01 34.01 -12.13
N GLU H 168 -18.22 34.25 -11.70
CA GLU H 168 -19.02 33.19 -11.16
C GLU H 168 -20.28 33.07 -11.98
N ARG H 169 -20.13 33.26 -13.27
CA ARG H 169 -21.18 33.00 -14.23
C ARG H 169 -20.51 32.94 -15.58
N ASP H 170 -19.29 32.44 -15.59
CA ASP H 170 -18.66 32.08 -16.84
C ASP H 170 -17.74 30.92 -16.58
N THR H 171 -17.86 29.92 -17.43
CA THR H 171 -17.04 28.71 -17.29
C THR H 171 -15.56 28.98 -17.52
N PHE H 172 -15.21 30.14 -18.06
CA PHE H 172 -13.82 30.34 -18.47
C PHE H 172 -13.06 31.45 -17.75
N SER H 173 -13.79 32.32 -17.08
CA SER H 173 -13.18 33.35 -16.26
C SER H 173 -13.27 32.95 -14.80
N GLY H 174 -12.74 33.79 -13.91
CA GLY H 174 -13.04 33.65 -12.51
C GLY H 174 -12.07 32.95 -11.59
N ASN H 175 -10.78 32.95 -11.92
CA ASN H 175 -9.79 32.46 -10.98
C ASN H 175 -8.86 33.60 -10.58
N GLY H 176 -9.10 34.21 -9.43
CA GLY H 176 -8.30 35.35 -9.01
C GLY H 176 -8.58 36.60 -9.82
N ILE H 177 -8.07 37.75 -9.36
CA ILE H 177 -8.37 39.02 -10.02
C ILE H 177 -7.22 40.04 -9.83
N SER H 178 -6.93 40.80 -10.89
CA SER H 178 -5.87 41.82 -10.85
C SER H 178 -6.39 43.19 -11.30
N LEU H 179 -5.91 44.25 -10.65
CA LEU H 179 -6.46 45.59 -10.83
C LEU H 179 -5.35 46.62 -10.85
N ALA H 180 -5.43 47.56 -11.79
CA ALA H 180 -4.52 48.69 -11.79
C ALA H 180 -5.22 49.93 -12.27
N VAL H 181 -4.78 51.07 -11.75
CA VAL H 181 -5.32 52.37 -12.18
C VAL H 181 -4.25 53.33 -12.65
N ILE H 182 -4.43 53.76 -13.89
CA ILE H 182 -3.60 54.77 -14.53
C ILE H 182 -4.21 56.14 -14.20
N THR H 183 -3.37 57.06 -13.71
CA THR H 183 -3.79 58.43 -13.44
C THR H 183 -2.65 59.37 -13.76
N LYS H 184 -2.96 60.60 -14.14
CA LYS H 184 -1.92 61.53 -14.54
C LYS H 184 -0.56 61.05 -14.06
N ASP H 185 -0.34 61.12 -12.75
CA ASP H 185 1.00 60.90 -12.20
C ASP H 185 1.56 59.48 -12.36
N GLY H 186 0.71 58.49 -12.58
CA GLY H 186 1.22 57.14 -12.77
C GLY H 186 0.25 55.99 -13.02
N VAL H 187 0.68 54.78 -12.68
CA VAL H 187 -0.06 53.58 -12.94
C VAL H 187 0.11 52.65 -11.77
N LYS H 188 -0.99 52.26 -11.12
CA LYS H 188 -0.85 51.37 -9.97
C LYS H 188 -1.34 49.94 -10.18
N ILE H 189 -0.39 49.00 -10.29
CA ILE H 189 -0.64 47.57 -10.34
C ILE H 189 -0.87 47.05 -8.93
N PHE H 190 -2.11 46.82 -8.55
CA PHE H 190 -2.38 46.43 -7.18
C PHE H 190 -1.85 45.05 -6.82
N GLU H 191 -1.06 44.96 -5.75
CA GLU H 191 -0.56 43.66 -5.28
C GLU H 191 -1.66 42.89 -4.59
N ASP H 192 -2.05 41.76 -5.16
CA ASP H 192 -3.23 41.00 -4.73
C ASP H 192 -3.78 41.44 -3.35
N GLU H 193 -3.06 41.09 -2.29
CA GLU H 193 -3.51 41.32 -0.91
C GLU H 193 -4.36 42.56 -0.72
N GLU H 194 -3.77 43.72 -1.02
CA GLU H 194 -4.48 44.95 -0.82
C GLU H 194 -5.78 44.99 -1.61
N ILE H 195 -5.75 44.51 -2.86
CA ILE H 195 -6.96 44.56 -3.66
C ILE H 195 -8.07 44.13 -2.74
N GLU H 196 -8.09 42.83 -2.49
CA GLU H 196 -9.06 42.15 -1.63
C GLU H 196 -9.73 43.05 -0.61
N LYS H 197 -8.98 43.99 -0.04
CA LYS H 197 -9.51 44.89 0.98
C LYS H 197 -10.90 45.39 0.64
N ILE H 198 -11.13 45.64 -0.65
CA ILE H 198 -12.33 46.33 -1.09
C ILE H 198 -13.63 45.52 -0.96
N LEU H 199 -13.71 44.34 -1.59
CA LEU H 199 -14.93 43.53 -1.50
C LEU H 199 -15.23 43.04 -0.07
N ASP H 200 -14.28 43.29 0.83
CA ASP H 200 -14.50 43.10 2.26
C ASP H 200 -15.28 44.30 2.80
N SER H 201 -14.76 45.49 2.52
CA SER H 201 -15.43 46.72 2.89
C SER H 201 -16.76 46.89 2.14
N MET H 202 -17.00 46.04 1.14
CA MET H 202 -18.28 46.00 0.43
C MET H 202 -19.24 44.98 1.06
N LYS H 203 -20.13 44.45 0.24
CA LYS H 203 -21.06 43.44 0.70
C LYS H 203 -20.43 42.06 0.51
N THR I 2 4.07 11.24 -21.84
CA THR I 2 3.62 12.63 -21.92
C THR I 2 2.81 12.98 -20.69
N THR I 3 3.51 13.18 -19.60
CA THR I 3 2.91 13.75 -18.40
C THR I 3 4.05 14.24 -17.48
N THR I 4 4.22 15.57 -17.44
CA THR I 4 5.28 16.21 -16.67
C THR I 4 4.73 17.10 -15.56
N VAL I 5 5.56 17.35 -14.55
CA VAL I 5 5.19 18.18 -13.40
C VAL I 5 6.30 19.15 -13.03
N GLY I 6 5.92 20.31 -12.49
CA GLY I 6 6.86 21.27 -11.95
C GLY I 6 6.23 22.00 -10.77
N LEU I 7 7.01 22.25 -9.74
CA LEU I 7 6.46 22.89 -8.54
C LEU I 7 7.58 23.49 -7.68
N ILE I 8 7.27 24.59 -6.99
CA ILE I 8 8.28 25.30 -6.18
C ILE I 8 8.16 25.01 -4.66
N CYS I 9 9.09 24.21 -4.15
CA CYS I 9 9.09 23.81 -2.75
C CYS I 9 10.26 24.44 -2.02
N ASP I 10 10.01 25.60 -1.46
CA ASP I 10 11.06 26.28 -0.73
C ASP I 10 12.23 26.65 -1.62
N ASP I 11 13.38 26.08 -1.28
CA ASP I 11 14.68 26.53 -1.78
C ASP I 11 14.60 26.74 -3.27
N ALA I 12 14.25 25.66 -3.97
CA ALA I 12 14.38 25.60 -5.40
C ALA I 12 13.15 25.01 -6.05
N VAL I 13 13.38 24.23 -7.09
CA VAL I 13 12.30 23.74 -7.94
C VAL I 13 12.55 22.28 -8.37
N ILE I 14 11.46 21.52 -8.48
CA ILE I 14 11.47 20.11 -8.92
C ILE I 14 10.82 19.92 -10.29
N LEU I 15 11.37 18.98 -11.05
CA LEU I 15 10.76 18.53 -12.30
C LEU I 15 10.71 16.97 -12.39
N ALA I 16 9.62 16.41 -12.93
CA ALA I 16 9.49 14.95 -13.11
C ALA I 16 8.66 14.58 -14.34
N THR I 17 8.98 13.47 -14.98
CA THR I 17 8.32 13.13 -16.24
C THR I 17 7.74 11.73 -16.26
N ASP I 18 7.53 11.19 -17.45
CA ASP I 18 7.20 9.79 -17.60
C ASP I 18 7.91 9.28 -18.81
N LYS I 19 8.73 8.25 -18.64
CA LYS I 19 9.53 7.76 -19.75
C LYS I 19 8.71 7.04 -20.82
N ARG I 20 7.41 7.35 -20.93
CA ARG I 20 6.54 6.58 -21.83
C ARG I 20 6.15 7.26 -23.16
N ALA I 21 6.63 6.68 -24.26
CA ALA I 21 6.33 7.20 -25.59
C ALA I 21 5.11 6.48 -26.15
N SER I 22 4.36 7.15 -27.00
CA SER I 22 3.03 6.68 -27.36
C SER I 22 2.67 6.79 -28.86
N LEU I 23 3.04 5.78 -29.64
CA LEU I 23 2.76 5.83 -31.08
C LEU I 23 1.34 5.39 -31.42
N GLY I 24 0.39 6.26 -31.13
CA GLY I 24 -1.01 5.91 -31.26
C GLY I 24 -1.35 4.79 -30.30
N ASN I 25 -1.85 3.69 -30.86
CA ASN I 25 -2.19 2.49 -30.11
C ASN I 25 -0.95 1.86 -29.45
N LEU I 26 0.15 1.82 -30.18
CA LEU I 26 1.35 1.13 -29.75
C LEU I 26 2.13 1.95 -28.74
N VAL I 27 2.77 1.27 -27.81
CA VAL I 27 3.69 1.91 -26.89
C VAL I 27 5.06 1.69 -27.46
N ALA I 28 5.64 2.76 -28.01
CA ALA I 28 6.80 2.66 -28.88
C ALA I 28 8.17 2.75 -28.21
N ASP I 29 8.24 3.44 -27.08
CA ASP I 29 9.51 3.59 -26.36
C ASP I 29 9.33 3.28 -24.88
N LYS I 30 9.97 2.21 -24.43
CA LYS I 30 9.85 1.78 -23.06
C LYS I 30 10.59 2.73 -22.13
N GLU I 31 11.26 3.74 -22.72
CA GLU I 31 12.03 4.77 -21.99
C GLU I 31 12.40 5.98 -22.85
N ALA I 32 11.61 7.02 -22.77
CA ALA I 32 11.87 8.21 -23.58
C ALA I 32 12.12 9.46 -22.72
N LYS I 33 13.33 10.00 -22.81
CA LYS I 33 13.67 11.18 -22.05
C LYS I 33 12.74 12.34 -22.34
N LYS I 34 12.11 12.86 -21.28
CA LYS I 34 11.21 14.01 -21.41
C LYS I 34 11.66 15.23 -20.56
N LEU I 35 12.85 15.10 -19.97
CA LEU I 35 13.39 16.10 -19.05
C LEU I 35 14.83 16.40 -19.47
N TYR I 36 15.10 17.65 -19.84
CA TYR I 36 16.41 18.08 -20.34
C TYR I 36 17.01 19.24 -19.53
N LYS I 37 18.33 19.23 -19.39
CA LYS I 37 19.07 20.32 -18.73
C LYS I 37 19.79 21.17 -19.75
N ILE I 38 19.32 22.39 -19.97
CA ILE I 38 19.94 23.22 -21.00
C ILE I 38 21.22 23.89 -20.49
N ASP I 39 21.12 24.54 -19.34
CA ASP I 39 22.22 25.31 -18.75
C ASP I 39 22.33 24.99 -17.27
N ASP I 40 23.53 25.09 -16.72
CA ASP I 40 23.80 24.59 -15.38
C ASP I 40 22.88 25.13 -14.29
N TYR I 41 22.07 26.12 -14.61
CA TYR I 41 21.14 26.65 -13.64
C TYR I 41 19.66 26.45 -13.98
N ILE I 42 19.40 25.95 -15.20
CA ILE I 42 18.05 25.79 -15.74
C ILE I 42 17.79 24.42 -16.37
N ALA I 43 16.57 23.92 -16.21
CA ALA I 43 16.16 22.68 -16.86
C ALA I 43 14.69 22.73 -17.28
N MET I 44 14.29 21.87 -18.22
CA MET I 44 12.93 21.92 -18.77
C MET I 44 12.36 20.54 -18.94
N THR I 45 11.04 20.44 -19.14
CA THR I 45 10.35 19.16 -19.42
C THR I 45 9.46 19.27 -20.67
N ILE I 46 9.80 18.57 -21.74
CA ILE I 46 8.99 18.70 -22.94
C ILE I 46 7.71 17.91 -22.73
N ALA I 47 6.67 18.23 -23.50
CA ALA I 47 5.43 17.46 -23.45
C ALA I 47 4.66 17.52 -24.78
N GLY I 48 4.40 16.37 -25.40
CA GLY I 48 3.68 16.37 -26.68
C GLY I 48 4.56 16.10 -27.88
N SER I 49 4.47 16.93 -28.92
CA SER I 49 5.11 16.67 -30.23
C SER I 49 6.63 16.39 -30.29
N VAL I 50 7.02 15.14 -30.08
CA VAL I 50 8.44 14.80 -29.98
C VAL I 50 9.35 15.48 -30.99
N GLY I 51 9.41 14.95 -32.20
CA GLY I 51 10.32 15.44 -33.23
C GLY I 51 10.39 16.95 -33.32
N ASP I 52 9.31 17.60 -32.86
CA ASP I 52 9.24 19.06 -32.77
C ASP I 52 9.93 19.59 -31.49
N ALA I 53 9.52 19.11 -30.32
CA ALA I 53 10.16 19.55 -29.09
C ALA I 53 11.63 19.24 -29.18
N GLN I 54 11.93 18.01 -29.58
CA GLN I 54 13.30 17.56 -29.87
C GLN I 54 14.21 18.65 -30.44
N ALA I 55 13.85 19.21 -31.60
CA ALA I 55 14.63 20.32 -32.15
C ALA I 55 14.67 21.43 -31.11
N ILE I 56 13.50 21.90 -30.69
CA ILE I 56 13.36 23.00 -29.73
C ILE I 56 14.24 22.91 -28.48
N VAL I 57 14.69 21.71 -28.11
CA VAL I 57 15.68 21.59 -27.04
C VAL I 57 17.03 22.01 -27.60
N ARG I 58 17.55 21.27 -28.57
CA ARG I 58 18.83 21.59 -29.22
C ARG I 58 18.91 23.03 -29.74
N LEU I 59 17.94 23.40 -30.59
CA LEU I 59 17.83 24.73 -31.18
C LEU I 59 17.64 25.80 -30.09
N LEU I 60 18.16 25.53 -28.90
CA LEU I 60 17.94 26.37 -27.75
C LEU I 60 19.12 26.26 -26.81
N ILE I 61 19.44 25.04 -26.37
CA ILE I 61 20.57 24.87 -25.47
C ILE I 61 21.71 25.59 -26.11
N ALA I 62 21.78 25.50 -27.44
CA ALA I 62 22.85 26.16 -28.17
C ALA I 62 22.83 27.67 -27.91
N GLU I 63 21.63 28.24 -27.85
CA GLU I 63 21.47 29.67 -27.53
C GLU I 63 21.94 29.98 -26.11
N ALA I 64 21.70 29.04 -25.22
CA ALA I 64 21.99 29.21 -23.79
C ALA I 64 23.46 29.29 -23.54
N LYS I 65 24.11 28.12 -23.54
CA LYS I 65 25.55 28.04 -23.59
C LYS I 65 25.99 28.76 -24.87
N LEU I 66 25.70 30.06 -24.92
CA LEU I 66 26.20 31.00 -25.92
C LEU I 66 26.06 32.39 -25.34
N TYR I 67 24.82 32.81 -25.14
CA TYR I 67 24.52 33.93 -24.27
C TYR I 67 25.45 33.80 -23.06
N LYS I 68 25.44 32.62 -22.45
CA LYS I 68 26.24 32.36 -21.26
C LYS I 68 27.65 32.81 -21.54
N MET I 69 28.15 32.49 -22.72
CA MET I 69 29.49 32.90 -23.09
C MET I 69 29.61 34.42 -23.36
N ARG I 70 28.87 34.90 -24.34
CA ARG I 70 28.99 36.31 -24.75
C ARG I 70 28.91 37.30 -23.58
N THR I 71 28.42 36.86 -22.42
CA THR I 71 28.21 37.80 -21.32
C THR I 71 28.08 37.14 -19.95
N GLY I 72 29.00 36.23 -19.65
CA GLY I 72 29.01 35.59 -18.34
C GLY I 72 27.67 35.05 -17.84
N ARG I 73 26.91 35.89 -17.14
CA ARG I 73 25.68 35.48 -16.45
C ARG I 73 24.97 34.31 -17.14
N ASN I 74 24.93 33.17 -16.45
CA ASN I 74 24.24 32.03 -17.01
C ASN I 74 22.83 32.46 -17.38
N ILE I 75 22.62 32.70 -18.67
CA ILE I 75 21.35 33.19 -19.17
C ILE I 75 20.30 33.06 -18.13
N PRO I 76 19.89 34.17 -17.54
CA PRO I 76 18.85 34.09 -16.50
C PRO I 76 17.57 33.38 -17.01
N PRO I 77 16.92 32.58 -16.15
CA PRO I 77 15.74 31.78 -16.48
C PRO I 77 14.63 32.58 -17.12
N LEU I 78 13.98 33.43 -16.34
CA LEU I 78 12.91 34.26 -16.87
C LEU I 78 13.25 35.01 -18.15
N ALA I 79 14.48 34.85 -18.64
CA ALA I 79 14.93 35.57 -19.83
C ALA I 79 15.10 34.63 -21.00
N CYS I 80 15.67 33.46 -20.73
CA CYS I 80 15.64 32.33 -21.65
C CYS I 80 14.20 31.91 -21.90
N ALA I 81 13.39 31.95 -20.85
CA ALA I 81 11.98 31.69 -20.98
C ALA I 81 11.43 32.54 -22.11
N THR I 82 11.47 33.85 -21.93
CA THR I 82 10.87 34.76 -22.89
C THR I 82 11.50 34.59 -24.26
N LEU I 83 12.51 33.75 -24.38
CA LEU I 83 12.99 33.40 -25.70
C LEU I 83 11.93 32.54 -26.29
N LEU I 84 11.78 31.36 -25.69
CA LEU I 84 10.75 30.43 -26.10
C LEU I 84 9.50 31.19 -26.49
N SER I 85 8.98 32.01 -25.57
CA SER I 85 7.76 32.76 -25.86
C SER I 85 7.85 33.35 -27.26
N ASN I 86 9.00 33.93 -27.58
CA ASN I 86 9.20 34.42 -28.93
C ASN I 86 9.49 33.26 -29.87
N ILE I 87 10.44 32.41 -29.49
CA ILE I 87 10.82 31.30 -30.35
C ILE I 87 9.56 30.68 -30.92
N LEU I 88 8.72 30.15 -30.04
CA LEU I 88 7.44 29.59 -30.46
C LEU I 88 6.66 30.50 -31.41
N HIS I 89 6.29 31.67 -30.91
CA HIS I 89 5.41 32.58 -31.64
C HIS I 89 5.95 32.99 -33.01
N SER I 90 7.21 32.69 -33.29
CA SER I 90 7.72 32.92 -34.64
C SER I 90 6.99 32.01 -35.62
N SER I 91 6.70 30.80 -35.18
CA SER I 91 6.01 29.87 -36.02
C SER I 91 4.53 29.76 -35.68
N ARG I 92 3.92 30.88 -35.33
CA ARG I 92 2.47 30.93 -35.18
C ARG I 92 1.88 31.05 -36.59
N MET I 93 2.38 32.04 -37.33
CA MET I 93 2.07 32.26 -38.75
C MET I 93 2.22 30.90 -39.42
N PHE I 94 3.03 30.08 -38.75
CA PHE I 94 3.45 28.76 -39.20
C PHE I 94 2.71 27.67 -38.37
N PRO I 95 2.99 26.43 -38.69
CA PRO I 95 2.58 25.29 -37.87
C PRO I 95 3.58 24.90 -36.77
N PHE I 96 3.69 25.60 -35.66
CA PHE I 96 4.52 24.98 -34.63
C PHE I 96 3.57 24.34 -33.66
N LEU I 97 4.13 23.51 -32.76
CA LEU I 97 3.41 23.01 -31.57
C LEU I 97 4.37 22.41 -30.51
N THR I 98 3.83 22.16 -29.32
CA THR I 98 4.46 21.44 -28.19
C THR I 98 4.33 22.15 -26.84
N GLN I 99 4.27 21.37 -25.76
CA GLN I 99 4.16 21.88 -24.38
C GLN I 99 5.54 22.13 -23.77
N ILE I 100 5.60 22.88 -22.65
CA ILE I 100 6.89 23.09 -21.99
C ILE I 100 6.85 23.70 -20.57
N ILE I 101 7.75 23.21 -19.71
CA ILE I 101 7.96 23.76 -18.39
C ILE I 101 9.45 23.98 -18.23
N ILE I 102 9.86 25.22 -17.96
CA ILE I 102 11.25 25.51 -17.60
C ILE I 102 11.36 26.08 -16.20
N GLY I 103 12.28 25.52 -15.43
CA GLY I 103 12.55 25.96 -14.07
C GLY I 103 14.03 26.03 -13.77
N GLY I 104 14.45 27.15 -13.19
CA GLY I 104 15.86 27.34 -12.92
C GLY I 104 16.06 28.18 -11.69
N TYR I 105 17.31 28.21 -11.24
CA TYR I 105 17.70 29.13 -10.20
C TYR I 105 18.34 30.35 -10.84
N ASP I 106 17.59 31.44 -10.90
CA ASP I 106 18.12 32.72 -11.37
C ASP I 106 19.24 33.14 -10.43
N LEU I 107 20.41 33.39 -11.02
CA LEU I 107 21.56 33.91 -10.31
C LEU I 107 21.16 34.56 -8.98
N LEU I 108 20.31 35.58 -9.03
CA LEU I 108 19.89 36.28 -7.81
C LEU I 108 18.42 36.09 -7.43
N GLU I 109 17.52 36.28 -8.40
CA GLU I 109 16.08 36.30 -8.11
C GLU I 109 15.60 35.03 -7.41
N GLY I 110 16.36 33.95 -7.56
CA GLY I 110 16.06 32.70 -6.87
C GLY I 110 15.52 31.58 -7.75
N ALA I 111 14.51 30.88 -7.26
CA ALA I 111 13.92 29.79 -8.02
C ALA I 111 12.84 30.34 -8.93
N LYS I 112 12.75 29.79 -10.13
CA LYS I 112 11.68 30.17 -11.04
C LYS I 112 11.00 28.96 -11.66
N LEU I 113 9.74 29.15 -12.03
CA LEU I 113 8.95 28.12 -12.72
C LEU I 113 8.03 28.72 -13.80
N PHE I 114 8.22 28.31 -15.06
CA PHE I 114 7.46 28.84 -16.21
C PHE I 114 6.67 27.83 -17.08
N SER I 115 5.36 28.06 -17.20
CA SER I 115 4.50 27.24 -18.04
C SER I 115 4.56 27.73 -19.47
N LEU I 116 4.24 26.88 -20.43
CA LEU I 116 4.48 27.25 -21.82
C LEU I 116 3.65 26.45 -22.81
N ASP I 117 2.85 27.16 -23.61
CA ASP I 117 2.03 26.54 -24.65
C ASP I 117 2.61 26.81 -26.04
N PRO I 118 2.25 25.97 -27.04
CA PRO I 118 2.91 25.85 -28.35
C PRO I 118 2.82 27.10 -29.23
N LEU I 119 1.90 27.99 -28.88
CA LEU I 119 1.73 29.22 -29.61
C LEU I 119 2.81 30.17 -29.16
N GLY I 120 2.91 30.34 -27.85
CA GLY I 120 3.94 31.18 -27.28
C GLY I 120 3.52 31.69 -25.92
N GLY I 121 2.28 31.43 -25.53
CA GLY I 121 1.81 31.85 -24.23
C GLY I 121 2.68 31.32 -23.12
N MET I 122 3.07 32.21 -22.21
CA MET I 122 3.91 31.85 -21.09
C MET I 122 3.40 32.38 -19.78
N ASN I 123 3.44 31.57 -18.72
CA ASN I 123 3.14 32.10 -17.38
C ASN I 123 4.12 31.63 -16.32
N GLU I 124 4.53 32.55 -15.45
CA GLU I 124 5.28 32.16 -14.28
C GLU I 124 4.31 31.55 -13.30
N GLU I 125 4.55 30.27 -13.00
CA GLU I 125 3.78 29.61 -11.98
C GLU I 125 4.57 29.78 -10.71
N LYS I 126 3.93 30.38 -9.72
CA LYS I 126 4.58 30.66 -8.45
C LYS I 126 4.42 29.44 -7.54
N THR I 127 3.33 28.73 -7.76
CA THR I 127 3.00 27.54 -6.99
C THR I 127 3.54 26.29 -7.66
N PHE I 128 2.69 25.63 -8.44
CA PHE I 128 2.97 24.32 -9.03
C PHE I 128 2.25 24.25 -10.38
N THR I 129 2.73 23.42 -11.29
CA THR I 129 2.07 23.29 -12.58
C THR I 129 2.52 22.04 -13.30
N ALA I 130 1.62 21.45 -14.08
CA ALA I 130 1.92 20.20 -14.80
C ALA I 130 1.29 20.22 -16.18
N THR I 131 1.90 19.47 -17.09
CA THR I 131 1.42 19.37 -18.44
C THR I 131 1.64 17.94 -18.84
N GLY I 132 0.87 17.45 -19.81
CA GLY I 132 1.07 16.11 -20.36
C GLY I 132 -0.20 15.34 -20.70
N SER I 133 -0.18 14.56 -21.78
CA SER I 133 -1.37 13.81 -22.16
C SER I 133 -2.11 13.51 -20.88
N GLY I 134 -1.38 12.97 -19.92
CA GLY I 134 -1.94 12.66 -18.61
C GLY I 134 -1.59 13.69 -17.56
N SER I 135 -1.96 14.93 -17.81
CA SER I 135 -1.66 15.96 -16.86
C SER I 135 -2.72 15.99 -15.82
N PRO I 136 -3.95 16.27 -16.26
CA PRO I 136 -4.99 16.69 -15.31
C PRO I 136 -5.04 15.75 -14.10
N ILE I 137 -4.76 14.48 -14.32
CA ILE I 137 -4.64 13.58 -13.18
C ILE I 137 -3.57 14.21 -12.30
N ALA I 138 -2.32 14.20 -12.76
CA ALA I 138 -1.23 14.70 -11.94
C ALA I 138 -1.69 15.92 -11.18
N TYR I 139 -2.40 16.81 -11.87
CA TYR I 139 -2.87 18.05 -11.25
C TYR I 139 -3.58 17.84 -9.94
N GLY I 140 -4.63 17.04 -9.97
CA GLY I 140 -5.46 16.83 -8.80
C GLY I 140 -4.64 16.51 -7.56
N VAL I 141 -3.63 15.66 -7.76
CA VAL I 141 -2.70 15.35 -6.70
C VAL I 141 -2.28 16.68 -6.10
N LEU I 142 -1.52 17.42 -6.90
CA LEU I 142 -1.01 18.71 -6.46
C LEU I 142 -2.08 19.54 -5.75
N GLU I 143 -3.13 19.93 -6.48
CA GLU I 143 -4.10 20.93 -5.98
C GLU I 143 -4.71 20.55 -4.65
N ALA I 144 -4.40 19.35 -4.18
CA ALA I 144 -4.87 18.92 -2.87
C ALA I 144 -3.79 18.13 -2.15
N GLY I 145 -2.54 18.46 -2.42
CA GLY I 145 -1.40 17.89 -1.72
C GLY I 145 -0.23 18.85 -1.74
N TYR I 146 -0.55 20.13 -1.63
CA TYR I 146 0.46 21.18 -1.73
C TYR I 146 0.25 22.32 -0.73
N ASP I 147 1.35 22.80 -0.18
CA ASP I 147 1.39 23.91 0.77
C ASP I 147 2.59 24.79 0.41
N ARG I 148 2.48 26.09 0.67
CA ARG I 148 3.54 27.05 0.31
C ARG I 148 4.96 26.53 0.64
N ASP I 149 5.09 25.97 1.83
CA ASP I 149 6.39 25.58 2.37
C ASP I 149 6.51 24.10 2.70
N MET I 150 6.47 23.26 1.68
CA MET I 150 6.66 21.85 1.89
C MET I 150 8.07 21.49 1.46
N SER I 151 8.84 20.97 2.40
CA SER I 151 10.26 20.75 2.23
C SER I 151 10.75 20.35 0.83
N VAL I 152 12.05 20.44 0.64
CA VAL I 152 12.73 19.83 -0.48
C VAL I 152 12.27 18.39 -0.64
N GLU I 153 11.95 17.72 0.48
CA GLU I 153 11.50 16.32 0.48
C GLU I 153 10.01 16.22 0.14
N GLU I 154 9.17 16.81 0.98
CA GLU I 154 7.72 16.82 0.75
C GLU I 154 7.44 17.26 -0.68
N GLY I 155 8.44 17.87 -1.30
CA GLY I 155 8.36 18.26 -2.69
C GLY I 155 8.44 17.08 -3.63
N ILE I 156 9.54 16.33 -3.61
CA ILE I 156 9.72 15.20 -4.53
C ILE I 156 8.96 13.94 -4.12
N LYS I 157 8.32 13.99 -2.96
CA LYS I 157 7.39 12.94 -2.56
C LYS I 157 6.14 13.22 -3.36
N LEU I 158 5.54 14.38 -3.10
CA LEU I 158 4.35 14.84 -3.83
C LEU I 158 4.52 14.77 -5.35
N ALA I 159 5.77 14.89 -5.81
CA ALA I 159 6.06 14.96 -7.24
C ALA I 159 5.88 13.62 -7.92
N LEU I 160 6.38 12.56 -7.30
CA LEU I 160 6.14 11.22 -7.82
C LEU I 160 4.65 10.85 -7.74
N ASN I 161 4.05 11.07 -6.57
CA ASN I 161 2.65 10.67 -6.32
C ASN I 161 1.63 11.24 -7.29
N ALA I 162 1.94 12.37 -7.92
CA ALA I 162 1.16 12.84 -9.05
C ALA I 162 1.34 11.82 -10.16
N LEU I 163 2.55 11.72 -10.70
CA LEU I 163 2.85 10.71 -11.70
C LEU I 163 2.31 9.33 -11.30
N LYS I 164 2.51 8.95 -10.05
CA LYS I 164 2.00 7.68 -9.57
C LYS I 164 0.60 7.55 -10.14
N SER I 165 -0.25 8.52 -9.80
CA SER I 165 -1.63 8.54 -10.29
C SER I 165 -1.69 8.49 -11.80
N ALA I 166 -1.35 9.59 -12.43
CA ALA I 166 -1.51 9.72 -13.87
C ALA I 166 -0.89 8.57 -14.67
N MET I 167 0.16 7.94 -14.14
CA MET I 167 0.84 6.88 -14.88
C MET I 167 0.03 5.58 -14.91
N GLU I 168 -0.93 5.49 -14.00
CA GLU I 168 -1.79 4.32 -13.95
C GLU I 168 -3.22 4.81 -13.94
N ARG I 169 -3.47 5.88 -14.67
CA ARG I 169 -4.82 6.33 -14.95
C ARG I 169 -4.78 7.12 -16.24
N ASP I 170 -3.76 6.87 -17.06
CA ASP I 170 -3.67 7.49 -18.36
C ASP I 170 -3.13 6.51 -19.39
N THR I 171 -3.89 6.30 -20.45
CA THR I 171 -3.48 5.36 -21.49
C THR I 171 -2.11 5.72 -22.07
N PHE I 172 -1.72 6.98 -22.00
CA PHE I 172 -0.56 7.51 -22.73
C PHE I 172 0.72 7.76 -21.92
N SER I 173 0.56 7.91 -20.61
CA SER I 173 1.68 8.14 -19.70
C SER I 173 2.04 6.84 -19.01
N GLY I 174 3.05 6.87 -18.14
CA GLY I 174 3.22 5.81 -17.18
C GLY I 174 4.03 4.59 -17.55
N ASN I 175 5.08 4.77 -18.32
CA ASN I 175 6.08 3.71 -18.46
C ASN I 175 7.40 4.30 -17.99
N GLY I 176 7.84 3.95 -16.79
CA GLY I 176 9.06 4.54 -16.25
C GLY I 176 8.99 6.03 -15.88
N ILE I 177 9.90 6.46 -15.01
CA ILE I 177 9.84 7.82 -14.51
C ILE I 177 11.24 8.33 -14.30
N SER I 178 11.43 9.62 -14.57
CA SER I 178 12.68 10.32 -14.26
C SER I 178 12.38 11.65 -13.58
N LEU I 179 13.41 12.16 -12.90
CA LEU I 179 13.24 13.30 -12.03
C LEU I 179 14.55 14.05 -11.93
N ALA I 180 14.45 15.38 -11.90
CA ALA I 180 15.58 16.24 -11.62
C ALA I 180 15.16 17.45 -10.80
N VAL I 181 16.07 17.90 -9.92
CA VAL I 181 15.87 19.10 -9.13
C VAL I 181 17.00 20.12 -9.29
N ILE I 182 16.61 21.30 -9.73
CA ILE I 182 17.52 22.41 -9.87
C ILE I 182 17.48 23.19 -8.59
N THR I 183 18.64 23.58 -8.11
CA THR I 183 18.79 24.41 -6.91
C THR I 183 19.96 25.35 -7.14
N LYS I 184 19.99 26.46 -6.43
CA LYS I 184 21.08 27.42 -6.59
C LYS I 184 22.36 26.78 -7.16
N ASP I 185 22.93 25.80 -6.46
CA ASP I 185 24.25 25.30 -6.87
C ASP I 185 24.33 24.42 -8.13
N GLY I 186 23.21 23.79 -8.51
CA GLY I 186 23.23 22.97 -9.73
C GLY I 186 21.94 22.29 -10.17
N VAL I 187 22.09 21.19 -10.90
CA VAL I 187 20.96 20.45 -11.44
C VAL I 187 21.17 18.94 -11.37
N LYS I 188 20.32 18.28 -10.57
CA LYS I 188 20.46 16.84 -10.27
C LYS I 188 19.59 15.92 -11.13
N ILE I 189 20.23 15.20 -12.04
CA ILE I 189 19.55 14.16 -12.78
C ILE I 189 19.60 12.90 -11.94
N PHE I 190 18.44 12.36 -11.59
CA PHE I 190 18.40 11.10 -10.86
C PHE I 190 18.57 9.91 -11.78
N GLU I 191 19.66 9.17 -11.60
CA GLU I 191 19.83 7.91 -12.30
C GLU I 191 18.79 6.90 -11.81
N ASP I 192 17.80 6.65 -12.66
CA ASP I 192 16.71 5.73 -12.38
C ASP I 192 16.77 4.97 -11.03
N GLU I 193 17.79 4.13 -10.86
CA GLU I 193 17.93 3.33 -9.64
C GLU I 193 17.61 4.06 -8.32
N GLU I 194 18.31 5.14 -8.03
CA GLU I 194 18.12 5.85 -6.77
C GLU I 194 16.74 6.45 -6.66
N ILE I 195 16.16 6.82 -7.79
CA ILE I 195 14.80 7.35 -7.81
C ILE I 195 13.91 6.44 -6.99
N GLU I 196 13.64 5.28 -7.56
CA GLU I 196 12.80 4.26 -6.95
C GLU I 196 12.80 4.29 -5.43
N LYS I 197 14.00 4.49 -4.85
CA LYS I 197 14.21 4.45 -3.40
C LYS I 197 13.06 5.05 -2.63
N ILE I 198 12.46 6.08 -3.19
CA ILE I 198 11.49 6.88 -2.45
C ILE I 198 10.11 6.22 -2.32
N LEU I 199 9.51 5.80 -3.43
CA LEU I 199 8.20 5.12 -3.31
C LEU I 199 8.28 3.80 -2.48
N ASP I 200 9.50 3.33 -2.21
CA ASP I 200 9.71 2.18 -1.33
C ASP I 200 9.55 2.62 0.11
N SER I 201 10.17 3.76 0.42
CA SER I 201 10.10 4.37 1.74
C SER I 201 8.73 4.98 1.97
N MET I 202 8.03 5.29 0.88
CA MET I 202 6.67 5.78 0.98
C MET I 202 5.71 4.60 1.29
N LYS I 203 4.51 4.67 0.72
CA LYS I 203 3.55 3.59 0.88
C LYS I 203 3.48 2.80 -0.43
N THR J 2 7.44 -4.24 -45.24
CA THR J 2 7.48 -3.20 -44.24
C THR J 2 7.42 -3.80 -42.84
N THR J 3 8.57 -4.14 -42.28
CA THR J 3 8.65 -4.57 -40.87
C THR J 3 10.07 -4.85 -40.42
N THR J 4 10.63 -3.95 -39.61
CA THR J 4 12.06 -3.96 -39.23
C THR J 4 12.31 -4.11 -37.73
N VAL J 5 13.46 -4.70 -37.38
CA VAL J 5 13.78 -4.93 -35.98
C VAL J 5 15.18 -4.53 -35.61
N GLY J 6 15.29 -3.94 -34.42
CA GLY J 6 16.56 -3.54 -33.87
C GLY J 6 16.63 -3.92 -32.42
N LEU J 7 17.78 -4.42 -32.01
CA LEU J 7 17.97 -4.88 -30.66
C LEU J 7 19.48 -4.96 -30.33
N ILE J 8 19.83 -4.74 -29.07
CA ILE J 8 21.22 -4.85 -28.61
C ILE J 8 21.44 -6.16 -27.84
N CYS J 9 22.51 -6.87 -28.17
CA CYS J 9 22.84 -8.11 -27.50
C CYS J 9 24.32 -8.18 -27.18
N ASP J 10 24.65 -7.86 -25.93
CA ASP J 10 26.03 -7.93 -25.48
C ASP J 10 26.94 -7.09 -26.36
N ASP J 11 27.63 -7.76 -27.27
CA ASP J 11 28.65 -7.14 -28.11
C ASP J 11 28.14 -5.94 -28.88
N ALA J 12 27.39 -6.25 -29.93
CA ALA J 12 26.97 -5.29 -30.94
C ALA J 12 25.44 -5.24 -31.08
N VAL J 13 24.96 -4.99 -32.30
CA VAL J 13 23.53 -4.82 -32.52
C VAL J 13 23.04 -5.49 -33.81
N ILE J 14 21.81 -5.97 -33.80
CA ILE J 14 21.22 -6.69 -34.94
C ILE J 14 20.15 -5.88 -35.65
N LEU J 15 20.14 -5.98 -36.97
CA LEU J 15 19.06 -5.42 -37.79
C LEU J 15 18.51 -6.44 -38.80
N ALA J 16 17.18 -6.48 -38.96
CA ALA J 16 16.52 -7.38 -39.93
C ALA J 16 15.25 -6.75 -40.54
N THR J 17 14.93 -7.15 -41.78
CA THR J 17 13.82 -6.54 -42.51
C THR J 17 12.79 -7.54 -42.99
N ASP J 18 12.10 -7.16 -44.06
CA ASP J 18 11.25 -8.06 -44.81
C ASP J 18 11.23 -7.53 -46.23
N LYS J 19 11.84 -8.28 -47.13
CA LYS J 19 12.01 -7.82 -48.50
C LYS J 19 10.67 -7.57 -49.23
N ARG J 20 9.61 -7.20 -48.48
CA ARG J 20 8.28 -7.13 -49.10
C ARG J 20 7.72 -5.75 -49.36
N ALA J 21 7.44 -5.53 -50.64
CA ALA J 21 6.86 -4.30 -51.13
C ALA J 21 5.38 -4.48 -51.27
N SER J 22 4.64 -3.38 -51.13
CA SER J 22 3.22 -3.49 -50.87
C SER J 22 2.40 -2.38 -51.50
N LEU J 23 2.16 -2.48 -52.81
CA LEU J 23 1.34 -1.48 -53.51
C LEU J 23 -0.16 -1.61 -53.22
N GLY J 24 -0.57 -1.30 -52.00
CA GLY J 24 -1.96 -1.52 -51.63
C GLY J 24 -2.27 -3.00 -51.68
N ASN J 25 -3.26 -3.35 -52.48
CA ASN J 25 -3.65 -4.75 -52.68
C ASN J 25 -2.50 -5.60 -53.23
N LEU J 26 -1.87 -5.10 -54.29
CA LEU J 26 -0.84 -5.85 -55.02
C LEU J 26 0.38 -6.05 -54.16
N VAL J 27 1.15 -7.08 -54.49
CA VAL J 27 2.48 -7.22 -53.96
C VAL J 27 3.40 -6.86 -55.10
N ALA J 28 4.18 -5.81 -54.90
CA ALA J 28 4.88 -5.13 -55.99
C ALA J 28 6.35 -5.49 -56.13
N ASP J 29 6.96 -5.97 -55.05
CA ASP J 29 8.36 -6.39 -55.14
C ASP J 29 8.64 -7.60 -54.25
N LYS J 30 8.71 -8.75 -54.90
CA LYS J 30 9.03 -9.99 -54.24
C LYS J 30 10.34 -9.86 -53.46
N GLU J 31 11.07 -8.77 -53.70
CA GLU J 31 12.41 -8.61 -53.14
C GLU J 31 12.91 -7.16 -53.05
N ALA J 32 12.47 -6.43 -52.03
CA ALA J 32 12.86 -5.02 -51.86
C ALA J 32 13.76 -4.75 -50.65
N LYS J 33 14.92 -4.15 -50.89
CA LYS J 33 15.85 -3.87 -49.81
C LYS J 33 15.20 -2.91 -48.82
N LYS J 34 15.35 -3.20 -47.53
CA LYS J 34 14.94 -2.29 -46.46
C LYS J 34 16.06 -2.08 -45.39
N LEU J 35 17.26 -2.63 -45.67
CA LEU J 35 18.42 -2.48 -44.79
C LEU J 35 19.63 -1.91 -45.53
N TYR J 36 20.03 -0.68 -45.18
CA TYR J 36 21.16 0.00 -45.81
C TYR J 36 22.27 0.33 -44.84
N LYS J 37 23.48 0.07 -45.28
CA LYS J 37 24.67 0.43 -44.53
C LYS J 37 25.11 1.76 -45.10
N ILE J 38 25.25 2.75 -44.23
CA ILE J 38 25.71 4.03 -44.69
C ILE J 38 27.21 4.06 -44.49
N ASP J 39 27.62 3.89 -43.24
CA ASP J 39 29.04 4.03 -42.89
C ASP J 39 29.65 2.76 -42.35
N ASP J 40 30.96 2.64 -42.53
CA ASP J 40 31.68 1.45 -42.17
C ASP J 40 31.32 0.95 -40.77
N TYR J 41 30.78 1.83 -39.94
CA TYR J 41 30.45 1.45 -38.57
C TYR J 41 28.96 1.58 -38.23
N ILE J 42 28.17 2.01 -39.21
CA ILE J 42 26.75 2.28 -39.01
C ILE J 42 25.86 1.66 -40.10
N ALA J 43 24.64 1.33 -39.73
CA ALA J 43 23.68 0.72 -40.66
C ALA J 43 22.26 1.05 -40.23
N MET J 44 21.37 1.18 -41.21
CA MET J 44 19.98 1.60 -40.95
C MET J 44 18.88 0.79 -41.69
N THR J 45 17.63 0.83 -41.21
CA THR J 45 16.52 0.12 -41.84
C THR J 45 15.31 1.03 -42.04
N ILE J 46 14.93 1.28 -43.28
CA ILE J 46 13.77 2.14 -43.53
C ILE J 46 12.46 1.39 -43.33
N ALA J 47 11.41 2.08 -42.92
CA ALA J 47 10.07 1.47 -42.86
C ALA J 47 8.99 2.48 -43.22
N GLY J 48 8.27 2.28 -44.32
CA GLY J 48 7.27 3.26 -44.73
C GLY J 48 7.44 3.79 -46.13
N SER J 49 7.20 5.09 -46.34
CA SER J 49 7.19 5.65 -47.71
C SER J 49 8.48 5.44 -48.49
N VAL J 50 8.43 4.60 -49.51
CA VAL J 50 9.66 4.17 -50.20
C VAL J 50 10.55 5.30 -50.72
N GLY J 51 10.13 5.95 -51.80
CA GLY J 51 10.89 7.02 -52.42
C GLY J 51 11.26 8.16 -51.49
N ASP J 52 10.51 8.30 -50.40
CA ASP J 52 10.85 9.29 -49.39
C ASP J 52 12.03 8.80 -48.60
N ALA J 53 11.89 7.58 -48.06
CA ALA J 53 12.97 6.91 -47.35
C ALA J 53 14.18 6.77 -48.29
N GLN J 54 13.92 6.14 -49.43
CA GLN J 54 14.88 6.00 -50.55
C GLN J 54 15.89 7.15 -50.69
N ALA J 55 15.38 8.37 -50.87
CA ALA J 55 16.20 9.57 -50.88
C ALA J 55 16.92 9.73 -49.54
N ILE J 56 16.15 9.74 -48.44
CA ILE J 56 16.73 9.90 -47.10
C ILE J 56 17.91 8.97 -46.80
N VAL J 57 18.00 7.87 -47.53
CA VAL J 57 19.20 7.04 -47.46
C VAL J 57 20.31 7.82 -48.15
N ARG J 58 20.19 7.91 -49.48
CA ARG J 58 21.17 8.58 -50.32
C ARG J 58 21.51 9.98 -49.79
N LEU J 59 20.49 10.85 -49.62
CA LEU J 59 20.70 12.23 -49.05
C LEU J 59 21.24 12.22 -47.59
N LEU J 60 21.87 11.11 -47.21
CA LEU J 60 22.45 10.91 -45.87
C LEU J 60 23.77 10.17 -45.96
N ILE J 61 23.77 9.03 -46.63
CA ILE J 61 25.01 8.30 -46.81
C ILE J 61 26.11 9.28 -47.19
N ALA J 62 25.75 10.20 -48.08
CA ALA J 62 26.71 11.18 -48.56
C ALA J 62 27.31 11.91 -47.35
N GLU J 63 26.47 12.58 -46.58
CA GLU J 63 26.94 13.34 -45.43
C GLU J 63 27.83 12.52 -44.53
N ALA J 64 27.67 11.21 -44.57
CA ALA J 64 28.48 10.32 -43.77
C ALA J 64 29.88 10.30 -44.33
N LYS J 65 30.05 9.55 -45.40
CA LYS J 65 31.32 9.47 -46.09
C LYS J 65 31.70 10.87 -46.60
N LEU J 66 31.79 11.80 -45.65
CA LEU J 66 32.09 13.20 -45.90
C LEU J 66 32.65 13.68 -44.58
N TYR J 67 31.75 13.81 -43.60
CA TYR J 67 32.15 14.00 -42.20
C TYR J 67 33.29 13.06 -41.92
N LYS J 68 33.20 11.86 -42.47
CA LYS J 68 34.25 10.88 -42.29
C LYS J 68 35.55 11.46 -42.80
N MET J 69 35.56 11.89 -44.07
CA MET J 69 36.79 12.44 -44.60
C MET J 69 37.18 13.75 -43.89
N ARG J 70 36.24 14.66 -43.77
CA ARG J 70 36.52 15.97 -43.20
C ARG J 70 37.13 15.95 -41.80
N THR J 71 36.91 14.89 -41.04
CA THR J 71 37.42 14.88 -39.66
C THR J 71 37.78 13.49 -39.14
N GLY J 72 38.42 12.69 -39.98
CA GLY J 72 38.84 11.37 -39.55
C GLY J 72 37.72 10.48 -39.06
N ARG J 73 37.38 10.61 -37.77
CA ARG J 73 36.34 9.77 -37.15
C ARG J 73 35.16 9.43 -38.06
N ASN J 74 34.79 8.16 -38.13
CA ASN J 74 33.60 7.74 -38.86
C ASN J 74 32.36 8.24 -38.14
N ILE J 75 31.69 9.24 -38.72
CA ILE J 75 30.56 9.92 -38.10
C ILE J 75 30.03 9.07 -36.97
N PRO J 76 30.35 9.43 -35.73
CA PRO J 76 29.81 8.63 -34.62
C PRO J 76 28.26 8.54 -34.64
N PRO J 77 27.72 7.31 -34.59
CA PRO J 77 26.30 7.03 -34.75
C PRO J 77 25.42 8.05 -34.07
N LEU J 78 25.55 8.20 -32.75
CA LEU J 78 24.65 9.08 -32.00
C LEU J 78 24.73 10.52 -32.40
N ALA J 79 25.37 10.77 -33.54
CA ALA J 79 25.55 12.11 -34.05
C ALA J 79 24.97 12.25 -35.46
N CYS J 80 25.33 11.29 -36.29
CA CYS J 80 24.66 11.09 -37.57
C CYS J 80 23.17 11.06 -37.31
N ALA J 81 22.78 10.30 -36.29
CA ALA J 81 21.38 10.16 -35.93
C ALA J 81 20.77 11.54 -35.75
N THR J 82 21.39 12.36 -34.91
CA THR J 82 20.82 13.67 -34.59
C THR J 82 20.70 14.51 -35.85
N LEU J 83 21.38 14.10 -36.91
CA LEU J 83 21.13 14.72 -38.20
C LEU J 83 19.71 14.45 -38.54
N LEU J 84 19.38 13.19 -38.77
CA LEU J 84 18.01 12.82 -39.04
C LEU J 84 17.00 13.56 -38.17
N SER J 85 17.23 13.58 -36.87
CA SER J 85 16.32 14.27 -35.96
C SER J 85 16.04 15.65 -36.53
N ASN J 86 17.11 16.24 -37.05
CA ASN J 86 17.08 17.54 -37.69
C ASN J 86 16.69 17.45 -39.19
N ILE J 87 17.28 16.49 -39.90
CA ILE J 87 17.04 16.36 -41.34
C ILE J 87 15.54 16.16 -41.55
N LEU J 88 14.91 15.37 -40.67
CA LEU J 88 13.45 15.16 -40.65
C LEU J 88 12.68 16.42 -40.23
N HIS J 89 12.94 16.90 -39.02
CA HIS J 89 12.24 18.07 -38.56
C HIS J 89 12.33 19.24 -39.56
N SER J 90 13.28 19.19 -40.48
CA SER J 90 13.38 20.21 -41.53
C SER J 90 12.11 20.28 -42.37
N SER J 91 11.57 19.12 -42.74
CA SER J 91 10.35 19.07 -43.53
C SER J 91 9.17 18.83 -42.60
N ARG J 92 9.23 19.46 -41.44
CA ARG J 92 8.09 19.50 -40.54
C ARG J 92 7.08 20.51 -41.10
N MET J 93 7.60 21.70 -41.41
CA MET J 93 6.82 22.79 -42.02
C MET J 93 6.29 22.24 -43.37
N PHE J 94 6.89 21.10 -43.72
CA PHE J 94 6.79 20.46 -45.02
C PHE J 94 6.21 19.04 -44.90
N PRO J 95 5.79 18.47 -46.03
CA PRO J 95 5.28 17.09 -46.07
C PRO J 95 6.32 15.94 -45.97
N PHE J 96 7.24 15.90 -45.03
CA PHE J 96 8.11 14.73 -45.03
C PHE J 96 7.41 13.56 -44.38
N LEU J 97 8.01 12.36 -44.46
CA LEU J 97 7.51 11.16 -43.77
C LEU J 97 8.38 9.91 -43.93
N THR J 98 8.30 9.02 -42.92
CA THR J 98 8.96 7.73 -42.94
C THR J 98 9.63 7.38 -41.60
N GLN J 99 9.58 6.11 -41.22
CA GLN J 99 10.21 5.62 -39.98
C GLN J 99 11.69 5.45 -40.16
N ILE J 100 12.32 4.72 -39.25
CA ILE J 100 13.73 4.41 -39.34
C ILE J 100 14.30 3.90 -38.04
N ILE J 101 15.35 3.10 -38.16
CA ILE J 101 16.15 2.62 -37.03
C ILE J 101 17.60 2.69 -37.50
N ILE J 102 18.47 3.41 -36.79
CA ILE J 102 19.91 3.33 -37.08
C ILE J 102 20.63 2.61 -35.95
N GLY J 103 21.57 1.74 -36.33
CA GLY J 103 22.37 1.05 -35.34
C GLY J 103 23.83 1.00 -35.78
N GLY J 104 24.73 1.44 -34.91
CA GLY J 104 26.13 1.47 -35.26
C GLY J 104 26.98 1.26 -34.03
N TYR J 105 28.27 1.03 -34.26
CA TYR J 105 29.20 0.91 -33.16
C TYR J 105 30.04 2.15 -33.11
N ASP J 106 29.80 2.95 -32.08
CA ASP J 106 30.58 4.15 -31.90
C ASP J 106 32.05 3.79 -31.63
N LEU J 107 32.95 4.50 -32.27
CA LEU J 107 34.38 4.32 -32.06
C LEU J 107 34.70 3.78 -30.67
N LEU J 108 34.17 4.43 -29.64
CA LEU J 108 34.50 4.08 -28.26
C LEU J 108 33.30 3.71 -27.39
N GLU J 109 32.24 4.53 -27.46
CA GLU J 109 31.07 4.37 -26.59
C GLU J 109 30.38 3.01 -26.71
N GLY J 110 30.63 2.34 -27.84
CA GLY J 110 30.15 0.98 -28.03
C GLY J 110 29.00 0.81 -28.99
N ALA J 111 28.06 -0.03 -28.61
CA ALA J 111 26.92 -0.29 -29.45
C ALA J 111 25.86 0.76 -29.21
N LYS J 112 25.18 1.15 -30.27
CA LYS J 112 24.12 2.13 -30.15
C LYS J 112 22.99 1.76 -31.11
N LEU J 113 21.77 2.15 -30.72
CA LEU J 113 20.57 1.79 -31.48
C LEU J 113 19.44 2.82 -31.38
N PHE J 114 19.09 3.44 -32.51
CA PHE J 114 18.16 4.56 -32.52
C PHE J 114 16.86 4.40 -33.31
N SER J 115 15.77 4.75 -32.64
CA SER J 115 14.42 4.78 -33.21
C SER J 115 14.19 6.17 -33.77
N LEU J 116 13.30 6.28 -34.76
CA LEU J 116 13.20 7.53 -35.49
C LEU J 116 11.87 7.63 -36.21
N ASP J 117 11.08 8.65 -35.83
CA ASP J 117 9.80 8.91 -36.49
C ASP J 117 9.91 10.00 -37.57
N PRO J 118 8.94 10.02 -38.50
CA PRO J 118 9.05 10.81 -39.73
C PRO J 118 9.14 12.31 -39.48
N LEU J 119 8.69 12.71 -38.29
CA LEU J 119 8.75 14.10 -37.87
C LEU J 119 10.18 14.45 -37.50
N GLY J 120 10.78 13.63 -36.63
CA GLY J 120 12.17 13.84 -36.29
C GLY J 120 12.41 13.24 -34.93
N GLY J 121 11.31 12.87 -34.28
CA GLY J 121 11.39 12.23 -32.99
C GLY J 121 12.40 11.11 -32.94
N MET J 122 13.29 11.21 -31.97
CA MET J 122 14.35 10.25 -31.91
C MET J 122 14.43 9.71 -30.51
N ASN J 123 14.70 8.41 -30.38
CA ASN J 123 14.99 7.85 -29.08
C ASN J 123 15.99 6.72 -29.16
N GLU J 124 17.10 6.85 -28.45
CA GLU J 124 18.05 5.75 -28.30
C GLU J 124 17.31 4.58 -27.62
N GLU J 125 17.48 3.38 -28.17
CA GLU J 125 16.88 2.24 -27.55
C GLU J 125 17.98 1.42 -26.91
N LYS J 126 17.90 1.29 -25.60
CA LYS J 126 18.91 0.57 -24.85
C LYS J 126 18.71 -0.92 -25.02
N THR J 127 17.43 -1.32 -25.11
CA THR J 127 16.99 -2.73 -25.16
C THR J 127 16.77 -3.27 -26.58
N PHE J 128 15.57 -3.09 -27.11
CA PHE J 128 15.24 -3.57 -28.45
C PHE J 128 14.11 -2.71 -28.97
N THR J 129 14.12 -2.45 -30.26
CA THR J 129 13.00 -1.72 -30.85
C THR J 129 12.75 -2.25 -32.23
N ALA J 130 11.53 -2.04 -32.71
CA ALA J 130 11.12 -2.42 -34.05
C ALA J 130 10.12 -1.43 -34.63
N THR J 131 9.92 -1.50 -35.94
CA THR J 131 9.00 -0.60 -36.56
C THR J 131 8.59 -1.06 -37.94
N GLY J 132 7.37 -0.72 -38.33
CA GLY J 132 6.85 -1.04 -39.65
C GLY J 132 5.43 -1.62 -39.62
N SER J 133 4.75 -1.53 -40.76
CA SER J 133 3.38 -2.03 -40.91
C SER J 133 3.11 -3.16 -39.94
N GLY J 134 3.97 -4.18 -39.97
CA GLY J 134 3.89 -5.30 -39.05
C GLY J 134 4.90 -5.19 -37.92
N SER J 135 4.86 -4.09 -37.20
CA SER J 135 5.81 -3.91 -36.13
C SER J 135 5.29 -4.53 -34.85
N PRO J 136 4.05 -4.22 -34.47
CA PRO J 136 3.52 -4.65 -33.17
C PRO J 136 3.46 -6.17 -33.08
N ILE J 137 3.40 -6.84 -34.21
CA ILE J 137 3.54 -8.28 -34.19
C ILE J 137 4.95 -8.54 -33.71
N ALA J 138 5.92 -8.22 -34.56
CA ALA J 138 7.31 -8.47 -34.25
C ALA J 138 7.56 -8.18 -32.78
N TYR J 139 7.06 -7.04 -32.30
CA TYR J 139 7.26 -6.63 -30.91
C TYR J 139 6.97 -7.70 -29.87
N GLY J 140 5.73 -8.17 -29.83
CA GLY J 140 5.34 -9.14 -28.83
C GLY J 140 6.42 -10.18 -28.64
N VAL J 141 6.96 -10.64 -29.76
CA VAL J 141 8.07 -11.59 -29.74
C VAL J 141 9.16 -11.08 -28.83
N LEU J 142 9.76 -9.97 -29.24
CA LEU J 142 10.87 -9.41 -28.51
C LEU J 142 10.52 -9.14 -27.03
N GLU J 143 9.44 -8.41 -26.76
CA GLU J 143 9.12 -8.03 -25.39
C GLU J 143 8.91 -9.26 -24.48
N ALA J 144 8.84 -10.45 -25.08
CA ALA J 144 8.73 -11.71 -24.33
C ALA J 144 9.74 -12.78 -24.81
N GLY J 145 10.84 -12.32 -25.38
CA GLY J 145 11.90 -13.19 -25.82
C GLY J 145 13.19 -12.42 -25.75
N TYR J 146 13.32 -11.60 -24.72
CA TYR J 146 14.48 -10.75 -24.62
C TYR J 146 14.99 -10.58 -23.19
N ASP J 147 16.30 -10.70 -23.06
CA ASP J 147 16.99 -10.58 -21.78
C ASP J 147 18.25 -9.75 -22.01
N ARG J 148 18.59 -8.94 -21.03
CA ARG J 148 19.76 -8.07 -21.14
C ARG J 148 20.90 -8.69 -21.96
N ASP J 149 21.33 -9.88 -21.56
CA ASP J 149 22.56 -10.47 -22.09
C ASP J 149 22.35 -11.74 -22.90
N MET J 150 21.70 -11.61 -24.05
CA MET J 150 21.47 -12.77 -24.89
C MET J 150 22.42 -12.80 -26.05
N SER J 151 23.41 -13.68 -25.95
CA SER J 151 24.49 -13.83 -26.92
C SER J 151 24.30 -13.27 -28.33
N VAL J 152 25.42 -13.15 -29.03
CA VAL J 152 25.41 -12.80 -30.43
C VAL J 152 24.42 -13.66 -31.16
N GLU J 153 24.28 -14.90 -30.70
CA GLU J 153 23.41 -15.89 -31.35
C GLU J 153 21.95 -15.75 -30.92
N GLU J 154 21.72 -15.79 -29.62
CA GLU J 154 20.37 -15.65 -29.07
C GLU J 154 19.76 -14.31 -29.51
N GLY J 155 20.60 -13.46 -30.08
CA GLY J 155 20.11 -12.23 -30.69
C GLY J 155 19.48 -12.53 -32.02
N ILE J 156 20.31 -12.87 -33.02
CA ILE J 156 19.85 -13.09 -34.40
C ILE J 156 18.87 -14.24 -34.55
N LYS J 157 18.84 -15.14 -33.59
CA LYS J 157 17.79 -16.16 -33.57
C LYS J 157 16.49 -15.40 -33.29
N LEU J 158 16.40 -14.81 -32.09
CA LEU J 158 15.22 -14.05 -31.69
C LEU J 158 14.77 -13.17 -32.82
N ALA J 159 15.73 -12.56 -33.49
CA ALA J 159 15.44 -11.58 -34.53
C ALA J 159 14.58 -12.15 -35.63
N LEU J 160 15.05 -13.18 -36.31
CA LEU J 160 14.23 -13.74 -37.35
C LEU J 160 12.84 -14.01 -36.79
N ASN J 161 12.76 -14.67 -35.64
CA ASN J 161 11.48 -15.14 -35.08
C ASN J 161 10.43 -14.07 -34.86
N ALA J 162 10.85 -12.82 -34.71
CA ALA J 162 9.89 -11.74 -34.74
C ALA J 162 9.35 -11.70 -36.15
N LEU J 163 10.20 -11.34 -37.10
CA LEU J 163 9.81 -11.34 -38.50
C LEU J 163 9.04 -12.60 -38.86
N LYS J 164 9.45 -13.74 -38.30
CA LYS J 164 8.78 -15.03 -38.55
C LYS J 164 7.29 -14.94 -38.17
N SER J 165 7.00 -14.28 -37.06
CA SER J 165 5.63 -14.04 -36.65
C SER J 165 4.98 -13.03 -37.58
N ALA J 166 5.58 -11.85 -37.64
CA ALA J 166 4.98 -10.76 -38.40
C ALA J 166 4.74 -11.12 -39.83
N MET J 167 5.79 -11.58 -40.50
CA MET J 167 5.70 -11.91 -41.92
C MET J 167 4.51 -12.82 -42.18
N GLU J 168 4.11 -13.56 -41.16
CA GLU J 168 3.00 -14.49 -41.29
C GLU J 168 1.81 -14.12 -40.41
N ARG J 169 1.61 -12.82 -40.18
CA ARG J 169 0.41 -12.30 -39.50
C ARG J 169 0.25 -10.81 -39.84
N ASP J 170 0.73 -10.43 -41.01
CA ASP J 170 0.61 -9.07 -41.47
C ASP J 170 0.41 -9.07 -42.97
N THR J 171 -0.74 -8.58 -43.41
CA THR J 171 -1.03 -8.56 -44.83
C THR J 171 0.11 -7.94 -45.64
N PHE J 172 0.91 -7.09 -45.00
CA PHE J 172 1.88 -6.23 -45.70
C PHE J 172 3.32 -6.63 -45.53
N SER J 173 3.64 -7.31 -44.43
CA SER J 173 4.97 -7.85 -44.23
C SER J 173 4.99 -9.24 -44.81
N GLY J 174 6.18 -9.83 -44.90
CA GLY J 174 6.27 -11.27 -45.07
C GLY J 174 6.79 -11.89 -46.35
N ASN J 175 7.47 -11.13 -47.18
CA ASN J 175 8.06 -11.74 -48.36
C ASN J 175 9.58 -11.66 -48.24
N GLY J 176 10.23 -12.79 -48.01
CA GLY J 176 11.67 -12.78 -47.80
C GLY J 176 12.12 -12.03 -46.55
N ILE J 177 13.42 -12.09 -46.24
CA ILE J 177 14.03 -11.48 -45.05
C ILE J 177 15.51 -11.18 -45.26
N SER J 178 15.91 -9.92 -45.05
CA SER J 178 17.34 -9.57 -45.04
C SER J 178 17.79 -9.19 -43.62
N LEU J 179 19.04 -9.50 -43.32
CA LEU J 179 19.56 -9.36 -41.98
C LEU J 179 21.01 -8.95 -42.12
N ALA J 180 21.43 -7.97 -41.31
CA ALA J 180 22.84 -7.61 -41.17
C ALA J 180 23.21 -7.30 -39.71
N VAL J 181 24.47 -7.51 -39.35
CA VAL J 181 24.89 -7.15 -38.02
C VAL J 181 26.16 -6.29 -37.98
N ILE J 182 25.99 -5.11 -37.40
CA ILE J 182 27.07 -4.18 -37.20
C ILE J 182 27.76 -4.56 -35.90
N THR J 183 29.07 -4.69 -35.96
CA THR J 183 29.87 -4.97 -34.79
C THR J 183 31.20 -4.26 -34.98
N LYS J 184 31.83 -3.89 -33.89
CA LYS J 184 33.01 -3.07 -33.94
C LYS J 184 33.74 -3.17 -35.28
N ASP J 185 34.19 -4.35 -35.65
CA ASP J 185 35.03 -4.47 -36.85
C ASP J 185 34.35 -4.21 -38.18
N GLY J 186 33.04 -4.27 -38.23
CA GLY J 186 32.40 -4.02 -39.50
C GLY J 186 30.91 -4.21 -39.52
N VAL J 187 30.39 -4.38 -40.73
CA VAL J 187 28.95 -4.53 -40.94
C VAL J 187 28.66 -5.63 -41.96
N LYS J 188 28.11 -6.74 -41.47
CA LYS J 188 27.87 -7.94 -42.28
C LYS J 188 26.47 -8.02 -42.90
N ILE J 189 26.40 -7.79 -44.22
CA ILE J 189 25.18 -8.02 -44.97
C ILE J 189 25.08 -9.50 -45.32
N PHE J 190 24.07 -10.18 -44.77
CA PHE J 190 23.87 -11.60 -45.05
C PHE J 190 23.28 -11.87 -46.43
N GLU J 191 24.03 -12.59 -47.27
CA GLU J 191 23.57 -12.94 -48.60
C GLU J 191 22.52 -14.05 -48.52
N ASP J 192 21.29 -13.72 -48.91
CA ASP J 192 20.13 -14.59 -48.75
C ASP J 192 20.42 -16.04 -48.26
N GLU J 193 21.07 -16.83 -49.10
CA GLU J 193 21.31 -18.26 -48.84
C GLU J 193 21.72 -18.60 -47.41
N GLU J 194 22.79 -17.97 -46.95
CA GLU J 194 23.31 -18.30 -45.64
C GLU J 194 22.33 -17.97 -44.53
N ILE J 195 21.66 -16.83 -44.61
CA ILE J 195 20.67 -16.48 -43.59
C ILE J 195 19.87 -17.71 -43.23
N GLU J 196 19.14 -18.22 -44.23
CA GLU J 196 18.15 -19.26 -44.01
C GLU J 196 18.67 -20.32 -43.07
N LYS J 197 19.96 -20.66 -43.22
CA LYS J 197 20.57 -21.70 -42.40
C LYS J 197 19.99 -21.73 -41.01
N ILE J 198 19.61 -20.57 -40.49
CA ILE J 198 19.27 -20.49 -39.09
C ILE J 198 17.97 -21.16 -38.72
N LEU J 199 16.85 -20.71 -39.27
CA LEU J 199 15.57 -21.34 -38.92
C LEU J 199 15.51 -22.83 -39.30
N ASP J 200 16.52 -23.30 -40.03
CA ASP J 200 16.68 -24.73 -40.29
C ASP J 200 17.18 -25.39 -39.01
N SER J 201 18.20 -24.75 -38.42
CA SER J 201 18.79 -25.20 -37.17
C SER J 201 17.86 -24.94 -35.98
N MET J 202 16.87 -24.09 -36.19
CA MET J 202 15.86 -23.84 -35.17
C MET J 202 14.75 -24.89 -35.28
N LYS J 203 13.51 -24.45 -35.12
CA LYS J 203 12.37 -25.36 -35.20
C LYS J 203 11.56 -25.10 -36.47
N THR K 2 -2.32 0.92 -71.08
CA THR K 2 -1.70 0.97 -69.76
C THR K 2 -1.42 -0.42 -69.19
N THR K 3 -0.32 -1.02 -69.63
CA THR K 3 0.11 -2.32 -69.09
C THR K 3 1.44 -2.73 -69.72
N THR K 4 2.47 -2.91 -68.88
CA THR K 4 3.83 -3.24 -69.36
C THR K 4 4.53 -4.26 -68.50
N VAL K 5 5.62 -4.77 -69.05
CA VAL K 5 6.26 -5.95 -68.50
C VAL K 5 7.73 -6.05 -68.78
N GLY K 6 8.49 -6.27 -67.72
CA GLY K 6 9.91 -6.50 -67.84
C GLY K 6 10.32 -7.76 -67.11
N LEU K 7 11.31 -8.46 -67.68
CA LEU K 7 11.82 -9.67 -67.08
C LEU K 7 13.25 -9.96 -67.55
N ILE K 8 14.06 -10.53 -66.69
CA ILE K 8 15.39 -10.94 -67.08
C ILE K 8 15.42 -12.42 -67.43
N CYS K 9 15.96 -12.71 -68.60
CA CYS K 9 15.97 -14.08 -69.07
C CYS K 9 17.31 -14.40 -69.69
N ASP K 10 18.19 -14.99 -68.89
CA ASP K 10 19.50 -15.39 -69.37
C ASP K 10 20.39 -14.21 -69.77
N ASP K 11 20.54 -14.05 -71.07
CA ASP K 11 21.51 -13.16 -71.65
C ASP K 11 21.20 -11.70 -71.34
N ALA K 12 19.99 -11.28 -71.69
CA ALA K 12 19.61 -9.87 -71.65
C ALA K 12 18.28 -9.56 -70.92
N VAL K 13 17.57 -8.51 -71.36
CA VAL K 13 16.27 -8.16 -70.76
C VAL K 13 15.19 -7.71 -71.76
N ILE K 14 13.97 -8.18 -71.54
CA ILE K 14 12.85 -7.95 -72.44
C ILE K 14 11.82 -6.99 -71.84
N LEU K 15 11.15 -6.24 -72.70
CA LEU K 15 10.09 -5.34 -72.27
C LEU K 15 8.91 -5.37 -73.26
N ALA K 16 7.70 -5.17 -72.75
CA ALA K 16 6.50 -5.08 -73.60
C ALA K 16 5.44 -4.13 -73.03
N THR K 17 4.58 -3.61 -73.90
CA THR K 17 3.51 -2.70 -73.47
C THR K 17 2.17 -3.04 -74.08
N ASP K 18 1.35 -2.02 -74.26
CA ASP K 18 0.11 -2.17 -74.98
C ASP K 18 -0.27 -0.83 -75.55
N LYS K 19 -0.29 -0.73 -76.86
CA LYS K 19 -0.52 0.55 -77.51
C LYS K 19 -1.94 1.07 -77.30
N ARG K 20 -2.50 0.88 -76.11
CA ARG K 20 -3.83 1.42 -75.87
C ARG K 20 -3.82 2.61 -74.94
N ALA K 21 -4.47 3.68 -75.41
CA ALA K 21 -4.64 4.92 -74.65
C ALA K 21 -6.08 5.03 -74.22
N SER K 22 -6.31 5.55 -73.01
CA SER K 22 -7.56 5.27 -72.34
C SER K 22 -8.26 6.49 -71.76
N LEU K 23 -8.86 7.32 -72.61
CA LEU K 23 -9.42 8.58 -72.14
C LEU K 23 -10.70 8.43 -71.30
N GLY K 24 -10.57 7.91 -70.09
CA GLY K 24 -11.75 7.59 -69.31
C GLY K 24 -12.59 6.54 -70.04
N ASN K 25 -13.84 6.85 -70.31
CA ASN K 25 -14.69 5.93 -71.05
C ASN K 25 -14.16 5.66 -72.46
N LEU K 26 -13.73 6.73 -73.15
CA LEU K 26 -13.35 6.67 -74.57
C LEU K 26 -11.97 6.09 -74.84
N VAL K 27 -11.89 5.21 -75.81
CA VAL K 27 -10.60 4.72 -76.24
C VAL K 27 -10.03 5.74 -77.23
N ALA K 28 -8.92 6.37 -76.84
CA ALA K 28 -8.43 7.59 -77.46
C ALA K 28 -7.34 7.39 -78.51
N ASP K 29 -6.42 6.48 -78.22
CA ASP K 29 -5.34 6.15 -79.15
C ASP K 29 -5.25 4.64 -79.42
N LYS K 30 -5.42 4.29 -80.68
CA LYS K 30 -5.41 2.90 -81.15
C LYS K 30 -3.98 2.38 -81.24
N GLU K 31 -3.01 3.22 -80.87
CA GLU K 31 -1.57 2.88 -80.95
C GLU K 31 -0.66 3.83 -80.18
N ALA K 32 -0.63 3.76 -78.86
CA ALA K 32 0.11 4.72 -78.07
C ALA K 32 1.42 4.15 -77.58
N LYS K 33 2.53 4.73 -78.00
CA LYS K 33 3.84 4.24 -77.58
C LYS K 33 3.98 4.25 -76.06
N LYS K 34 4.46 3.14 -75.51
CA LYS K 34 4.68 3.06 -74.08
C LYS K 34 6.07 2.50 -73.77
N LEU K 35 6.88 2.30 -74.81
CA LEU K 35 8.23 1.78 -74.69
C LEU K 35 9.27 2.62 -75.41
N TYR K 36 10.19 3.18 -74.64
CA TYR K 36 11.17 4.08 -75.17
C TYR K 36 12.59 3.64 -74.88
N LYS K 37 13.42 3.80 -75.90
CA LYS K 37 14.85 3.62 -75.79
C LYS K 37 15.41 5.01 -75.49
N ILE K 38 16.19 5.14 -74.42
CA ILE K 38 16.89 6.39 -74.17
C ILE K 38 18.35 6.32 -74.66
N ASP K 39 19.04 5.24 -74.35
CA ASP K 39 20.45 5.13 -74.70
C ASP K 39 20.76 3.76 -75.29
N ASP K 40 21.73 3.72 -76.21
CA ASP K 40 22.09 2.52 -76.96
C ASP K 40 22.10 1.28 -76.11
N TYR K 41 22.21 1.48 -74.80
CA TYR K 41 22.28 0.35 -73.91
C TYR K 41 21.11 0.17 -72.91
N ILE K 42 20.24 1.18 -72.82
CA ILE K 42 19.14 1.21 -71.87
C ILE K 42 17.80 1.53 -72.55
N ALA K 43 16.69 1.00 -72.02
CA ALA K 43 15.37 1.37 -72.51
C ALA K 43 14.36 1.32 -71.36
N MET K 44 13.23 2.01 -71.50
CA MET K 44 12.29 2.10 -70.38
C MET K 44 10.86 1.97 -70.85
N THR K 45 9.91 1.79 -69.90
CA THR K 45 8.47 1.67 -70.20
C THR K 45 7.57 2.54 -69.32
N ILE K 46 6.74 3.35 -69.95
CA ILE K 46 5.90 4.29 -69.22
C ILE K 46 4.57 3.68 -68.87
N ALA K 47 4.14 3.84 -67.63
CA ALA K 47 2.79 3.42 -67.27
C ALA K 47 2.10 4.50 -66.45
N GLY K 48 0.96 4.99 -66.94
CA GLY K 48 0.19 5.97 -66.19
C GLY K 48 -0.07 7.35 -66.82
N SER K 49 0.37 8.41 -66.13
CA SER K 49 0.10 9.78 -66.57
C SER K 49 0.86 10.16 -67.84
N VAL K 50 0.19 10.18 -68.98
CA VAL K 50 0.87 10.37 -70.27
C VAL K 50 1.85 11.54 -70.37
N GLY K 51 1.31 12.72 -70.67
CA GLY K 51 2.09 13.95 -70.72
C GLY K 51 3.07 14.17 -69.57
N ASP K 52 2.82 13.53 -68.43
CA ASP K 52 3.81 13.49 -67.36
C ASP K 52 4.95 12.54 -67.70
N ALA K 53 4.62 11.28 -67.95
CA ALA K 53 5.67 10.31 -68.22
C ALA K 53 6.29 10.72 -69.52
N GLN K 54 5.46 11.30 -70.37
CA GLN K 54 5.95 11.86 -71.62
C GLN K 54 7.22 12.70 -71.40
N ALA K 55 7.12 13.81 -70.67
CA ALA K 55 8.28 14.68 -70.40
C ALA K 55 9.44 13.94 -69.73
N ILE K 56 9.16 13.20 -68.65
CA ILE K 56 10.20 12.46 -67.95
C ILE K 56 11.09 11.64 -68.87
N VAL K 57 10.54 11.25 -70.02
CA VAL K 57 11.32 10.58 -71.04
C VAL K 57 12.35 11.54 -71.59
N ARG K 58 11.85 12.47 -72.40
CA ARG K 58 12.65 13.52 -73.00
C ARG K 58 13.53 14.23 -71.95
N LEU K 59 12.91 14.63 -70.84
CA LEU K 59 13.62 15.26 -69.70
C LEU K 59 14.45 14.22 -68.94
N LEU K 60 14.94 13.24 -69.69
CA LEU K 60 15.86 12.21 -69.18
C LEU K 60 16.77 11.72 -70.30
N ILE K 61 16.23 11.61 -71.51
CA ILE K 61 17.03 11.15 -72.64
C ILE K 61 18.18 12.11 -72.86
N ALA K 62 17.88 13.40 -72.80
CA ALA K 62 18.92 14.36 -72.97
C ALA K 62 20.02 14.04 -71.97
N GLU K 63 19.66 13.95 -70.70
CA GLU K 63 20.64 13.75 -69.64
C GLU K 63 21.56 12.60 -69.93
N ALA K 64 21.07 11.63 -70.68
CA ALA K 64 21.87 10.46 -71.04
C ALA K 64 22.88 10.81 -72.13
N LYS K 65 22.37 10.92 -73.35
CA LYS K 65 23.15 11.34 -74.50
C LYS K 65 23.75 12.70 -74.17
N LEU K 66 24.42 12.74 -73.03
CA LEU K 66 25.13 13.88 -72.48
C LEU K 66 26.15 13.35 -71.51
N TYR K 67 25.69 12.66 -70.45
CA TYR K 67 26.58 11.90 -69.58
C TYR K 67 27.47 11.03 -70.47
N LYS K 68 26.82 10.41 -71.45
CA LYS K 68 27.49 9.53 -72.41
C LYS K 68 28.69 10.29 -72.90
N MET K 69 28.40 11.47 -73.43
CA MET K 69 29.40 12.36 -73.96
C MET K 69 30.40 12.89 -72.93
N ARG K 70 29.92 13.58 -71.91
CA ARG K 70 30.84 14.13 -70.92
C ARG K 70 31.76 13.07 -70.29
N THR K 71 31.46 11.79 -70.47
CA THR K 71 32.31 10.75 -69.87
C THR K 71 32.26 9.35 -70.52
N GLY K 72 32.38 9.28 -71.84
CA GLY K 72 32.44 7.99 -72.51
C GLY K 72 31.33 7.05 -72.04
N ARG K 73 31.62 6.20 -71.06
CA ARG K 73 30.69 5.15 -70.64
C ARG K 73 29.24 5.58 -70.80
N ASN K 74 28.46 4.80 -71.53
CA ASN K 74 27.05 5.09 -71.71
C ASN K 74 26.29 5.02 -70.37
N ILE K 75 26.10 6.15 -69.69
CA ILE K 75 25.36 6.20 -68.42
C ILE K 75 24.98 4.81 -67.93
N PRO K 76 25.81 4.20 -67.09
CA PRO K 76 25.50 2.83 -66.67
C PRO K 76 24.11 2.76 -66.06
N PRO K 77 23.27 1.82 -66.52
CA PRO K 77 21.84 1.75 -66.19
C PRO K 77 21.52 1.97 -64.71
N LEU K 78 22.12 1.22 -63.79
CA LEU K 78 21.80 1.39 -62.37
C LEU K 78 22.24 2.72 -61.80
N ALA K 79 22.71 3.60 -62.66
CA ALA K 79 23.08 4.95 -62.29
C ALA K 79 21.97 5.84 -62.79
N CYS K 80 21.79 5.80 -64.11
CA CYS K 80 20.65 6.44 -64.73
C CYS K 80 19.35 6.18 -63.97
N ALA K 81 19.12 4.95 -63.55
CA ALA K 81 17.93 4.69 -62.77
C ALA K 81 17.96 5.64 -61.60
N THR K 82 19.01 5.56 -60.79
CA THR K 82 19.11 6.33 -59.57
C THR K 82 19.00 7.81 -59.87
N LEU K 83 18.85 8.17 -61.14
CA LEU K 83 18.53 9.54 -61.47
C LEU K 83 17.04 9.72 -61.25
N LEU K 84 16.24 8.91 -61.94
CA LEU K 84 14.80 8.98 -61.76
C LEU K 84 14.38 8.92 -60.29
N SER K 85 15.02 8.07 -59.48
CA SER K 85 14.67 8.01 -58.06
C SER K 85 14.81 9.39 -57.50
N ASN K 86 15.75 10.14 -58.08
CA ASN K 86 16.02 11.52 -57.69
C ASN K 86 15.23 12.53 -58.54
N ILE K 87 15.13 12.28 -59.83
CA ILE K 87 14.31 13.12 -60.68
C ILE K 87 12.87 13.06 -60.22
N LEU K 88 12.41 11.91 -59.76
CA LEU K 88 11.07 11.83 -59.22
C LEU K 88 11.02 12.57 -57.90
N HIS K 89 11.68 12.00 -56.90
CA HIS K 89 11.54 12.47 -55.53
C HIS K 89 11.56 13.97 -55.35
N SER K 90 12.16 14.68 -56.31
CA SER K 90 12.21 16.13 -56.26
C SER K 90 10.79 16.70 -56.23
N SER K 91 9.90 16.12 -57.01
CA SER K 91 8.54 16.61 -57.06
C SER K 91 7.65 15.87 -56.11
N ARG K 92 8.20 15.49 -54.95
CA ARG K 92 7.39 14.85 -53.91
C ARG K 92 6.56 15.89 -53.18
N MET K 93 7.27 16.90 -52.67
CA MET K 93 6.70 18.16 -52.17
C MET K 93 5.69 18.66 -53.21
N PHE K 94 5.83 18.08 -54.42
CA PHE K 94 5.21 18.52 -55.66
C PHE K 94 4.30 17.42 -56.20
N PRO K 95 3.41 17.81 -57.11
CA PRO K 95 2.54 16.86 -57.80
C PRO K 95 3.18 16.00 -58.90
N PHE K 96 4.27 15.27 -58.69
CA PHE K 96 4.60 14.41 -59.82
C PHE K 96 3.77 13.20 -59.71
N LEU K 97 3.88 12.34 -60.72
CA LEU K 97 3.33 10.98 -60.70
C LEU K 97 3.71 10.19 -61.96
N THR K 98 3.62 8.85 -61.87
CA THR K 98 3.74 7.92 -62.99
C THR K 98 4.62 6.71 -62.69
N GLN K 99 4.32 5.61 -63.39
CA GLN K 99 5.07 4.34 -63.33
C GLN K 99 6.25 4.32 -64.29
N ILE K 100 6.92 3.19 -64.37
CA ILE K 100 8.18 3.13 -65.10
C ILE K 100 9.02 1.88 -64.84
N ILE K 101 9.47 1.28 -65.93
CA ILE K 101 10.43 0.21 -65.85
C ILE K 101 11.58 0.60 -66.74
N ILE K 102 12.79 0.45 -66.24
CA ILE K 102 14.00 0.70 -67.03
C ILE K 102 14.91 -0.52 -66.99
N GLY K 103 15.40 -0.90 -68.16
CA GLY K 103 16.31 -2.04 -68.30
C GLY K 103 17.38 -1.77 -69.34
N GLY K 104 18.54 -2.36 -69.13
CA GLY K 104 19.64 -2.09 -70.01
C GLY K 104 20.77 -3.00 -69.67
N TYR K 105 21.70 -3.12 -70.59
CA TYR K 105 22.81 -4.02 -70.38
C TYR K 105 24.03 -3.26 -69.91
N ASP K 106 24.36 -3.38 -68.64
CA ASP K 106 25.50 -2.65 -68.10
C ASP K 106 26.78 -2.98 -68.83
N LEU K 107 27.47 -1.93 -69.26
CA LEU K 107 28.79 -2.06 -69.84
C LEU K 107 29.35 -3.40 -69.39
N LEU K 108 29.51 -3.58 -68.08
CA LEU K 108 30.08 -4.81 -67.57
C LEU K 108 29.13 -5.66 -66.71
N GLU K 109 28.50 -5.04 -65.71
CA GLU K 109 27.75 -5.81 -64.72
C GLU K 109 26.65 -6.65 -65.33
N GLY K 110 26.34 -6.39 -66.59
CA GLY K 110 25.41 -7.22 -67.33
C GLY K 110 24.04 -6.60 -67.42
N ALA K 111 23.04 -7.46 -67.47
CA ALA K 111 21.68 -6.97 -67.61
C ALA K 111 21.12 -6.47 -66.28
N LYS K 112 20.22 -5.51 -66.37
CA LYS K 112 19.66 -4.90 -65.19
C LYS K 112 18.20 -4.53 -65.48
N LEU K 113 17.38 -4.60 -64.44
CA LEU K 113 15.96 -4.26 -64.53
C LEU K 113 15.41 -3.52 -63.29
N PHE K 114 14.95 -2.29 -63.49
CA PHE K 114 14.50 -1.40 -62.40
C PHE K 114 13.04 -0.92 -62.46
N SER K 115 12.30 -1.25 -61.43
CA SER K 115 10.95 -0.81 -61.27
C SER K 115 11.02 0.58 -60.69
N LEU K 116 9.92 1.30 -60.66
CA LEU K 116 9.97 2.68 -60.22
C LEU K 116 8.58 3.33 -60.01
N ASP K 117 8.36 3.94 -58.84
CA ASP K 117 7.08 4.59 -58.54
C ASP K 117 7.18 6.11 -58.67
N PRO K 118 6.03 6.79 -58.80
CA PRO K 118 5.84 8.23 -59.00
C PRO K 118 6.47 9.10 -57.93
N LEU K 119 6.50 8.59 -56.71
CA LEU K 119 7.22 9.25 -55.64
C LEU K 119 8.70 9.25 -56.00
N GLY K 120 9.35 8.12 -55.80
CA GLY K 120 10.74 7.95 -56.19
C GLY K 120 11.30 6.60 -55.78
N GLY K 121 10.47 5.82 -55.11
CA GLY K 121 10.87 4.48 -54.71
C GLY K 121 11.43 3.69 -55.88
N MET K 122 12.65 3.22 -55.75
CA MET K 122 13.27 2.42 -56.79
C MET K 122 13.69 1.05 -56.30
N ASN K 123 13.46 0.01 -57.11
CA ASN K 123 13.89 -1.33 -56.69
C ASN K 123 14.48 -2.15 -57.84
N GLU K 124 15.65 -2.75 -57.64
CA GLU K 124 16.20 -3.64 -58.64
C GLU K 124 15.45 -4.94 -58.60
N GLU K 125 14.86 -5.29 -59.72
CA GLU K 125 14.15 -6.54 -59.80
C GLU K 125 15.11 -7.54 -60.39
N LYS K 126 15.22 -8.69 -59.73
CA LYS K 126 16.14 -9.74 -60.16
C LYS K 126 15.48 -10.70 -61.14
N THR K 127 14.16 -10.80 -61.02
CA THR K 127 13.39 -11.76 -61.78
C THR K 127 12.59 -11.11 -62.92
N PHE K 128 11.39 -10.63 -62.59
CA PHE K 128 10.42 -10.12 -63.54
C PHE K 128 9.52 -9.14 -62.80
N THR K 129 9.15 -8.04 -63.44
CA THR K 129 8.21 -7.08 -62.83
C THR K 129 7.34 -6.43 -63.88
N ALA K 130 6.11 -6.09 -63.50
CA ALA K 130 5.23 -5.44 -64.45
C ALA K 130 4.43 -4.30 -63.81
N THR K 131 3.95 -3.42 -64.67
CA THR K 131 3.23 -2.23 -64.24
C THR K 131 2.20 -1.84 -65.29
N GLY K 132 1.10 -1.22 -64.87
CA GLY K 132 0.08 -0.76 -65.78
C GLY K 132 -1.33 -1.11 -65.38
N SER K 133 -2.25 -0.18 -65.60
CA SER K 133 -3.65 -0.35 -65.23
C SER K 133 -3.95 -1.81 -65.01
N GLY K 134 -3.79 -2.61 -66.06
CA GLY K 134 -3.97 -4.04 -65.94
C GLY K 134 -2.63 -4.72 -65.77
N SER K 135 -2.04 -4.57 -64.59
CA SER K 135 -0.76 -5.21 -64.33
C SER K 135 -0.95 -6.50 -63.56
N PRO K 136 -1.70 -6.44 -62.46
CA PRO K 136 -1.87 -7.65 -61.66
C PRO K 136 -2.32 -8.88 -62.48
N ILE K 137 -3.11 -8.64 -63.54
CA ILE K 137 -3.40 -9.71 -64.50
C ILE K 137 -2.05 -10.20 -64.98
N ALA K 138 -1.42 -9.38 -65.81
CA ALA K 138 -0.14 -9.71 -66.39
C ALA K 138 0.70 -10.44 -65.36
N TYR K 139 0.67 -9.97 -64.12
CA TYR K 139 1.48 -10.57 -63.06
C TYR K 139 1.27 -12.06 -62.83
N GLY K 140 0.03 -12.48 -62.55
CA GLY K 140 -0.22 -13.89 -62.37
C GLY K 140 0.52 -14.73 -63.41
N VAL K 141 0.36 -14.36 -64.67
CA VAL K 141 1.02 -15.02 -65.77
C VAL K 141 2.45 -15.39 -65.43
N LEU K 142 3.29 -14.36 -65.35
CA LEU K 142 4.70 -14.50 -65.04
C LEU K 142 5.00 -15.36 -63.80
N GLU K 143 4.30 -15.07 -62.69
CA GLU K 143 4.61 -15.71 -61.41
C GLU K 143 4.10 -17.14 -61.32
N ALA K 144 3.47 -17.59 -62.40
CA ALA K 144 3.26 -19.01 -62.61
C ALA K 144 3.70 -19.46 -64.01
N GLY K 145 4.54 -18.64 -64.65
CA GLY K 145 5.16 -18.94 -65.94
C GLY K 145 6.61 -18.50 -66.11
N TYR K 146 7.37 -18.46 -65.00
CA TYR K 146 8.76 -18.01 -65.02
C TYR K 146 9.74 -18.92 -64.27
N ASP K 147 10.83 -19.30 -64.93
CA ASP K 147 11.89 -20.07 -64.31
C ASP K 147 13.16 -19.25 -64.36
N ARG K 148 14.09 -19.51 -63.44
CA ARG K 148 15.36 -18.81 -63.42
C ARG K 148 15.98 -18.63 -64.82
N ASP K 149 16.03 -19.71 -65.60
CA ASP K 149 16.78 -19.71 -66.84
C ASP K 149 15.99 -20.12 -68.07
N MET K 150 15.06 -19.28 -68.49
CA MET K 150 14.24 -19.61 -69.64
C MET K 150 14.65 -18.85 -70.87
N SER K 151 15.38 -19.52 -71.75
CA SER K 151 15.88 -19.01 -73.04
C SER K 151 15.50 -17.61 -73.54
N VAL K 152 16.36 -17.09 -74.41
CA VAL K 152 16.09 -15.88 -75.17
C VAL K 152 14.72 -15.95 -75.84
N GLU K 153 14.17 -17.14 -75.91
CA GLU K 153 12.87 -17.29 -76.55
C GLU K 153 11.76 -17.42 -75.53
N GLU K 154 11.89 -18.41 -74.65
CA GLU K 154 10.86 -18.70 -73.65
C GLU K 154 10.54 -17.49 -72.75
N GLY K 155 11.23 -16.39 -73.00
CA GLY K 155 10.95 -15.14 -72.32
C GLY K 155 10.01 -14.25 -73.13
N ILE K 156 10.40 -13.94 -74.36
CA ILE K 156 9.57 -13.10 -75.22
C ILE K 156 8.28 -13.79 -75.59
N LYS K 157 8.22 -15.08 -75.33
CA LYS K 157 6.96 -15.79 -75.49
C LYS K 157 6.17 -15.37 -74.27
N LEU K 158 6.63 -15.82 -73.11
CA LEU K 158 5.98 -15.53 -71.84
C LEU K 158 5.62 -14.07 -71.73
N ALA K 159 6.44 -13.21 -72.31
CA ALA K 159 6.19 -11.78 -72.29
C ALA K 159 4.85 -11.51 -72.94
N LEU K 160 4.76 -11.73 -74.23
CA LEU K 160 3.49 -11.58 -74.90
C LEU K 160 2.39 -12.10 -73.99
N ASN K 161 2.42 -13.41 -73.71
CA ASN K 161 1.32 -14.08 -73.01
C ASN K 161 0.83 -13.35 -71.79
N ALA K 162 1.69 -12.60 -71.13
CA ALA K 162 1.21 -11.77 -70.04
C ALA K 162 0.25 -10.74 -70.61
N LEU K 163 0.70 -9.99 -71.61
CA LEU K 163 -0.16 -9.02 -72.27
C LEU K 163 -1.40 -9.67 -72.85
N LYS K 164 -1.23 -10.83 -73.48
CA LYS K 164 -2.37 -11.50 -74.06
C LYS K 164 -3.45 -11.56 -72.99
N SER K 165 -3.09 -12.05 -71.81
CA SER K 165 -4.03 -12.12 -70.69
C SER K 165 -4.59 -10.73 -70.37
N ALA K 166 -3.78 -9.92 -69.70
CA ALA K 166 -4.20 -8.59 -69.28
C ALA K 166 -4.98 -7.82 -70.34
N MET K 167 -4.42 -7.70 -71.54
CA MET K 167 -5.06 -6.98 -72.63
C MET K 167 -6.53 -7.39 -72.78
N GLU K 168 -6.80 -8.67 -72.58
CA GLU K 168 -8.17 -9.19 -72.71
C GLU K 168 -8.70 -9.63 -71.36
N ARG K 169 -8.59 -8.74 -70.39
CA ARG K 169 -9.15 -8.87 -69.07
C ARG K 169 -8.79 -7.60 -68.32
N ASP K 170 -8.67 -6.48 -69.03
CA ASP K 170 -8.58 -5.16 -68.41
C ASP K 170 -9.17 -4.04 -69.26
N THR K 171 -10.16 -3.34 -68.73
CA THR K 171 -10.85 -2.31 -69.49
C THR K 171 -9.88 -1.34 -70.18
N PHE K 172 -8.69 -1.19 -69.62
CA PHE K 172 -7.83 -0.09 -70.02
C PHE K 172 -6.70 -0.46 -70.95
N SER K 173 -6.18 -1.67 -70.80
CA SER K 173 -5.09 -2.16 -71.67
C SER K 173 -5.62 -2.78 -72.94
N GLY K 174 -4.74 -3.36 -73.74
CA GLY K 174 -5.18 -4.29 -74.76
C GLY K 174 -5.41 -3.91 -76.21
N ASN K 175 -4.92 -2.77 -76.65
CA ASN K 175 -5.07 -2.43 -78.07
C ASN K 175 -3.71 -2.49 -78.73
N GLY K 176 -3.46 -3.48 -79.57
CA GLY K 176 -2.15 -3.63 -80.16
C GLY K 176 -1.07 -3.83 -79.11
N ILE K 177 0.14 -4.20 -79.55
CA ILE K 177 1.22 -4.55 -78.63
C ILE K 177 2.58 -4.16 -79.20
N SER K 178 3.50 -3.75 -78.34
CA SER K 178 4.86 -3.41 -78.77
C SER K 178 5.89 -4.02 -77.83
N LEU K 179 7.12 -4.15 -78.32
CA LEU K 179 8.14 -4.93 -77.62
C LEU K 179 9.54 -4.62 -78.14
N ALA K 180 10.49 -4.61 -77.23
CA ALA K 180 11.89 -4.51 -77.59
C ALA K 180 12.72 -5.33 -76.60
N VAL K 181 13.83 -5.89 -77.07
CA VAL K 181 14.77 -6.55 -76.16
C VAL K 181 16.17 -5.95 -76.23
N ILE K 182 16.62 -5.49 -75.07
CA ILE K 182 17.95 -4.90 -74.90
C ILE K 182 18.91 -6.00 -74.56
N THR K 183 20.09 -5.96 -75.16
CA THR K 183 21.10 -6.99 -74.92
C THR K 183 22.45 -6.35 -75.11
N LYS K 184 23.52 -7.05 -74.73
CA LYS K 184 24.84 -6.45 -74.75
C LYS K 184 24.98 -5.60 -75.99
N ASP K 185 24.97 -6.22 -77.15
CA ASP K 185 25.26 -5.48 -78.36
C ASP K 185 24.19 -4.46 -78.83
N GLY K 186 23.04 -4.35 -78.15
CA GLY K 186 22.08 -3.31 -78.52
C GLY K 186 20.67 -3.29 -77.97
N VAL K 187 19.76 -2.67 -78.74
CA VAL K 187 18.35 -2.57 -78.36
C VAL K 187 17.41 -2.69 -79.57
N LYS K 188 16.58 -3.72 -79.58
CA LYS K 188 15.71 -3.99 -80.74
C LYS K 188 14.24 -3.58 -80.60
N ILE K 189 13.85 -2.52 -81.29
CA ILE K 189 12.44 -2.14 -81.38
C ILE K 189 11.84 -3.01 -82.45
N PHE K 190 10.86 -3.81 -82.06
CA PHE K 190 10.19 -4.67 -83.03
C PHE K 190 9.14 -3.93 -83.83
N GLU K 191 9.29 -3.92 -85.15
CA GLU K 191 8.31 -3.30 -86.03
C GLU K 191 7.05 -4.16 -86.09
N ASP K 192 6.01 -3.69 -85.40
CA ASP K 192 4.72 -4.37 -85.33
C ASP K 192 4.66 -5.67 -86.13
N GLU K 193 4.51 -5.56 -87.45
CA GLU K 193 4.37 -6.71 -88.32
C GLU K 193 5.10 -7.97 -87.85
N GLU K 194 6.36 -7.83 -87.46
CA GLU K 194 7.14 -9.02 -87.13
C GLU K 194 6.82 -9.63 -85.78
N ILE K 195 6.50 -8.79 -84.81
CA ILE K 195 6.11 -9.30 -83.51
C ILE K 195 5.17 -10.46 -83.78
N GLU K 196 4.02 -10.10 -84.35
CA GLU K 196 2.93 -11.01 -84.69
C GLU K 196 3.35 -12.45 -84.91
N LYS K 197 4.33 -12.64 -85.77
CA LYS K 197 4.75 -13.98 -86.13
C LYS K 197 4.61 -14.90 -84.92
N ILE K 198 5.03 -14.41 -83.77
CA ILE K 198 5.19 -15.26 -82.60
C ILE K 198 3.93 -15.96 -82.13
N LEU K 199 2.94 -15.20 -81.66
CA LEU K 199 1.70 -15.80 -81.18
C LEU K 199 1.00 -16.61 -82.29
N ASP K 200 1.51 -16.47 -83.52
CA ASP K 200 1.07 -17.30 -84.61
C ASP K 200 1.76 -18.63 -84.43
N SER K 201 3.04 -18.57 -84.09
CA SER K 201 3.83 -19.75 -83.81
C SER K 201 3.58 -20.27 -82.39
N MET K 202 2.62 -19.66 -81.68
CA MET K 202 2.22 -20.15 -80.37
C MET K 202 0.83 -20.78 -80.41
N LYS K 203 -0.02 -20.44 -79.45
CA LYS K 203 -1.37 -20.96 -79.45
C LYS K 203 -2.38 -19.85 -79.73
N THR L 2 -17.67 22.45 -80.07
CA THR L 2 -16.64 21.65 -79.46
C THR L 2 -16.67 20.25 -80.04
N THR L 3 -16.05 20.09 -81.20
CA THR L 3 -15.93 18.76 -81.85
C THR L 3 -14.99 18.83 -83.10
N THR L 4 -13.83 18.15 -83.03
CA THR L 4 -12.86 18.15 -84.14
C THR L 4 -12.44 16.78 -84.69
N VAL L 5 -12.00 16.79 -85.95
CA VAL L 5 -11.57 15.58 -86.63
C VAL L 5 -10.31 15.75 -87.46
N GLY L 6 -9.42 14.77 -87.31
CA GLY L 6 -8.21 14.71 -88.08
C GLY L 6 -7.99 13.29 -88.63
N LEU L 7 -7.44 13.24 -89.84
CA LEU L 7 -7.28 11.97 -90.50
C LEU L 7 -6.35 12.17 -91.66
N ILE L 8 -5.56 11.14 -91.94
CA ILE L 8 -4.66 11.12 -93.08
C ILE L 8 -5.30 10.33 -94.21
N CYS L 9 -5.31 10.89 -95.42
CA CYS L 9 -5.87 10.20 -96.59
C CYS L 9 -4.99 10.38 -97.82
N ASP L 10 -4.12 9.39 -98.06
CA ASP L 10 -3.18 9.44 -99.17
C ASP L 10 -2.20 10.59 -99.03
N ASP L 11 -2.39 11.62 -99.84
CA ASP L 11 -1.42 12.71 -99.98
C ASP L 11 -1.13 13.45 -98.69
N ALA L 12 -2.17 14.04 -98.10
CA ALA L 12 -1.98 14.94 -96.99
C ALA L 12 -2.87 14.63 -95.78
N VAL L 13 -3.38 15.69 -95.15
CA VAL L 13 -4.20 15.55 -93.94
C VAL L 13 -5.40 16.51 -93.94
N ILE L 14 -6.55 16.01 -93.48
CA ILE L 14 -7.79 16.78 -93.39
C ILE L 14 -8.18 17.13 -91.94
N LEU L 15 -8.60 18.38 -91.70
CA LEU L 15 -9.04 18.85 -90.40
C LEU L 15 -10.39 19.57 -90.50
N ALA L 16 -11.33 19.28 -89.58
CA ALA L 16 -12.64 19.95 -89.53
C ALA L 16 -13.15 20.14 -88.10
N THR L 17 -14.01 21.14 -87.90
CA THR L 17 -14.53 21.44 -86.56
C THR L 17 -16.00 21.80 -86.59
N ASP L 18 -16.47 22.36 -85.48
CA ASP L 18 -17.84 22.86 -85.42
C ASP L 18 -17.88 24.25 -84.82
N LYS L 19 -18.36 25.19 -85.61
CA LYS L 19 -18.39 26.59 -85.19
C LYS L 19 -19.40 26.82 -84.04
N ARG L 20 -19.37 25.99 -83.00
CA ARG L 20 -20.32 26.16 -81.88
C ARG L 20 -19.73 26.34 -80.49
N ALA L 21 -19.99 27.52 -79.98
CA ALA L 21 -19.51 27.93 -78.68
C ALA L 21 -20.64 27.64 -77.76
N SER L 22 -20.31 27.06 -76.62
CA SER L 22 -21.30 26.40 -75.81
C SER L 22 -21.25 26.85 -74.37
N LEU L 23 -21.90 27.97 -74.07
CA LEU L 23 -21.83 28.56 -72.74
C LEU L 23 -22.83 27.98 -71.75
N GLY L 24 -22.49 26.85 -71.15
CA GLY L 24 -23.45 26.11 -70.35
C GLY L 24 -24.71 25.86 -71.15
N ASN L 25 -25.86 26.10 -70.54
CA ASN L 25 -27.13 25.89 -71.20
C ASN L 25 -27.26 26.72 -72.49
N LEU L 26 -26.57 27.86 -72.54
CA LEU L 26 -26.76 28.87 -73.61
C LEU L 26 -25.83 28.70 -74.79
N VAL L 27 -26.40 28.79 -75.99
CA VAL L 27 -25.59 28.78 -77.19
C VAL L 27 -25.03 30.17 -77.43
N ALA L 28 -23.71 30.29 -77.22
CA ALA L 28 -23.05 31.57 -77.14
C ALA L 28 -22.55 32.10 -78.47
N ASP L 29 -21.89 31.24 -79.25
CA ASP L 29 -21.42 31.65 -80.56
C ASP L 29 -21.94 30.76 -81.68
N LYS L 30 -22.60 31.41 -82.64
CA LYS L 30 -23.20 30.76 -83.77
C LYS L 30 -22.16 30.60 -84.87
N GLU L 31 -20.90 30.82 -84.53
CA GLU L 31 -19.78 30.74 -85.49
C GLU L 31 -18.41 31.04 -84.87
N ALA L 32 -17.81 30.07 -84.21
CA ALA L 32 -16.57 30.31 -83.48
C ALA L 32 -15.46 29.46 -84.01
N LYS L 33 -14.46 30.10 -84.56
CA LYS L 33 -13.31 29.37 -85.08
C LYS L 33 -12.77 28.37 -84.05
N LYS L 34 -12.40 27.20 -84.57
CA LYS L 34 -11.75 26.14 -83.78
C LYS L 34 -10.64 25.47 -84.62
N LEU L 35 -10.33 26.10 -85.76
CA LEU L 35 -9.34 25.64 -86.75
C LEU L 35 -8.38 26.75 -87.23
N TYR L 36 -7.15 26.71 -86.76
CA TYR L 36 -6.17 27.75 -87.04
C TYR L 36 -4.96 27.21 -87.80
N LYS L 37 -4.48 28.01 -88.75
CA LYS L 37 -3.26 27.72 -89.50
C LYS L 37 -2.09 28.45 -88.86
N ILE L 38 -1.20 27.76 -88.17
CA ILE L 38 -0.05 28.45 -87.56
C ILE L 38 1.09 28.78 -88.55
N ASP L 39 1.46 27.82 -89.39
CA ASP L 39 2.53 28.05 -90.36
C ASP L 39 2.07 27.58 -91.72
N ASP L 40 2.80 27.96 -92.75
CA ASP L 40 2.40 27.70 -94.11
C ASP L 40 2.29 26.20 -94.41
N TYR L 41 2.82 25.36 -93.52
CA TYR L 41 2.77 23.92 -93.73
C TYR L 41 2.05 23.16 -92.62
N ILE L 42 1.62 23.88 -91.60
CA ILE L 42 1.04 23.32 -90.37
C ILE L 42 -0.26 24.03 -89.97
N ALA L 43 -1.15 23.30 -89.30
CA ALA L 43 -2.36 23.92 -88.77
C ALA L 43 -2.99 23.01 -87.71
N MET L 44 -3.98 23.52 -86.99
CA MET L 44 -4.45 22.82 -85.79
C MET L 44 -5.93 22.99 -85.49
N THR L 45 -6.43 22.22 -84.51
CA THR L 45 -7.84 22.32 -84.04
C THR L 45 -7.94 22.35 -82.54
N ILE L 46 -8.60 23.37 -82.03
CA ILE L 46 -8.74 23.52 -80.60
C ILE L 46 -10.06 22.99 -80.13
N ALA L 47 -10.03 22.37 -78.95
CA ALA L 47 -11.22 21.79 -78.38
C ALA L 47 -11.26 22.09 -76.90
N GLY L 48 -12.37 22.57 -76.37
CA GLY L 48 -12.44 22.80 -74.93
C GLY L 48 -12.30 24.23 -74.44
N SER L 49 -11.54 24.43 -73.36
CA SER L 49 -11.45 25.75 -72.71
C SER L 49 -10.99 26.94 -73.59
N VAL L 50 -11.91 27.60 -74.31
CA VAL L 50 -11.57 28.67 -75.27
C VAL L 50 -10.38 29.55 -74.84
N GLY L 51 -10.65 30.53 -73.98
CA GLY L 51 -9.66 31.49 -73.54
C GLY L 51 -8.30 30.87 -73.25
N ASP L 52 -8.30 29.57 -72.96
CA ASP L 52 -7.08 28.81 -72.70
C ASP L 52 -6.39 28.38 -73.99
N ALA L 53 -7.16 27.79 -74.89
CA ALA L 53 -6.60 27.33 -76.15
C ALA L 53 -6.30 28.54 -76.99
N GLN L 54 -7.25 29.44 -77.02
CA GLN L 54 -7.07 30.76 -77.57
C GLN L 54 -5.63 31.26 -77.45
N ALA L 55 -5.17 31.47 -76.21
CA ALA L 55 -3.80 31.95 -75.99
C ALA L 55 -2.80 30.93 -76.51
N ILE L 56 -3.04 29.65 -76.20
CA ILE L 56 -2.14 28.59 -76.64
C ILE L 56 -1.87 28.62 -78.13
N VAL L 57 -2.82 29.12 -78.91
CA VAL L 57 -2.61 29.35 -80.34
C VAL L 57 -1.62 30.49 -80.61
N ARG L 58 -2.01 31.72 -80.24
CA ARG L 58 -1.15 32.90 -80.39
C ARG L 58 0.20 32.71 -79.67
N LEU L 59 0.14 32.15 -78.47
CA LEU L 59 1.33 31.80 -77.67
C LEU L 59 2.00 30.56 -78.26
N LEU L 60 2.08 30.53 -79.59
CA LEU L 60 2.62 29.39 -80.34
C LEU L 60 2.96 29.77 -81.78
N ILE L 61 1.95 30.12 -82.58
CA ILE L 61 2.22 30.67 -83.91
C ILE L 61 3.44 31.59 -83.85
N ALA L 62 3.48 32.43 -82.82
CA ALA L 62 4.58 33.37 -82.66
C ALA L 62 5.89 32.61 -82.46
N GLU L 63 5.83 31.44 -81.84
CA GLU L 63 7.01 30.59 -81.72
C GLU L 63 7.34 29.80 -82.98
N ALA L 64 6.43 29.82 -83.93
CA ALA L 64 6.65 29.16 -85.19
C ALA L 64 7.27 30.16 -86.12
N LYS L 65 6.46 31.16 -86.49
CA LYS L 65 6.88 32.26 -87.35
C LYS L 65 7.99 33.03 -86.66
N LEU L 66 8.95 32.27 -86.10
CA LEU L 66 10.17 32.76 -85.45
C LEU L 66 11.25 31.73 -85.74
N TYR L 67 10.93 30.48 -85.39
CA TYR L 67 11.75 29.32 -85.72
C TYR L 67 11.94 29.20 -87.22
N LYS L 68 10.87 29.47 -87.96
CA LYS L 68 10.94 29.51 -89.41
C LYS L 68 12.04 30.47 -89.80
N MET L 69 12.02 31.66 -89.21
CA MET L 69 12.97 32.70 -89.55
C MET L 69 14.39 32.41 -89.09
N ARG L 70 14.55 32.16 -87.80
CA ARG L 70 15.88 31.89 -87.24
C ARG L 70 16.63 30.75 -87.93
N THR L 71 15.90 29.86 -88.60
CA THR L 71 16.51 28.69 -89.20
C THR L 71 15.77 28.14 -90.44
N GLY L 72 15.34 29.04 -91.32
CA GLY L 72 14.75 28.64 -92.59
C GLY L 72 13.58 27.67 -92.51
N ARG L 73 13.89 26.39 -92.38
CA ARG L 73 12.87 25.32 -92.34
C ARG L 73 11.62 25.72 -91.56
N ASN L 74 10.46 25.52 -92.17
CA ASN L 74 9.21 25.81 -91.50
C ASN L 74 9.03 24.80 -90.38
N ILE L 75 9.21 25.25 -89.14
CA ILE L 75 9.13 24.41 -87.95
C ILE L 75 8.56 23.08 -88.31
N PRO L 76 9.43 22.08 -88.49
CA PRO L 76 8.93 20.74 -88.82
C PRO L 76 7.83 20.24 -87.86
N PRO L 77 6.68 19.78 -88.40
CA PRO L 77 5.51 19.54 -87.55
C PRO L 77 5.83 18.74 -86.30
N LEU L 78 6.43 17.57 -86.48
CA LEU L 78 6.70 16.70 -85.34
C LEU L 78 7.64 17.35 -84.33
N ALA L 79 8.05 18.59 -84.61
CA ALA L 79 8.96 19.33 -83.75
C ALA L 79 8.17 20.36 -83.01
N CYS L 80 7.47 21.20 -83.78
CA CYS L 80 6.45 22.11 -83.24
C CYS L 80 5.48 21.40 -82.30
N ALA L 81 5.12 20.16 -82.63
CA ALA L 81 4.30 19.42 -81.72
C ALA L 81 5.03 19.25 -80.39
N THR L 82 6.25 18.74 -80.41
CA THR L 82 6.94 18.43 -79.15
C THR L 82 7.20 19.67 -78.34
N LEU L 83 6.77 20.82 -78.85
CA LEU L 83 6.72 22.02 -78.04
C LEU L 83 5.49 21.89 -77.18
N LEU L 84 4.33 21.87 -77.82
CA LEU L 84 3.10 21.76 -77.08
C LEU L 84 3.20 20.71 -76.02
N SER L 85 3.65 19.52 -76.38
CA SER L 85 3.88 18.53 -75.36
C SER L 85 4.63 19.15 -74.19
N ASN L 86 5.58 20.05 -74.47
CA ASN L 86 6.38 20.74 -73.45
C ASN L 86 5.68 21.96 -72.89
N ILE L 87 5.03 22.71 -73.76
CA ILE L 87 4.37 23.94 -73.38
C ILE L 87 3.33 23.60 -72.34
N LEU L 88 2.43 22.69 -72.67
CA LEU L 88 1.41 22.26 -71.72
C LEU L 88 2.04 21.85 -70.40
N HIS L 89 2.82 20.76 -70.44
CA HIS L 89 3.38 20.14 -69.24
C HIS L 89 4.04 21.13 -68.31
N SER L 90 4.33 22.33 -68.80
CA SER L 90 4.92 23.38 -67.97
C SER L 90 3.90 23.70 -66.90
N SER L 91 2.64 23.71 -67.34
CA SER L 91 1.52 24.03 -66.50
C SER L 91 0.84 22.83 -65.90
N ARG L 92 1.63 21.77 -65.66
CA ARG L 92 1.09 20.58 -65.00
C ARG L 92 1.04 20.88 -63.51
N MET L 93 2.18 21.38 -63.01
CA MET L 93 2.32 21.81 -61.63
C MET L 93 1.25 22.86 -61.43
N PHE L 94 0.85 23.42 -62.57
CA PHE L 94 -0.06 24.53 -62.64
C PHE L 94 -1.43 24.05 -63.10
N PRO L 95 -2.42 24.95 -63.05
CA PRO L 95 -3.66 24.77 -63.81
C PRO L 95 -3.51 24.95 -65.33
N PHE L 96 -3.17 23.96 -66.15
CA PHE L 96 -3.48 24.22 -67.56
C PHE L 96 -4.60 23.31 -67.95
N LEU L 97 -5.13 23.53 -69.16
CA LEU L 97 -6.07 22.61 -69.83
C LEU L 97 -6.36 22.94 -71.31
N THR L 98 -6.83 21.91 -72.03
CA THR L 98 -7.39 21.94 -73.40
C THR L 98 -6.91 20.79 -74.32
N GLN L 99 -7.72 20.47 -75.33
CA GLN L 99 -7.41 19.45 -76.34
C GLN L 99 -6.65 20.11 -77.48
N ILE L 100 -6.30 19.33 -78.51
CA ILE L 100 -5.55 19.83 -79.69
C ILE L 100 -5.08 18.78 -80.72
N ILE L 101 -5.31 19.09 -82.00
CA ILE L 101 -4.81 18.28 -83.12
C ILE L 101 -3.98 19.22 -84.01
N ILE L 102 -2.72 18.84 -84.29
CA ILE L 102 -1.87 19.57 -85.23
C ILE L 102 -1.64 18.73 -86.47
N GLY L 103 -1.90 19.32 -87.63
CA GLY L 103 -1.81 18.58 -88.88
C GLY L 103 -1.12 19.40 -89.94
N GLY L 104 0.05 18.93 -90.38
CA GLY L 104 0.86 19.69 -91.32
C GLY L 104 1.79 18.79 -92.11
N TYR L 105 2.36 19.34 -93.19
CA TYR L 105 3.20 18.54 -94.09
C TYR L 105 4.68 18.75 -93.79
N ASP L 106 5.37 17.65 -93.45
CA ASP L 106 6.80 17.70 -93.15
C ASP L 106 7.54 17.94 -94.44
N LEU L 107 8.33 19.01 -94.42
CA LEU L 107 9.21 19.34 -95.53
C LEU L 107 9.56 18.07 -96.30
N LEU L 108 10.02 17.02 -95.60
CA LEU L 108 10.36 15.76 -96.27
C LEU L 108 9.53 14.55 -95.84
N GLU L 109 9.44 14.31 -94.54
CA GLU L 109 8.85 13.09 -93.97
C GLU L 109 7.37 12.87 -94.30
N GLY L 110 6.77 13.84 -94.98
CA GLY L 110 5.42 13.71 -95.49
C GLY L 110 4.35 14.35 -94.64
N ALA L 111 3.20 13.69 -94.59
CA ALA L 111 2.07 14.18 -93.80
C ALA L 111 2.18 13.68 -92.37
N LYS L 112 1.71 14.51 -91.43
CA LYS L 112 1.78 14.16 -90.03
C LYS L 112 0.49 14.57 -89.32
N LEU L 113 0.09 13.75 -88.34
CA LEU L 113 -1.10 14.02 -87.56
C LEU L 113 -0.88 13.72 -86.08
N PHE L 114 -0.94 14.76 -85.25
CA PHE L 114 -0.68 14.61 -83.81
C PHE L 114 -1.82 15.04 -82.88
N SER L 115 -2.04 14.21 -81.85
CA SER L 115 -3.11 14.41 -80.89
C SER L 115 -2.54 14.89 -79.59
N LEU L 116 -3.34 15.60 -78.82
CA LEU L 116 -2.74 16.29 -77.70
C LEU L 116 -3.73 16.53 -76.56
N ASP L 117 -3.43 15.96 -75.39
CA ASP L 117 -4.20 16.18 -74.18
C ASP L 117 -3.61 17.31 -73.28
N PRO L 118 -4.46 17.93 -72.47
CA PRO L 118 -4.16 19.11 -71.64
C PRO L 118 -2.87 18.99 -70.87
N LEU L 119 -2.64 17.84 -70.27
CA LEU L 119 -1.43 17.66 -69.51
C LEU L 119 -0.21 17.84 -70.39
N GLY L 120 -0.13 17.11 -71.49
CA GLY L 120 1.03 17.22 -72.35
C GLY L 120 1.24 15.94 -73.11
N GLY L 121 0.33 15.01 -72.90
CA GLY L 121 0.34 13.77 -73.64
C GLY L 121 0.22 14.01 -75.12
N MET L 122 1.18 13.47 -75.85
CA MET L 122 1.13 13.53 -77.30
C MET L 122 1.25 12.15 -77.93
N ASN L 123 0.47 11.93 -78.99
CA ASN L 123 0.73 10.77 -79.85
C ASN L 123 0.57 11.09 -81.34
N GLU L 124 1.45 10.51 -82.16
CA GLU L 124 1.26 10.57 -83.60
C GLU L 124 0.15 9.59 -83.98
N GLU L 125 -0.87 10.11 -84.64
CA GLU L 125 -1.97 9.28 -85.09
C GLU L 125 -1.71 8.97 -86.54
N LYS L 126 -1.45 7.70 -86.85
CA LYS L 126 -1.10 7.32 -88.20
C LYS L 126 -2.34 7.26 -89.06
N THR L 127 -3.41 6.73 -88.47
CA THR L 127 -4.69 6.56 -89.14
C THR L 127 -5.56 7.83 -89.07
N PHE L 128 -6.41 7.92 -88.05
CA PHE L 128 -7.34 9.04 -87.86
C PHE L 128 -7.53 9.24 -86.36
N THR L 129 -7.87 10.47 -85.98
CA THR L 129 -8.16 10.77 -84.60
C THR L 129 -9.12 11.95 -84.55
N ALA L 130 -9.94 12.04 -83.49
CA ALA L 130 -10.84 13.18 -83.35
C ALA L 130 -11.04 13.51 -81.89
N THR L 131 -11.43 14.75 -81.63
CA THR L 131 -11.63 15.20 -80.26
C THR L 131 -12.66 16.27 -80.16
N GLY L 132 -13.32 16.29 -79.03
CA GLY L 132 -14.30 17.31 -78.76
C GLY L 132 -15.42 16.80 -77.91
N SER L 133 -16.17 17.74 -77.33
CA SER L 133 -17.37 17.39 -76.61
C SER L 133 -18.01 16.19 -77.26
N GLY L 134 -18.28 16.31 -78.56
CA GLY L 134 -18.91 15.26 -79.35
C GLY L 134 -17.90 14.53 -80.22
N SER L 135 -16.84 14.06 -79.57
CA SER L 135 -15.80 13.34 -80.28
C SER L 135 -16.24 11.92 -80.48
N PRO L 136 -16.51 11.19 -79.38
CA PRO L 136 -16.78 9.77 -79.55
C PRO L 136 -17.92 9.53 -80.56
N ILE L 137 -18.85 10.48 -80.72
CA ILE L 137 -19.80 10.34 -81.82
C ILE L 137 -19.03 10.34 -83.15
N ALA L 138 -18.37 11.44 -83.49
CA ALA L 138 -17.62 11.51 -84.73
C ALA L 138 -16.74 10.26 -84.90
N TYR L 139 -16.06 9.89 -83.81
CA TYR L 139 -15.15 8.76 -83.85
C TYR L 139 -15.84 7.62 -84.56
N GLY L 140 -16.82 7.01 -83.90
CA GLY L 140 -17.52 5.85 -84.45
C GLY L 140 -17.68 5.86 -85.96
N VAL L 141 -17.94 7.05 -86.51
CA VAL L 141 -18.03 7.27 -87.96
C VAL L 141 -16.77 6.76 -88.67
N LEU L 142 -15.63 7.37 -88.36
CA LEU L 142 -14.32 6.93 -88.89
C LEU L 142 -14.06 5.41 -88.75
N GLU L 143 -14.10 4.92 -87.52
CA GLU L 143 -13.68 3.57 -87.18
C GLU L 143 -14.42 2.52 -87.98
N ALA L 144 -15.41 2.98 -88.74
CA ALA L 144 -16.17 2.08 -89.61
C ALA L 144 -16.49 2.73 -90.97
N GLY L 145 -15.61 3.62 -91.41
CA GLY L 145 -15.78 4.23 -92.71
C GLY L 145 -14.45 4.71 -93.24
N TYR L 146 -13.38 4.07 -92.77
CA TYR L 146 -12.03 4.50 -93.13
C TYR L 146 -11.12 3.35 -93.56
N ASP L 147 -10.41 3.57 -94.67
CA ASP L 147 -9.50 2.59 -95.23
C ASP L 147 -8.13 3.25 -95.45
N ARG L 148 -7.07 2.51 -95.20
CA ARG L 148 -5.73 3.05 -95.42
C ARG L 148 -5.72 4.10 -96.51
N ASP L 149 -6.31 3.78 -97.65
CA ASP L 149 -6.14 4.60 -98.85
C ASP L 149 -7.23 5.66 -99.12
N MET L 150 -8.50 5.33 -99.05
CA MET L 150 -9.50 6.38 -99.28
C MET L 150 -9.00 7.32 -100.38
N SER L 151 -9.29 8.61 -100.28
CA SER L 151 -8.76 9.54 -101.27
C SER L 151 -8.74 10.98 -100.77
N VAL L 152 -8.20 11.88 -101.58
CA VAL L 152 -8.29 13.29 -101.27
C VAL L 152 -9.75 13.56 -101.06
N GLU L 153 -10.57 12.98 -101.92
CA GLU L 153 -12.00 13.19 -101.90
C GLU L 153 -12.64 12.35 -100.83
N GLU L 154 -12.32 11.07 -100.81
CA GLU L 154 -12.95 10.14 -99.89
C GLU L 154 -12.63 10.47 -98.43
N GLY L 155 -11.78 11.47 -98.23
CA GLY L 155 -11.43 11.92 -96.89
C GLY L 155 -12.34 13.04 -96.40
N ILE L 156 -12.37 14.14 -97.15
CA ILE L 156 -13.20 15.28 -96.80
C ILE L 156 -14.67 14.95 -96.81
N LYS L 157 -15.05 13.87 -97.47
CA LYS L 157 -16.42 13.39 -97.39
C LYS L 157 -16.58 12.76 -96.01
N LEU L 158 -15.91 11.63 -95.78
CA LEU L 158 -15.97 10.96 -94.49
C LEU L 158 -15.86 12.00 -93.40
N ALA L 159 -15.06 13.02 -93.69
CA ALA L 159 -14.76 14.06 -92.72
C ALA L 159 -16.02 14.77 -92.21
N LEU L 160 -16.73 15.40 -93.13
CA LEU L 160 -17.98 16.01 -92.77
C LEU L 160 -18.79 14.99 -92.03
N ASN L 161 -19.08 13.86 -92.70
CA ASN L 161 -20.00 12.85 -92.16
C ASN L 161 -19.69 12.33 -90.76
N ALA L 162 -18.59 12.78 -90.19
CA ALA L 162 -18.33 12.59 -88.76
C ALA L 162 -19.04 13.71 -88.02
N LEU L 163 -18.73 14.93 -88.40
CA LEU L 163 -19.41 16.06 -87.83
C LEU L 163 -20.92 15.95 -88.00
N LYS L 164 -21.36 15.51 -89.17
CA LYS L 164 -22.80 15.42 -89.46
C LYS L 164 -23.55 14.65 -88.37
N SER L 165 -23.00 13.50 -87.97
CA SER L 165 -23.58 12.74 -86.87
C SER L 165 -23.39 13.51 -85.57
N ALA L 166 -22.19 13.51 -85.02
CA ALA L 166 -21.93 14.25 -83.78
C ALA L 166 -22.73 15.55 -83.66
N MET L 167 -22.70 16.39 -84.70
CA MET L 167 -23.36 17.72 -84.69
C MET L 167 -24.88 17.70 -84.46
N GLU L 168 -25.47 16.53 -84.62
CA GLU L 168 -26.89 16.38 -84.42
C GLU L 168 -27.18 15.31 -83.40
N ARG L 169 -26.14 14.92 -82.65
CA ARG L 169 -26.30 13.98 -81.56
C ARG L 169 -25.50 14.41 -80.34
N ASP L 170 -25.00 15.64 -80.38
CA ASP L 170 -24.32 16.23 -79.23
C ASP L 170 -24.89 17.61 -78.82
N THR L 171 -25.37 17.68 -77.59
CA THR L 171 -25.93 18.92 -77.08
C THR L 171 -24.99 20.09 -77.35
N PHE L 172 -23.69 19.82 -77.37
CA PHE L 172 -22.71 20.90 -77.34
C PHE L 172 -22.04 21.23 -78.64
N SER L 173 -22.03 20.26 -79.56
CA SER L 173 -21.47 20.49 -80.87
C SER L 173 -22.61 20.59 -81.84
N GLY L 174 -22.35 21.17 -82.99
CA GLY L 174 -23.33 21.09 -84.05
C GLY L 174 -23.93 22.37 -84.58
N ASN L 175 -23.18 23.46 -84.53
CA ASN L 175 -23.61 24.67 -85.20
C ASN L 175 -22.58 25.08 -86.23
N GLY L 176 -22.96 25.11 -87.51
CA GLY L 176 -21.99 25.40 -88.55
C GLY L 176 -20.77 24.49 -88.52
N ILE L 177 -19.98 24.54 -89.59
CA ILE L 177 -18.82 23.65 -89.78
C ILE L 177 -17.65 24.27 -90.55
N SER L 178 -16.43 24.03 -90.08
CA SER L 178 -15.27 24.57 -90.77
C SER L 178 -14.25 23.48 -91.08
N LEU L 179 -13.47 23.76 -92.12
CA LEU L 179 -12.65 22.73 -92.75
C LEU L 179 -11.50 23.37 -93.49
N ALA L 180 -10.30 22.84 -93.28
CA ALA L 180 -9.14 23.19 -94.08
C ALA L 180 -8.31 21.93 -94.30
N VAL L 181 -7.61 21.88 -95.44
CA VAL L 181 -6.69 20.78 -95.72
C VAL L 181 -5.25 21.22 -95.98
N ILE L 182 -4.35 20.59 -95.24
CA ILE L 182 -2.94 20.81 -95.37
C ILE L 182 -2.35 19.73 -96.24
N THR L 183 -1.55 20.18 -97.20
CA THR L 183 -0.92 19.31 -98.17
C THR L 183 0.43 19.93 -98.43
N LYS L 184 1.31 19.21 -99.12
CA LYS L 184 2.64 19.71 -99.41
C LYS L 184 2.66 21.19 -99.76
N ASP L 185 2.04 21.59 -100.87
CA ASP L 185 2.15 22.97 -101.33
C ASP L 185 1.43 24.06 -100.50
N GLY L 186 0.58 23.70 -99.55
CA GLY L 186 -0.04 24.71 -98.71
C GLY L 186 -1.11 24.30 -97.71
N VAL L 187 -1.95 25.26 -97.32
CA VAL L 187 -3.06 25.00 -96.41
C VAL L 187 -4.28 25.79 -96.84
N LYS L 188 -5.37 25.09 -97.11
CA LYS L 188 -6.59 25.75 -97.59
C LYS L 188 -7.65 25.90 -96.52
N ILE L 189 -7.95 27.14 -96.16
CA ILE L 189 -9.11 27.39 -95.34
C ILE L 189 -10.25 27.42 -96.37
N PHE L 190 -11.26 26.58 -96.15
CA PHE L 190 -12.44 26.55 -97.02
C PHE L 190 -13.42 27.64 -96.65
N GLU L 191 -13.65 28.61 -97.54
CA GLU L 191 -14.64 29.63 -97.23
C GLU L 191 -16.07 29.06 -97.20
N ASP L 192 -16.61 28.89 -95.99
CA ASP L 192 -17.91 28.28 -95.76
C ASP L 192 -18.69 27.90 -97.04
N GLU L 193 -19.21 28.90 -97.74
CA GLU L 193 -20.02 28.69 -98.96
C GLU L 193 -19.59 27.47 -99.78
N GLU L 194 -18.31 27.38 -100.10
CA GLU L 194 -17.84 26.27 -100.89
C GLU L 194 -17.85 24.96 -100.14
N ILE L 195 -17.67 25.00 -98.83
CA ILE L 195 -17.70 23.76 -98.05
C ILE L 195 -18.98 23.05 -98.44
N GLU L 196 -20.08 23.69 -98.06
CA GLU L 196 -21.44 23.21 -98.33
C GLU L 196 -21.61 22.36 -99.59
N LYS L 197 -21.00 22.79 -100.69
CA LYS L 197 -21.12 22.09 -101.96
C LYS L 197 -21.18 20.60 -101.72
N ILE L 198 -20.30 20.12 -100.85
CA ILE L 198 -20.07 18.71 -100.66
C ILE L 198 -21.31 17.90 -100.26
N LEU L 199 -21.78 18.04 -99.02
CA LEU L 199 -22.93 17.25 -98.58
C LEU L 199 -24.13 17.38 -99.53
N ASP L 200 -24.11 18.39 -100.40
CA ASP L 200 -25.11 18.50 -101.45
C ASP L 200 -24.90 17.37 -102.43
N SER L 201 -23.70 17.32 -102.98
CA SER L 201 -23.33 16.24 -103.88
C SER L 201 -23.39 14.88 -103.16
N MET L 202 -23.40 14.92 -101.83
CA MET L 202 -23.53 13.69 -101.05
C MET L 202 -24.99 13.28 -100.99
N LYS L 203 -25.37 12.69 -99.85
CA LYS L 203 -26.76 12.33 -99.62
C LYS L 203 -27.46 13.45 -98.84
N THR M 2 -27.27 44.23 -65.34
CA THR M 2 -26.48 43.15 -65.91
C THR M 2 -27.19 42.53 -67.12
N THR M 3 -27.19 43.23 -68.25
CA THR M 3 -27.70 42.68 -69.49
C THR M 3 -27.39 43.58 -70.67
N THR M 4 -26.33 43.26 -71.44
CA THR M 4 -25.85 44.12 -72.54
C THR M 4 -26.09 43.52 -73.93
N VAL M 5 -26.09 44.37 -74.95
CA VAL M 5 -26.28 43.91 -76.31
C VAL M 5 -25.41 44.64 -77.31
N GLY M 6 -25.08 43.94 -78.39
CA GLY M 6 -24.31 44.50 -79.48
C GLY M 6 -24.66 43.74 -80.73
N LEU M 7 -24.63 44.44 -81.85
CA LEU M 7 -25.02 43.87 -83.12
C LEU M 7 -24.56 44.83 -84.20
N ILE M 8 -24.17 44.33 -85.36
CA ILE M 8 -23.75 45.23 -86.42
C ILE M 8 -24.88 45.48 -87.41
N CYS M 9 -25.12 46.73 -87.77
CA CYS M 9 -26.15 47.04 -88.73
C CYS M 9 -25.67 47.96 -89.81
N ASP M 10 -25.42 47.36 -90.97
CA ASP M 10 -24.92 48.12 -92.09
C ASP M 10 -23.68 48.85 -91.68
N ASP M 11 -23.81 50.16 -91.51
CA ASP M 11 -22.66 51.01 -91.42
C ASP M 11 -21.87 50.62 -90.23
N ALA M 12 -22.51 50.78 -89.08
CA ALA M 12 -21.78 50.80 -87.84
C ALA M 12 -22.18 49.67 -86.90
N VAL M 13 -22.01 49.94 -85.60
CA VAL M 13 -22.32 48.96 -84.57
C VAL M 13 -23.05 49.62 -83.42
N ILE M 14 -24.03 48.93 -82.86
CA ILE M 14 -24.79 49.42 -81.71
C ILE M 14 -24.46 48.67 -80.42
N LEU M 15 -24.60 49.36 -79.29
CA LEU M 15 -24.47 48.75 -77.97
C LEU M 15 -25.58 49.28 -77.07
N ALA M 16 -26.00 48.50 -76.09
CA ALA M 16 -26.97 48.97 -75.11
C ALA M 16 -26.86 48.18 -73.81
N THR M 17 -27.22 48.79 -72.68
CA THR M 17 -27.11 48.08 -71.41
C THR M 17 -28.40 48.11 -70.61
N ASP M 18 -28.23 48.14 -69.30
CA ASP M 18 -29.34 48.37 -68.41
C ASP M 18 -28.75 48.95 -67.15
N LYS M 19 -29.12 50.18 -66.83
CA LYS M 19 -28.53 50.84 -65.69
C LYS M 19 -28.94 50.22 -64.35
N ARG M 20 -28.90 48.89 -64.23
CA ARG M 20 -29.21 48.23 -62.95
C ARG M 20 -28.04 47.42 -62.35
N ALA M 21 -27.80 47.63 -61.07
CA ALA M 21 -26.79 46.90 -60.33
C ALA M 21 -27.57 46.23 -59.26
N SER M 22 -27.16 45.01 -58.94
CA SER M 22 -28.00 44.12 -58.15
C SER M 22 -27.23 43.53 -56.98
N LEU M 23 -27.39 44.13 -55.83
CA LEU M 23 -26.64 43.68 -54.69
C LEU M 23 -27.34 42.53 -54.02
N GLY M 24 -27.22 41.34 -54.59
CA GLY M 24 -28.00 40.23 -54.09
C GLY M 24 -29.46 40.62 -54.13
N ASN M 25 -30.15 40.43 -53.02
CA ASN M 25 -31.58 40.72 -52.92
C ASN M 25 -31.95 42.19 -53.07
N LEU M 26 -31.06 43.08 -52.63
CA LEU M 26 -31.27 44.54 -52.70
C LEU M 26 -30.87 45.18 -54.03
N VAL M 27 -31.68 46.10 -54.51
CA VAL M 27 -31.30 46.87 -55.68
C VAL M 27 -30.45 48.03 -55.19
N ALA M 28 -29.21 48.08 -55.65
CA ALA M 28 -28.22 48.96 -55.05
C ALA M 28 -27.93 50.19 -55.87
N ASP M 29 -28.15 50.11 -57.18
CA ASP M 29 -27.87 51.25 -58.04
C ASP M 29 -28.98 51.46 -59.06
N LYS M 30 -29.68 52.59 -58.93
CA LYS M 30 -30.80 52.94 -59.80
C LYS M 30 -30.23 53.44 -61.11
N GLU M 31 -28.91 53.43 -61.18
CA GLU M 31 -28.20 53.87 -62.38
C GLU M 31 -26.73 53.57 -62.32
N ALA M 32 -26.35 52.43 -62.86
CA ALA M 32 -24.95 52.08 -62.97
C ALA M 32 -24.51 51.93 -64.42
N LYS M 33 -23.45 52.66 -64.75
CA LYS M 33 -22.90 52.68 -66.09
C LYS M 33 -22.39 51.29 -66.42
N LYS M 34 -22.72 50.84 -67.61
CA LYS M 34 -22.26 49.56 -68.04
C LYS M 34 -21.63 49.70 -69.43
N LEU M 35 -21.65 50.93 -69.96
CA LEU M 35 -21.19 51.23 -71.32
C LEU M 35 -20.08 52.26 -71.30
N TYR M 36 -18.88 51.88 -71.76
CA TYR M 36 -17.71 52.75 -71.67
C TYR M 36 -17.00 52.96 -73.01
N LYS M 37 -16.69 54.23 -73.32
CA LYS M 37 -15.88 54.57 -74.49
C LYS M 37 -14.43 54.56 -74.05
N ILE M 38 -13.58 53.87 -74.78
CA ILE M 38 -12.17 53.79 -74.41
C ILE M 38 -11.28 54.59 -75.37
N ASP M 39 -11.72 54.63 -76.62
CA ASP M 39 -11.02 55.38 -77.64
C ASP M 39 -12.01 55.87 -78.66
N ASP M 40 -11.64 56.93 -79.33
CA ASP M 40 -12.55 57.67 -80.17
C ASP M 40 -13.24 56.82 -81.22
N TYR M 41 -12.68 55.64 -81.50
CA TYR M 41 -13.23 54.77 -82.53
C TYR M 41 -13.75 53.42 -82.06
N ILE M 42 -13.76 53.21 -80.73
CA ILE M 42 -14.18 51.96 -80.08
C ILE M 42 -14.94 52.20 -78.77
N ALA M 43 -15.86 51.31 -78.43
CA ALA M 43 -16.61 51.41 -77.18
C ALA M 43 -16.99 50.02 -76.70
N MET M 44 -17.07 49.81 -75.39
CA MET M 44 -17.21 48.46 -74.85
C MET M 44 -18.28 48.37 -73.79
N THR M 45 -18.77 47.16 -73.47
CA THR M 45 -19.77 46.96 -72.39
C THR M 45 -19.46 45.82 -71.42
N ILE M 46 -19.39 46.16 -70.14
CA ILE M 46 -19.07 45.19 -69.11
C ILE M 46 -20.33 44.52 -68.67
N ALA M 47 -20.19 43.31 -68.18
CA ALA M 47 -21.30 42.69 -67.52
C ALA M 47 -20.76 41.80 -66.41
N GLY M 48 -21.36 41.90 -65.23
CA GLY M 48 -20.98 41.01 -64.15
C GLY M 48 -20.27 41.65 -62.98
N SER M 49 -19.02 41.25 -62.77
CA SER M 49 -18.26 41.65 -61.58
C SER M 49 -17.74 43.08 -61.63
N VAL M 50 -18.56 43.99 -61.13
CA VAL M 50 -18.32 45.40 -61.26
C VAL M 50 -16.91 45.80 -61.08
N GLY M 51 -16.46 45.77 -59.84
CA GLY M 51 -15.16 46.32 -59.48
C GLY M 51 -13.95 45.66 -60.09
N ASP M 52 -14.16 44.53 -60.80
CA ASP M 52 -13.09 43.82 -61.52
C ASP M 52 -13.00 44.43 -62.90
N ALA M 53 -14.14 44.45 -63.57
CA ALA M 53 -14.26 45.05 -64.90
C ALA M 53 -13.96 46.54 -64.88
N GLN M 54 -14.59 47.26 -63.96
CA GLN M 54 -14.28 48.65 -63.66
C GLN M 54 -12.83 48.88 -63.94
N ALA M 55 -11.97 48.11 -63.26
CA ALA M 55 -10.52 48.21 -63.41
C ALA M 55 -10.14 47.95 -64.83
N ILE M 56 -10.61 46.80 -65.36
CA ILE M 56 -10.29 46.38 -66.72
C ILE M 56 -10.65 47.43 -67.77
N VAL M 57 -11.57 48.31 -67.41
CA VAL M 57 -11.85 49.49 -68.21
C VAL M 57 -10.64 50.43 -68.13
N ARG M 58 -10.43 51.00 -66.97
CA ARG M 58 -9.32 51.93 -66.75
C ARG M 58 -8.00 51.31 -67.21
N LEU M 59 -7.68 50.14 -66.64
CA LEU M 59 -6.44 49.40 -66.95
C LEU M 59 -6.39 49.04 -68.46
N LEU M 60 -7.16 49.78 -69.25
CA LEU M 60 -7.30 49.53 -70.68
C LEU M 60 -7.36 50.82 -71.48
N ILE M 61 -8.08 51.82 -70.97
CA ILE M 61 -8.30 53.07 -71.72
C ILE M 61 -7.03 53.83 -71.83
N ALA M 62 -6.13 53.53 -70.90
CA ALA M 62 -4.79 54.07 -70.90
C ALA M 62 -3.89 53.30 -71.91
N GLU M 63 -4.07 52.00 -71.99
CA GLU M 63 -3.32 51.24 -72.98
C GLU M 63 -3.82 51.49 -74.41
N ALA M 64 -4.83 52.33 -74.52
CA ALA M 64 -5.40 52.70 -75.80
C ALA M 64 -4.79 54.00 -76.21
N LYS M 65 -5.33 55.05 -75.61
CA LYS M 65 -4.81 56.40 -75.76
C LYS M 65 -3.36 56.48 -75.28
N LEU M 66 -2.53 55.57 -75.80
CA LEU M 66 -1.09 55.50 -75.53
C LEU M 66 -0.48 54.92 -76.79
N TYR M 67 -0.91 53.72 -77.13
CA TYR M 67 -0.62 53.12 -78.44
C TYR M 67 -1.02 54.13 -79.47
N LYS M 68 -2.16 54.78 -79.25
CA LYS M 68 -2.67 55.79 -80.18
C LYS M 68 -1.60 56.85 -80.41
N MET M 69 -1.06 57.36 -79.31
CA MET M 69 0.01 58.33 -79.39
C MET M 69 1.27 57.72 -79.97
N ARG M 70 1.76 56.66 -79.33
CA ARG M 70 3.04 56.09 -79.71
C ARG M 70 3.14 55.80 -81.21
N THR M 71 1.98 55.64 -81.87
CA THR M 71 1.95 55.28 -83.28
C THR M 71 0.72 55.74 -84.08
N GLY M 72 0.18 56.93 -83.78
CA GLY M 72 -0.94 57.45 -84.56
C GLY M 72 -2.22 56.61 -84.52
N ARG M 73 -2.42 55.74 -85.51
CA ARG M 73 -3.54 54.80 -85.58
C ARG M 73 -4.25 54.56 -84.25
N ASN M 74 -5.54 54.89 -84.18
CA ASN M 74 -6.28 54.65 -82.95
C ASN M 74 -6.38 53.16 -82.62
N ILE M 75 -5.47 52.62 -81.80
CA ILE M 75 -5.42 51.16 -81.53
C ILE M 75 -6.52 50.46 -82.26
N PRO M 76 -6.20 49.81 -83.38
CA PRO M 76 -7.27 49.20 -84.16
C PRO M 76 -8.07 48.16 -83.35
N PRO M 77 -9.41 48.13 -83.51
CA PRO M 77 -10.26 47.31 -82.65
C PRO M 77 -9.73 45.90 -82.46
N LEU M 78 -9.77 45.08 -83.51
CA LEU M 78 -9.40 43.66 -83.42
C LEU M 78 -8.01 43.37 -82.88
N ALA M 79 -7.36 44.40 -82.33
CA ALA M 79 -6.05 44.27 -81.74
C ALA M 79 -6.17 44.63 -80.29
N CYS M 80 -6.79 45.76 -80.04
CA CYS M 80 -7.14 46.15 -78.68
C CYS M 80 -7.82 44.99 -78.01
N ALA M 81 -8.81 44.44 -78.70
CA ALA M 81 -9.54 43.31 -78.18
C ALA M 81 -8.54 42.24 -77.81
N THR M 82 -7.63 41.94 -78.73
CA THR M 82 -6.67 40.87 -78.52
C THR M 82 -5.69 41.26 -77.42
N LEU M 83 -5.84 42.45 -76.87
CA LEU M 83 -5.26 42.70 -75.58
C LEU M 83 -6.09 41.90 -74.59
N LEU M 84 -7.34 42.29 -74.41
CA LEU M 84 -8.26 41.64 -73.46
C LEU M 84 -8.24 40.11 -73.50
N SER M 85 -8.15 39.54 -74.68
CA SER M 85 -7.94 38.10 -74.81
C SER M 85 -6.68 37.71 -74.04
N ASN M 86 -5.72 38.64 -74.00
CA ASN M 86 -4.46 38.45 -73.28
C ASN M 86 -4.57 38.95 -71.85
N ILE M 87 -5.09 40.16 -71.67
CA ILE M 87 -5.13 40.72 -70.33
C ILE M 87 -5.89 39.80 -69.40
N LEU M 88 -7.01 39.25 -69.86
CA LEU M 88 -7.79 38.30 -69.06
C LEU M 88 -6.98 37.10 -68.64
N HIS M 89 -6.57 36.34 -69.64
CA HIS M 89 -5.95 35.03 -69.45
C HIS M 89 -4.73 35.07 -68.52
N SER M 90 -4.12 36.24 -68.37
CA SER M 90 -2.97 36.32 -67.49
C SER M 90 -3.46 35.92 -66.12
N SER M 91 -4.67 36.32 -65.82
CA SER M 91 -5.27 35.98 -64.55
C SER M 91 -6.21 34.79 -64.68
N ARG M 92 -5.83 33.85 -65.53
CA ARG M 92 -6.49 32.57 -65.57
C ARG M 92 -5.98 31.81 -64.37
N MET M 93 -4.66 31.65 -64.35
CA MET M 93 -3.91 31.09 -63.22
C MET M 93 -4.46 31.71 -61.95
N PHE M 94 -4.91 32.94 -62.12
CA PHE M 94 -5.34 33.75 -61.01
C PHE M 94 -6.85 33.78 -61.03
N PRO M 95 -7.41 34.41 -60.00
CA PRO M 95 -8.84 34.72 -59.86
C PRO M 95 -9.44 35.82 -60.76
N PHE M 96 -9.29 35.80 -62.08
CA PHE M 96 -9.95 36.90 -62.80
C PHE M 96 -11.27 36.48 -63.36
N LEU M 97 -12.18 37.45 -63.54
CA LEU M 97 -13.50 37.21 -64.16
C LEU M 97 -14.14 38.43 -64.80
N THR M 98 -15.18 38.17 -65.60
CA THR M 98 -16.20 39.16 -66.01
C THR M 98 -16.47 39.25 -67.53
N GLN M 99 -17.72 39.61 -67.89
CA GLN M 99 -18.16 39.69 -69.30
C GLN M 99 -17.68 40.96 -70.01
N ILE M 100 -18.01 41.11 -71.29
CA ILE M 100 -17.47 42.20 -72.12
C ILE M 100 -17.76 42.07 -73.59
N ILE M 101 -18.06 43.19 -74.22
CA ILE M 101 -18.30 43.22 -75.64
C ILE M 101 -17.60 44.46 -76.13
N ILE M 102 -16.59 44.36 -76.98
CA ILE M 102 -15.95 45.57 -77.53
C ILE M 102 -16.34 45.73 -78.98
N GLY M 103 -16.48 46.97 -79.44
CA GLY M 103 -16.94 47.22 -80.80
C GLY M 103 -16.75 48.65 -81.28
N GLY M 104 -15.96 48.83 -82.33
CA GLY M 104 -15.57 50.15 -82.77
C GLY M 104 -15.23 50.14 -84.24
N TYR M 105 -15.09 51.31 -84.85
CA TYR M 105 -14.88 51.37 -86.28
C TYR M 105 -13.41 51.25 -86.61
N ASP M 106 -13.02 50.12 -87.18
CA ASP M 106 -11.65 49.97 -87.62
C ASP M 106 -11.40 51.05 -88.67
N LEU M 107 -10.37 51.84 -88.43
CA LEU M 107 -9.84 52.75 -89.41
C LEU M 107 -10.29 52.44 -90.84
N LEU M 108 -10.01 51.22 -91.29
CA LEU M 108 -10.30 50.76 -92.64
C LEU M 108 -11.29 49.59 -92.70
N GLU M 109 -11.04 48.56 -91.90
CA GLU M 109 -11.72 47.26 -92.00
C GLU M 109 -13.23 47.34 -91.74
N GLY M 110 -13.67 48.49 -91.23
CA GLY M 110 -15.09 48.74 -91.01
C GLY M 110 -15.61 48.59 -89.59
N ALA M 111 -16.78 47.97 -89.48
CA ALA M 111 -17.37 47.74 -88.18
C ALA M 111 -16.92 46.40 -87.65
N LYS M 112 -16.57 46.35 -86.37
CA LYS M 112 -16.20 45.11 -85.73
C LYS M 112 -16.95 44.96 -84.45
N LEU M 113 -17.12 43.72 -84.04
CA LEU M 113 -17.86 43.42 -82.84
C LEU M 113 -17.26 42.18 -82.21
N PHE M 114 -16.80 42.29 -80.96
CA PHE M 114 -16.17 41.15 -80.30
C PHE M 114 -16.76 40.84 -78.93
N SER M 115 -17.03 39.56 -78.71
CA SER M 115 -17.49 39.07 -77.41
C SER M 115 -16.26 38.69 -76.60
N LEU M 116 -16.44 38.30 -75.35
CA LEU M 116 -15.26 38.07 -74.52
C LEU M 116 -15.65 37.50 -73.18
N ASP M 117 -14.99 36.42 -72.78
CA ASP M 117 -15.34 35.78 -71.52
C ASP M 117 -14.18 35.88 -70.53
N PRO M 118 -14.47 35.71 -69.25
CA PRO M 118 -13.63 36.10 -68.11
C PRO M 118 -12.30 35.44 -68.18
N LEU M 119 -12.26 34.34 -68.92
CA LEU M 119 -11.04 33.59 -69.09
C LEU M 119 -10.23 34.18 -70.23
N GLY M 120 -10.91 34.83 -71.17
CA GLY M 120 -10.19 35.52 -72.23
C GLY M 120 -10.39 34.83 -73.55
N GLY M 121 -11.39 33.99 -73.60
CA GLY M 121 -11.84 33.54 -74.89
C GLY M 121 -12.37 34.79 -75.56
N MET M 122 -12.24 34.82 -76.89
CA MET M 122 -12.70 35.93 -77.70
C MET M 122 -13.34 35.40 -78.98
N ASN M 123 -14.49 35.94 -79.35
CA ASN M 123 -15.02 35.58 -80.65
C ASN M 123 -15.65 36.75 -81.34
N GLU M 124 -15.09 37.13 -82.48
CA GLU M 124 -15.70 38.18 -83.29
C GLU M 124 -17.14 37.78 -83.61
N GLU M 125 -18.08 38.70 -83.41
CA GLU M 125 -19.45 38.47 -83.82
C GLU M 125 -19.76 39.33 -85.06
N LYS M 126 -20.27 38.68 -86.09
CA LYS M 126 -20.48 39.29 -87.41
C LYS M 126 -21.90 39.78 -87.48
N THR M 127 -22.74 39.21 -86.61
CA THR M 127 -24.18 39.40 -86.62
C THR M 127 -24.67 40.18 -85.41
N PHE M 128 -24.75 39.51 -84.27
CA PHE M 128 -25.15 40.16 -83.05
C PHE M 128 -24.83 39.22 -81.92
N THR M 129 -24.65 39.76 -80.73
CA THR M 129 -24.44 38.95 -79.56
C THR M 129 -24.75 39.78 -78.37
N ALA M 130 -24.88 39.14 -77.22
CA ALA M 130 -25.20 39.85 -76.00
C ALA M 130 -24.76 39.07 -74.76
N THR M 131 -24.73 39.74 -73.61
CA THR M 131 -24.29 39.11 -72.38
C THR M 131 -24.91 39.73 -71.17
N GLY M 132 -24.91 39.01 -70.06
CA GLY M 132 -25.37 39.55 -68.80
C GLY M 132 -26.45 38.74 -68.14
N SER M 133 -26.56 38.87 -66.83
CA SER M 133 -27.47 38.03 -66.05
C SER M 133 -28.73 37.65 -66.80
N GLY M 134 -29.34 38.61 -67.46
CA GLY M 134 -30.54 38.34 -68.22
C GLY M 134 -30.26 38.44 -69.70
N SER M 135 -29.23 37.74 -70.15
CA SER M 135 -28.87 37.84 -71.54
C SER M 135 -29.86 37.10 -72.42
N PRO M 136 -29.95 35.78 -72.25
CA PRO M 136 -30.70 34.97 -73.22
C PRO M 136 -32.08 35.55 -73.50
N ILE M 137 -32.70 36.21 -72.54
CA ILE M 137 -33.96 36.81 -72.85
C ILE M 137 -33.71 37.74 -73.99
N ALA M 138 -32.78 38.67 -73.78
CA ALA M 138 -32.43 39.60 -74.83
C ALA M 138 -32.15 38.84 -76.09
N TYR M 139 -31.47 37.71 -75.94
CA TYR M 139 -31.08 36.92 -77.09
C TYR M 139 -32.26 36.56 -77.95
N GLY M 140 -33.20 35.82 -77.36
CA GLY M 140 -34.38 35.40 -78.09
C GLY M 140 -34.98 36.49 -78.97
N VAL M 141 -34.94 37.74 -78.50
CA VAL M 141 -35.46 38.87 -79.27
C VAL M 141 -34.67 39.08 -80.55
N LEU M 142 -33.36 39.26 -80.42
CA LEU M 142 -32.50 39.43 -81.58
C LEU M 142 -32.70 38.29 -82.61
N GLU M 143 -32.43 37.05 -82.17
CA GLU M 143 -32.35 35.88 -83.04
C GLU M 143 -33.61 35.71 -83.88
N ALA M 144 -34.65 36.44 -83.51
CA ALA M 144 -35.91 36.39 -84.21
C ALA M 144 -36.40 37.81 -84.48
N GLY M 145 -35.48 38.70 -84.83
CA GLY M 145 -35.85 40.06 -85.14
C GLY M 145 -34.65 40.73 -85.74
N TYR M 146 -33.82 39.92 -86.39
CA TYR M 146 -32.59 40.44 -86.94
C TYR M 146 -32.40 40.00 -88.40
N ASP M 147 -31.84 40.89 -89.20
CA ASP M 147 -31.54 40.61 -90.60
C ASP M 147 -30.18 41.18 -90.96
N ARG M 148 -29.52 40.58 -91.95
CA ARG M 148 -28.21 41.00 -92.37
C ARG M 148 -28.14 42.52 -92.47
N ASP M 149 -29.13 43.13 -93.11
CA ASP M 149 -29.05 44.56 -93.35
C ASP M 149 -29.80 45.46 -92.35
N MET M 150 -31.08 45.24 -92.08
CA MET M 150 -31.76 46.19 -91.18
C MET M 150 -31.27 47.58 -91.53
N SER M 151 -31.22 48.48 -90.55
CA SER M 151 -30.66 49.80 -90.82
C SER M 151 -30.07 50.43 -89.57
N VAL M 152 -29.51 51.63 -89.74
CA VAL M 152 -29.11 52.38 -88.58
C VAL M 152 -30.28 52.37 -87.62
N GLU M 153 -31.47 52.65 -88.15
CA GLU M 153 -32.70 52.77 -87.36
C GLU M 153 -33.23 51.43 -86.84
N GLU M 154 -33.62 50.55 -87.76
CA GLU M 154 -34.09 49.22 -87.40
C GLU M 154 -33.07 48.53 -86.50
N GLY M 155 -31.90 49.13 -86.37
CA GLY M 155 -30.87 48.62 -85.49
C GLY M 155 -31.21 48.96 -84.07
N ILE M 156 -31.01 50.22 -83.71
CA ILE M 156 -31.23 50.65 -82.34
C ILE M 156 -32.66 50.49 -81.86
N LYS M 157 -33.57 50.20 -82.79
CA LYS M 157 -34.95 49.93 -82.41
C LYS M 157 -35.01 48.54 -81.80
N LEU M 158 -34.62 47.53 -82.58
CA LEU M 158 -34.51 46.16 -82.11
C LEU M 158 -33.74 46.07 -80.79
N ALA M 159 -32.60 46.74 -80.76
CA ALA M 159 -31.67 46.73 -79.62
C ALA M 159 -32.33 47.00 -78.28
N LEU M 160 -32.96 48.17 -78.15
CA LEU M 160 -33.79 48.42 -77.01
C LEU M 160 -34.64 47.16 -76.87
N ASN M 161 -35.48 46.88 -77.86
CA ASN M 161 -36.47 45.80 -77.75
C ASN M 161 -35.96 44.46 -77.21
N ALA M 162 -34.65 44.25 -77.18
CA ALA M 162 -34.12 43.12 -76.43
C ALA M 162 -34.16 43.49 -74.96
N LEU M 163 -33.46 44.55 -74.60
CA LEU M 163 -33.53 45.07 -73.25
C LEU M 163 -34.96 45.25 -72.69
N LYS M 164 -35.91 45.69 -73.52
CA LYS M 164 -37.27 45.85 -73.04
C LYS M 164 -37.76 44.51 -72.50
N SER M 165 -37.46 43.43 -73.20
CA SER M 165 -37.81 42.10 -72.72
C SER M 165 -37.01 41.78 -71.48
N ALA M 166 -35.70 41.63 -71.61
CA ALA M 166 -34.85 41.22 -70.50
C ALA M 166 -35.17 41.94 -69.20
N MET M 167 -35.29 43.27 -69.30
CA MET M 167 -35.48 44.14 -68.15
C MET M 167 -36.82 43.94 -67.48
N GLU M 168 -37.68 43.20 -68.18
CA GLU M 168 -38.98 42.86 -67.63
C GLU M 168 -39.19 41.35 -67.67
N ARG M 169 -38.10 40.59 -67.52
CA ARG M 169 -38.18 39.15 -67.31
C ARG M 169 -36.89 38.71 -66.68
N ASP M 170 -36.23 39.63 -66.02
CA ASP M 170 -35.05 39.26 -65.29
C ASP M 170 -35.04 39.97 -63.94
N THR M 171 -34.84 39.22 -62.86
CA THR M 171 -34.82 39.83 -61.55
C THR M 171 -33.65 40.76 -61.40
N PHE M 172 -32.60 40.58 -62.21
CA PHE M 172 -31.35 41.33 -62.00
C PHE M 172 -31.09 42.45 -62.98
N SER M 173 -31.74 42.41 -64.13
CA SER M 173 -31.57 43.47 -65.09
C SER M 173 -32.64 44.50 -64.88
N GLY M 174 -32.68 45.46 -65.78
CA GLY M 174 -33.88 46.24 -65.95
C GLY M 174 -34.14 47.48 -65.13
N ASN M 175 -33.13 48.11 -64.57
CA ASN M 175 -33.40 49.47 -64.10
C ASN M 175 -32.81 50.41 -65.13
N GLY M 176 -33.67 51.11 -65.88
CA GLY M 176 -33.21 52.02 -66.92
C GLY M 176 -32.25 51.41 -67.94
N ILE M 177 -32.01 52.14 -69.03
CA ILE M 177 -31.20 51.61 -70.11
C ILE M 177 -30.20 52.66 -70.55
N SER M 178 -29.10 52.23 -71.15
CA SER M 178 -28.15 53.19 -71.70
C SER M 178 -27.66 52.70 -73.05
N LEU M 179 -27.33 53.65 -73.91
CA LEU M 179 -27.17 53.37 -75.33
C LEU M 179 -26.12 54.25 -75.99
N ALA M 180 -25.29 53.63 -76.81
CA ALA M 180 -24.35 54.38 -77.62
C ALA M 180 -24.09 53.66 -78.94
N VAL M 181 -23.84 54.45 -79.99
CA VAL M 181 -23.43 53.87 -81.27
C VAL M 181 -22.08 54.39 -81.77
N ILE M 182 -21.22 53.44 -82.12
CA ILE M 182 -19.96 53.73 -82.78
C ILE M 182 -20.15 53.58 -84.28
N THR M 183 -19.55 54.48 -85.05
CA THR M 183 -19.60 54.46 -86.50
C THR M 183 -18.33 55.15 -86.94
N LYS M 184 -17.92 54.93 -88.19
CA LYS M 184 -16.74 55.59 -88.69
C LYS M 184 -16.35 56.88 -87.94
N ASP M 185 -17.13 57.95 -88.09
CA ASP M 185 -16.67 59.26 -87.62
C ASP M 185 -16.73 59.52 -86.11
N GLY M 186 -17.47 58.73 -85.34
CA GLY M 186 -17.49 58.97 -83.91
C GLY M 186 -18.18 57.91 -83.08
N VAL M 187 -18.53 58.28 -81.84
CA VAL M 187 -19.15 57.35 -80.90
C VAL M 187 -20.18 58.00 -80.00
N LYS M 188 -21.45 58.00 -80.39
CA LYS M 188 -22.45 58.78 -79.61
C LYS M 188 -22.87 58.09 -78.31
N ILE M 189 -22.72 58.77 -77.18
CA ILE M 189 -23.28 58.31 -75.91
C ILE M 189 -24.59 59.02 -75.70
N PHE M 190 -25.69 58.27 -75.70
CA PHE M 190 -27.01 58.85 -75.61
C PHE M 190 -27.30 59.31 -74.21
N GLU M 191 -27.63 60.60 -74.10
CA GLU M 191 -27.97 61.20 -72.81
C GLU M 191 -29.43 60.91 -72.43
N ASP M 192 -29.62 59.92 -71.58
CA ASP M 192 -30.94 59.53 -71.09
C ASP M 192 -32.11 60.12 -71.89
N GLU M 193 -32.50 61.35 -71.57
CA GLU M 193 -33.63 62.01 -72.23
C GLU M 193 -33.89 61.58 -73.69
N GLU M 194 -32.93 61.82 -74.57
CA GLU M 194 -33.13 61.49 -75.98
C GLU M 194 -33.35 60.00 -76.28
N ILE M 195 -32.70 59.11 -75.55
CA ILE M 195 -32.92 57.69 -75.82
C ILE M 195 -34.42 57.53 -75.88
N GLU M 196 -35.03 57.71 -74.70
CA GLU M 196 -36.47 57.66 -74.51
C GLU M 196 -37.29 57.84 -75.78
N LYS M 197 -37.06 58.95 -76.48
CA LYS M 197 -37.84 59.29 -77.66
C LYS M 197 -38.30 58.04 -78.36
N ILE M 198 -37.38 57.10 -78.52
CA ILE M 198 -37.58 56.00 -79.42
C ILE M 198 -38.77 55.10 -79.07
N LEU M 199 -38.75 54.43 -77.91
CA LEU M 199 -39.89 53.56 -77.56
C LEU M 199 -41.22 54.38 -77.45
N ASP M 200 -41.11 55.71 -77.61
CA ASP M 200 -42.29 56.57 -77.71
C ASP M 200 -42.84 56.50 -79.13
N SER M 201 -41.94 56.55 -80.09
CA SER M 201 -42.28 56.40 -81.50
C SER M 201 -42.39 54.94 -81.89
N MET M 202 -42.21 54.05 -80.93
CA MET M 202 -42.40 52.62 -81.14
C MET M 202 -43.75 52.18 -80.57
N LYS M 203 -43.84 50.91 -80.18
CA LYS M 203 -45.05 50.39 -79.53
C LYS M 203 -44.95 50.64 -78.03
N THR N 2 -23.85 49.92 -38.20
CA THR N 2 -23.68 49.61 -39.61
C THR N 2 -24.93 49.98 -40.41
N THR N 3 -25.06 51.27 -40.75
CA THR N 3 -26.12 51.76 -41.64
C THR N 3 -25.84 53.24 -41.96
N THR N 4 -25.54 53.54 -43.22
CA THR N 4 -25.23 54.91 -43.61
C THR N 4 -26.06 55.33 -44.82
N VAL N 5 -26.12 56.63 -45.08
CA VAL N 5 -26.92 57.13 -46.18
C VAL N 5 -26.22 58.33 -46.76
N GLY N 6 -26.51 58.62 -48.02
CA GLY N 6 -26.02 59.83 -48.65
C GLY N 6 -27.06 60.33 -49.64
N LEU N 7 -27.07 61.63 -49.88
CA LEU N 7 -28.06 62.20 -50.79
C LEU N 7 -27.74 63.62 -51.22
N ILE N 8 -28.14 63.97 -52.44
CA ILE N 8 -27.86 65.27 -53.00
C ILE N 8 -29.12 66.13 -53.00
N CYS N 9 -29.05 67.20 -52.22
CA CYS N 9 -30.17 68.12 -52.06
C CYS N 9 -29.79 69.53 -52.46
N ASP N 10 -30.02 69.88 -53.71
CA ASP N 10 -29.64 71.20 -54.20
C ASP N 10 -28.16 71.47 -54.01
N ASP N 11 -27.87 72.43 -53.15
CA ASP N 11 -26.54 73.00 -53.08
C ASP N 11 -25.45 71.94 -53.01
N ALA N 12 -25.54 71.10 -52.00
CA ALA N 12 -24.46 70.23 -51.62
C ALA N 12 -24.99 68.87 -51.26
N VAL N 13 -24.33 68.20 -50.31
CA VAL N 13 -24.63 66.80 -50.03
C VAL N 13 -24.74 66.44 -48.53
N ILE N 14 -25.58 65.45 -48.21
CA ILE N 14 -25.69 64.99 -46.83
C ILE N 14 -25.23 63.53 -46.64
N LEU N 15 -24.75 63.23 -45.44
CA LEU N 15 -24.38 61.87 -45.01
C LEU N 15 -24.82 61.64 -43.55
N ALA N 16 -25.09 60.38 -43.19
CA ALA N 16 -25.53 60.06 -41.84
C ALA N 16 -25.23 58.62 -41.51
N THR N 17 -24.94 58.32 -40.25
CA THR N 17 -24.56 56.96 -39.87
C THR N 17 -25.41 56.35 -38.77
N ASP N 18 -24.80 55.41 -38.05
CA ASP N 18 -25.35 54.89 -36.81
C ASP N 18 -24.17 54.48 -35.95
N LYS N 19 -24.05 55.11 -34.79
CA LYS N 19 -22.88 54.90 -33.95
C LYS N 19 -22.89 53.53 -33.29
N ARG N 20 -23.57 52.55 -33.89
CA ARG N 20 -23.71 51.21 -33.30
C ARG N 20 -22.79 50.13 -33.85
N ALA N 21 -21.84 49.70 -33.01
CA ALA N 21 -20.96 48.61 -33.36
C ALA N 21 -21.73 47.37 -33.05
N SER N 22 -21.21 46.22 -33.45
CA SER N 22 -21.99 45.01 -33.40
C SER N 22 -21.12 43.78 -33.40
N LEU N 23 -20.77 43.33 -32.20
CA LEU N 23 -19.92 42.18 -32.04
C LEU N 23 -20.73 40.91 -32.08
N GLY N 24 -21.29 40.61 -33.24
CA GLY N 24 -22.17 39.46 -33.39
C GLY N 24 -23.45 39.62 -32.59
N ASN N 25 -23.62 38.74 -31.60
CA ASN N 25 -24.74 38.83 -30.68
C ASN N 25 -24.66 40.08 -29.81
N LEU N 26 -23.45 40.36 -29.30
CA LEU N 26 -23.22 41.48 -28.37
C LEU N 26 -23.16 42.81 -29.05
N VAL N 27 -23.72 43.81 -28.40
CA VAL N 27 -23.52 45.17 -28.85
C VAL N 27 -22.29 45.67 -28.12
N ALA N 28 -21.24 46.02 -28.88
CA ALA N 28 -19.90 46.23 -28.32
C ALA N 28 -19.49 47.66 -28.09
N ASP N 29 -20.01 48.57 -28.92
CA ASP N 29 -19.66 49.99 -28.86
C ASP N 29 -20.93 50.83 -28.95
N LYS N 30 -21.26 51.52 -27.87
CA LYS N 30 -22.46 52.36 -27.83
C LYS N 30 -22.31 53.58 -28.74
N GLU N 31 -21.12 53.77 -29.32
CA GLU N 31 -20.79 54.98 -30.07
C GLU N 31 -19.63 54.79 -31.02
N ALA N 32 -19.89 54.19 -32.18
CA ALA N 32 -18.80 53.92 -33.13
C ALA N 32 -18.84 54.82 -34.36
N LYS N 33 -17.85 55.69 -34.49
CA LYS N 33 -17.82 56.65 -35.58
C LYS N 33 -17.82 55.89 -36.89
N LYS N 34 -18.68 56.36 -37.82
CA LYS N 34 -18.86 55.75 -39.12
C LYS N 34 -18.92 56.82 -40.23
N LEU N 35 -18.54 58.04 -39.88
CA LEU N 35 -18.52 59.16 -40.81
C LEU N 35 -17.21 59.94 -40.66
N TYR N 36 -16.42 59.97 -41.73
CA TYR N 36 -15.11 60.60 -41.69
C TYR N 36 -14.93 61.65 -42.79
N LYS N 37 -14.16 62.68 -42.43
CA LYS N 37 -13.79 63.78 -43.30
C LYS N 37 -12.33 63.57 -43.63
N ILE N 38 -12.00 63.46 -44.90
CA ILE N 38 -10.59 63.30 -45.27
C ILE N 38 -9.87 64.62 -45.65
N ASP N 39 -10.62 65.54 -46.24
CA ASP N 39 -10.01 66.75 -46.78
C ASP N 39 -11.05 67.82 -46.97
N ASP N 40 -10.93 68.86 -46.17
CA ASP N 40 -11.71 70.09 -46.27
C ASP N 40 -12.98 70.09 -47.17
N TYR N 41 -12.91 69.45 -48.34
CA TYR N 41 -14.02 69.49 -49.30
C TYR N 41 -14.73 68.16 -49.52
N ILE N 42 -14.30 67.11 -48.83
CA ILE N 42 -14.84 65.76 -49.03
C ILE N 42 -14.99 65.00 -47.72
N ALA N 43 -16.02 64.17 -47.62
CA ALA N 43 -16.24 63.34 -46.44
C ALA N 43 -16.83 62.02 -46.84
N MET N 44 -16.46 60.95 -46.13
CA MET N 44 -16.75 59.58 -46.56
C MET N 44 -17.30 58.74 -45.42
N THR N 45 -18.20 57.77 -45.69
CA THR N 45 -18.79 56.97 -44.61
C THR N 45 -18.43 55.51 -44.76
N ILE N 46 -18.06 54.88 -43.67
CA ILE N 46 -17.69 53.47 -43.71
C ILE N 46 -18.79 52.56 -43.19
N ALA N 47 -19.01 51.46 -43.87
CA ALA N 47 -19.95 50.47 -43.39
C ALA N 47 -19.38 49.04 -43.53
N GLY N 48 -19.41 48.28 -42.43
CA GLY N 48 -18.92 46.91 -42.48
C GLY N 48 -17.64 46.61 -41.72
N SER N 49 -16.72 45.87 -42.35
CA SER N 49 -15.53 45.37 -41.68
C SER N 49 -14.64 46.45 -41.06
N VAL N 50 -14.89 46.79 -39.80
CA VAL N 50 -14.21 47.90 -39.12
C VAL N 50 -12.70 48.04 -39.37
N GLY N 51 -11.90 47.23 -38.69
CA GLY N 51 -10.45 47.30 -38.81
C GLY N 51 -9.92 47.24 -40.23
N ASP N 52 -10.83 47.03 -41.18
CA ASP N 52 -10.49 46.98 -42.58
C ASP N 52 -10.75 48.31 -43.21
N ALA N 53 -11.86 48.93 -42.80
CA ALA N 53 -12.19 50.27 -43.25
C ALA N 53 -11.38 51.30 -42.47
N GLN N 54 -11.27 51.10 -41.15
CA GLN N 54 -10.41 51.94 -40.31
C GLN N 54 -9.11 52.24 -41.03
N ALA N 55 -8.44 51.20 -41.50
CA ALA N 55 -7.25 51.39 -42.30
C ALA N 55 -7.54 52.15 -43.60
N ILE N 56 -8.52 51.71 -44.38
CA ILE N 56 -8.79 52.37 -45.65
C ILE N 56 -8.92 53.87 -45.52
N VAL N 57 -9.29 54.33 -44.32
CA VAL N 57 -9.45 55.77 -44.01
C VAL N 57 -8.11 56.46 -43.93
N ARG N 58 -7.33 56.04 -42.94
CA ARG N 58 -5.97 56.50 -42.75
C ARG N 58 -5.08 56.36 -44.02
N LEU N 59 -4.91 55.12 -44.50
CA LEU N 59 -4.16 54.83 -45.76
C LEU N 59 -4.75 55.56 -46.97
N LEU N 60 -5.45 56.68 -46.70
CA LEU N 60 -6.15 57.46 -47.72
C LEU N 60 -6.15 58.92 -47.38
N ILE N 61 -6.58 59.24 -46.17
CA ILE N 61 -6.52 60.61 -45.70
C ILE N 61 -5.13 61.15 -45.94
N ALA N 62 -4.13 60.31 -45.76
CA ALA N 62 -2.76 60.75 -45.94
C ALA N 62 -2.54 61.05 -47.42
N GLU N 63 -3.13 60.22 -48.27
CA GLU N 63 -2.99 60.39 -49.72
C GLU N 63 -3.77 61.57 -50.24
N ALA N 64 -4.69 62.08 -49.43
CA ALA N 64 -5.40 63.31 -49.74
C ALA N 64 -4.56 64.51 -49.37
N LYS N 65 -4.45 64.77 -48.07
CA LYS N 65 -3.51 65.78 -47.59
C LYS N 65 -2.09 65.36 -48.03
N LEU N 66 -1.88 65.46 -49.34
CA LEU N 66 -0.63 65.14 -50.00
C LEU N 66 -0.77 65.67 -51.40
N TYR N 67 -1.41 64.89 -52.28
CA TYR N 67 -1.89 65.42 -53.55
C TYR N 67 -2.21 66.90 -53.37
N LYS N 68 -2.91 67.21 -52.29
CA LYS N 68 -3.32 68.58 -52.02
C LYS N 68 -2.09 69.50 -52.07
N MET N 69 -1.07 69.13 -51.30
CA MET N 69 0.15 69.90 -51.28
C MET N 69 0.87 69.92 -52.61
N ARG N 70 1.27 68.76 -53.08
CA ARG N 70 2.03 68.64 -54.31
C ARG N 70 1.43 69.42 -55.47
N THR N 71 0.18 69.82 -55.37
CA THR N 71 -0.44 70.43 -56.53
C THR N 71 -1.60 71.38 -56.20
N GLY N 72 -1.48 72.09 -55.09
CA GLY N 72 -2.48 73.09 -54.75
C GLY N 72 -3.87 72.49 -54.57
N ARG N 73 -4.58 72.25 -55.67
CA ARG N 73 -5.97 71.72 -55.68
C ARG N 73 -6.30 70.59 -54.66
N ASN N 74 -7.34 70.78 -53.85
CA ASN N 74 -7.80 69.73 -52.94
C ASN N 74 -8.37 68.50 -53.67
N ILE N 75 -7.59 67.43 -53.76
CA ILE N 75 -7.94 66.21 -54.51
C ILE N 75 -9.38 66.25 -54.95
N PRO N 76 -9.64 66.54 -56.24
CA PRO N 76 -11.03 66.56 -56.65
C PRO N 76 -11.71 65.26 -56.23
N PRO N 77 -12.95 65.34 -55.77
CA PRO N 77 -13.67 64.19 -55.25
C PRO N 77 -13.59 63.00 -56.21
N LEU N 78 -14.31 63.05 -57.33
CA LEU N 78 -14.40 61.93 -58.29
C LEU N 78 -13.07 61.42 -58.81
N ALA N 79 -11.99 61.86 -58.16
CA ALA N 79 -10.63 61.57 -58.57
C ALA N 79 -9.95 60.94 -57.40
N CYS N 80 -10.29 61.43 -56.22
CA CYS N 80 -10.01 60.70 -55.01
C CYS N 80 -10.85 59.42 -55.07
N ALA N 81 -12.15 59.56 -55.29
CA ALA N 81 -12.97 58.38 -55.44
C ALA N 81 -12.16 57.33 -56.19
N THR N 82 -11.71 57.68 -57.40
CA THR N 82 -11.08 56.71 -58.28
C THR N 82 -9.71 56.28 -57.79
N LEU N 83 -9.41 56.56 -56.54
CA LEU N 83 -8.31 55.87 -55.92
C LEU N 83 -8.87 54.62 -55.30
N LEU N 84 -9.93 54.76 -54.51
CA LEU N 84 -10.55 53.60 -53.88
C LEU N 84 -10.88 52.50 -54.89
N SER N 85 -11.56 52.86 -55.97
CA SER N 85 -11.80 51.88 -57.04
C SER N 85 -10.53 51.16 -57.39
N ASN N 86 -9.40 51.85 -57.25
CA ASN N 86 -8.09 51.25 -57.46
C ASN N 86 -7.49 50.74 -56.16
N ILE N 87 -7.84 51.36 -55.04
CA ILE N 87 -7.25 50.94 -53.79
C ILE N 87 -7.86 49.62 -53.36
N LEU N 88 -9.16 49.47 -53.53
CA LEU N 88 -9.79 48.19 -53.26
C LEU N 88 -9.23 47.12 -54.17
N HIS N 89 -9.47 47.32 -55.46
CA HIS N 89 -9.19 46.35 -56.51
C HIS N 89 -7.73 45.90 -56.57
N SER N 90 -6.89 46.50 -55.74
CA SER N 90 -5.53 46.04 -55.63
C SER N 90 -5.56 44.78 -54.82
N SER N 91 -6.38 44.80 -53.78
CA SER N 91 -6.54 43.65 -52.95
C SER N 91 -7.74 42.80 -53.40
N ARG N 92 -7.97 42.76 -54.70
CA ARG N 92 -8.93 41.79 -55.19
C ARG N 92 -8.28 40.41 -55.06
N MET N 93 -7.10 40.26 -55.68
CA MET N 93 -6.31 39.02 -55.63
C MET N 93 -6.15 38.65 -54.16
N PHE N 94 -6.53 39.63 -53.35
CA PHE N 94 -6.32 39.63 -51.93
C PHE N 94 -7.70 39.65 -51.23
N PRO N 95 -7.72 39.23 -49.96
CA PRO N 95 -8.92 39.28 -49.11
C PRO N 95 -9.28 40.66 -48.59
N PHE N 96 -9.50 41.67 -49.43
CA PHE N 96 -9.92 42.94 -48.83
C PHE N 96 -11.42 42.90 -48.80
N LEU N 97 -12.05 43.88 -48.11
CA LEU N 97 -13.52 44.08 -48.12
C LEU N 97 -13.97 45.36 -47.42
N THR N 98 -15.23 45.74 -47.69
CA THR N 98 -16.01 46.72 -46.91
C THR N 98 -16.71 47.80 -47.74
N GLN N 99 -17.91 48.18 -47.33
CA GLN N 99 -18.71 49.16 -48.07
C GLN N 99 -18.02 50.53 -48.17
N ILE N 100 -18.76 51.58 -48.53
CA ILE N 100 -18.27 52.99 -48.54
C ILE N 100 -19.13 53.98 -49.37
N ILE N 101 -19.19 55.23 -48.91
CA ILE N 101 -19.78 56.35 -49.65
C ILE N 101 -18.84 57.51 -49.45
N ILE N 102 -18.40 58.18 -50.52
CA ILE N 102 -17.68 59.45 -50.39
C ILE N 102 -18.42 60.57 -51.09
N GLY N 103 -18.38 61.75 -50.51
CA GLY N 103 -19.15 62.87 -51.02
C GLY N 103 -18.45 64.17 -50.69
N GLY N 104 -18.18 64.95 -51.72
CA GLY N 104 -17.45 66.18 -51.53
C GLY N 104 -17.94 67.25 -52.48
N TYR N 105 -17.51 68.49 -52.26
CA TYR N 105 -17.82 69.58 -53.17
C TYR N 105 -16.66 69.86 -54.09
N ASP N 106 -16.81 69.40 -55.32
CA ASP N 106 -15.78 69.59 -56.30
C ASP N 106 -15.49 71.06 -56.41
N LEU N 107 -14.21 71.38 -56.48
CA LEU N 107 -13.74 72.71 -56.71
C LEU N 107 -14.74 73.47 -57.59
N LEU N 108 -14.93 72.98 -58.81
CA LEU N 108 -15.83 73.64 -59.75
C LEU N 108 -17.06 72.84 -60.10
N GLU N 109 -16.90 71.55 -60.37
CA GLU N 109 -17.99 70.75 -60.90
C GLU N 109 -19.21 70.74 -59.99
N GLY N 110 -18.99 70.84 -58.69
CA GLY N 110 -20.10 71.01 -57.75
C GLY N 110 -20.19 69.96 -56.66
N ALA N 111 -21.40 69.55 -56.34
CA ALA N 111 -21.58 68.53 -55.34
C ALA N 111 -21.51 67.20 -56.05
N LYS N 112 -20.85 66.26 -55.42
CA LYS N 112 -20.74 64.94 -55.99
C LYS N 112 -20.97 63.93 -54.88
N LEU N 113 -21.53 62.79 -55.24
CA LEU N 113 -21.73 61.68 -54.31
C LEU N 113 -21.25 60.40 -54.97
N PHE N 114 -20.45 59.60 -54.26
CA PHE N 114 -19.97 58.31 -54.79
C PHE N 114 -20.16 57.07 -53.89
N SER N 115 -20.64 55.98 -54.49
CA SER N 115 -20.91 54.72 -53.80
C SER N 115 -19.71 53.82 -54.07
N LEU N 116 -19.52 52.78 -53.26
CA LEU N 116 -18.30 52.00 -53.37
C LEU N 116 -18.37 50.67 -52.66
N ASP N 117 -18.17 49.60 -53.43
CA ASP N 117 -18.18 48.20 -52.94
C ASP N 117 -16.78 47.54 -52.84
N PRO N 118 -16.64 46.58 -51.91
CA PRO N 118 -15.33 46.15 -51.39
C PRO N 118 -14.36 45.76 -52.48
N LEU N 119 -14.92 45.23 -53.55
CA LEU N 119 -14.12 44.83 -54.68
C LEU N 119 -13.41 46.04 -55.19
N GLY N 120 -14.18 47.10 -55.45
CA GLY N 120 -13.67 48.32 -56.02
C GLY N 120 -14.67 48.87 -57.01
N GLY N 121 -15.85 48.29 -57.00
CA GLY N 121 -16.89 48.76 -57.89
C GLY N 121 -17.24 50.16 -57.50
N MET N 122 -17.37 51.02 -58.48
CA MET N 122 -17.70 52.40 -58.20
C MET N 122 -18.81 52.89 -59.08
N ASN N 123 -19.62 53.79 -58.53
CA ASN N 123 -20.56 54.49 -59.36
C ASN N 123 -20.92 55.78 -58.72
N GLU N 124 -21.27 56.75 -59.56
CA GLU N 124 -21.72 58.04 -59.08
C GLU N 124 -23.23 57.94 -58.81
N GLU N 125 -23.63 58.23 -57.58
CA GLU N 125 -25.03 58.28 -57.24
C GLU N 125 -25.53 59.69 -57.39
N LYS N 126 -26.40 59.88 -58.37
CA LYS N 126 -26.84 61.21 -58.76
C LYS N 126 -27.90 61.75 -57.81
N THR N 127 -28.63 60.83 -57.20
CA THR N 127 -29.80 61.16 -56.40
C THR N 127 -29.54 60.91 -54.93
N PHE N 128 -29.62 59.66 -54.52
CA PHE N 128 -29.44 59.26 -53.14
C PHE N 128 -29.03 57.82 -53.11
N THR N 129 -28.24 57.45 -52.11
CA THR N 129 -27.86 56.07 -51.97
C THR N 129 -27.55 55.80 -50.52
N ALA N 130 -27.65 54.55 -50.11
CA ALA N 130 -27.36 54.16 -48.74
C ALA N 130 -26.68 52.81 -48.71
N THR N 131 -25.97 52.53 -47.63
CA THR N 131 -25.21 51.30 -47.49
C THR N 131 -25.24 50.82 -46.07
N GLY N 132 -25.19 49.51 -45.86
CA GLY N 132 -24.92 48.98 -44.53
C GLY N 132 -25.92 48.03 -43.91
N SER N 133 -25.47 47.32 -42.87
CA SER N 133 -26.25 46.24 -42.30
C SER N 133 -27.74 46.51 -42.47
N GLY N 134 -28.21 47.62 -41.96
CA GLY N 134 -29.61 47.94 -42.11
C GLY N 134 -29.82 48.95 -43.21
N SER N 135 -29.46 48.58 -44.42
CA SER N 135 -29.48 49.55 -45.50
C SER N 135 -30.82 49.62 -46.19
N PRO N 136 -31.30 48.49 -46.65
CA PRO N 136 -32.54 48.50 -47.41
C PRO N 136 -33.69 49.10 -46.60
N ILE N 137 -33.78 48.82 -45.31
CA ILE N 137 -34.81 49.50 -44.54
C ILE N 137 -34.65 50.96 -44.90
N ALA N 138 -33.46 51.49 -44.63
CA ALA N 138 -33.15 52.89 -44.87
C ALA N 138 -33.54 53.33 -46.27
N TYR N 139 -33.17 52.54 -47.27
CA TYR N 139 -33.51 52.90 -48.64
C TYR N 139 -34.96 53.32 -48.77
N GLY N 140 -35.86 52.39 -48.47
CA GLY N 140 -37.28 52.60 -48.68
C GLY N 140 -37.71 54.03 -48.39
N VAL N 141 -37.28 54.53 -47.24
CA VAL N 141 -37.56 55.88 -46.82
C VAL N 141 -37.17 56.79 -47.95
N LEU N 142 -35.89 56.80 -48.29
CA LEU N 142 -35.45 57.62 -49.39
C LEU N 142 -36.35 57.44 -50.62
N GLU N 143 -36.35 56.25 -51.24
CA GLU N 143 -37.01 56.07 -52.55
C GLU N 143 -38.47 56.50 -52.61
N ALA N 144 -39.02 56.92 -51.49
CA ALA N 144 -40.39 57.39 -51.50
C ALA N 144 -40.51 58.67 -50.67
N GLY N 145 -39.38 59.34 -50.47
CA GLY N 145 -39.33 60.59 -49.72
C GLY N 145 -38.23 61.54 -50.19
N TYR N 146 -38.01 61.57 -51.49
CA TYR N 146 -36.94 62.36 -52.04
C TYR N 146 -37.43 62.98 -53.34
N ASP N 147 -37.02 64.22 -53.60
CA ASP N 147 -37.30 64.89 -54.86
C ASP N 147 -36.05 65.62 -55.32
N ARG N 148 -35.94 65.86 -56.62
CA ARG N 148 -34.74 66.46 -57.19
C ARG N 148 -34.22 67.69 -56.43
N ASP N 149 -35.14 68.47 -55.86
CA ASP N 149 -34.85 69.83 -55.40
C ASP N 149 -35.35 70.14 -54.00
N MET N 150 -35.16 69.21 -53.10
CA MET N 150 -35.59 69.39 -51.75
C MET N 150 -34.51 70.13 -51.00
N SER N 151 -34.88 71.24 -50.40
CA SER N 151 -33.96 72.03 -49.60
C SER N 151 -32.84 71.27 -48.89
N VAL N 152 -31.70 71.92 -48.76
CA VAL N 152 -30.69 71.55 -47.78
C VAL N 152 -31.28 71.00 -46.48
N GLU N 153 -32.47 71.52 -46.11
CA GLU N 153 -33.15 71.19 -44.85
C GLU N 153 -34.04 69.98 -45.05
N GLU N 154 -34.78 69.98 -46.14
CA GLU N 154 -35.66 68.87 -46.47
C GLU N 154 -34.85 67.56 -46.73
N GLY N 155 -33.54 67.69 -46.83
CA GLY N 155 -32.67 66.54 -47.07
C GLY N 155 -32.15 65.93 -45.79
N ILE N 156 -31.61 66.77 -44.91
CA ILE N 156 -31.20 66.35 -43.56
C ILE N 156 -32.40 65.97 -42.67
N LYS N 157 -33.58 66.50 -42.98
CA LYS N 157 -34.76 65.97 -42.32
C LYS N 157 -34.81 64.50 -42.75
N LEU N 158 -35.25 64.27 -43.99
CA LEU N 158 -35.36 62.93 -44.61
C LEU N 158 -34.25 61.98 -44.19
N ALA N 159 -33.03 62.48 -44.25
CA ALA N 159 -31.86 61.69 -43.95
C ALA N 159 -31.97 60.99 -42.60
N LEU N 160 -32.08 61.72 -41.51
CA LEU N 160 -32.20 61.04 -40.24
C LEU N 160 -33.32 60.01 -40.34
N ASN N 161 -34.45 60.43 -40.89
CA ASN N 161 -35.60 59.56 -40.94
C ASN N 161 -35.35 58.28 -41.69
N ALA N 162 -34.38 58.29 -42.58
CA ALA N 162 -33.91 57.04 -43.09
C ALA N 162 -33.43 56.33 -41.85
N LEU N 163 -32.35 56.82 -41.26
CA LEU N 163 -31.77 56.21 -40.07
C LEU N 163 -32.73 56.00 -38.90
N LYS N 164 -33.73 56.86 -38.76
CA LYS N 164 -34.76 56.63 -37.75
C LYS N 164 -35.41 55.25 -38.01
N SER N 165 -35.84 54.99 -39.24
CA SER N 165 -36.33 53.67 -39.60
C SER N 165 -35.24 52.63 -39.34
N ALA N 166 -34.31 52.49 -40.28
CA ALA N 166 -33.25 51.50 -40.19
C ALA N 166 -32.75 51.21 -38.79
N MET N 167 -32.81 52.17 -37.88
CA MET N 167 -32.21 51.99 -36.56
C MET N 167 -33.11 51.24 -35.60
N GLU N 168 -34.37 51.15 -35.97
CA GLU N 168 -35.32 50.44 -35.15
C GLU N 168 -36.15 49.50 -36.01
N ARG N 169 -35.46 48.78 -36.90
CA ARG N 169 -35.98 47.60 -37.63
C ARG N 169 -34.77 46.85 -38.16
N ASP N 170 -33.67 46.93 -37.44
CA ASP N 170 -32.48 46.19 -37.78
C ASP N 170 -31.66 45.93 -36.54
N THR N 171 -31.44 44.65 -36.27
CA THR N 171 -30.77 44.19 -35.07
C THR N 171 -29.36 44.74 -34.93
N PHE N 172 -28.82 45.29 -36.00
CA PHE N 172 -27.41 45.70 -36.03
C PHE N 172 -27.20 47.22 -36.05
N SER N 173 -28.15 47.94 -36.63
CA SER N 173 -28.15 49.40 -36.59
C SER N 173 -28.88 49.90 -35.34
N GLY N 174 -28.94 51.22 -35.17
CA GLY N 174 -29.59 51.80 -34.01
C GLY N 174 -28.56 52.39 -33.06
N ASN N 175 -28.96 52.82 -31.88
CA ASN N 175 -27.99 53.30 -30.90
C ASN N 175 -26.99 54.24 -31.54
N GLY N 176 -27.41 55.43 -31.90
CA GLY N 176 -26.40 56.34 -32.43
C GLY N 176 -26.87 57.50 -33.25
N ILE N 177 -26.43 57.56 -34.50
CA ILE N 177 -26.67 58.68 -35.42
C ILE N 177 -25.67 59.83 -35.33
N SER N 178 -24.88 59.91 -36.40
CA SER N 178 -23.89 60.95 -36.59
C SER N 178 -24.11 61.40 -38.03
N LEU N 179 -23.91 62.69 -38.25
CA LEU N 179 -24.27 63.30 -39.53
C LEU N 179 -23.23 64.37 -39.83
N ALA N 180 -22.96 64.62 -41.12
CA ALA N 180 -22.24 65.84 -41.53
C ALA N 180 -22.75 66.32 -42.88
N VAL N 181 -22.51 67.58 -43.23
CA VAL N 181 -22.92 68.06 -44.53
C VAL N 181 -21.75 68.75 -45.18
N ILE N 182 -21.31 68.24 -46.34
CA ILE N 182 -20.26 68.89 -47.12
C ILE N 182 -20.85 69.88 -48.13
N THR N 183 -20.29 71.07 -48.18
CA THR N 183 -20.86 72.15 -48.99
C THR N 183 -19.72 73.04 -49.39
N LYS N 184 -19.83 73.67 -50.56
CA LYS N 184 -18.73 74.46 -51.13
C LYS N 184 -17.73 75.02 -50.12
N ASP N 185 -18.21 75.73 -49.10
CA ASP N 185 -17.28 76.33 -48.15
C ASP N 185 -16.73 75.37 -47.08
N GLY N 186 -17.32 74.18 -46.92
CA GLY N 186 -16.73 73.18 -46.06
C GLY N 186 -17.55 72.00 -45.58
N VAL N 187 -17.11 71.45 -44.46
CA VAL N 187 -17.65 70.22 -43.89
C VAL N 187 -18.02 70.40 -42.41
N LYS N 188 -19.30 70.23 -42.09
CA LYS N 188 -19.81 70.34 -40.73
C LYS N 188 -20.02 69.00 -40.04
N ILE N 189 -19.18 68.70 -39.05
CA ILE N 189 -19.38 67.52 -38.21
C ILE N 189 -20.31 67.91 -37.08
N PHE N 190 -21.51 67.32 -37.04
CA PHE N 190 -22.44 67.67 -35.99
C PHE N 190 -22.13 66.99 -34.66
N GLU N 191 -21.95 67.80 -33.61
CA GLU N 191 -21.71 67.32 -32.25
C GLU N 191 -23.01 66.87 -31.54
N ASP N 192 -23.20 65.55 -31.47
CA ASP N 192 -24.42 64.90 -30.94
C ASP N 192 -25.56 65.85 -30.57
N GLU N 193 -25.42 66.52 -29.43
CA GLU N 193 -26.46 67.42 -28.94
C GLU N 193 -27.29 68.10 -30.05
N GLU N 194 -26.64 68.89 -30.90
CA GLU N 194 -27.37 69.71 -31.87
C GLU N 194 -28.03 68.93 -33.00
N ILE N 195 -27.50 67.77 -33.34
CA ILE N 195 -28.21 66.90 -34.27
C ILE N 195 -29.63 66.85 -33.71
N GLU N 196 -29.70 66.23 -32.53
CA GLU N 196 -30.93 65.96 -31.79
C GLU N 196 -32.04 66.96 -32.10
N LYS N 197 -31.67 68.24 -32.12
CA LYS N 197 -32.63 69.33 -32.25
C LYS N 197 -33.70 69.04 -33.30
N ILE N 198 -33.30 68.35 -34.35
CA ILE N 198 -34.17 68.22 -35.51
C ILE N 198 -35.38 67.30 -35.33
N LEU N 199 -35.17 66.06 -34.91
CA LEU N 199 -36.31 65.15 -34.72
C LEU N 199 -37.20 65.59 -33.54
N ASP N 200 -36.77 66.62 -32.80
CA ASP N 200 -37.64 67.30 -31.83
C ASP N 200 -38.57 68.26 -32.56
N SER N 201 -38.03 68.92 -33.58
CA SER N 201 -38.79 69.83 -34.44
C SER N 201 -39.69 69.06 -35.41
N MET N 202 -39.32 67.81 -35.70
CA MET N 202 -40.14 66.92 -36.53
C MET N 202 -41.30 66.28 -35.73
N LYS N 203 -41.52 64.99 -35.96
CA LYS N 203 -42.58 64.27 -35.25
C LYS N 203 -41.93 63.34 -34.23
N ILE O 16 3.32 -27.94 42.33
CA ILE O 16 4.64 -28.22 42.92
C ILE O 16 5.53 -29.19 42.07
N THR O 17 5.29 -29.26 40.74
CA THR O 17 6.19 -29.97 39.79
C THR O 17 7.03 -28.97 39.01
N VAL O 18 6.57 -28.59 37.82
CA VAL O 18 7.27 -27.65 36.94
C VAL O 18 6.52 -27.34 35.62
N PHE O 19 6.87 -26.21 34.99
CA PHE O 19 6.58 -25.95 33.56
C PHE O 19 7.65 -25.00 33.02
N SER O 20 7.91 -25.04 31.72
CA SER O 20 9.06 -24.31 31.15
C SER O 20 8.76 -22.86 30.75
N PRO O 21 9.83 -22.07 30.56
CA PRO O 21 9.74 -20.63 30.30
C PRO O 21 9.56 -20.27 28.82
N GLU O 22 9.26 -21.23 27.97
CA GLU O 22 9.11 -20.93 26.55
C GLU O 22 8.89 -22.13 25.64
N GLY O 23 7.81 -22.85 25.86
CA GLY O 23 7.50 -24.01 25.04
C GLY O 23 7.64 -25.34 25.76
N ARG O 24 8.87 -25.78 26.00
CA ARG O 24 9.15 -27.12 26.53
C ARG O 24 8.62 -27.34 27.95
N LEU O 25 9.03 -28.43 28.61
CA LEU O 25 8.57 -28.70 29.97
C LEU O 25 9.64 -29.31 30.86
N TYR O 26 9.93 -28.64 31.97
CA TYR O 26 11.03 -29.01 32.86
C TYR O 26 11.10 -30.51 33.14
N GLN O 27 10.66 -30.95 34.32
CA GLN O 27 10.90 -32.32 34.77
C GLN O 27 10.65 -33.37 33.69
N VAL O 28 9.60 -33.21 32.88
CA VAL O 28 9.28 -34.25 31.89
C VAL O 28 10.51 -34.60 31.04
N GLU O 29 11.15 -33.60 30.43
CA GLU O 29 12.28 -33.88 29.55
C GLU O 29 13.47 -34.41 30.32
N TYR O 30 13.69 -33.88 31.52
CA TYR O 30 14.72 -34.41 32.39
C TYR O 30 14.42 -35.87 32.72
N ALA O 31 13.15 -36.23 32.68
CA ALA O 31 12.77 -37.61 32.93
C ALA O 31 12.93 -38.46 31.66
N ARG O 32 12.65 -37.87 30.50
CA ARG O 32 12.88 -38.57 29.25
C ARG O 32 14.29 -39.13 29.31
N GLU O 33 15.25 -38.25 29.55
CA GLU O 33 16.65 -38.62 29.66
C GLU O 33 16.83 -39.94 30.36
N ALA O 34 16.28 -40.03 31.56
CA ALA O 34 16.33 -41.27 32.33
C ALA O 34 16.11 -42.46 31.40
N VAL O 35 15.10 -42.37 30.54
CA VAL O 35 14.82 -43.45 29.60
C VAL O 35 15.93 -43.62 28.60
N ARG O 36 16.30 -42.54 27.91
CA ARG O 36 17.37 -42.65 26.94
C ARG O 36 18.66 -43.15 27.60
N ARG O 37 18.65 -43.29 28.91
CA ARG O 37 19.78 -43.87 29.61
C ARG O 37 19.59 -45.37 29.92
N GLY O 38 18.35 -45.77 30.21
CA GLY O 38 18.02 -47.15 30.54
C GLY O 38 18.36 -48.19 29.48
N THR O 39 17.87 -49.42 29.66
CA THR O 39 18.23 -50.50 28.74
C THR O 39 17.51 -50.34 27.43
N THR O 40 18.09 -50.91 26.39
CA THR O 40 17.54 -50.74 25.06
C THR O 40 16.48 -51.79 24.84
N ALA O 41 15.57 -51.53 23.92
CA ALA O 41 14.46 -52.43 23.66
C ALA O 41 13.80 -52.17 22.32
N ILE O 42 13.43 -53.24 21.63
CA ILE O 42 12.87 -53.12 20.30
C ILE O 42 11.58 -53.88 20.19
N GLY O 43 10.61 -53.29 19.50
CA GLY O 43 9.33 -53.95 19.29
C GLY O 43 8.96 -53.93 17.84
N ILE O 44 8.56 -55.07 17.29
CA ILE O 44 8.28 -55.09 15.86
C ILE O 44 6.94 -55.69 15.55
N ALA O 45 6.19 -54.95 14.75
CA ALA O 45 4.90 -55.42 14.26
C ALA O 45 5.10 -56.30 13.04
N CYS O 46 4.11 -56.28 12.17
CA CYS O 46 4.10 -57.04 10.93
C CYS O 46 2.67 -57.29 10.44
N LYS O 47 2.31 -58.56 10.34
CA LYS O 47 1.05 -58.96 9.75
C LYS O 47 0.80 -60.40 10.18
N ASP O 48 1.69 -60.91 11.03
CA ASP O 48 1.62 -62.30 11.44
C ASP O 48 1.44 -62.36 12.94
N GLY O 49 1.36 -61.18 13.55
CA GLY O 49 1.35 -61.06 14.97
C GLY O 49 2.33 -59.97 15.29
N VAL O 50 3.15 -60.16 16.31
CA VAL O 50 4.08 -59.12 16.71
C VAL O 50 5.06 -59.66 17.73
N VAL O 51 6.28 -59.13 17.77
CA VAL O 51 7.26 -59.60 18.74
C VAL O 51 8.20 -58.55 19.34
N LEU O 52 8.53 -58.82 20.59
CA LEU O 52 9.35 -57.96 21.41
C LEU O 52 10.59 -58.68 21.86
N ALA O 53 11.53 -57.88 22.34
CA ALA O 53 12.80 -58.36 22.84
C ALA O 53 13.64 -57.20 23.38
N VAL O 54 14.44 -57.51 24.38
CA VAL O 54 15.14 -56.50 25.11
C VAL O 54 16.58 -56.92 25.36
N ASP O 55 17.48 -55.95 25.29
CA ASP O 55 18.87 -56.19 25.65
C ASP O 55 19.13 -55.80 27.09
N ARG O 56 18.81 -56.70 28.02
CA ARG O 56 19.25 -56.57 29.39
C ARG O 56 20.77 -56.43 29.33
N ARG O 57 21.37 -55.66 30.24
CA ARG O 57 22.83 -55.56 30.23
C ARG O 57 23.42 -56.15 31.51
N ILE O 58 23.15 -57.43 31.71
CA ILE O 58 23.61 -58.11 32.92
C ILE O 58 25.11 -58.15 32.94
N THR O 59 25.69 -57.21 33.69
CA THR O 59 27.13 -57.16 33.88
C THR O 59 27.59 -58.41 34.63
N SER O 60 27.53 -58.35 35.96
CA SER O 60 27.94 -59.45 36.81
C SER O 60 27.13 -60.70 36.50
N LYS O 61 27.77 -61.86 36.60
CA LYS O 61 27.08 -63.11 36.33
C LYS O 61 26.62 -63.77 37.62
N LEU O 62 26.43 -62.96 38.66
CA LEU O 62 25.94 -63.45 39.95
C LEU O 62 24.43 -63.29 40.12
N VAL O 63 23.76 -62.81 39.08
CA VAL O 63 22.33 -62.51 39.18
C VAL O 63 21.49 -63.40 38.29
N LYS O 64 20.59 -64.18 38.90
CA LYS O 64 19.73 -65.05 38.11
C LYS O 64 19.00 -64.20 37.10
N ILE O 65 19.30 -64.45 35.82
CA ILE O 65 18.75 -63.66 34.73
C ILE O 65 17.24 -63.84 34.61
N ARG O 66 16.64 -64.55 35.54
CA ARG O 66 15.22 -64.77 35.47
C ARG O 66 14.49 -63.60 36.08
N SER O 67 15.21 -62.82 36.88
CA SER O 67 14.65 -61.72 37.70
C SER O 67 14.66 -60.35 37.02
N ILE O 68 15.65 -60.14 36.16
CA ILE O 68 15.74 -58.94 35.37
C ILE O 68 14.54 -58.88 34.44
N GLU O 69 13.39 -58.57 35.00
CA GLU O 69 12.17 -58.49 34.22
C GLU O 69 12.22 -57.23 33.37
N LYS O 70 12.17 -57.40 32.05
CA LYS O 70 12.21 -56.26 31.15
C LYS O 70 10.99 -56.28 30.25
N ILE O 71 10.24 -57.36 30.35
CA ILE O 71 9.04 -57.54 29.55
C ILE O 71 7.94 -58.18 30.40
N PHE O 72 6.76 -57.55 30.45
CA PHE O 72 5.65 -58.07 31.24
C PHE O 72 4.40 -58.40 30.42
N GLN O 73 3.80 -59.56 30.68
CA GLN O 73 2.55 -59.89 30.04
C GLN O 73 1.46 -59.09 30.74
N ILE O 74 0.49 -58.59 29.98
CA ILE O 74 -0.57 -57.78 30.57
C ILE O 74 -1.93 -58.46 30.44
N ASP O 75 -2.08 -59.32 29.43
CA ASP O 75 -3.27 -60.14 29.30
C ASP O 75 -2.95 -61.31 28.38
N ASP O 76 -3.87 -62.28 28.31
CA ASP O 76 -3.73 -63.49 27.49
C ASP O 76 -3.38 -63.14 26.05
N HIS O 77 -3.46 -61.86 25.72
CA HIS O 77 -3.39 -61.44 24.34
C HIS O 77 -2.66 -60.12 24.16
N VAL O 78 -2.15 -59.54 25.23
CA VAL O 78 -1.39 -58.33 25.08
C VAL O 78 -0.35 -58.17 26.17
N ALA O 79 0.82 -57.65 25.79
CA ALA O 79 1.92 -57.50 26.71
C ALA O 79 2.90 -56.44 26.23
N ALA O 80 3.73 -55.97 27.17
CA ALA O 80 4.53 -54.77 26.99
C ALA O 80 5.91 -54.83 27.66
N ALA O 81 6.91 -54.19 27.04
CA ALA O 81 8.30 -54.23 27.50
C ALA O 81 8.73 -52.87 28.03
N THR O 82 9.45 -52.87 29.16
CA THR O 82 9.85 -51.62 29.85
C THR O 82 11.20 -51.03 29.41
N SER O 83 11.40 -49.75 29.69
CA SER O 83 12.71 -49.12 29.47
C SER O 83 12.81 -47.78 30.18
N GLY O 84 13.57 -47.77 31.26
CA GLY O 84 13.64 -46.63 32.14
C GLY O 84 14.11 -47.19 33.46
N LEU O 85 13.65 -46.61 34.56
CA LEU O 85 14.01 -47.14 35.86
C LEU O 85 13.02 -48.21 36.31
N VAL O 86 13.56 -49.34 36.75
CA VAL O 86 12.73 -50.45 37.17
C VAL O 86 11.83 -50.09 38.36
N ALA O 87 12.20 -49.08 39.14
CA ALA O 87 11.36 -48.61 40.22
C ALA O 87 9.97 -48.30 39.68
N ASP O 88 9.93 -47.63 38.55
CA ASP O 88 8.66 -47.23 37.95
C ASP O 88 8.28 -48.15 36.81
N ALA O 89 9.01 -49.23 36.66
CA ALA O 89 8.64 -50.25 35.68
C ALA O 89 7.51 -51.04 36.24
N ARG O 90 7.86 -51.98 37.10
CA ARG O 90 6.85 -52.73 37.83
C ARG O 90 5.61 -51.90 38.12
N VAL O 91 5.72 -50.93 39.03
CA VAL O 91 4.53 -50.23 39.47
C VAL O 91 3.55 -49.98 38.34
N LEU O 92 4.01 -49.41 37.23
CA LEU O 92 3.10 -49.15 36.12
C LEU O 92 2.33 -50.43 35.71
N ILE O 93 3.04 -51.55 35.53
CA ILE O 93 2.39 -52.76 35.03
C ILE O 93 1.44 -53.42 36.05
N ASP O 94 1.88 -53.68 37.29
CA ASP O 94 0.97 -54.20 38.34
C ASP O 94 -0.16 -53.19 38.52
N ARG O 95 -0.32 -52.33 37.51
CA ARG O 95 -1.40 -51.35 37.43
C ARG O 95 -1.88 -51.17 36.00
N ALA O 96 -1.10 -51.61 35.04
CA ALA O 96 -1.65 -51.72 33.70
C ALA O 96 -2.35 -53.07 33.67
N ARG O 97 -1.70 -54.08 34.23
CA ARG O 97 -2.30 -55.41 34.30
C ARG O 97 -3.64 -55.27 34.98
N LEU O 98 -3.81 -54.21 35.75
CA LEU O 98 -5.03 -53.98 36.54
C LEU O 98 -6.12 -53.27 35.77
N GLU O 99 -5.80 -52.12 35.23
CA GLU O 99 -6.81 -51.38 34.52
C GLU O 99 -7.28 -52.28 33.39
N ALA O 100 -6.55 -53.37 33.14
CA ALA O 100 -6.84 -54.24 32.01
C ALA O 100 -7.91 -55.31 32.29
N GLN O 101 -7.93 -55.83 33.51
CA GLN O 101 -8.88 -56.86 33.87
C GLN O 101 -10.11 -56.22 34.43
N ILE O 102 -9.95 -55.03 34.99
CA ILE O 102 -11.09 -54.23 35.35
C ILE O 102 -11.94 -54.03 34.13
N TYR O 103 -11.31 -53.70 33.00
CA TYR O 103 -12.05 -53.55 31.75
C TYR O 103 -12.79 -54.85 31.40
N ARG O 104 -12.11 -55.98 31.49
CA ARG O 104 -12.70 -57.26 31.07
C ARG O 104 -13.89 -57.71 31.93
N LEU O 105 -14.17 -56.99 32.99
CA LEU O 105 -15.17 -57.46 33.91
C LEU O 105 -16.38 -56.59 33.81
N THR O 106 -16.17 -55.35 33.40
CA THR O 106 -17.27 -54.42 33.28
C THR O 106 -17.66 -54.30 31.83
N TYR O 107 -17.33 -55.32 31.05
CA TYR O 107 -17.74 -55.37 29.65
C TYR O 107 -17.77 -56.80 29.16
N GLY O 108 -16.70 -57.54 29.45
CA GLY O 108 -16.54 -58.88 28.94
C GLY O 108 -15.40 -59.02 27.95
N GLU O 109 -15.16 -57.97 27.16
CA GLU O 109 -14.13 -57.96 26.11
C GLU O 109 -12.66 -57.90 26.57
N GLU O 110 -11.86 -58.89 26.18
CA GLU O 110 -10.42 -58.74 26.28
C GLU O 110 -10.19 -57.30 25.86
N ILE O 111 -9.66 -56.51 26.77
CA ILE O 111 -9.55 -55.07 26.57
C ILE O 111 -8.79 -54.66 25.32
N SER O 112 -9.41 -53.79 24.52
CA SER O 112 -8.79 -53.29 23.29
C SER O 112 -7.41 -52.70 23.56
N ILE O 113 -6.47 -52.87 22.62
CA ILE O 113 -5.09 -52.43 22.85
C ILE O 113 -4.91 -50.91 22.79
N GLU O 114 -5.46 -50.27 21.76
CA GLU O 114 -5.40 -48.80 21.67
C GLU O 114 -6.02 -48.15 22.90
N MET O 115 -6.92 -48.87 23.58
CA MET O 115 -7.49 -48.38 24.83
C MET O 115 -6.54 -48.63 26.02
N LEU O 116 -6.22 -49.88 26.31
CA LEU O 116 -5.25 -50.17 27.37
C LEU O 116 -4.10 -49.16 27.36
N ALA O 117 -3.45 -49.02 26.20
CA ALA O 117 -2.45 -47.99 26.06
C ALA O 117 -3.04 -46.69 26.56
N LYS O 118 -3.97 -46.13 25.78
CA LYS O 118 -4.50 -44.81 26.10
C LYS O 118 -4.82 -44.62 27.57
N LYS O 119 -4.78 -45.68 28.35
CA LYS O 119 -5.07 -45.58 29.78
C LYS O 119 -3.83 -45.25 30.63
N ILE O 120 -2.96 -46.23 30.82
CA ILE O 120 -1.78 -45.99 31.64
C ILE O 120 -0.94 -44.86 31.03
N CYS O 121 -1.25 -44.47 29.80
CA CYS O 121 -0.47 -43.42 29.17
C CYS O 121 -1.10 -42.11 29.53
N ASP O 122 -2.34 -42.18 29.99
CA ASP O 122 -3.05 -41.01 30.48
C ASP O 122 -2.64 -40.71 31.94
N ILE O 123 -2.54 -41.76 32.74
CA ILE O 123 -2.02 -41.64 34.10
C ILE O 123 -0.68 -40.92 34.09
N LYS O 124 0.23 -41.49 33.32
CA LYS O 124 1.59 -40.99 33.20
C LYS O 124 1.57 -39.54 32.84
N GLN O 125 0.49 -39.13 32.15
CA GLN O 125 0.33 -37.74 31.79
C GLN O 125 -0.22 -36.97 32.97
N ALA O 126 -1.11 -37.58 33.74
CA ALA O 126 -1.65 -36.83 34.87
C ALA O 126 -0.53 -36.56 35.84
N TYR O 127 0.32 -37.57 36.04
CA TYR O 127 1.46 -37.43 36.91
C TYR O 127 2.42 -36.34 36.42
N THR O 128 2.07 -35.69 35.32
CA THR O 128 2.91 -34.63 34.78
C THR O 128 2.49 -33.30 35.38
N GLN O 129 1.19 -33.05 35.40
CA GLN O 129 0.71 -31.72 35.70
C GLN O 129 0.06 -31.62 37.05
N HIS O 130 0.54 -32.35 38.04
CA HIS O 130 -0.11 -32.29 39.34
C HIS O 130 0.82 -32.16 40.52
N GLY O 131 0.31 -31.46 41.52
CA GLY O 131 1.02 -31.21 42.76
C GLY O 131 1.98 -32.32 43.11
N GLY O 132 3.18 -31.92 43.53
CA GLY O 132 4.15 -32.84 44.05
C GLY O 132 4.08 -34.26 43.55
N VAL O 133 4.79 -34.54 42.47
CA VAL O 133 4.99 -35.91 42.09
C VAL O 133 5.76 -35.97 40.80
N ARG O 134 6.76 -36.84 40.79
CA ARG O 134 7.66 -36.88 39.67
C ARG O 134 7.18 -37.82 38.61
N PRO O 135 7.01 -37.32 37.39
CA PRO O 135 6.69 -38.16 36.23
C PRO O 135 7.54 -39.41 36.25
N PHE O 136 7.02 -40.46 35.60
CA PHE O 136 7.64 -41.78 35.62
C PHE O 136 8.79 -41.85 34.64
N GLY O 137 9.86 -42.46 35.07
CA GLY O 137 11.05 -42.51 34.25
C GLY O 137 11.00 -43.70 33.33
N VAL O 138 10.02 -43.71 32.43
CA VAL O 138 9.82 -44.88 31.58
C VAL O 138 9.10 -44.61 30.26
N SER O 139 9.56 -45.30 29.22
CA SER O 139 8.80 -45.44 27.97
C SER O 139 8.38 -46.90 27.85
N LEU O 140 7.20 -47.15 27.29
CA LEU O 140 6.71 -48.51 27.19
C LEU O 140 6.55 -49.01 25.74
N LEU O 141 6.71 -50.31 25.56
CA LEU O 141 6.43 -50.89 24.27
C LEU O 141 5.36 -51.94 24.47
N ILE O 142 4.13 -51.59 24.11
CA ILE O 142 2.95 -52.46 24.28
C ILE O 142 2.51 -53.11 22.96
N ALA O 143 2.53 -54.43 22.88
CA ALA O 143 2.03 -55.06 21.68
C ALA O 143 1.04 -56.14 21.99
N GLY O 144 0.28 -56.53 20.98
CA GLY O 144 -0.72 -57.55 21.17
C GLY O 144 -1.67 -57.63 20.00
N ILE O 145 -2.76 -58.35 20.22
CA ILE O 145 -3.68 -58.68 19.15
C ILE O 145 -4.98 -57.96 19.40
N ASP O 146 -5.30 -56.98 18.56
CA ASP O 146 -6.60 -56.34 18.64
C ASP O 146 -7.53 -56.89 17.55
N LYS O 147 -8.15 -58.04 17.84
CA LYS O 147 -9.11 -58.65 16.93
C LYS O 147 -8.52 -58.77 15.55
N ASN O 148 -7.67 -59.77 15.36
CA ASN O 148 -6.92 -60.00 14.11
C ASN O 148 -5.93 -58.90 13.75
N GLU O 149 -6.09 -57.75 14.41
CA GLU O 149 -5.20 -56.62 14.21
C GLU O 149 -4.08 -56.63 15.27
N ALA O 150 -2.87 -57.03 14.85
CA ALA O 150 -1.73 -57.05 15.75
C ALA O 150 -0.98 -55.72 15.69
N ARG O 151 -0.81 -55.07 16.83
CA ARG O 151 -0.25 -53.73 16.81
C ARG O 151 0.82 -53.48 17.85
N LEU O 152 1.51 -52.35 17.70
CA LEU O 152 2.59 -51.94 18.57
C LEU O 152 2.42 -50.48 18.98
N PHE O 153 2.82 -50.15 20.20
CA PHE O 153 2.69 -48.80 20.77
C PHE O 153 3.89 -48.33 21.59
N GLU O 154 4.25 -47.06 21.44
CA GLU O 154 5.30 -46.48 22.25
C GLU O 154 4.75 -45.40 23.18
N THR O 155 5.10 -45.46 24.47
CA THR O 155 4.71 -44.43 25.42
C THR O 155 5.89 -43.55 25.82
N ASP O 156 5.59 -42.40 26.41
CA ASP O 156 6.60 -41.41 26.81
C ASP O 156 6.14 -40.72 28.10
N PRO O 157 7.07 -40.47 29.05
CA PRO O 157 6.71 -40.04 30.41
C PRO O 157 5.64 -38.95 30.52
N SER O 158 4.66 -38.95 29.63
CA SER O 158 3.62 -37.94 29.57
C SER O 158 2.84 -38.04 28.27
N GLY O 159 1.99 -39.05 28.13
CA GLY O 159 1.20 -39.20 26.91
C GLY O 159 1.96 -39.62 25.66
N ALA O 160 1.32 -40.44 24.82
CA ALA O 160 2.00 -41.03 23.66
C ALA O 160 1.09 -41.77 22.66
N LEU O 161 0.58 -40.99 21.71
CA LEU O 161 -0.23 -41.51 20.62
C LEU O 161 0.63 -42.04 19.44
N ILE O 162 1.65 -42.86 19.71
CA ILE O 162 2.56 -43.28 18.64
C ILE O 162 2.56 -44.78 18.31
N GLU O 163 1.81 -45.14 17.28
CA GLU O 163 1.61 -46.53 16.85
C GLU O 163 2.51 -46.89 15.67
N TYR O 164 3.69 -47.38 16.00
CA TYR O 164 4.70 -47.70 15.00
C TYR O 164 4.34 -48.98 14.27
N LYS O 165 5.08 -49.22 13.18
CA LYS O 165 5.09 -50.50 12.51
C LYS O 165 6.34 -51.21 13.03
N ALA O 166 7.13 -50.44 13.80
CA ALA O 166 8.29 -50.95 14.51
C ALA O 166 9.15 -49.79 15.05
N THR O 167 9.73 -49.98 16.24
CA THR O 167 10.60 -48.98 16.87
C THR O 167 11.46 -49.54 17.99
N ALA O 168 12.14 -48.65 18.70
CA ALA O 168 12.97 -49.02 19.82
C ALA O 168 13.21 -47.87 20.78
N ILE O 169 13.51 -48.20 22.05
CA ILE O 169 13.76 -47.23 23.14
C ILE O 169 14.93 -47.65 24.05
N GLY O 170 15.53 -46.67 24.72
CA GLY O 170 16.61 -46.95 25.67
C GLY O 170 17.99 -46.54 25.19
N SER O 171 19.03 -47.10 25.82
CA SER O 171 20.42 -46.83 25.46
C SER O 171 20.56 -46.57 23.98
N GLY O 172 20.54 -47.63 23.18
CA GLY O 172 20.76 -47.49 21.77
C GLY O 172 19.53 -47.12 20.97
N ARG O 173 18.83 -46.06 21.37
CA ARG O 173 17.70 -45.62 20.57
C ARG O 173 18.17 -45.38 19.14
N PRO O 174 18.90 -44.30 18.90
CA PRO O 174 19.19 -43.90 17.52
C PRO O 174 20.00 -44.94 16.72
N VAL O 175 20.81 -45.74 17.38
CA VAL O 175 21.58 -46.73 16.65
C VAL O 175 20.66 -47.48 15.71
N VAL O 176 19.58 -48.03 16.28
CA VAL O 176 18.61 -48.83 15.53
C VAL O 176 17.26 -48.15 15.23
N MET O 177 16.80 -47.22 16.09
CA MET O 177 15.58 -46.42 15.84
C MET O 177 15.77 -45.68 14.50
N GLU O 178 16.98 -45.83 13.94
CA GLU O 178 17.44 -45.24 12.67
C GLU O 178 18.21 -46.25 11.78
N LEU O 179 18.29 -47.50 12.26
CA LEU O 179 18.61 -48.64 11.41
C LEU O 179 17.32 -49.11 10.75
N LEU O 180 16.35 -49.47 11.59
CA LEU O 180 14.98 -49.72 11.15
C LEU O 180 14.57 -48.71 10.11
N GLU O 181 15.00 -47.47 10.32
CA GLU O 181 14.65 -46.33 9.47
C GLU O 181 14.51 -46.65 7.99
N LYS O 182 15.15 -47.72 7.55
CA LYS O 182 15.23 -48.01 6.13
C LYS O 182 14.58 -49.32 5.72
N GLU O 183 15.11 -50.42 6.25
CA GLU O 183 14.88 -51.77 5.71
C GLU O 183 13.58 -52.49 6.15
N TYR O 184 12.88 -51.95 7.13
CA TYR O 184 11.59 -52.50 7.53
C TYR O 184 10.62 -52.42 6.35
N ARG O 185 9.61 -53.28 6.37
CA ARG O 185 8.60 -53.30 5.32
C ARG O 185 7.24 -53.59 5.91
N ASP O 186 6.21 -52.93 5.38
CA ASP O 186 4.84 -53.24 5.74
C ASP O 186 4.45 -54.59 5.17
N ASP O 187 5.40 -55.51 5.15
CA ASP O 187 5.17 -56.84 4.65
C ASP O 187 5.86 -57.85 5.55
N ILE O 188 7.03 -57.47 6.05
CA ILE O 188 7.87 -58.36 6.84
C ILE O 188 7.05 -59.31 7.70
N THR O 189 7.51 -60.54 7.80
CA THR O 189 6.79 -61.56 8.50
C THR O 189 7.30 -61.65 9.92
N LEU O 190 6.90 -62.67 10.65
CA LEU O 190 7.42 -62.88 11.99
C LEU O 190 8.87 -63.34 11.94
N ASP O 191 9.11 -64.46 11.27
CA ASP O 191 10.45 -65.03 11.10
C ASP O 191 11.30 -64.24 10.10
N GLU O 192 10.70 -63.20 9.53
CA GLU O 192 11.39 -62.21 8.73
C GLU O 192 11.77 -61.06 9.65
N GLY O 193 10.94 -60.87 10.69
CA GLY O 193 11.21 -59.91 11.75
C GLY O 193 11.93 -60.63 12.86
N LEU O 194 11.99 -61.95 12.70
CA LEU O 194 12.88 -62.82 13.47
C LEU O 194 14.12 -61.99 13.79
N GLU O 195 15.09 -62.04 12.87
CA GLU O 195 16.39 -61.37 13.01
C GLU O 195 16.31 -59.85 13.20
N LEU O 196 15.44 -59.19 12.44
CA LEU O 196 15.33 -57.75 12.52
C LEU O 196 15.72 -57.29 13.89
N ALA O 197 14.90 -57.64 14.88
CA ALA O 197 15.15 -57.22 16.26
C ALA O 197 16.50 -57.69 16.79
N ILE O 198 16.87 -58.93 16.53
CA ILE O 198 18.14 -59.45 17.00
C ILE O 198 19.31 -58.73 16.35
N THR O 199 19.31 -58.70 15.02
CA THR O 199 20.40 -58.09 14.28
C THR O 199 20.54 -56.64 14.73
N ALA O 200 19.44 -55.92 14.69
CA ALA O 200 19.43 -54.55 15.18
C ALA O 200 20.07 -54.47 16.55
N LEU O 201 19.40 -55.03 17.56
CA LEU O 201 19.86 -54.94 18.94
C LEU O 201 21.35 -55.27 19.12
N THR O 202 21.92 -56.07 18.21
CA THR O 202 23.36 -56.32 18.24
C THR O 202 24.11 -55.07 17.85
N LYS O 203 23.64 -54.42 16.79
CA LYS O 203 24.21 -53.16 16.37
C LYS O 203 24.51 -52.34 17.62
N ALA O 204 23.47 -51.96 18.34
CA ALA O 204 23.67 -51.14 19.53
C ALA O 204 24.61 -51.80 20.53
N ASN O 205 24.47 -53.11 20.74
CA ASN O 205 25.33 -53.78 21.68
C ASN O 205 26.33 -54.70 21.02
N GLU O 206 27.53 -54.17 20.79
CA GLU O 206 28.65 -55.00 20.42
C GLU O 206 28.90 -55.88 21.65
N ASP O 207 28.68 -57.18 21.50
CA ASP O 207 28.95 -58.14 22.56
C ASP O 207 27.79 -58.28 23.54
N ILE O 208 26.76 -58.99 23.09
CA ILE O 208 25.55 -59.23 23.85
C ILE O 208 25.47 -60.70 24.22
N LYS O 209 25.50 -61.02 25.51
CA LYS O 209 25.32 -62.41 25.91
C LYS O 209 24.04 -62.99 25.28
N PRO O 210 24.08 -64.29 24.94
CA PRO O 210 22.87 -64.91 24.39
C PRO O 210 22.05 -65.43 25.53
N GLU O 211 21.31 -64.54 26.17
CA GLU O 211 20.46 -64.81 27.33
C GLU O 211 20.48 -63.53 28.16
N ASN O 212 21.30 -62.60 27.68
CA ASN O 212 21.26 -61.24 28.16
C ASN O 212 19.96 -60.66 27.60
N VAL O 213 19.29 -61.43 26.73
CA VAL O 213 18.17 -60.91 25.96
C VAL O 213 16.88 -61.72 26.16
N ASP O 214 15.74 -61.07 25.97
CA ASP O 214 14.46 -61.75 26.13
C ASP O 214 13.57 -61.58 24.92
N VAL O 215 12.79 -62.60 24.64
CA VAL O 215 12.04 -62.66 23.42
C VAL O 215 10.63 -63.07 23.76
N CYS O 216 9.64 -62.31 23.30
CA CYS O 216 8.24 -62.72 23.50
C CYS O 216 7.37 -62.55 22.26
N ILE O 217 6.68 -63.62 21.88
CA ILE O 217 5.96 -63.66 20.63
C ILE O 217 4.46 -63.82 20.77
N ILE O 218 3.73 -62.85 20.22
CA ILE O 218 2.28 -62.90 20.23
C ILE O 218 1.78 -63.02 18.81
N THR O 219 1.73 -64.24 18.33
CA THR O 219 1.15 -64.49 17.03
C THR O 219 -0.26 -63.88 17.01
N VAL O 220 -0.76 -63.55 15.82
CA VAL O 220 -2.14 -63.08 15.64
C VAL O 220 -3.03 -64.28 15.33
N LYS O 221 -2.36 -65.36 14.93
CA LYS O 221 -3.01 -66.55 14.44
C LYS O 221 -3.60 -67.38 15.58
N ASP O 222 -3.83 -66.75 16.72
CA ASP O 222 -4.31 -67.48 17.89
C ASP O 222 -4.58 -66.56 19.08
N ALA O 223 -4.13 -65.32 18.97
CA ALA O 223 -4.28 -64.34 20.04
C ALA O 223 -3.53 -64.70 21.33
N GLN O 224 -2.40 -65.36 21.18
CA GLN O 224 -1.71 -65.87 22.35
C GLN O 224 -0.23 -65.49 22.37
N PHE O 225 0.39 -65.61 23.54
CA PHE O 225 1.70 -65.04 23.80
C PHE O 225 2.72 -66.11 24.20
N LYS O 226 3.86 -66.13 23.53
CA LYS O 226 4.82 -67.23 23.66
C LYS O 226 6.21 -66.75 24.05
N LYS O 227 7.10 -67.70 24.36
CA LYS O 227 8.47 -67.41 24.80
C LYS O 227 9.55 -68.07 23.92
N ILE O 228 10.74 -67.44 23.85
CA ILE O 228 11.86 -68.03 23.14
C ILE O 228 12.99 -68.43 24.08
N PRO O 229 13.37 -69.72 24.03
CA PRO O 229 14.40 -70.31 24.90
C PRO O 229 15.78 -69.84 24.50
N VAL O 230 16.66 -69.77 25.48
CA VAL O 230 18.03 -69.38 25.24
C VAL O 230 18.63 -70.32 24.20
N GLU O 231 19.54 -69.79 23.40
CA GLU O 231 20.20 -70.50 22.28
C GLU O 231 19.51 -70.28 20.94
N GLU O 232 18.17 -70.23 20.94
CA GLU O 232 17.45 -69.77 19.76
C GLU O 232 17.91 -68.34 19.60
N ILE O 233 17.84 -67.64 20.73
CA ILE O 233 18.53 -66.37 20.87
C ILE O 233 19.89 -66.52 20.20
N LYS O 234 20.81 -67.20 20.87
CA LYS O 234 22.17 -67.32 20.37
C LYS O 234 22.17 -67.72 18.90
N LYS O 235 21.54 -68.84 18.59
CA LYS O 235 21.60 -69.38 17.24
C LYS O 235 21.05 -68.42 16.18
N LEU O 236 20.55 -67.26 16.62
CA LEU O 236 20.11 -66.22 15.68
C LEU O 236 20.99 -64.98 15.76
N ILE O 237 21.68 -64.82 16.89
CA ILE O 237 22.67 -63.78 17.02
C ILE O 237 23.92 -64.22 16.29
N GLU O 238 23.81 -65.33 15.57
CA GLU O 238 24.94 -65.88 14.84
C GLU O 238 25.01 -65.26 13.47
N LYS O 239 23.85 -65.10 12.84
CA LYS O 239 23.74 -64.29 11.64
C LYS O 239 24.02 -62.86 12.08
N VAL O 240 25.30 -62.54 12.21
CA VAL O 240 25.74 -61.32 12.89
C VAL O 240 27.20 -61.04 12.59
N LYS O 241 27.96 -62.11 12.37
CA LYS O 241 29.41 -62.02 12.16
C LYS O 241 29.71 -61.70 10.70
N LYS O 242 28.64 -61.60 9.93
CA LYS O 242 28.71 -61.26 8.52
C LYS O 242 28.12 -59.88 8.32
N LYS O 243 27.98 -59.13 9.41
CA LYS O 243 27.41 -57.78 9.37
C LYS O 243 28.45 -56.74 9.75
N LEU O 244 29.51 -57.21 10.40
CA LEU O 244 30.61 -56.35 10.78
C LEU O 244 31.68 -56.38 9.67
N ASN O 245 31.28 -56.05 8.44
CA ASN O 245 32.18 -56.07 7.28
C ASN O 245 31.97 -54.91 6.29
N GLU O 246 32.88 -53.93 6.28
CA GLU O 246 32.82 -52.77 5.39
C GLU O 246 31.49 -51.99 5.47
N GLU O 247 30.69 -52.31 6.48
CA GLU O 247 29.37 -51.69 6.65
C GLU O 247 29.38 -50.73 7.84
N ILE P 16 0.06 -22.00 44.33
CA ILE P 16 1.35 -22.55 43.94
C ILE P 16 1.46 -22.65 42.40
N THR P 17 0.72 -21.79 41.68
CA THR P 17 0.84 -21.64 40.21
C THR P 17 1.66 -20.41 39.84
N VAL P 18 0.99 -19.30 39.52
CA VAL P 18 1.68 -18.06 39.13
C VAL P 18 0.73 -16.88 38.95
N PHE P 19 1.29 -15.66 38.90
CA PHE P 19 0.65 -14.48 38.29
C PHE P 19 1.73 -13.46 37.97
N SER P 20 1.48 -12.61 36.98
CA SER P 20 2.49 -11.67 36.44
C SER P 20 2.66 -10.37 37.22
N PRO P 21 3.84 -9.74 37.12
CA PRO P 21 4.16 -8.51 37.84
C PRO P 21 3.54 -7.24 37.23
N GLU P 22 2.66 -7.38 36.25
CA GLU P 22 2.07 -6.21 35.58
C GLU P 22 1.15 -6.51 34.41
N GLY P 23 0.02 -7.14 34.67
CA GLY P 23 -0.99 -7.32 33.64
C GLY P 23 -1.09 -8.74 33.15
N ARG P 24 -0.02 -9.21 32.51
CA ARG P 24 0.00 -10.53 31.89
C ARG P 24 -0.10 -11.67 32.91
N LEU P 25 0.23 -12.89 32.48
CA LEU P 25 0.27 -14.04 33.39
C LEU P 25 1.36 -15.04 33.03
N TYR P 26 2.24 -15.29 34.00
CA TYR P 26 3.39 -16.17 33.81
C TYR P 26 3.05 -17.45 33.08
N GLN P 27 2.99 -18.55 33.82
CA GLN P 27 2.85 -19.86 33.22
C GLN P 27 1.97 -19.85 31.99
N VAL P 28 0.77 -19.29 32.10
CA VAL P 28 -0.19 -19.41 31.01
C VAL P 28 0.44 -19.07 29.66
N GLU P 29 1.13 -17.94 29.57
CA GLU P 29 1.68 -17.53 28.29
C GLU P 29 2.79 -18.49 27.85
N TYR P 30 3.63 -18.90 28.79
CA TYR P 30 4.66 -19.87 28.50
C TYR P 30 4.04 -21.11 27.88
N ALA P 31 2.86 -21.49 28.36
CA ALA P 31 2.21 -22.66 27.80
C ALA P 31 1.69 -22.34 26.42
N ARG P 32 1.29 -21.10 26.20
CA ARG P 32 0.79 -20.71 24.88
C ARG P 32 1.82 -21.17 23.89
N GLU P 33 3.05 -20.75 24.14
CA GLU P 33 4.21 -21.11 23.31
C GLU P 33 4.12 -22.57 22.94
N ALA P 34 3.89 -23.40 23.96
CA ALA P 34 3.82 -24.82 23.77
C ALA P 34 3.03 -25.12 22.50
N VAL P 35 1.97 -24.34 22.29
CA VAL P 35 1.12 -24.54 21.12
C VAL P 35 1.67 -23.96 19.81
N ARG P 36 2.08 -22.70 19.80
CA ARG P 36 2.61 -22.11 18.58
C ARG P 36 3.73 -23.01 18.06
N ARG P 37 4.24 -23.87 18.94
CA ARG P 37 5.30 -24.81 18.58
C ARG P 37 4.73 -26.15 18.08
N GLY P 38 3.59 -26.57 18.64
CA GLY P 38 2.91 -27.81 18.26
C GLY P 38 2.51 -27.87 16.81
N THR P 39 1.79 -28.92 16.39
CA THR P 39 1.48 -29.03 14.95
C THR P 39 0.52 -27.91 14.55
N THR P 40 0.36 -27.71 13.26
CA THR P 40 -0.52 -26.66 12.78
C THR P 40 -1.83 -27.31 12.35
N ALA P 41 -2.93 -26.57 12.48
CA ALA P 41 -4.28 -27.11 12.21
C ALA P 41 -5.27 -25.99 11.95
N ILE P 42 -6.09 -26.14 10.93
CA ILE P 42 -7.02 -25.08 10.52
C ILE P 42 -8.46 -25.54 10.54
N GLY P 43 -9.36 -24.72 11.08
CA GLY P 43 -10.78 -25.00 11.01
C GLY P 43 -11.40 -24.00 10.05
N ILE P 44 -12.51 -24.37 9.42
CA ILE P 44 -13.18 -23.44 8.51
C ILE P 44 -14.69 -23.62 8.48
N ALA P 45 -15.40 -22.54 8.80
CA ALA P 45 -16.86 -22.52 8.75
C ALA P 45 -17.35 -22.36 7.31
N CYS P 46 -18.63 -21.97 7.19
CA CYS P 46 -19.24 -21.73 5.88
C CYS P 46 -20.76 -21.53 6.01
N LYS P 47 -21.50 -22.39 5.35
CA LYS P 47 -22.94 -22.25 5.32
C LYS P 47 -23.52 -23.59 4.90
N ASP P 48 -22.63 -24.46 4.41
CA ASP P 48 -23.04 -25.79 3.95
C ASP P 48 -22.65 -26.78 5.02
N GLY P 49 -21.92 -26.29 6.01
CA GLY P 49 -21.44 -27.13 7.09
C GLY P 49 -20.15 -26.56 7.64
N VAL P 50 -19.14 -27.42 7.75
CA VAL P 50 -17.90 -27.00 8.37
C VAL P 50 -16.86 -28.14 8.36
N VAL P 51 -15.59 -27.77 8.16
CA VAL P 51 -14.49 -28.75 8.01
C VAL P 51 -13.11 -28.36 8.57
N LEU P 52 -12.45 -29.36 9.16
CA LEU P 52 -11.15 -29.25 9.82
C LEU P 52 -10.11 -30.06 9.06
N ALA P 53 -8.85 -29.77 9.32
CA ALA P 53 -7.74 -30.48 8.69
C ALA P 53 -6.39 -30.07 9.25
N VAL P 54 -5.55 -31.07 9.48
CA VAL P 54 -4.32 -30.87 10.22
C VAL P 54 -3.12 -31.33 9.41
N ASP P 55 -2.01 -30.63 9.58
CA ASP P 55 -0.76 -31.02 8.99
C ASP P 55 0.09 -31.68 10.05
N ARG P 56 -0.10 -32.98 10.19
CA ARG P 56 0.78 -33.77 11.03
C ARG P 56 2.17 -33.57 10.44
N ARG P 57 3.22 -33.78 11.24
CA ARG P 57 4.58 -33.66 10.70
C ARG P 57 5.39 -34.97 10.78
N ILE P 58 4.71 -36.09 10.53
CA ILE P 58 5.34 -37.40 10.58
C ILE P 58 6.60 -37.37 9.74
N THR P 59 7.73 -37.24 10.40
CA THR P 59 9.01 -37.26 9.71
C THR P 59 9.34 -38.69 9.23
N SER P 60 9.78 -39.55 10.14
CA SER P 60 10.04 -40.96 9.82
C SER P 60 8.79 -41.72 9.38
N LYS P 61 8.95 -42.66 8.45
CA LYS P 61 7.82 -43.43 7.96
C LYS P 61 7.79 -44.83 8.55
N LEU P 62 8.16 -44.93 9.83
CA LEU P 62 8.04 -46.17 10.58
C LEU P 62 6.78 -46.15 11.44
N VAL P 63 6.09 -45.01 11.45
CA VAL P 63 4.95 -44.79 12.35
C VAL P 63 3.61 -44.82 11.64
N LYS P 64 2.84 -45.88 11.87
CA LYS P 64 1.53 -46.00 11.27
C LYS P 64 0.78 -44.69 11.47
N ILE P 65 0.52 -44.02 10.36
CA ILE P 65 -0.10 -42.68 10.37
C ILE P 65 -1.46 -42.68 11.06
N ARG P 66 -2.02 -43.85 11.26
CA ARG P 66 -3.35 -43.92 11.82
C ARG P 66 -3.35 -43.43 13.25
N SER P 67 -2.22 -43.59 13.92
CA SER P 67 -2.14 -43.33 15.36
C SER P 67 -2.00 -41.86 15.72
N ILE P 68 -1.36 -41.10 14.84
CA ILE P 68 -1.16 -39.69 15.09
C ILE P 68 -2.51 -38.99 15.11
N GLU P 69 -3.19 -39.10 16.24
CA GLU P 69 -4.49 -38.51 16.36
C GLU P 69 -4.35 -37.01 16.60
N LYS P 70 -4.94 -36.22 15.70
CA LYS P 70 -4.88 -34.77 15.77
C LYS P 70 -6.29 -34.13 15.69
N ILE P 71 -7.26 -34.90 15.21
CA ILE P 71 -8.66 -34.47 15.13
C ILE P 71 -9.54 -35.57 15.72
N PHE P 72 -10.46 -35.14 16.58
CA PHE P 72 -11.16 -36.08 17.45
C PHE P 72 -12.69 -35.97 17.31
N GLN P 73 -13.42 -37.09 17.34
CA GLN P 73 -14.88 -36.99 17.39
C GLN P 73 -15.39 -36.81 18.83
N ILE P 74 -16.44 -36.03 19.00
CA ILE P 74 -16.95 -35.77 20.33
C ILE P 74 -18.43 -36.11 20.44
N ASP P 75 -19.21 -35.75 19.44
CA ASP P 75 -20.60 -36.21 19.37
C ASP P 75 -20.98 -36.54 17.94
N ASP P 76 -22.14 -37.18 17.75
CA ASP P 76 -22.64 -37.57 16.43
C ASP P 76 -22.77 -36.38 15.48
N HIS P 77 -22.48 -35.18 15.99
CA HIS P 77 -22.72 -33.94 15.27
C HIS P 77 -21.68 -32.87 15.58
N VAL P 78 -20.81 -33.12 16.55
CA VAL P 78 -19.74 -32.15 16.84
C VAL P 78 -18.38 -32.78 17.08
N ALA P 79 -17.37 -32.14 16.53
CA ALA P 79 -16.01 -32.65 16.64
C ALA P 79 -14.93 -31.55 16.76
N ALA P 80 -13.81 -31.94 17.38
CA ALA P 80 -12.72 -31.03 17.72
C ALA P 80 -11.35 -31.50 17.20
N ALA P 81 -10.49 -30.52 16.84
CA ALA P 81 -9.09 -30.77 16.41
C ALA P 81 -8.08 -30.17 17.42
N THR P 82 -6.94 -30.88 17.61
CA THR P 82 -5.87 -30.48 18.56
C THR P 82 -4.61 -29.75 17.99
N SER P 83 -3.89 -29.10 18.89
CA SER P 83 -2.58 -28.49 18.63
C SER P 83 -1.93 -27.98 19.93
N GLY P 84 -0.80 -28.57 20.28
CA GLY P 84 -0.15 -28.31 21.56
C GLY P 84 0.62 -29.56 21.88
N LEU P 85 0.58 -30.01 23.13
CA LEU P 85 1.17 -31.30 23.43
C LEU P 85 0.11 -32.41 23.51
N VAL P 86 0.33 -33.49 22.77
CA VAL P 86 -0.63 -34.59 22.76
C VAL P 86 -0.76 -35.26 24.13
N ALA P 87 0.18 -35.02 25.03
CA ALA P 87 -0.04 -35.39 26.43
C ALA P 87 -1.40 -34.88 26.82
N ASP P 88 -1.54 -33.55 26.74
CA ASP P 88 -2.73 -32.86 27.19
C ASP P 88 -3.75 -32.67 26.09
N ALA P 89 -3.66 -33.48 25.03
CA ALA P 89 -4.69 -33.48 24.00
C ALA P 89 -5.78 -34.46 24.39
N ARG P 90 -5.42 -35.74 24.37
CA ARG P 90 -6.36 -36.79 24.71
C ARG P 90 -7.08 -36.45 25.99
N VAL P 91 -6.36 -36.43 27.09
CA VAL P 91 -7.02 -36.20 28.37
C VAL P 91 -8.07 -35.10 28.33
N LEU P 92 -7.90 -34.09 27.48
CA LEU P 92 -8.92 -33.04 27.39
C LEU P 92 -10.12 -33.52 26.58
N ILE P 93 -9.89 -34.44 25.67
CA ILE P 93 -11.00 -34.95 24.91
C ILE P 93 -11.83 -36.12 25.58
N ASP P 94 -11.19 -37.25 25.94
CA ASP P 94 -11.92 -38.33 26.64
C ASP P 94 -12.40 -37.72 27.94
N ARG P 95 -12.79 -36.46 27.84
CA ARG P 95 -13.32 -35.64 28.93
C ARG P 95 -14.32 -34.64 28.36
N ALA P 96 -14.08 -34.16 27.16
CA ALA P 96 -15.09 -33.35 26.47
C ALA P 96 -16.04 -34.35 25.90
N ARG P 97 -15.46 -35.48 25.52
CA ARG P 97 -16.22 -36.57 25.04
C ARG P 97 -17.09 -36.99 26.18
N LEU P 98 -16.63 -36.68 27.38
CA LEU P 98 -17.36 -37.04 28.57
C LEU P 98 -18.43 -36.03 28.98
N GLU P 99 -18.06 -34.75 29.00
CA GLU P 99 -18.97 -33.69 29.45
C GLU P 99 -20.02 -33.44 28.37
N ALA P 100 -19.99 -34.26 27.32
CA ALA P 100 -20.84 -34.08 26.15
C ALA P 100 -21.96 -35.10 26.14
N GLN P 101 -21.70 -36.26 26.70
CA GLN P 101 -22.72 -37.26 26.78
C GLN P 101 -23.40 -37.12 28.12
N ILE P 102 -22.66 -36.73 29.14
CA ILE P 102 -23.31 -36.41 30.39
C ILE P 102 -24.50 -35.53 30.04
N TYR P 103 -24.22 -34.39 29.39
CA TYR P 103 -25.27 -33.42 29.08
C TYR P 103 -26.41 -34.05 28.32
N ARG P 104 -26.14 -34.86 27.30
CA ARG P 104 -27.24 -35.43 26.52
C ARG P 104 -28.16 -36.25 27.42
N LEU P 105 -27.65 -36.62 28.58
CA LEU P 105 -28.33 -37.59 29.41
C LEU P 105 -29.29 -36.95 30.40
N THR P 106 -28.95 -35.77 30.90
CA THR P 106 -29.82 -35.07 31.84
C THR P 106 -30.61 -34.01 31.11
N TYR P 107 -30.98 -34.29 29.86
CA TYR P 107 -31.74 -33.33 29.05
C TYR P 107 -32.32 -34.02 27.83
N GLY P 108 -31.49 -34.72 27.09
CA GLY P 108 -31.92 -35.36 25.86
C GLY P 108 -31.35 -34.66 24.64
N GLU P 109 -31.18 -33.36 24.74
CA GLU P 109 -30.62 -32.59 23.64
C GLU P 109 -29.17 -32.96 23.31
N GLU P 110 -28.91 -33.32 22.06
CA GLU P 110 -27.54 -33.29 21.59
C GLU P 110 -26.98 -31.97 22.07
N ILE P 111 -25.99 -32.04 22.95
CA ILE P 111 -25.47 -30.84 23.59
C ILE P 111 -25.11 -29.71 22.61
N SER P 112 -25.50 -28.49 22.91
CA SER P 112 -25.11 -27.28 22.15
C SER P 112 -23.59 -27.20 21.91
N ILE P 113 -23.11 -26.65 20.78
CA ILE P 113 -21.66 -26.53 20.64
C ILE P 113 -21.10 -25.40 21.52
N GLU P 114 -21.76 -24.23 21.49
CA GLU P 114 -21.31 -23.06 22.27
C GLU P 114 -21.16 -23.48 23.73
N MET P 115 -22.00 -24.41 24.15
CA MET P 115 -21.89 -24.93 25.50
C MET P 115 -20.70 -25.88 25.63
N LEU P 116 -20.66 -26.93 24.81
CA LEU P 116 -19.57 -27.89 24.91
C LEU P 116 -18.27 -27.15 25.03
N ALA P 117 -18.05 -26.21 24.13
CA ALA P 117 -16.84 -25.41 24.22
C ALA P 117 -16.78 -24.71 25.57
N LYS P 118 -17.76 -23.86 25.86
CA LYS P 118 -17.79 -23.08 27.11
C LYS P 118 -17.73 -23.97 28.36
N LYS P 119 -17.57 -25.26 28.17
CA LYS P 119 -17.39 -26.15 29.29
C LYS P 119 -15.89 -26.46 29.43
N ILE P 120 -15.33 -27.31 28.57
CA ILE P 120 -13.91 -27.70 28.70
C ILE P 120 -12.97 -26.49 28.74
N CYS P 121 -13.45 -25.36 28.26
CA CYS P 121 -12.65 -24.15 28.13
C CYS P 121 -12.56 -23.52 29.47
N ASP P 122 -13.66 -23.67 30.22
CA ASP P 122 -13.75 -23.28 31.63
C ASP P 122 -12.77 -24.12 32.47
N ILE P 123 -12.69 -25.42 32.16
CA ILE P 123 -11.81 -26.33 32.88
C ILE P 123 -10.40 -25.81 32.65
N LYS P 124 -10.10 -25.55 31.39
CA LYS P 124 -8.75 -25.14 31.03
C LYS P 124 -8.38 -24.02 31.95
N GLN P 125 -9.34 -23.13 32.16
CA GLN P 125 -9.15 -21.91 32.91
C GLN P 125 -9.02 -22.13 34.41
N ALA P 126 -9.78 -23.07 34.95
CA ALA P 126 -9.68 -23.30 36.38
C ALA P 126 -8.33 -23.93 36.68
N TYR P 127 -7.75 -24.54 35.66
CA TYR P 127 -6.37 -25.08 35.72
C TYR P 127 -5.32 -23.99 35.58
N THR P 128 -5.79 -22.76 35.50
CA THR P 128 -4.92 -21.61 35.42
C THR P 128 -4.69 -21.11 36.82
N GLN P 129 -5.78 -20.90 37.53
CA GLN P 129 -5.71 -20.16 38.77
C GLN P 129 -5.59 -21.04 40.02
N HIS P 130 -5.26 -22.30 39.86
CA HIS P 130 -5.30 -23.15 41.04
C HIS P 130 -3.97 -23.74 41.51
N GLY P 131 -3.88 -23.95 42.82
CA GLY P 131 -2.68 -24.47 43.45
C GLY P 131 -2.13 -25.74 42.84
N GLY P 132 -0.86 -25.67 42.45
CA GLY P 132 -0.16 -26.85 41.99
C GLY P 132 -0.85 -27.52 40.83
N VAL P 133 -0.64 -26.97 39.64
CA VAL P 133 -1.15 -27.58 38.43
C VAL P 133 -0.93 -26.68 37.21
N ARG P 134 -0.08 -27.14 36.31
CA ARG P 134 0.19 -26.40 35.09
C ARG P 134 -0.97 -26.49 34.13
N PRO P 135 -1.36 -25.36 33.53
CA PRO P 135 -2.38 -25.31 32.48
C PRO P 135 -2.05 -26.22 31.32
N PHE P 136 -3.09 -26.58 30.59
CA PHE P 136 -2.98 -27.51 29.48
C PHE P 136 -2.23 -26.88 28.36
N GLY P 137 -1.36 -27.66 27.75
CA GLY P 137 -0.56 -27.18 26.65
C GLY P 137 -1.25 -27.38 25.32
N VAL P 138 -2.39 -26.72 25.15
CA VAL P 138 -3.24 -26.96 23.98
C VAL P 138 -4.22 -25.84 23.61
N SER P 139 -4.40 -25.65 22.30
CA SER P 139 -5.52 -24.87 21.81
C SER P 139 -6.41 -25.84 21.07
N LEU P 140 -7.71 -25.57 21.04
CA LEU P 140 -8.64 -26.49 20.40
C LEU P 140 -9.41 -25.88 19.25
N LEU P 141 -9.85 -26.73 18.33
CA LEU P 141 -10.71 -26.28 17.24
C LEU P 141 -12.02 -27.06 17.18
N ILE P 142 -13.06 -26.55 17.85
CA ILE P 142 -14.36 -27.21 17.92
C ILE P 142 -15.37 -26.72 16.89
N ALA P 143 -15.96 -27.67 16.16
CA ALA P 143 -16.97 -27.32 15.18
C ALA P 143 -18.06 -28.36 15.14
N GLY P 144 -19.25 -27.94 14.74
CA GLY P 144 -20.34 -28.88 14.64
C GLY P 144 -21.58 -28.22 14.10
N ILE P 145 -22.69 -28.93 14.19
CA ILE P 145 -23.95 -28.45 13.68
C ILE P 145 -24.87 -28.17 14.83
N ASP P 146 -24.91 -26.91 15.23
CA ASP P 146 -25.74 -26.50 16.33
C ASP P 146 -27.10 -26.13 15.79
N LYS P 147 -27.92 -27.14 15.53
CA LYS P 147 -29.26 -26.89 15.03
C LYS P 147 -29.19 -26.00 13.79
N ASN P 148 -28.88 -26.62 12.65
CA ASN P 148 -28.82 -25.96 11.34
C ASN P 148 -27.73 -24.89 11.20
N GLU P 149 -27.20 -24.45 12.33
CA GLU P 149 -26.11 -23.48 12.37
C GLU P 149 -24.78 -24.21 12.52
N ALA P 150 -23.92 -24.14 11.50
CA ALA P 150 -22.61 -24.80 11.55
C ALA P 150 -21.55 -23.81 11.99
N ARG P 151 -20.85 -24.13 13.09
CA ARG P 151 -19.90 -23.18 13.68
C ARG P 151 -18.52 -23.74 14.03
N LEU P 152 -17.63 -22.82 14.39
CA LEU P 152 -16.24 -23.12 14.68
C LEU P 152 -15.69 -22.23 15.78
N PHE P 153 -15.00 -22.86 16.75
CA PHE P 153 -14.49 -22.20 17.95
C PHE P 153 -12.98 -22.43 18.20
N GLU P 154 -12.31 -21.44 18.79
CA GLU P 154 -10.90 -21.58 19.17
C GLU P 154 -10.68 -21.39 20.69
N THR P 155 -10.05 -22.39 21.31
CA THR P 155 -9.72 -22.36 22.75
C THR P 155 -8.30 -21.82 23.02
N ASP P 156 -8.01 -21.53 24.28
CA ASP P 156 -6.62 -21.21 24.66
C ASP P 156 -6.38 -21.75 26.06
N PRO P 157 -5.14 -22.17 26.34
CA PRO P 157 -4.82 -22.72 27.66
C PRO P 157 -5.26 -21.84 28.82
N SER P 158 -6.37 -21.12 28.63
CA SER P 158 -7.05 -20.39 29.68
C SER P 158 -8.28 -19.63 29.14
N GLY P 159 -9.40 -20.31 28.91
CA GLY P 159 -10.61 -19.66 28.40
C GLY P 159 -10.47 -19.10 26.98
N ALA P 160 -11.55 -19.08 26.21
CA ALA P 160 -11.52 -18.63 24.80
C ALA P 160 -12.89 -18.45 24.12
N LEU P 161 -13.39 -17.22 24.19
CA LEU P 161 -14.67 -16.80 23.62
C LEU P 161 -14.61 -16.49 22.08
N ILE P 162 -13.88 -17.29 21.32
CA ILE P 162 -13.58 -16.91 19.93
C ILE P 162 -14.22 -17.81 18.86
N GLU P 163 -15.44 -17.45 18.46
CA GLU P 163 -16.21 -18.15 17.43
C GLU P 163 -15.78 -17.62 16.08
N TYR P 164 -14.96 -18.38 15.38
CA TYR P 164 -14.48 -17.92 14.11
C TYR P 164 -15.40 -18.32 12.98
N LYS P 165 -15.14 -17.73 11.82
CA LYS P 165 -15.73 -18.13 10.56
C LYS P 165 -14.67 -18.99 9.83
N ALA P 166 -13.43 -18.88 10.34
CA ALA P 166 -12.27 -19.69 9.91
C ALA P 166 -10.98 -19.18 10.59
N THR P 167 -10.22 -20.08 11.21
CA THR P 167 -8.95 -19.72 11.85
C THR P 167 -7.89 -20.82 11.73
N ALA P 168 -6.91 -20.79 12.63
CA ALA P 168 -5.84 -21.77 12.60
C ALA P 168 -4.98 -21.69 13.86
N ILE P 169 -4.37 -22.82 14.21
CA ILE P 169 -3.55 -22.90 15.41
C ILE P 169 -2.29 -23.75 15.23
N GLY P 170 -1.22 -23.39 15.92
CA GLY P 170 -0.04 -24.23 15.96
C GLY P 170 1.21 -23.67 15.29
N SER P 171 1.87 -24.55 14.53
CA SER P 171 3.08 -24.23 13.80
C SER P 171 2.89 -22.96 12.98
N GLY P 172 2.31 -23.12 11.80
CA GLY P 172 2.18 -22.03 10.87
C GLY P 172 0.97 -21.19 11.17
N ARG P 173 0.75 -20.90 12.45
CA ARG P 173 -0.32 -19.98 12.79
C ARG P 173 -0.21 -18.78 11.86
N PRO P 174 0.66 -17.81 12.19
CA PRO P 174 0.66 -16.57 11.40
C PRO P 174 0.78 -16.80 9.89
N VAL P 175 1.40 -17.88 9.45
CA VAL P 175 1.56 -18.11 8.01
C VAL P 175 0.21 -18.05 7.31
N VAL P 176 -0.76 -18.78 7.87
CA VAL P 176 -2.09 -18.86 7.30
C VAL P 176 -3.12 -18.07 8.07
N MET P 177 -2.98 -18.02 9.40
CA MET P 177 -3.89 -17.26 10.28
C MET P 177 -4.00 -15.84 9.73
N GLU P 178 -3.12 -15.53 8.77
CA GLU P 178 -3.08 -14.25 8.07
C GLU P 178 -3.26 -14.39 6.56
N LEU P 179 -3.10 -15.61 6.05
CA LEU P 179 -3.51 -15.89 4.69
C LEU P 179 -5.01 -15.71 4.64
N LEU P 180 -5.72 -16.59 5.31
CA LEU P 180 -7.17 -16.48 5.44
C LEU P 180 -7.57 -15.03 5.67
N GLU P 181 -6.71 -14.27 6.32
CA GLU P 181 -7.05 -12.93 6.75
C GLU P 181 -7.75 -12.13 5.65
N LYS P 182 -7.54 -12.52 4.40
CA LYS P 182 -8.08 -11.75 3.29
C LYS P 182 -9.20 -12.45 2.53
N GLU P 183 -8.90 -13.61 1.94
CA GLU P 183 -9.71 -14.21 0.87
C GLU P 183 -10.92 -15.08 1.27
N TYR P 184 -11.12 -15.29 2.57
CA TYR P 184 -12.34 -15.95 3.03
C TYR P 184 -13.54 -15.04 2.73
N ARG P 185 -14.71 -15.66 2.60
CA ARG P 185 -15.95 -14.90 2.44
C ARG P 185 -17.08 -15.58 3.21
N ASP P 186 -17.96 -14.77 3.81
CA ASP P 186 -19.08 -15.33 4.55
C ASP P 186 -20.09 -15.95 3.59
N ASP P 187 -19.57 -16.47 2.48
CA ASP P 187 -20.38 -17.18 1.52
C ASP P 187 -19.74 -18.51 1.15
N ILE P 188 -18.40 -18.54 1.11
CA ILE P 188 -17.66 -19.71 0.63
C ILE P 188 -18.41 -20.98 1.00
N THR P 189 -18.47 -21.90 0.03
CA THR P 189 -19.13 -23.19 0.22
C THR P 189 -18.14 -24.23 0.71
N LEU P 190 -18.61 -25.45 0.96
CA LEU P 190 -17.72 -26.51 1.44
C LEU P 190 -16.68 -26.91 0.41
N ASP P 191 -17.13 -27.21 -0.81
CA ASP P 191 -16.20 -27.49 -1.88
C ASP P 191 -15.55 -26.20 -2.37
N GLU P 192 -15.86 -25.10 -1.69
CA GLU P 192 -15.16 -23.85 -1.95
C GLU P 192 -14.09 -23.70 -0.88
N GLY P 193 -14.39 -24.17 0.32
CA GLY P 193 -13.43 -24.20 1.41
C GLY P 193 -12.56 -25.42 1.34
N LEU P 194 -13.04 -26.42 0.59
CA LEU P 194 -12.22 -27.55 0.19
C LEU P 194 -10.79 -27.03 0.17
N GLU P 195 -10.45 -26.41 -0.96
CA GLU P 195 -9.11 -25.93 -1.25
C GLU P 195 -8.58 -24.96 -0.20
N LEU P 196 -9.47 -24.15 0.37
CA LEU P 196 -9.03 -23.13 1.30
C LEU P 196 -7.96 -23.59 2.27
N ALA P 197 -8.31 -24.50 3.19
CA ALA P 197 -7.35 -24.98 4.17
C ALA P 197 -6.22 -25.82 3.56
N ILE P 198 -6.53 -26.61 2.51
CA ILE P 198 -5.49 -27.35 1.77
C ILE P 198 -4.40 -26.44 1.23
N THR P 199 -4.80 -25.39 0.51
CA THR P 199 -3.85 -24.42 -0.04
C THR P 199 -3.14 -23.68 1.08
N ALA P 200 -3.91 -23.20 2.03
CA ALA P 200 -3.35 -22.58 3.22
C ALA P 200 -2.31 -23.48 3.88
N LEU P 201 -2.73 -24.64 4.37
CA LEU P 201 -1.86 -25.57 5.09
C LEU P 201 -0.53 -25.80 4.37
N THR P 202 -0.56 -25.75 3.04
CA THR P 202 0.63 -25.97 2.23
C THR P 202 1.61 -24.81 2.40
N LYS P 203 1.08 -23.59 2.42
CA LYS P 203 1.90 -22.40 2.61
C LYS P 203 2.85 -22.54 3.80
N ALA P 204 2.33 -22.98 4.93
CA ALA P 204 3.14 -23.14 6.14
C ALA P 204 4.06 -24.36 6.09
N ASN P 205 3.67 -25.36 5.31
CA ASN P 205 4.48 -26.56 5.14
C ASN P 205 4.90 -26.77 3.69
N GLU P 206 6.02 -26.16 3.32
CA GLU P 206 6.64 -26.44 2.04
C GLU P 206 7.03 -27.92 2.02
N ASP P 207 6.26 -28.73 1.30
CA ASP P 207 6.48 -30.18 1.18
C ASP P 207 5.71 -31.02 2.22
N ILE P 208 4.42 -31.18 1.98
CA ILE P 208 3.59 -31.94 2.89
C ILE P 208 3.23 -33.26 2.24
N LYS P 209 3.56 -34.38 2.89
CA LYS P 209 3.08 -35.67 2.41
C LYS P 209 1.56 -35.65 2.30
N PRO P 210 1.01 -36.37 1.29
CA PRO P 210 -0.44 -36.42 1.11
C PRO P 210 -1.04 -37.56 1.92
N GLU P 211 -1.00 -37.45 3.25
CA GLU P 211 -1.54 -38.43 4.18
C GLU P 211 -0.99 -38.01 5.50
N ASN P 212 0.00 -37.13 5.40
CA ASN P 212 0.57 -36.44 6.53
C ASN P 212 -0.54 -35.54 7.04
N VAL P 213 -1.67 -35.59 6.35
CA VAL P 213 -2.77 -34.69 6.65
C VAL P 213 -4.06 -35.44 6.93
N ASP P 214 -4.97 -34.78 7.63
CA ASP P 214 -6.25 -35.37 7.94
C ASP P 214 -7.36 -34.42 7.56
N VAL P 215 -8.51 -34.97 7.21
CA VAL P 215 -9.60 -34.15 6.78
C VAL P 215 -10.90 -34.73 7.29
N CYS P 216 -11.70 -33.88 7.91
CA CYS P 216 -12.98 -34.31 8.45
C CYS P 216 -14.12 -33.28 8.29
N ILE P 217 -15.15 -33.69 7.56
CA ILE P 217 -16.23 -32.82 7.14
C ILE P 217 -17.50 -33.08 7.95
N ILE P 218 -18.10 -32.00 8.45
CA ILE P 218 -19.41 -32.10 9.10
C ILE P 218 -20.43 -31.21 8.35
N THR P 219 -21.20 -31.84 7.47
CA THR P 219 -22.19 -31.12 6.69
C THR P 219 -23.38 -30.76 7.54
N VAL P 220 -23.94 -29.57 7.33
CA VAL P 220 -25.15 -29.16 8.04
C VAL P 220 -26.35 -29.84 7.40
N LYS P 221 -26.10 -30.48 6.26
CA LYS P 221 -27.17 -31.03 5.43
C LYS P 221 -27.60 -32.40 5.94
N ASP P 222 -27.32 -32.69 7.21
CA ASP P 222 -27.59 -34.02 7.75
C ASP P 222 -27.02 -34.20 9.15
N ALA P 223 -26.53 -33.11 9.74
CA ALA P 223 -25.96 -33.17 11.09
C ALA P 223 -25.07 -34.38 11.26
N GLN P 224 -24.12 -34.55 10.35
CA GLN P 224 -23.32 -35.77 10.35
C GLN P 224 -21.86 -35.60 9.89
N PHE P 225 -20.99 -36.37 10.52
CA PHE P 225 -19.55 -36.20 10.42
C PHE P 225 -18.97 -37.25 9.46
N LYS P 226 -18.13 -36.81 8.53
CA LYS P 226 -17.53 -37.71 7.52
C LYS P 226 -16.00 -37.64 7.51
N LYS P 227 -15.39 -38.55 6.75
CA LYS P 227 -13.94 -38.62 6.61
C LYS P 227 -13.52 -38.22 5.19
N ILE P 228 -12.21 -38.13 4.97
CA ILE P 228 -11.68 -38.05 3.60
C ILE P 228 -10.47 -38.99 3.43
N PRO P 229 -10.60 -39.97 2.48
CA PRO P 229 -9.56 -40.96 2.17
C PRO P 229 -8.29 -40.38 1.52
N VAL P 230 -7.17 -41.05 1.71
CA VAL P 230 -5.89 -40.61 1.15
C VAL P 230 -6.00 -40.39 -0.36
N GLU P 231 -5.26 -39.40 -0.87
CA GLU P 231 -5.21 -39.08 -2.31
C GLU P 231 -6.27 -38.09 -2.78
N GLU P 232 -7.44 -38.08 -2.14
CA GLU P 232 -8.36 -36.97 -2.29
C GLU P 232 -7.53 -35.83 -1.77
N ILE P 233 -6.83 -36.16 -0.69
CA ILE P 233 -5.84 -35.30 -0.09
C ILE P 233 -4.80 -34.87 -1.11
N LYS P 234 -4.22 -35.85 -1.80
CA LYS P 234 -3.13 -35.56 -2.72
C LYS P 234 -3.58 -34.85 -4.00
N LYS P 235 -4.62 -35.39 -4.63
CA LYS P 235 -5.10 -34.84 -5.89
C LYS P 235 -5.62 -33.39 -5.78
N LEU P 236 -5.64 -32.86 -4.57
CA LEU P 236 -6.06 -31.47 -4.33
C LEU P 236 -4.88 -30.63 -3.83
N ILE P 237 -3.86 -31.29 -3.30
CA ILE P 237 -2.62 -30.62 -2.94
C ILE P 237 -1.83 -30.46 -4.22
N GLU P 238 -2.49 -30.84 -5.31
CA GLU P 238 -1.93 -30.65 -6.64
C GLU P 238 -2.11 -29.22 -7.11
N LYS P 239 -3.30 -28.68 -6.89
CA LYS P 239 -3.55 -27.26 -7.11
C LYS P 239 -2.73 -26.46 -6.09
N VAL P 240 -1.41 -26.49 -6.25
CA VAL P 240 -0.51 -26.01 -5.22
C VAL P 240 0.83 -25.61 -5.81
N LYS P 241 1.29 -26.38 -6.79
CA LYS P 241 2.52 -26.05 -7.50
C LYS P 241 2.23 -24.82 -8.33
N LYS P 242 0.94 -24.54 -8.47
CA LYS P 242 0.48 -23.35 -9.14
C LYS P 242 0.29 -22.20 -8.15
N LYS P 243 1.05 -22.24 -7.06
CA LYS P 243 0.98 -21.21 -6.04
C LYS P 243 2.40 -20.77 -5.64
N LEU P 244 3.41 -21.48 -6.15
CA LEU P 244 4.81 -21.22 -5.81
C LEU P 244 5.50 -20.33 -6.84
N ASN P 245 5.07 -19.08 -6.93
CA ASN P 245 5.57 -18.21 -7.97
C ASN P 245 5.21 -16.72 -7.74
N GLU P 246 6.21 -15.82 -7.80
CA GLU P 246 6.11 -14.35 -7.57
C GLU P 246 5.06 -13.95 -6.57
N GLU P 247 4.55 -14.91 -5.83
CA GLU P 247 3.61 -14.62 -4.77
C GLU P 247 4.32 -14.84 -3.44
N ILE Q 16 0.00 -19.36 50.59
CA ILE Q 16 0.71 -19.52 49.32
C ILE Q 16 0.22 -18.53 48.22
N THR Q 17 -0.13 -17.30 48.63
CA THR Q 17 -0.50 -16.20 47.71
C THR Q 17 0.52 -15.06 47.77
N VAL Q 18 0.24 -14.09 48.64
CA VAL Q 18 1.11 -12.95 48.81
C VAL Q 18 0.55 -11.99 49.87
N PHE Q 19 1.43 -11.11 50.38
CA PHE Q 19 1.05 -9.88 51.08
C PHE Q 19 2.23 -8.94 51.08
N SER Q 20 1.99 -7.64 51.16
CA SER Q 20 3.04 -6.64 50.93
C SER Q 20 3.91 -6.32 52.15
N PRO Q 21 5.12 -5.80 51.89
CA PRO Q 21 6.07 -5.46 52.94
C PRO Q 21 5.78 -4.10 53.55
N GLU Q 22 4.62 -3.53 53.26
CA GLU Q 22 4.28 -2.24 53.85
C GLU Q 22 2.94 -1.68 53.39
N GLY Q 23 1.87 -2.38 53.72
CA GLY Q 23 0.53 -1.83 53.57
C GLY Q 23 -0.25 -2.23 52.34
N ARG Q 24 0.42 -2.33 51.19
CA ARG Q 24 -0.20 -2.69 49.91
C ARG Q 24 -0.36 -4.22 49.81
N LEU Q 25 -0.63 -4.73 48.61
CA LEU Q 25 -0.76 -6.17 48.43
C LEU Q 25 -0.29 -6.67 47.07
N TYR Q 26 0.72 -7.54 47.08
CA TYR Q 26 1.36 -8.04 45.87
C TYR Q 26 0.38 -8.38 44.75
N GLN Q 27 0.19 -9.68 44.53
CA GLN Q 27 -0.61 -10.17 43.41
C GLN Q 27 -1.79 -9.28 43.03
N VAL Q 28 -2.61 -8.91 44.01
CA VAL Q 28 -3.86 -8.20 43.72
C VAL Q 28 -3.63 -7.07 42.73
N GLU Q 29 -2.73 -6.15 43.08
CA GLU Q 29 -2.52 -4.96 42.28
C GLU Q 29 -1.94 -5.36 40.93
N TYR Q 30 -0.97 -6.26 40.97
CA TYR Q 30 -0.47 -6.80 39.74
C TYR Q 30 -1.68 -7.27 38.92
N ALA Q 31 -2.69 -7.80 39.59
CA ALA Q 31 -3.88 -8.30 38.87
C ALA Q 31 -4.79 -7.16 38.42
N ARG Q 32 -4.81 -6.08 39.19
CA ARG Q 32 -5.53 -4.90 38.75
C ARG Q 32 -5.04 -4.59 37.35
N GLU Q 33 -3.75 -4.28 37.23
CA GLU Q 33 -3.12 -3.93 35.96
C GLU Q 33 -3.75 -4.68 34.80
N ALA Q 34 -3.89 -5.98 34.98
CA ALA Q 34 -4.46 -6.84 33.96
C ALA Q 34 -5.73 -6.19 33.43
N VAL Q 35 -6.45 -5.49 34.30
CA VAL Q 35 -7.67 -4.77 33.90
C VAL Q 35 -7.41 -3.44 33.17
N ARG Q 36 -6.67 -2.54 33.79
CA ARG Q 36 -6.38 -1.29 33.11
C ARG Q 36 -5.91 -1.59 31.69
N ARG Q 37 -5.44 -2.81 31.46
CA ARG Q 37 -4.92 -3.23 30.16
C ARG Q 37 -5.99 -3.86 29.25
N GLY Q 38 -6.98 -4.48 29.86
CA GLY Q 38 -8.07 -5.08 29.12
C GLY Q 38 -8.87 -4.06 28.35
N THR Q 39 -10.03 -4.48 27.84
CA THR Q 39 -10.87 -3.63 27.02
C THR Q 39 -11.66 -2.67 27.88
N THR Q 40 -12.00 -1.52 27.32
CA THR Q 40 -12.68 -0.46 28.06
C THR Q 40 -14.18 -0.61 28.01
N ALA Q 41 -14.84 -0.11 29.04
CA ALA Q 41 -16.27 -0.28 29.19
C ALA Q 41 -16.85 0.77 30.14
N ILE Q 42 -18.03 1.27 29.81
CA ILE Q 42 -18.67 2.33 30.59
C ILE Q 42 -20.10 1.99 30.97
N GLY Q 43 -20.44 2.15 32.25
CA GLY Q 43 -21.82 2.04 32.71
C GLY Q 43 -22.31 3.41 33.15
N ILE Q 44 -23.62 3.63 33.14
CA ILE Q 44 -24.17 4.94 33.56
C ILE Q 44 -25.57 4.79 34.16
N ALA Q 45 -25.79 5.42 35.32
CA ALA Q 45 -27.08 5.37 36.00
C ALA Q 45 -27.99 6.46 35.47
N CYS Q 46 -28.89 6.90 36.34
CA CYS Q 46 -29.73 8.05 36.05
C CYS Q 46 -31.00 7.94 36.85
N LYS Q 47 -32.12 7.93 36.15
CA LYS Q 47 -33.39 8.02 36.80
C LYS Q 47 -34.48 7.36 35.96
N ASP Q 48 -34.12 6.94 34.75
CA ASP Q 48 -35.08 6.32 33.84
C ASP Q 48 -34.70 4.88 33.60
N GLY Q 49 -33.61 4.46 34.23
CA GLY Q 49 -33.09 3.12 34.05
C GLY Q 49 -31.58 3.15 34.20
N VAL Q 50 -30.89 2.35 33.41
CA VAL Q 50 -29.43 2.36 33.42
C VAL Q 50 -28.90 1.68 32.18
N VAL Q 51 -27.74 2.11 31.70
CA VAL Q 51 -27.18 1.54 30.47
C VAL Q 51 -25.67 1.27 30.47
N LEU Q 52 -25.29 0.30 29.65
CA LEU Q 52 -23.94 -0.25 29.55
C LEU Q 52 -23.49 -0.25 28.13
N ALA Q 53 -22.19 -0.21 27.95
CA ALA Q 53 -21.61 -0.23 26.62
C ALA Q 53 -20.09 -0.35 26.63
N VAL Q 54 -19.60 -1.21 25.76
CA VAL Q 54 -18.20 -1.58 25.79
C VAL Q 54 -17.57 -1.36 24.43
N ASP Q 55 -16.27 -1.06 24.46
CA ASP Q 55 -15.44 -0.94 23.27
C ASP Q 55 -14.61 -2.20 23.07
N ARG Q 56 -15.23 -3.19 22.44
CA ARG Q 56 -14.51 -4.31 21.87
C ARG Q 56 -13.47 -3.67 20.95
N ARG Q 57 -12.31 -4.30 20.80
CA ARG Q 57 -11.28 -3.77 19.90
C ARG Q 57 -10.92 -4.81 18.83
N ILE Q 58 -11.96 -5.44 18.28
CA ILE Q 58 -11.79 -6.49 17.29
C ILE Q 58 -10.95 -5.99 16.13
N THR Q 59 -9.67 -6.31 16.17
CA THR Q 59 -8.78 -5.92 15.09
C THR Q 59 -9.18 -6.67 13.83
N SER Q 60 -8.61 -7.85 13.65
CA SER Q 60 -8.95 -8.68 12.50
C SER Q 60 -10.46 -8.75 12.36
N LYS Q 61 -10.94 -8.69 11.12
CA LYS Q 61 -12.37 -8.81 10.86
C LYS Q 61 -12.80 -10.22 10.43
N LEU Q 62 -12.07 -11.24 10.93
CA LEU Q 62 -12.37 -12.65 10.59
C LEU Q 62 -13.13 -13.35 11.70
N VAL Q 63 -13.42 -12.63 12.77
CA VAL Q 63 -14.03 -13.21 13.94
C VAL Q 63 -15.46 -12.73 14.04
N LYS Q 64 -16.40 -13.65 14.20
CA LYS Q 64 -17.80 -13.27 14.30
C LYS Q 64 -18.02 -12.50 15.58
N ILE Q 65 -18.42 -11.24 15.44
CA ILE Q 65 -18.50 -10.26 16.55
C ILE Q 65 -19.53 -10.61 17.61
N ARG Q 66 -20.22 -11.72 17.41
CA ARG Q 66 -21.29 -12.08 18.31
C ARG Q 66 -20.70 -12.86 19.47
N SER Q 67 -19.51 -13.38 19.27
CA SER Q 67 -18.85 -14.25 20.25
C SER Q 67 -18.02 -13.49 21.26
N ILE Q 68 -17.38 -12.43 20.81
CA ILE Q 68 -16.60 -11.57 21.68
C ILE Q 68 -17.49 -11.06 22.81
N GLU Q 69 -17.81 -11.93 23.75
CA GLU Q 69 -18.78 -11.57 24.77
C GLU Q 69 -18.21 -10.52 25.76
N LYS Q 70 -18.86 -9.37 25.89
CA LYS Q 70 -18.35 -8.33 26.78
C LYS Q 70 -19.37 -7.85 27.87
N ILE Q 71 -20.66 -8.04 27.61
CA ILE Q 71 -21.76 -7.72 28.55
C ILE Q 71 -22.72 -8.92 28.73
N PHE Q 72 -22.93 -9.35 29.97
CA PHE Q 72 -23.71 -10.58 30.22
C PHE Q 72 -24.99 -10.39 31.06
N GLN Q 73 -26.09 -11.01 30.64
CA GLN Q 73 -27.29 -10.95 31.44
C GLN Q 73 -27.03 -11.82 32.67
N ILE Q 74 -27.58 -11.44 33.81
CA ILE Q 74 -27.49 -12.31 34.99
C ILE Q 74 -28.88 -12.68 35.55
N ASP Q 75 -29.92 -12.01 35.06
CA ASP Q 75 -31.30 -12.20 35.50
C ASP Q 75 -32.23 -11.29 34.69
N ASP Q 76 -33.54 -11.49 34.80
CA ASP Q 76 -34.51 -10.78 33.95
C ASP Q 76 -34.47 -9.26 34.16
N HIS Q 77 -33.68 -8.81 35.12
CA HIS Q 77 -33.76 -7.44 35.54
C HIS Q 77 -32.38 -6.86 35.79
N VAL Q 78 -31.36 -7.71 35.72
CA VAL Q 78 -30.02 -7.29 36.10
C VAL Q 78 -28.91 -7.87 35.22
N ALA Q 79 -27.99 -7.04 34.77
CA ALA Q 79 -26.86 -7.56 34.01
C ALA Q 79 -25.52 -6.78 34.15
N ALA Q 80 -24.40 -7.45 33.89
CA ALA Q 80 -23.07 -6.86 34.13
C ALA Q 80 -22.06 -6.97 32.97
N ALA Q 81 -21.22 -5.94 32.86
CA ALA Q 81 -20.19 -5.81 31.80
C ALA Q 81 -18.76 -6.13 32.27
N THR Q 82 -18.07 -6.89 31.40
CA THR Q 82 -16.76 -7.47 31.68
C THR Q 82 -15.58 -6.58 31.24
N SER Q 83 -14.42 -6.73 31.91
CA SER Q 83 -13.17 -6.05 31.51
C SER Q 83 -11.96 -6.49 32.35
N GLY Q 84 -11.07 -7.21 31.70
CA GLY Q 84 -9.97 -7.88 32.36
C GLY Q 84 -9.57 -8.92 31.34
N LEU Q 85 -9.28 -10.13 31.78
CA LEU Q 85 -9.09 -11.24 30.85
C LEU Q 85 -10.37 -12.07 30.80
N VAL Q 86 -10.67 -12.65 29.64
CA VAL Q 86 -11.94 -13.35 29.45
C VAL Q 86 -11.99 -14.78 30.03
N ALA Q 87 -10.80 -15.34 30.29
CA ALA Q 87 -10.71 -16.59 31.02
C ALA Q 87 -11.53 -16.47 32.28
N ASP Q 88 -11.19 -15.48 33.09
CA ASP Q 88 -11.87 -15.22 34.35
C ASP Q 88 -13.12 -14.38 34.13
N ALA Q 89 -13.54 -14.25 32.88
CA ALA Q 89 -14.74 -13.48 32.56
C ALA Q 89 -15.94 -14.31 32.87
N ARG Q 90 -16.24 -15.19 31.91
CA ARG Q 90 -17.27 -16.20 32.12
C ARG Q 90 -17.28 -16.62 33.59
N VAL Q 91 -16.25 -17.38 33.97
CA VAL Q 91 -16.22 -18.10 35.23
C VAL Q 91 -16.69 -17.30 36.41
N LEU Q 92 -16.71 -15.97 36.30
CA LEU Q 92 -17.38 -15.19 37.34
C LEU Q 92 -18.87 -15.09 37.04
N ILE Q 93 -19.21 -14.88 35.77
CA ILE Q 93 -20.60 -14.75 35.36
C ILE Q 93 -21.46 -16.08 35.37
N ASP Q 94 -21.01 -17.17 34.74
CA ASP Q 94 -21.71 -18.45 34.94
C ASP Q 94 -21.47 -18.94 36.35
N ARG Q 95 -21.39 -17.97 37.25
CA ARG Q 95 -21.28 -18.23 38.67
C ARG Q 95 -22.01 -17.14 39.44
N ALA Q 96 -22.12 -15.98 38.81
CA ALA Q 96 -23.02 -14.95 39.33
C ALA Q 96 -24.44 -15.31 38.91
N ARG Q 97 -24.55 -15.76 37.66
CA ARG Q 97 -25.80 -16.20 37.10
C ARG Q 97 -26.36 -17.23 38.03
N LEU Q 98 -25.45 -17.97 38.67
CA LEU Q 98 -25.79 -19.06 39.59
C LEU Q 98 -26.32 -18.57 40.91
N GLU Q 99 -25.48 -17.82 41.63
CA GLU Q 99 -25.89 -17.26 42.91
C GLU Q 99 -27.12 -16.36 42.71
N ALA Q 100 -27.32 -15.91 41.48
CA ALA Q 100 -28.48 -15.13 41.11
C ALA Q 100 -29.78 -15.89 41.27
N GLN Q 101 -29.82 -17.13 40.79
CA GLN Q 101 -31.04 -17.93 40.71
C GLN Q 101 -31.18 -18.86 41.87
N ILE Q 102 -30.09 -19.09 42.57
CA ILE Q 102 -30.13 -19.74 43.88
C ILE Q 102 -30.93 -18.86 44.78
N TYR Q 103 -30.52 -17.59 44.87
CA TYR Q 103 -31.20 -16.62 45.72
C TYR Q 103 -32.70 -16.63 45.41
N ARG Q 104 -33.06 -16.41 44.15
CA ARG Q 104 -34.48 -16.37 43.77
C ARG Q 104 -35.25 -17.59 44.24
N LEU Q 105 -34.55 -18.70 44.38
CA LEU Q 105 -35.20 -19.96 44.69
C LEU Q 105 -35.39 -20.14 46.20
N THR Q 106 -34.52 -19.55 47.01
CA THR Q 106 -34.68 -19.66 48.44
C THR Q 106 -35.26 -18.37 48.98
N TYR Q 107 -36.08 -17.70 48.18
CA TYR Q 107 -36.81 -16.57 48.70
C TYR Q 107 -37.93 -16.30 47.74
N GLY Q 108 -37.63 -16.40 46.46
CA GLY Q 108 -38.61 -16.08 45.45
C GLY Q 108 -38.40 -14.67 44.97
N GLU Q 109 -37.74 -13.86 45.79
CA GLU Q 109 -37.42 -12.49 45.43
C GLU Q 109 -36.42 -12.42 44.27
N GLU Q 110 -36.76 -11.68 43.22
CA GLU Q 110 -35.76 -11.37 42.21
C GLU Q 110 -34.57 -10.81 42.98
N ILE Q 111 -33.40 -11.44 42.89
CA ILE Q 111 -32.28 -11.11 43.77
C ILE Q 111 -31.80 -9.67 43.76
N SER Q 112 -31.62 -9.08 44.95
CA SER Q 112 -31.30 -7.66 45.13
C SER Q 112 -29.92 -7.28 44.65
N ILE Q 113 -29.85 -6.36 43.69
CA ILE Q 113 -28.58 -6.06 43.07
C ILE Q 113 -27.45 -5.80 44.07
N GLU Q 114 -27.67 -4.97 45.09
CA GLU Q 114 -26.60 -4.70 46.06
C GLU Q 114 -26.09 -6.02 46.59
N MET Q 115 -27.01 -6.91 46.92
CA MET Q 115 -26.59 -8.16 47.50
C MET Q 115 -25.82 -9.07 46.52
N LEU Q 116 -26.37 -9.26 45.30
CA LEU Q 116 -25.74 -10.08 44.25
C LEU Q 116 -24.32 -9.61 43.98
N ALA Q 117 -24.13 -8.29 43.96
CA ALA Q 117 -22.80 -7.72 43.87
C ALA Q 117 -22.03 -8.17 45.10
N LYS Q 118 -22.54 -7.82 46.26
CA LYS Q 118 -21.86 -8.16 47.49
C LYS Q 118 -21.55 -9.65 47.58
N LYS Q 119 -22.03 -10.42 46.61
CA LYS Q 119 -21.72 -11.84 46.58
C LYS Q 119 -20.38 -12.00 45.89
N ILE Q 120 -20.39 -11.90 44.56
CA ILE Q 120 -19.21 -12.28 43.75
C ILE Q 120 -17.99 -11.42 44.04
N CYS Q 121 -18.21 -10.35 44.79
CA CYS Q 121 -17.15 -9.44 45.14
C CYS Q 121 -16.57 -9.88 46.47
N ASP Q 122 -17.35 -10.73 47.14
CA ASP Q 122 -16.90 -11.40 48.36
C ASP Q 122 -16.13 -12.66 47.97
N ILE Q 123 -16.58 -13.35 46.93
CA ILE Q 123 -15.82 -14.42 46.30
C ILE Q 123 -14.47 -13.91 45.81
N LYS Q 124 -14.55 -12.97 44.86
CA LYS Q 124 -13.37 -12.36 44.30
C LYS Q 124 -12.35 -12.10 45.37
N GLN Q 125 -12.85 -11.58 46.48
CA GLN Q 125 -12.02 -11.24 47.59
C GLN Q 125 -11.36 -12.44 48.21
N ALA Q 126 -12.10 -13.50 48.48
CA ALA Q 126 -11.51 -14.58 49.25
C ALA Q 126 -10.40 -15.25 48.45
N TYR Q 127 -10.51 -15.16 47.13
CA TYR Q 127 -9.46 -15.64 46.25
C TYR Q 127 -8.20 -14.83 46.42
N THR Q 128 -8.28 -13.84 47.32
CA THR Q 128 -7.19 -12.95 47.65
C THR Q 128 -6.32 -13.52 48.76
N GLN Q 129 -6.97 -14.05 49.80
CA GLN Q 129 -6.21 -14.36 51.00
C GLN Q 129 -5.99 -15.82 51.24
N HIS Q 130 -6.09 -16.60 50.17
CA HIS Q 130 -6.09 -18.04 50.33
C HIS Q 130 -5.02 -18.78 49.58
N GLY Q 131 -4.41 -19.71 50.29
CA GLY Q 131 -3.35 -20.54 49.75
C GLY Q 131 -3.56 -20.99 48.32
N GLY Q 132 -2.61 -20.65 47.47
CA GLY Q 132 -2.56 -21.19 46.14
C GLY Q 132 -3.71 -20.78 45.26
N VAL Q 133 -3.83 -19.50 45.00
CA VAL Q 133 -4.82 -19.04 44.06
C VAL Q 133 -4.70 -17.57 43.68
N ARG Q 134 -4.69 -17.33 42.38
CA ARG Q 134 -4.55 -16.01 41.82
C ARG Q 134 -5.90 -15.31 41.73
N PRO Q 135 -6.01 -14.14 42.35
CA PRO Q 135 -7.24 -13.36 42.21
C PRO Q 135 -7.61 -13.16 40.75
N PHE Q 136 -8.88 -12.84 40.54
CA PHE Q 136 -9.45 -12.79 39.20
C PHE Q 136 -9.01 -11.55 38.48
N GLY Q 137 -8.45 -11.71 37.30
CA GLY Q 137 -8.07 -10.56 36.52
C GLY Q 137 -9.29 -9.90 35.93
N VAL Q 138 -10.13 -9.30 36.77
CA VAL Q 138 -11.31 -8.60 36.23
C VAL Q 138 -12.05 -7.63 37.15
N SER Q 139 -12.37 -6.47 36.57
CA SER Q 139 -13.34 -5.56 37.16
C SER Q 139 -14.70 -5.77 36.44
N LEU Q 140 -15.80 -5.60 37.18
CA LEU Q 140 -17.13 -5.74 36.61
C LEU Q 140 -17.98 -4.46 36.76
N LEU Q 141 -18.89 -4.29 35.81
CA LEU Q 141 -19.91 -3.25 35.90
C LEU Q 141 -21.31 -3.87 35.91
N ILE Q 142 -21.94 -3.96 37.09
CA ILE Q 142 -23.26 -4.56 37.25
C ILE Q 142 -24.34 -3.46 37.24
N ALA Q 143 -25.47 -3.68 36.55
CA ALA Q 143 -26.57 -2.73 36.61
C ALA Q 143 -27.95 -3.41 36.52
N GLY Q 144 -28.96 -2.83 37.15
CA GLY Q 144 -30.29 -3.41 37.09
C GLY Q 144 -31.38 -2.56 37.73
N ILE Q 145 -32.50 -3.20 38.04
CA ILE Q 145 -33.62 -2.51 38.66
C ILE Q 145 -33.94 -3.10 40.02
N ASP Q 146 -33.36 -2.51 41.06
CA ASP Q 146 -33.64 -2.96 42.41
C ASP Q 146 -34.92 -2.31 42.92
N LYS Q 147 -36.04 -2.83 42.45
CA LYS Q 147 -37.33 -2.31 42.86
C LYS Q 147 -37.41 -0.82 42.56
N ASN Q 148 -37.74 -0.50 41.31
CA ASN Q 148 -37.87 0.89 40.87
C ASN Q 148 -36.58 1.67 40.97
N GLU Q 149 -35.65 1.18 41.77
CA GLU Q 149 -34.36 1.84 41.93
C GLU Q 149 -33.33 1.22 41.01
N ALA Q 150 -32.97 1.93 39.95
CA ALA Q 150 -31.94 1.45 39.04
C ALA Q 150 -30.59 1.95 39.51
N ARG Q 151 -29.62 1.05 39.62
CA ARG Q 151 -28.29 1.42 40.10
C ARG Q 151 -27.15 0.79 39.28
N LEU Q 152 -25.93 1.12 39.69
CA LEU Q 152 -24.69 0.69 39.01
C LEU Q 152 -23.50 0.55 39.97
N PHE Q 153 -22.80 -0.60 39.88
CA PHE Q 153 -21.64 -0.93 40.72
C PHE Q 153 -20.35 -1.28 39.91
N GLU Q 154 -19.20 -1.07 40.54
CA GLU Q 154 -17.90 -1.44 39.95
C GLU Q 154 -17.19 -2.43 40.89
N THR Q 155 -16.90 -3.64 40.39
CA THR Q 155 -16.16 -4.63 41.18
C THR Q 155 -14.67 -4.44 41.02
N ASP Q 156 -13.92 -5.04 41.93
CA ASP Q 156 -12.47 -4.92 41.94
C ASP Q 156 -11.93 -6.30 42.24
N PRO Q 157 -10.91 -6.73 41.50
CA PRO Q 157 -10.19 -7.96 41.85
C PRO Q 157 -9.90 -8.12 43.37
N SER Q 158 -10.69 -7.52 44.26
CA SER Q 158 -10.70 -7.82 45.70
C SER Q 158 -11.63 -6.89 46.49
N GLY Q 159 -12.94 -7.07 46.32
CA GLY Q 159 -13.92 -6.23 46.98
C GLY Q 159 -14.15 -4.89 46.27
N ALA Q 160 -15.40 -4.40 46.25
CA ALA Q 160 -15.73 -3.15 45.59
C ALA Q 160 -17.11 -2.61 45.99
N LEU Q 161 -17.10 -1.91 47.12
CA LEU Q 161 -18.23 -1.18 47.66
C LEU Q 161 -18.42 0.20 46.94
N ILE Q 162 -18.40 0.20 45.61
CA ILE Q 162 -18.43 1.46 44.85
C ILE Q 162 -19.63 1.60 43.88
N GLU Q 163 -20.70 2.27 44.35
CA GLU Q 163 -21.97 2.36 43.62
C GLU Q 163 -22.04 3.61 42.79
N TYR Q 164 -21.54 3.54 41.58
CA TYR Q 164 -21.48 4.75 40.77
C TYR Q 164 -22.84 5.20 40.30
N LYS Q 165 -22.87 6.48 39.91
CA LYS Q 165 -23.95 7.08 39.15
C LYS Q 165 -23.47 7.04 37.68
N ALA Q 166 -22.17 6.81 37.51
CA ALA Q 166 -21.55 6.43 36.24
C ALA Q 166 -20.05 6.21 36.43
N THR Q 167 -19.47 5.37 35.58
CA THR Q 167 -18.04 5.06 35.65
C THR Q 167 -17.61 4.17 34.47
N ALA Q 168 -16.35 3.76 34.48
CA ALA Q 168 -15.82 3.01 33.36
C ALA Q 168 -14.51 2.34 33.74
N ILE Q 169 -14.17 1.26 33.03
CA ILE Q 169 -13.01 0.44 33.35
C ILE Q 169 -12.24 -0.02 32.12
N GLY Q 170 -10.99 -0.40 32.34
CA GLY Q 170 -10.17 -1.03 31.32
C GLY Q 170 -9.16 -0.12 30.63
N SER Q 171 -9.04 -0.31 29.33
CA SER Q 171 -8.18 0.50 28.49
C SER Q 171 -8.22 1.94 28.93
N GLY Q 172 -9.09 2.72 28.32
CA GLY Q 172 -9.10 4.15 28.57
C GLY Q 172 -9.75 4.55 29.87
N ARG Q 173 -9.46 3.87 30.97
CA ARG Q 173 -10.11 4.23 32.23
C ARG Q 173 -10.07 5.75 32.42
N PRO Q 174 -8.86 6.33 32.57
CA PRO Q 174 -8.78 7.76 32.92
C PRO Q 174 -9.31 8.68 31.82
N VAL Q 175 -9.13 8.30 30.56
CA VAL Q 175 -9.59 9.15 29.49
C VAL Q 175 -11.02 9.60 29.76
N VAL Q 176 -11.91 8.65 30.07
CA VAL Q 176 -13.30 9.01 30.32
C VAL Q 176 -13.65 9.02 31.80
N MET Q 177 -13.06 8.12 32.59
CA MET Q 177 -13.34 8.04 34.03
C MET Q 177 -12.96 9.36 34.68
N GLU Q 178 -12.44 10.26 33.85
CA GLU Q 178 -12.19 11.65 34.21
C GLU Q 178 -12.83 12.58 33.19
N LEU Q 179 -13.41 12.01 32.14
CA LEU Q 179 -14.29 12.78 31.27
C LEU Q 179 -15.63 12.94 32.00
N LEU Q 180 -16.22 11.83 32.40
CA LEU Q 180 -17.46 11.84 33.19
C LEU Q 180 -17.30 12.79 34.36
N GLU Q 181 -16.05 12.94 34.77
CA GLU Q 181 -15.67 13.70 35.96
C GLU Q 181 -16.40 15.03 36.08
N LYS Q 182 -17.03 15.47 35.00
CA LYS Q 182 -17.63 16.78 35.01
C LYS Q 182 -19.11 16.79 34.65
N GLU Q 183 -19.39 16.66 33.35
CA GLU Q 183 -20.70 16.99 32.79
C GLU Q 183 -21.84 16.07 33.20
N TYR Q 184 -21.54 15.03 33.97
CA TYR Q 184 -22.63 14.17 34.41
C TYR Q 184 -23.54 14.95 35.32
N ARG Q 185 -24.79 14.49 35.44
CA ARG Q 185 -25.79 15.14 36.26
C ARG Q 185 -26.73 14.10 36.87
N ASP Q 186 -27.02 14.25 38.15
CA ASP Q 186 -27.96 13.38 38.82
C ASP Q 186 -29.35 13.59 38.25
N ASP Q 187 -29.39 14.10 37.02
CA ASP Q 187 -30.66 14.35 36.35
C ASP Q 187 -30.72 13.62 35.03
N ILE Q 188 -29.60 13.59 34.33
CA ILE Q 188 -29.55 13.05 32.99
C ILE Q 188 -30.52 11.90 32.79
N THR Q 189 -31.09 11.84 31.59
CA THR Q 189 -32.06 10.82 31.27
C THR Q 189 -31.41 9.71 30.49
N LEU Q 190 -32.21 8.75 30.02
CA LEU Q 190 -31.68 7.62 29.27
C LEU Q 190 -31.16 8.07 27.92
N ASP Q 191 -32.04 8.69 27.13
CA ASP Q 191 -31.67 9.21 25.82
C ASP Q 191 -30.77 10.44 25.99
N GLU Q 192 -30.58 10.86 27.23
CA GLU Q 192 -29.62 11.92 27.55
C GLU Q 192 -28.28 11.26 27.82
N GLY Q 193 -28.31 10.10 28.45
CA GLY Q 193 -27.12 9.31 28.69
C GLY Q 193 -26.80 8.49 27.46
N LEU Q 194 -27.80 8.36 26.60
CA LEU Q 194 -27.61 7.90 25.25
C LEU Q 194 -26.17 8.24 24.89
N GLU Q 195 -25.99 9.49 24.46
CA GLU Q 195 -24.71 9.94 23.90
C GLU Q 195 -23.56 9.77 24.90
N LEU Q 196 -23.85 10.07 26.16
CA LEU Q 196 -22.82 10.10 27.18
C LEU Q 196 -21.79 9.02 26.93
N ALA Q 197 -22.21 7.77 27.08
CA ALA Q 197 -21.29 6.66 26.97
C ALA Q 197 -20.68 6.60 25.58
N ILE Q 198 -21.52 6.72 24.56
CA ILE Q 198 -21.03 6.73 23.19
C ILE Q 198 -19.90 7.75 23.01
N THR Q 199 -20.25 9.02 23.18
CA THR Q 199 -19.29 10.09 23.02
C THR Q 199 -18.06 9.75 23.84
N ALA Q 200 -18.27 9.54 25.13
CA ALA Q 200 -17.18 9.14 25.98
C ALA Q 200 -16.28 8.16 25.24
N LEU Q 201 -16.72 6.92 25.16
CA LEU Q 201 -15.93 5.84 24.60
C LEU Q 201 -15.10 6.22 23.36
N THR Q 202 -15.62 7.10 22.53
CA THR Q 202 -14.91 7.48 21.31
C THR Q 202 -13.61 8.16 21.66
N LYS Q 203 -13.69 9.03 22.67
CA LYS Q 203 -12.54 9.75 23.18
C LYS Q 203 -11.35 8.81 23.33
N ALA Q 204 -11.55 7.71 24.04
CA ALA Q 204 -10.48 6.72 24.26
C ALA Q 204 -10.12 6.00 22.97
N ASN Q 205 -11.14 5.65 22.19
CA ASN Q 205 -10.91 5.00 20.91
C ASN Q 205 -11.10 5.98 19.75
N GLU Q 206 -10.01 6.66 19.40
CA GLU Q 206 -9.96 7.38 18.14
C GLU Q 206 -10.14 6.30 17.08
N ASP Q 207 -11.30 6.30 16.42
CA ASP Q 207 -11.59 5.32 15.38
C ASP Q 207 -12.16 4.00 15.94
N ILE Q 208 -13.46 4.00 16.17
CA ILE Q 208 -14.15 2.80 16.62
C ILE Q 208 -15.10 2.35 15.54
N LYS Q 209 -15.00 1.08 15.15
CA LYS Q 209 -15.96 0.48 14.23
C LYS Q 209 -17.38 0.56 14.80
N PRO Q 210 -18.38 0.77 13.93
CA PRO Q 210 -19.79 0.88 14.33
C PRO Q 210 -20.42 -0.49 14.51
N GLU Q 211 -19.94 -1.23 15.51
CA GLU Q 211 -20.37 -2.60 15.82
C GLU Q 211 -19.27 -3.22 16.65
N ASN Q 212 -18.17 -2.49 16.74
CA ASN Q 212 -17.10 -2.86 17.62
C ASN Q 212 -17.58 -2.68 19.05
N VAL Q 213 -18.83 -2.20 19.21
CA VAL Q 213 -19.37 -1.86 20.53
C VAL Q 213 -20.69 -2.51 20.87
N ASP Q 214 -20.94 -2.64 22.18
CA ASP Q 214 -22.17 -3.29 22.60
C ASP Q 214 -22.96 -2.48 23.61
N VAL Q 215 -24.27 -2.47 23.40
CA VAL Q 215 -25.20 -1.57 24.07
C VAL Q 215 -26.29 -2.39 24.71
N CYS Q 216 -26.52 -2.18 26.00
CA CYS Q 216 -27.51 -2.97 26.73
C CYS Q 216 -28.31 -2.10 27.69
N ILE Q 217 -29.56 -1.80 27.34
CA ILE Q 217 -30.37 -0.86 28.11
C ILE Q 217 -31.32 -1.53 29.07
N ILE Q 218 -31.38 -1.01 30.30
CA ILE Q 218 -32.31 -1.53 31.27
C ILE Q 218 -33.19 -0.40 31.79
N THR Q 219 -34.38 -0.27 31.20
CA THR Q 219 -35.33 0.74 31.65
C THR Q 219 -35.99 0.27 32.95
N VAL Q 220 -36.02 1.13 33.96
CA VAL Q 220 -36.72 0.81 35.19
C VAL Q 220 -38.20 0.85 34.91
N LYS Q 221 -38.53 1.27 33.69
CA LYS Q 221 -39.92 1.47 33.29
C LYS Q 221 -40.62 0.16 32.99
N ASP Q 222 -40.07 -0.94 33.47
CA ASP Q 222 -40.61 -2.26 33.12
C ASP Q 222 -39.76 -3.38 33.70
N ALA Q 223 -38.71 -3.01 34.43
CA ALA Q 223 -37.80 -4.00 34.99
C ALA Q 223 -37.38 -4.99 33.91
N GLN Q 224 -36.87 -4.46 32.81
CA GLN Q 224 -36.58 -5.30 31.68
C GLN Q 224 -35.36 -4.82 30.88
N PHE Q 225 -34.60 -5.77 30.34
CA PHE Q 225 -33.32 -5.52 29.69
C PHE Q 225 -33.42 -5.63 28.16
N LYS Q 226 -32.84 -4.65 27.45
CA LYS Q 226 -32.97 -4.55 25.98
C LYS Q 226 -31.61 -4.34 25.27
N LYS Q 227 -31.60 -4.56 23.96
CA LYS Q 227 -30.40 -4.44 23.13
C LYS Q 227 -30.50 -3.22 22.21
N ILE Q 228 -29.38 -2.79 21.63
CA ILE Q 228 -29.43 -1.76 20.60
C ILE Q 228 -28.68 -2.16 19.35
N PRO Q 229 -29.38 -2.08 18.20
CA PRO Q 229 -28.86 -2.64 16.95
C PRO Q 229 -27.66 -1.89 16.41
N VAL Q 230 -26.86 -2.57 15.62
CA VAL Q 230 -25.80 -1.93 14.87
C VAL Q 230 -26.41 -0.75 14.12
N GLU Q 231 -25.63 0.31 14.00
CA GLU Q 231 -26.00 1.50 13.22
C GLU Q 231 -26.86 2.55 14.00
N GLU Q 232 -27.51 2.13 15.08
CA GLU Q 232 -28.01 3.10 16.05
C GLU Q 232 -26.78 3.53 16.81
N ILE Q 233 -25.99 2.53 17.17
CA ILE Q 233 -24.61 2.67 17.60
C ILE Q 233 -23.93 3.73 16.74
N LYS Q 234 -23.88 3.45 15.42
CA LYS Q 234 -23.25 4.31 14.42
C LYS Q 234 -23.95 5.66 14.29
N LYS Q 235 -25.27 5.65 14.06
CA LYS Q 235 -26.01 6.90 13.87
C LYS Q 235 -25.96 7.81 15.10
N LEU Q 236 -25.20 7.39 16.10
CA LEU Q 236 -24.94 8.21 17.29
C LEU Q 236 -23.44 8.47 17.48
N ILE Q 237 -22.60 7.58 16.95
CA ILE Q 237 -21.16 7.82 16.90
C ILE Q 237 -20.86 8.84 15.81
N GLU Q 238 -21.91 9.46 15.29
CA GLU Q 238 -21.77 10.51 14.29
C GLU Q 238 -21.76 11.89 14.96
N LYS Q 239 -22.55 12.05 16.02
CA LYS Q 239 -22.42 13.22 16.86
C LYS Q 239 -21.10 13.06 17.57
N VAL Q 240 -20.02 13.27 16.83
CA VAL Q 240 -18.67 12.90 17.26
C VAL Q 240 -17.58 13.68 16.51
N LYS Q 241 -17.82 13.96 15.23
CA LYS Q 241 -16.86 14.68 14.40
C LYS Q 241 -16.86 16.19 14.70
N LYS Q 242 -17.86 16.64 15.46
CA LYS Q 242 -17.97 18.02 15.91
C LYS Q 242 -17.43 18.13 17.32
N LYS Q 243 -16.59 17.17 17.68
CA LYS Q 243 -15.98 17.15 19.00
C LYS Q 243 -14.47 17.21 18.86
N LEU Q 244 -13.96 16.90 17.68
CA LEU Q 244 -12.53 16.99 17.40
C LEU Q 244 -12.20 18.38 16.83
N ASN Q 245 -12.46 19.42 17.62
CA ASN Q 245 -12.29 20.80 17.17
C ASN Q 245 -11.84 21.74 18.29
N GLU Q 246 -10.55 22.09 18.30
CA GLU Q 246 -9.96 22.97 19.31
C GLU Q 246 -10.27 22.55 20.76
N GLU Q 247 -10.74 21.31 20.93
CA GLU Q 247 -11.08 20.78 22.25
C GLU Q 247 -10.07 19.72 22.70
N ILE R 16 3.21 -21.84 56.89
CA ILE R 16 3.40 -21.13 55.64
C ILE R 16 2.95 -19.62 55.72
N THR R 17 2.71 -19.12 56.95
CA THR R 17 2.53 -17.65 57.23
C THR R 17 3.87 -16.95 57.48
N VAL R 18 4.16 -16.66 58.77
CA VAL R 18 5.43 -16.08 59.25
C VAL R 18 5.55 -15.99 60.78
N PHE R 19 6.79 -15.82 61.26
CA PHE R 19 7.08 -15.33 62.61
C PHE R 19 8.46 -14.67 62.64
N SER R 20 8.62 -13.62 63.46
CA SER R 20 9.82 -12.77 63.41
C SER R 20 11.05 -13.35 64.10
N PRO R 21 12.23 -12.83 63.73
CA PRO R 21 13.54 -13.30 64.23
C PRO R 21 13.91 -12.73 65.59
N GLU R 22 12.98 -12.12 66.31
CA GLU R 22 13.28 -11.58 67.63
C GLU R 22 12.15 -10.80 68.30
N GLY R 23 11.02 -11.47 68.55
CA GLY R 23 9.96 -10.90 69.36
C GLY R 23 8.73 -10.40 68.64
N ARG R 24 8.93 -9.66 67.56
CA ARG R 24 7.83 -9.09 66.77
C ARG R 24 7.28 -10.20 65.89
N LEU R 25 6.50 -9.86 64.87
CA LEU R 25 5.98 -10.88 63.97
C LEU R 25 5.71 -10.39 62.56
N TYR R 26 6.36 -11.06 61.61
CA TYR R 26 6.35 -10.65 60.20
C TYR R 26 4.99 -10.15 59.69
N GLN R 27 4.44 -10.85 58.71
CA GLN R 27 3.26 -10.34 58.03
C GLN R 27 2.41 -9.44 58.91
N VAL R 28 2.18 -9.87 60.15
CA VAL R 28 1.28 -9.16 61.06
C VAL R 28 1.44 -7.66 60.93
N GLU R 29 2.64 -7.20 61.24
CA GLU R 29 2.90 -5.77 61.23
C GLU R 29 2.72 -5.24 59.82
N TYR R 30 3.32 -5.90 58.84
CA TYR R 30 3.16 -5.44 57.47
C TYR R 30 1.68 -5.20 57.20
N ALA R 31 0.83 -6.01 57.82
CA ALA R 31 -0.59 -5.85 57.63
C ALA R 31 -1.06 -4.67 58.44
N ARG R 32 -0.54 -4.53 59.65
CA ARG R 32 -0.84 -3.32 60.40
C ARG R 32 -0.76 -2.14 59.44
N GLU R 33 0.42 -1.93 58.87
CA GLU R 33 0.63 -0.78 58.01
C GLU R 33 -0.58 -0.52 57.13
N ALA R 34 -1.07 -1.57 56.48
CA ALA R 34 -2.16 -1.44 55.51
C ALA R 34 -3.33 -0.63 56.06
N VAL R 35 -3.42 -0.53 57.37
CA VAL R 35 -4.48 0.23 58.05
C VAL R 35 -4.13 1.71 58.19
N ARG R 36 -2.97 2.00 58.78
CA ARG R 36 -2.49 3.38 58.96
C ARG R 36 -2.57 4.12 57.64
N ARG R 37 -2.72 3.36 56.56
CA ARG R 37 -2.81 3.94 55.22
C ARG R 37 -4.28 4.23 54.92
N GLY R 38 -5.13 3.27 55.25
CA GLY R 38 -6.54 3.37 54.98
C GLY R 38 -7.16 4.70 55.37
N THR R 39 -8.48 4.79 55.21
CA THR R 39 -9.18 5.99 55.61
C THR R 39 -9.13 6.00 57.10
N THR R 40 -9.35 7.18 57.68
CA THR R 40 -9.32 7.33 59.13
C THR R 40 -10.72 7.10 59.70
N ALA R 41 -10.84 6.90 61.01
CA ALA R 41 -12.15 6.72 61.60
C ALA R 41 -12.11 6.84 63.09
N ILE R 42 -13.04 7.61 63.63
CA ILE R 42 -13.05 7.92 65.04
C ILE R 42 -14.33 7.44 65.68
N GLY R 43 -14.18 6.85 66.86
CA GLY R 43 -15.31 6.44 67.69
C GLY R 43 -15.11 7.02 69.08
N ILE R 44 -16.21 7.41 69.71
CA ILE R 44 -16.15 8.09 71.01
C ILE R 44 -17.20 7.54 71.97
N ALA R 45 -16.80 7.30 73.22
CA ALA R 45 -17.71 6.83 74.25
C ALA R 45 -18.34 8.01 74.93
N CYS R 46 -18.97 7.75 76.07
CA CYS R 46 -19.50 8.84 76.87
C CYS R 46 -20.28 8.32 78.06
N LYS R 47 -21.58 8.58 78.08
CA LYS R 47 -22.41 8.27 79.23
C LYS R 47 -23.86 8.51 78.86
N ASP R 48 -24.10 8.85 77.60
CA ASP R 48 -25.44 9.06 77.10
C ASP R 48 -25.62 8.18 75.88
N GLY R 49 -24.50 7.70 75.37
CA GLY R 49 -24.51 6.82 74.24
C GLY R 49 -23.12 6.70 73.69
N VAL R 50 -23.01 6.55 72.38
CA VAL R 50 -21.72 6.49 71.75
C VAL R 50 -21.96 6.68 70.27
N VAL R 51 -20.98 7.26 69.61
CA VAL R 51 -21.13 7.54 68.21
C VAL R 51 -19.81 7.43 67.44
N LEU R 52 -19.96 7.14 66.16
CA LEU R 52 -18.87 6.86 65.24
C LEU R 52 -18.93 7.83 64.06
N ALA R 53 -17.77 8.06 63.45
CA ALA R 53 -17.71 8.89 62.26
C ALA R 53 -16.49 8.50 61.50
N VAL R 54 -16.58 8.56 60.18
CA VAL R 54 -15.47 8.21 59.33
C VAL R 54 -15.30 9.24 58.24
N ASP R 55 -14.05 9.45 57.84
CA ASP R 55 -13.67 10.41 56.78
C ASP R 55 -13.37 9.68 55.45
N ARG R 56 -14.42 9.21 54.77
CA ARG R 56 -14.29 8.65 53.42
C ARG R 56 -13.48 9.68 52.67
N ARG R 57 -12.53 9.25 51.85
CA ARG R 57 -11.79 10.27 51.12
C ARG R 57 -12.18 10.27 49.66
N ILE R 58 -13.46 10.53 49.40
CA ILE R 58 -13.97 10.46 48.05
C ILE R 58 -13.43 11.63 47.23
N THR R 59 -12.50 11.31 46.34
CA THR R 59 -11.90 12.30 45.44
C THR R 59 -12.87 12.63 44.31
N SER R 60 -12.86 11.78 43.28
CA SER R 60 -13.78 11.89 42.16
C SER R 60 -15.23 11.91 42.65
N LYS R 61 -16.01 12.85 42.13
CA LYS R 61 -17.39 13.01 42.55
C LYS R 61 -18.35 12.26 41.63
N LEU R 62 -17.83 11.25 40.93
CA LEU R 62 -18.68 10.41 40.09
C LEU R 62 -19.29 9.30 40.93
N VAL R 63 -18.74 9.12 42.14
CA VAL R 63 -19.07 7.96 42.96
C VAL R 63 -20.15 8.25 43.98
N LYS R 64 -21.37 7.78 43.73
CA LYS R 64 -22.44 7.89 44.73
C LYS R 64 -21.84 7.47 46.07
N ILE R 65 -22.08 8.25 47.11
CA ILE R 65 -21.39 8.09 48.38
C ILE R 65 -22.08 7.08 49.29
N ARG R 66 -23.21 6.56 48.82
CA ARG R 66 -24.00 5.65 49.63
C ARG R 66 -23.31 4.29 49.73
N SER R 67 -22.47 3.98 48.75
CA SER R 67 -21.83 2.66 48.67
C SER R 67 -20.56 2.55 49.49
N ILE R 68 -19.83 3.65 49.61
CA ILE R 68 -18.61 3.67 50.40
C ILE R 68 -18.99 3.37 51.84
N GLU R 69 -19.28 2.12 52.10
CA GLU R 69 -19.69 1.73 53.42
C GLU R 69 -18.44 1.75 54.28
N LYS R 70 -18.43 2.62 55.29
CA LYS R 70 -17.27 2.70 56.15
C LYS R 70 -17.61 2.26 57.59
N ILE R 71 -18.90 2.25 57.90
CA ILE R 71 -19.40 1.87 59.21
C ILE R 71 -20.52 0.85 59.01
N PHE R 72 -20.59 -0.15 59.86
CA PHE R 72 -21.57 -1.20 59.66
C PHE R 72 -22.38 -1.49 60.91
N GLN R 73 -23.67 -1.75 60.72
CA GLN R 73 -24.51 -2.18 61.81
C GLN R 73 -24.26 -3.67 61.98
N ILE R 74 -24.23 -4.13 63.22
CA ILE R 74 -24.03 -5.56 63.48
C ILE R 74 -25.26 -6.17 64.13
N ASP R 75 -25.97 -5.36 64.90
CA ASP R 75 -27.15 -5.81 65.61
C ASP R 75 -27.96 -4.61 66.09
N ASP R 76 -29.22 -4.86 66.42
CA ASP R 76 -30.20 -3.82 66.72
C ASP R 76 -29.66 -2.81 67.75
N HIS R 77 -28.51 -3.13 68.32
CA HIS R 77 -27.98 -2.36 69.44
C HIS R 77 -26.46 -2.22 69.39
N VAL R 78 -25.82 -2.84 68.41
CA VAL R 78 -24.36 -2.73 68.29
C VAL R 78 -23.93 -2.63 66.84
N ALA R 79 -22.95 -1.79 66.56
CA ALA R 79 -22.41 -1.69 65.21
C ALA R 79 -20.91 -1.40 65.23
N ALA R 80 -20.25 -1.53 64.08
CA ALA R 80 -18.81 -1.27 64.01
C ALA R 80 -18.38 -0.48 62.77
N ALA R 81 -17.17 0.04 62.81
CA ALA R 81 -16.67 0.91 61.77
C ALA R 81 -15.37 0.34 61.22
N THR R 82 -15.29 0.29 59.90
CA THR R 82 -14.13 -0.28 59.24
C THR R 82 -13.00 0.71 59.05
N SER R 83 -11.88 0.20 58.55
CA SER R 83 -10.72 0.98 58.16
C SER R 83 -9.59 0.02 57.89
N GLY R 84 -9.17 -0.03 56.64
CA GLY R 84 -8.16 -0.98 56.22
C GLY R 84 -8.46 -1.14 54.76
N LEU R 85 -8.38 -2.36 54.27
CA LEU R 85 -8.84 -2.57 52.91
C LEU R 85 -10.29 -3.04 52.98
N VAL R 86 -11.09 -2.65 51.99
CA VAL R 86 -12.50 -3.02 52.02
C VAL R 86 -12.76 -4.47 51.60
N ALA R 87 -11.85 -5.08 50.82
CA ALA R 87 -11.94 -6.51 50.53
C ALA R 87 -12.14 -7.25 51.84
N ASP R 88 -11.18 -7.07 52.74
CA ASP R 88 -11.27 -7.65 54.07
C ASP R 88 -12.13 -6.78 55.00
N ALA R 89 -12.86 -5.82 54.46
CA ALA R 89 -13.85 -5.12 55.27
C ALA R 89 -15.11 -5.99 55.34
N ARG R 90 -15.99 -5.81 54.36
CA ARG R 90 -17.24 -6.55 54.32
C ARG R 90 -17.02 -7.91 54.92
N VAL R 91 -16.24 -8.73 54.24
CA VAL R 91 -16.12 -10.10 54.67
C VAL R 91 -16.14 -10.22 56.19
N LEU R 92 -15.35 -9.44 56.91
CA LEU R 92 -15.36 -9.60 58.35
C LEU R 92 -16.71 -9.30 58.99
N ILE R 93 -17.39 -8.30 58.48
CA ILE R 93 -18.67 -7.91 59.08
C ILE R 93 -19.83 -8.84 58.69
N ASP R 94 -19.99 -9.13 57.39
CA ASP R 94 -21.02 -10.08 56.93
C ASP R 94 -20.70 -11.47 57.53
N ARG R 95 -19.83 -11.48 58.55
CA ARG R 95 -19.47 -12.68 59.32
C ARG R 95 -19.58 -12.39 60.80
N ALA R 96 -19.21 -11.18 61.19
CA ALA R 96 -19.51 -10.76 62.54
C ALA R 96 -21.02 -10.80 62.61
N ARG R 97 -21.65 -10.16 61.64
CA ARG R 97 -23.10 -10.11 61.57
C ARG R 97 -23.68 -11.50 61.76
N LEU R 98 -22.90 -12.50 61.39
CA LEU R 98 -23.33 -13.88 61.50
C LEU R 98 -23.24 -14.37 62.93
N GLU R 99 -22.01 -14.57 63.38
CA GLU R 99 -21.74 -15.09 64.69
C GLU R 99 -22.63 -14.40 65.70
N ALA R 100 -23.07 -13.20 65.36
CA ALA R 100 -23.86 -12.39 66.27
C ALA R 100 -25.31 -12.83 66.29
N GLN R 101 -25.81 -13.39 65.19
CA GLN R 101 -27.20 -13.82 65.12
C GLN R 101 -27.33 -15.26 65.56
N ILE R 102 -26.21 -15.98 65.53
CA ILE R 102 -26.18 -17.32 66.07
C ILE R 102 -26.35 -17.28 67.56
N TYR R 103 -25.51 -16.48 68.22
CA TYR R 103 -25.53 -16.32 69.69
C TYR R 103 -26.90 -15.91 70.20
N ARG R 104 -27.59 -15.05 69.46
CA ARG R 104 -28.95 -14.67 69.84
C ARG R 104 -29.92 -15.85 69.62
N LEU R 105 -29.50 -16.83 68.83
CA LEU R 105 -30.39 -17.94 68.59
C LEU R 105 -30.17 -19.06 69.59
N THR R 106 -28.94 -19.21 70.03
CA THR R 106 -28.61 -20.26 70.97
C THR R 106 -28.60 -19.76 72.40
N TYR R 107 -29.53 -18.86 72.71
CA TYR R 107 -29.63 -18.30 74.04
C TYR R 107 -30.89 -17.45 74.15
N GLY R 108 -30.97 -16.41 73.32
CA GLY R 108 -32.04 -15.44 73.39
C GLY R 108 -31.50 -14.04 73.63
N GLU R 109 -30.39 -13.98 74.35
CA GLU R 109 -29.78 -12.72 74.70
C GLU R 109 -29.18 -11.98 73.50
N GLU R 110 -29.58 -10.72 73.29
CA GLU R 110 -28.82 -9.86 72.41
C GLU R 110 -27.38 -10.07 72.82
N ILE R 111 -26.56 -10.53 71.88
CA ILE R 111 -25.21 -10.97 72.21
C ILE R 111 -24.34 -9.90 72.88
N SER R 112 -23.54 -10.27 73.87
CA SER R 112 -22.71 -9.31 74.65
C SER R 112 -21.59 -8.57 73.87
N ILE R 113 -21.55 -7.23 73.87
CA ILE R 113 -20.56 -6.52 73.03
C ILE R 113 -19.12 -6.96 73.27
N GLU R 114 -18.74 -7.15 74.54
CA GLU R 114 -17.41 -7.69 74.87
C GLU R 114 -17.23 -9.03 74.13
N MET R 115 -18.30 -9.82 74.04
CA MET R 115 -18.26 -11.18 73.45
C MET R 115 -18.15 -11.23 71.94
N LEU R 116 -19.03 -10.50 71.26
CA LEU R 116 -18.98 -10.39 69.81
C LEU R 116 -17.60 -9.97 69.39
N ALA R 117 -17.10 -8.92 70.06
CA ALA R 117 -15.77 -8.38 69.82
C ALA R 117 -14.72 -9.45 69.99
N LYS R 118 -14.59 -9.93 71.21
CA LYS R 118 -13.65 -11.00 71.48
C LYS R 118 -13.78 -12.14 70.47
N LYS R 119 -14.90 -12.20 69.75
CA LYS R 119 -15.14 -13.31 68.83
C LYS R 119 -14.45 -13.16 67.47
N ILE R 120 -14.95 -12.23 66.65
CA ILE R 120 -14.34 -11.97 65.34
C ILE R 120 -12.91 -11.50 65.53
N CYS R 121 -12.56 -11.14 66.77
CA CYS R 121 -11.22 -10.68 67.07
C CYS R 121 -10.33 -11.85 67.38
N ASP R 122 -10.95 -12.98 67.73
CA ASP R 122 -10.26 -14.25 67.90
C ASP R 122 -10.00 -14.87 66.53
N ILE R 123 -11.04 -14.89 65.69
CA ILE R 123 -10.90 -15.32 64.29
C ILE R 123 -9.66 -14.69 63.66
N LYS R 124 -9.69 -13.36 63.60
CA LYS R 124 -8.67 -12.54 62.98
C LYS R 124 -7.31 -13.02 63.44
N GLN R 125 -7.21 -13.29 64.74
CA GLN R 125 -5.96 -13.75 65.32
C GLN R 125 -5.60 -15.11 64.78
N ALA R 126 -6.60 -15.96 64.64
CA ALA R 126 -6.32 -17.29 64.17
C ALA R 126 -5.65 -17.20 62.80
N TYR R 127 -6.25 -16.42 61.92
CA TYR R 127 -5.73 -16.22 60.57
C TYR R 127 -4.24 -15.80 60.56
N THR R 128 -3.69 -15.56 61.75
CA THR R 128 -2.31 -15.13 61.89
C THR R 128 -1.36 -16.29 61.93
N GLN R 129 -1.73 -17.31 62.71
CA GLN R 129 -0.81 -18.37 63.03
C GLN R 129 -1.08 -19.63 62.26
N HIS R 130 -1.84 -19.53 61.18
CA HIS R 130 -2.24 -20.76 60.50
C HIS R 130 -1.83 -20.93 59.03
N GLY R 131 -1.43 -22.16 58.71
CA GLY R 131 -0.89 -22.50 57.42
C GLY R 131 -1.59 -21.82 56.25
N GLY R 132 -0.90 -20.88 55.61
CA GLY R 132 -1.31 -20.39 54.31
C GLY R 132 -2.49 -19.46 54.28
N VAL R 133 -2.31 -18.26 54.83
CA VAL R 133 -3.35 -17.25 54.78
C VAL R 133 -2.93 -15.94 55.46
N ARG R 134 -3.21 -14.84 54.77
CA ARG R 134 -2.81 -13.50 55.21
C ARG R 134 -3.84 -12.90 56.17
N PRO R 135 -3.40 -12.61 57.41
CA PRO R 135 -4.28 -11.88 58.32
C PRO R 135 -5.02 -10.74 57.61
N PHE R 136 -5.98 -10.13 58.29
CA PHE R 136 -6.82 -9.15 57.62
C PHE R 136 -6.26 -7.77 57.81
N GLY R 137 -6.20 -7.02 56.71
CA GLY R 137 -5.73 -5.66 56.79
C GLY R 137 -6.83 -4.76 57.29
N VAL R 138 -7.23 -4.94 58.54
CA VAL R 138 -8.29 -4.11 59.09
C VAL R 138 -8.32 -3.93 60.60
N SER R 139 -8.60 -2.70 61.00
CA SER R 139 -8.92 -2.34 62.37
C SER R 139 -10.38 -1.94 62.44
N LEU R 140 -11.09 -2.48 63.43
CA LEU R 140 -12.52 -2.22 63.56
C LEU R 140 -12.78 -1.42 64.79
N LEU R 141 -13.77 -0.56 64.71
CA LEU R 141 -14.26 0.14 65.88
C LEU R 141 -15.68 -0.36 66.19
N ILE R 142 -15.83 -1.04 67.34
CA ILE R 142 -17.12 -1.66 67.71
C ILE R 142 -17.72 -1.03 68.96
N ALA R 143 -18.98 -0.60 68.86
CA ALA R 143 -19.65 0.05 69.98
C ALA R 143 -21.17 -0.03 69.89
N GLY R 144 -21.80 -0.08 71.06
CA GLY R 144 -23.24 -0.16 71.12
C GLY R 144 -23.66 -0.11 72.56
N ILE R 145 -24.70 -0.87 72.89
CA ILE R 145 -25.26 -0.81 74.23
C ILE R 145 -25.28 -2.17 74.91
N ASP R 146 -24.21 -2.47 75.64
CA ASP R 146 -24.17 -3.69 76.42
C ASP R 146 -24.91 -3.47 77.74
N LYS R 147 -26.24 -3.49 77.65
CA LYS R 147 -27.09 -3.38 78.84
C LYS R 147 -26.83 -2.08 79.63
N ASN R 148 -27.42 -0.98 79.17
CA ASN R 148 -27.29 0.32 79.81
C ASN R 148 -25.87 0.88 79.67
N GLU R 149 -24.91 -0.02 79.61
CA GLU R 149 -23.51 0.34 79.49
C GLU R 149 -23.14 0.47 78.02
N ALA R 150 -22.85 1.69 77.56
CA ALA R 150 -22.40 1.88 76.19
C ALA R 150 -20.87 1.91 76.13
N ARG R 151 -20.29 1.08 75.29
CA ARG R 151 -18.83 1.00 75.25
C ARG R 151 -18.24 1.05 73.85
N LEU R 152 -16.91 1.10 73.80
CA LEU R 152 -16.20 1.15 72.53
C LEU R 152 -14.96 0.26 72.56
N PHE R 153 -14.71 -0.46 71.46
CA PHE R 153 -13.55 -1.35 71.27
C PHE R 153 -12.81 -1.19 69.95
N GLU R 154 -11.49 -1.38 70.02
CA GLU R 154 -10.63 -1.29 68.85
C GLU R 154 -10.04 -2.66 68.56
N THR R 155 -10.16 -3.12 67.32
CA THR R 155 -9.63 -4.43 66.95
C THR R 155 -8.41 -4.25 66.11
N ASP R 156 -7.43 -5.12 66.30
CA ASP R 156 -6.21 -5.08 65.50
C ASP R 156 -6.06 -6.39 64.75
N PRO R 157 -5.55 -6.32 63.52
CA PRO R 157 -5.27 -7.54 62.75
C PRO R 157 -4.46 -8.61 63.51
N SER R 158 -4.91 -8.99 64.71
CA SER R 158 -4.35 -10.11 65.47
C SER R 158 -4.63 -9.94 66.95
N GLY R 159 -5.89 -10.01 67.36
CA GLY R 159 -6.25 -9.82 68.76
C GLY R 159 -6.24 -8.36 69.22
N ALA R 160 -7.18 -8.03 70.11
CA ALA R 160 -7.36 -6.66 70.52
C ALA R 160 -8.24 -6.59 71.76
N LEU R 161 -7.60 -6.56 72.91
CA LEU R 161 -8.27 -6.32 74.19
C LEU R 161 -8.30 -4.81 74.55
N ILE R 162 -8.68 -3.95 73.60
CA ILE R 162 -8.66 -2.50 73.86
C ILE R 162 -10.03 -1.85 73.85
N GLU R 163 -10.47 -1.47 75.05
CA GLU R 163 -11.75 -0.80 75.24
C GLU R 163 -11.49 0.62 75.62
N TYR R 164 -11.45 1.47 74.61
CA TYR R 164 -11.22 2.89 74.83
C TYR R 164 -12.49 3.55 75.35
N LYS R 165 -12.33 4.79 75.81
CA LYS R 165 -13.47 5.66 76.06
C LYS R 165 -13.64 6.54 74.80
N ALA R 166 -12.63 6.50 73.92
CA ALA R 166 -12.62 7.20 72.62
C ALA R 166 -11.26 7.14 71.90
N THR R 167 -11.26 6.59 70.67
CA THR R 167 -10.04 6.46 69.86
C THR R 167 -10.28 6.64 68.37
N ALA R 168 -9.27 6.33 67.58
CA ALA R 168 -9.34 6.53 66.15
C ALA R 168 -8.31 5.66 65.43
N ILE R 169 -8.61 5.30 64.19
CA ILE R 169 -7.74 4.44 63.41
C ILE R 169 -7.67 4.90 61.96
N GLY R 170 -6.58 4.57 61.30
CA GLY R 170 -6.43 4.82 59.87
C GLY R 170 -5.38 5.85 59.49
N SER R 171 -5.74 6.71 58.54
CA SER R 171 -4.87 7.78 58.04
C SER R 171 -4.23 8.62 59.14
N GLY R 172 -4.96 9.58 59.65
CA GLY R 172 -4.39 10.44 60.66
C GLY R 172 -4.51 9.82 62.03
N ARG R 173 -4.00 8.61 62.20
CA ARG R 173 -4.13 7.99 63.52
C ARG R 173 -3.53 8.98 64.48
N PRO R 174 -2.20 9.12 64.46
CA PRO R 174 -1.52 9.97 65.44
C PRO R 174 -2.08 11.38 65.47
N VAL R 175 -2.65 11.83 64.36
CA VAL R 175 -3.18 13.18 64.32
C VAL R 175 -4.20 13.37 65.44
N VAL R 176 -5.22 12.51 65.50
CA VAL R 176 -6.26 12.68 66.51
C VAL R 176 -6.11 11.70 67.67
N MET R 177 -5.40 10.61 67.42
CA MET R 177 -5.14 9.59 68.44
C MET R 177 -4.32 10.22 69.57
N GLU R 178 -3.95 11.48 69.37
CA GLU R 178 -3.11 12.24 70.28
C GLU R 178 -3.60 13.67 70.45
N LEU R 179 -4.65 14.01 69.68
CA LEU R 179 -5.46 15.19 69.96
C LEU R 179 -6.45 14.78 71.05
N LEU R 180 -7.11 13.63 70.86
CA LEU R 180 -8.04 13.10 71.84
C LEU R 180 -7.32 12.90 73.15
N GLU R 181 -6.04 12.59 73.04
CA GLU R 181 -5.16 12.34 74.17
C GLU R 181 -5.32 13.35 75.33
N LYS R 182 -5.95 14.49 75.03
CA LYS R 182 -6.04 15.57 76.01
C LYS R 182 -7.45 15.95 76.47
N GLU R 183 -8.19 16.65 75.61
CA GLU R 183 -9.43 17.33 76.04
C GLU R 183 -10.66 16.44 76.17
N TYR R 184 -10.52 15.13 76.00
CA TYR R 184 -11.65 14.24 76.29
C TYR R 184 -11.84 14.15 77.80
N ARG R 185 -13.08 13.90 78.23
CA ARG R 185 -13.39 13.81 79.66
C ARG R 185 -14.32 12.66 79.92
N ASP R 186 -14.06 11.94 81.00
CA ASP R 186 -14.92 10.82 81.40
C ASP R 186 -16.33 11.34 81.70
N ASP R 187 -16.64 12.52 81.15
CA ASP R 187 -17.91 13.18 81.41
C ASP R 187 -18.62 13.64 80.12
N ILE R 188 -17.84 14.04 79.12
CA ILE R 188 -18.37 14.58 77.87
C ILE R 188 -19.65 13.88 77.45
N THR R 189 -20.63 14.66 76.99
CA THR R 189 -21.92 14.07 76.61
C THR R 189 -21.94 13.72 75.14
N LEU R 190 -23.11 13.40 74.60
CA LEU R 190 -23.20 13.09 73.18
C LEU R 190 -23.08 14.36 72.33
N ASP R 191 -24.00 15.29 72.50
CA ASP R 191 -23.91 16.55 71.77
C ASP R 191 -22.64 17.29 72.14
N GLU R 192 -21.97 16.81 73.18
CA GLU R 192 -20.66 17.34 73.58
C GLU R 192 -19.63 16.66 72.70
N GLY R 193 -19.69 15.34 72.64
CA GLY R 193 -18.82 14.60 71.74
C GLY R 193 -19.17 14.95 70.32
N LEU R 194 -20.40 15.40 70.13
CA LEU R 194 -20.89 15.81 68.82
C LEU R 194 -19.70 16.34 68.03
N GLU R 195 -19.21 17.50 68.47
CA GLU R 195 -18.09 18.21 67.83
C GLU R 195 -16.86 17.32 67.88
N LEU R 196 -16.61 16.75 69.05
CA LEU R 196 -15.41 15.97 69.29
C LEU R 196 -14.82 15.36 68.03
N ALA R 197 -15.48 14.34 67.53
CA ALA R 197 -14.95 13.69 66.33
C ALA R 197 -14.83 14.67 65.18
N ILE R 198 -15.86 15.47 64.94
CA ILE R 198 -15.91 16.38 63.80
C ILE R 198 -14.64 17.23 63.74
N THR R 199 -14.46 18.06 64.76
CA THR R 199 -13.26 18.88 64.91
C THR R 199 -12.02 18.05 64.63
N ALA R 200 -11.85 16.99 65.41
CA ALA R 200 -10.75 16.06 65.24
C ALA R 200 -10.51 15.73 63.79
N LEU R 201 -11.41 14.92 63.24
CA LEU R 201 -11.31 14.49 61.87
C LEU R 201 -10.79 15.64 61.01
N THR R 202 -11.43 16.79 61.13
CA THR R 202 -11.01 17.91 60.33
C THR R 202 -9.51 17.95 60.40
N LYS R 203 -9.00 17.96 61.62
CA LYS R 203 -7.57 18.11 61.85
C LYS R 203 -6.74 17.30 60.87
N ALA R 204 -7.07 16.02 60.75
CA ALA R 204 -6.29 15.16 59.88
C ALA R 204 -6.65 15.40 58.42
N ASN R 205 -7.85 15.89 58.18
CA ASN R 205 -8.21 16.21 56.81
C ASN R 205 -8.44 17.67 56.60
N GLU R 206 -7.39 18.37 56.21
CA GLU R 206 -7.58 19.71 55.74
C GLU R 206 -8.44 19.56 54.50
N ASP R 207 -9.65 20.10 54.58
CA ASP R 207 -10.58 20.11 53.45
C ASP R 207 -11.28 18.78 53.26
N ILE R 208 -12.38 18.61 54.00
CA ILE R 208 -13.18 17.39 54.00
C ILE R 208 -14.60 17.64 53.55
N LYS R 209 -14.97 17.23 52.34
CA LYS R 209 -16.35 17.40 51.90
C LYS R 209 -17.32 17.04 53.03
N PRO R 210 -18.44 17.77 53.13
CA PRO R 210 -19.40 17.50 54.20
C PRO R 210 -20.44 16.49 53.72
N GLU R 211 -20.02 15.24 53.64
CA GLU R 211 -20.83 14.11 53.20
C GLU R 211 -19.77 13.15 52.75
N ASN R 212 -18.55 13.66 52.81
CA ASN R 212 -17.36 12.85 52.69
C ASN R 212 -17.25 12.11 54.02
N VAL R 213 -18.20 12.39 54.93
CA VAL R 213 -18.19 11.81 56.29
C VAL R 213 -19.48 11.09 56.68
N ASP R 214 -19.37 10.14 57.60
CA ASP R 214 -20.56 9.41 57.99
C ASP R 214 -20.74 9.32 59.49
N VAL R 215 -22.00 9.41 59.89
CA VAL R 215 -22.37 9.58 61.27
C VAL R 215 -23.45 8.58 61.70
N CYS R 216 -23.22 7.90 62.82
CA CYS R 216 -24.13 6.86 63.31
C CYS R 216 -24.16 6.80 64.82
N ILE R 217 -25.31 7.13 65.37
CA ILE R 217 -25.47 7.42 66.79
C ILE R 217 -26.26 6.38 67.57
N ILE R 218 -25.63 5.83 68.59
CA ILE R 218 -26.29 4.86 69.45
C ILE R 218 -26.45 5.50 70.82
N THR R 219 -27.63 6.06 71.07
CA THR R 219 -27.95 6.59 72.38
C THR R 219 -28.32 5.45 73.31
N VAL R 220 -27.68 5.39 74.46
CA VAL R 220 -28.01 4.36 75.44
C VAL R 220 -29.42 4.62 75.94
N LYS R 221 -30.03 5.69 75.45
CA LYS R 221 -31.34 6.11 75.92
C LYS R 221 -32.46 5.42 75.16
N ASP R 222 -32.18 4.21 74.67
CA ASP R 222 -33.18 3.46 73.92
C ASP R 222 -32.59 2.22 73.24
N ALA R 223 -31.31 1.96 73.47
CA ALA R 223 -30.63 0.82 72.82
C ALA R 223 -30.89 0.88 71.33
N GLN R 224 -30.69 2.06 70.75
CA GLN R 224 -31.08 2.31 69.36
C GLN R 224 -30.10 3.16 68.53
N PHE R 225 -29.88 2.71 67.29
CA PHE R 225 -28.87 3.22 66.37
C PHE R 225 -29.49 4.25 65.42
N LYS R 226 -28.93 5.46 65.37
CA LYS R 226 -29.47 6.52 64.52
C LYS R 226 -28.46 7.18 63.56
N LYS R 227 -28.97 7.63 62.42
CA LYS R 227 -28.16 8.21 61.37
C LYS R 227 -28.05 9.72 61.59
N ILE R 228 -27.08 10.36 60.94
CA ILE R 228 -27.08 11.82 60.77
C ILE R 228 -27.14 12.17 59.28
N PRO R 229 -28.05 13.09 58.91
CA PRO R 229 -28.18 13.53 57.52
C PRO R 229 -27.10 14.54 57.13
N VAL R 230 -26.90 14.71 55.82
CA VAL R 230 -25.94 15.67 55.27
C VAL R 230 -26.32 17.11 55.62
N GLU R 231 -25.32 17.95 55.84
CA GLU R 231 -25.51 19.35 56.26
C GLU R 231 -25.50 19.51 57.77
N GLU R 232 -25.93 18.47 58.49
CA GLU R 232 -25.71 18.39 59.95
C GLU R 232 -24.22 18.24 60.13
N ILE R 233 -23.68 17.33 59.31
CA ILE R 233 -22.27 17.20 59.03
C ILE R 233 -21.61 18.56 58.83
N LYS R 234 -22.06 19.26 57.80
CA LYS R 234 -21.47 20.54 57.40
C LYS R 234 -21.65 21.66 58.43
N LYS R 235 -22.91 21.97 58.77
CA LYS R 235 -23.19 23.05 59.70
C LYS R 235 -22.49 22.85 61.05
N LEU R 236 -21.84 21.71 61.20
CA LEU R 236 -21.04 21.43 62.40
C LEU R 236 -19.56 21.40 62.03
N ILE R 237 -19.28 21.23 60.74
CA ILE R 237 -17.91 21.34 60.26
C ILE R 237 -17.62 22.80 60.06
N GLU R 238 -18.51 23.63 60.58
CA GLU R 238 -18.37 25.07 60.44
C GLU R 238 -17.57 25.65 61.60
N LYS R 239 -17.91 25.25 62.81
CA LYS R 239 -17.07 25.57 63.95
C LYS R 239 -15.74 24.86 63.73
N VAL R 240 -14.86 25.48 62.96
CA VAL R 240 -13.68 24.79 62.50
C VAL R 240 -12.70 25.79 61.92
N LYS R 241 -13.25 26.80 61.28
CA LYS R 241 -12.46 27.89 60.71
C LYS R 241 -11.94 28.81 61.82
N LYS R 242 -12.42 28.56 63.04
CA LYS R 242 -11.94 29.27 64.23
C LYS R 242 -10.96 28.37 64.98
N LYS R 243 -10.43 27.39 64.25
CA LYS R 243 -9.53 26.40 64.80
C LYS R 243 -8.18 26.50 64.11
N LEU R 244 -8.16 27.16 62.96
CA LEU R 244 -6.92 27.41 62.22
C LEU R 244 -6.39 28.83 62.51
N ASN R 245 -6.07 29.10 63.76
CA ASN R 245 -5.59 30.43 64.17
C ASN R 245 -4.57 30.35 65.28
N GLU R 246 -3.32 30.69 64.97
CA GLU R 246 -2.22 30.60 65.93
C GLU R 246 -2.28 29.29 66.75
N GLU R 247 -2.97 28.30 66.21
CA GLU R 247 -3.08 26.97 66.84
C GLU R 247 -2.39 25.91 65.98
N ILE S 16 7.13 -27.34 57.69
CA ILE S 16 7.08 -25.92 57.33
C ILE S 16 7.12 -24.96 58.56
N THR S 17 7.66 -25.43 59.70
CA THR S 17 8.00 -24.58 60.88
C THR S 17 9.50 -24.32 60.97
N VAL S 18 10.22 -25.14 61.78
CA VAL S 18 11.66 -24.93 62.03
C VAL S 18 12.37 -26.03 62.82
N PHE S 19 13.68 -25.83 63.03
CA PHE S 19 14.51 -26.55 64.01
C PHE S 19 15.96 -26.18 63.79
N SER S 20 16.71 -25.96 64.87
CA SER S 20 18.04 -25.37 64.78
C SER S 20 19.08 -26.26 64.09
N PRO S 21 20.27 -25.69 63.83
CA PRO S 21 21.37 -26.39 63.18
C PRO S 21 22.34 -26.98 64.19
N GLU S 22 21.94 -27.04 65.45
CA GLU S 22 22.83 -27.58 66.47
C GLU S 22 22.28 -27.44 67.87
N GLY S 23 21.14 -28.07 68.14
CA GLY S 23 20.66 -28.20 69.50
C GLY S 23 19.45 -27.36 69.90
N ARG S 24 19.53 -26.06 69.69
CA ARG S 24 18.46 -25.15 70.05
C ARG S 24 17.31 -25.31 69.08
N LEU S 25 16.32 -24.40 69.13
CA LEU S 25 15.26 -24.39 68.13
C LEU S 25 14.92 -22.98 67.65
N TYR S 26 14.88 -22.83 66.32
CA TYR S 26 14.61 -21.54 65.68
C TYR S 26 13.40 -20.81 66.27
N GLN S 27 12.28 -20.87 65.56
CA GLN S 27 11.10 -20.08 65.86
C GLN S 27 10.69 -20.06 67.34
N VAL S 28 10.78 -21.20 68.04
CA VAL S 28 10.38 -21.25 69.45
C VAL S 28 11.10 -20.19 70.29
N GLU S 29 12.42 -20.14 70.17
CA GLU S 29 13.13 -19.15 70.93
C GLU S 29 12.69 -17.77 70.48
N TYR S 30 12.65 -17.54 69.17
CA TYR S 30 12.18 -16.24 68.66
C TYR S 30 10.86 -15.89 69.32
N ALA S 31 10.07 -16.91 69.62
CA ALA S 31 8.80 -16.75 70.32
C ALA S 31 8.95 -16.55 71.83
N ARG S 32 10.04 -17.02 72.41
CA ARG S 32 10.27 -16.69 73.81
C ARG S 32 10.47 -15.17 73.92
N GLU S 33 11.30 -14.62 73.02
CA GLU S 33 11.63 -13.20 73.01
C GLU S 33 10.41 -12.33 73.18
N ALA S 34 9.37 -12.70 72.45
CA ALA S 34 8.12 -11.94 72.45
C ALA S 34 7.46 -11.90 73.81
N VAL S 35 7.73 -12.88 74.65
CA VAL S 35 7.23 -12.84 76.00
C VAL S 35 8.07 -11.92 76.86
N ARG S 36 9.40 -12.12 76.81
CA ARG S 36 10.33 -11.26 77.56
C ARG S 36 10.14 -9.77 77.24
N ARG S 37 9.50 -9.50 76.11
CA ARG S 37 9.26 -8.12 75.70
C ARG S 37 7.91 -7.62 76.18
N GLY S 38 7.00 -8.53 76.52
CA GLY S 38 5.66 -8.14 76.92
C GLY S 38 5.57 -7.73 78.37
N THR S 39 4.35 -7.62 78.88
CA THR S 39 4.10 -7.20 80.25
C THR S 39 4.67 -8.17 81.27
N THR S 40 5.15 -7.62 82.38
CA THR S 40 5.74 -8.41 83.46
C THR S 40 4.63 -8.93 84.36
N ALA S 41 4.83 -10.10 84.96
CA ALA S 41 3.86 -10.67 85.88
C ALA S 41 4.51 -11.61 86.88
N ILE S 42 4.00 -11.59 88.10
CA ILE S 42 4.57 -12.37 89.18
C ILE S 42 3.45 -13.14 89.82
N GLY S 43 3.75 -14.37 90.22
CA GLY S 43 2.83 -15.21 90.96
C GLY S 43 3.53 -15.88 92.12
N ILE S 44 2.87 -15.95 93.26
CA ILE S 44 3.53 -16.49 94.44
C ILE S 44 2.67 -17.51 95.15
N ALA S 45 3.28 -18.64 95.48
CA ALA S 45 2.64 -19.67 96.28
C ALA S 45 2.80 -19.33 97.75
N CYS S 46 2.74 -20.34 98.61
CA CYS S 46 2.96 -20.17 100.04
C CYS S 46 2.50 -21.37 100.87
N LYS S 47 1.39 -21.19 101.59
CA LYS S 47 0.87 -22.24 102.44
C LYS S 47 -0.53 -21.85 102.91
N ASP S 48 -0.96 -20.65 102.50
CA ASP S 48 -2.28 -20.13 102.89
C ASP S 48 -3.14 -19.96 101.67
N GLY S 49 -2.59 -20.32 100.52
CA GLY S 49 -3.29 -20.10 99.29
C GLY S 49 -2.25 -19.73 98.28
N VAL S 50 -2.57 -18.75 97.46
CA VAL S 50 -1.66 -18.40 96.39
C VAL S 50 -2.14 -17.14 95.69
N VAL S 51 -1.22 -16.24 95.34
CA VAL S 51 -1.64 -15.01 94.66
C VAL S 51 -0.83 -14.52 93.48
N LEU S 52 -1.58 -13.89 92.58
CA LEU S 52 -1.11 -13.40 91.32
C LEU S 52 -1.23 -11.91 91.25
N ALA S 53 -0.35 -11.33 90.43
CA ALA S 53 -0.37 -9.90 90.15
C ALA S 53 0.38 -9.57 88.86
N VAL S 54 -0.01 -8.45 88.26
CA VAL S 54 0.54 -8.05 86.98
C VAL S 54 0.67 -6.53 86.81
N ASP S 55 1.69 -6.13 86.05
CA ASP S 55 2.03 -4.74 85.76
C ASP S 55 1.58 -4.40 84.34
N ARG S 56 0.30 -4.12 84.18
CA ARG S 56 -0.17 -3.49 82.98
C ARG S 56 0.69 -2.25 82.85
N ARG S 57 1.06 -1.86 81.65
CA ARG S 57 1.84 -0.63 81.52
C ARG S 57 1.06 0.44 80.74
N ILE S 58 -0.14 0.73 81.22
CA ILE S 58 -1.06 1.63 80.55
C ILE S 58 -0.51 3.03 80.48
N THR S 59 0.11 3.34 79.36
CA THR S 59 0.59 4.68 79.10
C THR S 59 -0.62 5.61 79.01
N SER S 60 -1.17 5.79 77.81
CA SER S 60 -2.30 6.70 77.63
C SER S 60 -3.41 6.40 78.61
N LYS S 61 -4.07 7.43 79.10
CA LYS S 61 -5.14 7.23 80.06
C LYS S 61 -6.49 7.26 79.37
N LEU S 62 -6.51 6.96 78.09
CA LEU S 62 -7.76 6.90 77.32
C LEU S 62 -8.42 5.52 77.36
N VAL S 63 -7.72 4.51 77.87
CA VAL S 63 -8.22 3.13 77.80
C VAL S 63 -8.72 2.61 79.14
N LYS S 64 -10.04 2.39 79.20
CA LYS S 64 -10.62 1.81 80.38
C LYS S 64 -9.67 0.71 80.79
N ILE S 65 -9.12 0.82 82.00
CA ILE S 65 -8.15 -0.16 82.47
C ILE S 65 -8.75 -1.54 82.73
N ARG S 66 -10.08 -1.60 82.81
CA ARG S 66 -10.76 -2.86 83.02
C ARG S 66 -10.47 -3.78 81.86
N SER S 67 -10.47 -3.21 80.65
CA SER S 67 -10.33 -3.95 79.37
C SER S 67 -8.99 -4.62 79.16
N ILE S 68 -7.94 -4.03 79.71
CA ILE S 68 -6.66 -4.67 79.67
C ILE S 68 -6.74 -5.90 80.58
N GLU S 69 -7.04 -7.05 79.97
CA GLU S 69 -7.16 -8.30 80.74
C GLU S 69 -5.81 -8.99 80.78
N LYS S 70 -5.24 -9.11 81.97
CA LYS S 70 -3.91 -9.68 82.11
C LYS S 70 -3.93 -10.86 83.07
N ILE S 71 -5.02 -11.02 83.80
CA ILE S 71 -5.21 -12.23 84.58
C ILE S 71 -6.57 -12.82 84.24
N PHE S 72 -6.61 -14.14 84.06
CA PHE S 72 -7.85 -14.83 83.74
C PHE S 72 -8.17 -15.90 84.78
N GLN S 73 -9.46 -16.06 85.09
CA GLN S 73 -9.87 -17.19 85.89
C GLN S 73 -10.24 -18.35 84.97
N ILE S 74 -9.96 -19.57 85.40
CA ILE S 74 -10.18 -20.74 84.56
C ILE S 74 -11.18 -21.67 85.24
N ASP S 75 -11.32 -21.51 86.54
CA ASP S 75 -12.27 -22.31 87.28
C ASP S 75 -12.40 -21.84 88.72
N ASP S 76 -13.53 -22.18 89.32
CA ASP S 76 -13.87 -21.73 90.67
C ASP S 76 -12.65 -21.71 91.60
N HIS S 77 -11.61 -22.44 91.25
CA HIS S 77 -10.52 -22.71 92.18
C HIS S 77 -9.16 -22.58 91.57
N VAL S 78 -9.09 -22.33 90.27
CA VAL S 78 -7.80 -22.18 89.62
C VAL S 78 -7.88 -21.13 88.54
N ALA S 79 -6.91 -20.21 88.54
CA ALA S 79 -6.85 -19.13 87.55
C ALA S 79 -5.41 -18.90 87.04
N ALA S 80 -5.29 -18.25 85.87
CA ALA S 80 -3.98 -18.05 85.21
C ALA S 80 -3.78 -16.73 84.45
N ALA S 81 -2.52 -16.24 84.51
CA ALA S 81 -2.13 -14.90 84.08
C ALA S 81 -1.19 -14.93 82.88
N THR S 82 -1.46 -14.08 81.88
CA THR S 82 -0.76 -14.10 80.60
C THR S 82 0.49 -13.24 80.58
N SER S 83 1.41 -13.54 79.66
CA SER S 83 2.50 -12.61 79.32
C SER S 83 3.12 -12.94 77.97
N GLY S 84 3.26 -11.93 77.14
CA GLY S 84 3.56 -12.11 75.74
C GLY S 84 2.47 -11.32 75.03
N LEU S 85 2.16 -11.65 73.78
CA LEU S 85 1.14 -10.89 73.05
C LEU S 85 -0.26 -11.31 73.44
N VAL S 86 -1.21 -10.38 73.39
CA VAL S 86 -2.58 -10.70 73.78
C VAL S 86 -3.44 -11.34 72.66
N ALA S 87 -2.90 -11.43 71.45
CA ALA S 87 -3.55 -12.20 70.38
C ALA S 87 -3.68 -13.64 70.81
N ASP S 88 -2.54 -14.23 71.20
CA ASP S 88 -2.45 -15.63 71.60
C ASP S 88 -2.67 -15.77 73.08
N ALA S 89 -3.09 -14.70 73.74
CA ALA S 89 -3.37 -14.77 75.16
C ALA S 89 -4.78 -15.29 75.31
N ARG S 90 -5.75 -14.51 74.83
CA ARG S 90 -7.16 -14.88 74.91
C ARG S 90 -7.41 -16.27 74.32
N VAL S 91 -6.88 -16.51 73.12
CA VAL S 91 -7.08 -17.81 72.52
C VAL S 91 -6.70 -18.99 73.43
N LEU S 92 -5.50 -18.97 74.02
CA LEU S 92 -5.07 -20.10 74.85
C LEU S 92 -5.92 -20.30 76.09
N ILE S 93 -6.62 -19.25 76.50
CA ILE S 93 -7.44 -19.37 77.69
C ILE S 93 -8.87 -19.85 77.38
N ASP S 94 -9.59 -19.15 76.50
CA ASP S 94 -10.93 -19.57 76.06
C ASP S 94 -10.81 -20.98 75.46
N ARG S 95 -9.82 -21.73 75.94
CA ARG S 95 -9.46 -23.06 75.45
C ARG S 95 -8.85 -23.85 76.56
N ALA S 96 -8.25 -23.17 77.51
CA ALA S 96 -7.87 -23.83 78.72
C ALA S 96 -9.17 -23.87 79.49
N ARG S 97 -9.89 -22.77 79.42
CA ARG S 97 -11.17 -22.67 80.08
C ARG S 97 -12.06 -23.83 79.64
N LEU S 98 -11.91 -24.22 78.39
CA LEU S 98 -12.67 -25.36 77.89
C LEU S 98 -12.14 -26.67 78.42
N GLU S 99 -10.87 -26.94 78.11
CA GLU S 99 -10.30 -28.21 78.47
C GLU S 99 -10.39 -28.34 79.96
N ALA S 100 -10.71 -27.24 80.64
CA ALA S 100 -10.86 -27.24 82.10
C ALA S 100 -12.27 -27.67 82.58
N GLN S 101 -13.28 -27.49 81.73
CA GLN S 101 -14.65 -27.89 82.07
C GLN S 101 -15.00 -29.22 81.44
N ILE S 102 -14.26 -29.56 80.40
CA ILE S 102 -14.36 -30.82 79.71
C ILE S 102 -14.06 -31.93 80.70
N TYR S 103 -12.89 -31.87 81.28
CA TYR S 103 -12.50 -32.84 82.28
C TYR S 103 -13.51 -32.91 83.43
N ARG S 104 -14.04 -31.77 83.90
CA ARG S 104 -15.01 -31.80 85.03
C ARG S 104 -16.33 -32.45 84.66
N LEU S 105 -16.45 -32.84 83.40
CA LEU S 105 -17.68 -33.44 82.90
C LEU S 105 -17.52 -34.93 82.65
N THR S 106 -16.32 -35.33 82.24
CA THR S 106 -16.04 -36.73 82.06
C THR S 106 -15.30 -37.27 83.26
N TYR S 107 -15.59 -36.72 84.43
CA TYR S 107 -15.15 -37.31 85.68
C TYR S 107 -16.02 -36.82 86.79
N GLY S 108 -16.15 -35.51 86.89
CA GLY S 108 -16.85 -34.89 88.00
C GLY S 108 -15.91 -34.13 88.93
N GLU S 109 -14.62 -34.47 88.88
CA GLU S 109 -13.63 -33.77 89.71
C GLU S 109 -13.34 -32.33 89.28
N GLU S 110 -13.22 -31.41 90.23
CA GLU S 110 -12.63 -30.14 89.89
C GLU S 110 -11.27 -30.47 89.33
N ILE S 111 -11.04 -30.12 88.07
CA ILE S 111 -9.86 -30.57 87.36
C ILE S 111 -8.57 -30.32 88.11
N SER S 112 -7.76 -31.35 88.25
CA SER S 112 -6.44 -31.24 88.87
C SER S 112 -5.61 -30.15 88.17
N ILE S 113 -4.81 -29.38 88.91
CA ILE S 113 -4.08 -28.25 88.32
C ILE S 113 -2.80 -28.66 87.58
N GLU S 114 -2.05 -29.59 88.13
CA GLU S 114 -0.85 -30.04 87.46
C GLU S 114 -1.23 -30.56 86.09
N MET S 115 -2.47 -31.05 85.98
CA MET S 115 -2.99 -31.66 84.75
C MET S 115 -3.47 -30.63 83.71
N LEU S 116 -4.37 -29.74 84.12
CA LEU S 116 -4.86 -28.63 83.27
C LEU S 116 -3.69 -27.96 82.62
N ALA S 117 -2.68 -27.71 83.44
CA ALA S 117 -1.41 -27.21 82.95
C ALA S 117 -0.94 -28.17 81.87
N LYS S 118 -0.48 -29.34 82.30
CA LYS S 118 0.17 -30.27 81.42
C LYS S 118 -0.62 -30.47 80.14
N LYS S 119 -1.76 -29.78 80.02
CA LYS S 119 -2.59 -29.87 78.82
C LYS S 119 -2.36 -28.74 77.86
N ILE S 120 -2.68 -27.53 78.30
CA ILE S 120 -2.47 -26.36 77.45
C ILE S 120 -0.99 -26.04 77.36
N CYS S 121 -0.17 -26.89 77.95
CA CYS S 121 1.26 -26.77 77.74
C CYS S 121 1.75 -27.85 76.76
N ASP S 122 0.89 -28.86 76.56
CA ASP S 122 1.05 -29.89 75.53
C ASP S 122 0.66 -29.33 74.18
N ILE S 123 -0.52 -28.74 74.13
CA ILE S 123 -0.97 -28.06 72.92
C ILE S 123 0.11 -27.15 72.40
N LYS S 124 0.51 -26.24 73.29
CA LYS S 124 1.48 -25.20 72.98
C LYS S 124 2.69 -25.81 72.34
N GLN S 125 3.04 -26.99 72.85
CA GLN S 125 4.18 -27.76 72.37
C GLN S 125 3.90 -28.37 71.01
N ALA S 126 2.66 -28.77 70.79
CA ALA S 126 2.31 -29.45 69.55
C ALA S 126 2.48 -28.46 68.42
N TYR S 127 1.99 -27.26 68.64
CA TYR S 127 2.09 -26.18 67.68
C TYR S 127 3.53 -25.87 67.28
N THR S 128 4.47 -26.41 68.02
CA THR S 128 5.87 -26.13 67.76
C THR S 128 6.43 -27.00 66.65
N GLN S 129 5.93 -28.23 66.59
CA GLN S 129 6.54 -29.24 65.72
C GLN S 129 5.68 -29.70 64.55
N HIS S 130 4.72 -28.88 64.17
CA HIS S 130 3.85 -29.29 63.08
C HIS S 130 3.86 -28.29 61.93
N GLY S 131 3.82 -28.82 60.73
CA GLY S 131 3.84 -28.01 59.53
C GLY S 131 2.92 -26.81 59.60
N GLY S 132 3.50 -25.65 59.39
CA GLY S 132 2.71 -24.46 59.17
C GLY S 132 1.97 -24.01 60.40
N VAL S 133 2.73 -23.50 61.35
CA VAL S 133 2.13 -22.88 62.51
C VAL S 133 3.16 -22.35 63.47
N ARG S 134 2.97 -21.10 63.84
CA ARG S 134 3.82 -20.43 64.79
C ARG S 134 3.36 -20.77 66.20
N PRO S 135 4.29 -21.27 67.01
CA PRO S 135 3.96 -21.49 68.42
C PRO S 135 3.36 -20.21 68.99
N PHE S 136 2.90 -20.27 70.24
CA PHE S 136 2.30 -19.09 70.86
C PHE S 136 3.30 -18.20 71.54
N GLY S 137 3.19 -16.91 71.28
CA GLY S 137 4.01 -15.94 71.95
C GLY S 137 3.52 -15.72 73.37
N VAL S 138 3.46 -16.78 74.16
CA VAL S 138 2.98 -16.60 75.52
C VAL S 138 3.59 -17.50 76.59
N SER S 139 3.70 -16.93 77.77
CA SER S 139 4.05 -17.68 78.95
C SER S 139 3.02 -17.39 80.02
N LEU S 140 2.67 -18.44 80.76
CA LEU S 140 1.55 -18.42 81.68
C LEU S 140 1.90 -18.70 83.11
N LEU S 141 1.16 -18.05 84.01
CA LEU S 141 1.26 -18.30 85.42
C LEU S 141 -0.05 -18.86 85.91
N ILE S 142 -0.11 -20.18 86.06
CA ILE S 142 -1.30 -20.86 86.53
C ILE S 142 -1.16 -21.19 88.01
N ALA S 143 -2.18 -20.88 88.81
CA ALA S 143 -2.14 -21.25 90.22
C ALA S 143 -3.52 -21.51 90.78
N GLY S 144 -3.59 -22.36 91.81
CA GLY S 144 -4.87 -22.67 92.43
C GLY S 144 -4.85 -23.63 93.59
N ILE S 145 -6.00 -24.26 93.79
CA ILE S 145 -6.19 -25.14 94.91
C ILE S 145 -6.45 -26.59 94.47
N ASP S 146 -5.36 -27.35 94.35
CA ASP S 146 -5.46 -28.78 94.07
C ASP S 146 -5.58 -29.55 95.37
N LYS S 147 -6.81 -29.56 95.90
CA LYS S 147 -7.11 -30.29 97.11
C LYS S 147 -6.15 -29.89 98.23
N ASN S 148 -6.49 -28.81 98.90
CA ASN S 148 -5.72 -28.30 100.03
C ASN S 148 -4.29 -27.92 99.69
N GLU S 149 -3.83 -28.32 98.51
CA GLU S 149 -2.49 -27.92 98.06
C GLU S 149 -2.54 -26.73 97.10
N ALA S 150 -2.05 -25.59 97.55
CA ALA S 150 -1.97 -24.43 96.69
C ALA S 150 -0.63 -24.42 95.97
N ARG S 151 -0.68 -24.26 94.65
CA ARG S 151 0.53 -24.29 93.84
C ARG S 151 0.52 -23.29 92.68
N LEU S 152 1.63 -23.26 91.94
CA LEU S 152 1.88 -22.30 90.86
C LEU S 152 2.74 -22.90 89.74
N PHE S 153 2.49 -22.52 88.48
CA PHE S 153 3.19 -23.10 87.30
C PHE S 153 3.52 -22.11 86.17
N GLU S 154 4.66 -22.32 85.51
CA GLU S 154 5.16 -21.44 84.44
C GLU S 154 5.20 -22.13 83.09
N THR S 155 4.44 -21.60 82.13
CA THR S 155 4.36 -22.24 80.81
C THR S 155 5.20 -21.55 79.77
N ASP S 156 5.96 -22.32 79.01
CA ASP S 156 6.82 -21.77 77.97
C ASP S 156 6.26 -22.09 76.59
N PRO S 157 6.29 -21.14 75.64
CA PRO S 157 5.85 -21.45 74.27
C PRO S 157 6.37 -22.78 73.65
N SER S 158 6.57 -23.81 74.48
CA SER S 158 6.90 -25.16 74.02
C SER S 158 7.16 -26.14 75.19
N GLY S 159 6.11 -26.53 75.92
CA GLY S 159 6.23 -27.39 77.09
C GLY S 159 6.90 -26.75 78.32
N ALA S 160 6.37 -27.02 79.52
CA ALA S 160 6.88 -26.39 80.76
C ALA S 160 6.51 -27.09 82.08
N LEU S 161 7.36 -28.02 82.47
CA LEU S 161 7.27 -28.67 83.78
C LEU S 161 8.03 -27.84 84.88
N ILE S 162 7.57 -26.61 85.16
CA ILE S 162 8.17 -25.75 86.20
C ILE S 162 7.21 -25.24 87.27
N GLU S 163 7.16 -25.95 88.40
CA GLU S 163 6.28 -25.64 89.53
C GLU S 163 7.05 -24.82 90.56
N TYR S 164 7.03 -23.50 90.39
CA TYR S 164 7.73 -22.59 91.32
C TYR S 164 6.99 -22.43 92.62
N LYS S 165 7.74 -22.11 93.67
CA LYS S 165 7.10 -21.67 94.90
C LYS S 165 6.67 -20.21 94.64
N ALA S 166 7.15 -19.66 93.52
CA ALA S 166 6.92 -18.27 93.10
C ALA S 166 7.90 -17.82 92.00
N THR S 167 7.42 -17.01 91.07
CA THR S 167 8.26 -16.55 89.95
C THR S 167 7.59 -15.39 89.20
N ALA S 168 8.19 -14.98 88.08
CA ALA S 168 7.63 -13.90 87.27
C ALA S 168 8.05 -14.01 85.81
N ILE S 169 7.38 -13.26 84.96
CA ILE S 169 7.63 -13.36 83.54
C ILE S 169 7.23 -12.07 82.88
N GLY S 170 7.86 -11.79 81.74
CA GLY S 170 7.59 -10.57 81.01
C GLY S 170 8.72 -9.55 81.07
N SER S 171 8.36 -8.27 81.10
CA SER S 171 9.32 -7.17 81.15
C SER S 171 10.45 -7.43 82.10
N GLY S 172 10.17 -7.18 83.37
CA GLY S 172 11.21 -7.19 84.36
C GLY S 172 11.52 -8.57 84.86
N ARG S 173 11.69 -9.52 83.96
CA ARG S 173 11.97 -10.88 84.41
C ARG S 173 13.16 -10.83 85.37
N PRO S 174 14.38 -10.67 84.83
CA PRO S 174 15.56 -10.84 85.69
C PRO S 174 15.55 -9.87 86.86
N VAL S 175 14.85 -8.74 86.74
CA VAL S 175 14.81 -7.77 87.84
C VAL S 175 14.29 -8.40 89.12
N VAL S 176 13.14 -9.07 89.00
CA VAL S 176 12.51 -9.74 90.13
C VAL S 176 12.71 -11.27 90.14
N MET S 177 12.64 -11.91 88.96
CA MET S 177 12.91 -13.36 88.78
C MET S 177 14.24 -13.75 89.48
N GLU S 178 14.95 -12.72 89.99
CA GLU S 178 16.21 -12.87 90.72
C GLU S 178 16.26 -12.01 91.98
N LEU S 179 15.25 -11.14 92.15
CA LEU S 179 15.04 -10.51 93.44
C LEU S 179 14.51 -11.59 94.34
N LEU S 180 13.44 -12.23 93.87
CA LEU S 180 12.79 -13.32 94.58
C LEU S 180 13.84 -14.34 94.95
N GLU S 181 14.78 -14.51 94.01
CA GLU S 181 15.92 -15.41 94.16
C GLU S 181 16.37 -15.66 95.62
N LYS S 182 16.26 -14.62 96.45
CA LYS S 182 16.77 -14.69 97.80
C LYS S 182 15.66 -14.84 98.83
N GLU S 183 14.99 -13.73 99.10
CA GLU S 183 14.22 -13.53 100.32
C GLU S 183 12.88 -14.29 100.46
N TYR S 184 12.52 -15.09 99.46
CA TYR S 184 11.33 -15.93 99.60
C TYR S 184 11.63 -17.05 100.61
N ARG S 185 10.60 -17.54 101.27
CA ARG S 185 10.77 -18.61 102.24
C ARG S 185 9.64 -19.62 102.11
N ASP S 186 10.00 -20.90 102.25
CA ASP S 186 9.01 -21.97 102.25
C ASP S 186 8.16 -21.85 103.51
N ASP S 187 7.75 -20.63 103.83
CA ASP S 187 6.92 -20.37 104.99
C ASP S 187 6.03 -19.17 104.76
N ILE S 188 6.53 -18.21 104.00
CA ILE S 188 5.86 -16.93 103.77
C ILE S 188 4.35 -17.14 103.65
N THR S 189 3.57 -16.26 104.27
CA THR S 189 2.12 -16.41 104.29
C THR S 189 1.46 -15.68 103.13
N LEU S 190 0.14 -15.48 103.21
CA LEU S 190 -0.54 -14.71 102.18
C LEU S 190 -0.23 -13.24 102.30
N ASP S 191 -0.59 -12.66 103.43
CA ASP S 191 -0.31 -11.26 103.68
C ASP S 191 1.20 -11.02 103.86
N GLU S 192 1.97 -12.09 103.96
CA GLU S 192 3.43 -11.97 104.03
C GLU S 192 3.92 -11.99 102.61
N GLY S 193 3.12 -12.57 101.73
CA GLY S 193 3.37 -12.55 100.31
C GLY S 193 2.66 -11.35 99.73
N LEU S 194 1.79 -10.77 100.55
CA LEU S 194 1.15 -9.51 100.23
C LEU S 194 2.15 -8.64 99.48
N GLU S 195 3.10 -8.10 100.26
CA GLU S 195 4.10 -7.15 99.78
C GLU S 195 5.03 -7.73 98.73
N LEU S 196 5.58 -8.91 99.01
CA LEU S 196 6.54 -9.53 98.12
C LEU S 196 6.27 -9.15 96.69
N ALA S 197 5.14 -9.63 96.16
CA ALA S 197 4.81 -9.36 94.76
C ALA S 197 4.74 -7.85 94.46
N ILE S 198 4.20 -7.08 95.39
CA ILE S 198 4.04 -5.64 95.20
C ILE S 198 5.39 -4.95 95.12
N THR S 199 6.15 -5.05 96.21
CA THR S 199 7.47 -4.47 96.27
C THR S 199 8.28 -4.87 95.04
N ALA S 200 8.38 -6.17 94.80
CA ALA S 200 9.08 -6.69 93.64
C ALA S 200 8.59 -6.02 92.34
N LEU S 201 7.32 -6.21 92.01
CA LEU S 201 6.74 -5.62 90.82
C LEU S 201 7.13 -4.14 90.66
N THR S 202 7.43 -3.47 91.78
CA THR S 202 7.84 -2.07 91.74
C THR S 202 9.28 -1.91 91.24
N LYS S 203 10.18 -2.70 91.82
CA LYS S 203 11.58 -2.68 91.43
C LYS S 203 11.77 -2.54 89.91
N ALA S 204 11.02 -3.32 89.15
CA ALA S 204 11.14 -3.31 87.68
C ALA S 204 10.43 -2.14 87.01
N ASN S 205 9.33 -1.68 87.60
CA ASN S 205 8.63 -0.50 87.12
C ASN S 205 8.76 0.64 88.10
N GLU S 206 9.89 1.34 88.02
CA GLU S 206 10.04 2.61 88.68
C GLU S 206 8.89 3.47 88.22
N ASP S 207 7.93 3.73 89.12
CA ASP S 207 6.76 4.52 88.78
C ASP S 207 5.65 3.64 88.16
N ILE S 208 4.86 3.01 89.02
CA ILE S 208 3.70 2.25 88.58
C ILE S 208 2.44 2.90 89.12
N LYS S 209 1.51 3.21 88.24
CA LYS S 209 0.17 3.65 88.66
C LYS S 209 -0.44 2.56 89.55
N PRO S 210 -1.24 2.97 90.55
CA PRO S 210 -1.95 2.08 91.48
C PRO S 210 -3.33 1.68 90.95
N GLU S 211 -3.32 0.87 89.90
CA GLU S 211 -4.48 0.39 89.15
C GLU S 211 -3.95 0.10 87.76
N ASN S 212 -2.66 0.33 87.60
CA ASN S 212 -1.91 -0.13 86.44
C ASN S 212 -1.64 -1.61 86.67
N VAL S 213 -2.05 -2.09 87.85
CA VAL S 213 -1.76 -3.46 88.28
C VAL S 213 -3.01 -4.26 88.64
N ASP S 214 -2.85 -5.58 88.71
CA ASP S 214 -3.99 -6.38 89.04
C ASP S 214 -3.70 -7.45 90.07
N VAL S 215 -4.70 -7.72 90.89
CA VAL S 215 -4.54 -8.57 92.05
C VAL S 215 -5.61 -9.65 92.15
N CYS S 216 -5.19 -10.91 92.18
CA CYS S 216 -6.14 -11.98 92.35
C CYS S 216 -5.66 -13.01 93.36
N ILE S 217 -6.47 -13.22 94.39
CA ILE S 217 -6.14 -14.06 95.53
C ILE S 217 -6.96 -15.33 95.57
N ILE S 218 -6.28 -16.46 95.62
CA ILE S 218 -6.96 -17.72 95.89
C ILE S 218 -6.45 -18.32 97.19
N THR S 219 -7.31 -18.30 98.20
CA THR S 219 -7.00 -18.85 99.50
C THR S 219 -7.34 -20.33 99.52
N VAL S 220 -6.43 -21.13 100.07
CA VAL S 220 -6.66 -22.56 100.18
C VAL S 220 -7.70 -22.77 101.25
N LYS S 221 -8.01 -21.69 101.97
CA LYS S 221 -8.90 -21.76 103.13
C LYS S 221 -10.37 -21.78 102.75
N ASP S 222 -10.65 -22.15 101.51
CA ASP S 222 -12.02 -22.15 101.02
C ASP S 222 -12.05 -22.58 99.57
N ALA S 223 -10.87 -22.77 98.99
CA ALA S 223 -10.74 -23.15 97.59
C ALA S 223 -11.40 -22.12 96.69
N GLN S 224 -11.25 -20.84 97.04
CA GLN S 224 -12.00 -19.80 96.34
C GLN S 224 -11.12 -18.61 95.91
N PHE S 225 -11.54 -17.96 94.83
CA PHE S 225 -10.79 -16.92 94.15
C PHE S 225 -11.39 -15.55 94.44
N LYS S 226 -10.55 -14.58 94.77
CA LYS S 226 -11.01 -13.24 95.15
C LYS S 226 -10.21 -12.11 94.45
N LYS S 227 -10.75 -10.89 94.47
CA LYS S 227 -10.12 -9.72 93.84
C LYS S 227 -9.61 -8.74 94.89
N ILE S 228 -8.67 -7.88 94.53
CA ILE S 228 -8.31 -6.75 95.38
C ILE S 228 -8.66 -5.42 94.70
N PRO S 229 -9.33 -4.53 95.45
CA PRO S 229 -9.71 -3.19 95.00
C PRO S 229 -8.54 -2.19 94.88
N VAL S 230 -8.63 -1.36 93.85
CA VAL S 230 -7.70 -0.27 93.66
C VAL S 230 -7.51 0.44 95.01
N GLU S 231 -6.27 0.88 95.25
CA GLU S 231 -5.87 1.59 96.47
C GLU S 231 -5.41 0.66 97.60
N GLU S 232 -6.03 -0.52 97.72
CA GLU S 232 -5.41 -1.57 98.49
C GLU S 232 -4.08 -1.71 97.81
N ILE S 233 -4.19 -1.83 96.48
CA ILE S 233 -3.08 -1.69 95.57
C ILE S 233 -2.13 -0.57 96.01
N LYS S 234 -2.64 0.65 95.99
CA LYS S 234 -1.82 1.82 96.30
C LYS S 234 -1.28 1.80 97.72
N LYS S 235 -2.17 1.64 98.69
CA LYS S 235 -1.76 1.77 100.08
C LYS S 235 -0.72 0.73 100.48
N LEU S 236 -0.29 -0.08 99.53
CA LEU S 236 0.78 -1.04 99.77
C LEU S 236 1.98 -0.75 98.88
N ILE S 237 1.72 -0.12 97.74
CA ILE S 237 2.78 0.39 96.90
C ILE S 237 3.45 1.52 97.66
N GLU S 238 2.98 1.80 98.87
CA GLU S 238 3.54 2.88 99.67
C GLU S 238 4.74 2.38 100.48
N LYS S 239 4.63 1.18 101.04
CA LYS S 239 5.79 0.55 101.65
C LYS S 239 6.72 0.27 100.51
N VAL S 240 7.42 1.30 100.07
CA VAL S 240 8.12 1.24 98.82
C VAL S 240 9.05 2.43 98.73
N LYS S 241 8.72 3.49 99.47
CA LYS S 241 9.53 4.70 99.43
C LYS S 241 10.67 4.64 100.45
N LYS S 242 10.73 3.53 101.16
CA LYS S 242 11.78 3.27 102.12
C LYS S 242 12.74 2.23 101.57
N LYS S 243 12.63 1.98 100.27
CA LYS S 243 13.42 0.94 99.61
C LYS S 243 14.38 1.55 98.57
N LEU S 244 14.12 2.78 98.15
CA LEU S 244 15.01 3.48 97.24
C LEU S 244 16.06 4.24 98.05
N ASN S 245 16.75 3.52 98.95
CA ASN S 245 17.73 4.13 99.86
C ASN S 245 19.00 3.30 100.16
N GLU S 246 20.09 3.65 99.45
CA GLU S 246 21.39 2.95 99.50
C GLU S 246 21.31 1.45 99.19
N GLU S 247 20.23 1.06 98.51
CA GLU S 247 19.98 -0.34 98.13
C GLU S 247 19.84 -0.51 96.61
N ILE T 16 8.74 -32.44 52.64
CA ILE T 16 8.99 -31.16 53.30
C ILE T 16 9.79 -31.29 54.63
N THR T 17 10.47 -32.43 54.87
CA THR T 17 11.42 -32.60 56.01
C THR T 17 12.86 -32.35 55.58
N VAL T 18 13.58 -33.44 55.33
CA VAL T 18 14.98 -33.38 54.91
C VAL T 18 15.54 -34.75 54.56
N PHE T 19 16.71 -34.75 53.90
CA PHE T 19 17.58 -35.93 53.77
C PHE T 19 18.92 -35.54 53.16
N SER T 20 20.02 -35.98 53.77
CA SER T 20 21.35 -35.44 53.46
C SER T 20 21.85 -35.70 52.04
N PRO T 21 22.98 -35.07 51.70
CA PRO T 21 23.58 -35.16 50.36
C PRO T 21 24.62 -36.25 50.19
N GLU T 22 24.68 -37.20 51.11
CA GLU T 22 25.67 -38.26 51.02
C GLU T 22 25.78 -39.12 52.28
N GLY T 23 24.73 -39.91 52.54
CA GLY T 23 24.77 -40.87 53.65
C GLY T 23 23.93 -40.51 54.86
N ARG T 24 24.32 -39.45 55.57
CA ARG T 24 23.67 -39.03 56.82
C ARG T 24 22.23 -38.52 56.62
N LEU T 25 21.73 -37.76 57.59
CA LEU T 25 20.42 -37.09 57.45
C LEU T 25 20.36 -35.75 58.13
N TYR T 26 19.89 -34.73 57.42
CA TYR T 26 19.75 -33.40 57.98
C TYR T 26 19.06 -33.40 59.35
N GLN T 27 17.86 -32.81 59.42
CA GLN T 27 17.26 -32.47 60.70
C GLN T 27 17.63 -33.47 61.78
N VAL T 28 17.32 -34.74 61.53
CA VAL T 28 17.70 -35.82 62.42
C VAL T 28 18.88 -35.49 63.32
N GLU T 29 20.04 -35.27 62.72
CA GLU T 29 21.27 -35.11 63.49
C GLU T 29 21.23 -33.82 64.25
N TYR T 30 20.79 -32.76 63.57
CA TYR T 30 20.63 -31.50 64.26
C TYR T 30 19.78 -31.76 65.49
N ALA T 31 18.79 -32.62 65.36
CA ALA T 31 17.98 -32.96 66.51
C ALA T 31 18.80 -33.69 67.57
N ARG T 32 19.62 -34.63 67.16
CA ARG T 32 20.42 -35.35 68.13
C ARG T 32 21.04 -34.35 69.08
N GLU T 33 21.75 -33.37 68.51
CA GLU T 33 22.48 -32.37 69.28
C GLU T 33 21.67 -31.87 70.44
N ALA T 34 20.40 -31.57 70.18
CA ALA T 34 19.50 -31.06 71.19
C ALA T 34 19.49 -31.91 72.45
N VAL T 35 19.79 -33.19 72.28
CA VAL T 35 19.85 -34.13 73.40
C VAL T 35 21.21 -34.03 74.12
N ARG T 36 22.30 -34.01 73.35
CA ARG T 36 23.64 -33.93 73.91
C ARG T 36 23.77 -32.68 74.76
N ARG T 37 22.86 -31.74 74.56
CA ARG T 37 22.87 -30.46 75.28
C ARG T 37 22.04 -30.61 76.54
N GLY T 38 21.00 -31.44 76.42
CA GLY T 38 20.03 -31.67 77.47
C GLY T 38 20.61 -32.20 78.77
N THR T 39 19.73 -32.55 79.70
CA THR T 39 20.18 -32.97 81.01
C THR T 39 20.87 -34.28 80.83
N THR T 40 21.70 -34.64 81.78
CA THR T 40 22.42 -35.91 81.72
C THR T 40 21.58 -37.00 82.38
N ALA T 41 21.70 -38.24 81.92
CA ALA T 41 20.85 -39.30 82.43
C ALA T 41 21.50 -40.65 82.27
N ILE T 42 21.41 -41.46 83.31
CA ILE T 42 22.03 -42.76 83.33
C ILE T 42 21.06 -43.83 83.79
N GLY T 43 21.03 -44.96 83.09
CA GLY T 43 20.25 -46.12 83.49
C GLY T 43 21.09 -47.40 83.55
N ILE T 44 20.86 -48.24 84.55
CA ILE T 44 21.67 -49.46 84.69
C ILE T 44 20.84 -50.70 84.89
N ALA T 45 21.18 -51.75 84.17
CA ALA T 45 20.58 -53.07 84.34
C ALA T 45 21.40 -53.90 85.33
N CYS T 46 21.25 -55.22 85.28
CA CYS T 46 21.93 -56.12 86.19
C CYS T 46 21.28 -57.51 86.24
N LYS T 47 21.03 -57.98 87.45
CA LYS T 47 20.52 -59.32 87.69
C LYS T 47 19.57 -59.32 88.90
N ASP T 48 19.39 -58.16 89.51
CA ASP T 48 18.53 -58.04 90.69
C ASP T 48 17.32 -57.13 90.43
N GLY T 49 17.38 -56.43 89.30
CA GLY T 49 16.33 -55.53 88.90
C GLY T 49 16.88 -54.52 87.92
N VAL T 50 16.46 -53.27 88.05
CA VAL T 50 17.01 -52.22 87.21
C VAL T 50 16.68 -50.88 87.82
N VAL T 51 17.62 -49.94 87.70
CA VAL T 51 17.46 -48.65 88.33
C VAL T 51 17.98 -47.46 87.53
N LEU T 52 17.17 -46.40 87.57
CA LEU T 52 17.34 -45.17 86.81
C LEU T 52 17.51 -43.93 87.70
N ALA T 53 18.30 -42.98 87.19
CA ALA T 53 18.65 -41.77 87.93
C ALA T 53 19.07 -40.67 86.97
N VAL T 54 18.64 -39.44 87.28
CA VAL T 54 18.86 -38.28 86.42
C VAL T 54 19.43 -37.07 87.16
N ASP T 55 20.32 -36.35 86.48
CA ASP T 55 20.89 -35.12 86.98
C ASP T 55 20.11 -33.92 86.44
N ARG T 56 19.03 -33.57 87.12
CA ARG T 56 18.36 -32.29 86.88
C ARG T 56 19.41 -31.23 87.15
N ARG T 57 19.41 -30.12 86.43
CA ARG T 57 20.39 -29.10 86.75
C ARG T 57 19.76 -27.83 87.31
N ILE T 58 18.92 -28.00 88.33
CA ILE T 58 18.18 -26.88 88.92
C ILE T 58 19.11 -25.79 89.50
N THR T 59 19.42 -24.77 88.71
CA THR T 59 20.24 -23.68 89.21
C THR T 59 19.48 -22.93 90.29
N SER T 60 18.52 -22.10 89.87
CA SER T 60 17.70 -21.36 90.80
C SER T 60 16.99 -22.28 91.77
N LYS T 61 16.90 -21.86 93.02
CA LYS T 61 16.22 -22.68 94.02
C LYS T 61 14.80 -22.19 94.26
N LEU T 62 14.23 -21.49 93.30
CA LEU T 62 12.86 -21.01 93.46
C LEU T 62 11.85 -22.01 92.92
N VAL T 63 12.35 -23.07 92.30
CA VAL T 63 11.48 -24.00 91.60
C VAL T 63 11.32 -25.32 92.35
N LYS T 64 10.13 -25.54 92.91
CA LYS T 64 9.82 -26.79 93.60
C LYS T 64 10.37 -27.94 92.77
N ILE T 65 11.31 -28.69 93.35
CA ILE T 65 12.01 -29.75 92.64
C ILE T 65 11.11 -30.86 92.09
N ARG T 66 9.85 -30.91 92.54
CA ARG T 66 8.96 -32.04 92.25
C ARG T 66 8.30 -31.98 90.88
N SER T 67 8.43 -30.82 90.21
CA SER T 67 7.81 -30.58 88.91
C SER T 67 8.74 -30.88 87.73
N ILE T 68 10.05 -30.71 87.96
CA ILE T 68 11.03 -31.13 86.99
C ILE T 68 10.96 -32.66 86.88
N GLU T 69 10.02 -33.10 86.05
CA GLU T 69 9.83 -34.52 85.79
C GLU T 69 10.87 -35.02 84.79
N LYS T 70 11.82 -35.81 85.28
CA LYS T 70 12.86 -36.35 84.41
C LYS T 70 12.76 -37.89 84.30
N ILE T 71 11.93 -38.49 85.14
CA ILE T 71 11.65 -39.93 85.06
C ILE T 71 10.14 -40.15 85.12
N PHE T 72 9.62 -40.95 84.20
CA PHE T 72 8.19 -41.17 84.11
C PHE T 72 7.91 -42.66 84.19
N GLN T 73 7.02 -43.07 85.10
CA GLN T 73 6.60 -44.47 85.18
C GLN T 73 5.64 -44.75 84.02
N ILE T 74 5.78 -45.91 83.38
CA ILE T 74 4.94 -46.19 82.21
C ILE T 74 3.89 -47.28 82.49
N ASP T 75 4.17 -48.12 83.48
CA ASP T 75 3.26 -49.16 83.88
C ASP T 75 3.73 -49.70 85.23
N ASP T 76 3.01 -50.66 85.81
CA ASP T 76 3.34 -51.22 87.11
C ASP T 76 4.66 -51.97 87.13
N HIS T 77 5.23 -52.20 85.96
CA HIS T 77 6.39 -53.06 85.84
C HIS T 77 7.46 -52.44 84.96
N VAL T 78 7.18 -51.28 84.40
CA VAL T 78 8.13 -50.63 83.51
C VAL T 78 8.01 -49.11 83.50
N ALA T 79 9.15 -48.44 83.57
CA ALA T 79 9.18 -46.99 83.53
C ALA T 79 10.37 -46.48 82.70
N ALA T 80 10.34 -45.21 82.30
CA ALA T 80 11.39 -44.66 81.45
C ALA T 80 11.82 -43.22 81.82
N ALA T 81 13.07 -42.87 81.52
CA ALA T 81 13.66 -41.57 81.87
C ALA T 81 13.95 -40.73 80.63
N THR T 82 13.63 -39.43 80.70
CA THR T 82 13.81 -38.49 79.56
C THR T 82 15.19 -37.78 79.48
N SER T 83 15.45 -37.16 78.34
CA SER T 83 16.63 -36.32 78.15
C SER T 83 16.68 -35.65 76.77
N GLY T 84 16.48 -34.34 76.76
CA GLY T 84 16.23 -33.58 75.54
C GLY T 84 15.29 -32.46 75.95
N LEU T 85 14.53 -31.90 75.02
CA LEU T 85 13.60 -30.84 75.40
C LEU T 85 12.34 -31.43 76.02
N VAL T 86 11.81 -30.78 77.06
CA VAL T 86 10.62 -31.29 77.76
C VAL T 86 9.30 -31.06 77.01
N ALA T 87 9.30 -30.14 76.05
CA ALA T 87 8.18 -30.07 75.13
C ALA T 87 7.90 -31.49 74.66
N ASP T 88 8.90 -32.09 74.02
CA ASP T 88 8.82 -33.43 73.45
C ASP T 88 9.13 -34.52 74.46
N ALA T 89 9.09 -34.22 75.74
CA ALA T 89 9.28 -35.32 76.66
C ALA T 89 7.90 -35.75 76.96
N ARG T 90 7.19 -34.96 77.74
CA ARG T 90 5.85 -35.30 78.12
C ARG T 90 5.16 -35.97 76.96
N VAL T 91 4.91 -35.20 75.91
CA VAL T 91 4.11 -35.73 74.82
C VAL T 91 4.42 -37.20 74.52
N LEU T 92 5.70 -37.55 74.38
CA LEU T 92 6.01 -38.95 74.05
C LEU T 92 5.53 -39.97 75.08
N ILE T 93 5.58 -39.61 76.36
CA ILE T 93 5.20 -40.56 77.39
C ILE T 93 3.69 -40.65 77.61
N ASP T 94 3.01 -39.51 77.79
CA ASP T 94 1.53 -39.51 77.85
C ASP T 94 1.01 -40.01 76.50
N ARG T 95 1.88 -40.69 75.75
CA ARG T 95 1.53 -41.39 74.52
C ARG T 95 2.18 -42.76 74.50
N ALA T 96 3.35 -42.86 75.08
CA ALA T 96 3.83 -44.18 75.40
C ALA T 96 2.83 -44.76 76.39
N ARG T 97 2.70 -44.13 77.56
CA ARG T 97 1.78 -44.56 78.61
C ARG T 97 0.47 -45.02 78.02
N LEU T 98 0.12 -44.42 76.90
CA LEU T 98 -1.09 -44.80 76.20
C LEU T 98 -0.86 -46.08 75.45
N GLU T 99 0.07 -46.08 74.51
CA GLU T 99 0.31 -47.28 73.72
C GLU T 99 0.45 -48.50 74.64
N ALA T 100 0.77 -48.25 75.91
CA ALA T 100 1.06 -49.29 76.90
C ALA T 100 -0.17 -49.96 77.46
N GLN T 101 -1.21 -49.18 77.70
CA GLN T 101 -2.47 -49.67 78.25
C GLN T 101 -3.41 -50.19 77.15
N ILE T 102 -3.22 -49.65 75.94
CA ILE T 102 -3.87 -50.19 74.75
C ILE T 102 -3.52 -51.64 74.64
N TYR T 103 -2.22 -51.91 74.45
CA TYR T 103 -1.74 -53.27 74.37
C TYR T 103 -2.40 -54.09 75.46
N ARG T 104 -2.25 -53.64 76.71
CA ARG T 104 -2.72 -54.40 77.87
C ARG T 104 -4.23 -54.71 77.83
N LEU T 105 -4.95 -54.05 76.95
CA LEU T 105 -6.40 -54.25 76.86
C LEU T 105 -6.79 -55.20 75.72
N THR T 106 -5.99 -55.20 74.67
CA THR T 106 -6.22 -56.09 73.55
C THR T 106 -5.35 -57.34 73.66
N TYR T 107 -5.09 -57.81 74.88
CA TYR T 107 -4.38 -59.06 75.12
C TYR T 107 -4.51 -59.49 76.56
N GLY T 108 -4.30 -58.56 77.48
CA GLY T 108 -4.30 -58.87 78.89
C GLY T 108 -2.89 -58.88 79.42
N GLU T 109 -1.93 -59.06 78.52
CA GLU T 109 -0.52 -59.14 78.89
C GLU T 109 0.09 -57.80 79.28
N GLU T 110 0.59 -57.69 80.52
CA GLU T 110 1.47 -56.57 80.82
C GLU T 110 2.38 -56.50 79.59
N ILE T 111 2.40 -55.36 78.93
CA ILE T 111 3.10 -55.24 77.65
C ILE T 111 4.61 -55.47 77.78
N SER T 112 5.17 -56.26 76.84
CA SER T 112 6.62 -56.56 76.81
C SER T 112 7.49 -55.33 76.55
N ILE T 113 8.54 -55.15 77.35
CA ILE T 113 9.33 -53.94 77.23
C ILE T 113 9.85 -53.80 75.81
N GLU T 114 10.37 -54.89 75.24
CA GLU T 114 10.97 -54.81 73.89
C GLU T 114 9.97 -54.24 72.91
N MET T 115 8.70 -54.60 73.13
CA MET T 115 7.57 -54.22 72.26
C MET T 115 7.05 -52.81 72.51
N LEU T 116 7.15 -52.37 73.76
CA LEU T 116 6.85 -51.00 74.10
C LEU T 116 7.92 -50.17 73.41
N ALA T 117 9.16 -50.55 73.66
CA ALA T 117 10.29 -49.88 73.05
C ALA T 117 10.05 -49.73 71.57
N LYS T 118 10.02 -50.85 70.86
CA LYS T 118 9.92 -50.80 69.40
C LYS T 118 8.68 -50.07 68.92
N LYS T 119 7.87 -49.56 69.86
CA LYS T 119 6.67 -48.80 69.51
C LYS T 119 6.88 -47.29 69.43
N ILE T 120 7.05 -46.65 70.58
CA ILE T 120 7.29 -45.21 70.57
C ILE T 120 8.57 -44.93 69.81
N CYS T 121 9.38 -45.95 69.57
CA CYS T 121 10.61 -45.72 68.83
C CYS T 121 10.38 -45.82 67.32
N ASP T 122 9.25 -46.41 66.94
CA ASP T 122 8.81 -46.46 65.55
C ASP T 122 8.14 -45.13 65.18
N ILE T 123 7.21 -44.71 66.03
CA ILE T 123 6.61 -43.39 65.89
C ILE T 123 7.70 -42.37 65.61
N LYS T 124 8.62 -42.24 66.56
CA LYS T 124 9.71 -41.27 66.51
C LYS T 124 10.39 -41.31 65.17
N GLN T 125 10.51 -42.52 64.64
CA GLN T 125 11.02 -42.73 63.30
C GLN T 125 10.07 -42.09 62.29
N ALA T 126 8.81 -42.50 62.31
CA ALA T 126 7.83 -41.97 61.38
C ALA T 126 7.90 -40.45 61.26
N TYR T 127 8.15 -39.79 62.40
CA TYR T 127 8.36 -38.36 62.44
C TYR T 127 9.69 -37.96 61.82
N THR T 128 10.42 -38.93 61.29
CA THR T 128 11.65 -38.60 60.65
C THR T 128 11.41 -38.38 59.17
N GLN T 129 10.62 -39.27 58.55
CA GLN T 129 10.51 -39.32 57.08
C GLN T 129 9.17 -38.89 56.50
N HIS T 130 8.52 -37.92 57.11
CA HIS T 130 7.23 -37.48 56.60
C HIS T 130 7.12 -35.97 56.43
N GLY T 131 6.29 -35.57 55.48
CA GLY T 131 6.03 -34.18 55.19
C GLY T 131 5.64 -33.34 56.40
N GLY T 132 6.43 -32.31 56.64
CA GLY T 132 6.06 -31.29 57.59
C GLY T 132 6.00 -31.78 59.02
N VAL T 133 7.16 -32.11 59.56
CA VAL T 133 7.24 -32.27 60.99
C VAL T 133 8.66 -32.59 61.43
N ARG T 134 9.01 -32.04 62.56
CA ARG T 134 10.34 -32.18 63.09
C ARG T 134 10.38 -33.35 64.04
N PRO T 135 11.39 -34.21 63.88
CA PRO T 135 11.65 -35.28 64.82
C PRO T 135 11.57 -34.76 66.25
N PHE T 136 11.51 -35.65 67.22
CA PHE T 136 11.46 -35.22 68.60
C PHE T 136 12.85 -35.06 69.12
N GLY T 137 13.10 -33.98 69.84
CA GLY T 137 14.43 -33.72 70.32
C GLY T 137 14.78 -34.53 71.56
N VAL T 138 14.46 -35.81 71.55
CA VAL T 138 14.60 -36.57 72.78
C VAL T 138 15.16 -37.99 72.62
N SER T 139 15.99 -38.37 73.58
CA SER T 139 16.45 -39.75 73.75
C SER T 139 15.86 -40.28 75.06
N LEU T 140 15.54 -41.57 75.11
CA LEU T 140 14.84 -42.16 76.25
C LEU T 140 15.49 -43.43 76.79
N LEU T 141 15.33 -43.66 78.10
CA LEU T 141 15.80 -44.88 78.74
C LEU T 141 14.68 -45.67 79.42
N ILE T 142 14.21 -46.72 78.75
CA ILE T 142 13.09 -47.52 79.23
C ILE T 142 13.52 -48.90 79.73
N ALA T 143 13.30 -49.18 81.01
CA ALA T 143 13.64 -50.48 81.58
C ALA T 143 12.55 -50.94 82.51
N GLY T 144 12.49 -52.24 82.74
CA GLY T 144 11.44 -52.78 83.57
C GLY T 144 11.62 -54.27 83.69
N ILE T 145 10.51 -54.95 83.91
CA ILE T 145 10.60 -56.36 84.18
C ILE T 145 9.83 -57.14 83.14
N ASP T 146 10.54 -57.65 82.15
CA ASP T 146 9.90 -58.46 81.12
C ASP T 146 9.91 -59.91 81.56
N LYS T 147 8.91 -60.26 82.36
CA LYS T 147 8.79 -61.63 82.85
C LYS T 147 10.14 -62.08 83.36
N ASN T 148 10.42 -61.74 84.62
CA ASN T 148 11.68 -62.12 85.25
C ASN T 148 12.91 -61.49 84.60
N GLU T 149 12.78 -61.08 83.34
CA GLU T 149 13.90 -60.46 82.63
C GLU T 149 13.94 -58.93 82.86
N ALA T 150 14.96 -58.47 83.58
CA ALA T 150 15.17 -57.05 83.82
C ALA T 150 16.17 -56.46 82.81
N ARG T 151 15.67 -55.52 82.00
CA ARG T 151 16.42 -54.97 80.87
C ARG T 151 16.27 -53.45 80.70
N LEU T 152 17.15 -52.90 79.87
CA LEU T 152 17.27 -51.46 79.65
C LEU T 152 17.45 -51.12 78.17
N PHE T 153 16.79 -50.04 77.73
CA PHE T 153 16.82 -49.59 76.32
C PHE T 153 17.07 -48.07 76.14
N GLU T 154 17.85 -47.72 75.11
CA GLU T 154 18.10 -46.32 74.75
C GLU T 154 17.41 -46.04 73.42
N THR T 155 16.64 -44.96 73.35
CA THR T 155 16.06 -44.56 72.10
C THR T 155 16.82 -43.37 71.54
N ASP T 156 16.62 -43.07 70.27
CA ASP T 156 17.18 -41.84 69.72
C ASP T 156 16.16 -41.25 68.75
N PRO T 157 16.15 -39.93 68.58
CA PRO T 157 15.26 -39.24 67.65
C PRO T 157 15.21 -39.82 66.22
N SER T 158 15.01 -41.14 66.08
CA SER T 158 14.83 -41.82 64.80
C SER T 158 15.21 -43.29 64.89
N GLY T 159 14.45 -44.07 65.66
CA GLY T 159 14.73 -45.48 65.85
C GLY T 159 15.93 -45.75 66.74
N ALA T 160 15.98 -46.92 67.36
CA ALA T 160 17.06 -47.23 68.29
C ALA T 160 16.98 -48.65 68.85
N LEU T 161 17.58 -49.59 68.14
CA LEU T 161 17.67 -51.00 68.55
C LEU T 161 18.86 -51.28 69.52
N ILE T 162 18.93 -50.53 70.61
CA ILE T 162 20.07 -50.63 71.54
C ILE T 162 19.73 -51.07 72.94
N GLU T 163 19.88 -52.37 73.20
CA GLU T 163 19.64 -52.95 74.53
C GLU T 163 20.94 -52.96 75.32
N TYR T 164 21.08 -51.97 76.19
CA TYR T 164 22.28 -51.80 76.99
C TYR T 164 22.20 -52.58 78.29
N LYS T 165 23.37 -52.97 78.82
CA LYS T 165 23.48 -53.51 80.18
C LYS T 165 23.73 -52.34 81.13
N ALA T 166 23.89 -51.16 80.55
CA ALA T 166 23.98 -49.87 81.24
C ALA T 166 24.55 -48.80 80.31
N THR T 167 24.01 -47.59 80.39
CA THR T 167 24.46 -46.48 79.54
C THR T 167 23.98 -45.12 80.06
N ALA T 168 24.23 -44.07 79.31
CA ALA T 168 23.74 -42.77 79.72
C ALA T 168 23.53 -41.86 78.53
N ILE T 169 22.87 -40.75 78.75
CA ILE T 169 22.62 -39.84 77.65
C ILE T 169 22.56 -38.44 78.17
N GLY T 170 22.82 -37.48 77.27
CA GLY T 170 22.61 -36.07 77.56
C GLY T 170 23.88 -35.27 77.67
N SER T 171 23.88 -34.34 78.62
CA SER T 171 25.03 -33.48 78.88
C SER T 171 26.31 -34.31 78.89
N GLY T 172 26.65 -34.87 80.06
CA GLY T 172 27.84 -35.67 80.16
C GLY T 172 27.71 -37.05 79.57
N ARG T 173 27.29 -37.15 78.31
CA ARG T 173 27.22 -38.47 77.68
C ARG T 173 28.61 -39.09 77.67
N PRO T 174 29.52 -38.52 76.87
CA PRO T 174 30.81 -39.21 76.80
C PRO T 174 31.52 -39.30 78.17
N VAL T 175 31.27 -38.35 79.07
CA VAL T 175 31.94 -38.34 80.38
C VAL T 175 31.79 -39.67 81.10
N VAL T 176 30.56 -40.16 81.13
CA VAL T 176 30.24 -41.40 81.82
C VAL T 176 29.98 -42.56 80.85
N MET T 177 29.29 -42.31 79.74
CA MET T 177 29.02 -43.34 78.72
C MET T 177 30.36 -43.95 78.27
N GLU T 178 31.45 -43.46 78.85
CA GLU T 178 32.77 -44.03 78.61
C GLU T 178 33.47 -44.34 79.93
N LEU T 179 32.90 -43.83 81.02
CA LEU T 179 33.35 -44.24 82.34
C LEU T 179 32.92 -45.68 82.51
N LEU T 180 31.61 -45.90 82.42
CA LEU T 180 31.04 -47.24 82.50
C LEU T 180 31.76 -48.18 81.55
N GLU T 181 32.32 -47.60 80.48
CA GLU T 181 32.99 -48.33 79.40
C GLU T 181 33.92 -49.43 79.88
N LYS T 182 34.25 -49.42 81.16
CA LYS T 182 35.22 -50.36 81.71
C LYS T 182 34.67 -51.21 82.86
N GLU T 183 34.37 -50.56 83.97
CA GLU T 183 34.16 -51.26 85.24
C GLU T 183 32.80 -51.92 85.47
N TYR T 184 31.87 -51.81 84.53
CA TYR T 184 30.62 -52.56 84.68
C TYR T 184 30.93 -54.04 84.51
N ARG T 185 30.06 -54.88 85.08
CA ARG T 185 30.18 -56.32 84.95
C ARG T 185 28.80 -56.91 84.82
N ASP T 186 28.67 -57.94 84.00
CA ASP T 186 27.37 -58.59 83.80
C ASP T 186 26.98 -59.32 85.08
N ASP T 187 27.53 -58.87 86.20
CA ASP T 187 27.30 -59.47 87.50
C ASP T 187 26.76 -58.47 88.50
N ILE T 188 27.27 -57.24 88.45
CA ILE T 188 26.92 -56.18 89.40
C ILE T 188 25.47 -56.28 89.90
N THR T 189 25.28 -56.08 91.19
CA THR T 189 23.95 -56.24 91.78
C THR T 189 23.21 -54.91 91.79
N LEU T 190 22.13 -54.83 92.55
CA LEU T 190 21.42 -53.55 92.72
C LEU T 190 22.23 -52.57 93.58
N ASP T 191 22.43 -52.92 94.85
CA ASP T 191 23.19 -52.07 95.76
C ASP T 191 24.66 -51.94 95.35
N GLU T 192 25.03 -52.64 94.30
CA GLU T 192 26.39 -52.57 93.75
C GLU T 192 26.39 -51.56 92.62
N GLY T 193 25.26 -51.48 91.92
CA GLY T 193 25.02 -50.46 90.92
C GLY T 193 24.46 -49.22 91.60
N LEU T 194 24.04 -49.41 92.85
CA LEU T 194 23.75 -48.34 93.78
C LEU T 194 24.63 -47.16 93.41
N GLU T 195 25.84 -47.19 93.96
CA GLU T 195 26.85 -46.19 93.70
C GLU T 195 27.02 -45.96 92.19
N LEU T 196 27.06 -47.04 91.41
CA LEU T 196 27.41 -46.93 90.00
C LEU T 196 26.92 -45.69 89.29
N ALA T 197 25.62 -45.50 89.20
CA ALA T 197 25.13 -44.30 88.51
C ALA T 197 25.46 -43.02 89.28
N ILE T 198 25.34 -43.10 90.60
CA ILE T 198 25.64 -41.96 91.45
C ILE T 198 27.05 -41.45 91.16
N THR T 199 28.06 -42.18 91.65
CA THR T 199 29.45 -41.83 91.42
C THR T 199 29.62 -41.36 89.99
N ALA T 200 29.11 -42.16 89.05
CA ALA T 200 29.15 -41.79 87.65
C ALA T 200 28.59 -40.39 87.46
N LEU T 201 27.28 -40.26 87.67
CA LEU T 201 26.60 -38.99 87.47
C LEU T 201 27.40 -37.79 88.01
N THR T 202 28.08 -38.00 89.14
CA THR T 202 28.90 -36.95 89.74
C THR T 202 30.03 -36.51 88.81
N LYS T 203 30.71 -37.48 88.19
CA LYS T 203 31.83 -37.19 87.29
C LYS T 203 31.47 -36.12 86.26
N ALA T 204 30.25 -36.19 85.74
CA ALA T 204 29.80 -35.20 84.76
C ALA T 204 29.42 -33.86 85.41
N ASN T 205 28.82 -33.91 86.58
CA ASN T 205 28.47 -32.68 87.31
C ASN T 205 29.30 -32.46 88.58
N GLU T 206 30.41 -31.74 88.44
CA GLU T 206 31.15 -31.31 89.61
C GLU T 206 30.18 -30.46 90.41
N ASP T 207 29.83 -30.91 91.60
CA ASP T 207 28.91 -30.18 92.45
C ASP T 207 27.46 -30.34 92.01
N ILE T 208 26.81 -31.34 92.58
CA ILE T 208 25.42 -31.63 92.29
C ILE T 208 24.66 -31.63 93.59
N LYS T 209 23.63 -30.80 93.68
CA LYS T 209 22.80 -30.78 94.88
C LYS T 209 22.31 -32.18 95.23
N PRO T 210 22.02 -32.41 96.52
CA PRO T 210 21.44 -33.69 96.95
C PRO T 210 19.91 -33.67 96.92
N GLU T 211 19.34 -33.48 95.73
CA GLU T 211 17.90 -33.46 95.45
C GLU T 211 17.73 -32.89 94.04
N ASN T 212 18.90 -32.67 93.43
CA ASN T 212 19.02 -32.28 92.03
C ASN T 212 18.95 -33.56 91.21
N VAL T 213 18.77 -34.68 91.92
CA VAL T 213 18.77 -35.98 91.29
C VAL T 213 17.55 -36.84 91.65
N ASP T 214 17.25 -37.82 90.81
CA ASP T 214 16.08 -38.68 91.00
C ASP T 214 16.40 -40.16 90.84
N VAL T 215 15.90 -40.98 91.76
CA VAL T 215 16.29 -42.36 91.86
C VAL T 215 15.07 -43.24 91.76
N CYS T 216 15.00 -44.09 90.75
CA CYS T 216 13.83 -44.94 90.58
C CYS T 216 14.23 -46.41 90.46
N ILE T 217 13.72 -47.26 91.35
CA ILE T 217 14.20 -48.63 91.44
C ILE T 217 13.15 -49.67 91.15
N ILE T 218 13.39 -50.47 90.12
CA ILE T 218 12.49 -51.57 89.84
C ILE T 218 13.25 -52.85 90.13
N THR T 219 12.83 -53.58 91.14
CA THR T 219 13.41 -54.89 91.42
C THR T 219 12.68 -55.93 90.61
N VAL T 220 13.42 -56.92 90.11
CA VAL T 220 12.83 -58.04 89.37
C VAL T 220 12.16 -59.02 90.36
N LYS T 221 12.48 -58.83 91.63
CA LYS T 221 12.12 -59.73 92.72
C LYS T 221 10.65 -59.56 93.13
N ASP T 222 9.87 -58.93 92.25
CA ASP T 222 8.53 -58.46 92.59
C ASP T 222 7.83 -57.75 91.44
N ALA T 223 8.55 -57.50 90.35
CA ALA T 223 8.00 -56.77 89.21
C ALA T 223 7.43 -55.40 89.62
N GLN T 224 8.17 -54.69 90.46
CA GLN T 224 7.62 -53.50 91.05
C GLN T 224 8.60 -52.33 91.06
N PHE T 225 8.00 -51.14 90.99
CA PHE T 225 8.73 -49.88 90.88
C PHE T 225 8.74 -49.16 92.24
N LYS T 226 9.92 -48.67 92.64
CA LYS T 226 10.08 -48.01 93.94
C LYS T 226 10.77 -46.63 93.83
N LYS T 227 10.75 -45.88 94.94
CA LYS T 227 11.34 -44.55 95.01
C LYS T 227 12.48 -44.46 96.03
N ILE T 228 13.43 -43.55 95.78
CA ILE T 228 14.47 -43.24 96.75
C ILE T 228 14.35 -41.80 97.25
N PRO T 229 14.32 -41.65 98.58
CA PRO T 229 14.19 -40.36 99.27
C PRO T 229 15.50 -39.57 99.27
N VAL T 230 15.36 -38.25 99.42
CA VAL T 230 16.49 -37.33 99.52
C VAL T 230 17.36 -37.65 100.73
N GLU T 231 18.68 -37.47 100.57
CA GLU T 231 19.67 -37.81 101.62
C GLU T 231 20.17 -39.27 101.52
N GLU T 232 19.33 -40.17 101.01
CA GLU T 232 19.80 -41.48 100.57
C GLU T 232 20.68 -41.13 99.41
N ILE T 233 20.13 -40.30 98.53
CA ILE T 233 20.86 -39.58 97.49
C ILE T 233 22.17 -39.00 98.01
N LYS T 234 22.07 -38.18 99.07
CA LYS T 234 23.23 -37.50 99.61
C LYS T 234 24.20 -38.48 100.28
N LYS T 235 23.68 -39.27 101.21
CA LYS T 235 24.50 -40.18 101.98
C LYS T 235 25.20 -41.21 101.12
N LEU T 236 25.06 -41.07 99.80
CA LEU T 236 25.78 -41.91 98.85
C LEU T 236 26.59 -41.05 97.87
N ILE T 237 26.21 -39.79 97.74
CA ILE T 237 26.99 -38.83 96.96
C ILE T 237 28.20 -38.45 97.80
N GLU T 238 28.32 -39.10 98.95
CA GLU T 238 29.42 -38.85 99.85
C GLU T 238 30.61 -39.72 99.47
N LYS T 239 30.34 -40.96 99.07
CA LYS T 239 31.38 -41.83 98.49
C LYS T 239 31.73 -41.22 97.13
N VAL T 240 32.45 -40.10 97.19
CA VAL T 240 32.61 -39.22 96.04
C VAL T 240 33.80 -38.29 96.25
N LYS T 241 33.91 -37.73 97.44
CA LYS T 241 35.06 -36.89 97.77
C LYS T 241 36.28 -37.76 97.73
N LYS T 242 36.06 -39.06 97.69
CA LYS T 242 37.14 -40.02 97.53
C LYS T 242 37.43 -40.40 96.08
N LYS T 243 37.01 -39.56 95.14
CA LYS T 243 37.23 -39.85 93.73
C LYS T 243 37.91 -38.69 92.99
N LEU T 244 38.00 -37.54 93.65
CA LEU T 244 38.64 -36.35 93.07
C LEU T 244 40.11 -36.30 93.41
N ASN T 245 40.89 -37.23 92.86
CA ASN T 245 42.22 -37.42 93.38
C ASN T 245 43.19 -38.21 92.51
N GLU T 246 44.09 -37.49 91.83
CA GLU T 246 45.11 -38.10 90.98
C GLU T 246 44.48 -39.04 89.99
N GLU T 247 43.15 -39.01 89.97
CA GLU T 247 42.35 -39.76 89.01
C GLU T 247 41.95 -38.82 87.89
N ILE U 16 7.34 -32.39 46.15
CA ILE U 16 8.23 -31.89 47.19
C ILE U 16 9.36 -32.91 47.53
N THR U 17 9.60 -33.91 46.64
CA THR U 17 10.76 -34.82 46.72
C THR U 17 11.96 -34.40 45.85
N VAL U 18 12.02 -34.90 44.61
CA VAL U 18 13.10 -34.50 43.73
C VAL U 18 12.92 -35.09 42.36
N PHE U 19 13.72 -34.62 41.41
CA PHE U 19 14.13 -35.41 40.24
C PHE U 19 15.40 -34.81 39.62
N SER U 20 16.31 -35.66 39.16
CA SER U 20 17.60 -35.23 38.66
C SER U 20 17.48 -34.41 37.39
N PRO U 21 18.58 -33.80 36.98
CA PRO U 21 18.60 -32.91 35.80
C PRO U 21 19.01 -33.59 34.50
N GLU U 22 19.28 -34.88 34.55
CA GLU U 22 19.70 -35.59 33.36
C GLU U 22 19.84 -37.08 33.54
N GLY U 23 18.70 -37.76 33.72
CA GLY U 23 18.67 -39.21 33.78
C GLY U 23 18.53 -39.82 35.16
N ARG U 24 19.50 -39.54 36.03
CA ARG U 24 19.54 -40.09 37.40
C ARG U 24 18.42 -39.52 38.28
N LEU U 25 18.60 -39.61 39.59
CA LEU U 25 17.59 -39.12 40.52
C LEU U 25 18.17 -38.70 41.87
N TYR U 26 17.89 -37.45 42.25
CA TYR U 26 18.48 -36.86 43.44
C TYR U 26 18.45 -37.76 44.67
N GLN U 27 17.52 -37.47 45.58
CA GLN U 27 17.47 -38.17 46.85
C GLN U 27 17.89 -39.64 46.72
N VAL U 28 17.22 -40.36 45.82
CA VAL U 28 17.32 -41.82 45.81
C VAL U 28 18.76 -42.27 45.96
N GLU U 29 19.63 -41.79 45.07
CA GLU U 29 21.01 -42.23 45.10
C GLU U 29 21.63 -41.82 46.42
N TYR U 30 21.33 -40.61 46.88
CA TYR U 30 21.84 -40.18 48.19
C TYR U 30 21.47 -41.23 49.24
N ALA U 31 20.25 -41.74 49.18
CA ALA U 31 19.81 -42.76 50.13
C ALA U 31 20.61 -44.04 49.96
N ARG U 32 20.98 -44.35 48.72
CA ARG U 32 21.84 -45.51 48.47
C ARG U 32 23.06 -45.44 49.38
N GLU U 33 23.82 -44.37 49.28
CA GLU U 33 25.07 -44.20 50.03
C GLU U 33 24.91 -44.66 51.46
N ALA U 34 23.89 -44.13 52.13
CA ALA U 34 23.52 -44.54 53.49
C ALA U 34 23.76 -46.02 53.74
N VAL U 35 23.26 -46.85 52.83
CA VAL U 35 23.46 -48.28 52.89
C VAL U 35 24.93 -48.69 52.72
N ARG U 36 25.54 -48.28 51.60
CA ARG U 36 26.92 -48.68 51.33
C ARG U 36 27.78 -48.30 52.50
N ARG U 37 27.18 -47.57 53.43
CA ARG U 37 27.84 -47.12 54.65
C ARG U 37 27.44 -48.00 55.85
N GLY U 38 26.23 -48.55 55.80
CA GLY U 38 25.70 -49.39 56.86
C GLY U 38 26.49 -50.65 57.09
N THR U 39 25.95 -51.57 57.91
CA THR U 39 26.62 -52.83 58.19
C THR U 39 26.44 -53.81 57.05
N THR U 40 27.51 -54.52 56.71
CA THR U 40 27.47 -55.42 55.58
C THR U 40 26.58 -56.60 55.91
N ALA U 41 26.20 -57.37 54.89
CA ALA U 41 25.41 -58.58 55.10
C ALA U 41 25.48 -59.41 53.85
N ILE U 42 25.57 -60.73 54.00
CA ILE U 42 25.64 -61.61 52.84
C ILE U 42 24.55 -62.68 52.86
N GLY U 43 24.05 -62.99 51.67
CA GLY U 43 23.02 -64.00 51.50
C GLY U 43 23.37 -64.85 50.31
N ILE U 44 23.14 -66.16 50.44
CA ILE U 44 23.49 -67.09 49.39
C ILE U 44 22.38 -68.08 49.18
N ALA U 45 22.06 -68.32 47.92
CA ALA U 45 21.07 -69.31 47.56
C ALA U 45 21.73 -70.68 47.46
N CYS U 46 21.08 -71.60 46.75
CA CYS U 46 21.66 -72.90 46.47
C CYS U 46 20.65 -73.86 45.88
N LYS U 47 20.58 -75.02 46.51
CA LYS U 47 19.80 -76.13 46.02
C LYS U 47 19.39 -76.96 47.23
N ASP U 48 19.87 -76.57 48.41
CA ASP U 48 19.56 -77.30 49.64
C ASP U 48 18.73 -76.43 50.55
N GLY U 49 18.55 -75.17 50.14
CA GLY U 49 17.77 -74.23 50.93
C GLY U 49 18.29 -72.83 50.67
N VAL U 50 18.49 -72.09 51.75
CA VAL U 50 19.03 -70.75 51.63
C VAL U 50 19.43 -70.19 53.00
N VAL U 51 20.55 -69.46 53.05
CA VAL U 51 21.07 -68.95 54.30
C VAL U 51 21.69 -67.55 54.24
N LEU U 52 21.52 -66.83 55.34
CA LEU U 52 21.93 -65.46 55.50
C LEU U 52 22.91 -65.29 56.65
N ALA U 53 23.47 -64.09 56.70
CA ALA U 53 24.45 -63.74 57.71
C ALA U 53 24.88 -62.29 57.58
N VAL U 54 25.24 -61.72 58.71
CA VAL U 54 25.54 -60.32 58.76
C VAL U 54 26.70 -60.08 59.70
N ASP U 55 27.49 -59.07 59.38
CA ASP U 55 28.61 -58.63 60.21
C ASP U 55 28.29 -57.38 61.02
N ARG U 56 27.45 -57.55 62.04
CA ARG U 56 27.28 -56.53 63.05
C ARG U 56 28.69 -56.06 63.37
N ARG U 57 28.85 -54.81 63.76
CA ARG U 57 30.19 -54.36 64.09
C ARG U 57 30.23 -53.80 65.50
N ILE U 58 29.41 -54.39 66.37
CA ILE U 58 29.30 -53.97 67.77
C ILE U 58 30.68 -53.69 68.33
N THR U 59 31.00 -52.43 68.39
CA THR U 59 32.29 -52.00 68.87
C THR U 59 32.37 -52.23 70.37
N SER U 60 31.92 -51.26 71.15
CA SER U 60 31.88 -51.38 72.60
C SER U 60 31.11 -52.63 73.01
N LYS U 61 31.55 -53.27 74.08
CA LYS U 61 30.92 -54.51 74.48
C LYS U 61 29.92 -54.26 75.60
N LEU U 62 29.30 -53.09 75.60
CA LEU U 62 28.34 -52.72 76.64
C LEU U 62 26.92 -52.98 76.21
N VAL U 63 26.75 -53.51 75.01
CA VAL U 63 25.41 -53.69 74.50
C VAL U 63 25.14 -55.16 74.27
N LYS U 64 24.00 -55.62 74.79
CA LYS U 64 23.55 -57.00 74.63
C LYS U 64 23.37 -57.36 73.13
N ILE U 65 24.31 -58.13 72.58
CA ILE U 65 24.33 -58.47 71.15
C ILE U 65 22.99 -58.98 70.64
N ARG U 66 22.07 -59.19 71.56
CA ARG U 66 20.77 -59.73 71.22
C ARG U 66 19.80 -58.63 70.80
N SER U 67 20.17 -57.37 71.01
CA SER U 67 19.28 -56.28 70.59
C SER U 67 19.59 -55.81 69.19
N ILE U 68 20.85 -55.97 68.79
CA ILE U 68 21.27 -55.58 67.45
C ILE U 68 20.64 -56.52 66.42
N GLU U 69 19.41 -56.20 66.03
CA GLU U 69 18.67 -57.04 65.09
C GLU U 69 19.01 -56.69 63.64
N LYS U 70 19.55 -57.68 62.94
CA LYS U 70 20.06 -57.48 61.61
C LYS U 70 19.41 -58.45 60.61
N ILE U 71 18.86 -59.55 61.12
CA ILE U 71 18.08 -60.50 60.31
C ILE U 71 16.70 -60.74 60.96
N PHE U 72 15.63 -60.60 60.18
CA PHE U 72 14.28 -60.77 60.70
C PHE U 72 13.56 -61.94 60.07
N GLN U 73 12.71 -62.59 60.86
CA GLN U 73 11.80 -63.57 60.31
C GLN U 73 10.54 -62.88 59.81
N ILE U 74 10.00 -63.41 58.71
CA ILE U 74 8.88 -62.81 58.02
C ILE U 74 7.71 -63.80 57.98
N ASP U 75 8.02 -65.07 58.17
CA ASP U 75 7.00 -66.09 58.23
C ASP U 75 7.74 -67.39 58.53
N ASP U 76 7.01 -68.49 58.66
CA ASP U 76 7.58 -69.79 59.00
C ASP U 76 8.58 -70.31 57.95
N HIS U 77 8.56 -69.70 56.76
CA HIS U 77 9.29 -70.24 55.61
C HIS U 77 10.17 -69.21 54.93
N VAL U 78 9.95 -67.95 55.27
CA VAL U 78 10.71 -66.89 54.64
C VAL U 78 11.16 -65.85 55.69
N ALA U 79 12.37 -65.34 55.51
CA ALA U 79 12.93 -64.31 56.38
C ALA U 79 13.98 -63.43 55.63
N ALA U 80 14.26 -62.25 56.16
CA ALA U 80 15.15 -61.31 55.47
C ALA U 80 16.14 -60.64 56.42
N ALA U 81 17.20 -60.05 55.85
CA ALA U 81 18.26 -59.33 56.59
C ALA U 81 18.40 -57.87 56.18
N THR U 82 18.63 -57.00 57.17
CA THR U 82 18.64 -55.54 56.95
C THR U 82 20.03 -54.91 56.72
N SER U 83 20.07 -53.81 56.00
CA SER U 83 21.33 -53.09 55.78
C SER U 83 21.03 -51.65 55.40
N GLY U 84 21.46 -50.75 56.26
CA GLY U 84 21.08 -49.37 56.16
C GLY U 84 20.79 -48.91 57.57
N LEU U 85 20.01 -47.85 57.72
CA LEU U 85 19.69 -47.36 59.05
C LEU U 85 18.60 -48.18 59.70
N VAL U 86 18.77 -48.50 60.98
CA VAL U 86 17.78 -49.29 61.71
C VAL U 86 16.45 -48.56 61.96
N ALA U 87 16.42 -47.24 61.77
CA ALA U 87 15.16 -46.53 61.84
C ALA U 87 14.23 -47.05 60.78
N ASP U 88 14.72 -47.17 59.56
CA ASP U 88 13.92 -47.66 58.45
C ASP U 88 14.09 -49.16 58.28
N ALA U 89 14.68 -49.81 59.26
CA ALA U 89 14.82 -51.27 59.23
C ALA U 89 13.54 -51.91 59.69
N ARG U 90 13.28 -51.80 61.00
CA ARG U 90 12.06 -52.34 61.59
C ARG U 90 10.84 -51.95 60.80
N VAL U 91 10.62 -50.64 60.63
CA VAL U 91 9.39 -50.13 60.01
C VAL U 91 9.05 -50.86 58.72
N LEU U 92 10.05 -51.18 57.91
CA LEU U 92 9.81 -51.94 56.70
C LEU U 92 9.38 -53.36 57.06
N ILE U 93 10.01 -53.95 58.07
CA ILE U 93 9.73 -55.33 58.44
C ILE U 93 8.38 -55.59 59.19
N ASP U 94 8.17 -54.97 60.34
CA ASP U 94 6.86 -55.01 61.01
C ASP U 94 5.78 -54.48 60.07
N ARG U 95 5.95 -54.71 58.77
CA ARG U 95 5.02 -54.26 57.76
C ARG U 95 5.12 -55.19 56.58
N ALA U 96 6.30 -55.74 56.36
CA ALA U 96 6.39 -56.80 55.41
C ALA U 96 5.81 -57.94 56.19
N ARG U 97 6.18 -58.01 57.45
CA ARG U 97 5.67 -59.04 58.32
C ARG U 97 4.16 -59.00 58.26
N LEU U 98 3.65 -57.82 57.91
CA LEU U 98 2.22 -57.59 57.72
C LEU U 98 1.75 -58.10 56.36
N GLU U 99 2.23 -57.48 55.29
CA GLU U 99 1.74 -57.83 53.96
C GLU U 99 1.92 -59.32 53.65
N ALA U 100 2.50 -60.05 54.61
CA ALA U 100 2.76 -61.47 54.43
C ALA U 100 1.71 -62.34 55.10
N GLN U 101 1.17 -61.85 56.21
CA GLN U 101 0.10 -62.54 56.91
C GLN U 101 -1.25 -62.11 56.38
N ILE U 102 -1.31 -60.95 55.76
CA ILE U 102 -2.52 -60.52 55.07
C ILE U 102 -2.75 -61.45 53.92
N TYR U 103 -1.76 -61.56 53.06
CA TYR U 103 -1.87 -62.42 51.91
C TYR U 103 -2.30 -63.82 52.32
N ARG U 104 -1.66 -64.39 53.34
CA ARG U 104 -1.98 -65.77 53.76
C ARG U 104 -3.41 -65.89 54.24
N LEU U 105 -4.09 -64.77 54.39
CA LEU U 105 -5.41 -64.77 54.98
C LEU U 105 -6.49 -64.62 53.92
N THR U 106 -6.14 -63.94 52.85
CA THR U 106 -7.05 -63.71 51.76
C THR U 106 -6.74 -64.67 50.63
N TYR U 107 -6.20 -65.83 50.97
CA TYR U 107 -5.90 -66.86 49.98
C TYR U 107 -5.72 -68.17 50.68
N GLY U 108 -4.84 -68.14 51.68
CA GLY U 108 -4.44 -69.34 52.38
C GLY U 108 -2.97 -69.64 52.17
N GLU U 109 -2.50 -69.46 50.94
CA GLU U 109 -1.13 -69.81 50.59
C GLU U 109 -0.08 -69.11 51.44
N GLU U 110 0.92 -69.87 51.87
CA GLU U 110 2.13 -69.24 52.36
C GLU U 110 2.62 -68.36 51.23
N ILE U 111 2.53 -67.04 51.45
CA ILE U 111 2.74 -66.00 50.44
C ILE U 111 4.02 -66.14 49.60
N SER U 112 3.86 -66.08 48.29
CA SER U 112 4.99 -66.24 47.37
C SER U 112 6.09 -65.25 47.72
N ILE U 113 7.34 -65.71 47.70
CA ILE U 113 8.48 -64.83 48.01
C ILE U 113 8.75 -63.82 46.90
N GLU U 114 8.58 -64.24 45.65
CA GLU U 114 8.73 -63.31 44.53
C GLU U 114 7.66 -62.23 44.65
N MET U 115 6.61 -62.52 45.41
CA MET U 115 5.52 -61.56 45.60
C MET U 115 5.70 -60.66 46.84
N LEU U 116 5.97 -61.25 48.00
CA LEU U 116 6.19 -60.48 49.22
C LEU U 116 7.16 -59.37 48.92
N ALA U 117 8.23 -59.75 48.23
CA ALA U 117 9.32 -58.85 47.83
C ALA U 117 8.84 -57.74 46.90
N LYS U 118 8.38 -58.13 45.72
CA LYS U 118 7.78 -57.16 44.80
C LYS U 118 6.77 -56.27 45.55
N LYS U 119 6.32 -56.69 46.73
CA LYS U 119 5.38 -55.87 47.50
C LYS U 119 6.10 -54.74 48.19
N ILE U 120 6.77 -55.06 49.29
CA ILE U 120 7.45 -54.04 50.05
C ILE U 120 8.43 -53.30 49.14
N CYS U 121 8.79 -53.90 48.02
CA CYS U 121 9.71 -53.23 47.12
C CYS U 121 9.00 -52.25 46.21
N ASP U 122 7.67 -52.37 46.15
CA ASP U 122 6.84 -51.43 45.41
C ASP U 122 6.57 -50.22 46.28
N ILE U 123 6.17 -50.51 47.51
CA ILE U 123 6.03 -49.48 48.52
C ILE U 123 7.25 -48.56 48.50
N LYS U 124 8.43 -49.14 48.73
CA LYS U 124 9.68 -48.38 48.86
C LYS U 124 9.86 -47.47 47.67
N GLN U 125 9.31 -47.92 46.56
CA GLN U 125 9.29 -47.17 45.31
C GLN U 125 8.34 -45.97 45.37
N ALA U 126 7.14 -46.15 45.90
CA ALA U 126 6.18 -45.06 45.95
C ALA U 126 6.64 -44.01 46.94
N TYR U 127 7.50 -44.42 47.86
CA TYR U 127 8.13 -43.48 48.76
C TYR U 127 9.20 -42.68 48.03
N THR U 128 9.30 -42.91 46.72
CA THR U 128 10.33 -42.26 45.94
C THR U 128 9.79 -41.10 45.15
N GLN U 129 8.61 -41.25 44.59
CA GLN U 129 8.11 -40.26 43.64
C GLN U 129 6.97 -39.48 44.23
N HIS U 130 6.83 -39.52 45.55
CA HIS U 130 5.69 -38.86 46.16
C HIS U 130 6.03 -37.67 47.06
N GLY U 131 5.21 -36.63 46.97
CA GLY U 131 5.46 -35.39 47.66
C GLY U 131 5.67 -35.56 49.15
N GLY U 132 6.77 -35.02 49.64
CA GLY U 132 6.99 -34.90 51.07
C GLY U 132 7.32 -36.19 51.78
N VAL U 133 8.35 -36.88 51.33
CA VAL U 133 8.78 -38.04 52.07
C VAL U 133 10.04 -38.66 51.51
N ARG U 134 10.96 -38.95 52.42
CA ARG U 134 12.30 -39.41 52.08
C ARG U 134 12.32 -40.93 51.96
N PRO U 135 12.70 -41.43 50.79
CA PRO U 135 12.76 -42.88 50.60
C PRO U 135 13.54 -43.56 51.72
N PHE U 136 13.38 -44.88 51.82
CA PHE U 136 13.99 -45.60 52.91
C PHE U 136 15.46 -45.81 52.66
N GLY U 137 16.24 -45.62 53.70
CA GLY U 137 17.66 -45.84 53.62
C GLY U 137 18.00 -47.28 53.90
N VAL U 138 17.59 -48.16 53.01
CA VAL U 138 17.91 -49.55 53.24
C VAL U 138 17.87 -50.36 51.96
N SER U 139 18.69 -51.40 51.95
CA SER U 139 18.53 -52.45 50.98
C SER U 139 18.19 -53.72 51.77
N LEU U 140 17.60 -54.70 51.11
CA LEU U 140 17.17 -55.90 51.82
C LEU U 140 17.67 -57.17 51.17
N LEU U 141 17.72 -58.22 51.98
CA LEU U 141 17.98 -59.56 51.48
C LEU U 141 16.90 -60.52 52.00
N ILE U 142 16.00 -60.92 51.12
CA ILE U 142 14.89 -61.76 51.52
C ILE U 142 15.07 -63.16 50.96
N ALA U 143 15.00 -64.17 51.83
CA ALA U 143 15.16 -65.55 51.35
C ALA U 143 14.31 -66.57 52.11
N GLY U 144 13.84 -67.58 51.39
CA GLY U 144 12.98 -68.58 51.97
C GLY U 144 12.71 -69.71 51.00
N ILE U 145 11.54 -70.33 51.14
CA ILE U 145 11.21 -71.50 50.35
C ILE U 145 9.94 -71.31 49.56
N ASP U 146 10.10 -71.03 48.28
CA ASP U 146 8.95 -70.86 47.42
C ASP U 146 8.55 -72.19 46.78
N LYS U 147 7.90 -73.05 47.56
CA LYS U 147 7.39 -74.30 47.04
C LYS U 147 8.50 -75.14 46.45
N ASN U 148 9.42 -75.59 47.32
CA ASN U 148 10.58 -76.39 46.91
C ASN U 148 11.74 -75.60 46.32
N GLU U 149 11.43 -74.41 45.80
CA GLU U 149 12.42 -73.54 45.20
C GLU U 149 12.90 -72.59 46.29
N ALA U 150 14.17 -72.70 46.65
CA ALA U 150 14.77 -71.81 47.64
C ALA U 150 15.52 -70.64 46.98
N ARG U 151 15.01 -69.43 47.18
CA ARG U 151 15.47 -68.28 46.42
C ARG U 151 15.96 -67.13 47.30
N LEU U 152 16.55 -66.14 46.65
CA LEU U 152 17.15 -65.00 47.32
C LEU U 152 16.93 -63.74 46.47
N PHE U 153 16.64 -62.62 47.14
CA PHE U 153 16.39 -61.33 46.48
C PHE U 153 17.07 -60.17 47.18
N GLU U 154 17.37 -59.12 46.42
CA GLU U 154 17.96 -57.91 46.97
C GLU U 154 17.09 -56.69 46.62
N THR U 155 16.67 -55.93 47.63
CA THR U 155 15.85 -54.74 47.37
C THR U 155 16.73 -53.52 47.28
N ASP U 156 16.13 -52.41 46.84
CA ASP U 156 16.85 -51.14 46.65
C ASP U 156 15.89 -50.00 46.98
N PRO U 157 16.39 -48.92 47.62
CA PRO U 157 15.56 -47.76 47.96
C PRO U 157 14.76 -47.16 46.81
N SER U 158 14.52 -47.95 45.76
CA SER U 158 13.53 -47.65 44.74
C SER U 158 13.38 -48.83 43.77
N GLY U 159 12.64 -49.85 44.17
CA GLY U 159 12.42 -51.03 43.36
C GLY U 159 13.65 -51.90 43.20
N ALA U 160 13.44 -53.22 43.06
CA ALA U 160 14.53 -54.18 42.90
C ALA U 160 14.12 -55.61 42.45
N LEU U 161 14.07 -55.78 41.13
CA LEU U 161 13.81 -57.09 40.53
C LEU U 161 15.08 -57.94 40.44
N ILE U 162 15.86 -57.99 41.53
CA ILE U 162 17.14 -58.73 41.50
C ILE U 162 17.16 -60.01 42.35
N GLU U 163 16.99 -61.15 41.68
CA GLU U 163 17.00 -62.46 42.33
C GLU U 163 18.32 -63.17 42.13
N TYR U 164 19.18 -63.11 43.14
CA TYR U 164 20.55 -63.61 43.05
C TYR U 164 20.62 -65.06 43.44
N LYS U 165 21.67 -65.72 42.99
CA LYS U 165 21.99 -67.06 43.45
C LYS U 165 22.80 -66.86 44.72
N ALA U 166 23.18 -65.60 44.95
CA ALA U 166 23.94 -65.17 46.13
C ALA U 166 24.59 -63.79 45.96
N THR U 167 24.42 -62.92 46.96
CA THR U 167 24.97 -61.57 46.91
C THR U 167 25.17 -60.99 48.31
N ALA U 168 25.55 -59.71 48.38
CA ALA U 168 25.80 -59.01 49.64
C ALA U 168 25.60 -57.49 49.57
N ILE U 169 25.42 -56.84 50.72
CA ILE U 169 25.27 -55.40 50.74
C ILE U 169 25.89 -54.81 51.96
N GLY U 170 26.12 -53.52 51.88
CA GLY U 170 26.57 -52.74 53.02
C GLY U 170 28.03 -52.29 52.96
N SER U 171 28.67 -52.37 54.13
CA SER U 171 30.07 -52.06 54.30
C SER U 171 30.87 -52.52 53.11
N GLY U 172 31.39 -53.73 53.19
CA GLY U 172 32.24 -54.27 52.15
C GLY U 172 31.46 -54.88 51.00
N ARG U 173 30.51 -54.13 50.45
CA ARG U 173 29.82 -54.61 49.27
C ARG U 173 30.88 -55.14 48.30
N PRO U 174 31.70 -54.24 47.75
CA PRO U 174 32.65 -54.62 46.70
C PRO U 174 33.68 -55.65 47.17
N VAL U 175 33.93 -55.71 48.47
CA VAL U 175 34.91 -56.67 48.97
C VAL U 175 34.51 -58.06 48.56
N VAL U 176 33.29 -58.45 48.96
CA VAL U 176 32.80 -59.80 48.71
C VAL U 176 31.87 -59.88 47.50
N MET U 177 31.07 -58.85 47.25
CA MET U 177 30.16 -58.79 46.08
C MET U 177 30.99 -58.96 44.79
N GLU U 178 32.32 -58.97 44.98
CA GLU U 178 33.32 -59.20 43.91
C GLU U 178 34.33 -60.28 44.33
N LEU U 179 34.11 -60.84 45.51
CA LEU U 179 34.75 -62.08 45.91
C LEU U 179 33.86 -63.19 45.36
N LEU U 180 32.62 -63.22 45.83
CA LEU U 180 31.63 -64.15 45.32
C LEU U 180 31.79 -64.25 43.81
N GLU U 181 32.11 -63.13 43.18
CA GLU U 181 32.12 -62.98 41.71
C GLU U 181 32.74 -64.11 40.90
N LYS U 182 33.41 -65.04 41.58
CA LYS U 182 34.10 -66.10 40.86
C LYS U 182 33.74 -67.54 41.32
N GLU U 183 34.09 -67.88 42.57
CA GLU U 183 34.05 -69.26 43.09
C GLU U 183 32.69 -69.83 43.48
N TYR U 184 31.63 -69.05 43.33
CA TYR U 184 30.29 -69.58 43.55
C TYR U 184 29.96 -70.58 42.46
N ARG U 185 28.97 -71.42 42.72
CA ARG U 185 28.60 -72.47 41.78
C ARG U 185 27.11 -72.80 41.89
N ASP U 186 26.44 -72.94 40.74
CA ASP U 186 25.05 -73.33 40.72
C ASP U 186 24.93 -74.76 41.21
N ASP U 187 25.88 -75.15 42.04
CA ASP U 187 25.89 -76.47 42.60
C ASP U 187 26.03 -76.41 44.11
N ILE U 188 26.83 -75.45 44.58
CA ILE U 188 27.19 -75.36 46.01
C ILE U 188 26.05 -75.75 46.93
N THR U 189 26.36 -76.55 47.95
CA THR U 189 25.36 -77.05 48.88
C THR U 189 25.27 -76.13 50.09
N LEU U 190 24.49 -76.54 51.08
CA LEU U 190 24.34 -75.75 52.29
C LEU U 190 25.65 -75.70 53.05
N ASP U 191 26.14 -76.87 53.44
CA ASP U 191 27.41 -76.97 54.13
C ASP U 191 28.58 -76.72 53.20
N GLU U 192 28.26 -76.32 51.96
CA GLU U 192 29.28 -75.87 51.03
C GLU U 192 29.29 -74.35 51.04
N GLY U 193 28.11 -73.78 51.27
CA GLY U 193 27.96 -72.34 51.40
C GLY U 193 28.22 -71.93 52.83
N LEU U 194 28.19 -72.93 53.71
CA LEU U 194 28.62 -72.77 55.09
C LEU U 194 29.68 -71.69 55.17
N GLU U 195 30.90 -72.05 54.77
CA GLU U 195 32.07 -71.18 54.82
C GLU U 195 31.96 -69.99 53.87
N LEU U 196 31.26 -70.18 52.76
CA LEU U 196 31.18 -69.14 51.75
C LEU U 196 30.96 -67.80 52.40
N ALA U 197 29.80 -67.63 53.02
CA ALA U 197 29.49 -66.38 53.69
C ALA U 197 30.53 -66.01 54.76
N ILE U 198 30.79 -66.93 55.68
CA ILE U 198 31.72 -66.69 56.79
C ILE U 198 33.06 -66.15 56.28
N THR U 199 33.68 -66.91 55.39
CA THR U 199 34.97 -66.55 54.81
C THR U 199 34.93 -65.18 54.15
N ALA U 200 33.93 -64.96 53.31
CA ALA U 200 33.74 -63.68 52.63
C ALA U 200 33.68 -62.56 53.65
N LEU U 201 32.67 -62.63 54.52
CA LEU U 201 32.47 -61.59 55.53
C LEU U 201 33.80 -61.25 56.19
N THR U 202 34.64 -62.27 56.38
CA THR U 202 35.92 -62.05 57.03
C THR U 202 36.82 -61.17 56.17
N LYS U 203 36.74 -61.37 54.86
CA LYS U 203 37.50 -60.55 53.93
C LYS U 203 37.26 -59.06 54.22
N ALA U 204 36.02 -58.62 54.25
CA ALA U 204 35.74 -57.19 54.48
C ALA U 204 36.01 -56.73 55.92
N ASN U 205 35.74 -57.61 56.88
CA ASN U 205 36.07 -57.35 58.27
C ASN U 205 37.27 -58.16 58.72
N GLU U 206 38.46 -57.62 58.47
CA GLU U 206 39.62 -58.11 59.16
C GLU U 206 39.25 -58.01 60.63
N ASP U 207 39.25 -59.13 61.36
CA ASP U 207 39.00 -59.11 62.82
C ASP U 207 37.53 -58.87 63.24
N ILE U 208 36.74 -59.92 63.20
CA ILE U 208 35.33 -59.84 63.55
C ILE U 208 35.07 -60.76 64.74
N LYS U 209 34.45 -60.25 65.79
CA LYS U 209 34.10 -61.13 66.92
C LYS U 209 33.25 -62.32 66.45
N PRO U 210 33.36 -63.46 67.15
CA PRO U 210 32.58 -64.66 66.83
C PRO U 210 31.25 -64.69 67.58
N GLU U 211 30.33 -63.83 67.16
CA GLU U 211 28.98 -63.68 67.68
C GLU U 211 28.62 -62.25 67.34
N ASN U 212 29.62 -61.57 66.79
CA ASN U 212 29.45 -60.26 66.19
C ASN U 212 28.61 -60.48 64.95
N VAL U 213 28.42 -61.74 64.61
CA VAL U 213 27.73 -62.13 63.37
C VAL U 213 26.48 -62.92 63.67
N ASP U 214 25.59 -63.00 62.68
CA ASP U 214 24.34 -63.70 62.87
C ASP U 214 23.97 -64.65 61.72
N VAL U 215 23.61 -65.88 62.08
CA VAL U 215 23.38 -66.96 61.12
C VAL U 215 21.97 -67.53 61.17
N CYS U 216 21.32 -67.64 60.01
CA CYS U 216 19.98 -68.23 59.94
C CYS U 216 19.76 -69.11 58.71
N ILE U 217 19.46 -70.38 58.93
CA ILE U 217 19.37 -71.36 57.86
C ILE U 217 17.95 -71.77 57.57
N ILE U 218 17.55 -71.57 56.32
CA ILE U 218 16.27 -72.06 55.88
C ILE U 218 16.49 -73.18 54.89
N THR U 219 16.39 -74.41 55.39
CA THR U 219 16.52 -75.58 54.52
C THR U 219 15.25 -75.73 53.71
N VAL U 220 15.40 -76.10 52.43
CA VAL U 220 14.23 -76.41 51.62
C VAL U 220 13.65 -77.75 52.08
N LYS U 221 14.46 -78.49 52.82
CA LYS U 221 14.13 -79.85 53.21
C LYS U 221 13.09 -79.97 54.34
N ASP U 222 12.23 -78.95 54.49
CA ASP U 222 11.23 -78.98 55.54
C ASP U 222 10.47 -77.67 55.58
N ALA U 223 10.91 -76.74 54.75
CA ALA U 223 10.28 -75.42 54.64
C ALA U 223 10.51 -74.55 55.89
N GLN U 224 11.64 -74.76 56.58
CA GLN U 224 11.79 -74.27 57.93
C GLN U 224 13.04 -73.43 58.18
N PHE U 225 12.98 -72.64 59.24
CA PHE U 225 13.96 -71.63 59.56
C PHE U 225 14.66 -72.00 60.87
N LYS U 226 15.99 -71.96 60.88
CA LYS U 226 16.75 -72.36 62.06
C LYS U 226 17.83 -71.33 62.46
N LYS U 227 18.34 -71.45 63.69
CA LYS U 227 19.37 -70.54 64.23
C LYS U 227 20.71 -71.22 64.39
N ILE U 228 21.80 -70.45 64.34
CA ILE U 228 23.12 -71.02 64.61
C ILE U 228 23.77 -70.39 65.82
N PRO U 229 24.08 -71.23 66.81
CA PRO U 229 24.67 -70.82 68.09
C PRO U 229 26.06 -70.26 67.94
N VAL U 230 26.40 -69.38 68.86
CA VAL U 230 27.73 -68.82 68.89
C VAL U 230 28.69 -70.00 68.92
N GLU U 231 29.84 -69.80 68.30
CA GLU U 231 30.96 -70.75 68.32
C GLU U 231 30.87 -71.82 67.24
N GLU U 232 29.69 -72.06 66.71
CA GLU U 232 29.61 -72.73 65.43
C GLU U 232 30.10 -71.65 64.49
N ILE U 233 29.63 -70.45 64.79
CA ILE U 233 30.19 -69.24 64.21
C ILE U 233 31.73 -69.30 64.20
N LYS U 234 32.33 -69.25 65.40
CA LYS U 234 33.79 -69.22 65.57
C LYS U 234 34.50 -70.42 64.94
N LYS U 235 34.02 -71.61 65.24
CA LYS U 235 34.62 -72.83 64.73
C LYS U 235 34.51 -72.94 63.20
N LEU U 236 34.18 -71.82 62.56
CA LEU U 236 34.20 -71.76 61.11
C LEU U 236 34.95 -70.52 60.66
N ILE U 237 34.85 -69.46 61.44
CA ILE U 237 35.70 -68.30 61.27
C ILE U 237 37.14 -68.76 61.50
N GLU U 238 37.31 -70.04 61.80
CA GLU U 238 38.64 -70.58 62.04
C GLU U 238 39.26 -70.89 60.69
N LYS U 239 38.50 -71.54 59.83
CA LYS U 239 38.97 -71.72 58.49
C LYS U 239 39.05 -70.35 57.89
N VAL U 240 40.17 -69.69 58.15
CA VAL U 240 40.30 -68.27 57.84
C VAL U 240 41.75 -67.77 57.95
N LYS U 241 42.52 -68.36 58.86
CA LYS U 241 43.91 -67.94 59.07
C LYS U 241 44.86 -68.51 58.01
N LYS U 242 44.29 -69.33 57.12
CA LYS U 242 45.03 -69.94 56.03
C LYS U 242 44.68 -69.23 54.74
N LYS U 243 44.04 -68.08 54.89
CA LYS U 243 43.56 -67.31 53.75
C LYS U 243 44.32 -65.99 53.66
N LEU U 244 45.03 -65.66 54.73
CA LEU U 244 45.88 -64.46 54.75
C LEU U 244 47.33 -64.87 54.43
N ASN U 245 47.51 -65.49 53.26
CA ASN U 245 48.83 -65.96 52.81
C ASN U 245 49.04 -65.78 51.30
N GLU U 246 49.82 -64.77 50.92
CA GLU U 246 50.16 -64.46 49.53
C GLU U 246 48.96 -64.35 48.58
N GLU U 247 47.78 -64.07 49.14
CA GLU U 247 46.57 -63.92 48.33
C GLU U 247 45.95 -62.54 48.49
N THR V 2 -31.53 -74.76 38.38
CA THR V 2 -30.96 -74.67 39.71
C THR V 2 -30.73 -76.09 40.28
N THR V 3 -29.64 -76.73 39.84
CA THR V 3 -29.23 -78.06 40.31
C THR V 3 -27.89 -78.55 39.68
N THR V 4 -26.81 -78.56 40.49
CA THR V 4 -25.46 -78.95 40.03
C THR V 4 -24.78 -79.99 40.89
N VAL V 5 -23.76 -80.63 40.31
CA VAL V 5 -23.11 -81.77 40.91
C VAL V 5 -21.62 -81.78 40.66
N GLY V 6 -20.84 -81.94 41.74
CA GLY V 6 -19.40 -82.12 41.64
C GLY V 6 -18.91 -83.37 42.35
N LEU V 7 -17.92 -84.05 41.77
CA LEU V 7 -17.43 -85.31 42.33
C LEU V 7 -16.04 -85.68 41.83
N ILE V 8 -15.25 -86.29 42.70
CA ILE V 8 -13.91 -86.72 42.34
C ILE V 8 -13.87 -88.21 42.01
N CYS V 9 -13.32 -88.52 40.85
CA CYS V 9 -13.31 -89.88 40.37
C CYS V 9 -11.97 -90.19 39.79
N ASP V 10 -11.09 -90.69 40.66
CA ASP V 10 -9.75 -91.03 40.22
C ASP V 10 -8.97 -89.78 39.84
N ASP V 11 -8.71 -89.68 38.54
CA ASP V 11 -7.77 -88.72 37.98
C ASP V 11 -8.10 -87.28 38.37
N ALA V 12 -9.33 -86.84 38.06
CA ALA V 12 -9.72 -85.44 38.19
C ALA V 12 -11.10 -85.24 38.78
N VAL V 13 -11.82 -84.24 38.28
CA VAL V 13 -13.13 -83.91 38.83
C VAL V 13 -14.17 -83.56 37.76
N ILE V 14 -15.43 -83.95 38.03
CA ILE V 14 -16.54 -83.73 37.10
C ILE V 14 -17.52 -82.73 37.65
N LEU V 15 -18.16 -82.01 36.75
CA LEU V 15 -19.19 -81.08 37.15
C LEU V 15 -20.39 -81.17 36.20
N ALA V 16 -21.59 -80.96 36.74
CA ALA V 16 -22.80 -80.85 35.93
C ALA V 16 -23.83 -79.88 36.51
N THR V 17 -24.65 -79.31 35.64
CA THR V 17 -25.70 -78.38 36.05
C THR V 17 -27.03 -78.74 35.40
N ASP V 18 -27.91 -77.75 35.28
CA ASP V 18 -29.15 -77.93 34.55
C ASP V 18 -29.59 -76.60 33.98
N LYS V 19 -29.74 -76.55 32.66
CA LYS V 19 -29.93 -75.27 31.95
C LYS V 19 -31.30 -74.60 32.17
N ARG V 20 -31.83 -74.71 33.39
CA ARG V 20 -33.19 -74.23 33.65
C ARG V 20 -33.31 -73.06 34.58
N ALA V 21 -33.86 -71.97 34.05
CA ALA V 21 -34.09 -70.75 34.81
C ALA V 21 -35.53 -70.72 35.24
N SER V 22 -35.79 -70.13 36.40
CA SER V 22 -37.04 -70.40 37.10
C SER V 22 -37.70 -69.18 37.73
N LEU V 23 -38.44 -68.39 36.94
CA LEU V 23 -38.96 -67.09 37.42
C LEU V 23 -40.19 -67.17 38.30
N GLY V 24 -40.01 -67.60 39.54
CA GLY V 24 -41.15 -67.92 40.34
C GLY V 24 -41.92 -69.00 39.59
N ASN V 25 -43.13 -68.67 39.16
CA ASN V 25 -43.98 -69.64 38.47
C ASN V 25 -43.46 -70.01 37.07
N LEU V 26 -42.97 -69.01 36.32
CA LEU V 26 -42.56 -69.16 34.93
C LEU V 26 -41.19 -69.80 34.76
N VAL V 27 -41.07 -70.70 33.79
CA VAL V 27 -39.77 -71.16 33.39
C VAL V 27 -39.24 -70.07 32.46
N ALA V 28 -38.12 -69.45 32.84
CA ALA V 28 -37.69 -68.22 32.19
C ALA V 28 -36.59 -68.35 31.14
N ASP V 29 -35.77 -69.38 31.25
CA ASP V 29 -34.72 -69.63 30.25
C ASP V 29 -34.60 -71.13 29.95
N LYS V 30 -34.86 -71.49 28.70
CA LYS V 30 -34.79 -72.88 28.25
C LYS V 30 -33.33 -73.34 28.14
N GLU V 31 -32.42 -72.55 28.71
CA GLU V 31 -30.98 -72.79 28.58
C GLU V 31 -30.14 -71.73 29.28
N ALA V 32 -29.91 -71.90 30.57
CA ALA V 32 -29.06 -70.98 31.28
C ALA V 32 -27.81 -71.67 31.77
N LYS V 33 -26.68 -71.10 31.41
CA LYS V 33 -25.38 -71.63 31.80
C LYS V 33 -25.17 -71.50 33.29
N LYS V 34 -24.74 -72.59 33.90
CA LYS V 34 -24.61 -72.66 35.35
C LYS V 34 -23.22 -73.18 35.72
N LEU V 35 -22.44 -73.46 34.68
CA LEU V 35 -21.09 -74.00 34.81
C LEU V 35 -20.03 -73.17 34.06
N TYR V 36 -19.17 -72.49 34.83
CA TYR V 36 -18.16 -71.58 34.27
C TYR V 36 -16.75 -72.05 34.60
N LYS V 37 -15.86 -71.84 33.63
CA LYS V 37 -14.43 -72.05 33.81
C LYS V 37 -13.82 -70.67 34.02
N ILE V 38 -13.15 -70.46 35.16
CA ILE V 38 -12.52 -69.17 35.42
C ILE V 38 -11.06 -69.21 35.00
N ASP V 39 -10.43 -70.37 35.14
CA ASP V 39 -9.02 -70.51 34.79
C ASP V 39 -8.70 -71.86 34.13
N ASP V 40 -7.63 -71.89 33.36
CA ASP V 40 -7.29 -73.04 32.55
C ASP V 40 -7.32 -74.33 33.36
N TYR V 41 -7.20 -74.21 34.67
CA TYR V 41 -7.14 -75.39 35.51
C TYR V 41 -8.33 -75.56 36.45
N ILE V 42 -9.14 -74.51 36.55
CA ILE V 42 -10.25 -74.43 37.52
C ILE V 42 -11.58 -74.11 36.84
N ALA V 43 -12.67 -74.64 37.38
CA ALA V 43 -13.99 -74.34 36.86
C ALA V 43 -15.01 -74.43 38.00
N MET V 44 -16.13 -73.73 37.90
CA MET V 44 -17.07 -73.61 39.03
C MET V 44 -18.52 -73.61 38.60
N THR V 45 -19.45 -73.98 39.51
CA THR V 45 -20.89 -74.07 39.19
C THR V 45 -21.77 -73.25 40.12
N ILE V 46 -22.62 -72.41 39.54
CA ILE V 46 -23.44 -71.54 40.34
C ILE V 46 -24.80 -72.13 40.57
N ALA V 47 -25.32 -72.00 41.78
CA ALA V 47 -26.71 -72.36 42.01
C ALA V 47 -27.39 -71.25 42.80
N GLY V 48 -28.61 -70.86 42.42
CA GLY V 48 -29.35 -69.86 43.20
C GLY V 48 -29.64 -68.47 42.62
N SER V 49 -29.10 -67.41 43.24
CA SER V 49 -29.37 -66.04 42.82
C SER V 49 -28.61 -65.64 41.58
N VAL V 50 -29.25 -65.74 40.42
CA VAL V 50 -28.60 -65.49 39.15
C VAL V 50 -27.59 -64.34 39.11
N GLY V 51 -28.12 -63.12 39.09
CA GLY V 51 -27.33 -61.91 38.92
C GLY V 51 -26.38 -61.58 40.06
N ASP V 52 -26.59 -62.24 41.20
CA ASP V 52 -25.58 -62.20 42.24
C ASP V 52 -24.43 -63.09 41.82
N ALA V 53 -24.71 -64.35 41.49
CA ALA V 53 -23.65 -65.31 41.18
C ALA V 53 -22.94 -64.89 39.91
N GLN V 54 -23.74 -64.59 38.89
CA GLN V 54 -23.27 -63.96 37.67
C GLN V 54 -22.05 -63.06 37.87
N ALA V 55 -22.18 -62.03 38.71
CA ALA V 55 -21.07 -61.12 38.97
C ALA V 55 -19.94 -61.78 39.74
N ILE V 56 -20.26 -62.54 40.80
CA ILE V 56 -19.22 -63.20 41.55
C ILE V 56 -18.33 -63.99 40.63
N VAL V 57 -18.86 -64.36 39.48
CA VAL V 57 -18.05 -65.00 38.45
C VAL V 57 -17.04 -64.00 37.94
N ARG V 58 -17.49 -63.20 36.98
CA ARG V 58 -16.73 -62.08 36.45
C ARG V 58 -15.87 -61.47 37.55
N LEU V 59 -16.53 -60.97 38.60
CA LEU V 59 -15.86 -60.31 39.73
C LEU V 59 -14.93 -61.31 40.44
N LEU V 60 -14.59 -62.38 39.74
CA LEU V 60 -13.66 -63.37 40.22
C LEU V 60 -12.74 -63.82 39.12
N ILE V 61 -13.25 -63.97 37.91
CA ILE V 61 -12.42 -64.50 36.84
C ILE V 61 -11.24 -63.60 36.61
N ALA V 62 -11.49 -62.30 36.57
CA ALA V 62 -10.40 -61.39 36.39
C ALA V 62 -9.36 -61.72 37.45
N GLU V 63 -9.76 -61.67 38.71
CA GLU V 63 -8.82 -61.88 39.81
C GLU V 63 -7.93 -63.10 39.61
N ALA V 64 -8.36 -64.01 38.76
CA ALA V 64 -7.54 -65.17 38.45
C ALA V 64 -6.56 -64.79 37.36
N LYS V 65 -7.08 -64.59 36.16
CA LYS V 65 -6.25 -64.23 35.01
C LYS V 65 -5.60 -62.90 35.27
N LEU V 66 -5.04 -62.81 36.48
CA LEU V 66 -4.28 -61.68 36.98
C LEU V 66 -3.26 -62.29 37.92
N TYR V 67 -3.74 -62.98 38.95
CA TYR V 67 -2.87 -63.74 39.82
C TYR V 67 -1.95 -64.56 38.94
N LYS V 68 -2.54 -65.19 37.94
CA LYS V 68 -1.80 -66.00 36.98
C LYS V 68 -0.61 -65.18 36.47
N MET V 69 -0.91 -63.99 36.00
CA MET V 69 0.08 -63.13 35.37
C MET V 69 1.07 -62.49 36.34
N ARG V 70 0.60 -62.13 37.53
CA ARG V 70 1.49 -61.51 38.49
C ARG V 70 2.46 -62.52 39.11
N THR V 71 2.08 -63.80 39.17
CA THR V 71 2.96 -64.80 39.76
C THR V 71 2.92 -66.19 39.10
N GLY V 72 2.88 -66.23 37.78
CA GLY V 72 3.08 -67.45 37.03
C GLY V 72 2.06 -68.52 37.34
N ARG V 73 2.28 -69.26 38.42
CA ARG V 73 1.39 -70.35 38.83
C ARG V 73 -0.09 -70.02 38.61
N ASN V 74 -0.77 -70.83 37.83
CA ASN V 74 -2.20 -70.62 37.66
C ASN V 74 -2.91 -70.69 39.03
N ILE V 75 -3.34 -69.54 39.56
CA ILE V 75 -4.06 -69.47 40.83
C ILE V 75 -4.40 -70.83 41.37
N PRO V 76 -3.58 -71.36 42.26
CA PRO V 76 -3.91 -72.69 42.77
C PRO V 76 -5.34 -72.71 43.32
N PRO V 77 -6.14 -73.73 42.94
CA PRO V 77 -7.54 -73.87 43.31
C PRO V 77 -7.84 -73.56 44.78
N LEU V 78 -7.31 -74.34 45.72
CA LEU V 78 -7.62 -74.13 47.14
C LEU V 78 -7.23 -72.77 47.72
N ALA V 79 -6.69 -71.90 46.88
CA ALA V 79 -6.35 -70.56 47.29
C ALA V 79 -7.38 -69.64 46.69
N CYS V 80 -7.71 -69.92 45.44
CA CYS V 80 -8.81 -69.24 44.77
C CYS V 80 -10.07 -69.47 45.55
N ALA V 81 -10.28 -70.71 45.96
CA ALA V 81 -11.42 -71.02 46.78
C ALA V 81 -11.44 -70.02 47.91
N THR V 82 -10.41 -70.08 48.75
CA THR V 82 -10.40 -69.26 49.96
C THR V 82 -10.60 -67.77 49.66
N LEU V 83 -10.54 -67.38 48.40
CA LEU V 83 -10.97 -66.05 48.05
C LEU V 83 -12.44 -65.94 48.28
N LEU V 84 -13.20 -66.64 47.46
CA LEU V 84 -14.64 -66.61 47.58
C LEU V 84 -15.11 -66.74 49.02
N SER V 85 -14.45 -67.57 49.81
CA SER V 85 -14.86 -67.71 51.21
C SER V 85 -14.70 -66.37 51.90
N ASN V 86 -13.70 -65.60 51.47
CA ASN V 86 -13.53 -64.24 51.91
C ASN V 86 -14.39 -63.28 51.09
N ILE V 87 -14.34 -63.41 49.77
CA ILE V 87 -15.12 -62.54 48.92
C ILE V 87 -16.58 -62.55 49.35
N LEU V 88 -17.10 -63.71 49.74
CA LEU V 88 -18.46 -63.80 50.26
C LEU V 88 -18.61 -63.09 51.60
N HIS V 89 -17.86 -63.59 52.59
CA HIS V 89 -17.99 -63.13 53.96
C HIS V 89 -17.96 -61.63 54.07
N SER V 90 -17.22 -60.97 53.18
CA SER V 90 -17.16 -59.51 53.16
C SER V 90 -18.56 -58.88 53.14
N SER V 91 -19.50 -59.58 52.52
CA SER V 91 -20.88 -59.12 52.42
C SER V 91 -21.82 -59.85 53.37
N ARG V 92 -21.32 -60.24 54.53
CA ARG V 92 -22.17 -60.89 55.53
C ARG V 92 -23.00 -59.86 56.29
N MET V 93 -22.29 -58.87 56.84
CA MET V 93 -22.86 -57.61 57.36
C MET V 93 -23.89 -57.13 56.33
N PHE V 94 -23.66 -57.65 55.11
CA PHE V 94 -24.26 -57.20 53.84
C PHE V 94 -25.16 -58.34 53.34
N PRO V 95 -26.09 -58.00 52.44
CA PRO V 95 -26.92 -59.06 51.90
C PRO V 95 -26.32 -59.82 50.72
N PHE V 96 -25.17 -60.46 50.83
CA PHE V 96 -24.83 -61.28 49.67
C PHE V 96 -25.64 -62.52 49.79
N LEU V 97 -25.61 -63.34 48.73
CA LEU V 97 -26.15 -64.70 48.77
C LEU V 97 -25.83 -65.46 47.52
N THR V 98 -25.86 -66.80 47.64
CA THR V 98 -25.78 -67.77 46.53
C THR V 98 -24.85 -68.95 46.81
N GLN V 99 -25.07 -70.04 46.08
CA GLN V 99 -24.30 -71.28 46.23
C GLN V 99 -23.12 -71.29 45.30
N ILE V 100 -22.42 -72.43 45.28
CA ILE V 100 -21.22 -72.55 44.48
C ILE V 100 -20.45 -73.89 44.69
N ILE V 101 -19.84 -74.36 43.61
CA ILE V 101 -18.92 -75.46 43.68
C ILE V 101 -17.76 -75.12 42.77
N ILE V 102 -16.54 -75.24 43.27
CA ILE V 102 -15.36 -75.07 42.44
C ILE V 102 -14.53 -76.35 42.37
N GLY V 103 -14.01 -76.64 41.18
CA GLY V 103 -13.16 -77.80 40.96
C GLY V 103 -12.04 -77.53 39.98
N GLY V 104 -10.84 -77.95 40.33
CA GLY V 104 -9.70 -77.66 39.50
C GLY V 104 -8.58 -78.61 39.82
N TYR V 105 -7.63 -78.69 38.90
CA TYR V 105 -6.49 -79.57 39.07
C TYR V 105 -5.29 -78.80 39.55
N ASP V 106 -5.03 -78.84 40.85
CA ASP V 106 -3.90 -78.12 41.38
C ASP V 106 -2.59 -78.51 40.68
N LEU V 107 -1.84 -77.50 40.25
CA LEU V 107 -0.54 -77.66 39.63
C LEU V 107 0.11 -78.96 40.07
N LEU V 108 0.17 -79.19 41.37
CA LEU V 108 0.78 -80.41 41.89
C LEU V 108 -0.14 -81.27 42.75
N GLU V 109 -0.79 -80.68 43.76
CA GLU V 109 -1.55 -81.46 44.73
C GLU V 109 -2.64 -82.31 44.10
N GLY V 110 -2.91 -82.06 42.83
CA GLY V 110 -3.85 -82.88 42.07
C GLY V 110 -5.25 -82.32 41.92
N ALA V 111 -6.25 -83.17 42.12
CA ALA V 111 -7.62 -82.72 41.96
C ALA V 111 -8.19 -82.26 43.27
N LYS V 112 -9.06 -81.26 43.18
CA LYS V 112 -9.62 -80.61 44.34
C LYS V 112 -11.07 -80.23 44.07
N LEU V 113 -11.90 -80.29 45.11
CA LEU V 113 -13.35 -80.05 44.99
C LEU V 113 -13.98 -79.31 46.18
N PHE V 114 -14.37 -78.03 45.98
CA PHE V 114 -14.86 -77.16 47.07
C PHE V 114 -16.32 -76.66 46.98
N SER V 115 -17.11 -77.04 47.97
CA SER V 115 -18.49 -76.58 48.15
C SER V 115 -18.43 -75.15 48.63
N LEU V 116 -19.57 -74.48 48.73
CA LEU V 116 -19.55 -73.09 49.14
C LEU V 116 -20.96 -72.52 49.42
N ASP V 117 -21.12 -71.84 50.54
CA ASP V 117 -22.41 -71.24 50.92
C ASP V 117 -22.29 -69.72 50.94
N PRO V 118 -23.42 -69.02 50.76
CA PRO V 118 -23.51 -67.57 50.47
C PRO V 118 -22.95 -66.67 51.56
N LEU V 119 -22.74 -67.23 52.75
CA LEU V 119 -22.09 -66.48 53.80
C LEU V 119 -20.60 -66.41 53.47
N GLY V 120 -19.91 -67.53 53.52
CA GLY V 120 -18.51 -67.57 53.14
C GLY V 120 -17.99 -68.93 53.50
N GLY V 121 -18.87 -69.72 54.12
CA GLY V 121 -18.54 -71.06 54.55
C GLY V 121 -18.01 -71.93 53.42
N MET V 122 -16.91 -72.62 53.69
CA MET V 122 -16.23 -73.42 52.68
C MET V 122 -15.85 -74.80 53.23
N ASN V 123 -15.96 -75.83 52.39
CA ASN V 123 -15.49 -77.17 52.76
C ASN V 123 -14.94 -77.99 51.60
N GLU V 124 -13.70 -78.44 51.72
CA GLU V 124 -13.16 -79.37 50.74
C GLU V 124 -13.93 -80.68 50.77
N GLU V 125 -14.55 -81.02 49.64
CA GLU V 125 -15.25 -82.27 49.53
C GLU V 125 -14.35 -83.29 48.88
N LYS V 126 -14.16 -84.40 49.58
CA LYS V 126 -13.21 -85.45 49.17
C LYS V 126 -13.88 -86.50 48.27
N THR V 127 -15.18 -86.68 48.47
CA THR V 127 -15.95 -87.64 47.70
C THR V 127 -16.73 -86.96 46.56
N PHE V 128 -17.87 -86.36 46.92
CA PHE V 128 -18.88 -85.85 45.97
C PHE V 128 -19.83 -84.91 46.68
N THR V 129 -20.24 -83.83 46.00
CA THR V 129 -21.14 -82.87 46.60
C THR V 129 -21.93 -82.15 45.52
N ALA V 130 -23.13 -81.73 45.86
CA ALA V 130 -23.96 -81.05 44.88
C ALA V 130 -24.88 -80.05 45.52
N THR V 131 -25.29 -79.10 44.71
CA THR V 131 -26.05 -77.96 45.18
C THR V 131 -27.12 -77.62 44.17
N GLY V 132 -28.21 -77.00 44.63
CA GLY V 132 -29.30 -76.56 43.76
C GLY V 132 -30.72 -76.82 44.25
N SER V 133 -31.64 -75.91 43.92
CA SER V 133 -33.04 -76.09 44.24
C SER V 133 -33.34 -77.57 44.44
N GLY V 134 -33.14 -78.35 43.38
CA GLY V 134 -33.28 -79.78 43.48
C GLY V 134 -31.94 -80.45 43.66
N SER V 135 -31.40 -80.36 44.87
CA SER V 135 -30.13 -80.99 45.15
C SER V 135 -30.33 -82.33 45.82
N PRO V 136 -31.04 -82.33 46.96
CA PRO V 136 -31.16 -83.55 47.75
C PRO V 136 -31.61 -84.75 46.91
N ILE V 137 -32.41 -84.53 45.87
CA ILE V 137 -32.62 -85.59 44.91
C ILE V 137 -31.22 -85.98 44.49
N ALA V 138 -30.59 -85.13 43.69
CA ALA V 138 -29.27 -85.38 43.12
C ALA V 138 -28.39 -86.10 44.12
N TYR V 139 -28.46 -85.67 45.36
CA TYR V 139 -27.66 -86.31 46.39
C TYR V 139 -27.99 -87.77 46.53
N GLY V 140 -29.27 -88.10 46.66
CA GLY V 140 -29.66 -89.48 46.84
C GLY V 140 -28.88 -90.34 45.87
N VAL V 141 -28.90 -89.95 44.60
CA VAL V 141 -28.22 -90.68 43.55
C VAL V 141 -26.80 -91.07 43.93
N LEU V 142 -25.94 -90.08 44.08
CA LEU V 142 -24.52 -90.27 44.37
C LEU V 142 -24.24 -91.11 45.64
N GLU V 143 -24.93 -90.80 46.74
CA GLU V 143 -24.60 -91.41 48.03
C GLU V 143 -25.02 -92.86 48.02
N ALA V 144 -25.53 -93.29 46.88
CA ALA V 144 -25.87 -94.69 46.66
C ALA V 144 -25.44 -95.17 45.26
N GLY V 145 -24.60 -94.38 44.62
CA GLY V 145 -23.95 -94.72 43.38
C GLY V 145 -22.53 -94.15 43.29
N TYR V 146 -21.78 -94.25 44.38
CA TYR V 146 -20.42 -93.76 44.42
C TYR V 146 -19.43 -94.66 45.16
N ASP V 147 -18.39 -95.10 44.43
CA ASP V 147 -17.29 -95.87 44.98
C ASP V 147 -16.01 -95.05 44.88
N ARG V 148 -15.12 -95.19 45.87
CA ARG V 148 -13.90 -94.41 45.87
C ARG V 148 -13.33 -94.24 44.46
N ASP V 149 -13.12 -95.36 43.78
CA ASP V 149 -12.39 -95.35 42.53
C ASP V 149 -13.25 -95.68 41.31
N MET V 150 -14.16 -94.79 40.95
CA MET V 150 -14.98 -95.04 39.78
C MET V 150 -14.41 -94.31 38.59
N SER V 151 -14.02 -95.07 37.59
CA SER V 151 -13.38 -94.55 36.38
C SER V 151 -13.75 -93.14 35.93
N VAL V 152 -12.91 -92.62 35.05
CA VAL V 152 -13.19 -91.42 34.29
C VAL V 152 -14.60 -91.49 33.73
N GLU V 153 -15.02 -92.72 33.47
CA GLU V 153 -16.29 -92.98 32.82
C GLU V 153 -17.40 -93.12 33.86
N GLU V 154 -17.21 -94.05 34.78
CA GLU V 154 -18.24 -94.38 35.77
C GLU V 154 -18.65 -93.18 36.62
N GLY V 155 -17.95 -92.06 36.41
CA GLY V 155 -18.28 -90.81 37.07
C GLY V 155 -19.23 -89.93 36.29
N ILE V 156 -18.83 -89.52 35.08
CA ILE V 156 -19.69 -88.74 34.21
C ILE V 156 -20.95 -89.48 33.82
N LYS V 157 -21.02 -90.76 34.15
CA LYS V 157 -22.27 -91.49 33.97
C LYS V 157 -23.10 -91.16 35.20
N LEU V 158 -22.61 -91.59 36.35
CA LEU V 158 -23.27 -91.32 37.62
C LEU V 158 -23.72 -89.88 37.66
N ALA V 159 -22.90 -89.01 37.08
CA ALA V 159 -23.15 -87.56 37.11
C ALA V 159 -24.46 -87.22 36.44
N LEU V 160 -24.54 -87.45 35.14
CA LEU V 160 -25.78 -87.26 34.45
C LEU V 160 -26.92 -87.81 35.30
N ASN V 161 -26.78 -89.07 35.76
CA ASN V 161 -27.88 -89.78 36.41
C ASN V 161 -28.43 -89.14 37.70
N ALA V 162 -27.63 -88.29 38.34
CA ALA V 162 -28.13 -87.50 39.45
C ALA V 162 -29.07 -86.45 38.91
N LEU V 163 -28.61 -85.70 37.92
CA LEU V 163 -29.45 -84.72 37.25
C LEU V 163 -30.68 -85.37 36.61
N LYS V 164 -30.49 -86.50 35.95
CA LYS V 164 -31.61 -87.19 35.33
C LYS V 164 -32.73 -87.38 36.39
N SER V 165 -32.35 -87.89 37.56
CA SER V 165 -33.27 -87.99 38.67
C SER V 165 -33.84 -86.61 38.94
N ALA V 166 -33.07 -85.78 39.66
CA ALA V 166 -33.52 -84.47 40.10
C ALA V 166 -34.30 -83.71 39.04
N MET V 167 -33.71 -83.54 37.86
CA MET V 167 -34.36 -82.82 36.78
C MET V 167 -35.80 -83.28 36.60
N GLU V 168 -36.08 -84.52 36.98
CA GLU V 168 -37.40 -85.11 36.76
C GLU V 168 -38.16 -85.39 38.07
N ARG V 169 -38.07 -84.47 38.99
CA ARG V 169 -38.66 -84.63 40.31
C ARG V 169 -38.47 -83.34 41.09
N ASP V 170 -38.07 -82.27 40.40
CA ASP V 170 -38.00 -80.95 41.01
C ASP V 170 -38.60 -79.90 40.10
N THR V 171 -39.58 -79.19 40.61
CA THR V 171 -40.29 -78.20 39.81
C THR V 171 -39.36 -77.21 39.12
N PHE V 172 -38.16 -77.02 39.68
CA PHE V 172 -37.29 -75.90 39.30
C PHE V 172 -36.08 -76.25 38.41
N SER V 173 -35.55 -77.45 38.56
CA SER V 173 -34.43 -77.92 37.75
C SER V 173 -34.93 -78.57 36.47
N GLY V 174 -34.04 -79.16 35.68
CA GLY V 174 -34.47 -80.13 34.69
C GLY V 174 -34.63 -79.81 33.22
N ASN V 175 -34.37 -78.60 32.79
CA ASN V 175 -34.52 -78.34 31.37
C ASN V 175 -33.16 -78.41 30.70
N GLY V 176 -32.92 -79.42 29.87
CA GLY V 176 -31.59 -79.56 29.27
C GLY V 176 -30.48 -79.74 30.31
N ILE V 177 -29.24 -79.92 29.86
CA ILE V 177 -28.13 -80.22 30.77
C ILE V 177 -26.75 -79.88 30.19
N SER V 178 -25.85 -79.40 31.04
CA SER V 178 -24.48 -79.15 30.59
C SER V 178 -23.49 -79.77 31.57
N LEU V 179 -22.26 -79.96 31.08
CA LEU V 179 -21.22 -80.69 31.81
C LEU V 179 -19.84 -80.35 31.28
N ALA V 180 -18.87 -80.37 32.18
CA ALA V 180 -17.47 -80.27 31.83
C ALA V 180 -16.67 -81.10 32.82
N VAL V 181 -15.48 -81.51 32.41
CA VAL V 181 -14.60 -82.23 33.30
C VAL V 181 -13.20 -81.67 33.25
N ILE V 182 -12.76 -81.18 34.40
CA ILE V 182 -11.44 -80.59 34.55
C ILE V 182 -10.42 -81.68 34.87
N THR V 183 -9.22 -81.55 34.31
CA THR V 183 -8.19 -82.58 34.46
C THR V 183 -6.83 -81.91 34.25
N LYS V 184 -5.80 -82.43 34.89
CA LYS V 184 -4.46 -81.86 34.79
C LYS V 184 -4.23 -81.08 33.51
N ASP V 185 -4.37 -81.70 32.36
CA ASP V 185 -4.00 -81.00 31.14
C ASP V 185 -5.05 -80.01 30.59
N GLY V 186 -6.31 -80.11 31.02
CA GLY V 186 -7.31 -79.15 30.57
C GLY V 186 -8.69 -79.12 31.21
N VAL V 187 -9.57 -78.34 30.57
CA VAL V 187 -10.97 -78.22 30.97
C VAL V 187 -11.87 -78.36 29.75
N LYS V 188 -12.64 -79.45 29.68
CA LYS V 188 -13.55 -79.71 28.55
C LYS V 188 -15.01 -79.29 28.79
N ILE V 189 -15.41 -78.20 28.16
CA ILE V 189 -16.82 -77.81 28.09
C ILE V 189 -17.44 -78.71 27.05
N PHE V 190 -18.43 -79.50 27.48
CA PHE V 190 -19.09 -80.37 26.53
C PHE V 190 -20.11 -79.58 25.73
N GLU V 191 -19.98 -79.64 24.41
CA GLU V 191 -20.92 -78.97 23.52
C GLU V 191 -22.19 -79.80 23.36
N ASP V 192 -23.23 -79.38 24.07
CA ASP V 192 -24.49 -80.09 24.07
C ASP V 192 -24.42 -81.39 23.24
N GLU V 193 -24.68 -81.28 21.94
CA GLU V 193 -24.82 -82.44 21.07
C GLU V 193 -24.12 -83.71 21.57
N GLU V 194 -22.83 -83.59 21.87
CA GLU V 194 -22.06 -84.78 22.24
C GLU V 194 -22.35 -85.32 23.64
N ILE V 195 -22.66 -84.42 24.58
CA ILE V 195 -23.09 -84.87 25.90
C ILE V 195 -24.04 -86.04 25.63
N GLU V 196 -25.28 -85.66 25.32
CA GLU V 196 -26.34 -86.56 24.87
C GLU V 196 -25.94 -88.00 24.63
N LYS V 197 -24.92 -88.22 23.81
CA LYS V 197 -24.51 -89.56 23.42
C LYS V 197 -24.58 -90.58 24.55
N ILE V 198 -24.19 -90.15 25.75
CA ILE V 198 -23.95 -91.07 26.85
C ILE V 198 -25.23 -91.70 27.37
N LEU V 199 -26.20 -90.89 27.77
CA LEU V 199 -27.47 -91.43 28.25
C LEU V 199 -28.17 -92.22 27.14
N ASP V 200 -27.63 -92.10 25.93
CA ASP V 200 -28.01 -92.94 24.81
C ASP V 200 -27.35 -94.30 24.98
N SER V 201 -26.07 -94.24 25.34
CA SER V 201 -25.26 -95.41 25.64
C SER V 201 -25.56 -95.98 27.03
N MET V 202 -26.48 -95.33 27.77
CA MET V 202 -26.93 -95.84 29.06
C MET V 202 -28.34 -96.43 28.94
N LYS V 203 -29.19 -96.18 29.93
CA LYS V 203 -30.53 -96.76 29.90
C LYS V 203 -31.60 -95.70 29.63
N THR W 2 -46.79 -53.51 29.43
CA THR W 2 -45.80 -54.40 30.03
C THR W 2 -45.89 -55.81 29.42
N THR W 3 -45.32 -55.95 28.23
CA THR W 3 -45.27 -57.23 27.55
C THR W 3 -44.39 -57.18 26.28
N THR W 4 -43.14 -57.66 26.40
CA THR W 4 -42.19 -57.58 25.29
C THR W 4 -41.68 -58.94 24.77
N VAL W 5 -41.15 -58.96 23.55
CA VAL W 5 -40.68 -60.17 22.89
C VAL W 5 -39.46 -60.02 21.99
N GLY W 6 -38.50 -60.91 22.18
CA GLY W 6 -37.33 -60.97 21.34
C GLY W 6 -37.13 -62.39 20.83
N LEU W 7 -36.62 -62.51 19.61
CA LEU W 7 -36.46 -63.81 18.98
C LEU W 7 -35.58 -63.71 17.75
N ILE W 8 -34.69 -64.67 17.58
CA ILE W 8 -33.77 -64.68 16.45
C ILE W 8 -34.37 -65.47 15.29
N CYS W 9 -34.48 -64.85 14.12
CA CYS W 9 -35.04 -65.54 12.97
C CYS W 9 -34.21 -65.43 11.70
N ASP W 10 -33.35 -66.43 11.48
CA ASP W 10 -32.47 -66.46 10.32
C ASP W 10 -31.42 -65.37 10.41
N ASP W 11 -31.66 -64.28 9.68
CA ASP W 11 -30.69 -63.21 9.48
C ASP W 11 -30.34 -62.43 10.76
N ALA W 12 -31.38 -61.91 11.40
CA ALA W 12 -31.26 -60.95 12.48
C ALA W 12 -32.24 -61.19 13.61
N VAL W 13 -32.62 -60.12 14.31
CA VAL W 13 -33.45 -60.24 15.50
C VAL W 13 -34.62 -59.27 15.52
N ILE W 14 -35.73 -59.74 16.07
CA ILE W 14 -36.93 -58.94 16.18
C ILE W 14 -37.29 -58.63 17.62
N LEU W 15 -37.94 -57.49 17.82
CA LEU W 15 -38.41 -57.05 19.13
C LEU W 15 -39.79 -56.42 18.96
N ALA W 16 -40.67 -56.65 19.93
CA ALA W 16 -41.97 -56.00 19.94
C ALA W 16 -42.45 -55.71 21.35
N THR W 17 -43.24 -54.65 21.52
CA THR W 17 -43.75 -54.32 22.85
C THR W 17 -45.28 -54.09 22.89
N ASP W 18 -45.74 -53.31 23.86
CA ASP W 18 -47.13 -52.91 23.93
C ASP W 18 -47.19 -51.54 24.56
N LYS W 19 -47.69 -50.58 23.81
CA LYS W 19 -47.65 -49.20 24.23
C LYS W 19 -48.59 -48.91 25.40
N ARG W 20 -48.69 -49.85 26.35
CA ARG W 20 -49.69 -49.71 27.41
C ARG W 20 -49.14 -49.59 28.80
N ALA W 21 -49.27 -48.40 29.33
CA ALA W 21 -48.81 -48.13 30.66
C ALA W 21 -49.94 -48.53 31.57
N SER W 22 -49.65 -48.77 32.84
CA SER W 22 -50.68 -49.34 33.69
C SER W 22 -50.57 -48.89 35.12
N LEU W 23 -51.29 -47.82 35.47
CA LEU W 23 -51.23 -47.24 36.82
C LEU W 23 -52.24 -47.82 37.80
N GLY W 24 -51.89 -48.93 38.45
CA GLY W 24 -52.84 -49.67 39.25
C GLY W 24 -54.08 -49.86 38.41
N ASN W 25 -55.23 -49.81 39.05
CA ASN W 25 -56.52 -49.87 38.38
C ASN W 25 -56.61 -49.12 37.04
N LEU W 26 -55.90 -47.98 36.92
CA LEU W 26 -56.07 -47.07 35.78
C LEU W 26 -55.22 -47.43 34.58
N VAL W 27 -55.68 -47.03 33.40
CA VAL W 27 -54.86 -47.11 32.19
C VAL W 27 -54.28 -45.75 31.91
N ALA W 28 -52.99 -45.63 32.14
CA ALA W 28 -52.33 -44.33 32.23
C ALA W 28 -51.94 -43.75 30.91
N ASP W 29 -51.21 -44.51 30.11
CA ASP W 29 -50.67 -43.98 28.86
C ASP W 29 -51.13 -44.82 27.68
N LYS W 30 -51.95 -44.23 26.83
CA LYS W 30 -52.53 -44.94 25.70
C LYS W 30 -51.47 -45.20 24.64
N GLU W 31 -50.21 -44.93 25.00
CA GLU W 31 -49.11 -45.01 24.07
C GLU W 31 -47.81 -44.65 24.75
N ALA W 32 -47.16 -45.64 25.36
CA ALA W 32 -45.86 -45.45 25.99
C ALA W 32 -44.83 -46.35 25.31
N LYS W 33 -43.76 -45.73 24.84
CA LYS W 33 -42.71 -46.48 24.17
C LYS W 33 -42.11 -47.50 25.14
N LYS W 34 -41.93 -48.72 24.66
CA LYS W 34 -41.27 -49.73 25.47
C LYS W 34 -40.06 -50.30 24.73
N LEU W 35 -39.79 -49.75 23.55
CA LEU W 35 -38.77 -50.26 22.64
C LEU W 35 -37.81 -49.18 22.14
N TYR W 36 -36.56 -49.20 22.64
CA TYR W 36 -35.56 -48.16 22.35
C TYR W 36 -34.33 -48.68 21.59
N LYS W 37 -33.86 -47.88 20.64
CA LYS W 37 -32.61 -48.15 19.94
C LYS W 37 -31.50 -47.35 20.58
N ILE W 38 -30.62 -48.00 21.30
CA ILE W 38 -29.51 -47.27 21.84
C ILE W 38 -28.49 -46.94 20.74
N ASP W 39 -28.06 -47.95 19.97
CA ASP W 39 -26.99 -47.74 18.99
C ASP W 39 -27.42 -48.19 17.60
N ASP W 40 -26.60 -47.90 16.60
CA ASP W 40 -26.97 -48.15 15.22
C ASP W 40 -27.21 -49.63 14.97
N TYR W 41 -26.57 -50.47 15.77
CA TYR W 41 -26.66 -51.93 15.58
C TYR W 41 -27.35 -52.67 16.74
N ILE W 42 -27.66 -51.94 17.83
CA ILE W 42 -28.30 -52.49 19.04
C ILE W 42 -29.59 -51.77 19.42
N ALA W 43 -30.52 -52.48 20.06
CA ALA W 43 -31.74 -51.88 20.57
C ALA W 43 -32.28 -52.75 21.68
N MET W 44 -33.19 -52.21 22.49
CA MET W 44 -33.64 -52.88 23.71
C MET W 44 -35.15 -52.80 24.04
N THR W 45 -35.65 -53.58 25.00
CA THR W 45 -37.05 -53.49 25.38
C THR W 45 -37.26 -53.48 26.87
N ILE W 46 -37.86 -52.40 27.37
CA ILE W 46 -38.04 -52.26 28.81
C ILE W 46 -39.34 -52.83 29.22
N ALA W 47 -39.40 -53.26 30.47
CA ALA W 47 -40.61 -53.83 31.01
C ALA W 47 -40.61 -53.64 32.51
N GLY W 48 -41.74 -53.25 33.07
CA GLY W 48 -41.76 -53.03 34.51
C GLY W 48 -41.60 -51.58 34.94
N SER W 49 -40.77 -51.33 35.95
CA SER W 49 -40.70 -50.00 36.57
C SER W 49 -40.21 -48.86 35.67
N VAL W 50 -41.12 -48.15 35.00
CA VAL W 50 -40.75 -47.10 34.05
C VAL W 50 -39.60 -46.17 34.48
N GLY W 51 -39.93 -45.09 35.19
CA GLY W 51 -38.95 -44.12 35.62
C GLY W 51 -37.59 -44.71 35.95
N ASP W 52 -37.58 -45.99 36.32
CA ASP W 52 -36.38 -46.77 36.56
C ASP W 52 -35.68 -47.19 35.27
N ALA W 53 -36.40 -47.92 34.43
CA ALA W 53 -35.83 -48.33 33.15
C ALA W 53 -35.60 -47.10 32.32
N GLN W 54 -36.57 -46.20 32.37
CA GLN W 54 -36.42 -44.85 31.82
C GLN W 54 -34.96 -44.41 31.96
N ALA W 55 -34.55 -44.11 33.20
CA ALA W 55 -33.17 -43.74 33.47
C ALA W 55 -32.24 -44.73 32.81
N ILE W 56 -32.43 -46.02 33.08
CA ILE W 56 -31.50 -47.05 32.62
C ILE W 56 -31.26 -47.06 31.12
N VAL W 57 -32.20 -46.50 30.38
CA VAL W 57 -31.99 -46.28 28.97
C VAL W 57 -30.94 -45.18 28.79
N ARG W 58 -31.39 -43.94 28.92
CA ARG W 58 -30.51 -42.78 28.77
C ARG W 58 -29.18 -43.02 29.47
N LEU W 59 -29.27 -43.50 30.72
CA LEU W 59 -28.09 -43.75 31.55
C LEU W 59 -27.33 -44.93 30.95
N LEU W 60 -27.54 -45.14 29.66
CA LEU W 60 -26.90 -46.26 28.96
C LEU W 60 -26.63 -45.99 27.49
N ILE W 61 -27.53 -45.28 26.82
CA ILE W 61 -27.26 -44.87 25.44
C ILE W 61 -26.04 -43.97 25.43
N ALA W 62 -26.00 -43.07 26.42
CA ALA W 62 -24.87 -42.19 26.57
C ALA W 62 -23.62 -43.06 26.58
N GLU W 63 -23.53 -44.00 27.52
CA GLU W 63 -22.41 -44.91 27.59
C GLU W 63 -22.10 -45.72 26.32
N ALA W 64 -22.96 -45.63 25.31
CA ALA W 64 -22.70 -46.36 24.08
C ALA W 64 -22.14 -45.39 23.11
N LYS W 65 -22.98 -44.44 22.72
CA LYS W 65 -22.58 -43.35 21.86
C LYS W 65 -21.45 -42.58 22.54
N LEU W 66 -20.38 -43.32 22.88
CA LEU W 66 -19.25 -42.83 23.64
C LEU W 66 -18.18 -43.87 23.53
N TYR W 67 -18.59 -45.13 23.75
CA TYR W 67 -17.76 -46.29 23.49
C TYR W 67 -17.57 -46.40 22.00
N LYS W 68 -18.59 -46.00 21.27
CA LYS W 68 -18.49 -45.98 19.82
C LYS W 68 -17.34 -45.06 19.47
N MET W 69 -17.37 -43.84 19.99
CA MET W 69 -16.38 -42.84 19.60
C MET W 69 -14.97 -43.17 20.05
N ARG W 70 -14.80 -43.30 21.35
CA ARG W 70 -13.51 -43.60 21.92
C ARG W 70 -12.79 -44.75 21.23
N THR W 71 -13.53 -45.56 20.49
CA THR W 71 -12.90 -46.74 19.92
C THR W 71 -13.62 -47.33 18.71
N GLY W 72 -14.02 -46.47 17.77
CA GLY W 72 -14.62 -46.92 16.53
C GLY W 72 -15.77 -47.88 16.74
N ARG W 73 -15.44 -49.13 17.05
CA ARG W 73 -16.43 -50.20 17.24
C ARG W 73 -17.72 -49.81 18.01
N ASN W 74 -18.85 -49.85 17.32
CA ASN W 74 -20.12 -49.56 17.96
C ASN W 74 -20.37 -50.56 19.08
N ILE W 75 -19.78 -50.34 20.25
CA ILE W 75 -19.99 -51.21 21.41
C ILE W 75 -20.65 -52.50 21.07
N PRO W 76 -19.85 -53.53 20.74
CA PRO W 76 -20.41 -54.86 20.46
C PRO W 76 -21.50 -55.23 21.48
N PRO W 77 -22.64 -55.79 21.01
CA PRO W 77 -23.80 -56.04 21.85
C PRO W 77 -23.50 -56.83 23.12
N LEU W 78 -23.00 -58.05 22.96
CA LEU W 78 -22.73 -58.92 24.09
C LEU W 78 -21.80 -58.28 25.09
N ALA W 79 -21.44 -57.02 24.86
CA ALA W 79 -20.48 -56.32 25.70
C ALA W 79 -21.15 -55.18 26.44
N CYS W 80 -21.95 -54.41 25.69
CA CYS W 80 -22.88 -53.44 26.28
C CYS W 80 -23.86 -54.22 27.13
N ALA W 81 -24.16 -55.43 26.70
CA ALA W 81 -24.98 -56.29 27.49
C ALA W 81 -24.34 -56.44 28.86
N THR W 82 -23.08 -56.80 28.91
CA THR W 82 -22.49 -57.07 30.21
C THR W 82 -22.21 -55.80 31.00
N LEU W 83 -22.70 -54.66 30.52
CA LEU W 83 -22.75 -53.48 31.39
C LEU W 83 -23.97 -53.59 32.26
N LEU W 84 -25.13 -53.69 31.64
CA LEU W 84 -26.38 -53.89 32.36
C LEU W 84 -26.32 -55.00 33.37
N SER W 85 -25.62 -56.07 33.05
CA SER W 85 -25.42 -57.11 34.04
C SER W 85 -24.72 -56.48 35.22
N ASN W 86 -23.84 -55.51 34.92
CA ASN W 86 -23.03 -54.82 35.91
C ASN W 86 -23.69 -53.56 36.48
N ILE W 87 -24.28 -52.76 35.60
CA ILE W 87 -24.92 -51.52 36.01
C ILE W 87 -26.01 -51.84 36.99
N LEU W 88 -26.74 -52.92 36.72
CA LEU W 88 -27.80 -53.41 37.61
C LEU W 88 -27.27 -53.91 38.94
N HIS W 89 -26.49 -54.98 38.90
CA HIS W 89 -25.95 -55.58 40.12
C HIS W 89 -25.40 -54.51 41.03
N SER W 90 -24.92 -53.41 40.46
CA SER W 90 -24.38 -52.33 41.28
C SER W 90 -25.44 -51.91 42.30
N SER W 91 -26.71 -51.97 41.90
CA SER W 91 -27.79 -51.63 42.80
C SER W 91 -28.43 -52.86 43.39
N ARG W 92 -27.62 -53.85 43.71
CA ARG W 92 -28.13 -55.03 44.38
C ARG W 92 -28.27 -54.70 45.86
N MET W 93 -27.16 -54.34 46.47
CA MET W 93 -27.10 -53.85 47.85
C MET W 93 -28.20 -52.79 48.02
N PHE W 94 -28.57 -52.21 46.87
CA PHE W 94 -29.53 -51.12 46.72
C PHE W 94 -30.88 -51.68 46.21
N PRO W 95 -31.92 -50.86 46.30
CA PRO W 95 -33.14 -51.13 45.56
C PRO W 95 -33.04 -50.82 44.07
N PHE W 96 -32.66 -51.75 43.19
CA PHE W 96 -32.96 -51.49 41.77
C PHE W 96 -34.09 -52.39 41.38
N LEU W 97 -34.60 -52.17 40.17
CA LEU W 97 -35.54 -53.10 39.56
C LEU W 97 -35.89 -52.79 38.09
N THR W 98 -36.34 -53.83 37.36
CA THR W 98 -36.84 -53.80 35.97
C THR W 98 -36.33 -54.94 35.08
N GLN W 99 -37.17 -55.36 34.11
CA GLN W 99 -36.79 -56.35 33.09
C GLN W 99 -35.93 -55.71 32.03
N ILE W 100 -35.80 -56.40 30.89
CA ILE W 100 -34.96 -55.94 29.76
C ILE W 100 -34.47 -57.01 28.77
N ILE W 101 -34.59 -56.66 27.49
CA ILE W 101 -34.07 -57.45 26.37
C ILE W 101 -33.23 -56.49 25.54
N ILE W 102 -31.99 -56.86 25.20
CA ILE W 102 -31.14 -56.09 24.28
C ILE W 102 -30.76 -56.90 23.05
N GLY W 103 -31.19 -56.45 21.88
CA GLY W 103 -31.00 -57.24 20.69
C GLY W 103 -30.33 -56.48 19.59
N GLY W 104 -29.13 -56.89 19.23
CA GLY W 104 -28.37 -56.20 18.22
C GLY W 104 -27.63 -57.14 17.28
N TYR W 105 -26.97 -56.57 16.27
CA TYR W 105 -26.13 -57.31 15.32
C TYR W 105 -24.65 -57.03 15.56
N ASP W 106 -23.91 -58.05 16.00
CA ASP W 106 -22.50 -57.86 16.31
C ASP W 106 -21.72 -57.66 15.02
N LEU W 107 -20.89 -56.61 15.01
CA LEU W 107 -20.07 -56.24 13.87
C LEU W 107 -19.66 -57.48 13.11
N LEU W 108 -19.25 -58.53 13.80
CA LEU W 108 -18.94 -59.81 13.14
C LEU W 108 -19.74 -61.03 13.63
N GLU W 109 -19.85 -61.22 14.95
CA GLU W 109 -20.39 -62.46 15.51
C GLU W 109 -21.85 -62.75 15.23
N GLY W 110 -22.53 -61.79 14.60
CA GLY W 110 -23.88 -62.00 14.12
C GLY W 110 -25.01 -61.47 14.99
N ALA W 111 -26.17 -62.11 14.87
CA ALA W 111 -27.32 -61.71 15.64
C ALA W 111 -27.14 -62.19 17.06
N LYS W 112 -27.53 -61.34 17.99
CA LYS W 112 -27.46 -61.68 19.40
C LYS W 112 -28.80 -61.34 20.05
N LEU W 113 -29.24 -62.17 21.00
CA LEU W 113 -30.42 -61.82 21.78
C LEU W 113 -30.28 -62.13 23.25
N PHE W 114 -30.30 -61.09 24.09
CA PHE W 114 -30.02 -61.18 25.55
C PHE W 114 -31.15 -60.75 26.46
N SER W 115 -31.37 -61.55 27.50
CA SER W 115 -32.40 -61.26 28.46
C SER W 115 -31.74 -60.70 29.67
N LEU W 116 -32.53 -60.14 30.57
CA LEU W 116 -31.94 -59.53 31.73
C LEU W 116 -32.92 -59.44 32.89
N ASP W 117 -32.48 -59.79 34.11
CA ASP W 117 -33.31 -59.58 35.32
C ASP W 117 -32.82 -58.40 36.20
N PRO W 118 -33.70 -57.88 37.05
CA PRO W 118 -33.47 -56.62 37.78
C PRO W 118 -32.24 -56.62 38.66
N LEU W 119 -31.88 -57.79 39.14
CA LEU W 119 -30.69 -57.93 39.94
C LEU W 119 -29.51 -57.67 39.02
N GLY W 120 -29.32 -58.53 38.04
CA GLY W 120 -28.21 -58.40 37.12
C GLY W 120 -27.94 -59.66 36.34
N GLY W 121 -28.75 -60.67 36.58
CA GLY W 121 -28.63 -61.89 35.83
C GLY W 121 -28.82 -61.60 34.36
N MET W 122 -28.03 -62.25 33.54
CA MET W 122 -28.17 -62.13 32.10
C MET W 122 -28.01 -63.49 31.46
N ASN W 123 -28.71 -63.73 30.36
CA ASN W 123 -28.49 -64.98 29.62
C ASN W 123 -28.60 -64.73 28.13
N GLU W 124 -27.75 -65.39 27.33
CA GLU W 124 -27.91 -65.29 25.89
C GLU W 124 -29.01 -66.25 25.47
N GLU W 125 -30.08 -65.70 24.91
CA GLU W 125 -31.18 -66.51 24.43
C GLU W 125 -30.91 -66.85 22.98
N LYS W 126 -30.74 -68.14 22.67
CA LYS W 126 -30.33 -68.56 21.32
C LYS W 126 -31.54 -68.73 20.42
N THR W 127 -32.67 -68.97 21.06
CA THR W 127 -33.91 -69.16 20.34
C THR W 127 -34.74 -67.90 20.46
N PHE W 128 -35.49 -67.81 21.55
CA PHE W 128 -36.46 -66.75 21.74
C PHE W 128 -36.66 -66.54 23.23
N THR W 129 -37.09 -65.35 23.61
CA THR W 129 -37.46 -65.07 24.99
C THR W 129 -38.41 -63.91 24.97
N ALA W 130 -39.21 -63.76 26.02
CA ALA W 130 -40.18 -62.68 26.13
C ALA W 130 -40.44 -62.33 27.59
N THR W 131 -40.64 -61.05 27.88
CA THR W 131 -40.86 -60.68 29.26
C THR W 131 -41.91 -59.61 29.36
N GLY W 132 -42.58 -59.58 30.50
CA GLY W 132 -43.60 -58.59 30.73
C GLY W 132 -44.73 -59.09 31.59
N SER W 133 -45.45 -58.15 32.17
CA SER W 133 -46.59 -58.49 32.99
C SER W 133 -47.27 -59.66 32.32
N GLY W 134 -47.52 -59.51 31.03
CA GLY W 134 -48.18 -60.55 30.25
C GLY W 134 -47.24 -61.35 29.36
N SER W 135 -46.17 -61.86 29.95
CA SER W 135 -45.16 -62.57 29.19
C SER W 135 -45.54 -64.01 28.99
N PRO W 136 -45.78 -64.73 30.08
CA PRO W 136 -46.02 -66.16 29.95
C PRO W 136 -47.18 -66.46 29.00
N ILE W 137 -48.04 -65.48 28.72
CA ILE W 137 -49.05 -65.68 27.70
C ILE W 137 -48.35 -65.71 26.36
N ALA W 138 -47.58 -64.66 26.08
CA ALA W 138 -46.85 -64.54 24.82
C ALA W 138 -45.96 -65.74 24.62
N TYR W 139 -45.36 -66.20 25.72
CA TYR W 139 -44.47 -67.33 25.68
C TYR W 139 -45.16 -68.48 24.99
N GLY W 140 -46.20 -69.01 25.63
CA GLY W 140 -46.94 -70.12 25.08
C GLY W 140 -47.06 -70.08 23.56
N VAL W 141 -47.26 -68.88 23.03
CA VAL W 141 -47.30 -68.69 21.59
C VAL W 141 -46.01 -69.23 21.03
N LEU W 142 -44.91 -68.53 21.30
CA LEU W 142 -43.59 -68.91 20.80
C LEU W 142 -43.26 -70.42 20.90
N GLU W 143 -43.39 -71.01 22.10
CA GLU W 143 -42.88 -72.36 22.33
C GLU W 143 -43.63 -73.39 21.53
N ALA W 144 -44.71 -72.97 20.89
CA ALA W 144 -45.48 -73.86 20.05
C ALA W 144 -45.79 -73.25 18.67
N GLY W 145 -44.75 -72.72 18.03
CA GLY W 145 -44.89 -72.12 16.72
C GLY W 145 -43.60 -71.47 16.29
N TYR W 146 -42.50 -71.94 16.85
CA TYR W 146 -41.19 -71.44 16.50
C TYR W 146 -40.27 -72.58 15.98
N ASP W 147 -39.66 -72.35 14.82
CA ASP W 147 -38.75 -73.30 14.21
C ASP W 147 -37.41 -72.58 14.06
N ARG W 148 -36.31 -73.25 14.38
CA ARG W 148 -34.99 -72.65 14.19
C ARG W 148 -34.99 -71.64 13.03
N ASP W 149 -35.36 -72.09 11.83
CA ASP W 149 -35.23 -71.27 10.62
C ASP W 149 -36.53 -70.79 10.01
N MET W 150 -37.18 -69.87 10.66
CA MET W 150 -38.38 -69.29 10.11
C MET W 150 -38.03 -67.90 9.63
N SER W 151 -38.38 -67.62 8.39
CA SER W 151 -37.97 -66.39 7.70
C SER W 151 -37.96 -65.05 8.46
N VAL W 152 -37.58 -64.01 7.73
CA VAL W 152 -37.67 -62.64 8.19
C VAL W 152 -39.13 -62.34 8.45
N GLU W 153 -39.97 -63.01 7.67
CA GLU W 153 -41.41 -62.79 7.70
C GLU W 153 -42.07 -63.62 8.77
N GLU W 154 -41.79 -64.91 8.77
CA GLU W 154 -42.38 -65.83 9.72
C GLU W 154 -41.98 -65.47 11.13
N GLY W 155 -41.13 -64.46 11.24
CA GLY W 155 -40.69 -63.97 12.54
C GLY W 155 -41.53 -62.80 13.04
N ILE W 156 -41.57 -61.72 12.27
CA ILE W 156 -42.37 -60.57 12.64
C ILE W 156 -43.85 -60.91 12.67
N LYS W 157 -44.22 -62.04 12.09
CA LYS W 157 -45.60 -62.50 12.10
C LYS W 157 -45.89 -63.16 13.44
N LEU W 158 -45.14 -64.21 13.75
CA LEU W 158 -45.22 -64.90 15.03
C LEU W 158 -45.09 -63.90 16.15
N ALA W 159 -44.36 -62.82 15.88
CA ALA W 159 -44.07 -61.81 16.89
C ALA W 159 -45.34 -61.11 17.35
N LEU W 160 -45.98 -60.39 16.45
CA LEU W 160 -47.27 -59.81 16.75
C LEU W 160 -48.05 -60.84 17.51
N ASN W 161 -48.37 -61.95 16.84
CA ASN W 161 -49.23 -62.99 17.39
C ASN W 161 -48.89 -63.56 18.75
N ALA W 162 -47.75 -63.14 19.30
CA ALA W 162 -47.49 -63.37 20.71
C ALA W 162 -48.15 -62.24 21.46
N LEU W 163 -47.92 -61.02 21.03
CA LEU W 163 -48.62 -59.89 21.62
C LEU W 163 -50.14 -59.97 21.49
N LYS W 164 -50.63 -60.51 20.36
CA LYS W 164 -52.07 -60.61 20.10
C LYS W 164 -52.79 -61.39 21.20
N SER W 165 -52.27 -62.56 21.54
CA SER W 165 -52.75 -63.26 22.70
C SER W 165 -52.56 -62.39 23.93
N ALA W 166 -51.41 -62.46 24.59
CA ALA W 166 -51.19 -61.67 25.82
C ALA W 166 -52.05 -60.42 25.90
N MET W 167 -51.91 -59.54 24.92
CA MET W 167 -52.59 -58.23 24.93
C MET W 167 -54.09 -58.31 25.15
N GLU W 168 -54.68 -59.46 24.85
CA GLU W 168 -56.09 -59.60 25.09
C GLU W 168 -56.37 -60.70 26.07
N ARG W 169 -55.40 -61.00 26.92
CA ARG W 169 -55.64 -61.91 28.02
C ARG W 169 -54.85 -61.47 29.22
N ASP W 170 -54.36 -60.26 29.16
CA ASP W 170 -53.68 -59.67 30.29
C ASP W 170 -54.24 -58.33 30.66
N THR W 171 -54.69 -58.25 31.89
CA THR W 171 -55.21 -57.00 32.38
C THR W 171 -54.25 -55.88 31.96
N PHE W 172 -52.95 -56.08 32.14
CA PHE W 172 -52.01 -54.96 32.09
C PHE W 172 -51.39 -54.70 30.76
N SER W 173 -51.35 -55.70 29.91
CA SER W 173 -50.75 -55.52 28.59
C SER W 173 -51.85 -55.16 27.66
N GLY W 174 -51.49 -54.76 26.45
CA GLY W 174 -52.42 -54.80 25.35
C GLY W 174 -53.05 -53.53 24.81
N ASN W 175 -52.39 -52.39 24.99
CA ASN W 175 -52.86 -51.15 24.35
C ASN W 175 -51.85 -50.73 23.30
N GLY W 176 -52.19 -50.86 22.03
CA GLY W 176 -51.27 -50.54 20.95
C GLY W 176 -50.01 -51.39 20.94
N ILE W 177 -49.38 -51.50 19.77
CA ILE W 177 -48.20 -52.35 19.59
C ILE W 177 -47.12 -51.65 18.79
N SER W 178 -45.86 -51.86 19.18
CA SER W 178 -44.73 -51.29 18.48
C SER W 178 -43.71 -52.36 18.19
N LEU W 179 -42.91 -52.15 17.17
CA LEU W 179 -42.08 -53.20 16.63
C LEU W 179 -40.90 -52.63 15.87
N ALA W 180 -39.70 -53.08 16.21
CA ALA W 180 -38.51 -52.71 15.45
C ALA W 180 -37.61 -53.94 15.22
N VAL W 181 -36.98 -54.01 14.04
CA VAL W 181 -36.06 -55.11 13.74
C VAL W 181 -34.66 -54.65 13.39
N ILE W 182 -33.72 -55.07 14.22
CA ILE W 182 -32.31 -54.87 13.98
C ILE W 182 -31.80 -55.97 13.07
N THR W 183 -30.84 -55.61 12.22
CA THR W 183 -30.23 -56.53 11.29
C THR W 183 -28.91 -55.91 10.94
N LYS W 184 -28.06 -56.67 10.26
CA LYS W 184 -26.74 -56.16 9.89
C LYS W 184 -26.77 -54.67 9.59
N ASP W 185 -27.36 -54.29 8.46
CA ASP W 185 -27.26 -52.89 8.02
C ASP W 185 -27.89 -51.82 8.94
N GLY W 186 -28.92 -52.16 9.70
CA GLY W 186 -29.53 -51.15 10.56
C GLY W 186 -30.57 -51.60 11.56
N VAL W 187 -31.47 -50.69 11.91
CA VAL W 187 -32.50 -50.95 12.90
C VAL W 187 -33.78 -50.23 12.52
N LYS W 188 -34.82 -50.95 12.14
CA LYS W 188 -36.07 -50.31 11.69
C LYS W 188 -37.13 -50.11 12.79
N ILE W 189 -37.41 -48.86 13.13
CA ILE W 189 -38.54 -48.54 13.95
C ILE W 189 -39.76 -48.48 13.03
N PHE W 190 -40.70 -49.38 13.26
CA PHE W 190 -41.94 -49.43 12.48
C PHE W 190 -42.96 -48.36 12.86
N GLU W 191 -43.11 -47.33 12.04
CA GLU W 191 -44.13 -46.29 12.31
C GLU W 191 -45.54 -46.88 12.32
N ASP W 192 -46.09 -47.13 13.50
CA ASP W 192 -47.40 -47.77 13.68
C ASP W 192 -48.19 -48.15 12.39
N GLU W 193 -48.75 -47.16 11.70
CA GLU W 193 -49.56 -47.41 10.51
C GLU W 193 -49.10 -48.61 9.69
N GLU W 194 -47.79 -48.69 9.40
CA GLU W 194 -47.28 -49.79 8.59
C GLU W 194 -47.22 -51.12 9.33
N ILE W 195 -47.09 -51.06 10.66
CA ILE W 195 -47.09 -52.28 11.48
C ILE W 195 -48.35 -53.07 11.17
N GLU W 196 -49.45 -52.61 11.76
CA GLU W 196 -50.81 -53.04 11.47
C GLU W 196 -51.00 -53.81 10.17
N LYS W 197 -50.20 -53.46 9.17
CA LYS W 197 -50.24 -54.16 7.90
C LYS W 197 -50.47 -55.62 8.08
N ILE W 198 -49.60 -56.16 8.91
CA ILE W 198 -49.36 -57.57 8.97
C ILE W 198 -50.63 -58.31 9.37
N LEU W 199 -51.08 -58.11 10.61
CA LEU W 199 -52.24 -58.84 11.12
C LEU W 199 -53.42 -58.72 10.17
N ASP W 200 -53.30 -57.89 9.15
CA ASP W 200 -54.33 -57.82 8.15
C ASP W 200 -54.10 -58.84 7.07
N SER W 201 -52.85 -58.90 6.62
CA SER W 201 -52.43 -59.94 5.69
C SER W 201 -52.55 -61.33 6.35
N MET W 202 -52.61 -61.34 7.69
CA MET W 202 -52.79 -62.58 8.44
C MET W 202 -54.26 -62.97 8.49
N LYS W 203 -54.61 -63.76 9.48
CA LYS W 203 -56.01 -64.05 9.73
C LYS W 203 -56.53 -62.93 10.63
N THR X 2 -56.52 -31.42 43.79
CA THR X 2 -55.75 -32.51 43.19
C THR X 2 -56.57 -33.15 42.05
N THR X 3 -56.61 -32.48 40.91
CA THR X 3 -57.14 -33.07 39.68
C THR X 3 -56.82 -32.19 38.47
N THR X 4 -55.75 -32.56 37.76
CA THR X 4 -55.22 -31.71 36.68
C THR X 4 -55.45 -32.32 35.30
N VAL X 5 -55.41 -31.45 34.29
CA VAL X 5 -55.63 -31.86 32.91
C VAL X 5 -54.70 -31.15 31.88
N GLY X 6 -54.51 -31.81 30.74
CA GLY X 6 -53.66 -31.36 29.64
C GLY X 6 -54.01 -32.13 28.36
N LEU X 7 -54.14 -31.38 27.28
CA LEU X 7 -54.55 -31.93 25.98
C LEU X 7 -54.08 -30.95 24.91
N ILE X 8 -53.57 -31.45 23.79
CA ILE X 8 -53.11 -30.58 22.71
C ILE X 8 -54.23 -30.32 21.68
N CYS X 9 -54.39 -29.05 21.31
CA CYS X 9 -55.48 -28.71 20.42
C CYS X 9 -55.04 -27.71 19.42
N ASP X 10 -54.79 -28.23 18.23
CA ASP X 10 -54.38 -27.43 17.10
C ASP X 10 -53.09 -26.71 17.43
N ASP X 11 -53.22 -25.40 17.62
CA ASP X 11 -52.07 -24.51 17.73
C ASP X 11 -51.16 -25.00 18.85
N ALA X 12 -51.74 -25.06 20.05
CA ALA X 12 -50.99 -25.17 21.28
C ALA X 12 -51.59 -26.16 22.26
N VAL X 13 -51.36 -25.90 23.54
CA VAL X 13 -51.57 -26.86 24.59
C VAL X 13 -52.38 -26.25 25.72
N ILE X 14 -53.38 -26.97 26.24
CA ILE X 14 -54.15 -26.51 27.40
C ILE X 14 -53.83 -27.28 28.72
N LEU X 15 -53.90 -26.56 29.84
CA LEU X 15 -53.76 -27.14 31.18
C LEU X 15 -54.99 -26.74 31.99
N ALA X 16 -55.16 -27.29 33.20
CA ALA X 16 -56.22 -26.86 34.16
C ALA X 16 -56.10 -27.62 35.48
N THR X 17 -56.49 -27.01 36.60
CA THR X 17 -56.42 -27.71 37.90
C THR X 17 -57.71 -27.65 38.70
N ASP X 18 -57.57 -27.76 40.01
CA ASP X 18 -58.68 -27.43 40.88
C ASP X 18 -58.08 -26.88 42.16
N LYS X 19 -58.44 -25.63 42.48
CA LYS X 19 -57.85 -24.96 43.65
C LYS X 19 -58.24 -25.64 44.98
N ARG X 20 -58.28 -26.97 45.03
CA ARG X 20 -58.71 -27.66 46.25
C ARG X 20 -57.65 -28.50 46.93
N ALA X 21 -57.45 -28.21 48.20
CA ALA X 21 -56.45 -28.87 49.02
C ALA X 21 -57.23 -29.59 50.06
N SER X 22 -56.70 -30.71 50.51
CA SER X 22 -57.50 -31.62 51.31
C SER X 22 -56.66 -32.21 52.41
N LEU X 23 -56.72 -31.59 53.57
CA LEU X 23 -55.98 -32.11 54.70
C LEU X 23 -56.68 -33.31 55.34
N GLY X 24 -56.61 -34.46 54.68
CA GLY X 24 -57.41 -35.58 55.11
C GLY X 24 -58.92 -35.30 55.00
N ASN X 25 -59.59 -35.24 56.14
CA ASN X 25 -61.04 -35.04 56.21
C ASN X 25 -61.44 -33.58 56.01
N LEU X 26 -60.54 -32.68 56.38
CA LEU X 26 -60.79 -31.25 56.33
C LEU X 26 -60.35 -30.64 55.02
N VAL X 27 -61.10 -29.65 54.56
CA VAL X 27 -60.68 -28.89 53.41
C VAL X 27 -59.83 -27.73 53.89
N ALA X 28 -58.55 -27.77 53.55
CA ALA X 28 -57.58 -26.88 54.17
C ALA X 28 -57.33 -25.64 53.36
N ASP X 29 -57.59 -25.69 52.06
CA ASP X 29 -57.34 -24.51 51.24
C ASP X 29 -58.39 -24.30 50.17
N LYS X 30 -59.15 -23.24 50.33
CA LYS X 30 -60.25 -22.90 49.43
C LYS X 30 -59.72 -22.52 48.03
N GLU X 31 -58.40 -22.37 47.93
CA GLU X 31 -57.75 -21.88 46.69
C GLU X 31 -56.26 -22.13 46.74
N ALA X 32 -55.81 -23.27 46.27
CA ALA X 32 -54.38 -23.57 46.31
C ALA X 32 -53.89 -23.78 44.91
N LYS X 33 -52.80 -23.09 44.56
CA LYS X 33 -52.27 -23.07 43.19
C LYS X 33 -51.60 -24.37 42.82
N LYS X 34 -51.94 -24.85 41.63
CA LYS X 34 -51.54 -26.17 41.21
C LYS X 34 -51.07 -26.07 39.77
N LEU X 35 -51.13 -24.86 39.24
CA LEU X 35 -50.76 -24.63 37.86
C LEU X 35 -49.63 -23.63 37.87
N TYR X 36 -48.45 -24.02 37.37
CA TYR X 36 -47.25 -23.15 37.42
C TYR X 36 -46.56 -22.91 36.06
N LYS X 37 -46.17 -21.63 35.84
CA LYS X 37 -45.37 -21.23 34.68
C LYS X 37 -43.94 -21.22 35.19
N ILE X 38 -43.05 -21.91 34.48
CA ILE X 38 -41.63 -21.94 34.84
C ILE X 38 -40.80 -21.13 33.85
N ASP X 39 -41.27 -21.08 32.60
CA ASP X 39 -40.58 -20.34 31.54
C ASP X 39 -41.54 -19.83 30.48
N ASP X 40 -41.14 -18.75 29.84
CA ASP X 40 -42.02 -17.95 29.04
C ASP X 40 -42.70 -18.82 28.00
N TYR X 41 -42.14 -20.00 27.75
CA TYR X 41 -42.73 -20.93 26.76
C TYR X 41 -43.26 -22.28 27.29
N ILE X 42 -43.06 -22.55 28.58
CA ILE X 42 -43.46 -23.80 29.24
C ILE X 42 -44.29 -23.55 30.50
N ALA X 43 -45.28 -24.39 30.75
CA ALA X 43 -46.05 -24.35 32.00
C ALA X 43 -46.32 -25.76 32.51
N MET X 44 -46.53 -25.92 33.81
CA MET X 44 -46.62 -27.26 34.36
C MET X 44 -47.75 -27.31 35.35
N THR X 45 -48.18 -28.51 35.75
CA THR X 45 -49.20 -28.68 36.82
C THR X 45 -48.85 -29.79 37.82
N ILE X 46 -48.69 -29.42 39.07
CA ILE X 46 -48.46 -30.45 40.07
C ILE X 46 -49.77 -31.12 40.49
N ALA X 47 -49.65 -32.33 41.00
CA ALA X 47 -50.77 -32.94 41.70
C ALA X 47 -50.24 -33.77 42.89
N GLY X 48 -50.89 -33.69 44.06
CA GLY X 48 -50.56 -34.63 45.10
C GLY X 48 -49.80 -34.13 46.32
N SER X 49 -48.52 -34.49 46.44
CA SER X 49 -47.73 -34.13 47.65
C SER X 49 -47.17 -32.74 47.62
N VAL X 50 -47.81 -31.90 48.41
CA VAL X 50 -47.67 -30.47 48.28
C VAL X 50 -46.24 -29.94 48.41
N GLY X 51 -45.72 -29.90 49.64
CA GLY X 51 -44.40 -29.32 49.90
C GLY X 51 -43.22 -29.96 49.17
N ASP X 52 -43.44 -31.15 48.61
CA ASP X 52 -42.42 -31.85 47.83
C ASP X 52 -42.42 -31.26 46.44
N ALA X 53 -43.61 -31.27 45.83
CA ALA X 53 -43.81 -30.76 44.47
C ALA X 53 -43.52 -29.26 44.40
N GLN X 54 -44.21 -28.50 45.24
CA GLN X 54 -43.85 -27.13 45.59
C GLN X 54 -42.38 -26.92 45.27
N ALA X 55 -41.54 -27.65 46.01
CA ALA X 55 -40.09 -27.58 45.86
C ALA X 55 -39.66 -27.92 44.45
N ILE X 56 -40.20 -29.02 43.92
CA ILE X 56 -39.79 -29.46 42.60
C ILE X 56 -40.09 -28.43 41.51
N VAL X 57 -41.00 -27.52 41.83
CA VAL X 57 -41.23 -26.33 41.00
C VAL X 57 -40.03 -25.35 41.08
N ARG X 58 -39.91 -24.65 42.20
CA ARG X 58 -38.82 -23.69 42.43
C ARG X 58 -37.51 -24.33 42.00
N LEU X 59 -37.22 -25.49 42.61
CA LEU X 59 -36.00 -26.29 42.34
C LEU X 59 -36.00 -26.78 40.89
N LEU X 60 -36.45 -25.90 39.99
CA LEU X 60 -36.67 -26.24 38.61
C LEU X 60 -36.81 -24.98 37.75
N ILE X 61 -37.58 -24.00 38.23
CA ILE X 61 -37.81 -22.74 37.47
C ILE X 61 -36.50 -22.04 37.34
N ALA X 62 -35.72 -22.17 38.42
CA ALA X 62 -34.35 -21.71 38.50
C ALA X 62 -33.51 -22.35 37.38
N GLU X 63 -33.57 -23.68 37.27
CA GLU X 63 -32.82 -24.38 36.25
C GLU X 63 -33.27 -24.01 34.86
N ALA X 64 -34.41 -23.35 34.78
CA ALA X 64 -34.96 -22.92 33.51
C ALA X 64 -34.30 -21.62 33.13
N LYS X 65 -34.85 -20.53 33.66
CA LYS X 65 -34.29 -19.20 33.43
C LYS X 65 -32.85 -19.12 34.00
N LEU X 66 -31.95 -19.92 33.40
CA LEU X 66 -30.53 -19.95 33.73
C LEU X 66 -29.90 -20.60 32.52
N TYR X 67 -30.41 -21.78 32.18
CA TYR X 67 -30.18 -22.42 30.88
C TYR X 67 -30.55 -21.38 29.87
N LYS X 68 -31.62 -20.66 30.18
CA LYS X 68 -32.08 -19.60 29.31
C LYS X 68 -30.92 -18.68 29.02
N MET X 69 -30.42 -18.09 30.09
CA MET X 69 -29.36 -17.12 29.97
C MET X 69 -28.09 -17.75 29.44
N ARG X 70 -27.66 -18.83 30.09
CA ARG X 70 -26.42 -19.47 29.71
C ARG X 70 -26.34 -19.72 28.21
N THR X 71 -27.51 -19.90 27.58
CA THR X 71 -27.54 -20.30 26.17
C THR X 71 -28.77 -19.83 25.39
N GLY X 72 -29.19 -18.59 25.59
CA GLY X 72 -30.25 -18.03 24.80
C GLY X 72 -31.55 -18.83 24.76
N ARG X 73 -31.61 -19.83 23.89
CA ARG X 73 -32.79 -20.69 23.73
C ARG X 73 -33.53 -21.04 25.03
N ASN X 74 -34.74 -20.51 25.20
CA ASN X 74 -35.52 -20.87 26.37
C ASN X 74 -35.56 -22.39 26.52
N ILE X 75 -35.10 -22.93 27.65
CA ILE X 75 -35.10 -24.40 27.86
C ILE X 75 -36.22 -25.05 27.07
N PRO X 76 -35.86 -25.77 25.99
CA PRO X 76 -36.87 -26.48 25.19
C PRO X 76 -37.54 -27.59 25.98
N PRO X 77 -38.87 -27.68 25.86
CA PRO X 77 -39.75 -28.39 26.79
C PRO X 77 -39.27 -29.81 27.06
N LEU X 78 -39.12 -30.57 25.99
CA LEU X 78 -38.86 -32.01 26.05
C LEU X 78 -37.46 -32.33 26.53
N ALA X 79 -36.77 -31.27 26.94
CA ALA X 79 -35.40 -31.33 27.41
C ALA X 79 -35.49 -30.96 28.84
N CYS X 80 -36.12 -29.81 29.03
CA CYS X 80 -36.63 -29.39 30.33
C CYS X 80 -37.29 -30.58 31.00
N ALA X 81 -38.17 -31.23 30.25
CA ALA X 81 -38.89 -32.35 30.76
C ALA X 81 -37.91 -33.41 31.27
N THR X 82 -36.95 -33.79 30.45
CA THR X 82 -36.13 -34.93 30.80
C THR X 82 -35.14 -34.52 31.88
N LEU X 83 -35.32 -33.33 32.38
CA LEU X 83 -34.68 -32.99 33.63
C LEU X 83 -35.41 -33.78 34.67
N LEU X 84 -36.69 -33.43 34.82
CA LEU X 84 -37.58 -34.01 35.81
C LEU X 84 -37.64 -35.53 35.83
N SER X 85 -37.64 -36.15 34.65
CA SER X 85 -37.48 -37.59 34.63
C SER X 85 -36.24 -37.98 35.46
N ASN X 86 -35.18 -37.15 35.34
CA ASN X 86 -33.87 -37.34 36.02
C ASN X 86 -33.84 -36.79 37.45
N ILE X 87 -34.29 -35.54 37.60
CA ILE X 87 -34.42 -34.91 38.91
C ILE X 87 -35.23 -35.76 39.89
N LEU X 88 -36.29 -36.42 39.39
CA LEU X 88 -37.13 -37.33 40.17
C LEU X 88 -36.38 -38.54 40.61
N HIS X 89 -35.91 -39.27 39.60
CA HIS X 89 -35.28 -40.54 39.82
C HIS X 89 -34.03 -40.46 40.71
N SER X 90 -33.43 -39.28 40.86
CA SER X 90 -32.23 -39.24 41.69
C SER X 90 -32.64 -39.70 43.07
N SER X 91 -33.90 -39.46 43.37
CA SER X 91 -34.45 -39.81 44.67
C SER X 91 -35.47 -40.93 44.59
N ARG X 92 -35.15 -41.94 43.79
CA ARG X 92 -35.85 -43.22 43.83
C ARG X 92 -35.24 -43.97 45.01
N MET X 93 -33.89 -43.92 45.05
CA MET X 93 -33.05 -44.46 46.12
C MET X 93 -33.56 -43.85 47.39
N PHE X 94 -34.29 -42.77 47.17
CA PHE X 94 -34.73 -41.86 48.18
C PHE X 94 -36.26 -41.83 48.14
N PRO X 95 -36.87 -41.31 49.21
CA PRO X 95 -38.32 -41.10 49.29
C PRO X 95 -39.01 -40.06 48.38
N PHE X 96 -38.59 -39.76 47.14
CA PHE X 96 -39.31 -38.66 46.51
C PHE X 96 -40.75 -39.06 46.20
N LEU X 97 -41.56 -38.10 45.73
CA LEU X 97 -42.88 -38.41 45.15
C LEU X 97 -43.57 -37.25 44.45
N THR X 98 -44.72 -37.57 43.83
CA THR X 98 -45.74 -36.63 43.33
C THR X 98 -45.98 -36.66 41.81
N GLN X 99 -47.16 -36.22 41.37
CA GLN X 99 -47.51 -36.14 39.93
C GLN X 99 -46.93 -34.91 39.20
N ILE X 100 -47.42 -34.63 37.98
CA ILE X 100 -46.86 -33.57 37.10
C ILE X 100 -47.16 -33.71 35.60
N ILE X 101 -47.48 -32.60 34.98
CA ILE X 101 -47.66 -32.51 33.55
C ILE X 101 -46.92 -31.27 33.18
N ILE X 102 -45.95 -31.33 32.26
CA ILE X 102 -45.37 -30.10 31.71
C ILE X 102 -45.81 -29.86 30.25
N GLY X 103 -46.01 -28.59 29.91
CA GLY X 103 -46.60 -28.20 28.63
C GLY X 103 -46.03 -26.86 28.17
N GLY X 104 -45.40 -26.87 27.01
CA GLY X 104 -44.71 -25.69 26.48
C GLY X 104 -44.61 -25.75 24.97
N TYR X 105 -44.42 -24.59 24.36
CA TYR X 105 -44.29 -24.52 22.90
C TYR X 105 -42.83 -24.56 22.55
N ASP X 106 -42.39 -25.63 21.88
CA ASP X 106 -40.97 -25.70 21.59
C ASP X 106 -40.64 -24.69 20.51
N LEU X 107 -39.52 -24.00 20.72
CA LEU X 107 -39.06 -22.98 19.80
C LEU X 107 -39.46 -23.27 18.36
N LEU X 108 -39.24 -24.51 17.91
CA LEU X 108 -39.58 -24.91 16.54
C LEU X 108 -40.49 -26.14 16.42
N GLU X 109 -40.17 -27.21 17.15
CA GLU X 109 -40.90 -28.49 17.02
C GLU X 109 -42.38 -28.33 17.23
N GLY X 110 -42.77 -27.29 17.98
CA GLY X 110 -44.16 -26.96 18.18
C GLY X 110 -44.70 -27.10 19.59
N ALA X 111 -45.78 -27.86 19.70
CA ALA X 111 -46.45 -28.04 20.98
C ALA X 111 -46.07 -29.38 21.57
N LYS X 112 -45.83 -29.36 22.87
CA LYS X 112 -45.45 -30.55 23.64
C LYS X 112 -46.28 -30.70 24.92
N LEU X 113 -46.57 -31.95 25.30
CA LEU X 113 -47.34 -32.25 26.52
C LEU X 113 -46.83 -33.50 27.26
N PHE X 114 -46.18 -33.31 28.41
CA PHE X 114 -45.47 -34.42 29.11
C PHE X 114 -46.01 -34.84 30.46
N SER X 115 -46.26 -36.13 30.61
CA SER X 115 -46.76 -36.71 31.86
C SER X 115 -45.61 -37.28 32.66
N LEU X 116 -45.76 -37.29 33.97
CA LEU X 116 -44.60 -37.52 34.80
C LEU X 116 -44.99 -38.14 36.12
N ASP X 117 -44.29 -39.23 36.49
CA ASP X 117 -44.57 -39.98 37.71
C ASP X 117 -43.45 -39.90 38.72
N PRO X 118 -43.79 -40.06 40.01
CA PRO X 118 -42.99 -39.65 41.16
C PRO X 118 -41.67 -40.36 41.21
N LEU X 119 -41.55 -41.43 40.43
CA LEU X 119 -40.28 -42.14 40.34
C LEU X 119 -39.44 -41.58 39.18
N GLY X 120 -40.10 -41.17 38.11
CA GLY X 120 -39.40 -40.44 37.07
C GLY X 120 -39.81 -40.91 35.70
N GLY X 121 -40.73 -41.85 35.67
CA GLY X 121 -41.28 -42.21 34.40
C GLY X 121 -41.81 -40.95 33.75
N MET X 122 -41.69 -40.89 32.43
CA MET X 122 -42.15 -39.76 31.66
C MET X 122 -42.72 -40.23 30.35
N ASN X 123 -43.85 -39.69 29.95
CA ASN X 123 -44.35 -39.96 28.62
C ASN X 123 -44.89 -38.68 28.00
N GLU X 124 -44.38 -38.32 26.82
CA GLU X 124 -45.00 -37.25 26.07
C GLU X 124 -46.34 -37.79 25.61
N GLU X 125 -47.38 -36.96 25.77
CA GLU X 125 -48.74 -37.30 25.35
C GLU X 125 -49.11 -36.56 24.05
N LYS X 126 -49.59 -37.28 23.06
CA LYS X 126 -49.80 -36.64 21.76
C LYS X 126 -51.21 -36.15 21.70
N THR X 127 -52.01 -36.65 22.62
CA THR X 127 -53.45 -36.48 22.62
C THR X 127 -53.91 -35.69 23.83
N PHE X 128 -54.03 -36.37 24.98
CA PHE X 128 -54.49 -35.74 26.22
C PHE X 128 -54.21 -36.65 27.40
N THR X 129 -53.90 -36.05 28.53
CA THR X 129 -53.72 -36.81 29.76
C THR X 129 -54.06 -35.93 30.94
N ALA X 130 -54.45 -36.54 32.06
CA ALA X 130 -54.78 -35.81 33.29
C ALA X 130 -54.16 -36.49 34.51
N THR X 131 -54.39 -35.95 35.70
CA THR X 131 -53.85 -36.59 36.89
C THR X 131 -54.43 -36.01 38.15
N GLY X 132 -54.11 -36.64 39.28
CA GLY X 132 -54.50 -36.16 40.58
C GLY X 132 -55.62 -36.99 41.18
N SER X 133 -55.67 -37.06 42.50
CA SER X 133 -56.67 -37.89 43.17
C SER X 133 -57.87 -38.25 42.28
N GLY X 134 -58.68 -37.27 41.89
CA GLY X 134 -59.83 -37.55 41.07
C GLY X 134 -59.51 -37.36 39.61
N SER X 135 -58.56 -38.13 39.11
CA SER X 135 -58.12 -37.94 37.74
C SER X 135 -59.01 -38.65 36.75
N PRO X 136 -59.17 -39.95 36.93
CA PRO X 136 -59.89 -40.75 35.95
C PRO X 136 -61.26 -40.17 35.66
N ILE X 137 -61.96 -39.62 36.66
CA ILE X 137 -63.25 -39.02 36.36
C ILE X 137 -63.04 -38.01 35.23
N ALA X 138 -62.09 -37.11 35.44
CA ALA X 138 -61.80 -36.10 34.42
C ALA X 138 -61.62 -36.86 33.14
N TYR X 139 -60.87 -37.97 33.26
CA TYR X 139 -60.44 -38.79 32.12
C TYR X 139 -61.59 -39.20 31.21
N GLY X 140 -62.62 -39.82 31.78
CA GLY X 140 -63.75 -40.30 31.02
C GLY X 140 -64.41 -39.22 30.16
N VAL X 141 -64.35 -37.98 30.64
CA VAL X 141 -64.84 -36.84 29.88
C VAL X 141 -63.99 -36.68 28.65
N LEU X 142 -62.69 -36.66 28.84
CA LEU X 142 -61.75 -36.49 27.73
C LEU X 142 -61.88 -37.59 26.67
N GLU X 143 -61.69 -38.84 27.08
CA GLU X 143 -61.60 -39.99 26.16
C GLU X 143 -62.84 -40.12 25.29
N ALA X 144 -63.87 -39.37 25.67
CA ALA X 144 -65.15 -39.38 24.97
C ALA X 144 -65.63 -37.97 24.58
N GLY X 145 -64.68 -37.07 24.34
CA GLY X 145 -65.03 -35.70 23.99
C GLY X 145 -63.85 -35.00 23.38
N TYR X 146 -62.99 -35.80 22.78
CA TYR X 146 -61.77 -35.30 22.22
C TYR X 146 -61.62 -35.72 20.76
N ASP X 147 -61.33 -34.75 19.90
CA ASP X 147 -61.06 -35.04 18.52
C ASP X 147 -59.67 -34.52 18.22
N ARG X 148 -59.02 -35.05 17.20
CA ARG X 148 -57.67 -34.63 16.87
C ARG X 148 -57.57 -33.11 16.75
N ASP X 149 -58.52 -32.52 16.02
CA ASP X 149 -58.46 -31.12 15.63
C ASP X 149 -59.59 -30.24 16.18
N MET X 150 -59.65 -30.11 17.49
CA MET X 150 -60.69 -29.31 18.12
C MET X 150 -60.11 -28.00 18.58
N SER X 151 -60.54 -26.93 17.93
CA SER X 151 -60.06 -25.57 18.16
C SER X 151 -59.42 -25.19 19.51
N VAL X 152 -58.74 -24.05 19.48
CA VAL X 152 -58.33 -23.38 20.70
C VAL X 152 -59.48 -23.51 21.69
N GLU X 153 -60.70 -23.23 21.20
CA GLU X 153 -61.92 -23.12 22.01
C GLU X 153 -62.52 -24.45 22.47
N GLU X 154 -62.80 -25.34 21.52
CA GLU X 154 -63.41 -26.62 21.85
C GLU X 154 -62.55 -27.37 22.86
N GLY X 155 -61.28 -27.01 22.95
CA GLY X 155 -60.38 -27.61 23.90
C GLY X 155 -60.65 -27.15 25.31
N ILE X 156 -60.36 -25.88 25.56
CA ILE X 156 -60.56 -25.27 26.87
C ILE X 156 -61.98 -25.47 27.37
N LYS X 157 -62.92 -25.64 26.44
CA LYS X 157 -64.30 -25.97 26.79
C LYS X 157 -64.33 -27.38 27.40
N LEU X 158 -63.80 -28.34 26.64
CA LEU X 158 -63.65 -29.73 27.10
C LEU X 158 -62.98 -29.76 28.47
N ALA X 159 -61.79 -29.15 28.48
CA ALA X 159 -60.92 -29.01 29.66
C ALA X 159 -61.61 -28.75 30.99
N LEU X 160 -62.30 -27.60 31.10
CA LEU X 160 -63.09 -27.33 32.27
C LEU X 160 -63.99 -28.52 32.43
N ASN X 161 -64.65 -28.91 31.35
CA ASN X 161 -65.68 -29.91 31.47
C ASN X 161 -65.23 -31.18 32.15
N ALA X 162 -64.00 -31.62 31.90
CA ALA X 162 -63.47 -32.70 32.70
C ALA X 162 -63.60 -32.26 34.14
N LEU X 163 -62.83 -31.25 34.51
CA LEU X 163 -62.86 -30.75 35.87
C LEU X 163 -64.27 -30.68 36.42
N LYS X 164 -65.23 -30.28 35.59
CA LYS X 164 -66.61 -30.15 36.03
C LYS X 164 -67.14 -31.46 36.67
N SER X 165 -66.84 -32.58 36.02
CA SER X 165 -67.19 -33.88 36.59
C SER X 165 -66.34 -34.19 37.81
N ALA X 166 -65.02 -34.26 37.63
CA ALA X 166 -64.11 -34.66 38.70
C ALA X 166 -64.46 -33.99 39.98
N MET X 167 -64.44 -32.66 39.94
CA MET X 167 -64.73 -31.79 41.09
C MET X 167 -66.07 -32.06 41.72
N GLU X 168 -67.00 -32.50 40.89
CA GLU X 168 -68.31 -32.85 41.35
C GLU X 168 -68.50 -34.36 41.40
N ARG X 169 -67.43 -35.12 41.56
CA ARG X 169 -67.55 -36.55 41.86
C ARG X 169 -66.34 -37.01 42.59
N ASP X 170 -65.64 -36.08 43.22
CA ASP X 170 -64.45 -36.43 43.92
C ASP X 170 -64.35 -35.75 45.28
N THR X 171 -64.15 -36.56 46.31
CA THR X 171 -64.06 -36.05 47.66
C THR X 171 -62.95 -35.05 47.80
N PHE X 172 -61.89 -35.20 47.00
CA PHE X 172 -60.64 -34.44 47.23
C PHE X 172 -60.28 -33.41 46.19
N SER X 173 -61.07 -33.33 45.14
CA SER X 173 -60.89 -32.33 44.11
C SER X 173 -62.04 -31.32 44.16
N GLY X 174 -61.89 -30.25 43.41
CA GLY X 174 -63.00 -29.40 43.11
C GLY X 174 -63.41 -28.31 44.07
N ASN X 175 -62.45 -27.57 44.59
CA ASN X 175 -62.82 -26.27 45.15
C ASN X 175 -62.27 -25.29 44.16
N GLY X 176 -63.14 -24.69 43.34
CA GLY X 176 -62.68 -23.75 42.33
C GLY X 176 -61.69 -24.32 41.33
N ILE X 177 -61.41 -23.57 40.29
CA ILE X 177 -60.67 -24.14 39.21
C ILE X 177 -59.70 -23.06 38.71
N SER X 178 -58.60 -23.49 38.06
CA SER X 178 -57.65 -22.55 37.43
C SER X 178 -57.12 -23.11 36.11
N LEU X 179 -56.76 -22.20 35.21
CA LEU X 179 -56.59 -22.54 33.81
C LEU X 179 -55.51 -21.72 33.13
N ALA X 180 -54.72 -22.37 32.28
CA ALA X 180 -53.75 -21.66 31.47
C ALA X 180 -53.40 -22.37 30.17
N VAL X 181 -53.29 -21.58 29.11
CA VAL X 181 -52.92 -22.09 27.79
C VAL X 181 -51.58 -21.51 27.32
N ILE X 182 -50.63 -22.41 27.11
CA ILE X 182 -49.36 -22.06 26.50
C ILE X 182 -49.55 -22.10 24.98
N THR X 183 -48.90 -21.18 24.28
CA THR X 183 -48.98 -21.15 22.82
C THR X 183 -47.78 -20.40 22.30
N LYS X 184 -47.37 -20.67 21.06
CA LYS X 184 -46.13 -20.09 20.57
C LYS X 184 -45.76 -18.83 21.33
N ASP X 185 -46.43 -17.72 21.04
CA ASP X 185 -46.02 -16.42 21.57
C ASP X 185 -46.05 -16.24 23.10
N GLY X 186 -46.71 -17.15 23.84
CA GLY X 186 -46.73 -17.04 25.29
C GLY X 186 -47.50 -18.05 26.13
N VAL X 187 -48.00 -17.58 27.26
CA VAL X 187 -48.59 -18.41 28.29
C VAL X 187 -49.62 -17.63 29.08
N LYS X 188 -50.91 -17.84 28.83
CA LYS X 188 -51.97 -17.11 29.55
C LYS X 188 -52.42 -17.73 30.90
N ILE X 189 -52.07 -17.12 32.03
CA ILE X 189 -52.62 -17.56 33.32
C ILE X 189 -53.97 -16.87 33.53
N PHE X 190 -55.06 -17.60 33.46
CA PHE X 190 -56.32 -16.91 33.55
C PHE X 190 -56.56 -16.48 34.97
N GLU X 191 -56.97 -15.22 35.10
CA GLU X 191 -57.31 -14.67 36.39
C GLU X 191 -58.79 -14.95 36.72
N ASP X 192 -58.98 -15.90 37.60
CA ASP X 192 -60.32 -16.34 37.98
C ASP X 192 -61.43 -15.64 37.20
N GLU X 193 -61.80 -14.43 37.59
CA GLU X 193 -62.98 -13.76 37.03
C GLU X 193 -63.28 -14.09 35.56
N GLU X 194 -62.31 -13.90 34.69
CA GLU X 194 -62.59 -14.12 33.28
C GLU X 194 -62.91 -15.59 33.02
N ILE X 195 -62.12 -16.51 33.57
CA ILE X 195 -62.36 -17.94 33.36
C ILE X 195 -63.88 -18.14 33.31
N GLU X 196 -64.48 -18.07 34.49
CA GLU X 196 -65.94 -18.11 34.71
C GLU X 196 -66.78 -17.93 33.46
N LYS X 197 -66.49 -16.88 32.70
CA LYS X 197 -67.30 -16.52 31.54
C LYS X 197 -67.74 -17.72 30.74
N ILE X 198 -66.82 -18.67 30.58
CA ILE X 198 -67.01 -19.82 29.70
C ILE X 198 -68.21 -20.70 30.10
N LEU X 199 -68.15 -21.37 31.26
CA LEU X 199 -69.26 -22.26 31.67
C LEU X 199 -70.59 -21.50 31.79
N ASP X 200 -70.54 -20.17 31.65
CA ASP X 200 -71.74 -19.34 31.51
C ASP X 200 -72.27 -19.41 30.09
N SER X 201 -71.36 -19.22 29.13
CA SER X 201 -71.66 -19.42 27.72
C SER X 201 -71.75 -20.92 27.37
N MET X 202 -71.54 -21.77 28.37
CA MET X 202 -71.70 -23.22 28.24
C MET X 202 -73.09 -23.66 28.73
N LYS X 203 -73.17 -24.91 29.17
CA LYS X 203 -74.40 -25.49 29.72
C LYS X 203 -74.47 -25.26 31.25
N THR Y 2 -53.51 -25.88 70.94
CA THR Y 2 -53.31 -26.21 69.53
C THR Y 2 -54.48 -25.73 68.67
N THR Y 3 -54.65 -24.41 68.53
CA THR Y 3 -55.70 -23.82 67.67
C THR Y 3 -55.42 -22.35 67.33
N THR Y 4 -54.83 -22.11 66.16
CA THR Y 4 -54.50 -20.76 65.70
C THR Y 4 -55.41 -20.32 64.54
N VAL Y 5 -55.52 -19.01 64.31
CA VAL Y 5 -56.32 -18.53 63.19
C VAL Y 5 -55.66 -17.33 62.57
N GLY Y 6 -55.96 -17.09 61.30
CA GLY Y 6 -55.48 -15.90 60.61
C GLY Y 6 -56.45 -15.44 59.54
N LEU Y 7 -56.46 -14.14 59.27
CA LEU Y 7 -57.43 -13.56 58.36
C LEU Y 7 -57.13 -12.12 57.96
N ILE Y 8 -57.53 -11.77 56.75
CA ILE Y 8 -57.25 -10.46 56.19
C ILE Y 8 -58.48 -9.56 56.21
N CYS Y 9 -58.38 -8.51 57.01
CA CYS Y 9 -59.50 -7.59 57.18
C CYS Y 9 -59.07 -6.18 56.81
N ASP Y 10 -59.38 -5.80 55.57
CA ASP Y 10 -59.10 -4.46 55.07
C ASP Y 10 -57.62 -4.14 55.13
N ASP Y 11 -57.27 -3.36 56.14
CA ASP Y 11 -55.96 -2.75 56.23
C ASP Y 11 -54.88 -3.80 56.36
N ALA Y 12 -54.93 -4.55 57.45
CA ALA Y 12 -53.85 -5.45 57.80
C ALA Y 12 -54.41 -6.81 58.13
N VAL Y 13 -53.70 -7.57 58.96
CA VAL Y 13 -54.04 -8.97 59.20
C VAL Y 13 -54.05 -9.35 60.67
N ILE Y 14 -54.94 -10.27 61.06
CA ILE Y 14 -55.01 -10.69 62.46
C ILE Y 14 -54.48 -12.12 62.69
N LEU Y 15 -53.98 -12.40 63.88
CA LEU Y 15 -53.60 -13.77 64.27
C LEU Y 15 -53.93 -14.09 65.73
N ALA Y 16 -54.36 -15.34 65.95
CA ALA Y 16 -54.75 -15.84 67.29
C ALA Y 16 -54.48 -17.35 67.56
N THR Y 17 -54.20 -17.63 68.83
CA THR Y 17 -53.78 -18.95 69.31
C THR Y 17 -54.63 -19.45 70.46
N ASP Y 18 -54.13 -20.45 71.16
CA ASP Y 18 -54.71 -20.88 72.40
C ASP Y 18 -53.57 -21.30 73.29
N LYS Y 19 -53.38 -20.59 74.39
CA LYS Y 19 -52.23 -20.86 75.23
C LYS Y 19 -52.37 -22.20 75.94
N ARG Y 20 -52.95 -23.19 75.27
CA ARG Y 20 -53.11 -24.54 75.86
C ARG Y 20 -52.18 -25.59 75.28
N ALA Y 21 -51.34 -26.13 76.17
CA ALA Y 21 -50.43 -27.21 75.84
C ALA Y 21 -51.10 -28.50 76.25
N SER Y 22 -50.68 -29.62 75.68
CA SER Y 22 -51.49 -30.81 75.83
C SER Y 22 -50.70 -32.08 75.79
N LEU Y 23 -50.14 -32.45 76.93
CA LEU Y 23 -49.36 -33.66 77.04
C LEU Y 23 -50.27 -34.87 77.03
N GLY Y 24 -50.86 -35.16 75.87
CA GLY Y 24 -51.80 -36.27 75.74
C GLY Y 24 -53.01 -36.12 76.63
N ASN Y 25 -53.10 -36.96 77.65
CA ASN Y 25 -54.20 -36.91 78.61
C ASN Y 25 -54.12 -35.64 79.46
N LEU Y 26 -52.92 -35.35 79.97
CA LEU Y 26 -52.72 -34.26 80.92
C LEU Y 26 -52.60 -32.91 80.22
N VAL Y 27 -53.23 -31.90 80.81
CA VAL Y 27 -53.04 -30.55 80.33
C VAL Y 27 -51.76 -30.08 81.00
N ALA Y 28 -50.76 -29.72 80.20
CA ALA Y 28 -49.41 -29.52 80.71
C ALA Y 28 -49.07 -28.07 80.99
N ASP Y 29 -49.58 -27.18 80.17
CA ASP Y 29 -49.25 -25.77 80.32
C ASP Y 29 -50.52 -24.93 80.26
N LYS Y 30 -50.81 -24.27 81.37
CA LYS Y 30 -51.97 -23.42 81.52
C LYS Y 30 -51.81 -22.12 80.72
N GLU Y 31 -50.67 -21.98 80.05
CA GLU Y 31 -50.37 -20.75 79.32
C GLU Y 31 -49.20 -20.94 78.35
N ALA Y 32 -49.48 -21.51 77.18
CA ALA Y 32 -48.40 -21.83 76.23
C ALA Y 32 -48.42 -20.94 75.01
N LYS Y 33 -47.36 -20.17 74.82
CA LYS Y 33 -47.29 -19.22 73.72
C LYS Y 33 -47.33 -19.93 72.39
N LYS Y 34 -48.20 -19.44 71.52
CA LYS Y 34 -48.36 -20.02 70.19
C LYS Y 34 -48.31 -18.95 69.09
N LEU Y 35 -47.89 -17.76 69.47
CA LEU Y 35 -47.77 -16.62 68.56
C LEU Y 35 -46.40 -15.92 68.68
N TYR Y 36 -45.66 -15.82 67.59
CA TYR Y 36 -44.33 -15.19 67.63
C TYR Y 36 -44.10 -14.15 66.54
N LYS Y 37 -43.56 -13.01 66.98
CA LYS Y 37 -43.16 -11.92 66.10
C LYS Y 37 -41.68 -12.04 65.86
N ILE Y 38 -41.31 -12.36 64.62
CA ILE Y 38 -39.91 -12.50 64.27
C ILE Y 38 -39.32 -11.17 63.77
N ASP Y 39 -40.13 -10.34 63.14
CA ASP Y 39 -39.60 -9.10 62.62
C ASP Y 39 -40.65 -8.02 62.57
N ASP Y 40 -40.22 -6.82 62.94
CA ASP Y 40 -41.08 -5.66 63.12
C ASP Y 40 -42.30 -5.58 62.21
N TYR Y 41 -42.28 -6.29 61.07
CA TYR Y 41 -43.38 -6.18 60.11
C TYR Y 41 -44.06 -7.51 59.79
N ILE Y 42 -43.69 -8.55 60.51
CA ILE Y 42 -44.23 -9.90 60.29
C ILE Y 42 -44.36 -10.64 61.59
N ALA Y 43 -45.29 -11.59 61.65
CA ALA Y 43 -45.48 -12.37 62.85
C ALA Y 43 -46.09 -13.70 62.49
N MET Y 44 -45.80 -14.75 63.26
CA MET Y 44 -46.26 -16.11 62.90
C MET Y 44 -46.90 -16.91 64.05
N THR Y 45 -47.60 -18.02 63.72
CA THR Y 45 -48.22 -18.88 64.75
C THR Y 45 -47.83 -20.34 64.55
N ILE Y 46 -47.45 -20.99 65.65
CA ILE Y 46 -47.07 -22.41 65.64
C ILE Y 46 -48.15 -23.32 66.19
N ALA Y 47 -48.42 -24.40 65.47
CA ALA Y 47 -49.42 -25.38 65.89
C ALA Y 47 -48.93 -26.81 65.71
N GLY Y 48 -48.97 -27.59 66.77
CA GLY Y 48 -48.45 -28.94 66.69
C GLY Y 48 -47.16 -29.20 67.46
N SER Y 49 -46.16 -29.79 66.81
CA SER Y 49 -44.95 -30.28 67.49
C SER Y 49 -44.09 -29.20 68.17
N VAL Y 50 -44.27 -29.02 69.47
CA VAL Y 50 -43.63 -27.91 70.19
C VAL Y 50 -42.16 -27.74 69.88
N GLY Y 51 -41.33 -28.56 70.52
CA GLY Y 51 -39.88 -28.43 70.44
C GLY Y 51 -39.30 -28.45 69.05
N ASP Y 52 -40.15 -28.66 68.06
CA ASP Y 52 -39.71 -28.67 66.68
C ASP Y 52 -39.94 -27.26 66.13
N ALA Y 53 -41.13 -26.71 66.38
CA ALA Y 53 -41.48 -25.41 65.88
C ALA Y 53 -40.75 -24.38 66.73
N GLN Y 54 -40.70 -24.63 68.04
CA GLN Y 54 -39.89 -23.84 68.97
C GLN Y 54 -38.60 -23.45 68.29
N ALA Y 55 -37.76 -24.45 68.03
CA ALA Y 55 -36.60 -24.25 67.17
C ALA Y 55 -36.99 -23.44 65.93
N ILE Y 56 -37.75 -24.01 64.99
CA ILE Y 56 -38.13 -23.30 63.77
C ILE Y 56 -38.33 -21.80 63.92
N VAL Y 57 -38.77 -21.35 65.10
CA VAL Y 57 -38.97 -19.93 65.41
C VAL Y 57 -37.63 -19.21 65.54
N ARG Y 58 -36.86 -19.58 66.55
CA ARG Y 58 -35.51 -19.07 66.75
C ARG Y 58 -34.69 -19.21 65.46
N LEU Y 59 -34.65 -20.44 64.94
CA LEU Y 59 -33.90 -20.82 63.69
C LEU Y 59 -34.36 -20.03 62.43
N LEU Y 60 -35.03 -18.91 62.66
CA LEU Y 60 -35.69 -18.15 61.59
C LEU Y 60 -35.60 -16.68 61.94
N ILE Y 61 -35.99 -16.37 63.17
CA ILE Y 61 -35.85 -15.05 63.73
C ILE Y 61 -34.47 -14.55 63.37
N ALA Y 62 -33.48 -15.34 63.74
CA ALA Y 62 -32.09 -15.07 63.40
C ALA Y 62 -31.94 -14.62 61.94
N GLU Y 63 -32.55 -15.37 61.04
CA GLU Y 63 -32.41 -15.14 59.59
C GLU Y 63 -33.26 -13.97 59.10
N ALA Y 64 -34.07 -13.42 59.98
CA ALA Y 64 -34.86 -12.25 59.62
C ALA Y 64 -34.04 -11.02 59.99
N LYS Y 65 -33.94 -10.79 61.30
CA LYS Y 65 -33.03 -9.81 61.84
C LYS Y 65 -31.64 -10.30 61.48
N LEU Y 66 -31.41 -10.35 60.17
CA LEU Y 66 -30.10 -10.63 59.61
C LEU Y 66 -30.22 -10.10 58.20
N TYR Y 67 -31.01 -10.78 57.39
CA TYR Y 67 -31.41 -10.28 56.08
C TYR Y 67 -31.64 -8.79 56.16
N LYS Y 68 -32.34 -8.37 57.22
CA LYS Y 68 -32.73 -6.96 57.46
C LYS Y 68 -31.51 -6.06 57.44
N MET Y 69 -30.54 -6.40 58.28
CA MET Y 69 -29.27 -5.71 58.30
C MET Y 69 -28.62 -5.76 56.93
N ARG Y 70 -28.01 -6.89 56.59
CA ARG Y 70 -27.30 -7.07 55.32
C ARG Y 70 -27.89 -6.29 54.15
N THR Y 71 -29.13 -5.84 54.28
CA THR Y 71 -29.67 -5.08 53.18
C THR Y 71 -30.91 -4.27 53.56
N GLY Y 72 -30.85 -3.60 54.69
CA GLY Y 72 -31.92 -2.70 55.08
C GLY Y 72 -33.28 -3.37 55.10
N ARG Y 73 -34.03 -3.23 54.01
CA ARG Y 73 -35.40 -3.77 53.89
C ARG Y 73 -35.70 -4.89 54.87
N ASN Y 74 -36.79 -4.75 55.63
CA ASN Y 74 -37.18 -5.83 56.52
C ASN Y 74 -37.66 -7.01 55.68
N ILE Y 75 -36.92 -8.13 55.74
CA ILE Y 75 -37.24 -9.35 55.00
C ILE Y 75 -38.71 -9.41 54.53
N PRO Y 76 -38.98 -9.22 53.22
CA PRO Y 76 -40.39 -9.17 52.80
C PRO Y 76 -41.12 -10.45 53.16
N PRO Y 77 -42.39 -10.36 53.59
CA PRO Y 77 -43.12 -11.50 54.15
C PRO Y 77 -43.02 -12.71 53.22
N LEU Y 78 -43.64 -12.62 52.04
CA LEU Y 78 -43.65 -13.70 51.02
C LEU Y 78 -42.29 -14.11 50.49
N ALA Y 79 -41.26 -13.76 51.25
CA ALA Y 79 -39.89 -14.03 50.88
C ALA Y 79 -39.29 -14.68 52.07
N CYS Y 80 -39.66 -14.15 53.23
CA CYS Y 80 -39.49 -14.86 54.47
C CYS Y 80 -40.24 -16.21 54.39
N ALA Y 81 -41.51 -16.17 53.99
CA ALA Y 81 -42.28 -17.39 53.91
C ALA Y 81 -41.49 -18.42 53.12
N THR Y 82 -41.10 -18.05 51.92
CA THR Y 82 -40.54 -19.00 50.98
C THR Y 82 -39.18 -19.46 51.48
N LEU Y 83 -38.84 -19.05 52.70
CA LEU Y 83 -37.78 -19.74 53.40
C LEU Y 83 -38.34 -20.99 54.03
N LEU Y 84 -39.32 -20.81 54.91
CA LEU Y 84 -39.95 -21.96 55.53
C LEU Y 84 -40.24 -23.06 54.49
N SER Y 85 -41.04 -22.74 53.48
CA SER Y 85 -41.24 -23.70 52.41
C SER Y 85 -39.94 -24.48 52.23
N ASN Y 86 -38.82 -23.76 52.12
CA ASN Y 86 -37.55 -24.44 51.94
C ASN Y 86 -36.98 -24.97 53.24
N ILE Y 87 -37.12 -24.23 54.32
CA ILE Y 87 -36.49 -24.63 55.56
C ILE Y 87 -37.15 -25.89 56.09
N LEU Y 88 -38.32 -26.22 55.55
CA LEU Y 88 -38.98 -27.46 55.94
C LEU Y 88 -38.53 -28.62 55.04
N HIS Y 89 -38.77 -28.46 53.74
CA HIS Y 89 -38.49 -29.45 52.71
C HIS Y 89 -37.03 -29.89 52.65
N SER Y 90 -36.22 -29.31 53.52
CA SER Y 90 -34.84 -29.76 53.70
C SER Y 90 -34.91 -30.98 54.58
N SER Y 91 -35.88 -30.97 55.46
CA SER Y 91 -36.09 -32.10 56.30
C SER Y 91 -37.26 -32.99 55.84
N ARG Y 92 -37.49 -33.04 54.53
CA ARG Y 92 -38.43 -34.00 54.03
C ARG Y 92 -37.71 -35.33 54.12
N MET Y 93 -36.50 -35.38 53.54
CA MET Y 93 -35.66 -36.60 53.52
C MET Y 93 -35.50 -37.06 54.95
N PHE Y 94 -35.96 -36.18 55.83
CA PHE Y 94 -35.73 -36.22 57.25
C PHE Y 94 -37.10 -36.27 57.97
N PRO Y 95 -37.07 -36.57 59.28
CA PRO Y 95 -38.27 -36.49 60.14
C PRO Y 95 -38.74 -35.10 60.58
N PHE Y 96 -38.88 -34.10 59.72
CA PHE Y 96 -39.38 -32.85 60.31
C PHE Y 96 -40.88 -33.01 60.43
N LEU Y 97 -41.51 -32.00 61.05
CA LEU Y 97 -42.96 -31.84 61.12
C LEU Y 97 -43.35 -30.52 61.79
N THR Y 98 -44.56 -30.03 61.46
CA THR Y 98 -45.29 -28.98 62.19
C THR Y 98 -45.97 -27.90 61.34
N GLN Y 99 -47.10 -27.44 61.85
CA GLN Y 99 -47.94 -26.47 61.17
C GLN Y 99 -47.37 -25.06 61.23
N ILE Y 100 -48.15 -24.06 60.77
CA ILE Y 100 -47.72 -22.67 60.73
C ILE Y 100 -48.49 -21.66 59.82
N ILE Y 101 -48.63 -20.44 60.35
CA ILE Y 101 -49.17 -19.29 59.63
C ILE Y 101 -48.18 -18.17 59.86
N ILE Y 102 -47.79 -17.46 58.80
CA ILE Y 102 -47.07 -16.17 58.96
C ILE Y 102 -47.83 -15.07 58.29
N GLY Y 103 -47.75 -13.89 58.88
CA GLY Y 103 -48.53 -12.72 58.46
C GLY Y 103 -47.86 -11.42 58.83
N GLY Y 104 -47.64 -10.59 57.82
CA GLY Y 104 -46.91 -9.37 58.01
C GLY Y 104 -47.38 -8.37 56.99
N TYR Y 105 -46.91 -7.13 57.15
CA TYR Y 105 -47.27 -6.10 56.21
C TYR Y 105 -46.08 -5.86 55.31
N ASP Y 106 -46.26 -6.17 54.04
CA ASP Y 106 -45.16 -6.07 53.11
C ASP Y 106 -44.88 -4.62 52.89
N LEU Y 107 -43.60 -4.29 52.96
CA LEU Y 107 -43.12 -2.95 52.71
C LEU Y 107 -44.13 -2.18 51.85
N LEU Y 108 -44.32 -2.61 50.60
CA LEU Y 108 -45.23 -1.89 49.73
C LEU Y 108 -46.44 -2.70 49.32
N GLU Y 109 -46.25 -4.00 49.15
CA GLU Y 109 -47.31 -4.85 48.63
C GLU Y 109 -48.50 -4.94 49.55
N GLY Y 110 -48.28 -4.70 50.84
CA GLY Y 110 -49.38 -4.62 51.79
C GLY Y 110 -49.49 -5.74 52.81
N ALA Y 111 -50.72 -6.12 53.12
CA ALA Y 111 -50.93 -7.15 54.11
C ALA Y 111 -50.73 -8.45 53.41
N LYS Y 112 -50.07 -9.37 54.07
CA LYS Y 112 -49.88 -10.68 53.51
C LYS Y 112 -50.13 -11.72 54.60
N LEU Y 113 -50.70 -12.87 54.21
CA LEU Y 113 -50.95 -13.96 55.15
C LEU Y 113 -50.49 -15.27 54.54
N PHE Y 114 -49.83 -16.12 55.33
CA PHE Y 114 -49.38 -17.42 54.81
C PHE Y 114 -49.65 -18.68 55.64
N SER Y 115 -50.19 -19.68 54.95
CA SER Y 115 -50.43 -21.02 55.46
C SER Y 115 -49.17 -21.89 55.19
N LEU Y 116 -48.83 -22.78 56.13
CA LEU Y 116 -47.63 -23.62 55.96
C LEU Y 116 -47.63 -25.01 56.65
N ASP Y 117 -47.54 -26.10 55.86
CA ASP Y 117 -47.55 -27.49 56.35
C ASP Y 117 -46.13 -28.09 56.50
N PRO Y 118 -45.96 -29.08 57.40
CA PRO Y 118 -44.69 -29.58 57.97
C PRO Y 118 -43.73 -30.13 56.95
N LEU Y 119 -44.27 -30.46 55.78
CA LEU Y 119 -43.47 -30.87 54.64
C LEU Y 119 -42.82 -29.61 54.07
N GLY Y 120 -43.66 -28.68 53.63
CA GLY Y 120 -43.19 -27.44 53.05
C GLY Y 120 -44.28 -26.92 52.15
N GLY Y 121 -45.47 -27.45 52.35
CA GLY Y 121 -46.61 -27.01 51.59
C GLY Y 121 -46.88 -25.58 51.93
N MET Y 122 -46.90 -24.75 50.91
CA MET Y 122 -47.20 -23.35 51.11
C MET Y 122 -48.37 -22.87 50.26
N ASN Y 123 -49.21 -22.04 50.87
CA ASN Y 123 -50.08 -21.21 50.06
C ASN Y 123 -50.37 -19.87 50.70
N GLU Y 124 -50.46 -18.86 49.84
CA GLU Y 124 -50.92 -17.56 50.26
C GLU Y 124 -52.44 -17.62 50.43
N GLU Y 125 -52.90 -17.28 51.63
CA GLU Y 125 -54.33 -17.19 51.92
C GLU Y 125 -54.88 -15.75 51.86
N LYS Y 126 -55.73 -15.51 50.87
CA LYS Y 126 -56.17 -14.17 50.50
C LYS Y 126 -57.32 -13.73 51.37
N THR Y 127 -57.96 -14.71 51.99
CA THR Y 127 -59.15 -14.48 52.81
C THR Y 127 -58.86 -14.73 54.28
N PHE Y 128 -58.89 -15.99 54.68
CA PHE Y 128 -58.71 -16.37 56.08
C PHE Y 128 -58.34 -17.81 56.15
N THR Y 129 -57.59 -18.16 57.18
CA THR Y 129 -57.13 -19.52 57.31
C THR Y 129 -56.82 -19.83 58.76
N ALA Y 130 -56.79 -21.12 59.08
CA ALA Y 130 -56.51 -21.54 60.43
C ALA Y 130 -55.96 -22.94 60.50
N THR Y 131 -55.40 -23.26 61.66
CA THR Y 131 -54.68 -24.49 61.85
C THR Y 131 -54.61 -24.91 63.30
N GLY Y 132 -54.54 -26.22 63.52
CA GLY Y 132 -54.26 -26.76 64.85
C GLY Y 132 -55.27 -27.77 65.31
N SER Y 133 -54.98 -28.44 66.41
CA SER Y 133 -55.82 -29.53 66.89
C SER Y 133 -57.31 -29.25 66.76
N GLY Y 134 -57.73 -28.06 67.09
CA GLY Y 134 -59.15 -27.76 66.98
C GLY Y 134 -59.40 -26.76 65.88
N SER Y 135 -58.93 -27.06 64.68
CA SER Y 135 -58.88 -26.05 63.63
C SER Y 135 -60.19 -25.91 62.90
N PRO Y 136 -60.73 -27.05 62.49
CA PRO Y 136 -61.97 -27.02 61.72
C PRO Y 136 -63.08 -26.42 62.55
N ILE Y 137 -63.08 -26.60 63.87
CA ILE Y 137 -64.13 -25.99 64.65
C ILE Y 137 -64.05 -24.50 64.36
N ALA Y 138 -62.88 -23.93 64.61
CA ALA Y 138 -62.58 -22.53 64.38
C ALA Y 138 -62.94 -22.11 62.96
N TYR Y 139 -62.55 -22.95 62.00
CA TYR Y 139 -62.90 -22.72 60.61
C TYR Y 139 -64.35 -22.37 60.47
N GLY Y 140 -65.21 -23.36 60.68
CA GLY Y 140 -66.65 -23.19 60.54
C GLY Y 140 -67.02 -21.74 60.78
N VAL Y 141 -66.52 -21.18 61.90
CA VAL Y 141 -66.85 -19.82 62.34
C VAL Y 141 -66.54 -18.86 61.24
N LEU Y 142 -65.30 -18.92 60.79
CA LEU Y 142 -64.85 -18.07 59.74
C LEU Y 142 -65.70 -18.25 58.49
N GLU Y 143 -65.84 -19.48 58.01
CA GLU Y 143 -66.44 -19.70 56.67
C GLU Y 143 -67.85 -19.12 56.55
N ALA Y 144 -68.51 -18.91 57.68
CA ALA Y 144 -69.86 -18.35 57.65
C ALA Y 144 -69.95 -17.06 58.49
N GLY Y 145 -68.82 -16.40 58.67
CA GLY Y 145 -68.77 -15.18 59.47
C GLY Y 145 -67.72 -14.21 58.97
N TYR Y 146 -67.43 -14.29 57.69
CA TYR Y 146 -66.40 -13.45 57.10
C TYR Y 146 -66.91 -12.76 55.82
N ASP Y 147 -66.44 -11.54 55.61
CA ASP Y 147 -66.77 -10.77 54.42
C ASP Y 147 -65.46 -10.17 53.92
N ARG Y 148 -65.36 -9.93 52.62
CA ARG Y 148 -64.13 -9.35 52.06
C ARG Y 148 -63.63 -8.18 52.89
N ASP Y 149 -64.50 -7.20 53.12
CA ASP Y 149 -64.12 -5.92 53.72
C ASP Y 149 -64.71 -5.66 55.09
N MET Y 150 -64.34 -6.50 56.05
CA MET Y 150 -64.81 -6.35 57.42
C MET Y 150 -63.76 -5.62 58.24
N SER Y 151 -64.11 -4.42 58.65
CA SER Y 151 -63.30 -3.64 59.57
C SER Y 151 -62.20 -4.39 60.30
N VAL Y 152 -61.10 -3.70 60.49
CA VAL Y 152 -60.15 -4.04 61.54
C VAL Y 152 -60.80 -4.69 62.77
N GLU Y 153 -61.99 -4.22 63.13
CA GLU Y 153 -62.64 -4.61 64.36
C GLU Y 153 -63.45 -5.87 64.12
N GLU Y 154 -64.31 -5.84 63.12
CA GLU Y 154 -65.19 -6.97 62.86
C GLU Y 154 -64.39 -8.27 62.66
N GLY Y 155 -63.06 -8.15 62.63
CA GLY Y 155 -62.16 -9.27 62.37
C GLY Y 155 -61.45 -9.87 63.58
N ILE Y 156 -61.08 -9.03 64.55
CA ILE Y 156 -60.59 -9.52 65.85
C ILE Y 156 -61.77 -9.97 66.68
N LYS Y 157 -62.94 -9.44 66.38
CA LYS Y 157 -64.15 -9.97 66.97
C LYS Y 157 -64.23 -11.42 66.51
N LEU Y 158 -64.57 -11.60 65.24
CA LEU Y 158 -64.73 -12.89 64.54
C LEU Y 158 -63.72 -13.95 64.96
N ALA Y 159 -62.46 -13.51 65.10
CA ALA Y 159 -61.34 -14.37 65.47
C ALA Y 159 -61.52 -15.03 66.85
N LEU Y 160 -61.61 -14.20 67.88
CA LEU Y 160 -61.93 -14.70 69.19
C LEU Y 160 -62.95 -15.79 69.02
N ASN Y 161 -64.08 -15.42 68.39
CA ASN Y 161 -65.24 -16.28 68.28
C ASN Y 161 -64.99 -17.57 67.54
N ALA Y 162 -64.02 -17.56 66.66
CA ALA Y 162 -63.56 -18.81 66.11
C ALA Y 162 -63.06 -19.61 67.30
N LEU Y 163 -62.11 -19.04 68.04
CA LEU Y 163 -61.53 -19.68 69.22
C LEU Y 163 -62.52 -19.97 70.35
N LYS Y 164 -63.35 -18.98 70.67
CA LYS Y 164 -64.45 -19.19 71.62
C LYS Y 164 -64.98 -20.56 71.30
N SER Y 165 -65.50 -20.69 70.09
CA SER Y 165 -65.90 -21.98 69.58
C SER Y 165 -64.80 -23.04 69.84
N ALA Y 166 -63.84 -23.20 68.92
CA ALA Y 166 -62.85 -24.27 69.02
C ALA Y 166 -62.39 -24.64 70.45
N MET Y 167 -62.27 -23.66 71.33
CA MET Y 167 -61.67 -23.90 72.64
C MET Y 167 -62.58 -24.68 73.57
N GLU Y 168 -63.87 -24.54 73.35
CA GLU Y 168 -64.83 -25.33 74.06
C GLU Y 168 -65.58 -26.18 73.08
N ARG Y 169 -64.83 -26.89 72.23
CA ARG Y 169 -65.34 -28.03 71.42
C ARG Y 169 -64.14 -28.83 70.95
N ASP Y 170 -63.17 -29.00 71.82
CA ASP Y 170 -61.95 -29.63 71.45
C ASP Y 170 -61.16 -29.97 72.69
N THR Y 171 -61.04 -31.25 72.96
CA THR Y 171 -60.29 -31.74 74.11
C THR Y 171 -58.88 -31.16 74.24
N PHE Y 172 -58.34 -30.56 73.18
CA PHE Y 172 -56.93 -30.18 73.11
C PHE Y 172 -56.67 -28.70 73.04
N SER Y 173 -57.70 -27.95 72.66
CA SER Y 173 -57.62 -26.49 72.67
C SER Y 173 -58.37 -25.88 73.86
N GLY Y 174 -58.24 -24.57 74.02
CA GLY Y 174 -59.07 -23.85 74.96
C GLY Y 174 -58.57 -23.45 76.32
N ASN Y 175 -57.26 -23.35 76.52
CA ASN Y 175 -56.82 -22.79 77.80
C ASN Y 175 -56.20 -21.44 77.54
N GLY Y 176 -56.98 -20.39 77.77
CA GLY Y 176 -56.52 -19.04 77.52
C GLY Y 176 -56.42 -18.72 76.04
N ILE Y 177 -56.27 -17.44 75.70
CA ILE Y 177 -56.24 -17.01 74.30
C ILE Y 177 -55.22 -15.89 74.06
N SER Y 178 -54.37 -16.05 73.05
CA SER Y 178 -53.42 -15.01 72.70
C SER Y 178 -53.66 -14.48 71.29
N LEU Y 179 -53.48 -13.18 71.14
CA LEU Y 179 -53.84 -12.48 69.90
C LEU Y 179 -52.78 -11.39 69.59
N ALA Y 180 -52.48 -11.20 68.30
CA ALA Y 180 -51.72 -10.03 67.84
C ALA Y 180 -52.22 -9.53 66.49
N VAL Y 181 -51.97 -8.25 66.19
CA VAL Y 181 -52.33 -7.70 64.88
C VAL Y 181 -51.17 -6.96 64.26
N ILE Y 182 -50.80 -7.38 63.06
CA ILE Y 182 -49.76 -6.73 62.31
C ILE Y 182 -50.38 -5.77 61.32
N THR Y 183 -49.81 -4.59 61.22
CA THR Y 183 -50.29 -3.52 60.33
C THR Y 183 -49.15 -2.62 59.95
N LYS Y 184 -49.31 -1.88 58.84
CA LYS Y 184 -48.24 -1.05 58.31
C LYS Y 184 -47.20 -0.58 59.32
N ASP Y 185 -47.62 0.12 60.36
CA ASP Y 185 -46.63 0.68 61.28
C ASP Y 185 -46.04 -0.28 62.33
N GLY Y 186 -46.71 -1.40 62.63
CA GLY Y 186 -46.19 -2.35 63.61
C GLY Y 186 -46.95 -3.63 63.90
N VAL Y 187 -46.55 -4.30 64.98
CA VAL Y 187 -47.13 -5.58 65.40
C VAL Y 187 -47.55 -5.55 66.88
N LYS Y 188 -48.85 -5.57 67.14
CA LYS Y 188 -49.31 -5.51 68.54
C LYS Y 188 -49.58 -6.86 69.18
N ILE Y 189 -48.76 -7.22 70.16
CA ILE Y 189 -49.04 -8.35 71.03
C ILE Y 189 -49.97 -7.87 72.14
N PHE Y 190 -51.11 -8.52 72.28
CA PHE Y 190 -52.07 -8.14 73.31
C PHE Y 190 -51.77 -8.80 74.63
N GLU Y 191 -51.61 -7.96 75.66
CA GLU Y 191 -51.37 -8.43 77.02
C GLU Y 191 -52.68 -8.91 77.64
N ASP Y 192 -52.75 -10.22 77.84
CA ASP Y 192 -53.92 -10.92 78.34
C ASP Y 192 -55.09 -10.04 78.80
N GLU Y 193 -54.85 -9.18 79.79
CA GLU Y 193 -55.92 -8.36 80.36
C GLU Y 193 -56.78 -7.64 79.32
N GLU Y 194 -56.13 -6.93 78.40
CA GLU Y 194 -56.85 -6.11 77.43
C GLU Y 194 -57.55 -6.94 76.35
N ILE Y 195 -56.99 -8.09 76.02
CA ILE Y 195 -57.66 -9.00 75.11
C ILE Y 195 -59.09 -9.03 75.61
N GLU Y 196 -59.23 -9.64 76.78
CA GLU Y 196 -60.48 -9.83 77.50
C GLU Y 196 -61.58 -8.82 77.22
N LYS Y 197 -61.20 -7.55 77.11
CA LYS Y 197 -62.20 -6.49 76.95
C LYS Y 197 -63.28 -6.89 75.95
N ILE Y 198 -62.85 -7.49 74.85
CA ILE Y 198 -63.73 -7.71 73.70
C ILE Y 198 -64.98 -8.58 73.98
N LEU Y 199 -64.79 -9.85 74.33
CA LEU Y 199 -65.96 -10.73 74.54
C LEU Y 199 -66.75 -10.34 75.78
N ASP Y 200 -66.40 -9.20 76.37
CA ASP Y 200 -67.25 -8.56 77.38
C ASP Y 200 -68.21 -7.59 76.69
N SER Y 201 -67.69 -6.85 75.71
CA SER Y 201 -68.49 -5.93 74.90
C SER Y 201 -69.30 -6.67 73.84
N MET Y 202 -69.05 -7.97 73.71
CA MET Y 202 -69.79 -8.82 72.80
C MET Y 202 -70.97 -9.54 73.53
N LYS Y 203 -71.13 -10.83 73.23
CA LYS Y 203 -72.18 -11.67 73.83
C LYS Y 203 -71.64 -12.55 74.97
N THR Z 2 -39.64 -40.77 90.56
CA THR Z 2 -40.04 -40.01 89.38
C THR Z 2 -41.25 -39.14 89.70
N THR Z 3 -41.00 -37.95 90.22
CA THR Z 3 -42.12 -37.02 90.43
C THR Z 3 -41.61 -35.68 91.00
N THR Z 4 -41.55 -34.66 90.14
CA THR Z 4 -40.88 -33.41 90.46
C THR Z 4 -41.84 -32.24 90.39
N VAL Z 5 -41.57 -31.22 91.18
CA VAL Z 5 -42.41 -30.02 91.16
C VAL Z 5 -41.58 -28.75 91.03
N GLY Z 6 -42.25 -27.65 90.73
CA GLY Z 6 -41.62 -26.34 90.68
C GLY Z 6 -42.69 -25.29 90.85
N LEU Z 7 -42.34 -24.19 91.49
CA LEU Z 7 -43.35 -23.20 91.73
C LEU Z 7 -42.73 -21.89 92.17
N ILE Z 8 -43.36 -20.80 91.74
CA ILE Z 8 -42.91 -19.47 92.07
C ILE Z 8 -43.81 -18.88 93.16
N CYS Z 9 -43.23 -18.72 94.34
CA CYS Z 9 -43.92 -18.12 95.46
C CYS Z 9 -43.17 -16.89 95.91
N ASP Z 10 -43.69 -15.73 95.49
CA ASP Z 10 -43.10 -14.47 95.90
C ASP Z 10 -41.65 -14.40 95.45
N ASP Z 11 -40.80 -14.41 96.47
CA ASP Z 11 -39.38 -14.07 96.38
C ASP Z 11 -38.73 -14.84 95.24
N ALA Z 12 -38.65 -16.14 95.42
CA ALA Z 12 -37.89 -16.98 94.52
C ALA Z 12 -38.72 -18.19 94.10
N VAL Z 13 -38.02 -19.31 93.87
CA VAL Z 13 -38.64 -20.50 93.29
C VAL Z 13 -38.24 -21.76 94.08
N ILE Z 14 -39.16 -22.69 94.26
CA ILE Z 14 -38.89 -23.93 95.00
C ILE Z 14 -38.81 -25.17 94.10
N LEU Z 15 -37.97 -26.12 94.50
CA LEU Z 15 -37.88 -27.37 93.76
C LEU Z 15 -37.93 -28.59 94.68
N ALA Z 16 -38.61 -29.66 94.23
CA ALA Z 16 -38.78 -30.90 95.00
C ALA Z 16 -38.94 -32.16 94.14
N THR Z 17 -38.23 -33.20 94.55
CA THR Z 17 -38.16 -34.44 93.80
C THR Z 17 -38.74 -35.62 94.59
N ASP Z 18 -38.41 -36.84 94.19
CA ASP Z 18 -38.66 -37.99 95.05
C ASP Z 18 -37.52 -38.96 94.84
N LYS Z 19 -36.91 -39.37 95.94
CA LYS Z 19 -35.67 -40.13 95.87
C LYS Z 19 -35.97 -41.56 95.45
N ARG Z 20 -36.86 -41.73 94.47
CA ARG Z 20 -37.25 -43.07 94.03
C ARG Z 20 -36.93 -43.46 92.57
N ALA Z 21 -36.00 -44.39 92.47
CA ALA Z 21 -35.64 -45.00 91.22
C ALA Z 21 -36.41 -46.28 91.13
N SER Z 22 -36.75 -46.65 89.92
CA SER Z 22 -37.77 -47.65 89.69
C SER Z 22 -37.37 -48.46 88.48
N LEU Z 23 -37.09 -49.74 88.68
CA LEU Z 23 -36.64 -50.60 87.57
C LEU Z 23 -37.70 -51.64 87.14
N GLY Z 24 -38.59 -51.22 86.25
CA GLY Z 24 -39.80 -51.98 86.05
C GLY Z 24 -40.37 -52.28 87.43
N ASN Z 25 -40.66 -53.54 87.68
CA ASN Z 25 -41.27 -54.01 88.92
C ASN Z 25 -40.49 -53.58 90.17
N LEU Z 26 -39.17 -53.74 90.12
CA LEU Z 26 -38.31 -53.59 91.30
C LEU Z 26 -38.11 -52.15 91.72
N VAL Z 27 -37.86 -51.98 93.01
CA VAL Z 27 -37.42 -50.70 93.49
C VAL Z 27 -35.90 -50.77 93.59
N ALA Z 28 -35.26 -49.97 92.76
CA ALA Z 28 -33.83 -50.09 92.49
C ALA Z 28 -32.99 -49.21 93.39
N ASP Z 29 -33.42 -47.98 93.59
CA ASP Z 29 -32.65 -47.05 94.41
C ASP Z 29 -33.58 -46.46 95.46
N LYS Z 30 -33.23 -46.67 96.72
CA LYS Z 30 -34.00 -46.19 97.84
C LYS Z 30 -33.69 -44.70 98.05
N GLU Z 31 -32.78 -44.18 97.22
CA GLU Z 31 -32.33 -42.78 97.31
C GLU Z 31 -31.63 -42.32 96.05
N ALA Z 32 -32.40 -41.83 95.08
CA ALA Z 32 -31.82 -41.34 93.84
C ALA Z 32 -31.97 -39.83 93.72
N LYS Z 33 -30.85 -39.14 93.55
CA LYS Z 33 -30.89 -37.70 93.36
C LYS Z 33 -31.64 -37.36 92.07
N LYS Z 34 -32.62 -36.47 92.19
CA LYS Z 34 -33.44 -36.01 91.07
C LYS Z 34 -33.44 -34.48 90.98
N LEU Z 35 -32.60 -33.88 91.81
CA LEU Z 35 -32.47 -32.43 91.98
C LEU Z 35 -31.01 -31.95 91.93
N TYR Z 36 -30.68 -31.20 90.88
CA TYR Z 36 -29.30 -30.78 90.63
C TYR Z 36 -29.23 -29.27 90.47
N LYS Z 37 -28.15 -28.69 91.02
CA LYS Z 37 -27.88 -27.26 90.93
C LYS Z 37 -26.71 -27.08 89.99
N ILE Z 38 -26.93 -26.40 88.88
CA ILE Z 38 -25.86 -26.29 87.91
C ILE Z 38 -24.97 -25.08 88.16
N ASP Z 39 -25.60 -23.94 88.42
CA ASP Z 39 -24.90 -22.66 88.56
C ASP Z 39 -25.43 -21.94 89.80
N ASP Z 40 -24.54 -21.23 90.48
CA ASP Z 40 -24.81 -20.60 91.78
C ASP Z 40 -26.20 -19.91 91.96
N TYR Z 41 -26.87 -19.64 90.83
CA TYR Z 41 -28.18 -18.98 90.85
C TYR Z 41 -29.28 -19.77 90.14
N ILE Z 42 -28.94 -20.96 89.61
CA ILE Z 42 -29.93 -21.80 88.93
C ILE Z 42 -29.85 -23.28 89.34
N ALA Z 43 -31.01 -23.91 89.49
CA ALA Z 43 -31.07 -25.35 89.82
C ALA Z 43 -32.20 -26.05 89.04
N MET Z 44 -32.02 -27.34 88.81
CA MET Z 44 -32.89 -28.05 87.88
C MET Z 44 -33.22 -29.44 88.40
N THR Z 45 -34.29 -30.04 87.85
CA THR Z 45 -34.74 -31.36 88.29
C THR Z 45 -34.86 -32.27 87.07
N ILE Z 46 -34.29 -33.48 87.16
CA ILE Z 46 -34.42 -34.42 86.05
C ILE Z 46 -35.59 -35.34 86.29
N ALA Z 47 -36.27 -35.70 85.22
CA ALA Z 47 -37.43 -36.56 85.35
C ALA Z 47 -37.48 -37.53 84.18
N GLY Z 48 -37.39 -38.84 84.47
CA GLY Z 48 -37.47 -39.88 83.42
C GLY Z 48 -36.27 -40.79 83.11
N SER Z 49 -35.68 -40.63 81.92
CA SER Z 49 -34.58 -41.48 81.44
C SER Z 49 -33.23 -41.26 82.11
N VAL Z 50 -32.97 -41.95 83.22
CA VAL Z 50 -31.79 -41.65 84.05
C VAL Z 50 -30.51 -41.31 83.27
N GLY Z 51 -29.68 -42.30 82.95
CA GLY Z 51 -28.44 -42.05 82.22
C GLY Z 51 -28.49 -41.16 80.99
N ASP Z 52 -29.70 -40.80 80.55
CA ASP Z 52 -29.87 -39.81 79.51
C ASP Z 52 -29.93 -38.43 80.16
N ALA Z 53 -30.78 -38.28 81.16
CA ALA Z 53 -30.80 -37.02 81.90
C ALA Z 53 -29.41 -36.80 82.47
N GLN Z 54 -29.02 -37.68 83.39
CA GLN Z 54 -27.68 -37.73 83.98
C GLN Z 54 -26.59 -37.02 83.18
N ALA Z 55 -26.43 -37.37 81.91
CA ALA Z 55 -25.48 -36.68 81.06
C ALA Z 55 -25.96 -35.25 80.83
N ILE Z 56 -27.15 -35.08 80.28
CA ILE Z 56 -27.65 -33.73 80.03
C ILE Z 56 -27.34 -32.78 81.18
N VAL Z 57 -27.15 -33.34 82.36
CA VAL Z 57 -26.69 -32.57 83.51
C VAL Z 57 -25.23 -32.18 83.32
N ARG Z 58 -24.33 -33.13 83.53
CA ARG Z 58 -22.89 -32.88 83.36
C ARG Z 58 -22.64 -32.12 82.07
N LEU Z 59 -23.26 -32.61 80.99
CA LEU Z 59 -23.08 -32.08 79.63
C LEU Z 59 -23.70 -30.68 79.50
N LEU Z 60 -23.91 -30.03 80.64
CA LEU Z 60 -24.56 -28.72 80.73
C LEU Z 60 -23.91 -27.86 81.81
N ILE Z 61 -23.83 -28.38 83.04
CA ILE Z 61 -23.19 -27.65 84.12
C ILE Z 61 -21.91 -27.12 83.59
N ALA Z 62 -21.15 -27.99 82.93
CA ALA Z 62 -19.89 -27.56 82.34
C ALA Z 62 -20.12 -26.34 81.43
N GLU Z 63 -21.12 -26.41 80.55
CA GLU Z 63 -21.41 -25.28 79.68
C GLU Z 63 -21.69 -23.99 80.44
N ALA Z 64 -22.12 -24.14 81.68
CA ALA Z 64 -22.50 -22.99 82.51
C ALA Z 64 -21.26 -22.37 83.12
N LYS Z 65 -20.71 -23.05 84.12
CA LYS Z 65 -19.43 -22.70 84.70
C LYS Z 65 -18.40 -22.70 83.59
N LEU Z 66 -18.71 -21.95 82.53
CA LEU Z 66 -17.83 -21.71 81.40
C LEU Z 66 -18.28 -20.39 80.83
N TYR Z 67 -19.53 -20.35 80.40
CA TYR Z 67 -20.22 -19.11 80.09
C TYR Z 67 -19.90 -18.11 81.18
N LYS Z 68 -20.15 -18.51 82.43
CA LYS Z 68 -19.91 -17.64 83.57
C LYS Z 68 -18.52 -17.04 83.45
N MET Z 69 -17.53 -17.92 83.37
CA MET Z 69 -16.14 -17.48 83.30
C MET Z 69 -15.89 -16.55 82.13
N ARG Z 70 -16.07 -17.07 80.92
CA ARG Z 70 -15.78 -16.28 79.71
C ARG Z 70 -16.44 -14.90 79.65
N THR Z 71 -17.49 -14.67 80.43
CA THR Z 71 -18.19 -13.39 80.39
C THR Z 71 -18.79 -12.98 81.72
N GLY Z 72 -18.11 -13.31 82.81
CA GLY Z 72 -18.58 -12.91 84.12
C GLY Z 72 -19.98 -13.39 84.44
N ARG Z 73 -21.00 -12.66 83.97
CA ARG Z 73 -22.42 -12.95 84.24
C ARG Z 73 -22.76 -14.45 84.40
N ASN Z 74 -23.34 -14.84 85.51
CA ASN Z 74 -23.73 -16.23 85.64
C ASN Z 74 -24.84 -16.48 84.63
N ILE Z 75 -24.62 -17.43 83.73
CA ILE Z 75 -25.54 -17.75 82.64
C ILE Z 75 -26.96 -17.44 83.06
N PRO Z 76 -27.52 -16.31 82.61
CA PRO Z 76 -28.91 -16.04 82.99
C PRO Z 76 -29.78 -17.24 82.65
N PRO Z 77 -30.72 -17.64 83.55
CA PRO Z 77 -31.54 -18.86 83.41
C PRO Z 77 -32.20 -18.99 82.04
N LEU Z 78 -33.18 -18.15 81.72
CA LEU Z 78 -33.85 -18.18 80.42
C LEU Z 78 -32.92 -18.15 79.22
N ALA Z 79 -31.62 -18.25 79.46
CA ALA Z 79 -30.62 -18.21 78.40
C ALA Z 79 -29.90 -19.51 78.41
N CYS Z 80 -29.74 -20.05 79.61
CA CYS Z 80 -29.27 -21.42 79.79
C CYS Z 80 -30.31 -22.40 79.30
N ALA Z 81 -31.56 -22.09 79.62
CA ALA Z 81 -32.68 -22.92 79.20
C ALA Z 81 -32.69 -23.08 77.68
N THR Z 82 -32.89 -21.98 76.98
CA THR Z 82 -32.94 -22.07 75.53
C THR Z 82 -31.71 -22.81 75.04
N LEU Z 83 -30.77 -23.10 75.94
CA LEU Z 83 -29.70 -23.98 75.55
C LEU Z 83 -30.29 -25.36 75.42
N LEU Z 84 -30.87 -25.88 76.50
CA LEU Z 84 -31.55 -27.17 76.46
C LEU Z 84 -32.57 -27.33 75.32
N SER Z 85 -33.43 -26.34 75.10
CA SER Z 85 -34.29 -26.37 73.92
C SER Z 85 -33.50 -26.77 72.67
N ASN Z 86 -32.33 -26.15 72.49
CA ASN Z 86 -31.46 -26.46 71.36
C ASN Z 86 -30.68 -27.76 71.59
N ILE Z 87 -30.21 -27.95 72.82
CA ILE Z 87 -29.46 -29.14 73.13
C ILE Z 87 -30.34 -30.34 72.86
N LEU Z 88 -31.56 -30.30 73.35
CA LEU Z 88 -32.48 -31.39 73.13
C LEU Z 88 -32.72 -31.57 71.65
N HIS Z 89 -33.31 -30.54 71.04
CA HIS Z 89 -33.72 -30.59 69.63
C HIS Z 89 -32.60 -30.97 68.65
N SER Z 90 -31.35 -30.99 69.10
CA SER Z 90 -30.27 -31.50 68.27
C SER Z 90 -30.45 -33.02 68.13
N SER Z 91 -31.01 -33.63 69.17
CA SER Z 91 -31.29 -35.06 69.13
C SER Z 91 -32.75 -35.34 68.87
N ARG Z 92 -33.37 -34.50 68.06
CA ARG Z 92 -34.73 -34.75 67.61
C ARG Z 92 -34.66 -35.85 66.55
N MET Z 93 -33.88 -35.57 65.49
CA MET Z 93 -33.58 -36.51 64.39
C MET Z 93 -33.17 -37.84 65.01
N PHE Z 94 -32.60 -37.68 66.21
CA PHE Z 94 -31.93 -38.70 66.97
C PHE Z 94 -32.87 -39.14 68.09
N PRO Z 95 -32.42 -40.15 68.81
CA PRO Z 95 -33.15 -40.65 69.98
C PRO Z 95 -32.90 -39.94 71.32
N PHE Z 96 -32.92 -38.64 71.42
CA PHE Z 96 -32.76 -38.21 72.79
C PHE Z 96 -34.11 -38.29 73.42
N LEU Z 97 -34.17 -38.07 74.74
CA LEU Z 97 -35.43 -38.06 75.54
C LEU Z 97 -35.27 -37.52 76.96
N THR Z 98 -36.38 -37.09 77.58
CA THR Z 98 -36.54 -36.87 79.04
C THR Z 98 -37.14 -35.54 79.50
N GLN Z 99 -37.51 -35.51 80.76
CA GLN Z 99 -38.12 -34.34 81.37
C GLN Z 99 -37.08 -33.42 82.00
N ILE Z 100 -37.55 -32.31 82.60
CA ILE Z 100 -36.68 -31.29 83.20
C ILE Z 100 -37.31 -29.94 83.58
N ILE Z 101 -37.03 -29.47 84.79
CA ILE Z 101 -37.46 -28.16 85.24
C ILE Z 101 -36.27 -27.37 85.71
N ILE Z 102 -36.01 -26.21 85.08
CA ILE Z 102 -34.96 -25.30 85.53
C ILE Z 102 -35.58 -24.07 86.17
N GLY Z 103 -35.09 -23.70 87.34
CA GLY Z 103 -35.54 -22.53 88.06
C GLY Z 103 -34.34 -21.79 88.63
N GLY Z 104 -34.18 -20.54 88.24
CA GLY Z 104 -33.02 -19.76 88.68
C GLY Z 104 -33.42 -18.33 88.97
N TYR Z 105 -32.53 -17.59 89.62
CA TYR Z 105 -32.75 -16.17 89.86
C TYR Z 105 -31.92 -15.36 88.89
N ASP Z 106 -32.60 -14.68 87.98
CA ASP Z 106 -31.89 -13.89 87.00
C ASP Z 106 -31.26 -12.72 87.71
N LEU Z 107 -29.95 -12.59 87.50
CA LEU Z 107 -29.19 -11.44 87.94
C LEU Z 107 -30.15 -10.31 88.26
N LEU Z 108 -30.96 -9.89 87.28
CA LEU Z 108 -31.89 -8.78 87.50
C LEU Z 108 -33.36 -9.10 87.26
N GLU Z 109 -33.65 -9.98 86.31
CA GLU Z 109 -35.04 -10.24 85.93
C GLU Z 109 -35.80 -10.96 87.03
N GLY Z 110 -35.05 -11.49 87.99
CA GLY Z 110 -35.66 -12.03 89.19
C GLY Z 110 -35.83 -13.51 89.10
N ALA Z 111 -36.96 -13.99 89.58
CA ALA Z 111 -37.21 -15.42 89.63
C ALA Z 111 -37.75 -15.92 88.30
N LYS Z 112 -37.33 -17.12 87.91
CA LYS Z 112 -37.78 -17.74 86.67
C LYS Z 112 -38.11 -19.22 86.90
N LEU Z 113 -39.02 -19.74 86.10
CA LEU Z 113 -39.34 -21.15 86.16
C LEU Z 113 -39.66 -21.68 84.79
N PHE Z 114 -38.93 -22.71 84.36
CA PHE Z 114 -39.05 -23.26 83.01
C PHE Z 114 -39.33 -24.80 82.96
N SER Z 115 -40.30 -25.19 82.12
CA SER Z 115 -40.65 -26.59 81.88
C SER Z 115 -39.99 -27.07 80.56
N LEU Z 116 -39.67 -28.36 80.46
CA LEU Z 116 -38.89 -28.87 79.33
C LEU Z 116 -39.20 -30.32 78.87
N ASP Z 117 -39.50 -30.51 77.58
CA ASP Z 117 -39.82 -31.83 77.02
C ASP Z 117 -38.71 -32.37 76.13
N PRO Z 118 -38.60 -33.72 76.01
CA PRO Z 118 -37.45 -34.45 75.47
C PRO Z 118 -37.10 -34.09 74.05
N LEU Z 119 -38.03 -33.38 73.41
CA LEU Z 119 -37.88 -32.91 72.05
C LEU Z 119 -37.16 -31.56 72.12
N GLY Z 120 -37.73 -30.64 72.86
CA GLY Z 120 -37.08 -29.37 73.04
C GLY Z 120 -38.11 -28.35 73.46
N GLY Z 121 -39.36 -28.75 73.40
CA GLY Z 121 -40.44 -27.88 73.79
C GLY Z 121 -40.11 -27.18 75.09
N MET Z 122 -40.09 -25.87 75.05
CA MET Z 122 -39.81 -25.11 76.25
C MET Z 122 -40.99 -24.24 76.64
N ASN Z 123 -41.16 -24.05 77.95
CA ASN Z 123 -42.13 -23.06 78.41
C ASN Z 123 -41.82 -22.47 79.78
N GLU Z 124 -41.88 -21.14 79.85
CA GLU Z 124 -41.83 -20.43 81.11
C GLU Z 124 -43.13 -20.60 81.90
N GLU Z 125 -43.00 -21.06 83.13
CA GLU Z 125 -44.14 -21.17 84.02
C GLU Z 125 -44.13 -20.02 84.99
N LYS Z 126 -45.07 -19.11 84.81
CA LYS Z 126 -45.20 -17.93 85.65
C LYS Z 126 -45.73 -18.31 87.01
N THR Z 127 -46.45 -19.43 87.04
CA THR Z 127 -47.08 -19.93 88.26
C THR Z 127 -46.34 -21.13 88.83
N PHE Z 128 -46.75 -22.33 88.45
CA PHE Z 128 -46.16 -23.53 89.00
C PHE Z 128 -46.19 -24.55 87.89
N THR Z 129 -45.31 -25.53 87.98
CA THR Z 129 -45.39 -26.67 87.09
C THR Z 129 -44.77 -27.86 87.79
N ALA Z 130 -45.17 -29.06 87.41
CA ALA Z 130 -44.55 -30.23 87.98
C ALA Z 130 -44.30 -31.20 86.84
N THR Z 131 -43.49 -32.21 87.11
CA THR Z 131 -43.32 -33.27 86.14
C THR Z 131 -43.04 -34.60 86.81
N GLY Z 132 -43.35 -35.70 86.12
CA GLY Z 132 -42.95 -37.02 86.58
C GLY Z 132 -43.97 -38.14 86.47
N SER Z 133 -43.48 -39.37 86.48
CA SER Z 133 -44.34 -40.54 86.46
C SER Z 133 -45.53 -40.28 87.35
N GLY Z 134 -45.27 -39.77 88.56
CA GLY Z 134 -46.32 -39.45 89.49
C GLY Z 134 -46.73 -37.98 89.48
N SER Z 135 -46.81 -37.40 88.28
CA SER Z 135 -47.05 -35.96 88.14
C SER Z 135 -48.51 -35.52 88.38
N PRO Z 136 -49.45 -35.98 87.53
CA PRO Z 136 -50.83 -35.52 87.67
C PRO Z 136 -51.44 -35.78 89.03
N ILE Z 137 -50.74 -36.47 89.92
CA ILE Z 137 -51.17 -36.44 91.30
C ILE Z 137 -50.68 -35.12 91.89
N ALA Z 138 -49.37 -34.94 91.87
CA ALA Z 138 -48.79 -33.70 92.36
C ALA Z 138 -49.63 -32.55 91.89
N TYR Z 139 -49.78 -32.44 90.57
CA TYR Z 139 -50.55 -31.36 89.93
C TYR Z 139 -51.91 -31.03 90.55
N GLY Z 140 -52.56 -32.02 91.15
CA GLY Z 140 -53.90 -31.79 91.67
C GLY Z 140 -53.86 -30.99 92.96
N VAL Z 141 -52.79 -31.23 93.73
CA VAL Z 141 -52.47 -30.50 94.95
C VAL Z 141 -52.32 -29.03 94.64
N LEU Z 142 -51.30 -28.72 93.84
CA LEU Z 142 -51.03 -27.35 93.44
C LEU Z 142 -52.28 -26.62 92.91
N GLU Z 143 -52.76 -26.99 91.73
CA GLU Z 143 -53.84 -26.26 91.05
C GLU Z 143 -54.98 -25.80 91.98
N ALA Z 144 -55.01 -26.38 93.18
CA ALA Z 144 -56.05 -26.06 94.16
C ALA Z 144 -55.45 -25.88 95.54
N GLY Z 145 -54.23 -25.35 95.60
CA GLY Z 145 -53.56 -25.07 96.85
C GLY Z 145 -52.45 -24.07 96.58
N TYR Z 146 -52.71 -23.21 95.61
CA TYR Z 146 -51.70 -22.27 95.13
C TYR Z 146 -52.31 -20.90 94.81
N ASP Z 147 -51.66 -19.86 95.33
CA ASP Z 147 -52.11 -18.46 95.21
C ASP Z 147 -50.95 -17.57 94.74
N ARG Z 148 -51.24 -16.60 93.89
CA ARG Z 148 -50.23 -15.70 93.34
C ARG Z 148 -49.09 -15.49 94.33
N ASP Z 149 -49.46 -15.23 95.58
CA ASP Z 149 -48.55 -14.74 96.61
C ASP Z 149 -48.59 -15.53 97.91
N MET Z 150 -47.94 -16.67 97.93
CA MET Z 150 -47.89 -17.45 99.13
C MET Z 150 -46.44 -17.57 99.57
N SER Z 151 -46.18 -17.16 100.79
CA SER Z 151 -44.85 -17.06 101.36
C SER Z 151 -43.81 -18.06 100.90
N VAL Z 152 -42.56 -17.76 101.23
CA VAL Z 152 -41.45 -18.70 101.15
C VAL Z 152 -41.79 -19.91 102.00
N GLU Z 153 -42.67 -19.70 102.96
CA GLU Z 153 -43.09 -20.80 103.80
C GLU Z 153 -44.24 -21.55 103.13
N GLU Z 154 -45.32 -20.83 102.84
CA GLU Z 154 -46.52 -21.41 102.22
C GLU Z 154 -46.25 -22.01 100.84
N GLY Z 155 -45.01 -21.89 100.38
CA GLY Z 155 -44.59 -22.52 99.14
C GLY Z 155 -43.92 -23.85 99.38
N ILE Z 156 -42.97 -23.91 100.32
CA ILE Z 156 -42.27 -25.16 100.60
C ILE Z 156 -43.18 -26.13 101.31
N LYS Z 157 -44.23 -25.61 101.93
CA LYS Z 157 -45.26 -26.46 102.50
C LYS Z 157 -46.01 -27.15 101.36
N LEU Z 158 -46.71 -26.35 100.56
CA LEU Z 158 -47.39 -26.84 99.36
C LEU Z 158 -46.47 -27.71 98.53
N ALA Z 159 -45.18 -27.39 98.51
CA ALA Z 159 -44.26 -28.16 97.72
C ALA Z 159 -44.25 -29.59 98.24
N LEU Z 160 -44.12 -29.74 99.54
CA LEU Z 160 -44.12 -31.06 100.12
C LEU Z 160 -45.46 -31.80 99.86
N ASN Z 161 -46.59 -31.20 100.21
CA ASN Z 161 -47.91 -31.84 100.04
C ASN Z 161 -48.34 -32.20 98.61
N ALA Z 162 -47.55 -31.81 97.62
CA ALA Z 162 -47.80 -32.27 96.28
C ALA Z 162 -47.14 -33.63 96.23
N LEU Z 163 -45.88 -33.67 96.61
CA LEU Z 163 -45.14 -34.93 96.70
C LEU Z 163 -45.75 -35.95 97.65
N LYS Z 164 -46.28 -35.45 98.78
CA LYS Z 164 -46.94 -36.29 99.79
C LYS Z 164 -48.08 -37.08 99.16
N SER Z 165 -48.79 -36.45 98.22
CA SER Z 165 -49.84 -37.13 97.48
C SER Z 165 -49.28 -38.09 96.45
N ALA Z 166 -48.67 -37.57 95.39
CA ALA Z 166 -48.05 -38.45 94.39
C ALA Z 166 -47.31 -39.69 94.99
N MET Z 167 -46.38 -39.44 95.92
CA MET Z 167 -45.53 -40.49 96.49
C MET Z 167 -46.29 -41.70 97.01
N GLU Z 168 -47.47 -41.47 97.55
CA GLU Z 168 -48.31 -42.55 98.04
C GLU Z 168 -49.62 -42.58 97.28
N ARG Z 169 -49.51 -42.42 95.97
CA ARG Z 169 -50.56 -42.72 95.01
C ARG Z 169 -49.89 -42.80 93.69
N ASP Z 170 -48.62 -43.17 93.69
CA ASP Z 170 -48.00 -43.66 92.47
C ASP Z 170 -47.13 -44.87 92.76
N THR Z 171 -47.25 -45.88 91.90
CA THR Z 171 -46.48 -47.09 92.04
C THR Z 171 -44.99 -46.80 91.80
N PHE Z 172 -44.69 -45.64 91.24
CA PHE Z 172 -43.32 -45.37 90.78
C PHE Z 172 -42.59 -44.26 91.50
N SER Z 173 -43.34 -43.36 92.14
CA SER Z 173 -42.78 -42.29 92.96
C SER Z 173 -42.75 -42.71 94.41
N GLY Z 174 -42.05 -41.94 95.23
CA GLY Z 174 -42.30 -42.00 96.65
C GLY Z 174 -41.35 -42.73 97.59
N ASN Z 175 -40.11 -42.93 97.20
CA ASN Z 175 -39.16 -43.34 98.20
C ASN Z 175 -38.27 -42.15 98.51
N GLY Z 176 -38.48 -41.56 99.68
CA GLY Z 176 -37.75 -40.36 100.08
C GLY Z 176 -38.06 -39.11 99.26
N ILE Z 177 -37.56 -37.96 99.72
CA ILE Z 177 -37.80 -36.69 99.05
C ILE Z 177 -36.59 -35.74 99.21
N SER Z 178 -36.29 -34.98 98.17
CA SER Z 178 -35.24 -33.96 98.28
C SER Z 178 -35.79 -32.61 97.85
N LEU Z 179 -35.27 -31.57 98.49
CA LEU Z 179 -35.78 -30.21 98.36
C LEU Z 179 -34.67 -29.15 98.46
N ALA Z 180 -34.67 -28.22 97.50
CA ALA Z 180 -33.76 -27.09 97.50
C ALA Z 180 -34.52 -25.86 97.04
N VAL Z 181 -34.08 -24.69 97.51
CA VAL Z 181 -34.71 -23.44 97.09
C VAL Z 181 -33.69 -22.44 96.59
N ILE Z 182 -33.93 -21.95 95.37
CA ILE Z 182 -33.07 -20.96 94.75
C ILE Z 182 -33.64 -19.57 95.02
N THR Z 183 -32.79 -18.68 95.52
CA THR Z 183 -33.18 -17.33 95.85
C THR Z 183 -32.00 -16.42 95.57
N LYS Z 184 -32.27 -15.17 95.22
CA LYS Z 184 -31.24 -14.23 94.80
C LYS Z 184 -29.83 -14.65 95.25
N ASP Z 185 -29.62 -14.73 96.56
CA ASP Z 185 -28.26 -14.94 97.05
C ASP Z 185 -27.76 -16.37 96.95
N GLY Z 186 -28.65 -17.32 96.67
CA GLY Z 186 -28.18 -18.67 96.47
C GLY Z 186 -29.15 -19.81 96.22
N VAL Z 187 -28.69 -21.01 96.57
CA VAL Z 187 -29.38 -22.24 96.28
C VAL Z 187 -29.13 -23.19 97.43
N LYS Z 188 -30.16 -23.44 98.26
CA LYS Z 188 -30.02 -24.34 99.40
C LYS Z 188 -30.44 -25.79 99.05
N ILE Z 189 -29.53 -26.73 99.27
CA ILE Z 189 -29.80 -28.17 99.15
C ILE Z 189 -30.12 -28.75 100.53
N PHE Z 190 -31.40 -28.85 100.86
CA PHE Z 190 -31.76 -29.30 102.20
C PHE Z 190 -31.18 -30.66 102.49
N GLU Z 191 -30.41 -30.79 103.56
CA GLU Z 191 -29.88 -32.10 103.94
C GLU Z 191 -30.93 -32.94 104.69
N ASP Z 192 -31.47 -33.93 103.98
CA ASP Z 192 -32.59 -34.75 104.45
C ASP Z 192 -33.12 -34.35 105.85
N GLU Z 193 -32.41 -34.78 106.89
CA GLU Z 193 -32.87 -34.58 108.26
C GLU Z 193 -33.75 -33.34 108.40
N GLU Z 194 -33.18 -32.18 108.12
CA GLU Z 194 -33.90 -30.95 108.29
C GLU Z 194 -35.19 -30.90 107.49
N ILE Z 195 -35.18 -31.43 106.28
CA ILE Z 195 -36.37 -31.35 105.47
C ILE Z 195 -37.52 -31.79 106.33
N GLU Z 196 -37.36 -32.98 106.90
CA GLU Z 196 -38.43 -33.67 107.57
C GLU Z 196 -39.12 -32.80 108.60
N LYS Z 197 -38.39 -31.84 109.16
CA LYS Z 197 -38.93 -30.95 110.17
C LYS Z 197 -40.31 -30.43 109.81
N ILE Z 198 -40.54 -30.24 108.52
CA ILE Z 198 -41.72 -29.53 108.07
C ILE Z 198 -43.00 -30.35 108.21
N LEU Z 199 -43.06 -31.53 107.59
CA LEU Z 199 -44.29 -32.31 107.70
C LEU Z 199 -44.59 -32.74 109.15
N ASP Z 200 -43.60 -32.59 110.01
CA ASP Z 200 -43.85 -32.76 111.45
C ASP Z 200 -44.65 -31.57 111.95
N SER Z 201 -44.15 -30.37 111.69
CA SER Z 201 -44.86 -29.15 112.03
C SER Z 201 -46.14 -28.97 111.22
N MET Z 202 -46.35 -29.82 110.20
CA MET Z 202 -47.61 -29.83 109.45
C MET Z 202 -48.54 -30.86 110.10
N LYS Z 203 -49.47 -31.38 109.31
CA LYS Z 203 -50.42 -32.36 109.82
C LYS Z 203 -49.82 -33.78 109.78
N THR AA 2 -25.75 -64.46 87.67
CA THR AA 2 -26.23 -63.09 87.59
C THR AA 2 -26.97 -62.72 88.86
N THR AA 3 -26.22 -62.34 89.87
CA THR AA 3 -26.79 -61.79 91.10
C THR AA 3 -25.66 -61.31 92.03
N THR AA 4 -25.38 -60.00 92.02
CA THR AA 4 -24.30 -59.40 92.81
C THR AA 4 -24.77 -58.40 93.88
N VAL AA 5 -24.01 -58.33 94.98
CA VAL AA 5 -24.37 -57.46 96.11
C VAL AA 5 -23.29 -56.41 96.41
N GLY AA 6 -23.73 -55.26 96.93
CA GLY AA 6 -22.86 -54.23 97.47
C GLY AA 6 -23.49 -53.65 98.73
N LEU AA 7 -22.65 -53.31 99.72
CA LEU AA 7 -23.15 -52.72 100.97
C LEU AA 7 -22.02 -52.09 101.80
N ILE AA 8 -22.34 -50.98 102.48
CA ILE AA 8 -21.36 -50.23 103.27
C ILE AA 8 -21.46 -50.43 104.79
N CYS AA 9 -20.50 -51.15 105.35
CA CYS AA 9 -20.55 -51.46 106.77
C CYS AA 9 -19.40 -50.78 107.49
N ASP AA 10 -19.70 -49.68 108.17
CA ASP AA 10 -18.68 -48.99 108.94
C ASP AA 10 -17.50 -48.62 108.07
N ASP AA 11 -16.44 -49.40 108.23
CA ASP AA 11 -15.13 -49.10 107.66
C ASP AA 11 -15.20 -48.90 106.15
N ALA AA 12 -15.34 -50.02 105.46
CA ALA AA 12 -15.19 -50.04 104.02
C ALA AA 12 -16.42 -50.62 103.36
N VAL AA 13 -16.20 -51.36 102.28
CA VAL AA 13 -17.31 -51.85 101.47
C VAL AA 13 -17.11 -53.31 101.03
N ILE AA 14 -18.20 -54.06 100.97
CA ILE AA 14 -18.20 -55.47 100.55
C ILE AA 14 -18.85 -55.68 99.19
N LEU AA 15 -18.33 -56.66 98.46
CA LEU AA 15 -18.92 -57.10 97.20
C LEU AA 15 -19.00 -58.64 97.03
N ALA AA 16 -20.13 -59.15 96.50
CA ALA AA 16 -20.36 -60.60 96.28
C ALA AA 16 -21.12 -60.94 94.97
N THR AA 17 -20.71 -62.05 94.34
CA THR AA 17 -21.30 -62.46 93.07
C THR AA 17 -21.82 -63.88 93.12
N ASP AA 18 -22.10 -64.42 91.94
CA ASP AA 18 -22.46 -65.82 91.82
C ASP AA 18 -21.77 -66.33 90.57
N LYS AA 19 -20.84 -67.25 90.76
CA LYS AA 19 -20.08 -67.74 89.62
C LYS AA 19 -20.95 -68.54 88.63
N ARG AA 20 -22.22 -68.18 88.46
CA ARG AA 20 -23.11 -68.97 87.58
C ARG AA 20 -23.48 -68.32 86.24
N ALA AA 21 -23.01 -68.94 85.16
CA ALA AA 21 -23.30 -68.46 83.81
C ALA AA 21 -24.54 -69.15 83.30
N SER AA 22 -25.35 -68.43 82.55
CA SER AA 22 -26.63 -68.97 82.17
C SER AA 22 -26.94 -68.80 80.68
N LEU AA 23 -26.61 -69.81 79.88
CA LEU AA 23 -26.89 -69.76 78.45
C LEU AA 23 -28.31 -70.20 78.14
N GLY AA 24 -29.27 -69.34 78.46
CA GLY AA 24 -30.65 -69.70 78.31
C GLY AA 24 -30.97 -70.89 79.20
N ASN AA 25 -31.51 -71.95 78.60
CA ASN AA 25 -31.85 -73.16 79.33
C ASN AA 25 -30.64 -73.78 80.04
N LEU AA 26 -29.54 -73.88 79.33
CA LEU AA 26 -28.35 -74.58 79.82
C LEU AA 26 -27.53 -73.76 80.83
N VAL AA 27 -26.90 -74.44 81.77
CA VAL AA 27 -25.95 -73.79 82.66
C VAL AA 27 -24.59 -73.95 82.05
N ALA AA 28 -24.03 -72.85 81.57
CA ALA AA 28 -22.89 -72.91 80.67
C ALA AA 28 -21.53 -72.90 81.37
N ASP AA 29 -21.46 -72.31 82.55
CA ASP AA 29 -20.18 -72.22 83.24
C ASP AA 29 -20.37 -72.49 84.73
N LYS AA 30 -19.72 -73.55 85.22
CA LYS AA 30 -19.84 -73.94 86.61
C LYS AA 30 -19.10 -72.95 87.51
N GLU AA 31 -18.39 -72.00 86.89
CA GLU AA 31 -17.54 -71.02 87.60
C GLU AA 31 -17.20 -69.78 86.76
N ALA AA 32 -18.01 -68.73 86.85
CA ALA AA 32 -17.78 -67.52 86.05
C ALA AA 32 -17.59 -66.30 86.92
N LYS AA 33 -16.37 -65.78 86.92
CA LYS AA 33 -16.06 -64.62 87.70
C LYS AA 33 -17.05 -63.52 87.38
N LYS AA 34 -17.56 -62.85 88.41
CA LYS AA 34 -18.45 -61.70 88.21
C LYS AA 34 -17.96 -60.43 88.97
N LEU AA 35 -16.82 -60.58 89.65
CA LEU AA 35 -16.25 -59.54 90.51
C LEU AA 35 -14.81 -59.20 90.07
N TYR AA 36 -14.58 -57.95 89.69
CA TYR AA 36 -13.30 -57.50 89.13
C TYR AA 36 -12.67 -56.29 89.82
N LYS AA 37 -11.37 -56.39 90.07
CA LYS AA 37 -10.60 -55.32 90.70
C LYS AA 37 -9.85 -54.50 89.66
N ILE AA 38 -10.30 -53.29 89.40
CA ILE AA 38 -9.64 -52.48 88.40
C ILE AA 38 -8.38 -51.87 88.97
N ASP AA 39 -8.52 -51.25 90.14
CA ASP AA 39 -7.44 -50.45 90.73
C ASP AA 39 -7.31 -50.75 92.21
N ASP AA 40 -6.10 -50.60 92.74
CA ASP AA 40 -5.77 -51.10 94.06
C ASP AA 40 -6.73 -50.63 95.14
N TYR AA 41 -7.54 -49.62 94.83
CA TYR AA 41 -8.47 -49.04 95.78
C TYR AA 41 -9.95 -49.22 95.43
N ILE AA 42 -10.23 -49.68 94.22
CA ILE AA 42 -11.60 -49.82 93.71
C ILE AA 42 -11.83 -51.22 93.15
N ALA AA 43 -13.06 -51.71 93.26
CA ALA AA 43 -13.39 -52.99 92.66
C ALA AA 43 -14.83 -52.95 92.17
N MET AA 44 -15.19 -53.80 91.20
CA MET AA 44 -16.54 -53.74 90.60
C MET AA 44 -17.15 -55.12 90.34
N THR AA 45 -18.48 -55.21 90.19
CA THR AA 45 -19.13 -56.48 89.83
C THR AA 45 -19.98 -56.30 88.58
N ILE AA 46 -19.87 -57.25 87.64
CA ILE AA 46 -20.64 -57.18 86.40
C ILE AA 46 -21.88 -58.06 86.42
N ALA AA 47 -22.98 -57.56 85.87
CA ALA AA 47 -24.21 -58.34 85.91
C ALA AA 47 -24.97 -58.36 84.57
N GLY AA 48 -25.22 -59.55 84.01
CA GLY AA 48 -25.92 -59.64 82.74
C GLY AA 48 -25.03 -59.89 81.53
N SER AA 49 -25.17 -59.07 80.49
CA SER AA 49 -24.51 -59.29 79.19
C SER AA 49 -23.01 -59.54 79.20
N VAL AA 50 -22.58 -60.78 79.40
CA VAL AA 50 -21.16 -61.09 79.54
C VAL AA 50 -20.16 -60.39 78.60
N GLY AA 51 -20.11 -60.83 77.34
CA GLY AA 51 -19.14 -60.30 76.40
C GLY AA 51 -19.17 -58.79 76.24
N ASP AA 52 -20.22 -58.16 76.76
CA ASP AA 52 -20.31 -56.69 76.80
C ASP AA 52 -19.64 -56.16 78.06
N ALA AA 53 -20.15 -56.52 79.23
CA ALA AA 53 -19.50 -56.13 80.47
C ALA AA 53 -18.04 -56.53 80.37
N GLN AA 54 -17.79 -57.77 79.96
CA GLN AA 54 -16.43 -58.25 79.71
C GLN AA 54 -15.49 -57.20 79.08
N ALA AA 55 -15.89 -56.57 77.98
CA ALA AA 55 -15.08 -55.54 77.37
C ALA AA 55 -15.02 -54.34 78.29
N ILE AA 56 -16.17 -53.85 78.71
CA ILE AA 56 -16.24 -52.74 79.65
C ILE AA 56 -15.30 -52.86 80.88
N VAL AA 57 -14.91 -54.07 81.23
CA VAL AA 57 -13.92 -54.24 82.31
C VAL AA 57 -12.56 -53.84 81.78
N ARG AA 58 -11.98 -54.71 80.93
CA ARG AA 58 -10.67 -54.46 80.30
C ARG AA 58 -10.57 -53.08 79.63
N LEU AA 59 -11.67 -52.63 79.03
CA LEU AA 59 -11.77 -51.29 78.38
C LEU AA 59 -11.86 -50.12 79.41
N LEU AA 60 -11.24 -50.31 80.58
CA LEU AA 60 -11.50 -49.45 81.72
C LEU AA 60 -10.36 -49.55 82.70
N ILE AA 61 -10.06 -50.75 83.17
CA ILE AA 61 -8.94 -50.92 84.08
C ILE AA 61 -7.76 -50.25 83.42
N ALA AA 62 -7.72 -50.36 82.11
CA ALA AA 62 -6.65 -49.71 81.38
C ALA AA 62 -6.70 -48.23 81.73
N GLU AA 63 -7.86 -47.61 81.52
CA GLU AA 63 -8.07 -46.20 81.85
C GLU AA 63 -7.64 -45.81 83.27
N ALA AA 64 -7.73 -46.74 84.21
CA ALA AA 64 -7.45 -46.45 85.61
C ALA AA 64 -5.96 -46.45 85.91
N LYS AA 65 -5.36 -47.64 85.81
CA LYS AA 65 -3.92 -47.79 85.86
C LYS AA 65 -3.36 -47.04 84.65
N LEU AA 66 -3.65 -45.74 84.61
CA LEU AA 66 -3.18 -44.83 83.56
C LEU AA 66 -3.32 -43.44 84.14
N TYR AA 67 -4.57 -43.00 84.31
CA TYR AA 67 -4.89 -41.85 85.15
C TYR AA 67 -4.01 -41.94 86.41
N LYS AA 68 -3.95 -43.14 86.97
CA LYS AA 68 -3.17 -43.41 88.18
C LYS AA 68 -1.75 -42.89 87.96
N MET AA 69 -1.14 -43.38 86.88
CA MET AA 69 0.20 -42.96 86.50
C MET AA 69 0.36 -41.46 86.16
N ARG AA 70 -0.40 -40.98 85.18
CA ARG AA 70 -0.31 -39.58 84.76
C ARG AA 70 -0.49 -38.61 85.93
N THR AA 71 -1.09 -39.06 87.04
CA THR AA 71 -1.36 -38.11 88.14
C THR AA 71 -1.38 -38.68 89.57
N GLY AA 72 -0.52 -39.64 89.85
CA GLY AA 72 -0.39 -40.16 91.21
C GLY AA 72 -1.67 -40.79 91.76
N ARG AA 73 -2.56 -39.93 92.27
CA ARG AA 73 -3.82 -40.35 92.92
C ARG AA 73 -4.57 -41.48 92.21
N ASN AA 74 -4.47 -42.68 92.75
CA ASN AA 74 -5.26 -43.77 92.22
C ASN AA 74 -6.60 -43.12 91.87
N ILE AA 75 -6.90 -43.03 90.58
CA ILE AA 75 -8.21 -42.57 90.09
C ILE AA 75 -9.29 -42.72 91.14
N PRO AA 76 -9.62 -41.62 91.83
CA PRO AA 76 -10.65 -41.67 92.89
C PRO AA 76 -11.96 -42.32 92.39
N PRO AA 77 -12.58 -43.18 93.21
CA PRO AA 77 -13.76 -43.95 92.83
C PRO AA 77 -14.82 -43.11 92.14
N LEU AA 78 -15.42 -42.19 92.87
CA LEU AA 78 -16.55 -41.41 92.35
C LEU AA 78 -16.27 -40.68 91.04
N ALA AA 79 -15.05 -40.81 90.56
CA ALA AA 79 -14.58 -40.11 89.37
C ALA AA 79 -14.42 -41.10 88.25
N CYS AA 80 -13.82 -42.24 88.60
CA CYS AA 80 -13.83 -43.40 87.73
C CYS AA 80 -15.26 -43.74 87.35
N ALA AA 81 -16.10 -43.86 88.37
CA ALA AA 81 -17.50 -44.20 88.16
C ALA AA 81 -18.13 -43.29 87.12
N THR AA 82 -17.93 -41.98 87.27
CA THR AA 82 -18.57 -41.03 86.38
C THR AA 82 -17.95 -41.16 85.01
N LEU AA 83 -16.97 -42.03 84.89
CA LEU AA 83 -16.55 -42.46 83.57
C LEU AA 83 -17.62 -43.32 82.97
N LEU AA 84 -17.86 -44.47 83.59
CA LEU AA 84 -18.92 -45.37 83.14
C LEU AA 84 -20.24 -44.64 82.85
N SER AA 85 -20.65 -43.74 83.73
CA SER AA 85 -21.81 -42.89 83.45
C SER AA 85 -21.68 -42.35 82.04
N ASN AA 86 -20.50 -41.84 81.72
CA ASN AA 86 -20.26 -41.40 80.37
C ASN AA 86 -19.99 -42.60 79.46
N ILE AA 87 -19.07 -43.47 79.86
CA ILE AA 87 -18.67 -44.56 78.99
C ILE AA 87 -19.89 -45.19 78.34
N LEU AA 88 -20.86 -45.59 79.17
CA LEU AA 88 -22.11 -46.21 78.73
C LEU AA 88 -22.95 -45.33 77.81
N HIS AA 89 -23.22 -44.13 78.31
CA HIS AA 89 -24.07 -43.15 77.65
C HIS AA 89 -23.44 -42.67 76.34
N SER AA 90 -22.17 -42.99 76.12
CA SER AA 90 -21.64 -42.81 74.80
C SER AA 90 -22.48 -43.68 73.86
N SER AA 91 -22.69 -44.93 74.26
CA SER AA 91 -23.44 -45.88 73.43
C SER AA 91 -24.90 -46.03 73.83
N ARG AA 92 -25.55 -44.90 74.09
CA ARG AA 92 -27.00 -44.86 74.20
C ARG AA 92 -27.60 -44.76 72.79
N MET AA 93 -27.10 -43.77 72.04
CA MET AA 93 -27.35 -43.58 70.60
C MET AA 93 -27.19 -44.96 69.96
N PHE AA 94 -26.43 -45.80 70.68
CA PHE AA 94 -25.97 -47.12 70.24
C PHE AA 94 -26.64 -48.25 71.06
N PRO AA 95 -26.42 -49.48 70.61
CA PRO AA 95 -26.78 -50.70 71.35
C PRO AA 95 -25.91 -51.12 72.54
N PHE AA 96 -25.68 -50.28 73.54
CA PHE AA 96 -24.92 -50.82 74.66
C PHE AA 96 -25.88 -51.38 75.67
N LEU AA 97 -25.34 -52.15 76.63
CA LEU AA 97 -26.08 -52.69 77.79
C LEU AA 97 -25.16 -53.26 78.87
N THR AA 98 -25.74 -53.70 79.99
CA THR AA 98 -25.09 -54.37 81.14
C THR AA 98 -25.19 -53.60 82.48
N GLN AA 99 -25.24 -54.34 83.60
CA GLN AA 99 -25.35 -53.76 84.95
C GLN AA 99 -23.98 -53.41 85.54
N ILE AA 100 -23.96 -52.61 86.61
CA ILE AA 100 -22.70 -52.43 87.36
C ILE AA 100 -22.79 -51.90 88.81
N ILE AA 101 -21.87 -52.40 89.64
CA ILE AA 101 -21.65 -51.85 90.97
C ILE AA 101 -20.14 -51.69 91.08
N ILE AA 102 -19.68 -50.46 91.34
CA ILE AA 102 -18.30 -50.16 91.76
C ILE AA 102 -18.25 -49.66 93.20
N GLY AA 103 -17.24 -50.12 93.93
CA GLY AA 103 -17.04 -49.75 95.33
C GLY AA 103 -15.56 -49.67 95.71
N GLY AA 104 -15.14 -48.51 96.18
CA GLY AA 104 -13.74 -48.29 96.47
C GLY AA 104 -13.57 -47.47 97.71
N TYR AA 105 -12.33 -47.42 98.16
CA TYR AA 105 -11.96 -46.53 99.25
C TYR AA 105 -11.28 -45.30 98.66
N ASP AA 106 -11.98 -44.18 98.72
CA ASP AA 106 -11.48 -42.93 98.19
C ASP AA 106 -10.32 -42.45 99.04
N LEU AA 107 -9.18 -42.27 98.39
CA LEU AA 107 -7.98 -41.76 99.04
C LEU AA 107 -8.32 -41.12 100.38
N LEU AA 108 -9.22 -40.14 100.35
CA LEU AA 108 -9.61 -39.45 101.57
C LEU AA 108 -11.08 -39.65 101.96
N GLU AA 109 -12.00 -39.42 101.02
CA GLU AA 109 -13.43 -39.33 101.35
C GLU AA 109 -14.00 -40.59 101.98
N GLY AA 110 -13.23 -41.68 101.91
CA GLY AA 110 -13.58 -42.90 102.63
C GLY AA 110 -14.12 -44.01 101.76
N ALA AA 111 -15.24 -44.59 102.17
CA ALA AA 111 -15.82 -45.68 101.43
C ALA AA 111 -16.86 -45.14 100.47
N LYS AA 112 -16.90 -45.69 99.26
CA LYS AA 112 -17.95 -45.35 98.31
C LYS AA 112 -18.62 -46.60 97.73
N LEU AA 113 -19.86 -46.43 97.28
CA LEU AA 113 -20.62 -47.48 96.61
C LEU AA 113 -21.58 -46.96 95.53
N PHE AA 114 -21.35 -47.36 94.29
CA PHE AA 114 -22.08 -46.81 93.14
C PHE AA 114 -22.76 -47.85 92.26
N SER AA 115 -24.05 -47.66 92.07
CA SER AA 115 -24.88 -48.50 91.24
C SER AA 115 -24.80 -47.96 89.81
N LEU AA 116 -25.18 -48.77 88.83
CA LEU AA 116 -24.95 -48.37 87.44
C LEU AA 116 -25.72 -49.19 86.40
N ASP AA 117 -26.69 -48.53 85.76
CA ASP AA 117 -27.51 -49.15 84.73
C ASP AA 117 -26.92 -48.85 83.36
N PRO AA 118 -27.19 -49.73 82.38
CA PRO AA 118 -26.55 -49.86 81.06
C PRO AA 118 -26.66 -48.60 80.20
N LEU AA 119 -27.63 -47.76 80.50
CA LEU AA 119 -27.83 -46.52 79.79
C LEU AA 119 -26.69 -45.63 80.21
N GLY AA 120 -26.51 -45.58 81.53
CA GLY AA 120 -25.43 -44.81 82.12
C GLY AA 120 -25.87 -44.19 83.43
N GLY AA 121 -27.14 -44.36 83.77
CA GLY AA 121 -27.65 -43.80 85.01
C GLY AA 121 -26.79 -44.18 86.19
N MET AA 122 -26.28 -43.18 86.89
CA MET AA 122 -25.48 -43.42 88.09
C MET AA 122 -26.06 -42.90 89.41
N ASN AA 123 -25.90 -43.69 90.47
CA ASN AA 123 -26.22 -43.23 91.82
C ASN AA 123 -25.32 -43.81 92.89
N GLU AA 124 -24.92 -42.97 93.83
CA GLU AA 124 -24.14 -43.41 94.95
C GLU AA 124 -25.08 -44.11 95.90
N GLU AA 125 -24.70 -45.31 96.32
CA GLU AA 125 -25.52 -46.03 97.27
C GLU AA 125 -24.96 -45.87 98.66
N LYS AA 126 -25.72 -45.20 99.50
CA LYS AA 126 -25.26 -44.86 100.83
C LYS AA 126 -25.32 -46.07 101.74
N THR AA 127 -26.29 -46.95 101.48
CA THR AA 127 -26.57 -48.09 102.35
C THR AA 127 -26.11 -49.37 101.72
N PHE AA 128 -26.98 -49.93 100.88
CA PHE AA 128 -26.74 -51.21 100.25
C PHE AA 128 -27.44 -51.20 98.90
N THR AA 129 -27.01 -52.08 97.99
CA THR AA 129 -27.62 -52.16 96.68
C THR AA 129 -27.16 -53.46 96.02
N ALA AA 130 -28.07 -54.12 95.30
CA ALA AA 130 -27.75 -55.40 94.64
C ALA AA 130 -28.30 -55.44 93.24
N THR AA 131 -27.58 -56.06 92.33
CA THR AA 131 -28.03 -56.19 90.96
C THR AA 131 -28.01 -57.66 90.59
N GLY AA 132 -28.73 -58.06 89.54
CA GLY AA 132 -28.57 -59.41 89.01
C GLY AA 132 -29.82 -60.26 88.79
N SER AA 133 -29.78 -61.14 87.79
CA SER AA 133 -31.00 -61.88 87.38
C SER AA 133 -31.92 -62.12 88.57
N GLY AA 134 -31.36 -62.71 89.62
CA GLY AA 134 -32.06 -62.91 90.87
C GLY AA 134 -31.55 -61.93 91.91
N SER AA 135 -31.79 -60.65 91.64
CA SER AA 135 -31.38 -59.62 92.56
C SER AA 135 -32.47 -59.47 93.58
N PRO AA 136 -33.70 -59.28 93.08
CA PRO AA 136 -34.78 -58.93 94.02
C PRO AA 136 -34.85 -59.89 95.21
N ILE AA 137 -34.37 -61.12 95.03
CA ILE AA 137 -34.28 -62.01 96.16
C ILE AA 137 -33.24 -61.40 97.10
N ALA AA 138 -32.00 -61.32 96.65
CA ALA AA 138 -30.92 -60.84 97.51
C ALA AA 138 -31.31 -59.59 98.29
N TYR AA 139 -32.05 -58.69 97.64
CA TYR AA 139 -32.47 -57.43 98.25
C TYR AA 139 -33.20 -57.64 99.57
N GLY AA 140 -34.34 -58.32 99.51
CA GLY AA 140 -35.19 -58.48 100.68
C GLY AA 140 -34.39 -58.85 101.91
N VAL AA 141 -33.41 -59.73 101.70
CA VAL AA 141 -32.47 -60.11 102.74
C VAL AA 141 -31.92 -58.85 103.36
N LEU AA 142 -31.24 -58.08 102.53
CA LEU AA 142 -30.70 -56.81 102.95
C LEU AA 142 -31.77 -55.93 103.61
N GLU AA 143 -32.77 -55.50 102.85
CA GLU AA 143 -33.72 -54.49 103.36
C GLU AA 143 -34.31 -54.86 104.71
N ALA AA 144 -34.07 -56.10 105.14
CA ALA AA 144 -34.52 -56.58 106.44
C ALA AA 144 -33.46 -57.37 107.20
N GLY AA 145 -32.19 -57.09 106.87
CA GLY AA 145 -31.05 -57.58 107.62
C GLY AA 145 -29.90 -56.58 107.74
N TYR AA 146 -30.23 -55.30 107.68
CA TYR AA 146 -29.21 -54.25 107.62
C TYR AA 146 -29.45 -53.13 108.63
N ASP AA 147 -28.35 -52.65 109.21
CA ASP AA 147 -28.34 -51.50 110.11
C ASP AA 147 -27.19 -50.57 109.71
N ARG AA 148 -27.34 -49.29 109.98
CA ARG AA 148 -26.28 -48.33 109.67
C ARG AA 148 -24.90 -48.94 109.93
N ASP AA 149 -24.69 -49.39 111.16
CA ASP AA 149 -23.35 -49.74 111.64
C ASP AA 149 -23.17 -51.21 111.96
N MET AA 150 -23.18 -52.06 110.95
CA MET AA 150 -23.01 -53.47 111.20
C MET AA 150 -21.60 -53.91 110.89
N SER AA 151 -20.96 -54.47 111.90
CA SER AA 151 -19.55 -54.82 111.85
C SER AA 151 -19.03 -55.26 110.50
N VAL AA 152 -17.73 -55.10 110.32
CA VAL AA 152 -17.01 -55.69 109.21
C VAL AA 152 -17.44 -57.13 109.04
N GLU AA 153 -17.85 -57.73 110.15
CA GLU AA 153 -18.25 -59.13 110.15
C GLU AA 153 -19.71 -59.25 109.79
N GLU AA 154 -20.55 -58.55 110.54
CA GLU AA 154 -21.98 -58.59 110.30
C GLU AA 154 -22.28 -58.20 108.86
N GLY AA 155 -21.29 -57.61 108.21
CA GLY AA 155 -21.37 -57.26 106.80
C GLY AA 155 -21.26 -58.48 105.90
N ILE AA 156 -20.11 -59.14 105.88
CA ILE AA 156 -19.90 -60.28 104.99
C ILE AA 156 -20.81 -61.46 105.36
N LYS AA 157 -21.28 -61.47 106.59
CA LYS AA 157 -22.28 -62.45 107.00
C LYS AA 157 -23.51 -62.19 106.16
N LEU AA 158 -24.12 -61.04 106.37
CA LEU AA 158 -25.30 -60.60 105.62
C LEU AA 158 -25.10 -60.70 104.09
N ALA AA 159 -23.87 -60.55 103.64
CA ALA AA 159 -23.56 -60.52 102.21
C ALA AA 159 -23.83 -61.86 101.55
N LEU AA 160 -23.34 -62.93 102.14
CA LEU AA 160 -23.62 -64.26 101.65
C LEU AA 160 -25.11 -64.63 101.77
N ASN AA 161 -25.71 -64.36 102.92
CA ASN AA 161 -27.09 -64.76 103.14
C ASN AA 161 -28.06 -64.15 102.16
N ALA AA 162 -27.66 -63.07 101.50
CA ALA AA 162 -28.44 -62.58 100.38
C ALA AA 162 -28.31 -63.58 99.23
N LEU AA 163 -27.09 -63.81 98.78
CA LEU AA 163 -26.82 -64.81 97.75
C LEU AA 163 -27.22 -66.23 98.17
N LYS AA 164 -27.17 -66.53 99.46
CA LYS AA 164 -27.67 -67.82 99.88
C LYS AA 164 -29.13 -67.89 99.42
N SER AA 165 -29.92 -66.87 99.76
CA SER AA 165 -31.31 -66.82 99.31
C SER AA 165 -31.44 -66.94 97.79
N ALA AA 166 -31.21 -65.85 97.08
CA ALA AA 166 -31.33 -65.87 95.63
C ALA AA 166 -30.74 -67.12 94.93
N MET AA 167 -29.55 -67.57 95.36
CA MET AA 167 -28.89 -68.68 94.68
C MET AA 167 -29.75 -69.94 94.67
N GLU AA 168 -30.70 -70.00 95.60
CA GLU AA 168 -31.60 -71.12 95.65
C GLU AA 168 -33.03 -70.63 95.63
N ARG AA 169 -33.29 -69.71 94.70
CA ARG AA 169 -34.64 -69.25 94.40
C ARG AA 169 -34.54 -68.46 93.11
N ASP AA 170 -33.54 -68.79 92.30
CA ASP AA 170 -33.40 -68.17 90.98
C ASP AA 170 -32.83 -69.15 89.98
N THR AA 171 -33.59 -69.43 88.94
CA THR AA 171 -33.19 -70.37 87.91
C THR AA 171 -31.84 -70.03 87.26
N PHE AA 172 -31.38 -68.80 87.44
CA PHE AA 172 -30.19 -68.31 86.72
C PHE AA 172 -28.96 -68.09 87.58
N SER AA 173 -29.20 -67.73 88.83
CA SER AA 173 -28.13 -67.51 89.79
C SER AA 173 -27.81 -68.81 90.48
N GLY AA 174 -26.79 -68.80 91.32
CA GLY AA 174 -26.63 -69.85 92.31
C GLY AA 174 -25.74 -71.05 92.03
N ASN AA 175 -24.66 -70.86 91.32
CA ASN AA 175 -23.71 -71.95 91.18
C ASN AA 175 -22.39 -71.47 91.70
N GLY AA 176 -22.13 -71.66 92.99
CA GLY AA 176 -20.93 -71.12 93.60
C GLY AA 176 -21.07 -69.63 93.91
N ILE AA 177 -19.99 -69.03 94.41
CA ILE AA 177 -20.06 -67.67 94.92
C ILE AA 177 -18.67 -67.12 95.15
N SER AA 178 -18.49 -65.82 94.90
CA SER AA 178 -17.22 -65.14 95.14
C SER AA 178 -17.41 -63.75 95.77
N LEU AA 179 -16.46 -63.40 96.62
CA LEU AA 179 -16.57 -62.24 97.48
C LEU AA 179 -15.21 -61.54 97.54
N ALA AA 180 -15.24 -60.21 97.55
CA ALA AA 180 -14.07 -59.42 97.87
C ALA AA 180 -14.50 -58.18 98.65
N VAL AA 181 -13.67 -57.78 99.61
CA VAL AA 181 -13.90 -56.55 100.35
C VAL AA 181 -12.76 -55.54 100.22
N ILE AA 182 -13.14 -54.37 99.71
CA ILE AA 182 -12.20 -53.31 99.54
C ILE AA 182 -12.19 -52.56 100.86
N THR AA 183 -10.99 -52.21 101.33
CA THR AA 183 -10.81 -51.35 102.50
C THR AA 183 -9.64 -50.42 102.29
N LYS AA 184 -9.61 -49.30 103.00
CA LYS AA 184 -8.52 -48.36 102.85
C LYS AA 184 -7.29 -49.03 102.24
N ASP AA 185 -6.66 -49.94 102.98
CA ASP AA 185 -5.35 -50.47 102.59
C ASP AA 185 -5.29 -51.35 101.34
N GLY AA 186 -6.42 -51.94 100.96
CA GLY AA 186 -6.42 -52.78 99.76
C GLY AA 186 -7.71 -53.51 99.41
N VAL AA 187 -7.58 -54.54 98.59
CA VAL AA 187 -8.73 -55.29 98.09
C VAL AA 187 -8.49 -56.80 98.17
N LYS AA 188 -9.31 -57.49 98.96
CA LYS AA 188 -9.13 -58.93 99.20
C LYS AA 188 -10.06 -59.81 98.35
N ILE AA 189 -9.48 -60.52 97.38
CA ILE AA 189 -10.21 -61.55 96.64
C ILE AA 189 -10.15 -62.80 97.49
N PHE AA 190 -11.32 -63.30 97.89
CA PHE AA 190 -11.37 -64.53 98.66
C PHE AA 190 -11.21 -65.74 97.77
N GLU AA 191 -10.16 -66.52 98.02
CA GLU AA 191 -9.93 -67.75 97.27
C GLU AA 191 -10.91 -68.84 97.70
N ASP AA 192 -11.94 -69.05 96.89
CA ASP AA 192 -12.99 -70.02 97.14
C ASP AA 192 -12.92 -70.74 98.50
N GLU AA 193 -12.04 -71.73 98.63
CA GLU AA 193 -11.95 -72.53 99.84
C GLU AA 193 -12.21 -71.75 101.14
N GLU AA 194 -11.50 -70.64 101.36
CA GLU AA 194 -11.68 -69.89 102.59
C GLU AA 194 -13.06 -69.26 102.74
N ILE AA 195 -13.67 -68.83 101.63
CA ILE AA 195 -14.99 -68.22 101.70
C ILE AA 195 -15.90 -69.14 102.49
N GLU AA 196 -16.10 -70.32 101.93
CA GLU AA 196 -16.94 -71.37 102.49
C GLU AA 196 -17.06 -71.33 104.00
N LYS AA 197 -15.95 -71.05 104.66
CA LYS AA 197 -15.92 -70.96 106.11
C LYS AA 197 -17.25 -70.42 106.65
N ILE AA 198 -17.57 -69.18 106.31
CA ILE AA 198 -18.57 -68.42 107.07
C ILE AA 198 -19.92 -69.12 107.24
N LEU AA 199 -20.60 -69.43 106.12
CA LEU AA 199 -21.92 -70.06 106.21
C LEU AA 199 -21.91 -71.39 106.98
N ASP AA 200 -20.79 -71.68 107.62
CA ASP AA 200 -20.66 -72.88 108.39
C ASP AA 200 -20.55 -72.51 109.85
N SER AA 201 -19.85 -71.42 110.11
CA SER AA 201 -19.85 -70.84 111.44
C SER AA 201 -21.21 -70.18 111.66
N MET AA 202 -21.96 -70.02 110.56
CA MET AA 202 -23.35 -69.53 110.63
C MET AA 202 -24.32 -70.69 110.90
N LYS AA 203 -25.43 -70.74 110.15
CA LYS AA 203 -26.39 -71.83 110.34
C LYS AA 203 -26.50 -72.74 109.11
N THR BA 2 -21.80 -79.78 64.23
CA THR BA 2 -21.96 -78.79 65.28
C THR BA 2 -22.03 -79.47 66.67
N THR BA 3 -20.88 -79.83 67.23
CA THR BA 3 -20.77 -80.23 68.65
C THR BA 3 -19.32 -80.52 69.06
N THR BA 4 -18.78 -79.69 69.96
CA THR BA 4 -17.35 -79.76 70.36
C THR BA 4 -17.13 -79.91 71.85
N VAL BA 5 -15.92 -80.33 72.22
CA VAL BA 5 -15.59 -80.52 73.61
C VAL BA 5 -14.17 -80.09 73.98
N GLY BA 6 -14.07 -79.53 75.18
CA GLY BA 6 -12.79 -79.21 75.76
C GLY BA 6 -12.78 -79.65 77.21
N LEU BA 7 -11.61 -80.11 77.66
CA LEU BA 7 -11.43 -80.54 79.04
C LEU BA 7 -9.94 -80.71 79.36
N ILE BA 8 -9.58 -80.38 80.59
CA ILE BA 8 -8.21 -80.51 81.06
C ILE BA 8 -8.02 -81.86 81.78
N CYS BA 9 -6.97 -82.60 81.43
CA CYS BA 9 -6.68 -83.89 82.07
C CYS BA 9 -5.21 -84.02 82.42
N ASP BA 10 -4.87 -83.73 83.67
CA ASP BA 10 -3.48 -83.71 84.10
C ASP BA 10 -2.66 -82.81 83.20
N ASP BA 11 -1.82 -83.47 82.40
CA ASP BA 11 -0.80 -82.80 81.62
C ASP BA 11 -1.33 -81.58 80.87
N ALA BA 12 -2.22 -81.85 79.92
CA ALA BA 12 -2.61 -80.88 78.91
C ALA BA 12 -4.10 -80.73 78.78
N VAL BA 13 -4.56 -80.60 77.54
CA VAL BA 13 -5.97 -80.34 77.26
C VAL BA 13 -6.39 -81.04 75.97
N ILE BA 14 -7.61 -81.61 75.97
CA ILE BA 14 -8.12 -82.34 74.80
C ILE BA 14 -9.21 -81.59 74.04
N LEU BA 15 -9.27 -81.76 72.73
CA LEU BA 15 -10.36 -81.19 71.94
C LEU BA 15 -10.93 -82.15 70.90
N ALA BA 16 -12.27 -82.16 70.80
CA ALA BA 16 -13.00 -83.03 69.87
C ALA BA 16 -14.23 -82.37 69.24
N THR BA 17 -14.57 -82.79 68.02
CA THR BA 17 -15.64 -82.19 67.25
C THR BA 17 -16.58 -83.21 66.65
N ASP BA 18 -17.22 -82.83 65.55
CA ASP BA 18 -18.04 -83.74 64.75
C ASP BA 18 -18.10 -83.25 63.30
N LYS BA 19 -17.48 -84.01 62.43
CA LYS BA 19 -17.31 -83.58 61.05
C LYS BA 19 -18.63 -83.35 60.30
N ARG BA 20 -19.71 -83.03 61.03
CA ARG BA 20 -21.02 -82.99 60.38
C ARG BA 20 -21.62 -81.62 60.11
N ALA BA 21 -21.85 -81.35 58.84
CA ALA BA 21 -22.40 -80.09 58.39
C ALA BA 21 -23.89 -80.19 58.30
N SER BA 22 -24.58 -79.08 58.47
CA SER BA 22 -26.02 -79.15 58.68
C SER BA 22 -26.82 -78.03 58.04
N LEU BA 23 -27.12 -78.18 56.75
CA LEU BA 23 -27.89 -77.18 56.03
C LEU BA 23 -29.39 -77.33 56.27
N GLY BA 24 -29.80 -77.04 57.48
CA GLY BA 24 -31.18 -77.27 57.88
C GLY BA 24 -31.49 -78.74 57.76
N ASN BA 25 -32.48 -79.04 56.93
CA ASN BA 25 -32.93 -80.40 56.73
C ASN BA 25 -31.78 -81.26 56.19
N LEU BA 26 -31.13 -80.77 55.14
CA LEU BA 26 -30.13 -81.57 54.45
C LEU BA 26 -28.93 -81.80 55.33
N VAL BA 27 -28.19 -82.86 55.05
CA VAL BA 27 -26.89 -83.06 55.64
C VAL BA 27 -25.92 -82.74 54.51
N ALA BA 28 -25.16 -81.66 54.67
CA ALA BA 28 -24.44 -81.02 53.56
C ALA BA 28 -22.96 -81.31 53.45
N ASP BA 29 -22.33 -81.79 54.53
CA ASP BA 29 -20.94 -82.21 54.43
C ASP BA 29 -20.64 -83.43 55.31
N LYS BA 30 -20.47 -84.56 54.65
CA LYS BA 30 -20.20 -85.82 55.31
C LYS BA 30 -18.90 -85.71 56.08
N GLU BA 31 -18.21 -84.58 55.94
CA GLU BA 31 -16.86 -84.43 56.49
C GLU BA 31 -16.40 -82.97 56.58
N ALA BA 32 -16.78 -82.29 57.66
CA ALA BA 32 -16.39 -80.89 57.83
C ALA BA 32 -15.50 -80.63 59.06
N LYS BA 33 -14.37 -79.98 58.83
CA LYS BA 33 -13.47 -79.61 59.91
C LYS BA 33 -14.16 -78.65 60.89
N LYS BA 34 -14.01 -78.91 62.18
CA LYS BA 34 -14.48 -77.99 63.21
C LYS BA 34 -13.43 -77.77 64.32
N LEU BA 35 -12.21 -78.24 64.09
CA LEU BA 35 -11.10 -78.09 65.02
C LEU BA 35 -9.92 -77.51 64.25
N TYR BA 36 -9.47 -76.31 64.63
CA TYR BA 36 -8.32 -75.68 63.97
C TYR BA 36 -7.13 -75.38 64.89
N LYS BA 37 -5.93 -75.75 64.42
CA LYS BA 37 -4.70 -75.45 65.10
C LYS BA 37 -4.25 -74.13 64.55
N ILE BA 38 -4.08 -73.12 65.40
CA ILE BA 38 -3.61 -71.83 64.93
C ILE BA 38 -2.11 -71.67 65.16
N ASP BA 39 -1.66 -71.98 66.37
CA ASP BA 39 -0.27 -71.77 66.69
C ASP BA 39 0.31 -73.00 67.35
N ASP BA 40 1.60 -73.14 67.17
CA ASP BA 40 2.30 -74.33 67.59
C ASP BA 40 1.97 -74.74 69.01
N TYR BA 41 1.41 -73.83 69.81
CA TYR BA 41 1.07 -74.21 71.17
C TYR BA 41 -0.42 -74.10 71.49
N ILE BA 42 -1.22 -73.77 70.48
CA ILE BA 42 -2.66 -73.53 70.68
C ILE BA 42 -3.55 -74.12 69.56
N ALA BA 43 -4.75 -74.57 69.94
CA ALA BA 43 -5.72 -75.14 69.03
C ALA BA 43 -7.13 -74.72 69.44
N MET BA 44 -8.04 -74.62 68.48
CA MET BA 44 -9.40 -74.12 68.76
C MET BA 44 -10.54 -74.86 68.02
N THR BA 45 -11.75 -74.86 68.60
CA THR BA 45 -12.90 -75.54 68.01
C THR BA 45 -14.07 -74.58 67.72
N ILE BA 46 -14.54 -74.58 66.47
CA ILE BA 46 -15.64 -73.73 66.04
C ILE BA 46 -16.98 -74.46 66.14
N ALA BA 47 -18.00 -73.81 66.66
CA ALA BA 47 -19.33 -74.38 66.59
C ALA BA 47 -20.26 -73.29 66.14
N GLY BA 48 -21.10 -73.56 65.15
CA GLY BA 48 -22.06 -72.54 64.72
C GLY BA 48 -21.84 -72.00 63.32
N SER BA 49 -22.27 -70.78 63.07
CA SER BA 49 -22.27 -70.26 61.70
C SER BA 49 -20.94 -70.44 61.03
N VAL BA 50 -20.92 -71.32 60.06
CA VAL BA 50 -19.69 -71.64 59.39
C VAL BA 50 -18.99 -70.41 58.83
N GLY BA 51 -19.49 -69.91 57.71
CA GLY BA 51 -18.83 -68.82 56.99
C GLY BA 51 -18.35 -67.70 57.89
N ASP BA 52 -19.00 -67.55 59.03
CA ASP BA 52 -18.59 -66.58 60.02
C ASP BA 52 -17.34 -67.11 60.74
N ALA BA 53 -17.48 -68.27 61.38
CA ALA BA 53 -16.36 -68.90 62.06
C ALA BA 53 -15.16 -69.04 61.10
N GLN BA 54 -15.41 -69.62 59.94
CA GLN BA 54 -14.42 -69.72 58.87
C GLN BA 54 -13.50 -68.51 58.82
N ALA BA 55 -14.10 -67.33 58.74
CA ALA BA 55 -13.35 -66.09 58.82
C ALA BA 55 -12.58 -66.09 60.13
N ILE BA 56 -13.31 -66.01 61.24
CA ILE BA 56 -12.69 -65.87 62.55
C ILE BA 56 -11.47 -66.75 62.77
N VAL BA 57 -11.37 -67.86 62.06
CA VAL BA 57 -10.16 -68.67 62.11
C VAL BA 57 -9.01 -67.94 61.38
N ARG BA 58 -9.13 -67.84 60.06
CA ARG BA 58 -8.13 -67.19 59.24
C ARG BA 58 -7.76 -65.80 59.78
N LEU BA 59 -8.77 -64.92 59.96
CA LEU BA 59 -8.58 -63.56 60.50
C LEU BA 59 -8.14 -63.59 61.98
N LEU BA 60 -7.45 -64.67 62.36
CA LEU BA 60 -6.87 -64.81 63.69
C LEU BA 60 -5.54 -65.52 63.58
N ILE BA 61 -5.55 -66.69 62.93
CA ILE BA 61 -4.32 -67.40 62.68
C ILE BA 61 -3.24 -66.42 62.35
N ALA BA 62 -3.44 -65.66 61.28
CA ALA BA 62 -2.43 -64.70 60.90
C ALA BA 62 -1.95 -63.91 62.12
N GLU BA 63 -2.86 -63.44 62.97
CA GLU BA 63 -2.48 -62.60 64.11
C GLU BA 63 -1.55 -63.31 65.08
N ALA BA 64 -1.64 -64.62 65.13
CA ALA BA 64 -0.78 -65.38 66.02
C ALA BA 64 0.60 -65.51 65.40
N LYS BA 65 0.65 -66.23 64.27
CA LYS BA 65 1.87 -66.34 63.46
C LYS BA 65 2.25 -64.97 62.89
N LEU BA 66 2.31 -64.02 63.82
CA LEU BA 66 2.69 -62.65 63.57
C LEU BA 66 3.22 -62.19 64.91
N TYR BA 67 2.32 -62.05 65.88
CA TYR BA 67 2.74 -61.75 67.25
C TYR BA 67 3.91 -62.64 67.58
N LYS BA 68 3.81 -63.89 67.17
CA LYS BA 68 4.89 -64.85 67.36
C LYS BA 68 6.19 -64.21 66.89
N MET BA 69 6.28 -63.94 65.60
CA MET BA 69 7.50 -63.36 65.04
C MET BA 69 7.86 -62.04 65.73
N ARG BA 70 6.92 -61.10 65.77
CA ARG BA 70 7.17 -59.79 66.35
C ARG BA 70 7.81 -59.84 67.72
N THR BA 71 7.57 -60.90 68.48
CA THR BA 71 8.10 -60.94 69.85
C THR BA 71 8.45 -62.31 70.41
N GLY BA 72 9.09 -63.14 69.60
CA GLY BA 72 9.51 -64.43 70.09
C GLY BA 72 8.37 -65.29 70.60
N ARG BA 73 7.97 -65.09 71.86
CA ARG BA 73 6.95 -65.93 72.53
C ARG BA 73 5.69 -66.24 71.70
N ASN BA 74 5.44 -67.53 71.48
CA ASN BA 74 4.25 -67.93 70.76
C ASN BA 74 3.01 -67.47 71.48
N ILE BA 75 2.34 -66.48 70.89
CA ILE BA 75 1.18 -65.85 71.50
C ILE BA 75 0.72 -66.75 72.63
N PRO BA 76 0.89 -66.28 73.87
CA PRO BA 76 0.32 -67.06 74.99
C PRO BA 76 -1.20 -67.10 74.86
N PRO BA 77 -1.79 -68.29 75.04
CA PRO BA 77 -3.21 -68.62 74.86
C PRO BA 77 -4.11 -67.61 75.54
N LEU BA 78 -4.01 -67.50 76.86
CA LEU BA 78 -4.86 -66.60 77.63
C LEU BA 78 -4.76 -65.14 77.17
N ALA BA 79 -3.96 -64.91 76.15
CA ALA BA 79 -3.79 -63.59 75.57
C ALA BA 79 -4.45 -63.56 74.21
N CYS BA 80 -4.00 -64.46 73.35
CA CYS BA 80 -4.66 -64.73 72.10
C CYS BA 80 -6.16 -64.81 72.36
N ALA BA 81 -6.52 -65.54 73.41
CA ALA BA 81 -7.93 -65.68 73.73
C ALA BA 81 -8.57 -64.31 73.86
N THR BA 82 -7.97 -63.43 74.66
CA THR BA 82 -8.62 -62.16 74.94
C THR BA 82 -8.68 -61.29 73.71
N LEU BA 83 -7.95 -61.66 72.67
CA LEU BA 83 -8.20 -61.07 71.38
C LEU BA 83 -9.64 -61.34 71.04
N LEU BA 84 -9.95 -62.58 70.73
CA LEU BA 84 -11.32 -62.95 70.42
C LEU BA 84 -12.32 -62.19 71.27
N SER BA 85 -12.10 -62.20 72.58
CA SER BA 85 -13.01 -61.51 73.48
C SER BA 85 -13.28 -60.13 72.88
N ASN BA 86 -12.21 -59.49 72.43
CA ASN BA 86 -12.31 -58.22 71.73
C ASN BA 86 -12.70 -58.38 70.24
N ILE BA 87 -12.18 -59.40 69.57
CA ILE BA 87 -12.47 -59.58 68.14
C ILE BA 87 -13.95 -59.78 67.92
N LEU BA 88 -14.59 -60.44 68.87
CA LEU BA 88 -16.03 -60.62 68.82
C LEU BA 88 -16.70 -59.32 69.16
N HIS BA 89 -16.47 -58.84 70.38
CA HIS BA 89 -17.15 -57.65 70.85
C HIS BA 89 -16.96 -56.43 69.93
N SER BA 90 -16.18 -56.60 68.86
CA SER BA 90 -16.05 -55.55 67.86
C SER BA 90 -17.35 -55.50 67.07
N SER BA 91 -17.89 -56.66 66.77
CA SER BA 91 -19.09 -56.75 65.95
C SER BA 91 -20.31 -57.00 66.80
N ARG BA 92 -20.30 -56.48 68.02
CA ARG BA 92 -21.49 -56.52 68.85
C ARG BA 92 -22.51 -55.54 68.26
N MET BA 93 -22.06 -54.28 68.10
CA MET BA 93 -22.82 -53.20 67.48
C MET BA 93 -23.28 -53.71 66.11
N PHE BA 94 -22.55 -54.72 65.66
CA PHE BA 94 -22.68 -55.39 64.37
C PHE BA 94 -23.25 -56.82 64.58
N PRO BA 95 -23.63 -57.50 63.50
CA PRO BA 95 -24.20 -58.86 63.57
C PRO BA 95 -23.17 -59.96 63.55
N PHE BA 96 -22.25 -60.05 64.50
CA PHE BA 96 -21.32 -61.17 64.43
C PHE BA 96 -21.95 -62.27 65.22
N LEU BA 97 -21.48 -63.51 65.04
CA LEU BA 97 -21.98 -64.67 65.80
C LEU BA 97 -21.12 -65.92 65.67
N THR BA 98 -21.15 -66.75 66.71
CA THR BA 98 -20.50 -68.05 66.72
C THR BA 98 -19.86 -68.39 68.05
N GLN BA 99 -19.70 -69.69 68.30
CA GLN BA 99 -19.13 -70.23 69.54
C GLN BA 99 -17.63 -70.46 69.38
N ILE BA 100 -17.00 -71.03 70.40
CA ILE BA 100 -15.58 -71.34 70.30
C ILE BA 100 -14.96 -71.83 71.59
N ILE BA 101 -14.01 -72.76 71.44
CA ILE BA 101 -13.21 -73.24 72.54
C ILE BA 101 -11.76 -73.23 72.10
N ILE BA 102 -10.94 -72.43 72.76
CA ILE BA 102 -9.51 -72.43 72.49
C ILE BA 102 -8.80 -73.18 73.60
N GLY BA 103 -7.76 -73.89 73.24
CA GLY BA 103 -6.97 -74.62 74.21
C GLY BA 103 -5.51 -74.69 73.76
N GLY BA 104 -4.60 -74.34 74.66
CA GLY BA 104 -3.20 -74.40 74.33
C GLY BA 104 -2.40 -74.59 75.59
N TYR BA 105 -1.13 -74.89 75.40
CA TYR BA 105 -0.20 -74.97 76.51
C TYR BA 105 0.68 -73.72 76.53
N ASP BA 106 0.49 -72.91 77.59
CA ASP BA 106 1.19 -71.64 77.76
C ASP BA 106 2.66 -71.88 78.07
N LEU BA 107 3.55 -71.11 77.43
CA LEU BA 107 4.98 -71.28 77.61
C LEU BA 107 5.31 -71.72 79.03
N LEU BA 108 4.75 -71.04 80.02
CA LEU BA 108 5.03 -71.32 81.43
C LEU BA 108 3.84 -71.74 82.29
N GLU BA 109 2.71 -71.03 82.16
CA GLU BA 109 1.52 -71.21 83.04
C GLU BA 109 0.81 -72.59 82.99
N GLY BA 110 1.23 -73.45 82.07
CA GLY BA 110 0.71 -74.80 81.99
C GLY BA 110 -0.30 -74.99 80.88
N ALA BA 111 -1.37 -75.70 81.18
CA ALA BA 111 -2.39 -75.92 80.19
C ALA BA 111 -3.47 -74.88 80.38
N LYS BA 112 -4.10 -74.46 79.29
CA LYS BA 112 -5.19 -73.50 79.36
C LYS BA 112 -6.36 -73.88 78.47
N LEU BA 113 -7.58 -73.69 78.99
CA LEU BA 113 -8.81 -74.02 78.26
C LEU BA 113 -9.92 -72.96 78.38
N PHE BA 114 -10.30 -72.36 77.24
CA PHE BA 114 -11.24 -71.23 77.20
C PHE BA 114 -12.52 -71.47 76.38
N SER BA 115 -13.64 -70.99 76.93
CA SER BA 115 -14.95 -71.02 76.29
C SER BA 115 -15.23 -69.63 75.70
N LEU BA 116 -16.04 -69.57 74.64
CA LEU BA 116 -16.21 -68.29 73.99
C LEU BA 116 -17.57 -68.14 73.34
N ASP BA 117 -18.30 -67.10 73.71
CA ASP BA 117 -19.59 -66.81 73.09
C ASP BA 117 -19.46 -65.68 72.06
N PRO BA 118 -20.30 -65.74 71.01
CA PRO BA 118 -20.25 -64.90 69.79
C PRO BA 118 -20.25 -63.40 70.06
N LEU BA 119 -20.66 -63.02 71.27
CA LEU BA 119 -20.65 -61.63 71.66
C LEU BA 119 -19.22 -61.26 72.00
N GLY BA 120 -18.58 -62.12 72.78
CA GLY BA 120 -17.21 -61.91 73.18
C GLY BA 120 -17.02 -62.38 74.60
N GLY BA 121 -18.09 -62.90 75.17
CA GLY BA 121 -18.05 -63.48 76.51
C GLY BA 121 -17.04 -64.61 76.60
N MET BA 122 -16.13 -64.47 77.55
CA MET BA 122 -15.04 -65.41 77.68
C MET BA 122 -14.92 -65.94 79.10
N ASN BA 123 -14.60 -67.23 79.21
CA ASN BA 123 -14.29 -67.82 80.51
C ASN BA 123 -13.27 -68.94 80.41
N GLU BA 124 -12.21 -68.83 81.20
CA GLU BA 124 -11.29 -69.94 81.35
C GLU BA 124 -12.07 -71.07 81.99
N GLU BA 125 -12.02 -72.24 81.38
CA GLU BA 125 -12.61 -73.39 82.02
C GLU BA 125 -11.48 -74.14 82.65
N LYS BA 126 -11.60 -74.34 83.96
CA LYS BA 126 -10.57 -75.02 84.74
C LYS BA 126 -10.77 -76.52 84.58
N THR BA 127 -12.03 -76.92 84.41
CA THR BA 127 -12.42 -78.32 84.43
C THR BA 127 -12.67 -78.88 83.03
N PHE BA 128 -13.91 -78.79 82.55
CA PHE BA 128 -14.29 -79.31 81.23
C PHE BA 128 -15.46 -78.52 80.69
N THR BA 129 -15.48 -78.28 79.39
CA THR BA 129 -16.57 -77.53 78.79
C THR BA 129 -16.75 -77.96 77.36
N ALA BA 130 -17.93 -77.66 76.82
CA ALA BA 130 -18.23 -78.08 75.47
C ALA BA 130 -19.29 -77.17 74.91
N THR BA 131 -19.46 -77.22 73.60
CA THR BA 131 -20.43 -76.36 72.98
C THR BA 131 -20.84 -76.83 71.62
N GLY BA 132 -22.05 -76.43 71.23
CA GLY BA 132 -22.59 -76.70 69.91
C GLY BA 132 -23.97 -77.32 69.96
N SER BA 133 -24.59 -77.44 68.78
CA SER BA 133 -25.95 -77.99 68.63
C SER BA 133 -26.28 -79.10 69.62
N GLY BA 134 -25.44 -80.13 69.60
CA GLY BA 134 -25.58 -81.22 70.54
C GLY BA 134 -24.55 -81.09 71.64
N SER BA 135 -24.51 -79.92 72.25
CA SER BA 135 -23.57 -79.75 73.32
C SER BA 135 -24.15 -80.38 74.56
N PRO BA 136 -25.33 -79.92 74.99
CA PRO BA 136 -25.80 -80.28 76.32
C PRO BA 136 -25.83 -81.79 76.51
N ILE BA 137 -25.88 -82.53 75.41
CA ILE BA 137 -25.80 -83.98 75.47
C ILE BA 137 -24.41 -84.32 75.95
N ALA BA 138 -23.43 -83.96 75.14
CA ALA BA 138 -22.04 -84.22 75.49
C ALA BA 138 -21.79 -83.87 76.95
N TYR BA 139 -22.33 -82.74 77.42
CA TYR BA 139 -22.08 -82.30 78.79
C TYR BA 139 -22.38 -83.33 79.85
N GLY BA 140 -23.64 -83.79 79.84
CA GLY BA 140 -24.06 -84.79 80.80
C GLY BA 140 -22.95 -85.78 81.00
N VAL BA 141 -22.40 -86.30 79.90
CA VAL BA 141 -21.31 -87.27 79.97
C VAL BA 141 -20.25 -86.79 80.91
N LEU BA 142 -19.70 -85.61 80.59
CA LEU BA 142 -18.56 -85.05 81.29
C LEU BA 142 -18.88 -84.80 82.75
N GLU BA 143 -20.03 -84.17 83.00
CA GLU BA 143 -20.40 -83.87 84.37
C GLU BA 143 -20.54 -85.12 85.30
N ALA BA 144 -20.49 -86.33 84.73
CA ALA BA 144 -20.54 -87.54 85.58
C ALA BA 144 -19.58 -88.63 85.10
N GLY BA 145 -18.50 -88.19 84.47
CA GLY BA 145 -17.43 -89.07 84.06
C GLY BA 145 -16.17 -88.23 84.12
N TYR BA 146 -16.13 -87.31 85.07
CA TYR BA 146 -15.01 -86.40 85.17
C TYR BA 146 -14.47 -86.15 86.58
N ASP BA 147 -13.15 -86.17 86.68
CA ASP BA 147 -12.43 -86.08 87.94
C ASP BA 147 -11.20 -85.23 87.70
N ARG BA 148 -10.74 -84.54 88.75
CA ARG BA 148 -9.60 -83.64 88.63
C ARG BA 148 -8.43 -84.23 87.86
N ASP BA 149 -8.12 -85.49 88.13
CA ASP BA 149 -6.89 -86.10 87.66
C ASP BA 149 -7.12 -87.40 86.88
N MET BA 150 -7.71 -87.28 85.70
CA MET BA 150 -7.92 -88.44 84.86
C MET BA 150 -6.91 -88.44 83.74
N SER BA 151 -6.16 -89.52 83.64
CA SER BA 151 -4.99 -89.60 82.76
C SER BA 151 -5.12 -88.98 81.38
N VAL BA 152 -3.99 -88.86 80.71
CA VAL BA 152 -3.93 -88.48 79.30
C VAL BA 152 -4.93 -89.33 78.53
N GLU BA 153 -5.07 -90.57 78.96
CA GLU BA 153 -5.97 -91.53 78.33
C GLU BA 153 -7.40 -91.37 78.82
N GLU BA 154 -7.59 -91.39 80.13
CA GLU BA 154 -8.92 -91.27 80.72
C GLU BA 154 -9.57 -89.97 80.29
N GLY BA 155 -8.80 -89.13 79.60
CA GLY BA 155 -9.30 -87.91 79.01
C GLY BA 155 -9.86 -88.19 77.63
N ILE BA 156 -8.97 -88.40 76.66
CA ILE BA 156 -9.39 -88.65 75.29
C ILE BA 156 -10.47 -89.72 75.21
N LYS BA 157 -10.50 -90.63 76.18
CA LYS BA 157 -11.57 -91.63 76.24
C LYS BA 157 -12.86 -90.90 76.57
N LEU BA 158 -12.93 -90.31 77.75
CA LEU BA 158 -14.09 -89.55 78.18
C LEU BA 158 -14.53 -88.67 77.03
N ALA BA 159 -13.54 -88.23 76.28
CA ALA BA 159 -13.79 -87.35 75.16
C ALA BA 159 -14.75 -87.99 74.17
N LEU BA 160 -14.26 -88.90 73.36
CA LEU BA 160 -15.13 -89.50 72.37
C LEU BA 160 -16.50 -89.71 73.00
N ASN BA 161 -16.54 -90.47 74.10
CA ASN BA 161 -17.82 -90.87 74.70
C ASN BA 161 -18.85 -89.76 74.90
N ALA BA 162 -18.40 -88.53 75.06
CA ALA BA 162 -19.34 -87.42 75.01
C ALA BA 162 -19.94 -87.49 73.62
N LEU BA 163 -19.20 -86.99 72.64
CA LEU BA 163 -19.63 -87.08 71.25
C LEU BA 163 -20.46 -88.32 70.96
N LYS BA 164 -20.02 -89.47 71.46
CA LYS BA 164 -20.73 -90.73 71.21
C LYS BA 164 -22.20 -90.54 71.53
N SER BA 165 -22.49 -90.07 72.74
CA SER BA 165 -23.84 -89.82 73.14
C SER BA 165 -24.46 -88.88 72.14
N ALA BA 166 -23.99 -87.65 72.13
CA ALA BA 166 -24.60 -86.62 71.31
C ALA BA 166 -24.79 -87.05 69.86
N MET BA 167 -23.71 -87.53 69.24
CA MET BA 167 -23.71 -87.85 67.81
C MET BA 167 -24.84 -88.79 67.44
N GLU BA 168 -25.42 -89.39 68.47
CA GLU BA 168 -26.49 -90.36 68.31
C GLU BA 168 -27.66 -89.98 69.20
N ARG BA 169 -27.88 -88.68 69.37
CA ARG BA 169 -29.04 -88.17 70.08
C ARG BA 169 -29.27 -86.70 69.72
N ASP BA 170 -28.62 -86.23 68.66
CA ASP BA 170 -28.86 -84.88 68.20
C ASP BA 170 -29.04 -84.83 66.69
N THR BA 171 -30.17 -84.31 66.25
CA THR BA 171 -30.43 -84.25 64.83
C THR BA 171 -29.27 -83.66 64.04
N PHE BA 172 -28.46 -82.81 64.67
CA PHE BA 172 -27.51 -81.97 63.94
C PHE BA 172 -26.03 -82.34 64.05
N SER BA 173 -25.67 -83.07 65.10
CA SER BA 173 -24.29 -83.51 65.25
C SER BA 173 -24.20 -84.89 64.68
N GLY BA 174 -23.03 -85.51 64.78
CA GLY BA 174 -22.91 -86.95 64.60
C GLY BA 174 -22.63 -87.54 63.24
N ASN BA 175 -21.73 -86.94 62.49
CA ASN BA 175 -21.26 -87.58 61.27
C ASN BA 175 -19.73 -87.55 61.26
N GLY BA 176 -19.10 -88.69 61.54
CA GLY BA 176 -17.65 -88.74 61.71
C GLY BA 176 -17.19 -87.99 62.96
N ILE BA 177 -15.89 -87.99 63.23
CA ILE BA 177 -15.37 -87.30 64.41
C ILE BA 177 -13.88 -87.00 64.29
N SER BA 178 -13.49 -85.83 64.79
CA SER BA 178 -12.10 -85.38 64.76
C SER BA 178 -11.63 -84.97 66.15
N LEU BA 179 -10.35 -85.16 66.41
CA LEU BA 179 -9.82 -85.02 67.73
C LEU BA 179 -8.36 -84.63 67.62
N ALA BA 180 -7.92 -83.77 68.51
CA ALA BA 180 -6.51 -83.45 68.64
C ALA BA 180 -6.18 -83.14 70.09
N VAL BA 181 -4.90 -83.25 70.44
CA VAL BA 181 -4.43 -82.89 71.79
C VAL BA 181 -3.18 -82.00 71.80
N ILE BA 182 -3.34 -80.82 72.40
CA ILE BA 182 -2.27 -79.86 72.60
C ILE BA 182 -1.58 -80.11 73.93
N THR BA 183 -0.29 -80.42 73.88
CA THR BA 183 0.49 -80.73 75.06
C THR BA 183 1.77 -79.94 74.92
N LYS BA 184 2.45 -79.67 76.02
CA LYS BA 184 3.64 -78.82 75.96
C LYS BA 184 4.31 -78.89 74.59
N ASP BA 185 4.99 -79.98 74.28
CA ASP BA 185 5.81 -80.01 73.07
C ASP BA 185 5.09 -79.86 71.73
N GLY BA 186 3.75 -79.91 71.70
CA GLY BA 186 3.07 -79.76 70.42
C GLY BA 186 1.56 -79.89 70.36
N VAL BA 187 1.06 -80.09 69.14
CA VAL BA 187 -0.37 -80.23 68.87
C VAL BA 187 -0.57 -81.36 67.88
N LYS BA 188 -1.23 -82.42 68.32
CA LYS BA 188 -1.42 -83.59 67.47
C LYS BA 188 -2.78 -83.65 66.77
N ILE BA 189 -2.77 -83.63 65.44
CA ILE BA 189 -3.97 -83.82 64.64
C ILE BA 189 -4.16 -85.30 64.32
N PHE BA 190 -5.23 -85.91 64.85
CA PHE BA 190 -5.52 -87.31 64.60
C PHE BA 190 -6.11 -87.60 63.20
N GLU BA 191 -5.36 -88.33 62.36
CA GLU BA 191 -5.86 -88.77 61.05
C GLU BA 191 -6.91 -89.86 61.24
N ASP BA 192 -8.13 -89.53 60.88
CA ASP BA 192 -9.31 -90.38 61.13
C ASP BA 192 -9.03 -91.85 61.55
N GLU BA 193 -8.38 -92.62 60.68
CA GLU BA 193 -8.14 -94.05 60.91
C GLU BA 193 -7.72 -94.36 62.34
N GLU BA 194 -6.62 -93.77 62.79
CA GLU BA 194 -6.11 -94.10 64.10
C GLU BA 194 -7.05 -93.70 65.22
N ILE BA 195 -7.76 -92.59 65.04
CA ILE BA 195 -8.78 -92.23 66.01
C ILE BA 195 -9.54 -93.51 66.33
N GLU BA 196 -10.44 -93.87 65.42
CA GLU BA 196 -11.22 -95.09 65.47
C GLU BA 196 -10.73 -96.11 66.50
N LYS BA 197 -9.45 -96.46 66.43
CA LYS BA 197 -8.87 -97.48 67.29
C LYS BA 197 -9.49 -97.52 68.66
N ILE BA 198 -9.80 -96.35 69.19
CA ILE BA 198 -10.11 -96.23 70.60
C ILE BA 198 -11.45 -96.86 70.96
N LEU BA 199 -12.54 -96.42 70.34
CA LEU BA 199 -13.84 -96.99 70.70
C LEU BA 199 -13.94 -98.47 70.32
N ASP BA 200 -12.98 -98.97 69.52
CA ASP BA 200 -12.88 -100.40 69.31
C ASP BA 200 -12.38 -101.03 70.61
N SER BA 201 -11.35 -100.39 71.19
CA SER BA 201 -10.73 -100.85 72.46
C SER BA 201 -11.62 -100.61 73.68
N MET BA 202 -12.63 -99.76 73.54
CA MET BA 202 -13.57 -99.51 74.60
C MET BA 202 -14.72 -100.53 74.54
N LYS BA 203 -15.95 -100.03 74.58
CA LYS BA 203 -17.14 -100.89 74.55
C LYS BA 203 -18.00 -100.66 73.28
#